data_7QIJ
#
_entry.id   7QIJ
#
_cell.length_a   143.460
_cell.length_b   324.920
_cell.length_c   369.380
_cell.angle_alpha   90.000
_cell.angle_beta   90.000
_cell.angle_gamma   90.000
#
_symmetry.space_group_name_H-M   'P 21 21 21'
#
loop_
_entity.id
_entity.type
_entity.pdbx_description
1 polymer 'Low calcium response locus protein D'
2 polymer 'Yop proteins translocation protein X'
3 polymer 'Chaperone protein YscY'
#
loop_
_entity_poly.entity_id
_entity_poly.type
_entity_poly.pdbx_seq_one_letter_code
_entity_poly.pdbx_strand_id
1 'polypeptide(L)'
;MANKGRLGEQEAFAMTVPLLIDVDSSQQEALEAIALNDELVRVRRALYLDLGVPFPGIHLRFNEGMGEGEYLISLQEVPV
ARGELKAGYLLVRESVSQLELLGIPYEKGEHLLPDQETFWVSVEYEERLEKSQLEFFSHSQVLTWHLSHVLREYAEDFIG
IQETRYLLEQMEGGYGELIKEVQRIVPLQRMTEILQRLVGEDISIRNMRSILEAMVEWGQKEKDVVQLTEYIRSSLKRYI
CYKYANGNNILPAYLFDQEVEEKIRSRVRQTSAGSYLALDPAVTESLLEQVRKTIGDLSQIQSKPVLIVSMDIRRYVRKL
IESEYYGLPVLSYQELTQQINIQPLGRVCL
;
AA,BA,CA,DA,EA,FA,GA,HA,IA,JA,KA,LA,MA,NA,OA,PA,QA,RA
2 'polypeptide(L)'
;GAMGALPPDGHPVEPHLERLYPTAQSKRSLWDFASPGYTFHGLHRAQDYRRELDTLQSLLTTSQSSELQAAAALLKCQQD
DDRLLQIILNLLHKV
;
CB,JB,KB,RB,GB,LB,NB,OB,PB,EB,FB,HB,IB,AB,BB,DB,MB,QB
3 'polypeptide(L)'
;MGHHHHHHGNITLTKRQQEFLLLNGWLQLQCGHAERACILLDALLTLNPEHLAGRRCRLVALLNNNQGERAEKEAQWLIS
HDPLQAGNWLCLSRAQQLNGDLDKARHAYQHYLELKDHNESP
;
CC,JC,KC,RC,GC,LC,NC,OC,PC,EC,FC,HC,IC,AC,BC,DC,MC,QC
#
# COMPACT_ATOMS: atom_id res chain seq x y z
N GLY A 5 -32.14 67.41 -11.79
CA GLY A 5 -33.12 66.37 -11.54
C GLY A 5 -34.11 66.18 -12.68
N ARG A 6 -33.89 65.13 -13.48
CA ARG A 6 -34.77 64.82 -14.60
C ARG A 6 -35.23 63.37 -14.52
N LEU A 7 -35.93 62.90 -15.54
CA LEU A 7 -36.29 61.50 -15.67
C LEU A 7 -35.35 60.75 -16.60
N GLY A 8 -34.07 61.13 -16.61
CA GLY A 8 -33.06 60.41 -17.36
C GLY A 8 -31.85 60.14 -16.49
N GLU A 9 -31.73 60.92 -15.41
CA GLU A 9 -30.73 60.63 -14.40
C GLU A 9 -31.07 59.33 -13.69
N GLN A 10 -30.04 58.56 -13.32
CA GLN A 10 -30.32 57.23 -12.81
C GLN A 10 -30.92 57.32 -11.42
N GLU A 11 -30.15 57.75 -10.43
CA GLU A 11 -30.72 57.93 -9.10
C GLU A 11 -30.20 59.15 -8.34
N ALA A 12 -29.09 59.77 -8.74
CA ALA A 12 -28.44 60.82 -7.96
C ALA A 12 -28.13 60.30 -6.55
N PHE A 13 -27.26 59.30 -6.50
CA PHE A 13 -26.94 58.64 -5.25
C PHE A 13 -26.34 59.61 -4.23
N ALA A 14 -26.70 59.43 -2.96
CA ALA A 14 -26.18 60.24 -1.87
C ALA A 14 -25.96 59.37 -0.65
N MET A 15 -24.80 59.52 -0.02
CA MET A 15 -24.44 58.71 1.13
C MET A 15 -25.20 59.14 2.37
N THR A 16 -25.53 58.17 3.22
CA THR A 16 -26.21 58.45 4.47
C THR A 16 -25.27 59.15 5.44
N VAL A 17 -25.81 60.12 6.17
CA VAL A 17 -25.01 60.84 7.17
C VAL A 17 -24.68 59.89 8.33
N PRO A 18 -23.45 59.88 8.84
CA PRO A 18 -23.12 58.97 9.94
C PRO A 18 -23.84 59.33 11.23
N LEU A 19 -23.76 60.58 11.62
CA LEU A 19 -24.36 61.08 12.85
C LEU A 19 -25.22 62.29 12.51
N LEU A 20 -26.47 62.30 12.99
CA LEU A 20 -27.38 63.40 12.71
C LEU A 20 -28.08 63.80 14.00
N ILE A 21 -28.27 65.11 14.16
CA ILE A 21 -29.01 65.68 15.28
C ILE A 21 -30.09 66.59 14.70
N ASP A 22 -31.35 66.22 14.90
CA ASP A 22 -32.48 67.01 14.42
C ASP A 22 -33.17 67.64 15.62
N VAL A 23 -33.11 68.96 15.70
CA VAL A 23 -33.78 69.73 16.73
C VAL A 23 -34.82 70.61 16.06
N ASP A 24 -35.77 71.09 16.87
CA ASP A 24 -36.86 71.90 16.35
C ASP A 24 -36.35 73.24 15.82
N SER A 25 -37.17 73.88 14.99
CA SER A 25 -36.81 75.17 14.41
C SER A 25 -36.98 76.32 15.39
N SER A 26 -37.75 76.14 16.46
CA SER A 26 -38.05 77.25 17.37
C SER A 26 -36.88 77.61 18.28
N GLN A 27 -35.75 76.97 17.99
CA GLN A 27 -34.46 77.27 18.58
C GLN A 27 -33.40 77.48 17.50
N GLN A 28 -33.81 77.85 16.29
CA GLN A 28 -32.87 78.16 15.21
C GLN A 28 -31.83 79.18 15.65
N GLU A 29 -32.28 80.36 16.05
CA GLU A 29 -31.38 81.41 16.52
C GLU A 29 -31.59 81.76 17.99
N ALA A 30 -32.66 81.26 18.61
CA ALA A 30 -32.86 81.45 20.04
C ALA A 30 -31.89 80.62 20.86
N LEU A 31 -31.37 79.53 20.30
CA LEU A 31 -30.43 78.65 20.98
C LEU A 31 -28.99 78.93 20.57
N GLU A 32 -28.72 79.15 19.29
CA GLU A 32 -27.39 79.49 18.80
C GLU A 32 -26.74 80.65 19.55
N ALA A 33 -27.50 81.32 20.42
CA ALA A 33 -26.91 82.36 21.27
C ALA A 33 -25.70 81.82 22.01
N ILE A 34 -25.88 80.68 22.69
CA ILE A 34 -24.77 79.80 22.99
C ILE A 34 -24.41 79.07 21.71
N ALA A 35 -23.15 79.14 21.30
CA ALA A 35 -22.75 78.73 19.95
C ALA A 35 -23.27 77.35 19.60
N LEU A 36 -23.13 76.39 20.53
CA LEU A 36 -23.61 75.01 20.39
C LEU A 36 -22.76 74.26 19.35
N ASN A 37 -22.04 75.00 18.53
CA ASN A 37 -21.08 74.43 17.59
C ASN A 37 -19.72 74.24 18.22
N ASP A 38 -19.50 74.82 19.41
CA ASP A 38 -18.29 74.62 20.17
C ASP A 38 -18.48 73.65 21.32
N GLU A 39 -19.66 73.65 21.96
CA GLU A 39 -19.90 72.70 23.03
C GLU A 39 -19.88 71.27 22.51
N LEU A 40 -20.46 71.05 21.33
CA LEU A 40 -20.48 69.71 20.75
C LEU A 40 -19.07 69.23 20.41
N VAL A 41 -18.28 70.09 19.77
CA VAL A 41 -16.91 69.69 19.43
C VAL A 41 -16.09 69.49 20.70
N ARG A 42 -16.33 70.30 21.72
CA ARG A 42 -15.61 70.14 22.98
C ARG A 42 -15.92 68.80 23.63
N VAL A 43 -17.21 68.43 23.71
CA VAL A 43 -17.56 67.17 24.35
C VAL A 43 -17.09 65.99 23.52
N ARG A 44 -17.17 66.09 22.20
CA ARG A 44 -16.65 65.01 21.35
C ARG A 44 -15.14 64.85 21.51
N ARG A 45 -14.40 65.95 21.56
CA ARG A 45 -12.96 65.88 21.75
C ARG A 45 -12.61 65.30 23.11
N ALA A 46 -13.35 65.70 24.16
CA ALA A 46 -13.09 65.15 25.48
C ALA A 46 -13.37 63.66 25.52
N LEU A 47 -14.47 63.23 24.89
CA LEU A 47 -14.79 61.81 24.88
C LEU A 47 -13.76 61.02 24.07
N TYR A 48 -13.24 61.61 22.99
CA TYR A 48 -12.17 60.96 22.26
C TYR A 48 -10.92 60.83 23.11
N LEU A 49 -10.55 61.90 23.81
CA LEU A 49 -9.38 61.83 24.68
C LEU A 49 -9.55 60.78 25.76
N ASP A 50 -10.78 60.61 26.25
CA ASP A 50 -11.03 59.58 27.26
C ASP A 50 -10.99 58.17 26.64
N LEU A 51 -11.46 58.03 25.40
CA LEU A 51 -11.59 56.73 24.76
C LEU A 51 -10.63 56.51 23.60
N GLY A 52 -10.57 57.44 22.65
CA GLY A 52 -9.74 57.27 21.47
C GLY A 52 -10.49 56.85 20.22
N VAL A 53 -11.79 56.68 20.29
CA VAL A 53 -12.56 56.30 19.10
C VAL A 53 -12.67 57.49 18.16
N PRO A 54 -12.32 57.34 16.88
CA PRO A 54 -12.43 58.47 15.95
C PRO A 54 -13.87 58.76 15.54
N PHE A 55 -14.58 59.54 16.36
CA PHE A 55 -15.97 59.86 16.05
C PHE A 55 -16.07 60.66 14.76
N PRO A 56 -17.15 60.49 14.01
CA PRO A 56 -17.29 61.21 12.73
C PRO A 56 -17.81 62.62 12.95
N GLY A 57 -17.99 63.33 11.84
CA GLY A 57 -18.58 64.66 11.92
C GLY A 57 -20.05 64.62 12.25
N ILE A 58 -20.52 65.64 12.95
CA ILE A 58 -21.89 65.73 13.42
C ILE A 58 -22.63 66.77 12.59
N HIS A 59 -23.71 66.36 11.94
CA HIS A 59 -24.56 67.25 11.16
C HIS A 59 -25.77 67.65 11.99
N LEU A 60 -25.94 68.95 12.20
CA LEU A 60 -27.03 69.50 12.99
C LEU A 60 -27.97 70.31 12.11
N ARG A 61 -29.25 69.98 12.14
CA ARG A 61 -30.27 70.64 11.33
C ARG A 61 -31.47 71.02 12.18
N PHE A 62 -32.10 72.14 11.82
CA PHE A 62 -33.30 72.64 12.48
C PHE A 62 -34.50 72.36 11.60
N ASN A 63 -35.39 71.48 12.05
CA ASN A 63 -36.58 71.09 11.32
C ASN A 63 -37.82 71.65 11.99
N GLU A 64 -38.67 72.32 11.21
CA GLU A 64 -39.89 72.90 11.72
C GLU A 64 -41.07 71.93 11.69
N GLY A 65 -40.89 70.72 11.14
CA GLY A 65 -41.97 69.76 11.12
C GLY A 65 -42.38 69.29 12.49
N MET A 66 -41.44 69.18 13.43
CA MET A 66 -41.75 68.69 14.76
C MET A 66 -42.34 69.80 15.63
N GLY A 67 -41.58 70.85 15.87
CA GLY A 67 -42.05 71.98 16.65
C GLY A 67 -42.00 71.72 18.14
N GLU A 68 -42.28 72.78 18.91
CA GLU A 68 -42.29 72.76 20.38
C GLU A 68 -40.87 72.43 20.84
N GLY A 69 -40.68 71.51 21.78
CA GLY A 69 -39.34 71.12 22.19
C GLY A 69 -39.09 69.65 21.98
N GLU A 70 -38.20 69.32 21.04
CA GLU A 70 -37.94 67.93 20.69
C GLU A 70 -36.60 67.83 19.99
N TYR A 71 -35.69 67.05 20.54
CA TYR A 71 -34.39 66.80 19.92
C TYR A 71 -34.21 65.29 19.73
N LEU A 72 -33.69 64.91 18.57
CA LEU A 72 -33.43 63.51 18.28
C LEU A 72 -32.01 63.35 17.74
N ILE A 73 -31.33 62.32 18.24
CA ILE A 73 -30.00 61.95 17.78
C ILE A 73 -30.12 60.60 17.09
N SER A 74 -29.69 60.56 15.83
CA SER A 74 -29.83 59.40 14.97
C SER A 74 -28.47 59.00 14.44
N LEU A 75 -28.17 57.70 14.48
CA LEU A 75 -26.94 57.16 13.92
C LEU A 75 -27.26 56.53 12.56
N GLN A 76 -26.70 57.11 11.50
CA GLN A 76 -26.91 56.63 10.14
C GLN A 76 -28.40 56.62 9.79
N GLU A 77 -29.06 57.75 10.05
CA GLU A 77 -30.47 57.97 9.71
C GLU A 77 -31.37 56.93 10.38
N VAL A 78 -31.04 56.55 11.61
CA VAL A 78 -31.90 55.71 12.44
C VAL A 78 -31.91 56.34 13.82
N PRO A 79 -33.06 56.78 14.33
CA PRO A 79 -33.07 57.51 15.61
C PRO A 79 -32.66 56.61 16.77
N VAL A 80 -31.70 57.08 17.56
CA VAL A 80 -31.23 56.33 18.71
C VAL A 80 -31.52 57.01 20.04
N ALA A 81 -31.79 58.32 20.07
CA ALA A 81 -32.10 58.99 21.33
C ALA A 81 -33.05 60.15 21.05
N ARG A 82 -34.31 60.01 21.41
CA ARG A 82 -35.30 61.06 21.24
C ARG A 82 -35.65 61.68 22.58
N GLY A 83 -36.05 62.95 22.54
CA GLY A 83 -36.47 63.65 23.75
C GLY A 83 -37.33 64.87 23.48
N LEU A 90 -39.81 78.87 30.19
CA LEU A 90 -38.61 78.06 30.05
C LEU A 90 -38.25 77.41 31.38
N LEU A 91 -37.93 76.12 31.33
CA LEU A 91 -37.57 75.36 32.53
C LEU A 91 -36.29 74.59 32.27
N VAL A 92 -35.42 74.55 33.29
CA VAL A 92 -34.16 73.83 33.22
C VAL A 92 -34.28 72.56 34.06
N ARG A 93 -33.39 71.61 33.80
CA ARG A 93 -33.49 70.29 34.40
C ARG A 93 -32.39 70.08 35.44
N GLU A 94 -32.65 69.15 36.35
CA GLU A 94 -31.69 68.70 37.36
C GLU A 94 -31.56 67.19 37.28
N SER A 95 -30.32 66.70 37.23
CA SER A 95 -30.09 65.27 37.02
C SER A 95 -30.55 64.44 38.23
N VAL A 96 -30.16 64.86 39.43
CA VAL A 96 -30.44 64.11 40.65
C VAL A 96 -31.62 64.74 41.35
N SER A 97 -32.73 64.00 41.45
CA SER A 97 -33.93 64.46 42.09
C SER A 97 -34.48 63.36 42.99
N GLN A 98 -35.20 63.77 44.03
CA GLN A 98 -35.73 62.86 45.05
C GLN A 98 -36.77 63.66 45.84
N LEU A 99 -37.19 63.10 46.98
CA LEU A 99 -38.08 63.84 47.88
C LEU A 99 -37.46 65.14 48.37
N GLU A 100 -36.14 65.25 48.30
CA GLU A 100 -35.48 66.53 48.57
C GLU A 100 -35.95 67.61 47.61
N LEU A 101 -36.15 67.25 46.33
CA LEU A 101 -36.67 68.20 45.37
C LEU A 101 -38.10 68.62 45.72
N LEU A 102 -38.92 67.68 46.18
CA LEU A 102 -40.27 68.02 46.60
C LEU A 102 -40.25 68.91 47.85
N GLY A 103 -39.27 68.72 48.73
CA GLY A 103 -39.18 69.56 49.91
C GLY A 103 -38.90 71.02 49.58
N ILE A 104 -38.12 71.27 48.54
CA ILE A 104 -37.80 72.64 48.11
C ILE A 104 -38.42 72.88 46.74
N PRO A 105 -39.58 73.55 46.66
CA PRO A 105 -40.39 73.86 45.47
C PRO A 105 -39.62 73.99 44.17
N GLU A 117 -33.57 61.08 38.87
CA GLU A 117 -34.60 61.31 37.86
C GLU A 117 -34.55 62.75 37.38
N THR A 118 -35.01 62.98 36.15
CA THR A 118 -34.93 64.29 35.51
C THR A 118 -36.29 64.98 35.57
N PHE A 119 -36.31 66.19 36.12
CA PHE A 119 -37.52 67.01 36.14
C PHE A 119 -37.20 68.41 35.65
N TRP A 120 -38.17 69.32 35.72
CA TRP A 120 -38.01 70.67 35.19
C TRP A 120 -38.43 71.70 36.24
N VAL A 121 -37.62 72.74 36.39
CA VAL A 121 -37.89 73.82 37.33
C VAL A 121 -37.74 75.14 36.61
N SER A 122 -38.43 76.17 37.11
CA SER A 122 -38.42 77.47 36.46
C SER A 122 -37.10 78.20 36.71
N VAL A 123 -36.88 79.26 35.91
CA VAL A 123 -35.63 80.01 36.01
C VAL A 123 -35.59 80.96 37.19
N GLU A 124 -36.75 81.35 37.73
CA GLU A 124 -36.74 82.20 38.93
C GLU A 124 -36.25 81.42 40.14
N TYR A 125 -36.50 80.11 40.19
CA TYR A 125 -35.97 79.28 41.26
C TYR A 125 -34.52 78.87 41.03
N GLU A 126 -33.97 79.16 39.85
CA GLU A 126 -32.62 78.70 39.52
C GLU A 126 -31.58 79.31 40.43
N GLU A 127 -31.72 80.60 40.75
CA GLU A 127 -30.74 81.28 41.59
C GLU A 127 -30.67 80.66 42.98
N ARG A 128 -31.82 80.53 43.64
CA ARG A 128 -31.83 80.01 45.01
C ARG A 128 -31.49 78.54 45.04
N LEU A 129 -31.82 77.79 43.99
CA LEU A 129 -31.47 76.37 43.96
C LEU A 129 -29.98 76.15 43.69
N GLU A 130 -29.36 77.01 42.88
CA GLU A 130 -27.91 76.94 42.70
C GLU A 130 -27.16 77.48 43.90
N LYS A 131 -27.80 78.33 44.71
CA LYS A 131 -27.25 78.65 46.02
C LYS A 131 -27.15 77.42 46.91
N SER A 132 -28.05 76.45 46.73
CA SER A 132 -27.97 75.18 47.43
C SER A 132 -27.01 74.23 46.73
N PHE A 136 -27.31 71.45 37.47
CA PHE A 136 -28.03 72.37 36.60
C PHE A 136 -27.65 72.19 35.15
N PHE A 137 -28.42 71.38 34.43
CA PHE A 137 -28.20 71.12 33.01
C PHE A 137 -29.09 72.06 32.20
N SER A 138 -28.46 72.95 31.42
CA SER A 138 -29.17 73.83 30.52
C SER A 138 -29.47 73.09 29.22
N HIS A 139 -29.99 73.80 28.22
CA HIS A 139 -30.32 73.17 26.94
C HIS A 139 -29.07 72.61 26.28
N SER A 140 -27.99 73.39 26.23
CA SER A 140 -26.73 72.90 25.69
C SER A 140 -26.22 71.72 26.51
N GLN A 141 -26.34 71.81 27.83
CA GLN A 141 -25.83 70.74 28.69
C GLN A 141 -26.60 69.45 28.48
N VAL A 142 -27.93 69.51 28.38
CA VAL A 142 -28.70 68.28 28.20
C VAL A 142 -28.46 67.69 26.80
N LEU A 143 -28.37 68.56 25.78
CA LEU A 143 -28.10 68.05 24.44
C LEU A 143 -26.74 67.37 24.37
N THR A 144 -25.72 68.00 24.95
CA THR A 144 -24.39 67.40 24.93
C THR A 144 -24.31 66.18 25.82
N TRP A 145 -25.07 66.13 26.91
CA TRP A 145 -25.09 64.93 27.75
C TRP A 145 -25.68 63.75 27.00
N HIS A 146 -26.80 63.97 26.30
CA HIS A 146 -27.37 62.89 25.50
C HIS A 146 -26.42 62.48 24.38
N LEU A 147 -25.77 63.44 23.74
CA LEU A 147 -24.80 63.10 22.69
C LEU A 147 -23.67 62.27 23.25
N SER A 148 -23.12 62.65 24.41
CA SER A 148 -22.03 61.90 25.01
C SER A 148 -22.46 60.49 25.41
N HIS A 149 -23.66 60.36 25.98
CA HIS A 149 -24.15 59.04 26.33
C HIS A 149 -24.32 58.16 25.10
N VAL A 150 -24.87 58.73 24.01
CA VAL A 150 -25.03 57.98 22.77
C VAL A 150 -23.68 57.53 22.24
N LEU A 151 -22.70 58.44 22.22
CA LEU A 151 -21.39 58.09 21.70
C LEU A 151 -20.72 57.03 22.54
N ARG A 152 -20.87 57.10 23.87
CA ARG A 152 -20.23 56.12 24.74
C ARG A 152 -20.88 54.74 24.60
N GLU A 153 -22.21 54.68 24.55
CA GLU A 153 -22.87 53.39 24.49
C GLU A 153 -22.94 52.82 23.08
N TYR A 154 -22.63 53.61 22.05
CA TYR A 154 -22.69 53.14 20.67
C TYR A 154 -21.37 53.41 19.95
N ALA A 155 -20.26 53.39 20.66
CA ALA A 155 -18.97 53.64 20.04
C ALA A 155 -18.52 52.51 19.13
N GLU A 156 -19.01 51.29 19.36
CA GLU A 156 -18.61 50.17 18.52
C GLU A 156 -18.99 50.39 17.06
N ASP A 157 -20.07 51.14 16.82
CA ASP A 157 -20.50 51.42 15.45
C ASP A 157 -19.66 52.51 14.79
N PHE A 158 -18.78 53.17 15.52
CA PHE A 158 -17.90 54.20 14.97
C PHE A 158 -16.51 53.67 14.66
N ILE A 159 -16.27 52.36 14.83
CA ILE A 159 -14.98 51.77 14.52
C ILE A 159 -15.14 50.81 13.35
N GLY A 160 -14.90 51.31 12.14
CA GLY A 160 -14.94 50.51 10.94
C GLY A 160 -13.55 50.21 10.40
N ILE A 161 -13.55 49.53 9.26
CA ILE A 161 -12.30 49.26 8.56
C ILE A 161 -11.66 50.57 8.12
N GLN A 162 -12.49 51.49 7.62
CA GLN A 162 -11.98 52.79 7.18
C GLN A 162 -11.36 53.56 8.34
N GLU A 163 -12.01 53.52 9.52
CA GLU A 163 -11.49 54.24 10.68
C GLU A 163 -10.15 53.66 11.14
N THR A 164 -10.05 52.33 11.19
CA THR A 164 -8.78 51.70 11.59
C THR A 164 -7.69 52.00 10.57
N ARG A 165 -8.03 52.00 9.28
CA ARG A 165 -7.04 52.33 8.26
C ARG A 165 -6.57 53.78 8.41
N TYR A 166 -7.50 54.69 8.73
CA TYR A 166 -7.11 56.07 8.99
C TYR A 166 -6.19 56.16 10.19
N LEU A 167 -6.48 55.42 11.26
CA LEU A 167 -5.61 55.42 12.43
C LEU A 167 -4.21 54.91 12.08
N LEU A 168 -4.14 53.83 11.30
CA LEU A 168 -2.84 53.30 10.91
C LEU A 168 -2.06 54.29 10.04
N GLU A 169 -2.74 54.92 9.08
CA GLU A 169 -2.05 55.88 8.22
C GLU A 169 -1.63 57.12 8.99
N GLN A 170 -2.37 57.49 10.04
CA GLN A 170 -1.99 58.65 10.83
C GLN A 170 -0.75 58.38 11.67
N MET A 171 -0.48 57.12 11.98
CA MET A 171 0.67 56.73 12.79
C MET A 171 1.85 56.22 11.97
N GLU A 172 1.77 56.33 10.63
CA GLU A 172 2.87 55.86 9.80
C GLU A 172 4.16 56.62 10.07
N GLY A 173 4.07 57.94 10.22
CA GLY A 173 5.25 58.72 10.52
C GLY A 173 5.83 58.40 11.88
N GLY A 174 4.97 58.17 12.86
CA GLY A 174 5.42 57.85 14.21
C GLY A 174 6.06 56.49 14.33
N TYR A 175 5.28 55.44 14.09
CA TYR A 175 5.75 54.06 14.23
C TYR A 175 5.47 53.36 12.90
N GLY A 176 6.41 53.46 11.96
CA GLY A 176 6.24 52.85 10.66
C GLY A 176 6.43 51.35 10.69
N GLU A 177 7.58 50.91 11.22
CA GLU A 177 7.90 49.49 11.24
C GLU A 177 6.95 48.70 12.12
N LEU A 178 6.47 49.31 13.21
CA LEU A 178 5.49 48.63 14.06
C LEU A 178 4.22 48.33 13.28
N ILE A 179 3.74 49.32 12.52
CA ILE A 179 2.53 49.12 11.71
C ILE A 179 2.80 48.10 10.61
N LYS A 180 3.97 48.17 9.98
CA LYS A 180 4.29 47.23 8.90
C LYS A 180 4.35 45.80 9.43
N GLU A 181 4.84 45.62 10.66
CA GLU A 181 4.89 44.28 11.25
C GLU A 181 3.50 43.81 11.65
N VAL A 182 2.71 44.68 12.29
CA VAL A 182 1.40 44.25 12.76
C VAL A 182 0.48 43.95 11.59
N GLN A 183 0.66 44.65 10.46
CA GLN A 183 -0.12 44.32 9.27
C GLN A 183 0.19 42.93 8.75
N ARG A 184 1.47 42.54 8.74
CA ARG A 184 1.83 41.20 8.28
C ARG A 184 1.49 40.13 9.30
N ILE A 185 1.31 40.50 10.57
CA ILE A 185 0.99 39.52 11.60
C ILE A 185 -0.51 39.25 11.69
N VAL A 186 -1.32 40.30 11.73
CA VAL A 186 -2.77 40.15 11.85
C VAL A 186 -3.45 40.95 10.76
N PRO A 187 -4.62 40.53 10.28
CA PRO A 187 -5.31 41.29 9.22
C PRO A 187 -6.08 42.47 9.79
N LEU A 188 -6.61 43.27 8.86
CA LEU A 188 -7.37 44.46 9.26
C LEU A 188 -8.67 44.08 9.95
N GLN A 189 -9.35 43.02 9.48
CA GLN A 189 -10.63 42.65 10.04
C GLN A 189 -10.50 42.25 11.51
N ARG A 190 -9.51 41.39 11.81
CA ARG A 190 -9.31 40.97 13.18
C ARG A 190 -8.93 42.15 14.06
N MET A 191 -8.09 43.04 13.55
CA MET A 191 -7.66 44.21 14.31
C MET A 191 -8.85 45.11 14.64
N THR A 192 -9.72 45.37 13.65
CA THR A 192 -10.89 46.21 13.88
C THR A 192 -11.85 45.56 14.86
N GLU A 193 -12.07 44.25 14.74
CA GLU A 193 -12.94 43.56 15.69
C GLU A 193 -12.37 43.62 17.10
N ILE A 194 -11.04 43.48 17.23
CA ILE A 194 -10.40 43.59 18.54
C ILE A 194 -10.60 44.99 19.11
N LEU A 195 -10.44 46.02 18.28
CA LEU A 195 -10.64 47.38 18.77
C LEU A 195 -12.08 47.59 19.21
N GLN A 196 -13.04 47.06 18.46
CA GLN A 196 -14.44 47.17 18.85
C GLN A 196 -14.69 46.47 20.18
N ARG A 197 -14.12 45.28 20.37
CA ARG A 197 -14.30 44.56 21.63
C ARG A 197 -13.67 45.32 22.78
N LEU A 198 -12.51 45.93 22.56
CA LEU A 198 -11.86 46.72 23.59
C LEU A 198 -12.71 47.91 23.99
N VAL A 199 -13.26 48.63 23.00
CA VAL A 199 -14.07 49.81 23.30
C VAL A 199 -15.39 49.41 23.95
N GLY A 200 -15.91 48.22 23.64
CA GLY A 200 -17.14 47.77 24.26
C GLY A 200 -17.07 47.65 25.76
N GLU A 201 -15.86 47.55 26.32
CA GLU A 201 -15.66 47.53 27.76
C GLU A 201 -15.18 48.87 28.30
N ASP A 202 -15.33 49.94 27.51
CA ASP A 202 -14.91 51.29 27.89
C ASP A 202 -13.41 51.39 28.13
N ILE A 203 -12.63 50.52 27.48
CA ILE A 203 -11.18 50.57 27.57
C ILE A 203 -10.66 51.47 26.45
N SER A 204 -9.81 52.42 26.81
CA SER A 204 -9.41 53.46 25.85
C SER A 204 -8.46 52.91 24.79
N ILE A 205 -8.73 53.26 23.54
CA ILE A 205 -7.81 52.97 22.44
C ILE A 205 -6.64 53.94 22.43
N ARG A 206 -6.80 55.11 23.06
CA ARG A 206 -5.86 56.23 22.96
C ARG A 206 -4.40 55.80 22.98
N ASN A 207 -4.03 54.90 23.90
CA ASN A 207 -2.66 54.42 24.00
C ASN A 207 -2.45 53.30 22.99
N MET A 208 -2.25 53.70 21.73
CA MET A 208 -2.16 52.74 20.64
C MET A 208 -0.82 52.02 20.58
N ARG A 209 0.25 52.60 21.14
CA ARG A 209 1.56 51.97 21.05
C ARG A 209 1.58 50.63 21.76
N SER A 210 1.12 50.60 23.01
CA SER A 210 1.11 49.34 23.76
C SER A 210 0.14 48.34 23.13
N ILE A 211 -0.98 48.82 22.58
CA ILE A 211 -1.93 47.94 21.92
C ILE A 211 -1.29 47.26 20.72
N LEU A 212 -0.56 48.03 19.91
CA LEU A 212 0.11 47.46 18.76
C LEU A 212 1.23 46.51 19.17
N GLU A 213 1.96 46.85 20.23
CA GLU A 213 3.00 45.95 20.71
C GLU A 213 2.41 44.62 21.19
N ALA A 214 1.30 44.68 21.92
CA ALA A 214 0.63 43.45 22.36
C ALA A 214 0.10 42.67 21.17
N MET A 215 -0.44 43.37 20.17
CA MET A 215 -0.91 42.71 18.97
C MET A 215 0.22 41.96 18.27
N VAL A 216 1.39 42.59 18.17
CA VAL A 216 2.54 41.93 17.57
C VAL A 216 2.96 40.73 18.39
N GLU A 217 3.01 40.88 19.72
CA GLU A 217 3.53 39.82 20.58
C GLU A 217 2.61 38.60 20.59
N TRP A 218 1.29 38.82 20.58
CA TRP A 218 0.33 37.74 20.78
C TRP A 218 -0.39 37.30 19.51
N GLY A 219 -0.23 38.01 18.39
CA GLY A 219 -0.94 37.62 17.18
C GLY A 219 -0.37 36.39 16.52
N GLN A 220 0.91 36.09 16.75
CA GLN A 220 1.50 34.88 16.21
C GLN A 220 1.13 33.64 17.00
N LYS A 221 0.71 33.79 18.25
CA LYS A 221 0.42 32.67 19.13
C LYS A 221 -1.07 32.32 19.17
N GLU A 222 -1.95 33.32 19.23
CA GLU A 222 -3.38 33.10 19.32
C GLU A 222 -4.08 33.65 18.09
N LYS A 223 -5.01 32.87 17.56
CA LYS A 223 -5.81 33.29 16.42
C LYS A 223 -7.26 33.58 16.77
N ASP A 224 -7.77 33.01 17.87
CA ASP A 224 -9.13 33.29 18.30
C ASP A 224 -9.24 34.74 18.78
N VAL A 225 -10.31 35.40 18.37
CA VAL A 225 -10.47 36.82 18.67
C VAL A 225 -10.66 37.04 20.17
N VAL A 226 -11.41 36.16 20.83
CA VAL A 226 -11.70 36.34 22.26
C VAL A 226 -10.43 36.26 23.08
N GLN A 227 -9.63 35.22 22.87
CA GLN A 227 -8.40 35.06 23.63
C GLN A 227 -7.41 36.17 23.32
N LEU A 228 -7.30 36.56 22.04
CA LEU A 228 -6.37 37.62 21.67
C LEU A 228 -6.76 38.94 22.31
N THR A 229 -8.06 39.27 22.32
CA THR A 229 -8.45 40.53 22.94
C THR A 229 -8.34 40.46 24.46
N GLU A 230 -8.48 39.26 25.05
CA GLU A 230 -8.21 39.12 26.48
C GLU A 230 -6.74 39.37 26.79
N TYR A 231 -5.84 38.85 25.95
CA TYR A 231 -4.42 39.12 26.12
C TYR A 231 -4.11 40.61 25.96
N ILE A 232 -4.75 41.25 24.98
CA ILE A 232 -4.51 42.68 24.79
C ILE A 232 -5.02 43.49 25.98
N ARG A 233 -6.14 43.06 26.57
CA ARG A 233 -6.62 43.69 27.80
C ARG A 233 -5.61 43.50 28.92
N SER A 234 -5.08 42.29 29.08
CA SER A 234 -4.08 42.02 30.10
C SER A 234 -2.81 42.81 29.85
N SER A 235 -2.56 43.24 28.62
CA SER A 235 -1.41 44.09 28.33
C SER A 235 -1.59 45.52 28.85
N LEU A 236 -2.77 45.86 29.36
CA LEU A 236 -3.05 47.21 29.85
C LEU A 236 -3.29 47.20 31.36
N LYS A 237 -2.42 46.50 32.09
CA LYS A 237 -2.61 46.30 33.52
C LYS A 237 -2.70 47.63 34.26
N ARG A 238 -1.73 48.52 34.05
CA ARG A 238 -1.70 49.76 34.81
C ARG A 238 -2.83 50.70 34.40
N TYR A 239 -3.21 50.72 33.12
CA TYR A 239 -4.34 51.53 32.71
C TYR A 239 -5.62 51.06 33.38
N ILE A 240 -5.86 49.74 33.39
CA ILE A 240 -7.05 49.21 34.03
C ILE A 240 -7.01 49.50 35.53
N CYS A 241 -5.85 49.34 36.15
CA CYS A 241 -5.72 49.61 37.57
C CYS A 241 -6.04 51.07 37.90
N TYR A 242 -5.50 52.01 37.11
CA TYR A 242 -5.78 53.42 37.36
C TYR A 242 -7.23 53.78 37.10
N LYS A 243 -7.85 53.16 36.09
CA LYS A 243 -9.24 53.50 35.77
C LYS A 243 -10.18 53.09 36.90
N TYR A 244 -9.93 51.94 37.51
CA TYR A 244 -10.79 51.39 38.55
C TYR A 244 -10.18 51.55 39.94
N ALA A 245 -9.27 52.51 40.11
CA ALA A 245 -8.58 52.67 41.39
C ALA A 245 -9.46 53.27 42.49
N ASN A 246 -10.61 53.85 42.14
CA ASN A 246 -11.50 54.43 43.13
C ASN A 246 -10.79 55.49 43.97
N GLY A 247 -10.23 55.08 45.10
CA GLY A 247 -9.48 56.00 45.95
C GLY A 247 -7.97 55.82 45.93
N ASN A 248 -7.53 54.56 45.93
CA ASN A 248 -6.11 54.22 46.02
C ASN A 248 -5.95 52.79 45.50
N ASN A 249 -4.84 52.14 45.83
CA ASN A 249 -4.57 50.77 45.39
C ASN A 249 -5.69 49.82 45.82
N ILE A 250 -6.57 50.28 46.71
CA ILE A 250 -7.71 49.49 47.15
C ILE A 250 -8.64 49.26 45.96
N LEU A 251 -8.93 47.99 45.69
CA LEU A 251 -9.79 47.61 44.57
C LEU A 251 -10.95 46.77 45.08
N PRO A 252 -12.17 47.29 45.09
CA PRO A 252 -13.32 46.46 45.48
C PRO A 252 -13.49 45.29 44.52
N ALA A 253 -13.74 44.11 45.08
CA ALA A 253 -13.82 42.90 44.28
C ALA A 253 -15.01 42.05 44.70
N TYR A 254 -15.53 41.30 43.74
CA TYR A 254 -16.60 40.33 43.93
C TYR A 254 -16.18 38.98 43.38
N LEU A 255 -15.00 38.54 43.80
CA LEU A 255 -14.33 37.37 43.21
C LEU A 255 -15.27 36.16 43.15
N PHE A 256 -15.07 35.34 42.13
CA PHE A 256 -15.90 34.17 41.88
C PHE A 256 -15.31 32.92 42.54
N ASP A 257 -16.20 32.01 42.91
CA ASP A 257 -15.79 30.72 43.42
C ASP A 257 -15.20 29.86 42.30
N GLN A 258 -14.38 28.89 42.69
CA GLN A 258 -13.80 27.98 41.70
C GLN A 258 -14.90 27.15 41.04
N GLU A 259 -15.90 26.73 41.83
CA GLU A 259 -16.98 25.90 41.30
C GLU A 259 -17.77 26.65 40.22
N VAL A 260 -18.09 27.92 40.47
CA VAL A 260 -18.85 28.69 39.50
C VAL A 260 -18.04 28.91 38.23
N GLU A 261 -16.76 29.23 38.38
CA GLU A 261 -15.90 29.42 37.20
C GLU A 261 -15.81 28.14 36.38
N GLU A 262 -15.64 27.00 37.06
CA GLU A 262 -15.57 25.73 36.34
C GLU A 262 -16.88 25.40 35.65
N LYS A 263 -18.01 25.66 36.32
CA LYS A 263 -19.30 25.40 35.70
C LYS A 263 -19.51 26.27 34.46
N ILE A 264 -19.13 27.55 34.54
CA ILE A 264 -19.26 28.42 33.38
C ILE A 264 -18.36 27.95 32.25
N ARG A 265 -17.10 27.60 32.57
CA ARG A 265 -16.16 27.17 31.56
C ARG A 265 -16.54 25.83 30.94
N SER A 266 -17.35 25.01 31.64
CA SER A 266 -17.70 23.69 31.13
C SER A 266 -18.54 23.73 29.86
N ARG A 267 -19.12 24.88 29.52
CA ARG A 267 -19.96 25.01 28.35
C ARG A 267 -19.54 26.22 27.51
N VAL A 268 -18.24 26.32 27.23
CA VAL A 268 -17.75 27.43 26.44
C VAL A 268 -18.20 27.29 24.98
N ARG A 269 -18.10 26.09 24.42
CA ARG A 269 -18.60 25.77 23.08
C ARG A 269 -17.96 26.67 22.02
N GLN A 270 -16.65 26.49 21.88
CA GLN A 270 -15.83 27.27 20.94
C GLN A 270 -15.86 26.63 19.55
N THR A 271 -17.06 26.59 18.97
CA THR A 271 -17.26 25.85 17.72
C THR A 271 -17.00 26.71 16.49
N SER A 272 -17.76 27.78 16.29
CA SER A 272 -17.62 28.56 15.07
C SER A 272 -18.43 29.84 15.15
N ALA A 273 -17.86 30.92 14.60
CA ALA A 273 -18.50 32.23 14.53
C ALA A 273 -18.93 32.76 15.90
N GLY A 274 -18.04 32.68 16.88
CA GLY A 274 -18.30 33.36 18.16
C GLY A 274 -18.01 32.67 19.48
N SER A 275 -18.20 31.34 19.59
CA SER A 275 -17.90 30.60 20.82
C SER A 275 -18.90 30.94 21.92
N TYR A 276 -20.19 30.90 21.58
CA TYR A 276 -21.24 31.36 22.49
C TYR A 276 -21.36 30.48 23.73
N LEU A 277 -21.68 31.11 24.86
CA LEU A 277 -21.78 30.44 26.16
C LEU A 277 -23.25 30.12 26.46
N ALA A 278 -23.68 28.93 26.07
CA ALA A 278 -25.02 28.43 26.34
C ALA A 278 -24.91 27.16 27.17
N LEU A 279 -25.17 27.27 28.48
CA LEU A 279 -25.10 26.08 29.31
C LEU A 279 -26.48 25.42 29.47
N ASP A 280 -27.31 26.00 30.34
CA ASP A 280 -28.72 25.65 30.49
C ASP A 280 -29.42 26.90 30.98
N PRO A 281 -30.60 27.24 30.46
CA PRO A 281 -31.28 28.45 30.95
C PRO A 281 -31.52 28.45 32.45
N ALA A 282 -31.88 27.29 33.02
CA ALA A 282 -32.08 27.20 34.46
C ALA A 282 -30.77 27.41 35.22
N VAL A 283 -29.66 26.88 34.70
CA VAL A 283 -28.38 27.02 35.38
C VAL A 283 -27.95 28.49 35.40
N THR A 284 -28.07 29.18 34.27
CA THR A 284 -27.73 30.60 34.24
C THR A 284 -28.67 31.41 35.12
N GLU A 285 -29.96 31.04 35.16
CA GLU A 285 -30.86 31.74 36.06
C GLU A 285 -30.45 31.57 37.51
N SER A 286 -30.08 30.35 37.91
CA SER A 286 -29.66 30.11 39.29
C SER A 286 -28.37 30.85 39.61
N LEU A 287 -27.41 30.85 38.68
CA LEU A 287 -26.17 31.56 38.90
C LEU A 287 -26.40 33.07 39.01
N LEU A 288 -27.28 33.61 38.17
CA LEU A 288 -27.60 35.03 38.26
C LEU A 288 -28.29 35.36 39.59
N GLU A 289 -29.15 34.46 40.07
CA GLU A 289 -29.77 34.65 41.39
C GLU A 289 -28.72 34.65 42.49
N GLN A 290 -27.74 33.74 42.40
CA GLN A 290 -26.66 33.72 43.39
C GLN A 290 -25.85 35.00 43.33
N VAL A 291 -25.58 35.51 42.12
CA VAL A 291 -24.86 36.77 41.97
C VAL A 291 -25.65 37.89 42.62
N ARG A 292 -26.98 37.90 42.43
CA ARG A 292 -27.80 38.92 43.06
C ARG A 292 -27.73 38.81 44.58
N LYS A 293 -27.72 37.58 45.10
CA LYS A 293 -27.64 37.38 46.55
C LYS A 293 -26.33 37.90 47.11
N THR A 294 -25.22 37.62 46.44
CA THR A 294 -23.91 38.06 46.94
C THR A 294 -23.68 39.54 46.72
N ILE A 295 -23.54 39.95 45.46
CA ILE A 295 -23.30 41.35 45.09
C ILE A 295 -24.26 42.31 45.78
N LEU A 298 -29.03 47.99 43.13
CA LEU A 298 -28.07 48.40 44.16
C LEU A 298 -27.49 49.77 43.86
N SER A 299 -28.38 50.74 43.60
CA SER A 299 -27.94 52.11 43.35
C SER A 299 -27.30 52.74 44.58
N GLN A 300 -27.57 52.20 45.78
CA GLN A 300 -26.94 52.72 46.98
C GLN A 300 -25.44 52.48 47.00
N ILE A 301 -24.95 51.52 46.22
CA ILE A 301 -23.53 51.23 46.16
C ILE A 301 -22.84 52.31 45.33
N GLN A 302 -21.75 52.86 45.86
CA GLN A 302 -20.99 53.88 45.16
C GLN A 302 -19.51 53.49 45.05
N LYS A 304 -17.36 52.51 42.75
CA LYS A 304 -17.47 51.69 41.55
C LYS A 304 -16.77 50.35 41.74
N PRO A 305 -17.41 49.43 42.45
CA PRO A 305 -16.84 48.09 42.60
C PRO A 305 -16.85 47.36 41.27
N VAL A 306 -15.88 46.47 41.10
CA VAL A 306 -15.70 45.72 39.86
C VAL A 306 -15.70 44.23 40.17
N LEU A 307 -16.29 43.45 39.27
CA LEU A 307 -16.24 41.99 39.35
C LEU A 307 -14.92 41.52 38.76
N ILE A 308 -14.25 40.60 39.45
CA ILE A 308 -12.98 40.05 39.01
C ILE A 308 -13.11 38.53 38.90
N VAL A 309 -12.78 37.99 37.73
CA VAL A 309 -12.95 36.57 37.44
C VAL A 309 -11.77 36.11 36.58
N SER A 310 -11.69 34.81 36.37
CA SER A 310 -10.62 34.23 35.55
C SER A 310 -10.68 34.78 34.13
N MET A 311 -9.50 34.98 33.54
CA MET A 311 -9.43 35.63 32.24
C MET A 311 -10.12 34.82 31.15
N ASP A 312 -9.91 33.51 31.14
CA ASP A 312 -10.39 32.68 30.04
C ASP A 312 -11.89 32.74 29.87
N ILE A 313 -12.64 33.13 30.91
CA ILE A 313 -14.09 33.21 30.86
C ILE A 313 -14.59 34.63 31.10
N ARG A 314 -13.69 35.61 31.16
CA ARG A 314 -14.08 36.96 31.57
C ARG A 314 -15.21 37.49 30.69
N ARG A 315 -15.00 37.50 29.37
CA ARG A 315 -16.04 37.95 28.47
C ARG A 315 -17.30 37.10 28.61
N TYR A 316 -17.12 35.78 28.77
CA TYR A 316 -18.27 34.89 28.94
C TYR A 316 -19.07 35.28 30.16
N VAL A 317 -18.41 35.76 31.22
CA VAL A 317 -19.14 36.24 32.39
C VAL A 317 -19.85 37.56 32.07
N ARG A 318 -19.16 38.45 31.35
CA ARG A 318 -19.69 39.79 31.13
C ARG A 318 -21.03 39.76 30.42
N LYS A 319 -21.11 39.06 29.29
CA LYS A 319 -22.38 38.97 28.57
C LYS A 319 -23.44 38.26 29.37
N LEU A 320 -23.04 37.48 30.38
CA LEU A 320 -24.02 36.85 31.26
C LEU A 320 -24.69 37.87 32.18
N ILE A 321 -23.95 38.89 32.62
CA ILE A 321 -24.47 39.86 33.58
C ILE A 321 -24.72 41.22 32.95
N GLU A 322 -24.56 41.34 31.63
CA GLU A 322 -24.81 42.63 30.98
C GLU A 322 -26.29 43.01 31.04
N SER A 323 -27.17 42.01 31.10
CA SER A 323 -28.61 42.29 31.12
C SER A 323 -29.02 43.04 32.38
N GLU A 324 -28.53 42.58 33.54
CA GLU A 324 -28.91 43.19 34.82
C GLU A 324 -27.93 44.27 35.25
N TYR A 325 -26.65 43.90 35.40
CA TYR A 325 -25.62 44.82 35.88
C TYR A 325 -24.86 45.34 34.66
N TYR A 326 -25.50 46.25 33.92
CA TYR A 326 -24.84 46.88 32.79
C TYR A 326 -23.70 47.80 33.25
N GLY A 327 -23.78 48.29 34.48
CA GLY A 327 -22.74 49.10 35.07
C GLY A 327 -21.47 48.33 35.38
N LEU A 328 -21.55 47.47 36.41
CA LEU A 328 -20.47 46.62 36.92
C LEU A 328 -19.58 46.06 35.84
N PRO A 329 -18.31 46.49 35.76
CA PRO A 329 -17.37 45.91 34.81
C PRO A 329 -16.90 44.53 35.25
N VAL A 330 -16.32 43.80 34.29
CA VAL A 330 -15.75 42.48 34.53
C VAL A 330 -14.28 42.54 34.15
N LEU A 331 -13.41 42.08 35.05
CA LEU A 331 -11.97 42.15 34.88
C LEU A 331 -11.37 40.76 35.01
N SER A 332 -10.19 40.61 34.43
CA SER A 332 -9.42 39.37 34.47
C SER A 332 -8.35 39.45 35.53
N TYR A 333 -7.97 38.28 36.07
CA TYR A 333 -6.88 38.23 37.03
C TYR A 333 -5.57 38.70 36.39
N GLN A 334 -5.36 38.35 35.12
CA GLN A 334 -4.17 38.81 34.40
C GLN A 334 -4.17 40.32 34.21
N GLU A 335 -5.34 40.92 34.04
CA GLU A 335 -5.44 42.37 33.81
C GLU A 335 -4.99 43.19 35.02
N LEU A 336 -4.83 42.58 36.19
CA LEU A 336 -4.43 43.30 37.39
C LEU A 336 -2.92 43.19 37.56
N THR A 337 -2.25 44.34 37.60
CA THR A 337 -0.83 44.37 37.91
C THR A 337 -0.63 44.12 39.42
N GLN A 338 0.64 44.09 39.83
CA GLN A 338 0.94 43.87 41.25
C GLN A 338 0.76 45.16 42.02
N GLN A 339 1.33 45.23 43.22
CA GLN A 339 1.12 46.32 44.17
C GLN A 339 -0.30 46.88 44.12
N ILE A 340 -1.29 45.99 44.23
CA ILE A 340 -2.69 46.38 44.29
C ILE A 340 -3.31 45.71 45.51
N ASN A 341 -4.03 46.49 46.32
CA ASN A 341 -4.71 45.97 47.50
C ASN A 341 -6.13 45.61 47.11
N ILE A 342 -6.33 44.36 46.72
CA ILE A 342 -7.65 43.87 46.35
C ILE A 342 -8.47 43.63 47.60
N GLN A 343 -9.58 44.35 47.74
CA GLN A 343 -10.44 44.19 48.91
C GLN A 343 -11.65 43.35 48.51
N PRO A 344 -11.75 42.11 49.00
CA PRO A 344 -12.86 41.24 48.60
C PRO A 344 -14.16 41.61 49.31
N LEU A 345 -15.10 42.17 48.54
CA LEU A 345 -16.41 42.47 49.11
C LEU A 345 -17.23 41.20 49.33
N GLY A 346 -16.93 40.12 48.60
CA GLY A 346 -17.64 38.88 48.78
C GLY A 346 -17.48 37.90 47.63
N ARG A 347 -17.36 36.61 47.96
CA ARG A 347 -17.25 35.56 46.96
C ARG A 347 -18.63 35.04 46.58
N VAL A 348 -18.88 34.92 45.29
CA VAL A 348 -20.14 34.41 44.77
C VAL A 348 -20.10 32.88 44.91
N CYS A 349 -20.69 32.36 45.98
CA CYS A 349 -20.67 30.94 46.23
C CYS A 349 -21.70 30.23 45.36
N LEU A 350 -21.68 28.90 45.42
CA LEU A 350 -22.60 28.09 44.64
C LEU A 350 -23.56 27.35 45.56
N ARG B 6 -31.67 50.16 -45.87
CA ARG B 6 -31.88 49.87 -47.28
C ARG B 6 -31.52 48.41 -47.58
N LEU B 7 -31.96 47.53 -46.67
CA LEU B 7 -31.67 46.10 -46.74
C LEU B 7 -30.16 45.84 -46.82
N GLY B 8 -29.37 46.67 -46.16
CA GLY B 8 -27.94 46.42 -46.07
C GLY B 8 -27.43 46.57 -44.66
N GLU B 9 -28.19 47.28 -43.83
CA GLU B 9 -27.90 47.36 -42.41
C GLU B 9 -28.16 45.99 -41.77
N GLN B 10 -27.34 45.67 -40.77
CA GLN B 10 -27.44 44.33 -40.21
C GLN B 10 -28.72 44.20 -39.40
N GLU B 11 -28.79 44.90 -38.28
CA GLU B 11 -30.04 44.92 -37.52
C GLU B 11 -30.37 46.27 -36.88
N ALA B 12 -29.42 47.19 -36.75
CA ALA B 12 -29.59 48.42 -35.98
C ALA B 12 -30.07 48.10 -34.56
N PHE B 13 -29.21 47.40 -33.82
CA PHE B 13 -29.56 46.92 -32.49
C PHE B 13 -29.84 48.08 -31.54
N ALA B 14 -30.84 47.90 -30.68
CA ALA B 14 -31.20 48.88 -29.67
C ALA B 14 -31.63 48.16 -28.41
N MET B 15 -31.12 48.58 -27.27
CA MET B 15 -31.45 47.93 -26.01
C MET B 15 -32.86 48.33 -25.56
N THR B 16 -33.52 47.39 -24.89
CA THR B 16 -34.87 47.65 -24.38
C THR B 16 -34.83 48.67 -23.26
N VAL B 17 -35.82 49.56 -23.23
CA VAL B 17 -35.91 50.56 -22.16
C VAL B 17 -36.25 49.86 -20.84
N PRO B 18 -35.62 50.24 -19.74
CA PRO B 18 -35.89 49.55 -18.47
C PRO B 18 -37.30 49.81 -17.95
N LEU B 19 -37.70 51.07 -17.88
CA LEU B 19 -39.00 51.45 -17.36
C LEU B 19 -39.70 52.34 -18.38
N LEU B 20 -40.95 52.04 -18.69
CA LEU B 20 -41.71 52.80 -19.66
C LEU B 20 -43.11 53.05 -19.11
N ILE B 21 -43.63 54.24 -19.34
CA ILE B 21 -45.00 54.60 -18.99
C ILE B 21 -45.68 55.13 -20.24
N ASP B 22 -46.69 54.41 -20.70
CA ASP B 22 -47.45 54.79 -21.90
C ASP B 22 -48.84 55.24 -21.46
N VAL B 23 -49.12 56.53 -21.67
CA VAL B 23 -50.41 57.14 -21.40
C VAL B 23 -51.01 57.61 -22.71
N ASP B 24 -52.31 57.87 -22.69
CA ASP B 24 -53.02 58.30 -23.90
C ASP B 24 -52.50 59.66 -24.36
N SER B 25 -52.74 59.96 -25.63
CA SER B 25 -52.33 61.25 -26.22
C SER B 25 -53.27 62.39 -25.84
N SER B 26 -54.38 62.13 -25.17
CA SER B 26 -55.36 63.16 -24.87
C SER B 26 -55.05 63.89 -23.57
N GLN B 27 -53.90 63.58 -22.95
CA GLN B 27 -53.40 64.32 -21.80
C GLN B 27 -51.95 64.74 -22.00
N GLN B 28 -51.46 64.75 -23.24
CA GLN B 28 -50.11 65.22 -23.53
C GLN B 28 -49.90 66.65 -23.04
N GLU B 29 -50.79 67.56 -23.43
CA GLU B 29 -50.67 68.96 -23.04
C GLU B 29 -51.76 69.40 -22.08
N ALA B 30 -52.84 68.63 -21.92
CA ALA B 30 -53.82 68.99 -20.90
C ALA B 30 -53.31 68.66 -19.51
N LEU B 31 -52.54 67.58 -19.38
CA LEU B 31 -51.92 67.21 -18.11
C LEU B 31 -50.44 67.58 -18.13
N GLU B 32 -50.16 68.86 -18.36
CA GLU B 32 -48.81 69.37 -18.39
C GLU B 32 -48.49 70.31 -17.24
N ALA B 33 -49.32 71.34 -17.04
CA ALA B 33 -49.15 72.25 -15.90
C ALA B 33 -49.10 71.52 -14.57
N ILE B 34 -49.65 70.30 -14.50
CA ILE B 34 -49.68 69.54 -13.25
C ILE B 34 -48.30 69.08 -12.81
N ALA B 35 -47.28 69.23 -13.66
CA ALA B 35 -45.89 68.92 -13.32
C ALA B 35 -45.70 67.45 -12.97
N LEU B 36 -46.20 66.58 -13.85
CA LEU B 36 -45.98 65.15 -13.69
C LEU B 36 -44.53 64.74 -13.90
N ASN B 37 -43.79 65.54 -14.67
CA ASN B 37 -42.38 65.26 -14.96
C ASN B 37 -41.48 65.66 -13.80
N ASP B 38 -42.01 66.40 -12.84
CA ASP B 38 -41.29 66.67 -11.59
C ASP B 38 -41.80 65.79 -10.46
N GLU B 39 -43.09 65.47 -10.48
CA GLU B 39 -43.65 64.57 -9.48
C GLU B 39 -43.04 63.18 -9.59
N LEU B 40 -42.80 62.70 -10.82
CA LEU B 40 -42.21 61.37 -10.98
C LEU B 40 -40.81 61.31 -10.39
N VAL B 41 -39.97 62.31 -10.68
CA VAL B 41 -38.63 62.30 -10.12
C VAL B 41 -38.68 62.49 -8.61
N ARG B 42 -39.63 63.28 -8.12
CA ARG B 42 -39.75 63.46 -6.67
C ARG B 42 -40.07 62.14 -5.98
N VAL B 43 -41.05 61.39 -6.50
CA VAL B 43 -41.43 60.14 -5.87
C VAL B 43 -40.31 59.11 -6.01
N ARG B 44 -39.62 59.11 -7.16
CA ARG B 44 -38.49 58.20 -7.31
C ARG B 44 -37.39 58.50 -6.32
N ARG B 45 -37.08 59.79 -6.11
CA ARG B 45 -36.06 60.17 -5.14
C ARG B 45 -36.49 59.79 -3.73
N ALA B 46 -37.76 59.98 -3.40
CA ALA B 46 -38.25 59.60 -2.07
C ALA B 46 -38.12 58.10 -1.86
N LEU B 47 -38.48 57.31 -2.88
CA LEU B 47 -38.38 55.85 -2.76
C LEU B 47 -36.93 55.41 -2.64
N TYR B 48 -36.03 56.07 -3.35
CA TYR B 48 -34.60 55.76 -3.20
C TYR B 48 -34.12 56.07 -1.79
N LEU B 49 -34.49 57.24 -1.27
CA LEU B 49 -34.08 57.59 0.09
C LEU B 49 -34.65 56.61 1.10
N ASP B 50 -35.85 56.10 0.87
CA ASP B 50 -36.43 55.12 1.79
C ASP B 50 -35.76 53.76 1.66
N LEU B 51 -35.37 53.37 0.44
CA LEU B 51 -34.83 52.04 0.18
C LEU B 51 -33.35 52.04 -0.17
N GLY B 52 -32.94 52.86 -1.14
CA GLY B 52 -31.58 52.86 -1.62
C GLY B 52 -31.35 52.12 -2.92
N VAL B 53 -32.40 51.56 -3.51
CA VAL B 53 -32.25 50.86 -4.79
C VAL B 53 -32.04 51.86 -5.91
N PRO B 54 -31.00 51.71 -6.73
CA PRO B 54 -30.78 52.66 -7.83
C PRO B 54 -31.76 52.46 -8.98
N PHE B 55 -32.94 53.04 -8.86
CA PHE B 55 -33.96 52.92 -9.91
C PHE B 55 -33.45 53.54 -11.21
N PRO B 56 -33.88 53.04 -12.36
CA PRO B 56 -33.40 53.57 -13.63
C PRO B 56 -34.18 54.81 -14.03
N GLY B 57 -33.83 55.35 -15.20
CA GLY B 57 -34.58 56.47 -15.73
C GLY B 57 -35.95 56.05 -16.24
N ILE B 58 -36.90 56.97 -16.13
CA ILE B 58 -38.29 56.71 -16.51
C ILE B 58 -38.57 57.42 -17.82
N HIS B 59 -38.99 56.66 -18.82
CA HIS B 59 -39.35 57.19 -20.13
C HIS B 59 -40.86 57.36 -20.21
N LEU B 60 -41.30 58.59 -20.51
CA LEU B 60 -42.72 58.91 -20.61
C LEU B 60 -43.04 59.22 -22.06
N ARG B 61 -44.03 58.53 -22.61
CA ARG B 61 -44.44 58.70 -23.99
C ARG B 61 -45.96 58.79 -24.06
N PHE B 62 -46.45 59.60 -25.00
CA PHE B 62 -47.88 59.78 -25.22
C PHE B 62 -48.26 59.06 -26.51
N ASN B 63 -49.06 58.01 -26.39
CA ASN B 63 -49.49 57.20 -27.53
C ASN B 63 -50.96 57.44 -27.81
N GLU B 64 -51.28 57.73 -29.06
CA GLU B 64 -52.65 57.98 -29.49
C GLU B 64 -53.39 56.71 -29.91
N GLY B 65 -52.72 55.56 -29.93
CA GLY B 65 -53.39 54.33 -30.30
C GLY B 65 -54.49 53.95 -29.35
N MET B 66 -54.26 54.09 -28.05
CA MET B 66 -55.25 53.81 -27.04
C MET B 66 -56.10 55.06 -26.77
N GLY B 67 -57.25 54.84 -26.13
CA GLY B 67 -58.17 55.90 -25.80
C GLY B 67 -58.44 56.00 -24.31
N GLU B 68 -59.25 56.98 -23.96
CA GLU B 68 -59.68 57.25 -22.58
C GLU B 68 -58.42 57.51 -21.74
N GLY B 69 -58.39 57.08 -20.48
CA GLY B 69 -57.25 57.32 -19.63
C GLY B 69 -56.45 56.07 -19.35
N GLU B 70 -56.27 55.23 -20.36
CA GLU B 70 -55.50 54.00 -20.20
C GLU B 70 -54.03 54.35 -20.02
N TYR B 71 -53.46 53.94 -18.88
CA TYR B 71 -52.05 54.10 -18.61
C TYR B 71 -51.44 52.75 -18.30
N LEU B 72 -50.23 52.52 -18.84
CA LEU B 72 -49.54 51.27 -18.58
C LEU B 72 -48.11 51.55 -18.16
N ILE B 73 -47.66 50.83 -17.14
CA ILE B 73 -46.29 50.88 -16.65
C ILE B 73 -45.67 49.52 -16.95
N SER B 74 -44.58 49.53 -17.71
CA SER B 74 -43.92 48.33 -18.20
C SER B 74 -42.46 48.33 -17.80
N LEU B 75 -41.99 47.20 -17.28
CA LEU B 75 -40.59 47.01 -16.93
C LEU B 75 -39.92 46.19 -18.03
N GLN B 76 -38.93 46.80 -18.69
CA GLN B 76 -38.21 46.17 -19.79
C GLN B 76 -39.17 45.73 -20.90
N GLU B 77 -40.05 46.66 -21.31
CA GLU B 77 -40.99 46.44 -22.40
C GLU B 77 -41.88 45.23 -22.15
N VAL B 78 -42.25 45.02 -20.88
CA VAL B 78 -43.24 44.03 -20.51
C VAL B 78 -44.17 44.71 -19.50
N PRO B 79 -45.48 44.83 -19.80
CA PRO B 79 -46.36 45.59 -18.90
C PRO B 79 -46.52 44.90 -17.55
N VAL B 80 -46.33 45.68 -16.49
CA VAL B 80 -46.48 45.18 -15.12
C VAL B 80 -47.64 45.83 -14.39
N ALA B 81 -48.14 46.97 -14.85
CA ALA B 81 -49.29 47.60 -14.21
C ALA B 81 -50.10 48.32 -15.28
N ARG B 82 -51.24 47.75 -15.65
CA ARG B 82 -52.14 48.33 -16.63
C ARG B 82 -53.37 48.86 -15.92
N GLY B 83 -53.47 50.18 -15.78
CA GLY B 83 -54.60 50.81 -15.14
C GLY B 83 -55.39 51.63 -16.14
N GLU B 84 -56.68 51.81 -15.83
CA GLU B 84 -57.55 52.68 -16.61
C GLU B 84 -58.02 53.82 -15.72
N LEU B 85 -57.78 55.05 -16.15
CA LEU B 85 -58.16 56.23 -15.38
C LEU B 85 -59.54 56.68 -15.82
N LYS B 86 -60.57 56.23 -15.10
CA LYS B 86 -61.90 56.82 -15.26
C LYS B 86 -61.93 58.26 -14.80
N ALA B 87 -60.90 58.70 -14.08
CA ALA B 87 -60.61 60.06 -13.63
C ALA B 87 -60.15 60.96 -14.76
N GLY B 88 -60.19 60.50 -16.00
CA GLY B 88 -59.67 61.31 -17.10
C GLY B 88 -60.41 62.62 -17.27
N TYR B 89 -61.73 62.54 -17.42
CA TYR B 89 -62.52 63.76 -17.62
C TYR B 89 -62.50 64.65 -16.39
N LEU B 90 -63.15 64.22 -15.31
CA LEU B 90 -63.22 65.01 -14.08
C LEU B 90 -63.10 64.21 -12.78
N LEU B 91 -63.39 62.91 -12.79
CA LEU B 91 -63.74 62.19 -11.57
C LEU B 91 -62.54 61.93 -10.65
N VAL B 92 -62.27 62.84 -9.71
CA VAL B 92 -61.24 62.58 -8.72
C VAL B 92 -61.68 61.41 -7.84
N ARG B 93 -60.70 60.66 -7.33
CA ARG B 93 -60.96 59.39 -6.67
C ARG B 93 -60.72 59.48 -5.17
N GLU B 94 -61.25 58.48 -4.47
CA GLU B 94 -61.07 58.32 -3.03
C GLU B 94 -60.49 56.95 -2.74
N SER B 95 -59.52 56.90 -1.84
CA SER B 95 -58.82 55.65 -1.52
C SER B 95 -59.40 54.93 -0.32
N VAL B 96 -60.11 55.63 0.57
CA VAL B 96 -60.63 55.03 1.80
C VAL B 96 -62.15 55.06 1.77
N SER B 97 -62.71 54.92 0.57
CA SER B 97 -64.17 54.83 0.43
C SER B 97 -64.70 53.65 1.24
N GLN B 98 -65.80 53.88 1.95
CA GLN B 98 -66.38 52.88 2.84
C GLN B 98 -67.88 53.10 2.90
N LEU B 99 -68.56 52.37 3.77
CA LEU B 99 -69.99 52.57 3.96
C LEU B 99 -70.29 53.96 4.48
N GLU B 100 -69.33 54.59 5.17
CA GLU B 100 -69.53 55.97 5.62
C GLU B 100 -69.76 56.91 4.45
N LEU B 101 -69.16 56.63 3.30
CA LEU B 101 -69.40 57.45 2.10
C LEU B 101 -70.85 57.41 1.66
N LEU B 102 -71.62 56.38 2.07
CA LEU B 102 -73.05 56.38 1.79
C LEU B 102 -73.75 57.52 2.51
N GLY B 103 -73.29 57.86 3.72
CA GLY B 103 -73.89 58.97 4.45
C GLY B 103 -73.64 60.31 3.78
N ILE B 104 -72.44 60.51 3.24
CA ILE B 104 -72.09 61.76 2.57
C ILE B 104 -71.46 61.47 1.21
N PRO B 105 -72.26 61.08 0.20
CA PRO B 105 -71.73 60.78 -1.14
C PRO B 105 -71.69 61.99 -2.05
N TRP B 120 -65.06 57.18 -7.07
CA TRP B 120 -64.71 58.33 -7.91
C TRP B 120 -65.77 59.41 -7.75
N VAL B 121 -65.34 60.66 -7.56
CA VAL B 121 -66.26 61.77 -7.38
C VAL B 121 -65.87 62.91 -8.32
N SER B 122 -66.85 63.74 -8.66
CA SER B 122 -66.63 64.86 -9.55
C SER B 122 -65.91 66.00 -8.82
N VAL B 123 -65.45 66.99 -9.59
CA VAL B 123 -64.69 68.08 -9.01
C VAL B 123 -65.59 69.06 -8.26
N GLU B 124 -66.90 69.07 -8.56
CA GLU B 124 -67.82 69.90 -7.78
C GLU B 124 -67.98 69.37 -6.37
N TYR B 125 -67.88 68.05 -6.18
CA TYR B 125 -67.89 67.47 -4.85
C TYR B 125 -66.55 67.56 -4.15
N GLU B 126 -65.50 67.96 -4.86
CA GLU B 126 -64.15 67.95 -4.29
C GLU B 126 -64.03 68.91 -3.12
N GLU B 127 -64.63 70.10 -3.23
CA GLU B 127 -64.54 71.09 -2.17
C GLU B 127 -65.20 70.58 -0.89
N ARG B 128 -66.44 70.10 -1.00
CA ARG B 128 -67.16 69.64 0.19
C ARG B 128 -66.56 68.37 0.75
N LEU B 129 -65.96 67.52 -0.09
CA LEU B 129 -65.33 66.31 0.42
C LEU B 129 -63.99 66.60 1.09
N GLU B 130 -63.24 67.61 0.59
CA GLU B 130 -62.02 68.01 1.28
C GLU B 130 -62.32 68.80 2.54
N LYS B 131 -63.51 69.41 2.63
CA LYS B 131 -63.95 69.92 3.93
C LYS B 131 -64.13 68.78 4.92
N SER B 132 -64.47 67.59 4.43
CA SER B 132 -64.48 66.37 5.24
C SER B 132 -63.11 65.72 5.34
N GLN B 133 -62.12 66.26 4.61
CA GLN B 133 -60.71 65.88 4.75
C GLN B 133 -60.49 64.39 4.52
N LEU B 134 -60.78 63.95 3.29
CA LEU B 134 -60.49 62.58 2.87
C LEU B 134 -59.26 62.59 1.96
N GLU B 135 -58.87 61.40 1.52
CA GLU B 135 -57.67 61.26 0.69
C GLU B 135 -58.01 61.59 -0.75
N PHE B 136 -57.31 62.59 -1.31
CA PHE B 136 -57.59 63.12 -2.63
C PHE B 136 -56.40 62.84 -3.55
N PHE B 137 -56.50 61.77 -4.32
CA PHE B 137 -55.47 61.41 -5.29
C PHE B 137 -55.86 62.02 -6.64
N SER B 138 -55.05 62.96 -7.12
CA SER B 138 -55.25 63.55 -8.44
C SER B 138 -54.63 62.62 -9.47
N HIS B 139 -54.59 63.04 -10.74
CA HIS B 139 -54.02 62.21 -11.79
C HIS B 139 -52.55 61.93 -11.51
N SER B 140 -51.78 62.98 -11.18
CA SER B 140 -50.39 62.79 -10.82
C SER B 140 -50.25 61.92 -9.58
N GLN B 141 -51.12 62.15 -8.58
CA GLN B 141 -51.01 61.39 -7.34
C GLN B 141 -51.32 59.92 -7.56
N VAL B 142 -52.37 59.59 -8.32
CA VAL B 142 -52.69 58.19 -8.54
C VAL B 142 -51.63 57.52 -9.41
N LEU B 143 -51.13 58.24 -10.42
CA LEU B 143 -50.08 57.68 -11.26
C LEU B 143 -48.82 57.40 -10.46
N THR B 144 -48.42 58.35 -9.61
CA THR B 144 -47.24 58.15 -8.79
C THR B 144 -47.46 57.10 -7.71
N TRP B 145 -48.69 56.94 -7.21
CA TRP B 145 -48.97 55.87 -6.27
C TRP B 145 -48.79 54.51 -6.93
N HIS B 146 -49.32 54.35 -8.14
CA HIS B 146 -49.13 53.09 -8.86
C HIS B 146 -47.66 52.86 -9.18
N LEU B 147 -46.94 53.92 -9.58
CA LEU B 147 -45.52 53.81 -9.85
C LEU B 147 -44.75 53.39 -8.60
N SER B 148 -45.07 53.99 -7.45
CA SER B 148 -44.39 53.65 -6.21
C SER B 148 -44.67 52.21 -5.81
N HIS B 149 -45.92 51.76 -5.97
CA HIS B 149 -46.23 50.36 -5.66
C HIS B 149 -45.45 49.42 -6.58
N VAL B 150 -45.36 49.75 -7.86
CA VAL B 150 -44.61 48.92 -8.81
C VAL B 150 -43.14 48.87 -8.42
N LEU B 151 -42.55 50.04 -8.11
CA LEU B 151 -41.14 50.07 -7.77
C LEU B 151 -40.85 49.31 -6.48
N ARG B 152 -41.74 49.41 -5.50
CA ARG B 152 -41.51 48.70 -4.25
C ARG B 152 -41.67 47.20 -4.42
N GLU B 153 -42.67 46.76 -5.18
CA GLU B 153 -42.86 45.32 -5.36
C GLU B 153 -41.96 44.71 -6.43
N TYR B 154 -41.27 45.53 -7.22
CA TYR B 154 -40.39 45.02 -8.27
C TYR B 154 -39.00 45.63 -8.16
N ALA B 155 -38.55 45.94 -6.93
CA ALA B 155 -37.23 46.53 -6.77
C ALA B 155 -36.12 45.52 -7.03
N GLU B 156 -36.39 44.23 -6.84
CA GLU B 156 -35.37 43.22 -7.07
C GLU B 156 -34.87 43.24 -8.50
N ASP B 157 -35.73 43.63 -9.45
CA ASP B 157 -35.32 43.69 -10.85
C ASP B 157 -34.49 44.92 -11.18
N PHE B 158 -34.36 45.87 -10.25
CA PHE B 158 -33.55 47.05 -10.48
C PHE B 158 -32.15 46.94 -9.88
N ILE B 159 -31.80 45.80 -9.31
CA ILE B 159 -30.47 45.59 -8.72
C ILE B 159 -29.72 44.54 -9.53
N GLY B 160 -28.92 44.97 -10.49
CA GLY B 160 -28.08 44.10 -11.27
C GLY B 160 -26.61 44.22 -10.88
N ILE B 161 -25.79 43.48 -11.62
CA ILE B 161 -24.35 43.57 -11.42
C ILE B 161 -23.85 44.97 -11.75
N GLN B 162 -24.38 45.56 -12.83
CA GLN B 162 -23.98 46.90 -13.21
C GLN B 162 -24.34 47.92 -12.13
N GLU B 163 -25.53 47.76 -11.54
CA GLU B 163 -25.97 48.70 -10.50
C GLU B 163 -25.08 48.58 -9.26
N THR B 164 -24.76 47.35 -8.85
CA THR B 164 -23.89 47.16 -7.69
C THR B 164 -22.49 47.71 -7.96
N ARG B 165 -21.99 47.53 -9.17
CA ARG B 165 -20.69 48.08 -9.51
C ARG B 165 -20.72 49.60 -9.48
N TYR B 166 -21.81 50.20 -9.96
CA TYR B 166 -21.97 51.66 -9.88
C TYR B 166 -21.98 52.12 -8.43
N LEU B 167 -22.70 51.41 -7.57
CA LEU B 167 -22.72 51.76 -6.15
C LEU B 167 -21.33 51.68 -5.53
N LEU B 168 -20.59 50.62 -5.85
CA LEU B 168 -19.23 50.46 -5.33
C LEU B 168 -18.31 51.57 -5.84
N GLU B 169 -18.40 51.91 -7.13
CA GLU B 169 -17.56 52.96 -7.68
C GLU B 169 -17.90 54.33 -7.12
N GLN B 170 -19.17 54.54 -6.75
CA GLN B 170 -19.58 55.82 -6.18
C GLN B 170 -19.04 56.01 -4.76
N MET B 171 -18.76 54.93 -4.04
CA MET B 171 -18.26 55.00 -2.67
C MET B 171 -16.75 54.82 -2.57
N GLU B 172 -16.04 54.81 -3.71
CA GLU B 172 -14.59 54.62 -3.67
C GLU B 172 -13.91 55.75 -2.91
N GLY B 173 -14.33 56.99 -3.13
CA GLY B 173 -13.74 58.11 -2.40
C GLY B 173 -14.01 58.05 -0.91
N GLY B 174 -15.21 57.63 -0.52
CA GLY B 174 -15.57 57.55 0.88
C GLY B 174 -14.84 56.45 1.63
N TYR B 175 -15.10 55.19 1.26
CA TYR B 175 -14.52 54.03 1.92
C TYR B 175 -13.81 53.18 0.86
N GLY B 176 -12.55 53.49 0.60
CA GLY B 176 -11.79 52.75 -0.39
C GLY B 176 -11.38 51.38 0.08
N GLU B 177 -10.72 51.33 1.24
CA GLU B 177 -10.22 50.05 1.74
C GLU B 177 -11.34 49.09 2.08
N LEU B 178 -12.47 49.62 2.57
CA LEU B 178 -13.61 48.76 2.86
C LEU B 178 -14.12 48.08 1.60
N ILE B 179 -14.25 48.84 0.51
CA ILE B 179 -14.71 48.27 -0.75
C ILE B 179 -13.69 47.28 -1.30
N LYS B 180 -12.40 47.63 -1.22
CA LYS B 180 -11.37 46.74 -1.73
C LYS B 180 -11.36 45.42 -0.95
N GLU B 181 -11.62 45.48 0.35
CA GLU B 181 -11.66 44.25 1.14
C GLU B 181 -12.91 43.43 0.84
N VAL B 182 -14.08 44.09 0.77
CA VAL B 182 -15.31 43.35 0.54
C VAL B 182 -15.33 42.72 -0.85
N GLN B 183 -14.69 43.36 -1.84
CA GLN B 183 -14.59 42.77 -3.16
C GLN B 183 -13.73 41.52 -3.12
N ARG B 184 -12.62 41.55 -2.38
CA ARG B 184 -11.75 40.39 -2.27
C ARG B 184 -12.34 39.28 -1.42
N ILE B 185 -13.31 39.60 -0.56
CA ILE B 185 -13.90 38.59 0.31
C ILE B 185 -15.05 37.86 -0.40
N VAL B 186 -15.95 38.59 -1.04
CA VAL B 186 -17.10 37.99 -1.70
C VAL B 186 -17.16 38.49 -3.14
N PRO B 187 -17.67 37.70 -4.08
CA PRO B 187 -17.76 38.15 -5.47
C PRO B 187 -18.95 39.06 -5.71
N LEU B 188 -19.00 39.61 -6.93
CA LEU B 188 -20.08 40.52 -7.29
C LEU B 188 -21.43 39.81 -7.34
N GLN B 189 -21.45 38.57 -7.84
CA GLN B 189 -22.72 37.84 -7.97
C GLN B 189 -23.35 37.60 -6.60
N ARG B 190 -22.57 37.10 -5.66
CA ARG B 190 -23.08 36.84 -4.32
C ARG B 190 -23.51 38.14 -3.63
N MET B 191 -22.74 39.20 -3.79
CA MET B 191 -23.09 40.48 -3.19
C MET B 191 -24.40 41.02 -3.77
N THR B 192 -24.57 40.94 -5.08
CA THR B 192 -25.81 41.39 -5.70
C THR B 192 -26.99 40.54 -5.26
N GLU B 193 -26.80 39.22 -5.14
CA GLU B 193 -27.87 38.36 -4.66
C GLU B 193 -28.25 38.72 -3.23
N ILE B 194 -27.25 39.02 -2.39
CA ILE B 194 -27.52 39.43 -1.01
C ILE B 194 -28.31 40.73 -0.99
N LEU B 195 -27.92 41.70 -1.82
CA LEU B 195 -28.66 42.96 -1.86
C LEU B 195 -30.10 42.75 -2.31
N GLN B 196 -30.29 41.88 -3.31
CA GLN B 196 -31.64 41.59 -3.78
C GLN B 196 -32.48 40.93 -2.69
N ARG B 197 -31.90 39.98 -1.95
CA ARG B 197 -32.62 39.33 -0.87
C ARG B 197 -32.95 40.33 0.24
N LEU B 198 -32.03 41.25 0.53
CA LEU B 198 -32.30 42.27 1.53
C LEU B 198 -33.46 43.16 1.11
N VAL B 199 -33.46 43.60 -0.16
CA VAL B 199 -34.52 44.48 -0.64
C VAL B 199 -35.85 43.74 -0.75
N GLY B 200 -35.83 42.44 -1.01
CA GLY B 200 -37.06 41.68 -1.10
C GLY B 200 -37.88 41.67 0.17
N GLU B 201 -37.26 41.98 1.32
CA GLU B 201 -37.96 42.11 2.58
C GLU B 201 -38.17 43.57 2.98
N ASP B 202 -38.05 44.49 2.01
CA ASP B 202 -38.21 45.92 2.25
C ASP B 202 -37.18 46.48 3.23
N ILE B 203 -36.01 45.86 3.28
CA ILE B 203 -34.90 46.35 4.10
C ILE B 203 -34.07 47.30 3.26
N SER B 204 -33.83 48.49 3.80
CA SER B 204 -33.20 49.54 3.00
C SER B 204 -31.71 49.28 2.80
N ILE B 205 -31.26 49.45 1.56
CA ILE B 205 -29.83 49.39 1.25
C ILE B 205 -29.11 50.67 1.67
N ARG B 206 -29.86 51.77 1.82
CA ARG B 206 -29.28 53.11 2.03
C ARG B 206 -28.09 53.12 2.98
N ASN B 207 -28.21 52.43 4.11
CA ASN B 207 -27.11 52.38 5.08
C ASN B 207 -26.12 51.30 4.63
N MET B 208 -25.30 51.67 3.65
CA MET B 208 -24.38 50.71 3.04
C MET B 208 -23.17 50.42 3.90
N ARG B 209 -22.79 51.32 4.81
CA ARG B 209 -21.58 51.11 5.61
C ARG B 209 -21.71 49.87 6.49
N SER B 210 -22.80 49.79 7.25
CA SER B 210 -23.00 48.63 8.12
C SER B 210 -23.17 47.35 7.31
N ILE B 211 -23.83 47.45 6.16
CA ILE B 211 -24.00 46.26 5.31
C ILE B 211 -22.65 45.75 4.83
N LEU B 212 -21.78 46.66 4.39
CA LEU B 212 -20.46 46.24 3.94
C LEU B 212 -19.62 45.69 5.10
N GLU B 213 -19.73 46.31 6.29
CA GLU B 213 -19.00 45.79 7.44
C GLU B 213 -19.45 44.40 7.81
N ALA B 214 -20.77 44.16 7.79
CA ALA B 214 -21.29 42.82 8.05
C ALA B 214 -20.86 41.84 6.97
N MET B 215 -20.83 42.30 5.71
CA MET B 215 -20.36 41.44 4.63
C MET B 215 -18.93 41.02 4.85
N VAL B 216 -18.06 41.96 5.26
CA VAL B 216 -16.67 41.62 5.55
C VAL B 216 -16.58 40.66 6.73
N GLU B 217 -17.35 40.93 7.79
CA GLU B 217 -17.23 40.13 9.01
C GLU B 217 -17.71 38.70 8.82
N TRP B 218 -18.80 38.51 8.07
CA TRP B 218 -19.44 37.20 7.99
C TRP B 218 -19.20 36.48 6.67
N GLY B 219 -18.61 37.13 5.67
CA GLY B 219 -18.38 36.47 4.40
C GLY B 219 -17.27 35.45 4.46
N GLN B 220 -16.35 35.60 5.41
CA GLN B 220 -15.27 34.64 5.61
C GLN B 220 -15.72 33.37 6.31
N LYS B 221 -16.84 33.43 7.03
CA LYS B 221 -17.32 32.31 7.82
C LYS B 221 -18.41 31.51 7.13
N GLU B 222 -19.35 32.15 6.46
CA GLU B 222 -20.47 31.49 5.81
C GLU B 222 -20.40 31.70 4.30
N LYS B 223 -20.65 30.62 3.56
CA LYS B 223 -20.70 30.67 2.10
C LYS B 223 -22.10 30.54 1.54
N ASP B 224 -23.04 29.96 2.29
CA ASP B 224 -24.42 29.87 1.85
C ASP B 224 -25.05 31.27 1.84
N VAL B 225 -25.79 31.56 0.77
CA VAL B 225 -26.36 32.90 0.61
C VAL B 225 -27.41 33.17 1.67
N VAL B 226 -28.22 32.16 2.02
CA VAL B 226 -29.29 32.35 2.99
C VAL B 226 -28.73 32.74 4.35
N GLN B 227 -27.75 31.98 4.85
CA GLN B 227 -27.19 32.27 6.16
C GLN B 227 -26.46 33.61 6.18
N LEU B 228 -25.72 33.92 5.11
CA LEU B 228 -25.00 35.18 5.05
C LEU B 228 -25.96 36.36 5.04
N THR B 229 -27.05 36.26 4.27
CA THR B 229 -28.00 37.36 4.25
C THR B 229 -28.78 37.45 5.55
N GLU B 230 -28.98 36.33 6.24
CA GLU B 230 -29.59 36.39 7.57
C GLU B 230 -28.68 37.12 8.55
N TYR B 231 -27.37 36.86 8.49
CA TYR B 231 -26.43 37.58 9.33
C TYR B 231 -26.41 39.08 9.00
N ILE B 232 -26.46 39.40 7.70
CA ILE B 232 -26.47 40.81 7.33
C ILE B 232 -27.76 41.49 7.79
N ARG B 233 -28.88 40.76 7.75
CA ARG B 233 -30.11 41.29 8.32
C ARG B 233 -29.97 41.52 9.83
N SER B 234 -29.37 40.56 10.54
CA SER B 234 -29.13 40.72 11.97
C SER B 234 -28.19 41.87 12.27
N SER B 235 -27.38 42.28 11.30
CA SER B 235 -26.52 43.43 11.49
C SER B 235 -27.28 44.75 11.49
N LEU B 236 -28.58 44.74 11.19
CA LEU B 236 -29.38 45.96 11.13
C LEU B 236 -30.44 45.97 12.22
N LYS B 237 -30.04 45.61 13.44
CA LYS B 237 -30.99 45.45 14.55
C LYS B 237 -31.79 46.72 14.79
N ARG B 238 -31.10 47.86 14.95
CA ARG B 238 -31.80 49.08 15.31
C ARG B 238 -32.64 49.60 14.16
N TYR B 239 -32.17 49.43 12.92
CA TYR B 239 -32.97 49.85 11.78
C TYR B 239 -34.26 49.04 11.70
N ILE B 240 -34.16 47.72 11.87
CA ILE B 240 -35.35 46.88 11.83
C ILE B 240 -36.30 47.25 12.97
N CYS B 241 -35.74 47.47 14.17
CA CYS B 241 -36.57 47.82 15.32
C CYS B 241 -37.32 49.12 15.08
N TYR B 242 -36.64 50.13 14.54
CA TYR B 242 -37.31 51.41 14.28
C TYR B 242 -38.33 51.28 13.16
N LYS B 243 -38.02 50.49 12.13
CA LYS B 243 -38.93 50.37 11.00
C LYS B 243 -40.22 49.63 11.37
N TYR B 244 -40.12 48.61 12.22
CA TYR B 244 -41.26 47.77 12.53
C TYR B 244 -41.92 48.08 13.87
N ALA B 245 -41.38 49.02 14.64
CA ALA B 245 -41.93 49.38 15.95
C ALA B 245 -42.03 50.90 16.03
N ASN B 246 -43.15 51.45 15.58
CA ASN B 246 -43.36 52.89 15.64
C ASN B 246 -43.52 53.40 17.06
N GLY B 247 -43.89 52.53 18.00
CA GLY B 247 -44.03 52.92 19.39
C GLY B 247 -42.71 53.06 20.11
N ASN B 248 -42.72 52.91 21.43
CA ASN B 248 -41.55 53.14 22.27
C ASN B 248 -41.03 51.78 22.71
N ASN B 249 -40.18 51.19 21.86
CA ASN B 249 -39.59 49.87 22.08
C ASN B 249 -40.64 48.79 22.26
N ILE B 250 -41.84 48.99 21.73
CA ILE B 250 -42.91 47.99 21.77
C ILE B 250 -43.03 47.40 20.38
N LEU B 251 -42.91 46.09 20.28
CA LEU B 251 -42.98 45.37 19.01
C LEU B 251 -44.02 44.27 19.08
N PRO B 252 -45.14 44.40 18.39
CA PRO B 252 -46.11 43.30 18.35
C PRO B 252 -45.49 42.08 17.70
N ALA B 253 -45.74 40.91 18.29
CA ALA B 253 -45.09 39.68 17.84
C ALA B 253 -46.10 38.55 17.77
N TYR B 254 -45.83 37.60 16.88
CA TYR B 254 -46.61 36.37 16.73
C TYR B 254 -45.68 35.17 16.80
N LEU B 255 -44.87 35.13 17.87
CA LEU B 255 -43.79 34.15 18.00
C LEU B 255 -44.28 32.73 17.76
N PHE B 256 -43.41 31.90 17.21
CA PHE B 256 -43.72 30.52 16.87
C PHE B 256 -43.36 29.59 18.03
N ASP B 257 -44.13 28.50 18.14
CA ASP B 257 -43.81 27.47 19.11
C ASP B 257 -42.57 26.70 18.67
N GLN B 258 -41.92 26.06 19.65
CA GLN B 258 -40.72 25.28 19.36
C GLN B 258 -41.03 24.10 18.46
N GLU B 259 -42.18 23.46 18.67
CA GLU B 259 -42.55 22.29 17.87
C GLU B 259 -42.68 22.64 16.39
N VAL B 260 -43.35 23.75 16.08
CA VAL B 260 -43.54 24.15 14.69
C VAL B 260 -42.20 24.50 14.05
N GLU B 261 -41.35 25.22 14.79
CA GLU B 261 -40.03 25.56 14.26
C GLU B 261 -39.21 24.31 13.98
N GLU B 262 -39.25 23.33 14.88
CA GLU B 262 -38.51 22.09 14.65
C GLU B 262 -39.07 21.33 13.45
N LYS B 263 -40.39 21.29 13.31
CA LYS B 263 -40.98 20.61 12.17
C LYS B 263 -40.57 21.28 10.86
N ILE B 264 -40.56 22.61 10.83
CA ILE B 264 -40.13 23.32 9.62
C ILE B 264 -38.65 23.04 9.35
N ARG B 265 -37.83 23.12 10.38
CA ARG B 265 -36.39 22.91 10.22
C ARG B 265 -36.06 21.47 9.81
N SER B 266 -36.94 20.52 10.11
CA SER B 266 -36.66 19.12 9.81
C SER B 266 -36.56 18.83 8.32
N ARG B 267 -37.01 19.74 7.46
CA ARG B 267 -37.02 19.55 6.01
C ARG B 267 -36.40 20.75 5.32
N VAL B 268 -35.20 21.14 5.75
CA VAL B 268 -34.53 22.29 5.15
C VAL B 268 -34.13 22.00 3.71
N ARG B 269 -33.58 20.81 3.46
CA ARG B 269 -33.27 20.32 2.11
C ARG B 269 -32.34 21.30 1.38
N GLN B 270 -31.12 21.40 1.91
CA GLN B 270 -30.12 22.32 1.38
C GLN B 270 -29.36 21.65 0.23
N THR B 271 -29.86 21.84 -0.99
CA THR B 271 -29.31 21.20 -2.17
C THR B 271 -28.26 22.11 -2.82
N SER B 272 -27.78 21.71 -4.00
CA SER B 272 -26.71 22.45 -4.66
C SER B 272 -27.18 23.84 -5.07
N ALA B 273 -28.40 23.96 -5.58
CA ALA B 273 -28.96 25.23 -6.05
C ALA B 273 -30.27 25.45 -5.32
N GLY B 274 -30.21 26.10 -4.16
CA GLY B 274 -31.40 26.47 -3.43
C GLY B 274 -31.70 25.55 -2.26
N SER B 275 -31.81 26.12 -1.07
CA SER B 275 -32.11 25.38 0.15
C SER B 275 -33.62 25.36 0.44
N TYR B 276 -34.41 25.00 -0.56
CA TYR B 276 -35.87 25.05 -0.43
C TYR B 276 -36.39 24.02 0.57
N LEU B 277 -37.43 24.42 1.32
CA LEU B 277 -37.98 23.63 2.43
C LEU B 277 -39.23 22.84 2.08
N ALA B 278 -39.33 22.28 0.87
CA ALA B 278 -40.50 21.47 0.54
C ALA B 278 -40.62 20.26 1.47
N LEU B 279 -41.57 20.30 2.41
CA LEU B 279 -41.73 19.16 3.31
C LEU B 279 -42.78 18.17 2.83
N ASP B 280 -44.05 18.50 3.03
CA ASP B 280 -45.21 17.78 2.52
C ASP B 280 -46.32 18.81 2.35
N PRO B 281 -47.06 18.77 1.24
CA PRO B 281 -48.14 19.76 1.06
C PRO B 281 -49.16 19.77 2.19
N ALA B 282 -49.51 18.60 2.72
CA ALA B 282 -50.46 18.54 3.83
C ALA B 282 -49.90 19.20 5.09
N VAL B 283 -48.60 19.00 5.35
CA VAL B 283 -48.00 19.58 6.55
C VAL B 283 -48.01 21.10 6.47
N THR B 284 -47.64 21.65 5.31
CA THR B 284 -47.68 23.10 5.14
C THR B 284 -49.12 23.62 5.20
N GLU B 285 -50.07 22.85 4.66
CA GLU B 285 -51.47 23.27 4.77
C GLU B 285 -51.93 23.34 6.22
N SER B 286 -51.57 22.34 7.03
CA SER B 286 -51.95 22.34 8.44
C SER B 286 -51.28 23.49 9.18
N LEU B 287 -49.99 23.73 8.92
CA LEU B 287 -49.29 24.83 9.58
C LEU B 287 -49.89 26.17 9.19
N LEU B 288 -50.23 26.34 7.90
CA LEU B 288 -50.85 27.58 7.46
C LEU B 288 -52.23 27.76 8.09
N GLU B 289 -52.97 26.67 8.25
CA GLU B 289 -54.26 26.75 8.95
C GLU B 289 -54.08 27.19 10.39
N GLN B 290 -53.07 26.63 11.07
CA GLN B 290 -52.79 27.05 12.45
C GLN B 290 -52.41 28.53 12.51
N VAL B 291 -51.59 28.98 11.57
CA VAL B 291 -51.19 30.39 11.53
C VAL B 291 -52.41 31.29 11.30
N ARG B 292 -53.29 30.88 10.38
CA ARG B 292 -54.50 31.65 10.11
C ARG B 292 -55.41 31.70 11.33
N LYS B 293 -55.52 30.59 12.05
CA LYS B 293 -56.33 30.57 13.26
C LYS B 293 -55.74 31.50 14.33
N THR B 294 -54.41 31.53 14.45
CA THR B 294 -53.75 32.35 15.44
C THR B 294 -53.78 33.84 15.13
N ILE B 295 -53.12 34.25 14.04
CA ILE B 295 -53.05 35.67 13.68
C ILE B 295 -54.41 36.35 13.73
N GLY B 296 -55.46 35.63 13.34
CA GLY B 296 -56.81 36.19 13.44
C GLY B 296 -57.13 37.11 12.29
N ASP B 297 -57.58 38.32 12.61
CA ASP B 297 -58.01 39.28 11.61
C ASP B 297 -56.82 39.75 10.77
N LEU B 298 -57.15 40.26 9.57
CA LEU B 298 -56.12 40.78 8.67
C LEU B 298 -56.29 42.28 8.43
N SER B 299 -57.45 42.72 7.93
CA SER B 299 -57.64 44.13 7.64
C SER B 299 -57.87 44.95 8.90
N GLN B 300 -58.51 44.36 9.90
CA GLN B 300 -58.82 45.08 11.13
C GLN B 300 -57.59 45.35 11.99
N ILE B 301 -56.45 44.72 11.69
CA ILE B 301 -55.26 44.85 12.51
C ILE B 301 -54.46 46.06 12.05
N GLN B 302 -54.02 46.87 13.00
CA GLN B 302 -53.21 48.05 12.75
C GLN B 302 -51.86 47.87 13.46
N SER B 303 -51.04 48.93 13.44
CA SER B 303 -49.73 49.02 14.08
C SER B 303 -48.69 48.09 13.47
N LYS B 304 -49.00 47.44 12.34
CA LYS B 304 -48.08 46.59 11.60
C LYS B 304 -47.45 45.52 12.48
N PRO B 305 -48.18 44.47 12.86
CA PRO B 305 -47.56 43.38 13.61
C PRO B 305 -46.56 42.64 12.75
N VAL B 306 -45.54 42.09 13.39
CA VAL B 306 -44.47 41.37 12.71
C VAL B 306 -44.36 39.98 13.30
N LEU B 307 -44.10 38.99 12.45
CA LEU B 307 -43.82 37.63 12.89
C LEU B 307 -42.35 37.52 13.30
N ILE B 308 -42.09 36.90 14.44
CA ILE B 308 -40.73 36.71 14.94
C ILE B 308 -40.51 35.22 15.13
N VAL B 309 -39.46 34.69 14.49
CA VAL B 309 -39.15 33.26 14.49
C VAL B 309 -37.65 33.09 14.55
N SER B 310 -37.21 31.85 14.70
CA SER B 310 -35.78 31.55 14.75
C SER B 310 -35.11 31.96 13.44
N MET B 311 -33.87 32.44 13.56
CA MET B 311 -33.18 33.01 12.40
C MET B 311 -32.96 31.96 11.32
N ASP B 312 -32.52 30.76 11.71
CA ASP B 312 -32.10 29.75 10.75
C ASP B 312 -33.21 29.37 9.78
N ILE B 313 -34.47 29.61 10.14
CA ILE B 313 -35.60 29.28 9.29
C ILE B 313 -36.41 30.51 8.89
N ARG B 314 -35.93 31.71 9.21
CA ARG B 314 -36.74 32.91 9.01
C ARG B 314 -37.22 33.02 7.58
N ARG B 315 -36.28 32.98 6.62
CA ARG B 315 -36.66 33.05 5.22
C ARG B 315 -37.58 31.88 4.87
N TYR B 316 -37.27 30.69 5.38
CA TYR B 316 -38.12 29.53 5.12
C TYR B 316 -39.53 29.76 5.62
N VAL B 317 -39.68 30.47 6.74
CA VAL B 317 -41.01 30.81 7.20
C VAL B 317 -41.65 31.86 6.30
N ARG B 318 -40.87 32.86 5.89
CA ARG B 318 -41.41 33.95 5.09
C ARG B 318 -42.00 33.43 3.78
N LYS B 319 -41.21 32.66 3.04
CA LYS B 319 -41.70 32.08 1.80
C LYS B 319 -42.87 31.14 2.03
N LEU B 320 -43.04 30.63 3.26
CA LEU B 320 -44.21 29.81 3.55
C LEU B 320 -45.47 30.65 3.58
N ILE B 321 -45.39 31.89 4.07
CA ILE B 321 -46.57 32.73 4.25
C ILE B 321 -46.60 33.87 3.25
N GLU B 322 -45.67 33.92 2.29
CA GLU B 322 -45.67 34.99 1.32
C GLU B 322 -46.88 34.91 0.39
N SER B 323 -47.41 33.71 0.17
CA SER B 323 -48.54 33.55 -0.74
C SER B 323 -49.79 34.24 -0.21
N GLU B 324 -50.09 34.04 1.07
CA GLU B 324 -51.29 34.63 1.67
C GLU B 324 -50.99 35.96 2.36
N TYR B 325 -50.08 35.94 3.33
CA TYR B 325 -49.80 37.12 4.16
C TYR B 325 -48.57 37.83 3.60
N TYR B 326 -48.77 38.53 2.48
CA TYR B 326 -47.70 39.34 1.92
C TYR B 326 -47.36 40.54 2.80
N GLY B 327 -48.31 41.00 3.61
CA GLY B 327 -48.07 42.09 4.53
C GLY B 327 -47.15 41.73 5.67
N LEU B 328 -47.65 40.92 6.61
CA LEU B 328 -46.94 40.46 7.81
C LEU B 328 -45.47 40.16 7.53
N PRO B 329 -44.54 40.95 8.07
CA PRO B 329 -43.12 40.63 7.93
C PRO B 329 -42.71 39.49 8.84
N VAL B 330 -41.55 38.92 8.53
CA VAL B 330 -40.96 37.84 9.32
C VAL B 330 -39.59 38.31 9.80
N LEU B 331 -39.34 38.17 11.09
CA LEU B 331 -38.11 38.64 11.71
C LEU B 331 -37.40 37.51 12.43
N SER B 332 -36.09 37.68 12.60
CA SER B 332 -35.24 36.73 13.31
C SER B 332 -35.00 37.22 14.74
N TYR B 333 -34.78 36.26 15.64
CA TYR B 333 -34.44 36.61 17.01
C TYR B 333 -33.13 37.41 17.06
N GLN B 334 -32.18 37.04 16.19
CA GLN B 334 -30.93 37.78 16.11
C GLN B 334 -31.15 39.21 15.62
N GLU B 335 -32.14 39.43 14.75
CA GLU B 335 -32.43 40.76 14.24
C GLU B 335 -32.95 41.70 15.33
N LEU B 336 -33.37 41.18 16.48
CA LEU B 336 -33.89 42.00 17.55
C LEU B 336 -32.77 42.44 18.48
N THR B 337 -32.58 43.75 18.62
CA THR B 337 -31.66 44.28 19.61
C THR B 337 -32.30 44.21 20.99
N GLN B 338 -31.55 44.62 22.01
CA GLN B 338 -32.07 44.60 23.36
C GLN B 338 -32.94 45.83 23.60
N GLN B 339 -33.19 46.14 24.87
CA GLN B 339 -34.13 47.18 25.29
C GLN B 339 -35.35 47.29 24.38
N ILE B 340 -36.02 46.16 24.13
CA ILE B 340 -37.25 46.11 23.36
C ILE B 340 -38.28 45.33 24.17
N ASN B 341 -39.47 45.90 24.32
CA ASN B 341 -40.57 45.22 25.01
C ASN B 341 -41.38 44.45 23.98
N ILE B 342 -41.02 43.19 23.78
CA ILE B 342 -41.72 42.32 22.83
C ILE B 342 -43.01 41.85 23.48
N GLN B 343 -44.15 42.20 22.87
CA GLN B 343 -45.44 41.79 23.40
C GLN B 343 -45.98 40.65 22.55
N PRO B 344 -46.06 39.43 23.08
CA PRO B 344 -46.54 38.29 22.28
C PRO B 344 -48.05 38.31 22.12
N LEU B 345 -48.51 38.59 20.91
CA LEU B 345 -49.94 38.56 20.62
C LEU B 345 -50.50 37.15 20.60
N GLY B 346 -49.66 36.14 20.41
CA GLY B 346 -50.13 34.76 20.41
C GLY B 346 -49.14 33.78 19.84
N ARG B 347 -49.04 32.60 20.45
CA ARG B 347 -48.14 31.55 20.00
C ARG B 347 -48.85 30.65 19.00
N VAL B 348 -48.17 30.36 17.89
CA VAL B 348 -48.72 29.47 16.86
C VAL B 348 -48.54 28.04 17.38
N CYS B 349 -49.60 27.49 17.94
CA CYS B 349 -49.53 26.15 18.51
C CYS B 349 -49.58 25.09 17.41
N LEU B 350 -49.37 23.84 17.82
CA LEU B 350 -49.39 22.72 16.88
C LEU B 350 -50.57 21.81 17.21
N GLY C 5 -8.46 36.62 -62.92
CA GLY C 5 -9.57 36.27 -63.80
C GLY C 5 -9.14 35.39 -64.97
N ARG C 6 -7.84 35.28 -65.17
CA ARG C 6 -7.28 34.46 -66.24
C ARG C 6 -7.27 33.00 -65.82
N LEU C 7 -6.55 32.16 -66.56
CA LEU C 7 -6.36 30.77 -66.20
C LEU C 7 -5.13 30.59 -65.31
N GLY C 8 -4.83 31.57 -64.48
CA GLY C 8 -3.76 31.49 -63.51
C GLY C 8 -4.26 31.93 -62.16
N GLU C 9 -5.37 32.66 -62.16
CA GLU C 9 -6.05 32.99 -60.91
C GLU C 9 -6.58 31.70 -60.30
N GLN C 10 -6.52 31.61 -58.96
CA GLN C 10 -6.81 30.33 -58.35
C GLN C 10 -8.31 30.02 -58.41
N GLU C 11 -9.12 30.76 -57.66
CA GLU C 11 -10.57 30.57 -57.77
C GLU C 11 -11.40 31.85 -57.68
N ALA C 12 -10.87 32.97 -57.20
CA ALA C 12 -11.65 34.17 -56.90
C ALA C 12 -12.83 33.83 -55.96
N PHE C 13 -12.46 33.41 -54.75
CA PHE C 13 -13.45 32.94 -53.78
C PHE C 13 -14.44 34.04 -53.41
N ALA C 14 -15.71 33.65 -53.23
CA ALA C 14 -16.77 34.55 -52.81
C ALA C 14 -17.72 33.82 -51.87
N MET C 15 -18.06 34.46 -50.76
CA MET C 15 -18.94 33.84 -49.78
C MET C 15 -20.39 33.85 -50.25
N THR C 16 -21.13 32.82 -49.85
CA THR C 16 -22.55 32.73 -50.19
C THR C 16 -23.36 33.80 -49.48
N VAL C 17 -24.35 34.34 -50.18
CA VAL C 17 -25.24 35.35 -49.59
C VAL C 17 -26.10 34.69 -48.52
N PRO C 18 -26.31 35.31 -47.36
CA PRO C 18 -27.10 34.67 -46.31
C PRO C 18 -28.58 34.53 -46.66
N LEU C 19 -29.22 35.62 -47.07
CA LEU C 19 -30.65 35.59 -47.40
C LEU C 19 -30.87 36.21 -48.77
N LEU C 20 -31.59 35.48 -49.63
CA LEU C 20 -31.84 35.92 -50.99
C LEU C 20 -33.31 35.72 -51.34
N ILE C 21 -33.86 36.68 -52.08
CA ILE C 21 -35.21 36.61 -52.61
C ILE C 21 -35.10 36.81 -54.11
N ASP C 22 -35.43 35.78 -54.88
CA ASP C 22 -35.39 35.82 -56.33
C ASP C 22 -36.81 35.82 -56.84
N VAL C 23 -37.20 36.92 -57.49
CA VAL C 23 -38.53 37.03 -58.07
C VAL C 23 -38.40 37.13 -59.58
N ASP C 24 -39.49 36.79 -60.26
CA ASP C 24 -39.50 36.82 -61.71
C ASP C 24 -39.36 38.24 -62.23
N SER C 25 -38.99 38.32 -63.51
CA SER C 25 -38.90 39.61 -64.18
C SER C 25 -40.29 40.08 -64.59
N SER C 26 -40.38 41.15 -65.38
CA SER C 26 -41.62 41.82 -65.73
C SER C 26 -42.33 42.37 -64.49
N GLN C 27 -41.65 42.32 -63.34
CA GLN C 27 -42.07 43.07 -62.16
C GLN C 27 -40.93 43.90 -61.60
N GLN C 28 -39.83 44.04 -62.34
CA GLN C 28 -38.78 44.98 -61.94
C GLN C 28 -39.33 46.39 -61.88
N GLU C 29 -40.01 46.82 -62.95
CA GLU C 29 -40.59 48.14 -63.03
C GLU C 29 -42.11 48.13 -63.04
N ALA C 30 -42.74 46.98 -63.27
CA ALA C 30 -44.19 46.89 -63.13
C ALA C 30 -44.58 46.87 -61.66
N LEU C 31 -43.72 46.31 -60.81
CA LEU C 31 -43.89 46.26 -59.37
C LEU C 31 -42.95 47.34 -58.80
N GLU C 32 -42.74 47.32 -57.48
CA GLU C 32 -41.88 48.23 -56.72
C GLU C 32 -42.63 49.53 -56.48
N ALA C 33 -43.84 49.67 -57.01
CA ALA C 33 -44.65 50.87 -56.80
C ALA C 33 -44.82 51.20 -55.31
N ILE C 34 -45.22 50.21 -54.50
CA ILE C 34 -45.68 50.55 -53.16
C ILE C 34 -44.50 50.84 -52.24
N ALA C 35 -43.79 49.79 -51.82
CA ALA C 35 -42.44 50.01 -51.30
C ALA C 35 -41.43 49.06 -51.94
N LEU C 36 -41.62 47.77 -51.68
CA LEU C 36 -40.78 46.67 -52.17
C LEU C 36 -39.35 46.75 -51.64
N ASN C 37 -38.98 47.91 -51.09
CA ASN C 37 -37.68 48.11 -50.47
C ASN C 37 -37.74 48.78 -49.11
N ASP C 38 -38.89 49.34 -48.74
CA ASP C 38 -39.14 49.84 -47.39
C ASP C 38 -40.01 48.91 -46.58
N GLU C 39 -40.95 48.22 -47.23
CA GLU C 39 -41.80 47.25 -46.54
C GLU C 39 -40.95 46.10 -45.98
N LEU C 40 -39.94 45.66 -46.75
CA LEU C 40 -39.10 44.56 -46.30
C LEU C 40 -38.31 44.94 -45.04
N VAL C 41 -37.68 46.11 -45.05
CA VAL C 41 -36.94 46.53 -43.87
C VAL C 41 -37.90 46.78 -42.71
N ARG C 42 -39.09 47.29 -43.00
CA ARG C 42 -40.07 47.51 -41.94
C ARG C 42 -40.46 46.21 -41.26
N VAL C 43 -40.78 45.17 -42.05
CA VAL C 43 -41.19 43.90 -41.45
C VAL C 43 -40.02 43.22 -40.76
N ARG C 44 -38.81 43.32 -41.33
CA ARG C 44 -37.64 42.74 -40.67
C ARG C 44 -37.37 43.42 -39.33
N ARG C 45 -37.44 44.75 -39.31
CA ARG C 45 -37.20 45.48 -38.06
C ARG C 45 -38.27 45.16 -37.03
N ALA C 46 -39.54 45.06 -37.47
CA ALA C 46 -40.60 44.72 -36.53
C ALA C 46 -40.40 43.31 -35.96
N LEU C 47 -40.03 42.35 -36.81
CA LEU C 47 -39.82 41.00 -36.33
C LEU C 47 -38.63 40.93 -35.38
N TYR C 48 -37.58 41.72 -35.65
CA TYR C 48 -36.46 41.79 -34.73
C TYR C 48 -36.89 42.37 -33.38
N LEU C 49 -37.66 43.46 -33.41
CA LEU C 49 -38.13 44.04 -32.16
C LEU C 49 -39.00 43.06 -31.39
N ASP C 50 -39.76 42.22 -32.09
CA ASP C 50 -40.57 41.20 -31.43
C ASP C 50 -39.71 40.08 -30.86
N LEU C 51 -38.61 39.74 -31.55
CA LEU C 51 -37.76 38.61 -31.16
C LEU C 51 -36.41 39.02 -30.62
N GLY C 52 -35.68 39.87 -31.33
CA GLY C 52 -34.33 40.24 -30.94
C GLY C 52 -33.23 39.53 -31.69
N VAL C 53 -33.59 38.66 -32.64
CA VAL C 53 -32.58 37.95 -33.45
C VAL C 53 -31.98 38.93 -34.46
N PRO C 54 -30.66 39.05 -34.54
CA PRO C 54 -30.06 39.96 -35.52
C PRO C 54 -30.15 39.41 -36.93
N PHE C 55 -31.29 39.64 -37.58
CA PHE C 55 -31.49 39.13 -38.94
C PHE C 55 -30.47 39.75 -39.88
N PRO C 56 -30.07 39.03 -40.92
CA PRO C 56 -29.04 39.52 -41.83
C PRO C 56 -29.62 40.48 -42.86
N GLY C 57 -28.75 40.93 -43.76
CA GLY C 57 -29.20 41.76 -44.87
C GLY C 57 -29.99 40.94 -45.88
N ILE C 58 -30.90 41.61 -46.56
CA ILE C 58 -31.81 40.95 -47.50
C ILE C 58 -31.31 41.26 -48.91
N HIS C 59 -31.00 40.22 -49.68
CA HIS C 59 -30.59 40.39 -51.06
C HIS C 59 -31.80 40.15 -51.95
N LEU C 60 -32.14 41.14 -52.78
CA LEU C 60 -33.30 41.07 -53.67
C LEU C 60 -32.83 41.06 -55.12
N ARG C 61 -33.25 40.05 -55.88
CA ARG C 61 -32.86 39.92 -57.28
C ARG C 61 -34.05 39.57 -58.16
N PHE C 62 -34.01 40.10 -59.38
CA PHE C 62 -35.03 39.85 -60.41
C PHE C 62 -34.41 38.94 -61.46
N ASN C 63 -34.89 37.70 -61.55
CA ASN C 63 -34.40 36.72 -62.50
C ASN C 63 -35.47 36.46 -63.55
N GLU C 64 -35.10 36.56 -64.82
CA GLU C 64 -36.03 36.32 -65.92
C GLU C 64 -36.04 34.86 -66.36
N GLY C 65 -35.20 34.01 -65.78
CA GLY C 65 -35.17 32.61 -66.17
C GLY C 65 -36.44 31.87 -65.84
N MET C 66 -37.07 32.20 -64.73
CA MET C 66 -38.30 31.54 -64.30
C MET C 66 -39.49 32.11 -65.07
N GLY C 67 -40.70 31.82 -64.61
CA GLY C 67 -41.90 32.26 -65.29
C GLY C 67 -42.26 33.70 -65.02
N GLU C 68 -43.54 33.96 -64.78
CA GLU C 68 -44.03 35.32 -64.59
C GLU C 68 -44.44 35.64 -63.17
N GLY C 69 -44.85 34.65 -62.38
CA GLY C 69 -45.32 34.92 -61.03
C GLY C 69 -44.74 34.03 -59.95
N GLU C 70 -43.48 33.62 -60.11
CA GLU C 70 -42.83 32.70 -59.17
C GLU C 70 -41.77 33.46 -58.38
N TYR C 71 -41.90 33.43 -57.06
CA TYR C 71 -40.93 34.04 -56.16
C TYR C 71 -40.39 32.97 -55.21
N LEU C 72 -39.08 33.01 -54.97
CA LEU C 72 -38.44 32.07 -54.06
C LEU C 72 -37.58 32.80 -53.05
N ILE C 73 -37.65 32.34 -51.80
CA ILE C 73 -36.83 32.84 -50.70
C ILE C 73 -35.89 31.73 -50.29
N SER C 74 -34.59 32.02 -50.33
CA SER C 74 -33.54 31.05 -50.10
C SER C 74 -32.63 31.53 -48.98
N LEU C 75 -32.31 30.62 -48.06
CA LEU C 75 -31.38 30.89 -46.96
C LEU C 75 -30.03 30.29 -47.31
N GLN C 76 -29.02 31.14 -47.44
CA GLN C 76 -27.66 30.71 -47.78
C GLN C 76 -27.65 29.92 -49.08
N GLU C 77 -28.29 30.49 -50.11
CA GLU C 77 -28.33 29.92 -51.45
C GLU C 77 -28.92 28.51 -51.44
N VAL C 78 -29.92 28.28 -50.58
CA VAL C 78 -30.68 27.05 -50.57
C VAL C 78 -32.15 27.47 -50.46
N PRO C 79 -33.01 27.15 -51.44
CA PRO C 79 -34.38 27.64 -51.40
C PRO C 79 -35.15 27.02 -50.24
N VAL C 80 -35.78 27.88 -49.44
CA VAL C 80 -36.57 27.43 -48.30
C VAL C 80 -38.06 27.72 -48.46
N ALA C 81 -38.44 28.64 -49.33
CA ALA C 81 -39.87 28.93 -49.52
C ALA C 81 -40.09 29.37 -50.96
N ARG C 82 -40.69 28.50 -51.77
CA ARG C 82 -41.02 28.82 -53.15
C ARG C 82 -42.51 29.02 -53.30
N GLY C 83 -42.90 29.83 -54.28
CA GLY C 83 -44.31 29.99 -54.57
C GLY C 83 -44.57 30.65 -55.89
N GLU C 84 -45.42 30.03 -56.72
CA GLU C 84 -45.78 30.59 -58.02
C GLU C 84 -47.04 31.45 -57.87
N LEU C 85 -46.87 32.55 -57.14
CA LEU C 85 -48.01 33.43 -56.87
C LEU C 85 -47.50 34.87 -56.75
N LYS C 86 -47.51 35.59 -57.86
CA LYS C 86 -47.50 37.05 -57.85
C LYS C 86 -48.91 37.60 -57.99
N ALA C 87 -49.83 37.09 -57.17
CA ALA C 87 -51.25 37.41 -57.25
C ALA C 87 -51.76 37.22 -58.68
N GLY C 88 -51.29 36.16 -59.33
CA GLY C 88 -51.58 35.95 -60.74
C GLY C 88 -51.08 37.12 -61.57
N TYR C 89 -52.01 37.89 -62.12
CA TYR C 89 -51.67 39.19 -62.69
C TYR C 89 -51.86 40.30 -61.66
N LEU C 90 -53.10 40.44 -61.16
CA LEU C 90 -53.38 41.37 -60.07
C LEU C 90 -54.37 40.78 -59.06
N LEU C 91 -54.65 39.48 -59.13
CA LEU C 91 -55.68 38.85 -58.31
C LEU C 91 -55.20 38.77 -56.87
N VAL C 92 -55.61 39.73 -56.03
CA VAL C 92 -55.24 39.68 -54.62
C VAL C 92 -55.86 38.45 -53.96
N ARG C 93 -55.28 38.06 -52.83
CA ARG C 93 -55.61 36.80 -52.18
C ARG C 93 -56.41 37.02 -50.90
N GLU C 94 -57.04 35.94 -50.44
CA GLU C 94 -57.75 35.91 -49.18
C GLU C 94 -57.14 34.84 -48.29
N SER C 95 -56.92 35.17 -47.02
CA SER C 95 -56.21 34.28 -46.10
C SER C 95 -57.13 33.39 -45.28
N VAL C 96 -58.37 33.81 -45.03
CA VAL C 96 -59.28 33.06 -44.17
C VAL C 96 -60.48 32.61 -45.00
N SER C 97 -60.25 32.30 -46.27
CA SER C 97 -61.30 31.78 -47.12
C SER C 97 -61.87 30.48 -46.56
N GLN C 98 -63.17 30.33 -46.66
CA GLN C 98 -63.92 29.23 -46.08
C GLN C 98 -65.31 29.24 -46.70
N LEU C 99 -66.24 28.49 -46.12
CA LEU C 99 -67.64 28.66 -46.48
C LEU C 99 -68.10 30.10 -46.26
N GLU C 100 -67.43 30.82 -45.36
CA GLU C 100 -67.63 32.27 -45.25
C GLU C 100 -67.41 32.96 -46.59
N LEU C 101 -66.40 32.50 -47.36
CA LEU C 101 -66.20 33.05 -48.69
C LEU C 101 -67.32 32.67 -49.64
N LEU C 102 -67.87 31.46 -49.49
CA LEU C 102 -69.04 31.09 -50.28
C LEU C 102 -70.29 31.86 -49.86
N GLY C 103 -70.27 32.50 -48.69
CA GLY C 103 -71.34 33.42 -48.35
C GLY C 103 -71.46 34.57 -49.34
N ILE C 104 -70.32 35.12 -49.76
CA ILE C 104 -70.27 36.10 -50.84
C ILE C 104 -69.26 35.58 -51.86
N PRO C 105 -69.64 34.60 -52.68
CA PRO C 105 -68.67 33.84 -53.50
C PRO C 105 -68.24 34.50 -54.80
N TYR C 106 -67.25 35.38 -54.71
CA TYR C 106 -66.56 35.84 -55.92
C TYR C 106 -65.68 34.71 -56.45
N GLU C 107 -65.33 34.79 -57.72
CA GLU C 107 -64.58 33.72 -58.37
C GLU C 107 -63.27 33.46 -57.63
N LYS C 108 -62.98 32.19 -57.39
CA LYS C 108 -61.85 31.80 -56.55
C LYS C 108 -61.17 30.56 -57.14
N GLY C 109 -59.91 30.38 -56.76
CA GLY C 109 -59.16 29.22 -57.21
C GLY C 109 -58.04 28.91 -56.25
N GLU C 110 -57.64 27.65 -56.20
CA GLU C 110 -56.57 27.19 -55.33
C GLU C 110 -55.25 27.11 -56.10
N HIS C 111 -54.17 26.92 -55.36
CA HIS C 111 -52.82 27.00 -55.89
C HIS C 111 -51.88 26.20 -55.00
N LEU C 112 -50.58 26.46 -55.10
CA LEU C 112 -49.59 25.91 -54.19
C LEU C 112 -49.98 26.19 -52.73
N LEU C 113 -49.42 25.43 -51.79
CA LEU C 113 -49.81 25.53 -50.39
C LEU C 113 -48.85 26.46 -49.65
N PRO C 114 -49.23 27.72 -49.38
CA PRO C 114 -48.32 28.62 -48.65
C PRO C 114 -48.45 28.49 -47.13
N ASP C 115 -49.65 28.13 -46.66
CA ASP C 115 -49.95 28.08 -45.24
C ASP C 115 -51.36 27.58 -44.99
N GLN C 116 -52.32 28.50 -44.89
CA GLN C 116 -53.71 28.20 -44.61
C GLN C 116 -54.52 28.27 -45.91
N GLU C 117 -55.84 28.21 -45.79
CA GLU C 117 -56.71 28.32 -46.96
C GLU C 117 -56.44 29.62 -47.70
N THR C 118 -56.34 29.52 -49.03
CA THR C 118 -56.01 30.68 -49.86
C THR C 118 -56.79 30.61 -51.16
N PHE C 119 -57.42 31.72 -51.51
CA PHE C 119 -58.11 31.85 -52.79
C PHE C 119 -57.89 33.25 -53.32
N TRP C 120 -58.03 33.40 -54.63
CA TRP C 120 -57.65 34.62 -55.33
C TRP C 120 -58.86 35.23 -56.02
N VAL C 121 -59.00 36.55 -55.90
CA VAL C 121 -60.09 37.30 -56.50
C VAL C 121 -59.52 38.46 -57.28
N SER C 122 -60.26 38.92 -58.29
CA SER C 122 -59.83 40.00 -59.15
C SER C 122 -59.97 41.35 -58.44
N VAL C 123 -59.37 42.38 -59.04
CA VAL C 123 -59.38 43.70 -58.42
C VAL C 123 -60.73 44.40 -58.56
N GLU C 124 -61.57 44.02 -59.54
CA GLU C 124 -62.90 44.60 -59.62
C GLU C 124 -63.79 44.14 -58.47
N TYR C 125 -63.56 42.92 -57.97
CA TYR C 125 -64.27 42.43 -56.79
C TYR C 125 -63.65 42.95 -55.49
N GLU C 126 -62.49 43.60 -55.56
CA GLU C 126 -61.79 44.02 -54.35
C GLU C 126 -62.61 45.03 -53.55
N GLU C 127 -63.28 45.96 -54.23
CA GLU C 127 -64.04 46.98 -53.52
C GLU C 127 -65.18 46.36 -52.72
N ARG C 128 -66.00 45.53 -53.36
CA ARG C 128 -67.15 44.96 -52.66
C ARG C 128 -66.71 43.94 -51.62
N LEU C 129 -65.59 43.27 -51.83
CA LEU C 129 -65.10 42.32 -50.83
C LEU C 129 -64.48 43.03 -49.63
N GLU C 130 -63.83 44.18 -49.85
CA GLU C 130 -63.34 44.97 -48.74
C GLU C 130 -64.47 45.70 -48.02
N LYS C 131 -65.61 45.89 -48.67
CA LYS C 131 -66.81 46.31 -47.95
C LYS C 131 -67.20 45.27 -46.91
N SER C 132 -66.89 44.00 -47.17
CA SER C 132 -67.08 42.93 -46.18
C SER C 132 -65.92 42.85 -45.20
N GLN C 133 -64.88 43.66 -45.38
CA GLN C 133 -63.78 43.82 -44.43
C GLN C 133 -62.90 42.58 -44.31
N LEU C 134 -62.90 41.70 -45.31
CA LEU C 134 -62.02 40.55 -45.27
C LEU C 134 -60.56 40.99 -45.45
N GLU C 135 -59.64 40.08 -45.11
CA GLU C 135 -58.22 40.39 -45.19
C GLU C 135 -57.75 40.43 -46.65
N PHE C 136 -56.97 41.45 -46.97
CA PHE C 136 -56.50 41.72 -48.33
C PHE C 136 -54.98 41.80 -48.35
N PHE C 137 -54.33 40.69 -48.71
CA PHE C 137 -52.88 40.66 -48.83
C PHE C 137 -52.51 40.98 -50.27
N SER C 138 -51.83 42.11 -50.47
CA SER C 138 -51.35 42.51 -51.79
C SER C 138 -50.03 41.80 -52.07
N HIS C 139 -49.37 42.16 -53.17
CA HIS C 139 -48.10 41.55 -53.52
C HIS C 139 -47.06 41.81 -52.42
N SER C 140 -46.95 43.07 -51.99
CA SER C 140 -46.04 43.40 -50.91
C SER C 140 -46.42 42.66 -49.64
N GLN C 141 -47.72 42.60 -49.34
CA GLN C 141 -48.16 41.96 -48.11
C GLN C 141 -47.86 40.47 -48.11
N VAL C 142 -48.12 39.78 -49.23
CA VAL C 142 -47.87 38.34 -49.27
C VAL C 142 -46.36 38.06 -49.26
N LEU C 143 -45.59 38.87 -49.98
CA LEU C 143 -44.13 38.67 -49.98
C LEU C 143 -43.56 38.86 -48.58
N THR C 144 -43.97 39.92 -47.88
CA THR C 144 -43.46 40.16 -46.55
C THR C 144 -44.01 39.14 -45.55
N TRP C 145 -45.22 38.62 -45.78
CA TRP C 145 -45.74 37.56 -44.92
C TRP C 145 -44.90 36.30 -45.04
N HIS C 146 -44.56 35.91 -46.28
CA HIS C 146 -43.70 34.76 -46.46
C HIS C 146 -42.32 34.99 -45.86
N LEU C 147 -41.78 36.20 -46.03
CA LEU C 147 -40.48 36.51 -45.43
C LEU C 147 -40.54 36.40 -43.92
N SER C 148 -41.60 36.94 -43.30
CA SER C 148 -41.74 36.89 -41.85
C SER C 148 -41.89 35.45 -41.36
N HIS C 149 -42.66 34.63 -42.08
CA HIS C 149 -42.80 33.24 -41.70
C HIS C 149 -41.46 32.51 -41.79
N VAL C 150 -40.69 32.78 -42.84
CA VAL C 150 -39.37 32.15 -43.00
C VAL C 150 -38.45 32.55 -41.85
N LEU C 151 -38.44 33.85 -41.53
CA LEU C 151 -37.57 34.33 -40.45
C LEU C 151 -37.98 33.74 -39.12
N ARG C 152 -39.29 33.61 -38.88
CA ARG C 152 -39.76 33.10 -37.60
C ARG C 152 -39.43 31.62 -37.45
N GLU C 153 -39.65 30.82 -38.50
CA GLU C 153 -39.44 29.38 -38.38
C GLU C 153 -37.98 28.98 -38.57
N TYR C 154 -37.13 29.88 -39.05
CA TYR C 154 -35.73 29.56 -39.28
C TYR C 154 -34.81 30.58 -38.61
N ALA C 155 -35.23 31.14 -37.47
CA ALA C 155 -34.42 32.13 -36.79
C ALA C 155 -33.19 31.53 -36.12
N GLU C 156 -33.23 30.23 -35.78
CA GLU C 156 -32.07 29.61 -35.15
C GLU C 156 -30.84 29.67 -36.03
N ASP C 157 -31.02 29.69 -37.35
CA ASP C 157 -29.88 29.77 -38.26
C ASP C 157 -29.31 31.18 -38.38
N PHE C 158 -29.96 32.18 -37.79
CA PHE C 158 -29.45 33.54 -37.83
C PHE C 158 -28.70 33.93 -36.56
N ILE C 159 -28.52 32.99 -35.63
CA ILE C 159 -27.79 33.27 -34.39
C ILE C 159 -26.50 32.47 -34.38
N GLY C 160 -25.40 33.09 -34.83
CA GLY C 160 -24.10 32.48 -34.80
C GLY C 160 -23.22 33.10 -33.72
N ILE C 161 -21.98 32.62 -33.67
CA ILE C 161 -21.01 33.17 -32.73
C ILE C 161 -20.73 34.63 -33.07
N GLN C 162 -20.63 34.93 -34.37
CA GLN C 162 -20.39 36.32 -34.78
C GLN C 162 -21.54 37.22 -34.36
N GLU C 163 -22.78 36.74 -34.52
CA GLU C 163 -23.94 37.55 -34.15
C GLU C 163 -24.00 37.81 -32.65
N THR C 164 -23.76 36.78 -31.83
CA THR C 164 -23.77 36.97 -30.39
C THR C 164 -22.64 37.89 -29.95
N ARG C 165 -21.47 37.77 -30.59
CA ARG C 165 -20.36 38.66 -30.27
C ARG C 165 -20.70 40.10 -30.64
N TYR C 166 -21.37 40.30 -31.77
CA TYR C 166 -21.81 41.64 -32.15
C TYR C 166 -22.80 42.19 -31.13
N LEU C 167 -23.73 41.36 -30.66
CA LEU C 167 -24.67 41.80 -29.65
C LEU C 167 -23.94 42.20 -28.36
N LEU C 168 -22.96 41.41 -27.94
CA LEU C 168 -22.20 41.74 -26.74
C LEU C 168 -21.41 43.03 -26.92
N GLU C 169 -20.77 43.20 -28.08
CA GLU C 169 -19.98 44.41 -28.31
C GLU C 169 -20.86 45.65 -28.39
N GLN C 170 -22.10 45.50 -28.87
CA GLN C 170 -23.00 46.64 -28.94
C GLN C 170 -23.47 47.09 -27.56
N MET C 171 -23.47 46.18 -26.58
CA MET C 171 -23.90 46.47 -25.23
C MET C 171 -22.74 46.73 -24.27
N GLU C 172 -21.51 46.84 -24.80
CA GLU C 172 -20.35 47.06 -23.93
C GLU C 172 -20.45 48.40 -23.20
N GLY C 173 -20.88 49.45 -23.90
CA GLY C 173 -21.02 50.75 -23.25
C GLY C 173 -22.08 50.74 -22.17
N GLY C 174 -23.18 50.03 -22.38
CA GLY C 174 -24.26 49.97 -21.43
C GLY C 174 -23.93 49.21 -20.15
N TYR C 175 -23.68 47.92 -20.28
CA TYR C 175 -23.39 47.04 -19.14
C TYR C 175 -22.06 46.34 -19.39
N GLY C 176 -20.97 47.00 -18.99
CA GLY C 176 -19.64 46.44 -19.21
C GLY C 176 -19.33 45.29 -18.26
N GLU C 177 -19.49 45.54 -16.96
CA GLU C 177 -19.14 44.53 -15.96
C GLU C 177 -20.03 43.29 -16.09
N LEU C 178 -21.29 43.48 -16.44
CA LEU C 178 -22.18 42.34 -16.65
C LEU C 178 -21.68 41.46 -17.79
N ILE C 179 -21.26 42.08 -18.90
CA ILE C 179 -20.75 41.32 -20.03
C ILE C 179 -19.44 40.61 -19.65
N LYS C 180 -18.56 41.31 -18.92
CA LYS C 180 -17.30 40.67 -18.53
C LYS C 180 -17.55 39.48 -17.60
N GLU C 181 -18.55 39.59 -16.72
CA GLU C 181 -18.85 38.49 -15.81
C GLU C 181 -19.46 37.32 -16.57
N VAL C 182 -20.41 37.60 -17.47
CA VAL C 182 -21.02 36.50 -18.21
C VAL C 182 -19.99 35.83 -19.12
N GLN C 183 -19.03 36.60 -19.63
CA GLN C 183 -17.94 36.02 -20.42
C GLN C 183 -17.06 35.13 -19.56
N ARG C 184 -16.76 35.55 -18.33
CA ARG C 184 -15.91 34.73 -17.47
C ARG C 184 -16.64 33.51 -16.93
N ILE C 185 -17.97 33.52 -16.91
CA ILE C 185 -18.73 32.39 -16.37
C ILE C 185 -19.01 31.34 -17.44
N VAL C 186 -19.49 31.75 -18.60
CA VAL C 186 -19.85 30.79 -19.65
C VAL C 186 -19.18 31.16 -20.97
N PRO C 187 -18.88 30.19 -21.83
CA PRO C 187 -18.25 30.49 -23.12
C PRO C 187 -19.26 30.96 -24.16
N LEU C 188 -18.72 31.36 -25.32
CA LEU C 188 -19.56 31.85 -26.40
C LEU C 188 -20.44 30.75 -26.97
N GLN C 189 -19.92 29.52 -27.07
CA GLN C 189 -20.69 28.43 -27.66
C GLN C 189 -21.93 28.12 -26.84
N ARG C 190 -21.78 27.99 -25.52
CA ARG C 190 -22.92 27.71 -24.66
C ARG C 190 -23.94 28.84 -24.71
N MET C 191 -23.46 30.10 -24.70
CA MET C 191 -24.36 31.24 -24.75
C MET C 191 -25.16 31.26 -26.04
N THR C 192 -24.48 31.03 -27.17
CA THR C 192 -25.18 31.01 -28.46
C THR C 192 -26.17 29.85 -28.54
N GLU C 193 -25.79 28.67 -28.03
CA GLU C 193 -26.72 27.55 -28.04
C GLU C 193 -27.95 27.84 -27.18
N ILE C 194 -27.75 28.49 -26.03
CA ILE C 194 -28.87 28.87 -25.19
C ILE C 194 -29.79 29.86 -25.91
N LEU C 195 -29.19 30.85 -26.58
CA LEU C 195 -30.00 31.82 -27.33
C LEU C 195 -30.79 31.13 -28.44
N GLN C 196 -30.16 30.19 -29.15
CA GLN C 196 -30.85 29.46 -30.20
C GLN C 196 -32.00 28.64 -29.64
N ARG C 197 -31.78 27.98 -28.50
CA ARG C 197 -32.86 27.20 -27.89
C ARG C 197 -33.99 28.11 -27.42
N LEU C 198 -33.66 29.28 -26.89
CA LEU C 198 -34.70 30.23 -26.48
C LEU C 198 -35.54 30.67 -27.68
N VAL C 199 -34.87 31.01 -28.79
CA VAL C 199 -35.60 31.47 -29.96
C VAL C 199 -36.42 30.33 -30.57
N GLY C 200 -35.93 29.10 -30.46
CA GLY C 200 -36.69 27.96 -30.96
C GLY C 200 -38.04 27.78 -30.30
N GLU C 201 -38.23 28.37 -29.11
CA GLU C 201 -39.50 28.33 -28.41
C GLU C 201 -40.27 29.65 -28.53
N ASP C 202 -39.90 30.49 -29.49
CA ASP C 202 -40.53 31.80 -29.72
C ASP C 202 -40.36 32.73 -28.52
N ILE C 203 -39.30 32.54 -27.75
CA ILE C 203 -38.99 33.41 -26.62
C ILE C 203 -38.06 34.52 -27.13
N SER C 204 -38.42 35.77 -26.83
CA SER C 204 -37.69 36.90 -27.39
C SER C 204 -36.34 37.08 -26.72
N ILE C 205 -35.30 37.30 -27.54
CA ILE C 205 -33.98 37.66 -27.03
C ILE C 205 -33.92 39.12 -26.60
N ARG C 206 -34.83 39.95 -27.10
CA ARG C 206 -34.78 41.40 -26.96
C ARG C 206 -34.33 41.87 -25.57
N ASN C 207 -34.90 41.28 -24.51
CA ASN C 207 -34.55 41.65 -23.14
C ASN C 207 -33.29 40.90 -22.72
N MET C 208 -32.14 41.43 -23.16
CA MET C 208 -30.86 40.77 -22.94
C MET C 208 -30.34 40.93 -21.52
N ARG C 209 -30.75 41.99 -20.81
CA ARG C 209 -30.23 42.24 -19.47
C ARG C 209 -30.59 41.10 -18.52
N SER C 210 -31.87 40.73 -18.47
CA SER C 210 -32.29 39.63 -17.60
C SER C 210 -31.67 38.31 -18.04
N ILE C 211 -31.51 38.11 -19.35
CA ILE C 211 -30.87 36.89 -19.83
C ILE C 211 -29.43 36.80 -19.32
N LEU C 212 -28.68 37.89 -19.39
CA LEU C 212 -27.32 37.89 -18.91
C LEU C 212 -27.26 37.72 -17.39
N GLU C 213 -28.19 38.34 -16.66
CA GLU C 213 -28.22 38.17 -15.22
C GLU C 213 -28.51 36.71 -14.83
N ALA C 214 -29.46 36.07 -15.52
CA ALA C 214 -29.73 34.66 -15.27
C ALA C 214 -28.54 33.80 -15.64
N MET C 215 -27.87 34.13 -16.74
CA MET C 215 -26.68 33.40 -17.15
C MET C 215 -25.60 33.47 -16.08
N VAL C 216 -25.39 34.67 -15.52
CA VAL C 216 -24.42 34.82 -14.44
C VAL C 216 -24.83 34.02 -13.22
N GLU C 217 -26.11 34.10 -12.86
CA GLU C 217 -26.57 33.47 -11.61
C GLU C 217 -26.50 31.94 -11.69
N TRP C 218 -26.85 31.37 -12.84
CA TRP C 218 -26.99 29.92 -12.95
C TRP C 218 -25.87 29.23 -13.70
N GLY C 219 -24.95 29.97 -14.32
CA GLY C 219 -23.87 29.34 -15.05
C GLY C 219 -22.82 28.68 -14.18
N GLN C 220 -22.68 29.15 -12.93
CA GLN C 220 -21.74 28.53 -12.01
C GLN C 220 -22.29 27.25 -11.40
N LYS C 221 -23.60 27.04 -11.44
CA LYS C 221 -24.24 25.89 -10.79
C LYS C 221 -24.53 24.75 -11.77
N GLU C 222 -25.01 25.05 -12.97
CA GLU C 222 -25.37 24.04 -13.94
C GLU C 222 -24.50 24.16 -15.19
N LYS C 223 -24.03 23.02 -15.68
CA LYS C 223 -23.24 22.95 -16.91
C LYS C 223 -23.99 22.33 -18.07
N ASP C 224 -25.01 21.53 -17.81
CA ASP C 224 -25.82 20.97 -18.89
C ASP C 224 -26.61 22.09 -19.57
N VAL C 225 -26.64 22.05 -20.90
CA VAL C 225 -27.28 23.11 -21.68
C VAL C 225 -28.79 23.11 -21.43
N VAL C 226 -29.40 21.93 -21.32
CA VAL C 226 -30.85 21.85 -21.17
C VAL C 226 -31.29 22.49 -19.85
N GLN C 227 -30.64 22.11 -18.75
CA GLN C 227 -31.02 22.65 -17.45
C GLN C 227 -30.75 24.15 -17.37
N LEU C 228 -29.62 24.60 -17.91
CA LEU C 228 -29.30 26.02 -17.88
C LEU C 228 -30.30 26.83 -18.69
N THR C 229 -30.69 26.35 -19.87
CA THR C 229 -31.66 27.09 -20.67
C THR C 229 -33.05 27.03 -20.04
N GLU C 230 -33.38 25.94 -19.33
CA GLU C 230 -34.64 25.91 -18.59
C GLU C 230 -34.65 26.93 -17.46
N TYR C 231 -33.52 27.07 -16.75
CA TYR C 231 -33.42 28.10 -15.72
C TYR C 231 -33.54 29.50 -16.33
N ILE C 232 -32.92 29.71 -17.49
CA ILE C 232 -33.02 31.02 -18.12
C ILE C 232 -34.45 31.30 -18.58
N ARG C 233 -35.16 30.27 -19.05
CA ARG C 233 -36.57 30.42 -19.37
C ARG C 233 -37.37 30.80 -18.13
N SER C 234 -37.12 30.11 -17.01
CA SER C 234 -37.78 30.44 -15.76
C SER C 234 -37.42 31.83 -15.26
N SER C 235 -36.31 32.38 -15.71
CA SER C 235 -35.96 33.77 -15.38
C SER C 235 -36.81 34.79 -16.11
N LEU C 236 -37.67 34.36 -17.05
CA LEU C 236 -38.50 35.27 -17.82
C LEU C 236 -39.98 35.04 -17.50
N LYS C 237 -40.29 34.92 -16.20
CA LYS C 237 -41.63 34.57 -15.75
C LYS C 237 -42.68 35.56 -16.27
N ARG C 238 -42.45 36.85 -16.03
CA ARG C 238 -43.47 37.84 -16.39
C ARG C 238 -43.57 38.01 -17.89
N TYR C 239 -42.45 37.90 -18.62
CA TYR C 239 -42.52 37.96 -20.07
C TYR C 239 -43.35 36.82 -20.63
N ILE C 240 -43.10 35.60 -20.16
CA ILE C 240 -43.88 34.46 -20.64
C ILE C 240 -45.34 34.62 -20.28
N CYS C 241 -45.62 35.08 -19.05
CA CYS C 241 -46.99 35.26 -18.61
C CYS C 241 -47.73 36.26 -19.49
N TYR C 242 -47.09 37.40 -19.78
CA TYR C 242 -47.76 38.39 -20.63
C TYR C 242 -47.89 37.89 -22.06
N LYS C 243 -46.91 37.14 -22.55
CA LYS C 243 -46.96 36.67 -23.92
C LYS C 243 -48.09 35.67 -24.14
N TYR C 244 -48.36 34.82 -23.14
CA TYR C 244 -49.37 33.77 -23.32
C TYR C 244 -50.71 34.11 -22.68
N ALA C 245 -50.72 34.70 -21.48
CA ALA C 245 -51.96 35.10 -20.81
C ALA C 245 -52.50 36.34 -21.50
N ASN C 246 -53.35 36.13 -22.51
CA ASN C 246 -53.92 37.24 -23.27
C ASN C 246 -54.82 38.12 -22.40
N GLY C 247 -55.75 37.50 -21.66
CA GLY C 247 -56.62 38.27 -20.81
C GLY C 247 -55.95 38.70 -19.52
N ASN C 248 -56.75 38.98 -18.49
CA ASN C 248 -56.19 39.47 -17.24
C ASN C 248 -55.28 38.42 -16.62
N ASN C 249 -55.85 37.27 -16.27
CA ASN C 249 -55.14 36.17 -15.63
C ASN C 249 -55.53 34.84 -16.26
N ILE C 250 -55.80 34.83 -17.56
CA ILE C 250 -56.26 33.61 -18.22
C ILE C 250 -55.06 32.91 -18.85
N LEU C 251 -54.79 31.70 -18.37
CA LEU C 251 -53.73 30.86 -18.92
C LEU C 251 -54.35 29.49 -19.17
N PRO C 252 -54.67 29.16 -20.41
CA PRO C 252 -55.17 27.82 -20.72
C PRO C 252 -54.09 26.78 -20.48
N ALA C 253 -54.47 25.65 -19.87
CA ALA C 253 -53.51 24.62 -19.54
C ALA C 253 -54.05 23.24 -19.90
N TYR C 254 -53.14 22.34 -20.23
CA TYR C 254 -53.41 20.94 -20.52
C TYR C 254 -52.52 20.05 -19.66
N LEU C 255 -52.55 20.33 -18.36
CA LEU C 255 -51.61 19.78 -17.39
C LEU C 255 -51.50 18.26 -17.48
N PHE C 256 -50.31 17.77 -17.18
CA PHE C 256 -49.99 16.35 -17.26
C PHE C 256 -50.20 15.69 -15.91
N ASP C 257 -50.59 14.42 -15.94
CA ASP C 257 -50.67 13.63 -14.72
C ASP C 257 -49.28 13.32 -14.19
N GLN C 258 -49.21 13.02 -12.90
CA GLN C 258 -47.92 12.69 -12.28
C GLN C 258 -47.35 11.41 -12.88
N GLU C 259 -48.21 10.42 -13.15
CA GLU C 259 -47.76 9.16 -13.72
C GLU C 259 -47.14 9.37 -15.10
N VAL C 260 -47.79 10.20 -15.94
CA VAL C 260 -47.26 10.46 -17.28
C VAL C 260 -45.92 11.19 -17.19
N GLU C 261 -45.81 12.17 -16.29
CA GLU C 261 -44.53 12.86 -16.12
C GLU C 261 -43.44 11.89 -15.68
N GLU C 262 -43.76 10.98 -14.75
CA GLU C 262 -42.76 10.01 -14.31
C GLU C 262 -42.36 9.09 -15.45
N LYS C 263 -43.33 8.66 -16.27
CA LYS C 263 -43.00 7.79 -17.40
C LYS C 263 -42.10 8.51 -18.41
N ILE C 264 -42.39 9.79 -18.67
CA ILE C 264 -41.54 10.56 -19.59
C ILE C 264 -40.14 10.73 -19.00
N ARG C 265 -40.06 11.08 -17.72
CA ARG C 265 -38.77 11.28 -17.07
C ARG C 265 -37.96 10.01 -16.97
N SER C 266 -38.61 8.85 -17.01
CA SER C 266 -37.90 7.58 -16.86
C SER C 266 -36.93 7.29 -18.00
N ARG C 267 -37.00 8.02 -19.12
CA ARG C 267 -36.14 7.76 -20.27
C ARG C 267 -35.47 9.04 -20.74
N VAL C 268 -34.85 9.77 -19.81
CA VAL C 268 -34.13 10.99 -20.18
C VAL C 268 -32.87 10.66 -20.98
N ARG C 269 -32.13 9.64 -20.55
CA ARG C 269 -30.97 9.11 -21.28
C ARG C 269 -29.91 10.17 -21.55
N GLN C 270 -29.31 10.66 -20.46
CA GLN C 270 -28.27 11.69 -20.52
C GLN C 270 -26.89 11.04 -20.66
N THR C 271 -26.69 10.33 -21.76
CA THR C 271 -25.48 9.54 -21.95
C THR C 271 -24.36 10.33 -22.62
N SER C 272 -24.59 10.80 -23.84
CA SER C 272 -23.57 11.52 -24.61
C SER C 272 -24.23 12.80 -25.08
N ALA C 273 -24.17 13.83 -24.24
CA ALA C 273 -24.86 15.10 -24.44
C ALA C 273 -26.24 14.91 -25.06
N GLY C 274 -26.76 15.95 -25.71
CA GLY C 274 -28.01 15.82 -26.44
C GLY C 274 -29.21 15.62 -25.55
N SER C 275 -29.20 14.53 -24.76
CA SER C 275 -30.26 14.22 -23.80
C SER C 275 -31.55 13.78 -24.49
N TYR C 276 -31.42 12.91 -25.49
CA TYR C 276 -32.56 12.53 -26.30
C TYR C 276 -33.55 11.70 -25.48
N LEU C 277 -34.84 11.92 -25.73
CA LEU C 277 -35.94 11.26 -25.03
C LEU C 277 -36.45 10.11 -25.89
N ALA C 278 -35.89 8.92 -25.68
CA ALA C 278 -36.32 7.72 -26.39
C ALA C 278 -36.86 6.73 -25.36
N LEU C 279 -38.19 6.61 -25.29
CA LEU C 279 -38.80 5.67 -24.36
C LEU C 279 -39.11 4.34 -25.03
N ASP C 280 -40.07 4.34 -25.96
CA ASP C 280 -40.42 3.23 -26.81
C ASP C 280 -41.43 3.75 -27.83
N PRO C 281 -41.32 3.39 -29.10
CA PRO C 281 -42.28 3.91 -30.09
C PRO C 281 -43.73 3.63 -29.73
N ALA C 282 -44.03 2.45 -29.17
CA ALA C 282 -45.38 2.16 -28.74
C ALA C 282 -45.80 3.05 -27.58
N VAL C 283 -44.89 3.31 -26.64
CA VAL C 283 -45.22 4.14 -25.48
C VAL C 283 -45.48 5.58 -25.92
N THR C 284 -44.63 6.12 -26.78
CA THR C 284 -44.87 7.48 -27.28
C THR C 284 -46.14 7.55 -28.12
N GLU C 285 -46.42 6.49 -28.89
CA GLU C 285 -47.68 6.48 -29.64
C GLU C 285 -48.88 6.51 -28.71
N SER C 286 -48.84 5.72 -27.62
CA SER C 286 -49.95 5.70 -26.67
C SER C 286 -50.10 7.04 -25.96
N LEU C 287 -48.97 7.66 -25.57
CA LEU C 287 -49.05 8.96 -24.90
C LEU C 287 -49.59 10.02 -25.86
N LEU C 288 -49.15 9.99 -27.12
CA LEU C 288 -49.66 10.95 -28.10
C LEU C 288 -51.14 10.72 -28.36
N GLU C 289 -51.57 9.46 -28.36
CA GLU C 289 -53.00 9.16 -28.51
C GLU C 289 -53.79 9.71 -27.32
N GLN C 290 -53.27 9.57 -26.10
CA GLN C 290 -53.94 10.13 -24.94
C GLN C 290 -54.03 11.65 -25.02
N VAL C 291 -52.94 12.30 -25.45
CA VAL C 291 -52.95 13.76 -25.60
C VAL C 291 -53.98 14.18 -26.63
N ARG C 292 -54.05 13.46 -27.76
CA ARG C 292 -55.02 13.79 -28.80
C ARG C 292 -56.45 13.59 -28.30
N LYS C 293 -56.68 12.52 -27.54
CA LYS C 293 -58.01 12.28 -26.99
C LYS C 293 -58.42 13.38 -26.01
N THR C 294 -57.47 13.83 -25.18
CA THR C 294 -57.77 14.88 -24.21
C THR C 294 -57.92 16.23 -24.90
N ILE C 295 -56.83 16.75 -25.46
CA ILE C 295 -56.83 18.04 -26.15
C ILE C 295 -58.00 18.17 -27.13
N LEU C 298 -57.83 20.45 -31.52
CA LEU C 298 -58.43 21.22 -32.59
C LEU C 298 -57.72 22.55 -32.79
N SER C 299 -57.77 23.07 -34.01
CA SER C 299 -57.18 24.37 -34.34
C SER C 299 -58.21 25.48 -34.33
N GLN C 300 -59.46 25.20 -33.97
CA GLN C 300 -60.51 26.22 -33.92
C GLN C 300 -60.51 26.91 -32.56
N ILE C 301 -59.35 27.47 -32.21
CA ILE C 301 -59.14 28.16 -30.94
C ILE C 301 -58.57 29.54 -31.23
N GLN C 302 -58.63 30.40 -30.20
CA GLN C 302 -58.22 31.79 -30.33
C GLN C 302 -57.28 32.27 -29.24
N SER C 303 -57.20 31.60 -28.09
CA SER C 303 -56.36 32.01 -26.99
C SER C 303 -54.98 31.37 -27.00
N LYS C 304 -54.71 30.46 -27.94
CA LYS C 304 -53.45 29.72 -27.98
C LYS C 304 -53.19 29.06 -26.62
N PRO C 305 -53.88 27.97 -26.31
CA PRO C 305 -53.62 27.27 -25.06
C PRO C 305 -52.20 26.73 -25.01
N VAL C 306 -51.66 26.63 -23.80
CA VAL C 306 -50.28 26.20 -23.60
C VAL C 306 -50.28 24.97 -22.69
N LEU C 307 -49.39 24.04 -23.00
CA LEU C 307 -49.17 22.88 -22.15
C LEU C 307 -48.22 23.25 -21.02
N ILE C 308 -48.56 22.84 -19.79
CA ILE C 308 -47.74 23.13 -18.63
C ILE C 308 -47.35 21.80 -17.99
N VAL C 309 -46.04 21.60 -17.82
CA VAL C 309 -45.49 20.36 -17.30
C VAL C 309 -44.30 20.70 -16.42
N SER C 310 -43.78 19.68 -15.73
CA SER C 310 -42.63 19.88 -14.85
C SER C 310 -41.44 20.39 -15.65
N MET C 311 -40.64 21.26 -15.03
CA MET C 311 -39.56 21.94 -15.74
C MET C 311 -38.51 20.97 -16.26
N ASP C 312 -38.12 19.99 -15.43
CA ASP C 312 -36.98 19.14 -15.78
C ASP C 312 -37.17 18.38 -17.08
N ILE C 313 -38.42 18.20 -17.52
CA ILE C 313 -38.71 17.47 -18.75
C ILE C 313 -39.38 18.34 -19.80
N ARG C 314 -39.48 19.66 -19.56
CA ARG C 314 -40.29 20.52 -20.42
C ARG C 314 -39.86 20.38 -21.88
N ARG C 315 -38.59 20.61 -22.16
CA ARG C 315 -38.09 20.47 -23.53
C ARG C 315 -38.32 19.07 -24.05
N TYR C 316 -38.08 18.06 -23.21
CA TYR C 316 -38.30 16.68 -23.63
C TYR C 316 -39.74 16.47 -24.05
N VAL C 317 -40.68 17.15 -23.36
CA VAL C 317 -42.08 17.06 -23.75
C VAL C 317 -42.31 17.79 -25.06
N ARG C 318 -41.68 18.96 -25.24
CA ARG C 318 -41.94 19.79 -26.41
C ARG C 318 -41.63 19.03 -27.70
N LYS C 319 -40.42 18.47 -27.80
CA LYS C 319 -40.06 17.70 -28.98
C LYS C 319 -40.93 16.46 -29.14
N LEU C 320 -41.59 16.02 -28.07
CA LEU C 320 -42.52 14.91 -28.19
C LEU C 320 -43.78 15.31 -28.95
N ILE C 321 -44.24 16.55 -28.79
CA ILE C 321 -45.47 17.00 -29.42
C ILE C 321 -45.24 18.01 -30.52
N GLU C 322 -43.99 18.29 -30.87
CA GLU C 322 -43.72 19.25 -31.93
C GLU C 322 -44.17 18.73 -33.29
N SER C 323 -44.18 17.40 -33.47
CA SER C 323 -44.53 16.83 -34.75
C SER C 323 -45.98 17.12 -35.12
N GLU C 324 -46.91 16.90 -34.19
CA GLU C 324 -48.33 17.13 -34.45
C GLU C 324 -48.76 18.53 -34.01
N TYR C 325 -48.57 18.85 -32.73
CA TYR C 325 -49.01 20.12 -32.18
C TYR C 325 -47.83 21.10 -32.14
N TYR C 326 -47.48 21.60 -33.33
CA TYR C 326 -46.45 22.62 -33.43
C TYR C 326 -46.91 23.93 -32.82
N GLY C 327 -48.22 24.17 -32.77
CA GLY C 327 -48.76 25.37 -32.16
C GLY C 327 -48.58 25.39 -30.65
N LEU C 328 -49.36 24.54 -29.95
CA LEU C 328 -49.35 24.40 -28.50
C LEU C 328 -47.96 24.51 -27.90
N PRO C 329 -47.68 25.58 -27.15
CA PRO C 329 -46.39 25.67 -26.46
C PRO C 329 -46.37 24.80 -25.21
N VAL C 330 -45.17 24.57 -24.70
CA VAL C 330 -44.95 23.82 -23.47
C VAL C 330 -44.25 24.73 -22.48
N LEU C 331 -44.77 24.79 -21.26
CA LEU C 331 -44.26 25.69 -20.23
C LEU C 331 -43.91 24.90 -18.98
N SER C 332 -43.02 25.48 -18.17
CA SER C 332 -42.59 24.91 -16.90
C SER C 332 -43.33 25.57 -15.75
N TYR C 333 -43.48 24.82 -14.66
CA TYR C 333 -44.11 25.38 -13.46
C TYR C 333 -43.31 26.56 -12.92
N GLN C 334 -41.97 26.47 -12.97
CA GLN C 334 -41.14 27.58 -12.53
C GLN C 334 -41.32 28.80 -13.40
N GLU C 335 -41.59 28.62 -14.69
CA GLU C 335 -41.81 29.74 -15.60
C GLU C 335 -43.08 30.49 -15.22
N THR C 337 -44.73 33.06 -13.57
CA THR C 337 -44.81 33.85 -12.35
C THR C 337 -46.08 33.57 -11.58
N GLN C 338 -46.23 34.22 -10.43
CA GLN C 338 -47.42 34.07 -9.60
C GLN C 338 -48.54 34.95 -10.14
N GLN C 339 -49.55 35.23 -9.31
CA GLN C 339 -50.78 35.91 -9.71
C GLN C 339 -51.21 35.54 -11.13
N ILE C 340 -51.32 34.24 -11.37
CA ILE C 340 -51.81 33.69 -12.62
C ILE C 340 -52.91 32.69 -12.31
N ASN C 341 -54.05 32.83 -12.97
CA ASN C 341 -55.15 31.89 -12.80
C ASN C 341 -55.03 30.82 -13.86
N ILE C 342 -54.35 29.72 -13.50
CA ILE C 342 -54.17 28.59 -14.40
C ILE C 342 -55.49 27.84 -14.48
N GLN C 343 -56.05 27.75 -15.68
CA GLN C 343 -57.33 27.09 -15.88
C GLN C 343 -57.09 25.70 -16.44
N PRO C 344 -57.33 24.63 -15.67
CA PRO C 344 -57.09 23.27 -16.16
C PRO C 344 -58.18 22.83 -17.13
N LEU C 345 -57.83 22.78 -18.42
CA LEU C 345 -58.77 22.28 -19.42
C LEU C 345 -58.91 20.77 -19.37
N GLY C 346 -57.93 20.06 -18.81
CA GLY C 346 -57.98 18.61 -18.75
C GLY C 346 -56.65 17.95 -18.44
N ARG C 347 -56.68 16.87 -17.67
CA ARG C 347 -55.48 16.13 -17.31
C ARG C 347 -55.17 15.10 -18.38
N VAL C 348 -53.92 15.04 -18.81
CA VAL C 348 -53.47 14.03 -19.76
C VAL C 348 -53.27 12.75 -18.96
N CYS C 349 -54.26 11.87 -18.96
CA CYS C 349 -54.20 10.65 -18.17
C CYS C 349 -53.32 9.60 -18.84
N LEU C 350 -53.08 8.52 -18.10
CA LEU C 350 -52.25 7.43 -18.58
C LEU C 350 -53.09 6.17 -18.78
N LEU D 7 26.78 24.10 -65.40
CA LEU D 7 26.89 22.89 -64.58
C LEU D 7 27.52 23.20 -63.22
N GLY D 8 27.17 24.36 -62.67
CA GLY D 8 27.62 24.73 -61.34
C GLY D 8 26.48 25.18 -60.47
N GLU D 9 25.36 25.55 -61.09
CA GLU D 9 24.14 25.81 -60.36
C GLU D 9 23.65 24.51 -59.73
N GLN D 10 23.02 24.62 -58.55
CA GLN D 10 22.73 23.41 -57.79
C GLN D 10 21.64 22.58 -58.47
N GLU D 11 20.40 23.05 -58.50
CA GLU D 11 19.38 22.33 -59.26
C GLU D 11 18.38 23.21 -60.00
N ALA D 12 18.24 24.49 -59.67
CA ALA D 12 17.17 25.34 -60.19
C ALA D 12 15.80 24.67 -59.98
N PHE D 13 15.46 24.51 -58.70
CA PHE D 13 14.24 23.79 -58.33
C PHE D 13 13.00 24.49 -58.88
N ALA D 14 12.03 23.69 -59.34
CA ALA D 14 10.76 24.20 -59.84
C ALA D 14 9.64 23.24 -59.45
N MET D 15 8.56 23.79 -58.91
CA MET D 15 7.44 22.97 -58.46
C MET D 15 6.61 22.49 -59.65
N THR D 16 6.05 21.28 -59.52
CA THR D 16 5.20 20.72 -60.55
C THR D 16 3.89 21.51 -60.67
N VAL D 17 3.42 21.68 -61.89
CA VAL D 17 2.14 22.38 -62.11
C VAL D 17 1.00 21.52 -61.58
N PRO D 18 0.02 22.10 -60.88
CA PRO D 18 -1.07 21.29 -60.33
C PRO D 18 -1.98 20.71 -61.40
N LEU D 19 -2.44 21.55 -62.33
CA LEU D 19 -3.36 21.13 -63.37
C LEU D 19 -2.79 21.54 -64.73
N LEU D 20 -2.76 20.61 -65.67
CA LEU D 20 -2.22 20.86 -67.00
C LEU D 20 -3.16 20.27 -68.04
N ILE D 21 -3.35 20.99 -69.14
CA ILE D 21 -4.11 20.50 -70.28
C ILE D 21 -3.22 20.62 -71.51
N ASP D 22 -2.86 19.48 -72.10
CA ASP D 22 -2.03 19.44 -73.29
C ASP D 22 -2.87 18.98 -74.47
N VAL D 23 -3.05 19.86 -75.45
CA VAL D 23 -3.77 19.52 -76.66
C VAL D 23 -2.79 19.59 -77.83
N ASP D 24 -3.14 18.91 -78.91
CA ASP D 24 -2.29 18.87 -80.08
C ASP D 24 -2.19 20.23 -80.76
N SER D 25 -1.14 20.39 -81.54
CA SER D 25 -0.96 21.60 -82.33
C SER D 25 -1.82 21.53 -83.58
N SER D 26 -1.61 22.46 -84.51
CA SER D 26 -2.42 22.62 -85.73
C SER D 26 -3.90 22.83 -85.40
N GLN D 27 -4.21 23.05 -84.13
CA GLN D 27 -5.52 23.54 -83.72
C GLN D 27 -5.42 24.76 -82.82
N GLN D 28 -4.24 25.38 -82.73
CA GLN D 28 -4.12 26.64 -82.03
C GLN D 28 -5.00 27.70 -82.69
N GLU D 29 -4.75 27.97 -83.97
CA GLU D 29 -5.56 28.91 -84.72
C GLU D 29 -6.87 28.31 -85.19
N ALA D 30 -7.00 26.98 -85.18
CA ALA D 30 -8.29 26.36 -85.49
C ALA D 30 -9.25 26.50 -84.32
N LEU D 31 -8.72 26.52 -83.10
CA LEU D 31 -9.50 26.73 -81.89
C LEU D 31 -9.26 28.16 -81.42
N GLU D 32 -9.72 28.47 -80.21
CA GLU D 32 -9.58 29.78 -79.59
C GLU D 32 -10.52 30.76 -80.30
N ALA D 33 -11.16 30.29 -81.37
CA ALA D 33 -12.17 31.07 -82.05
C ALA D 33 -13.26 31.56 -81.10
N ILE D 34 -13.78 30.66 -80.28
CA ILE D 34 -14.92 31.02 -79.44
C ILE D 34 -14.43 31.65 -78.15
N ALA D 35 -13.90 30.84 -77.23
CA ALA D 35 -13.09 31.42 -76.17
C ALA D 35 -11.74 30.73 -75.98
N LEU D 36 -11.79 29.46 -75.57
CA LEU D 36 -10.63 28.64 -75.20
C LEU D 36 -9.89 29.21 -74.00
N ASN D 37 -10.18 30.46 -73.64
CA ASN D 37 -9.60 31.11 -72.47
C ASN D 37 -10.65 31.75 -71.58
N ASP D 38 -11.89 31.92 -72.05
CA ASP D 38 -13.00 32.35 -71.23
C ASP D 38 -13.94 31.22 -70.87
N GLU D 39 -14.10 30.23 -71.76
CA GLU D 39 -14.95 29.08 -71.47
C GLU D 39 -14.38 28.28 -70.31
N LEU D 40 -13.06 28.12 -70.26
CA LEU D 40 -12.43 27.34 -69.19
C LEU D 40 -12.65 28.01 -67.84
N VAL D 41 -12.41 29.32 -67.74
CA VAL D 41 -12.63 30.00 -66.47
C VAL D 41 -14.12 30.00 -66.11
N ARG D 42 -14.99 30.10 -67.13
CA ARG D 42 -16.42 30.06 -66.86
C ARG D 42 -16.83 28.72 -66.25
N VAL D 43 -16.38 27.60 -66.84
CA VAL D 43 -16.76 26.30 -66.33
C VAL D 43 -16.14 26.05 -64.96
N ARG D 44 -14.89 26.50 -64.76
CA ARG D 44 -14.28 26.36 -63.45
C ARG D 44 -15.03 27.15 -62.40
N ARG D 45 -15.44 28.38 -62.73
CA ARG D 45 -16.18 29.21 -61.80
C ARG D 45 -17.54 28.60 -61.48
N ALA D 46 -18.22 28.05 -62.50
CA ALA D 46 -19.51 27.41 -62.27
C ALA D 46 -19.37 26.19 -61.36
N LEU D 47 -18.35 25.36 -61.61
CA LEU D 47 -18.15 24.18 -60.78
C LEU D 47 -17.76 24.56 -59.35
N TYR D 48 -16.97 25.64 -59.20
CA TYR D 48 -16.67 26.13 -57.86
C TYR D 48 -17.92 26.62 -57.15
N LEU D 49 -18.76 27.39 -57.84
CA LEU D 49 -19.98 27.87 -57.23
C LEU D 49 -20.89 26.71 -56.84
N ASP D 50 -20.88 25.64 -57.62
CA ASP D 50 -21.66 24.46 -57.28
C ASP D 50 -21.06 23.71 -56.08
N LEU D 51 -19.73 23.70 -55.96
CA LEU D 51 -19.05 22.93 -54.93
C LEU D 51 -18.38 23.81 -53.88
N GLY D 52 -17.58 24.79 -54.29
CA GLY D 52 -16.84 25.61 -53.35
C GLY D 52 -15.39 25.22 -53.18
N VAL D 53 -14.91 24.21 -53.89
CA VAL D 53 -13.51 23.80 -53.78
C VAL D 53 -12.63 24.83 -54.51
N PRO D 54 -11.59 25.35 -53.88
CA PRO D 54 -10.72 26.31 -54.55
C PRO D 54 -9.82 25.62 -55.57
N PHE D 55 -10.34 25.41 -56.78
CA PHE D 55 -9.58 24.74 -57.83
C PHE D 55 -8.34 25.57 -58.18
N PRO D 56 -7.26 24.92 -58.61
CA PRO D 56 -6.03 25.64 -58.92
C PRO D 56 -6.08 26.26 -60.32
N GLY D 57 -4.98 26.91 -60.69
CA GLY D 57 -4.88 27.46 -62.03
C GLY D 57 -4.70 26.37 -63.07
N ILE D 58 -5.23 26.64 -64.27
CA ILE D 58 -5.23 25.69 -65.37
C ILE D 58 -4.20 26.16 -66.40
N HIS D 59 -3.24 25.29 -66.69
CA HIS D 59 -2.20 25.57 -67.68
C HIS D 59 -2.59 24.92 -69.00
N LEU D 60 -2.68 25.72 -70.05
CA LEU D 60 -3.07 25.25 -71.38
C LEU D 60 -1.87 25.39 -72.31
N ARG D 61 -1.47 24.27 -72.95
CA ARG D 61 -0.34 24.25 -73.84
C ARG D 61 -0.70 23.50 -75.11
N PHE D 62 -0.13 23.95 -76.23
CA PHE D 62 -0.32 23.33 -77.53
C PHE D 62 0.96 22.58 -77.87
N ASN D 63 0.88 21.26 -77.91
CA ASN D 63 2.04 20.40 -78.17
C ASN D 63 1.91 19.77 -79.55
N GLU D 64 2.98 19.89 -80.35
CA GLU D 64 3.01 19.31 -81.68
C GLU D 64 3.53 17.89 -81.71
N GLY D 65 4.02 17.37 -80.58
CA GLY D 65 4.59 16.04 -80.56
C GLY D 65 3.58 14.92 -80.73
N MET D 66 2.33 15.16 -80.39
CA MET D 66 1.29 14.14 -80.51
C MET D 66 0.63 14.25 -81.88
N GLY D 67 -0.52 13.59 -82.03
CA GLY D 67 -1.21 13.53 -83.30
C GLY D 67 -2.05 14.77 -83.60
N GLU D 68 -3.25 14.56 -84.10
CA GLU D 68 -4.12 15.66 -84.52
C GLU D 68 -5.22 15.96 -83.50
N GLY D 69 -5.93 14.94 -83.03
CA GLY D 69 -7.04 15.15 -82.11
C GLY D 69 -6.87 14.52 -80.75
N GLU D 70 -5.66 14.62 -80.18
CA GLU D 70 -5.36 14.04 -78.88
C GLU D 70 -5.28 15.15 -77.85
N TYR D 71 -6.12 15.09 -76.83
CA TYR D 71 -6.11 16.01 -75.70
C TYR D 71 -5.95 15.24 -74.41
N LEU D 72 -5.10 15.74 -73.52
CA LEU D 72 -4.90 15.11 -72.22
C LEU D 72 -5.00 16.13 -71.11
N ILE D 73 -5.68 15.73 -70.03
CA ILE D 73 -5.80 16.53 -68.81
C ILE D 73 -5.06 15.76 -67.72
N SER D 74 -4.08 16.42 -67.11
CA SER D 74 -3.18 15.81 -66.15
C SER D 74 -3.21 16.60 -64.84
N LEU D 75 -3.31 15.88 -63.73
CA LEU D 75 -3.27 16.48 -62.40
C LEU D 75 -1.88 16.27 -61.81
N GLN D 76 -1.17 17.37 -61.55
CA GLN D 76 0.18 17.34 -61.00
C GLN D 76 1.12 16.52 -61.91
N GLU D 77 1.09 16.85 -63.20
CA GLU D 77 1.96 16.23 -64.20
C GLU D 77 1.80 14.71 -64.24
N VAL D 78 0.58 14.24 -64.04
CA VAL D 78 0.25 12.83 -64.24
C VAL D 78 -1.07 12.79 -65.01
N PRO D 79 -1.09 12.19 -66.21
CA PRO D 79 -2.31 12.24 -67.02
C PRO D 79 -3.46 11.49 -66.36
N VAL D 80 -4.60 12.16 -66.24
CA VAL D 80 -5.78 11.55 -65.64
C VAL D 80 -6.94 11.38 -66.63
N ALA D 81 -6.94 12.11 -67.75
CA ALA D 81 -8.01 11.94 -68.73
C ALA D 81 -7.46 12.20 -70.13
N ARG D 82 -7.29 11.14 -70.91
CA ARG D 82 -6.80 11.25 -72.28
C ARG D 82 -7.94 10.98 -73.26
N GLY D 83 -7.84 11.60 -74.44
CA GLY D 83 -8.84 11.41 -75.47
C GLY D 83 -8.32 11.67 -76.86
N GLY D 88 -10.72 15.38 -79.84
CA GLY D 88 -11.60 16.14 -80.68
C GLY D 88 -11.33 15.95 -82.16
N TYR D 89 -12.39 15.80 -82.95
CA TYR D 89 -12.31 15.58 -84.38
C TYR D 89 -12.99 16.73 -85.12
N LEU D 90 -13.12 16.60 -86.43
CA LEU D 90 -13.83 17.57 -87.25
C LEU D 90 -15.32 17.28 -87.33
N LEU D 91 -15.81 16.29 -86.57
CA LEU D 91 -17.21 15.92 -86.54
C LEU D 91 -17.79 16.24 -85.17
N VAL D 92 -18.96 16.87 -85.15
CA VAL D 92 -19.62 17.21 -83.89
C VAL D 92 -20.02 15.94 -83.15
N ARG D 93 -19.99 16.00 -81.83
CA ARG D 93 -20.16 14.83 -80.98
C ARG D 93 -21.55 14.83 -80.36
N GLU D 94 -22.22 13.68 -80.43
CA GLU D 94 -23.53 13.48 -79.84
C GLU D 94 -23.42 12.52 -78.67
N SER D 95 -24.08 12.85 -77.56
CA SER D 95 -24.05 12.03 -76.36
C SER D 95 -25.34 11.28 -76.09
N VAL D 96 -26.43 11.59 -76.79
CA VAL D 96 -27.69 10.89 -76.58
C VAL D 96 -27.93 9.89 -77.70
N GLU D 110 -9.40 6.49 -77.04
CA GLU D 110 -10.64 7.03 -76.50
C GLU D 110 -11.85 6.23 -76.98
N HIS D 111 -11.70 4.91 -77.04
CA HIS D 111 -12.79 4.05 -77.50
C HIS D 111 -14.00 4.19 -76.60
N LEU D 112 -13.79 4.14 -75.28
CA LEU D 112 -14.84 4.35 -74.30
C LEU D 112 -14.89 5.80 -73.80
N LEU D 113 -13.73 6.35 -73.42
CA LEU D 113 -13.56 7.73 -72.98
C LEU D 113 -14.26 7.96 -71.64
N PRO D 114 -13.77 8.86 -70.79
CA PRO D 114 -14.51 9.16 -69.56
C PRO D 114 -15.83 9.85 -69.84
N ASP D 115 -16.77 9.10 -70.44
CA ASP D 115 -18.05 9.65 -70.87
C ASP D 115 -18.98 8.48 -71.16
N GLN D 116 -20.27 8.79 -71.27
CA GLN D 116 -21.28 7.80 -71.60
C GLN D 116 -21.41 7.66 -73.13
N GLU D 117 -22.51 7.08 -73.58
CA GLU D 117 -22.79 6.88 -75.00
C GLU D 117 -22.45 8.11 -75.82
N THR D 118 -21.76 7.90 -76.93
CA THR D 118 -21.21 9.00 -77.71
C THR D 118 -20.91 8.53 -79.13
N PHE D 119 -21.24 9.38 -80.11
CA PHE D 119 -20.90 9.13 -81.50
C PHE D 119 -20.58 10.46 -82.18
N TRP D 120 -20.18 10.39 -83.45
CA TRP D 120 -19.71 11.55 -84.19
C TRP D 120 -20.49 11.69 -85.48
N VAL D 121 -20.92 12.92 -85.79
CA VAL D 121 -21.68 13.20 -87.00
C VAL D 121 -21.03 14.39 -87.69
N SER D 122 -21.26 14.49 -89.00
CA SER D 122 -20.62 15.55 -89.78
C SER D 122 -21.29 16.90 -89.50
N VAL D 123 -20.62 17.96 -89.92
CA VAL D 123 -21.12 19.31 -89.66
C VAL D 123 -22.26 19.71 -90.59
N GLU D 124 -22.39 19.06 -91.75
CA GLU D 124 -23.53 19.33 -92.61
C GLU D 124 -24.82 18.81 -92.00
N TYR D 125 -24.76 17.73 -91.22
CA TYR D 125 -25.92 17.20 -90.52
C TYR D 125 -26.24 17.96 -89.23
N GLU D 126 -25.36 18.87 -88.78
CA GLU D 126 -25.55 19.49 -87.48
C GLU D 126 -26.82 20.34 -87.44
N GLU D 127 -27.12 21.07 -88.52
CA GLU D 127 -28.29 21.93 -88.53
C GLU D 127 -29.58 21.12 -88.39
N ARG D 128 -29.75 20.11 -89.24
CA ARG D 128 -30.96 19.31 -89.23
C ARG D 128 -31.04 18.41 -88.00
N LEU D 129 -29.88 18.00 -87.46
CA LEU D 129 -29.91 17.19 -86.24
C LEU D 129 -30.24 18.05 -85.01
N GLU D 130 -29.80 19.31 -84.98
CA GLU D 130 -30.21 20.21 -83.90
C GLU D 130 -31.64 20.67 -84.08
N LYS D 131 -32.17 20.61 -85.31
CA LYS D 131 -33.61 20.76 -85.48
C LYS D 131 -34.37 19.65 -84.78
N SER D 132 -33.76 18.47 -84.63
CA SER D 132 -34.33 17.38 -83.86
C SER D 132 -34.06 17.53 -82.36
N GLN D 133 -33.36 18.58 -81.95
CA GLN D 133 -33.18 18.94 -80.54
C GLN D 133 -32.48 17.81 -79.75
N LEU D 134 -31.22 17.59 -80.12
CA LEU D 134 -30.34 16.70 -79.39
C LEU D 134 -29.19 17.51 -78.78
N GLU D 135 -28.35 16.83 -78.01
CA GLU D 135 -27.25 17.49 -77.32
C GLU D 135 -26.04 17.61 -78.24
N PHE D 136 -25.53 18.84 -78.37
CA PHE D 136 -24.48 19.17 -79.34
C PHE D 136 -23.26 19.71 -78.60
N PHE D 137 -22.28 18.84 -78.35
CA PHE D 137 -21.04 19.24 -77.70
C PHE D 137 -20.01 19.58 -78.78
N SER D 138 -19.61 20.84 -78.84
CA SER D 138 -18.57 21.28 -79.75
C SER D 138 -17.20 21.00 -79.12
N HIS D 139 -16.13 21.47 -79.77
CA HIS D 139 -14.79 21.23 -79.23
C HIS D 139 -14.63 21.87 -77.87
N SER D 140 -15.04 23.13 -77.73
CA SER D 140 -14.99 23.79 -76.43
C SER D 140 -15.87 23.07 -75.43
N GLN D 141 -17.05 22.64 -75.85
CA GLN D 141 -17.97 21.98 -74.95
C GLN D 141 -17.42 20.64 -74.47
N VAL D 142 -16.84 19.84 -75.36
CA VAL D 142 -16.31 18.54 -74.93
C VAL D 142 -15.08 18.73 -74.05
N LEU D 143 -14.21 19.68 -74.39
CA LEU D 143 -13.04 19.92 -73.55
C LEU D 143 -13.44 20.37 -72.15
N THR D 144 -14.39 21.31 -72.06
CA THR D 144 -14.82 21.77 -70.75
C THR D 144 -15.62 20.70 -70.01
N TRP D 145 -16.33 19.84 -70.73
CA TRP D 145 -17.04 18.74 -70.08
C TRP D 145 -16.06 17.78 -69.43
N HIS D 146 -14.99 17.42 -70.16
CA HIS D 146 -13.97 16.57 -69.57
C HIS D 146 -13.28 17.25 -68.40
N LEU D 147 -13.01 18.55 -68.52
CA LEU D 147 -12.41 19.29 -67.41
C LEU D 147 -13.30 19.26 -66.18
N SER D 148 -14.60 19.48 -66.37
CA SER D 148 -15.54 19.47 -65.26
C SER D 148 -15.62 18.08 -64.63
N HIS D 149 -15.63 17.03 -65.45
CA HIS D 149 -15.66 15.68 -64.91
C HIS D 149 -14.41 15.39 -64.09
N VAL D 150 -13.25 15.81 -64.59
CA VAL D 150 -11.99 15.60 -63.85
C VAL D 150 -12.03 16.33 -62.53
N LEU D 151 -12.47 17.60 -62.54
CA LEU D 151 -12.52 18.38 -61.31
C LEU D 151 -13.50 17.79 -60.32
N ARG D 152 -14.65 17.30 -60.80
CA ARG D 152 -15.65 16.74 -59.90
C ARG D 152 -15.19 15.43 -59.28
N GLU D 153 -14.59 14.54 -60.07
CA GLU D 153 -14.20 13.25 -59.54
C GLU D 153 -12.86 13.25 -58.81
N TYR D 154 -12.08 14.34 -58.92
CA TYR D 154 -10.78 14.42 -58.27
C TYR D 154 -10.64 15.71 -57.46
N ALA D 155 -11.75 16.21 -56.91
CA ALA D 155 -11.69 17.43 -56.12
C ALA D 155 -11.00 17.24 -54.78
N GLU D 156 -10.99 16.00 -54.26
CA GLU D 156 -10.34 15.76 -52.97
C GLU D 156 -8.86 16.11 -53.01
N ASP D 157 -8.22 15.98 -54.18
CA ASP D 157 -6.81 16.29 -54.31
C ASP D 157 -6.54 17.79 -54.41
N PHE D 158 -7.58 18.61 -54.53
CA PHE D 158 -7.42 20.06 -54.59
C PHE D 158 -7.67 20.73 -53.25
N ILE D 159 -7.90 19.97 -52.19
CA ILE D 159 -8.14 20.52 -50.86
C ILE D 159 -6.98 20.16 -49.93
N GLY D 160 -6.01 21.07 -49.83
CA GLY D 160 -4.89 20.90 -48.92
C GLY D 160 -5.01 21.83 -47.72
N ILE D 161 -3.98 21.77 -46.87
CA ILE D 161 -3.91 22.67 -45.72
C ILE D 161 -3.83 24.11 -46.18
N GLN D 162 -3.07 24.37 -47.23
CA GLN D 162 -2.96 25.73 -47.76
C GLN D 162 -4.30 26.25 -48.24
N GLU D 163 -5.08 25.41 -48.91
CA GLU D 163 -6.38 25.84 -49.42
C GLU D 163 -7.34 26.20 -48.30
N THR D 164 -7.40 25.36 -47.26
CA THR D 164 -8.28 25.64 -46.12
C THR D 164 -7.81 26.90 -45.38
N ARG D 165 -6.49 27.08 -45.25
CA ARG D 165 -5.98 28.29 -44.61
C ARG D 165 -6.34 29.53 -45.42
N TYR D 166 -6.27 29.44 -46.76
CA TYR D 166 -6.70 30.54 -47.61
C TYR D 166 -8.18 30.84 -47.42
N LEU D 167 -8.99 29.79 -47.33
CA LEU D 167 -10.42 29.99 -47.10
C LEU D 167 -10.66 30.71 -45.78
N LEU D 168 -9.94 30.30 -44.72
CA LEU D 168 -10.09 30.96 -43.44
C LEU D 168 -9.63 32.41 -43.49
N GLU D 169 -8.52 32.68 -44.17
CA GLU D 169 -8.00 34.04 -44.26
C GLU D 169 -8.93 34.93 -45.07
N GLN D 170 -9.64 34.37 -46.06
CA GLN D 170 -10.57 35.17 -46.83
C GLN D 170 -11.80 35.56 -46.03
N MET D 171 -12.15 34.76 -45.02
CA MET D 171 -13.34 35.00 -44.21
C MET D 171 -13.04 35.68 -42.88
N GLU D 172 -11.80 36.15 -42.67
CA GLU D 172 -11.47 36.79 -41.41
C GLU D 172 -12.27 38.07 -41.21
N GLY D 173 -12.42 38.88 -42.27
CA GLY D 173 -13.20 40.09 -42.15
C GLY D 173 -14.66 39.81 -41.87
N GLY D 174 -15.21 38.77 -42.48
CA GLY D 174 -16.60 38.41 -42.30
C GLY D 174 -16.91 37.87 -40.91
N TYR D 175 -16.33 36.72 -40.57
CA TYR D 175 -16.57 36.05 -39.29
C TYR D 175 -15.22 35.85 -38.61
N GLY D 176 -14.80 36.85 -37.84
CA GLY D 176 -13.52 36.77 -37.16
C GLY D 176 -13.56 35.85 -35.95
N GLU D 177 -14.51 36.09 -35.05
CA GLU D 177 -14.60 35.30 -33.83
C GLU D 177 -14.93 33.85 -34.13
N LEU D 178 -15.75 33.60 -35.14
CA LEU D 178 -16.06 32.22 -35.53
C LEU D 178 -14.79 31.47 -35.93
N ILE D 179 -13.95 32.11 -36.75
CA ILE D 179 -12.71 31.49 -37.19
C ILE D 179 -11.76 31.30 -36.00
N LYS D 180 -11.66 32.30 -35.14
CA LYS D 180 -10.77 32.19 -33.98
C LYS D 180 -11.22 31.08 -33.04
N GLU D 181 -12.53 30.86 -32.91
CA GLU D 181 -13.03 29.78 -32.07
C GLU D 181 -12.79 28.42 -32.71
N VAL D 182 -13.09 28.30 -34.00
CA VAL D 182 -12.93 27.01 -34.67
C VAL D 182 -11.45 26.62 -34.75
N GLN D 183 -10.55 27.60 -34.85
CA GLN D 183 -9.13 27.29 -34.84
C GLN D 183 -8.70 26.73 -33.49
N ARG D 184 -9.22 27.29 -32.40
CA ARG D 184 -8.88 26.80 -31.08
C ARG D 184 -9.57 25.48 -30.75
N ILE D 185 -10.66 25.16 -31.44
CA ILE D 185 -11.38 23.92 -31.15
C ILE D 185 -10.83 22.74 -31.93
N VAL D 186 -10.61 22.89 -33.24
CA VAL D 186 -10.14 21.79 -34.07
C VAL D 186 -8.89 22.20 -34.83
N PRO D 187 -7.98 21.28 -35.13
CA PRO D 187 -6.77 21.63 -35.87
C PRO D 187 -7.01 21.71 -37.37
N LEU D 188 -5.97 22.17 -38.09
CA LEU D 188 -6.08 22.31 -39.54
C LEU D 188 -6.22 20.96 -40.23
N GLN D 189 -5.52 19.94 -39.75
CA GLN D 189 -5.56 18.64 -40.40
C GLN D 189 -6.96 18.03 -40.35
N ARG D 190 -7.59 18.05 -39.17
CA ARG D 190 -8.93 17.50 -39.02
C ARG D 190 -9.92 18.27 -39.88
N MET D 191 -9.81 19.59 -39.89
CA MET D 191 -10.72 20.43 -40.67
C MET D 191 -10.58 20.15 -42.16
N THR D 192 -9.34 20.04 -42.64
CA THR D 192 -9.11 19.75 -44.06
C THR D 192 -9.61 18.35 -44.43
N GLU D 193 -9.40 17.36 -43.56
CA GLU D 193 -9.90 16.02 -43.85
C GLU D 193 -11.43 16.01 -43.89
N ILE D 194 -12.07 16.75 -43.00
CA ILE D 194 -13.53 16.85 -43.00
C ILE D 194 -14.01 17.48 -44.30
N LEU D 195 -13.36 18.56 -44.73
CA LEU D 195 -13.76 19.20 -45.99
C LEU D 195 -13.57 18.27 -47.17
N GLN D 196 -12.46 17.52 -47.17
CA GLN D 196 -12.22 16.56 -48.25
C GLN D 196 -13.29 15.49 -48.29
N ARG D 197 -13.68 14.95 -47.13
CA ARG D 197 -14.74 13.94 -47.12
C ARG D 197 -16.07 14.53 -47.57
N LEU D 198 -16.37 15.76 -47.15
CA LEU D 198 -17.60 16.41 -47.57
C LEU D 198 -17.65 16.56 -49.09
N VAL D 199 -16.54 17.00 -49.68
CA VAL D 199 -16.53 17.15 -51.14
C VAL D 199 -16.56 15.78 -51.79
N GLY D 200 -15.97 14.77 -51.15
CA GLY D 200 -16.05 13.41 -51.65
C GLY D 200 -17.46 12.87 -51.67
N GLU D 201 -18.36 13.46 -50.88
CA GLU D 201 -19.77 13.10 -50.91
C GLU D 201 -20.60 14.09 -51.72
N ASP D 202 -19.95 14.92 -52.54
CA ASP D 202 -20.61 15.93 -53.38
C ASP D 202 -21.37 16.96 -52.55
N ILE D 203 -20.95 17.18 -51.32
CA ILE D 203 -21.54 18.21 -50.45
C ILE D 203 -20.75 19.50 -50.65
N SER D 204 -21.46 20.59 -50.92
CA SER D 204 -20.80 21.84 -51.28
C SER D 204 -20.15 22.48 -50.06
N ILE D 205 -18.92 22.94 -50.23
CA ILE D 205 -18.23 23.71 -49.19
C ILE D 205 -18.73 25.15 -49.16
N ARG D 206 -19.31 25.63 -50.27
CA ARG D 206 -19.66 27.04 -50.44
C ARG D 206 -20.26 27.69 -49.21
N ASN D 207 -21.20 27.00 -48.55
CA ASN D 207 -21.85 27.52 -47.35
C ASN D 207 -20.95 27.22 -46.15
N MET D 208 -19.92 28.05 -45.99
CA MET D 208 -18.91 27.83 -44.96
C MET D 208 -19.39 28.22 -43.57
N ARG D 209 -20.37 29.11 -43.47
CA ARG D 209 -20.83 29.58 -42.16
C ARG D 209 -21.41 28.43 -41.33
N SER D 210 -22.34 27.67 -41.93
CA SER D 210 -22.93 26.55 -41.21
C SER D 210 -21.90 25.47 -40.92
N ILE D 211 -20.95 25.26 -41.84
CA ILE D 211 -19.90 24.27 -41.62
C ILE D 211 -19.06 24.65 -40.41
N LEU D 212 -18.68 25.92 -40.31
CA LEU D 212 -17.88 26.37 -39.18
C LEU D 212 -18.67 26.33 -37.87
N GLU D 213 -19.96 26.69 -37.92
CA GLU D 213 -20.78 26.61 -36.72
C GLU D 213 -20.91 25.18 -36.23
N ALA D 214 -21.15 24.24 -37.15
CA ALA D 214 -21.22 22.83 -36.77
C ALA D 214 -19.87 22.34 -36.25
N MET D 215 -18.77 22.79 -36.86
CA MET D 215 -17.44 22.41 -36.41
C MET D 215 -17.22 22.87 -34.97
N VAL D 216 -17.61 24.11 -34.66
CA VAL D 216 -17.49 24.61 -33.30
C VAL D 216 -18.37 23.81 -32.34
N GLU D 217 -19.60 23.54 -32.75
CA GLU D 217 -20.55 22.89 -31.85
C GLU D 217 -20.15 21.46 -31.54
N TRP D 218 -19.64 20.72 -32.52
CA TRP D 218 -19.40 19.29 -32.36
C TRP D 218 -17.93 18.91 -32.21
N GLY D 219 -16.99 19.84 -32.38
CA GLY D 219 -15.58 19.51 -32.26
C GLY D 219 -15.14 19.26 -30.83
N GLN D 220 -15.85 19.82 -29.86
CA GLN D 220 -15.54 19.60 -28.45
C GLN D 220 -16.01 18.23 -27.96
N LYS D 221 -16.97 17.61 -28.65
CA LYS D 221 -17.57 16.36 -28.21
C LYS D 221 -16.98 15.14 -28.89
N GLU D 222 -16.69 15.20 -30.18
CA GLU D 222 -16.20 14.06 -30.94
C GLU D 222 -14.78 14.33 -31.45
N LYS D 223 -13.93 13.32 -31.33
CA LYS D 223 -12.57 13.37 -31.86
C LYS D 223 -12.37 12.48 -33.08
N ASP D 224 -13.20 11.45 -33.25
CA ASP D 224 -13.12 10.62 -34.44
C ASP D 224 -13.58 11.43 -35.66
N VAL D 225 -12.84 11.30 -36.76
CA VAL D 225 -13.14 12.08 -37.95
C VAL D 225 -14.46 11.66 -38.56
N VAL D 226 -14.75 10.35 -38.55
CA VAL D 226 -15.97 9.85 -39.19
C VAL D 226 -17.21 10.40 -38.49
N GLN D 227 -17.26 10.31 -37.16
CA GLN D 227 -18.44 10.79 -36.44
C GLN D 227 -18.59 12.30 -36.57
N LEU D 228 -17.48 13.03 -36.49
CA LEU D 228 -17.54 14.48 -36.61
C LEU D 228 -18.03 14.91 -37.99
N THR D 229 -17.54 14.26 -39.04
CA THR D 229 -17.99 14.61 -40.38
C THR D 229 -19.42 14.17 -40.63
N GLU D 230 -19.87 13.09 -39.99
CA GLU D 230 -21.29 12.74 -40.06
C GLU D 230 -22.15 13.79 -39.39
N TYR D 231 -21.71 14.32 -38.25
CA TYR D 231 -22.46 15.40 -37.60
C TYR D 231 -22.48 16.65 -38.47
N ILE D 232 -21.36 16.96 -39.12
CA ILE D 232 -21.32 18.13 -39.99
C ILE D 232 -22.23 17.94 -41.20
N ARG D 233 -22.30 16.70 -41.73
CA ARG D 233 -23.27 16.40 -42.77
C ARG D 233 -24.69 16.61 -42.29
N SER D 234 -25.00 16.11 -41.09
CA SER D 234 -26.32 16.29 -40.52
C SER D 234 -26.63 17.76 -40.27
N SER D 235 -25.61 18.60 -40.16
CA SER D 235 -25.81 20.04 -40.03
C SER D 235 -26.27 20.70 -41.33
N LEU D 236 -26.30 19.96 -42.45
CA LEU D 236 -26.69 20.53 -43.73
C LEU D 236 -27.96 19.87 -44.24
N LYS D 237 -28.96 19.73 -43.35
CA LYS D 237 -30.17 18.99 -43.66
C LYS D 237 -30.88 19.57 -44.89
N ARG D 238 -31.14 20.88 -44.88
CA ARG D 238 -31.91 21.46 -45.97
C ARG D 238 -31.12 21.49 -47.27
N TYR D 239 -29.80 21.70 -47.20
CA TYR D 239 -29.00 21.64 -48.42
C TYR D 239 -29.06 20.25 -49.05
N ILE D 240 -28.89 19.21 -48.23
CA ILE D 240 -28.96 17.84 -48.76
C ILE D 240 -30.35 17.56 -49.32
N CYS D 241 -31.39 18.00 -48.61
CA CYS D 241 -32.76 17.77 -49.06
C CYS D 241 -33.02 18.43 -50.41
N TYR D 242 -32.58 19.68 -50.58
CA TYR D 242 -32.81 20.34 -51.85
C TYR D 242 -31.97 19.71 -52.96
N LYS D 243 -30.75 19.28 -52.64
CA LYS D 243 -29.89 18.71 -53.66
C LYS D 243 -30.40 17.37 -54.17
N TYR D 244 -30.97 16.54 -53.29
CA TYR D 244 -31.36 15.19 -53.69
C TYR D 244 -32.84 15.01 -53.94
N ALA D 245 -33.71 15.67 -53.17
CA ALA D 245 -35.17 15.56 -53.35
C ALA D 245 -35.57 16.36 -54.60
N ASN D 246 -35.59 15.69 -55.76
CA ASN D 246 -35.97 16.36 -57.00
C ASN D 246 -37.44 16.76 -56.97
N GLY D 247 -38.32 15.83 -56.61
CA GLY D 247 -39.73 16.16 -56.49
C GLY D 247 -39.99 16.91 -55.20
N ASN D 248 -41.09 17.66 -55.17
CA ASN D 248 -41.33 18.51 -54.02
C ASN D 248 -41.41 17.67 -52.76
N ASN D 249 -40.47 17.93 -51.84
CA ASN D 249 -40.33 17.21 -50.57
C ASN D 249 -40.46 15.70 -50.74
N ILE D 250 -40.19 15.20 -51.94
CA ILE D 250 -40.25 13.79 -52.26
C ILE D 250 -38.82 13.28 -52.43
N LEU D 251 -38.45 12.27 -51.66
CA LEU D 251 -37.11 11.70 -51.73
C LEU D 251 -37.21 10.20 -51.94
N PRO D 252 -36.88 9.69 -53.12
CA PRO D 252 -36.87 8.24 -53.31
C PRO D 252 -35.84 7.59 -52.40
N ALA D 253 -36.21 6.46 -51.81
CA ALA D 253 -35.37 5.80 -50.82
C ALA D 253 -35.29 4.30 -51.07
N TYR D 254 -34.17 3.72 -50.67
CA TYR D 254 -33.89 2.29 -50.71
C TYR D 254 -33.46 1.81 -49.33
N LEU D 255 -34.28 2.17 -48.34
CA LEU D 255 -33.95 2.01 -46.93
C LEU D 255 -33.48 0.61 -46.60
N PHE D 256 -32.60 0.53 -45.61
CA PHE D 256 -32.00 -0.72 -45.18
C PHE D 256 -32.81 -1.34 -44.05
N ASP D 257 -32.83 -2.67 -44.04
CA ASP D 257 -33.44 -3.41 -42.93
C ASP D 257 -32.56 -3.28 -41.69
N GLN D 258 -33.19 -3.48 -40.52
CA GLN D 258 -32.44 -3.38 -39.27
C GLN D 258 -31.38 -4.47 -39.16
N GLU D 259 -31.69 -5.69 -39.62
CA GLU D 259 -30.74 -6.79 -39.54
C GLU D 259 -29.48 -6.50 -40.34
N VAL D 260 -29.64 -5.97 -41.56
CA VAL D 260 -28.49 -5.67 -42.39
C VAL D 260 -27.64 -4.56 -41.76
N GLU D 261 -28.29 -3.53 -41.23
CA GLU D 261 -27.56 -2.45 -40.58
C GLU D 261 -26.78 -2.97 -39.38
N GLU D 262 -27.40 -3.85 -38.57
CA GLU D 262 -26.70 -4.40 -37.41
C GLU D 262 -25.52 -5.27 -37.84
N LYS D 263 -25.70 -6.08 -38.88
CA LYS D 263 -24.61 -6.93 -39.36
C LYS D 263 -23.45 -6.09 -39.86
N ILE D 264 -23.73 -5.01 -40.59
CA ILE D 264 -22.66 -4.13 -41.06
C ILE D 264 -21.97 -3.47 -39.88
N ARG D 265 -22.75 -2.96 -38.92
CA ARG D 265 -22.18 -2.28 -37.76
C ARG D 265 -21.36 -3.23 -36.89
N SER D 266 -21.61 -4.53 -36.96
CA SER D 266 -20.91 -5.48 -36.10
C SER D 266 -19.41 -5.57 -36.40
N ARG D 267 -18.94 -5.03 -37.52
CA ARG D 267 -17.55 -5.12 -37.92
C ARG D 267 -17.01 -3.74 -38.28
N VAL D 268 -17.20 -2.77 -37.39
CA VAL D 268 -16.72 -1.41 -37.63
C VAL D 268 -15.20 -1.35 -37.58
N ARG D 269 -14.58 -2.02 -36.60
CA ARG D 269 -13.12 -2.12 -36.48
C ARG D 269 -12.48 -0.73 -36.38
N GLN D 270 -12.79 -0.06 -35.26
CA GLN D 270 -12.35 1.30 -35.00
C GLN D 270 -10.95 1.31 -34.37
N THR D 271 -9.97 0.88 -35.16
CA THR D 271 -8.61 0.71 -34.65
C THR D 271 -7.82 2.01 -34.77
N SER D 272 -6.55 1.97 -34.38
CA SER D 272 -5.74 3.18 -34.33
C SER D 272 -5.54 3.80 -35.70
N ALA D 273 -5.27 2.99 -36.72
CA ALA D 273 -5.01 3.53 -38.05
C ALA D 273 -6.25 4.21 -38.62
N GLY D 274 -7.38 3.52 -38.61
CA GLY D 274 -8.65 4.08 -39.02
C GLY D 274 -9.78 3.15 -38.63
N SER D 275 -10.90 3.18 -39.36
CA SER D 275 -12.01 2.27 -39.10
C SER D 275 -12.41 1.60 -40.41
N TYR D 276 -11.66 0.59 -40.81
CA TYR D 276 -11.95 -0.13 -42.04
C TYR D 276 -13.12 -1.08 -41.85
N LEU D 277 -13.96 -1.21 -42.88
CA LEU D 277 -15.13 -2.09 -42.81
C LEU D 277 -14.78 -3.38 -43.54
N ALA D 278 -14.22 -4.33 -42.80
CA ALA D 278 -13.89 -5.66 -43.33
C ALA D 278 -14.63 -6.70 -42.51
N LEU D 279 -15.70 -7.25 -43.07
CA LEU D 279 -16.41 -8.31 -42.33
C LEU D 279 -15.95 -9.69 -42.79
N ASP D 280 -16.46 -10.13 -43.94
CA ASP D 280 -16.03 -11.34 -44.65
C ASP D 280 -16.30 -11.08 -46.11
N PRO D 281 -15.39 -11.43 -47.01
CA PRO D 281 -15.67 -11.21 -48.45
C PRO D 281 -16.95 -11.87 -48.91
N ALA D 282 -17.24 -13.07 -48.41
CA ALA D 282 -18.50 -13.74 -48.77
C ALA D 282 -19.71 -12.99 -48.22
N VAL D 283 -19.61 -12.45 -47.01
CA VAL D 283 -20.74 -11.74 -46.41
C VAL D 283 -21.05 -10.47 -47.20
N THR D 284 -20.01 -9.69 -47.51
CA THR D 284 -20.23 -8.49 -48.31
C THR D 284 -20.72 -8.83 -49.71
N GLU D 285 -20.23 -9.94 -50.28
CA GLU D 285 -20.73 -10.36 -51.59
C GLU D 285 -22.21 -10.69 -51.53
N SER D 286 -22.64 -11.40 -50.48
CA SER D 286 -24.06 -11.74 -50.35
C SER D 286 -24.91 -10.50 -50.13
N LEU D 287 -24.44 -9.57 -49.29
CA LEU D 287 -25.20 -8.34 -49.07
C LEU D 287 -25.30 -7.51 -50.33
N LEU D 288 -24.21 -7.42 -51.10
CA LEU D 288 -24.24 -6.70 -52.36
C LEU D 288 -25.17 -7.38 -53.36
N GLU D 289 -25.21 -8.71 -53.36
CA GLU D 289 -26.15 -9.44 -54.21
C GLU D 289 -27.60 -9.11 -53.83
N GLN D 290 -27.88 -9.05 -52.52
CA GLN D 290 -29.22 -8.69 -52.08
C GLN D 290 -29.56 -7.27 -52.51
N VAL D 291 -28.62 -6.34 -52.37
CA VAL D 291 -28.85 -4.95 -52.79
C VAL D 291 -29.12 -4.89 -54.28
N ARG D 292 -28.36 -5.64 -55.07
CA ARG D 292 -28.58 -5.66 -56.53
C ARG D 292 -29.94 -6.26 -56.86
N LYS D 293 -30.34 -7.31 -56.14
CA LYS D 293 -31.66 -7.91 -56.40
C LYS D 293 -32.78 -6.95 -56.08
N THR D 294 -32.66 -6.19 -54.99
CA THR D 294 -33.71 -5.25 -54.60
C THR D 294 -33.70 -4.03 -55.52
N ILE D 295 -32.64 -3.23 -55.45
CA ILE D 295 -32.50 -2.04 -56.30
C ILE D 295 -32.80 -2.33 -57.76
N ASP D 297 -29.88 -2.03 -61.20
CA ASP D 297 -29.15 -1.55 -62.37
C ASP D 297 -29.18 -0.03 -62.46
N LEU D 298 -30.32 0.56 -62.04
CA LEU D 298 -30.55 1.99 -62.02
C LEU D 298 -30.09 2.69 -63.29
N SER D 299 -30.21 2.02 -64.43
CA SER D 299 -29.75 2.61 -65.69
C SER D 299 -30.78 3.57 -66.25
N GLN D 300 -32.02 3.11 -66.44
CA GLN D 300 -33.08 3.93 -67.02
C GLN D 300 -33.89 4.60 -65.92
N ILE D 301 -33.24 5.51 -65.20
CA ILE D 301 -33.84 6.24 -64.11
C ILE D 301 -33.58 7.73 -64.29
N GLN D 302 -34.60 8.54 -64.03
CA GLN D 302 -34.49 9.99 -64.14
C GLN D 302 -34.60 10.72 -62.81
N SER D 303 -35.16 10.08 -61.77
CA SER D 303 -35.43 10.75 -60.51
C SER D 303 -34.23 10.75 -59.56
N LYS D 304 -33.18 10.00 -59.87
CA LYS D 304 -32.00 9.88 -59.01
C LYS D 304 -32.39 9.46 -57.60
N PRO D 305 -32.76 8.20 -57.38
CA PRO D 305 -33.05 7.73 -56.03
C PRO D 305 -31.78 7.70 -55.18
N VAL D 306 -31.97 7.84 -53.88
CA VAL D 306 -30.86 7.87 -52.92
C VAL D 306 -31.09 6.79 -51.88
N LEU D 307 -30.00 6.16 -51.46
CA LEU D 307 -30.03 5.19 -50.38
C LEU D 307 -30.02 5.93 -49.04
N ILE D 308 -30.88 5.51 -48.12
CA ILE D 308 -30.97 6.10 -46.80
C ILE D 308 -30.72 5.01 -45.76
N VAL D 309 -29.76 5.24 -44.87
CA VAL D 309 -29.33 4.25 -43.89
C VAL D 309 -29.00 4.98 -42.58
N SER D 310 -28.74 4.20 -41.54
CA SER D 310 -28.39 4.75 -40.24
C SER D 310 -27.12 5.58 -40.33
N MET D 311 -27.07 6.66 -39.55
CA MET D 311 -25.97 7.61 -39.63
C MET D 311 -24.65 6.97 -39.23
N ASP D 312 -24.65 6.22 -38.13
CA ASP D 312 -23.40 5.71 -37.55
C ASP D 312 -22.63 4.83 -38.52
N ILE D 313 -23.29 4.28 -39.53
CA ILE D 313 -22.64 3.41 -40.50
C ILE D 313 -22.75 3.97 -41.92
N ARG D 314 -23.24 5.19 -42.07
CA ARG D 314 -23.55 5.71 -43.40
C ARG D 314 -22.34 5.64 -44.33
N ARG D 315 -21.22 6.23 -43.91
CA ARG D 315 -20.03 6.19 -44.74
C ARG D 315 -19.60 4.76 -45.00
N TYR D 316 -19.66 3.90 -43.97
CA TYR D 316 -19.27 2.51 -44.16
C TYR D 316 -20.13 1.84 -45.23
N VAL D 317 -21.40 2.22 -45.33
CA VAL D 317 -22.23 1.67 -46.39
C VAL D 317 -21.82 2.23 -47.75
N ARG D 318 -21.51 3.54 -47.80
CA ARG D 318 -21.22 4.17 -49.09
C ARG D 318 -20.01 3.53 -49.74
N LYS D 319 -18.90 3.44 -49.02
CA LYS D 319 -17.70 2.80 -49.56
C LYS D 319 -17.93 1.33 -49.85
N LEU D 320 -18.95 0.71 -49.23
CA LEU D 320 -19.28 -0.66 -49.57
C LEU D 320 -19.90 -0.75 -50.96
N ILE D 321 -20.67 0.25 -51.35
CA ILE D 321 -21.36 0.24 -52.64
C ILE D 321 -20.76 1.23 -53.63
N GLU D 322 -19.67 1.90 -53.26
CA GLU D 322 -19.05 2.85 -54.18
C GLU D 322 -18.42 2.16 -55.38
N SER D 323 -18.01 0.89 -55.22
CA SER D 323 -17.35 0.17 -56.31
C SER D 323 -18.31 -0.05 -57.48
N GLU D 324 -19.54 -0.49 -57.19
CA GLU D 324 -20.51 -0.78 -58.24
C GLU D 324 -21.43 0.40 -58.50
N TYR D 325 -22.14 0.86 -57.47
CA TYR D 325 -23.10 1.96 -57.61
C TYR D 325 -22.43 3.25 -57.13
N TYR D 326 -21.54 3.78 -57.98
CA TYR D 326 -20.90 5.05 -57.68
C TYR D 326 -21.88 6.21 -57.74
N GLY D 327 -22.97 6.07 -58.50
CA GLY D 327 -23.99 7.09 -58.58
C GLY D 327 -24.78 7.26 -57.30
N LEU D 328 -25.63 6.27 -56.99
CA LEU D 328 -26.49 6.22 -55.81
C LEU D 328 -25.81 6.79 -54.57
N PRO D 329 -26.26 7.94 -54.07
CA PRO D 329 -25.71 8.48 -52.82
C PRO D 329 -26.25 7.74 -51.60
N VAL D 330 -25.57 7.94 -50.48
CA VAL D 330 -25.96 7.37 -49.19
C VAL D 330 -26.18 8.51 -48.21
N LEU D 331 -27.33 8.49 -47.53
CA LEU D 331 -27.74 9.55 -46.62
C LEU D 331 -28.05 8.96 -45.24
N SER D 332 -27.96 9.82 -44.23
CA SER D 332 -28.24 9.46 -42.85
C SER D 332 -29.64 9.91 -42.46
N TYR D 333 -30.23 9.19 -41.50
CA TYR D 333 -31.53 9.61 -40.97
C TYR D 333 -31.43 10.97 -40.31
N GLN D 334 -30.32 11.23 -39.61
CA GLN D 334 -30.13 12.55 -39.00
C GLN D 334 -30.01 13.63 -40.05
N GLU D 335 -29.42 13.32 -41.20
CA GLU D 335 -29.29 14.30 -42.27
C GLU D 335 -30.64 14.70 -42.86
N LEU D 336 -31.65 13.85 -42.71
CA LEU D 336 -32.97 14.14 -43.26
C LEU D 336 -33.67 15.18 -42.40
N THR D 337 -33.94 16.35 -42.98
CA THR D 337 -34.74 17.34 -42.30
C THR D 337 -36.21 16.90 -42.29
N GLN D 338 -37.05 17.68 -41.64
CA GLN D 338 -38.48 17.36 -41.60
C GLN D 338 -39.16 17.79 -42.88
N GLN D 339 -40.49 17.91 -42.84
CA GLN D 339 -41.32 18.17 -44.02
C GLN D 339 -40.81 17.50 -45.28
N ILE D 340 -40.53 16.20 -45.21
CA ILE D 340 -40.11 15.41 -46.37
C ILE D 340 -40.97 14.15 -46.42
N ASN D 341 -41.54 13.87 -47.59
CA ASN D 341 -42.30 12.64 -47.81
C ASN D 341 -41.34 11.60 -48.37
N ILE D 342 -40.74 10.82 -47.49
CA ILE D 342 -39.82 9.76 -47.90
C ILE D 342 -40.64 8.58 -48.44
N GLN D 343 -40.43 8.27 -49.71
CA GLN D 343 -41.17 7.18 -50.34
C GLN D 343 -40.27 5.95 -50.45
N PRO D 344 -40.55 4.87 -49.72
CA PRO D 344 -39.69 3.68 -49.79
C PRO D 344 -39.93 2.91 -51.09
N LEU D 345 -38.94 2.96 -51.98
CA LEU D 345 -39.02 2.20 -53.22
C LEU D 345 -38.84 0.70 -52.98
N GLY D 346 -38.26 0.32 -51.84
CA GLY D 346 -38.05 -1.07 -51.50
C GLY D 346 -37.09 -1.23 -50.36
N ARG D 347 -37.38 -2.19 -49.48
CA ARG D 347 -36.53 -2.47 -48.32
C ARG D 347 -35.46 -3.48 -48.71
N VAL D 348 -34.22 -3.21 -48.30
CA VAL D 348 -33.10 -4.09 -48.58
C VAL D 348 -33.18 -5.26 -47.61
N CYS D 349 -33.72 -6.38 -48.07
CA CYS D 349 -33.87 -7.55 -47.21
C CYS D 349 -32.54 -8.28 -47.06
N LEU D 350 -32.53 -9.27 -46.18
CA LEU D 350 -31.33 -10.05 -45.93
C LEU D 350 -31.51 -11.48 -46.41
N ARG E 6 54.56 29.87 -44.32
CA ARG E 6 53.17 29.46 -44.20
C ARG E 6 53.06 28.07 -43.60
N LEU E 7 54.06 27.69 -42.79
CA LEU E 7 54.03 26.46 -42.02
C LEU E 7 53.60 26.72 -40.59
N GLY E 8 52.67 27.67 -40.42
CA GLY E 8 52.07 27.99 -39.14
C GLY E 8 50.57 28.05 -39.27
N GLU E 9 50.09 28.16 -40.51
CA GLU E 9 48.68 28.04 -40.79
C GLU E 9 48.21 26.63 -40.45
N GLN E 10 46.98 26.51 -39.97
CA GLN E 10 46.55 25.23 -39.42
C GLN E 10 46.37 24.18 -40.51
N GLU E 11 45.35 24.33 -41.35
CA GLU E 11 45.21 23.38 -42.46
C GLU E 11 44.73 23.97 -43.77
N ALA E 12 44.15 25.16 -43.81
CA ALA E 12 43.46 25.68 -44.98
C ALA E 12 42.39 24.69 -45.46
N PHE E 13 41.39 24.47 -44.61
CA PHE E 13 40.37 23.46 -44.85
C PHE E 13 39.59 23.75 -46.13
N ALA E 14 39.26 22.68 -46.85
CA ALA E 14 38.44 22.76 -48.06
C ALA E 14 37.54 21.52 -48.12
N MET E 15 36.26 21.74 -48.39
CA MET E 15 35.31 20.64 -48.45
C MET E 15 35.47 19.83 -49.73
N THR E 16 35.21 18.52 -49.62
CA THR E 16 35.28 17.63 -50.78
C THR E 16 34.17 17.94 -51.78
N VAL E 17 34.50 17.84 -53.06
CA VAL E 17 33.51 18.07 -54.12
C VAL E 17 32.48 16.96 -54.10
N PRO E 18 31.19 17.25 -54.23
CA PRO E 18 30.17 16.20 -54.21
C PRO E 18 30.24 15.27 -55.41
N LEU E 19 30.28 15.85 -56.61
CA LEU E 19 30.31 15.09 -57.85
C LEU E 19 31.48 15.57 -58.69
N LEU E 20 32.28 14.62 -59.18
CA LEU E 20 33.44 14.95 -59.99
C LEU E 20 33.49 14.03 -61.19
N ILE E 21 33.89 14.59 -62.33
CA ILE E 21 34.12 13.81 -63.55
C ILE E 21 35.53 14.11 -64.03
N ASP E 22 36.39 13.10 -63.99
CA ASP E 22 37.78 13.23 -64.43
C ASP E 22 37.93 12.46 -65.74
N VAL E 23 38.21 13.19 -66.82
CA VAL E 23 38.46 12.59 -68.12
C VAL E 23 39.90 12.90 -68.51
N ASP E 24 40.40 12.10 -69.45
CA ASP E 24 41.78 12.27 -69.90
C ASP E 24 41.93 13.57 -70.67
N SER E 25 43.18 14.01 -70.80
CA SER E 25 43.49 15.20 -71.59
C SER E 25 43.47 14.86 -73.07
N SER E 26 43.91 15.80 -73.90
CA SER E 26 43.85 15.71 -75.35
C SER E 26 42.42 15.61 -75.86
N GLN E 27 41.44 15.76 -74.96
CA GLN E 27 40.06 15.98 -75.34
C GLN E 27 39.49 17.20 -74.65
N GLN E 28 40.33 18.03 -74.04
CA GLN E 28 39.89 19.30 -73.49
C GLN E 28 39.31 20.19 -74.58
N GLU E 29 40.07 20.40 -75.65
CA GLU E 29 39.65 21.24 -76.77
C GLU E 29 39.47 20.47 -78.07
N ALA E 30 39.94 19.22 -78.15
CA ALA E 30 39.71 18.44 -79.36
C ALA E 30 38.26 17.98 -79.49
N LEU E 31 37.59 17.71 -78.36
CA LEU E 31 36.18 17.32 -78.38
C LEU E 31 35.50 18.07 -77.23
N GLU E 32 35.04 19.28 -77.53
CA GLU E 32 34.33 20.09 -76.53
C GLU E 32 33.17 20.84 -77.17
N ALA E 33 32.62 20.31 -78.26
CA ALA E 33 31.46 20.91 -78.92
C ALA E 33 30.32 21.15 -77.94
N LEU E 36 29.72 20.13 -74.58
CA LEU E 36 29.86 19.22 -73.45
C LEU E 36 29.41 19.87 -72.15
N ASN E 37 29.46 21.20 -72.11
CA ASN E 37 29.00 21.96 -70.96
C ASN E 37 27.50 22.24 -70.98
N ASP E 38 26.82 21.97 -72.09
CA ASP E 38 25.37 22.08 -72.15
C ASP E 38 24.67 20.74 -72.09
N GLU E 39 25.29 19.68 -72.62
CA GLU E 39 24.69 18.35 -72.56
C GLU E 39 24.58 17.89 -71.12
N LEU E 40 25.60 18.18 -70.30
CA LEU E 40 25.57 17.76 -68.90
C LEU E 40 24.44 18.43 -68.13
N VAL E 41 24.29 19.75 -68.28
CA VAL E 41 23.21 20.43 -67.58
C VAL E 41 21.86 19.96 -68.11
N ARG E 42 21.77 19.69 -69.42
CA ARG E 42 20.51 19.20 -69.97
C ARG E 42 20.12 17.86 -69.35
N VAL E 43 21.07 16.92 -69.28
CA VAL E 43 20.74 15.60 -68.74
C VAL E 43 20.47 15.69 -67.24
N ARG E 44 21.21 16.53 -66.51
CA ARG E 44 20.95 16.71 -65.09
C ARG E 44 19.56 17.28 -64.85
N ARG E 45 19.18 18.30 -65.63
CA ARG E 45 17.86 18.90 -65.48
C ARG E 45 16.76 17.92 -65.83
N ALA E 46 16.96 17.14 -66.90
CA ALA E 46 15.96 16.15 -67.29
C ALA E 46 15.79 15.08 -66.22
N LEU E 47 16.90 14.58 -65.67
CA LEU E 47 16.79 13.57 -64.63
C LEU E 47 16.17 14.13 -63.37
N TYR E 48 16.45 15.40 -63.04
CA TYR E 48 15.79 16.03 -61.91
C TYR E 48 14.29 16.14 -62.14
N LEU E 49 13.89 16.58 -63.33
CA LEU E 49 12.46 16.68 -63.63
C LEU E 49 11.79 15.31 -63.58
N ASP E 50 12.50 14.25 -63.96
CA ASP E 50 11.95 12.91 -63.89
C ASP E 50 11.85 12.43 -62.44
N LEU E 51 12.80 12.81 -61.59
CA LEU E 51 12.87 12.31 -60.22
C LEU E 51 12.57 13.37 -59.18
N GLY E 52 13.22 14.53 -59.25
CA GLY E 52 13.05 15.57 -58.25
C GLY E 52 14.14 15.65 -57.22
N VAL E 53 15.16 14.80 -57.30
CA VAL E 53 16.27 14.85 -56.35
C VAL E 53 17.14 16.07 -56.66
N PRO E 54 17.45 16.92 -55.68
CA PRO E 54 18.29 18.10 -55.96
C PRO E 54 19.74 17.71 -56.15
N PHE E 55 20.10 17.29 -57.36
CA PHE E 55 21.47 16.89 -57.64
C PHE E 55 22.42 18.07 -57.46
N PRO E 56 23.65 17.84 -57.04
CA PRO E 56 24.60 18.93 -56.81
C PRO E 56 25.24 19.40 -58.11
N GLY E 57 26.14 20.36 -57.97
CA GLY E 57 26.90 20.82 -59.13
C GLY E 57 27.92 19.79 -59.56
N ILE E 58 28.20 19.78 -60.87
CA ILE E 58 29.10 18.81 -61.48
C ILE E 58 30.42 19.50 -61.79
N HIS E 59 31.51 18.97 -61.25
CA HIS E 59 32.86 19.49 -61.48
C HIS E 59 33.52 18.66 -62.58
N LEU E 60 33.95 19.34 -63.63
CA LEU E 60 34.60 18.70 -64.77
C LEU E 60 36.05 19.14 -64.82
N ARG E 61 36.96 18.17 -64.83
CA ARG E 61 38.40 18.44 -64.86
C ARG E 61 39.06 17.54 -65.90
N PHE E 62 40.08 18.08 -66.56
CA PHE E 62 40.86 17.35 -67.55
C PHE E 62 42.21 17.02 -66.93
N ASN E 63 42.46 15.73 -66.70
CA ASN E 63 43.70 15.26 -66.10
C ASN E 63 44.53 14.53 -67.15
N GLU E 64 45.79 14.93 -67.28
CA GLU E 64 46.70 14.31 -68.24
C GLU E 64 47.46 13.11 -67.66
N GLY E 65 47.34 12.85 -66.35
CA GLY E 65 48.07 11.76 -65.74
C GLY E 65 47.58 10.38 -66.16
N MET E 66 46.35 10.28 -66.62
CA MET E 66 45.78 9.02 -67.07
C MET E 66 46.05 8.83 -68.56
N GLY E 67 45.37 7.87 -69.18
CA GLY E 67 45.63 7.55 -70.57
C GLY E 67 44.99 8.51 -71.56
N GLU E 68 44.36 7.99 -72.60
CA GLU E 68 43.80 8.80 -73.66
C GLU E 68 42.28 8.81 -73.70
N GLY E 69 41.63 7.74 -73.22
CA GLY E 69 40.18 7.68 -73.25
C GLY E 69 39.56 7.19 -71.96
N GLU E 70 40.24 7.41 -70.84
CA GLU E 70 39.77 6.99 -69.53
C GLU E 70 38.92 8.10 -68.92
N TYR E 71 37.66 7.77 -68.61
CA TYR E 71 36.77 8.68 -67.92
C TYR E 71 36.26 8.03 -66.65
N LEU E 72 36.24 8.80 -65.56
CA LEU E 72 35.76 8.31 -64.27
C LEU E 72 34.80 9.32 -63.66
N ILE E 73 33.71 8.81 -63.10
CA ILE E 73 32.73 9.63 -62.39
C ILE E 73 32.79 9.22 -60.92
N SER E 74 33.05 10.17 -60.04
CA SER E 74 33.26 9.92 -58.63
C SER E 74 32.30 10.76 -57.80
N LEU E 75 31.66 10.12 -56.82
CA LEU E 75 30.77 10.80 -55.88
C LEU E 75 31.52 11.01 -54.57
N GLN E 76 31.74 12.27 -54.20
CA GLN E 76 32.46 12.63 -52.99
C GLN E 76 33.86 12.01 -52.97
N GLU E 77 34.58 12.22 -54.08
CA GLU E 77 35.98 11.78 -54.22
C GLU E 77 36.13 10.28 -54.02
N VAL E 78 35.15 9.51 -54.47
CA VAL E 78 35.29 8.06 -54.51
C VAL E 78 34.76 7.57 -55.87
N PRO E 79 35.58 6.92 -56.69
CA PRO E 79 35.11 6.54 -58.03
C PRO E 79 34.01 5.49 -57.95
N VAL E 80 32.91 5.76 -58.63
CA VAL E 80 31.77 4.85 -58.65
C VAL E 80 31.48 4.28 -60.04
N ALA E 81 31.99 4.88 -61.11
CA ALA E 81 31.73 4.40 -62.47
C ALA E 81 32.96 4.66 -63.32
N ARG E 82 33.63 3.59 -63.71
CA ARG E 82 34.80 3.66 -64.57
C ARG E 82 34.41 3.25 -65.98
N GLY E 83 35.39 3.17 -66.86
CA GLY E 83 35.16 2.79 -68.24
C GLY E 83 36.15 3.50 -69.15
N GLU E 84 36.45 2.86 -70.27
CA GLU E 84 37.39 3.40 -71.24
C GLU E 84 36.62 3.71 -72.53
N LEU E 85 36.85 4.91 -73.06
CA LEU E 85 36.26 5.29 -74.34
C LEU E 85 37.05 4.59 -75.44
N LYS E 86 36.63 3.37 -75.78
CA LYS E 86 37.26 2.64 -76.87
C LYS E 86 37.03 3.32 -78.22
N ALA E 87 36.12 4.28 -78.27
CA ALA E 87 35.96 5.09 -79.48
C ALA E 87 37.28 5.70 -79.91
N GLY E 88 38.01 6.28 -78.95
CA GLY E 88 39.33 6.83 -79.24
C GLY E 88 39.30 7.88 -80.31
N TYR E 89 39.82 7.54 -81.50
CA TYR E 89 39.80 8.46 -82.63
C TYR E 89 38.36 8.76 -83.06
N LEU E 90 37.66 7.77 -83.61
CA LEU E 90 36.28 7.97 -84.05
C LEU E 90 35.40 6.74 -83.92
N LEU E 91 35.82 5.72 -83.17
CA LEU E 91 35.19 4.40 -83.21
C LEU E 91 33.90 4.42 -82.38
N VAL E 92 32.86 5.04 -82.96
CA VAL E 92 31.59 5.17 -82.24
C VAL E 92 31.01 3.80 -81.90
N ARG E 93 30.18 3.77 -80.87
CA ARG E 93 29.68 2.53 -80.30
C ARG E 93 28.22 2.28 -80.69
N GLU E 94 27.79 1.04 -80.46
CA GLU E 94 26.42 0.61 -80.68
C GLU E 94 25.92 -0.13 -79.46
N SER E 95 24.70 0.20 -79.03
CA SER E 95 24.09 -0.47 -77.87
C SER E 95 23.22 -1.63 -78.32
N LEU E 99 22.70 -10.68 -83.55
CA LEU E 99 23.80 -10.85 -84.48
C LEU E 99 23.58 -10.00 -85.73
N GLU E 100 22.79 -8.93 -85.59
CA GLU E 100 22.51 -8.06 -86.73
C GLU E 100 23.76 -7.32 -87.19
N LEU E 101 24.70 -7.06 -86.28
CA LEU E 101 25.95 -6.41 -86.67
C LEU E 101 26.79 -7.31 -87.57
N LEU E 102 26.70 -8.63 -87.40
CA LEU E 102 27.41 -9.54 -88.28
C LEU E 102 26.88 -9.44 -89.71
N GLY E 103 25.56 -9.30 -89.87
CA GLY E 103 24.98 -9.14 -91.19
C GLY E 103 25.23 -7.79 -91.82
N ILE E 104 25.58 -6.79 -91.02
CA ILE E 104 25.90 -5.45 -91.51
C ILE E 104 27.26 -5.05 -90.98
N PRO E 105 28.37 -5.51 -91.60
CA PRO E 105 29.72 -5.20 -91.15
C PRO E 105 30.03 -3.70 -91.17
N PRO E 114 27.87 -1.33 -69.81
CA PRO E 114 27.67 -2.24 -68.68
C PRO E 114 26.27 -2.83 -68.64
N ASP E 115 25.29 -2.11 -69.19
CA ASP E 115 23.91 -2.58 -69.20
C ASP E 115 23.61 -3.45 -70.40
N GLN E 116 23.93 -2.97 -71.60
CA GLN E 116 23.69 -3.71 -72.83
C GLN E 116 25.02 -4.04 -73.50
N GLU E 117 24.96 -4.96 -74.46
CA GLU E 117 26.16 -5.35 -75.18
C GLU E 117 26.69 -4.19 -76.00
N THR E 118 28.01 -4.00 -75.95
CA THR E 118 28.66 -2.85 -76.57
C THR E 118 29.60 -3.31 -77.66
N PHE E 119 29.45 -2.73 -78.85
CA PHE E 119 30.38 -2.92 -79.95
C PHE E 119 30.66 -1.57 -80.59
N TRP E 120 31.89 -1.41 -81.08
CA TRP E 120 32.39 -0.12 -81.57
C TRP E 120 32.63 -0.21 -83.08
N VAL E 121 32.17 0.80 -83.82
CA VAL E 121 32.34 0.83 -85.26
C VAL E 121 32.88 2.20 -85.66
N SER E 122 33.56 2.24 -86.81
CA SER E 122 34.15 3.47 -87.31
C SER E 122 33.08 4.37 -87.93
N VAL E 123 33.45 5.63 -88.19
CA VAL E 123 32.50 6.58 -88.75
C VAL E 123 32.26 6.36 -90.24
N GLU E 124 33.17 5.67 -90.94
CA GLU E 124 32.88 5.34 -92.33
C GLU E 124 31.75 4.33 -92.43
N TYR E 125 31.63 3.44 -91.44
CA TYR E 125 30.49 2.54 -91.36
C TYR E 125 29.27 3.20 -90.74
N GLU E 126 29.44 4.39 -90.15
CA GLU E 126 28.36 5.04 -89.41
C GLU E 126 27.21 5.42 -90.33
N GLU E 127 27.52 5.91 -91.53
CA GLU E 127 26.47 6.32 -92.45
C GLU E 127 25.60 5.14 -92.84
N ARG E 128 26.23 4.04 -93.27
CA ARG E 128 25.46 2.88 -93.71
C ARG E 128 24.76 2.19 -92.53
N LEU E 129 25.33 2.27 -91.33
CA LEU E 129 24.66 1.68 -90.18
C LEU E 129 23.48 2.51 -89.71
N GLU E 130 23.57 3.85 -89.80
CA GLU E 130 22.42 4.69 -89.47
C GLU E 130 21.36 4.67 -90.56
N LYS E 131 21.73 4.33 -91.79
CA LYS E 131 20.72 4.02 -92.80
C LYS E 131 19.93 2.78 -92.40
N SER E 132 20.57 1.85 -91.68
CA SER E 132 19.87 0.70 -91.11
C SER E 132 19.25 1.02 -89.75
N GLN E 133 19.50 2.20 -89.21
CA GLN E 133 19.01 2.60 -87.89
C GLN E 133 19.40 1.60 -86.80
N GLU E 135 21.35 2.17 -82.19
CA GLU E 135 21.57 3.28 -81.26
C GLU E 135 23.00 3.79 -81.37
N PHE E 136 23.15 5.07 -81.70
CA PHE E 136 24.45 5.71 -81.94
C PHE E 136 24.79 6.63 -80.78
N PHE E 137 25.55 6.12 -79.82
CA PHE E 137 26.00 6.91 -78.68
C PHE E 137 27.37 7.50 -78.98
N SER E 138 27.45 8.83 -79.07
CA SER E 138 28.72 9.51 -79.26
C SER E 138 29.42 9.65 -77.91
N HIS E 139 30.54 10.39 -77.88
CA HIS E 139 31.26 10.58 -76.63
C HIS E 139 30.39 11.29 -75.60
N SER E 140 29.75 12.38 -76.01
CA SER E 140 28.84 13.08 -75.11
C SER E 140 27.70 12.18 -74.68
N GLN E 141 27.15 11.40 -75.62
CA GLN E 141 26.02 10.55 -75.30
C GLN E 141 26.40 9.44 -74.30
N VAL E 142 27.55 8.80 -74.49
CA VAL E 142 27.94 7.74 -73.57
C VAL E 142 28.31 8.32 -72.21
N LEU E 143 28.99 9.47 -72.19
CA LEU E 143 29.34 10.10 -70.93
C LEU E 143 28.08 10.47 -70.14
N THR E 144 27.10 11.07 -70.82
CA THR E 144 25.86 11.44 -70.15
C THR E 144 25.05 10.21 -69.78
N TRP E 145 25.16 9.13 -70.55
CA TRP E 145 24.49 7.88 -70.20
C TRP E 145 25.02 7.33 -68.88
N HIS E 146 26.35 7.29 -68.73
CA HIS E 146 26.93 6.84 -67.47
C HIS E 146 26.58 7.79 -66.33
N LEU E 147 26.61 9.10 -66.59
CA LEU E 147 26.25 10.07 -65.56
C LEU E 147 24.81 9.87 -65.10
N SER E 148 23.89 9.69 -66.05
CA SER E 148 22.49 9.50 -65.71
C SER E 148 22.28 8.19 -64.95
N HIS E 149 22.96 7.11 -65.36
CA HIS E 149 22.83 5.86 -64.65
C HIS E 149 23.33 5.99 -63.22
N VAL E 150 24.46 6.68 -63.03
CA VAL E 150 25.00 6.89 -61.68
C VAL E 150 24.02 7.70 -60.83
N LEU E 151 23.50 8.79 -61.39
CA LEU E 151 22.59 9.64 -60.62
C LEU E 151 21.31 8.91 -60.27
N ARG E 152 20.79 8.10 -61.19
CA ARG E 152 19.55 7.38 -60.91
C ARG E 152 19.77 6.29 -59.86
N GLU E 153 20.87 5.53 -59.98
CA GLU E 153 21.10 4.44 -59.05
C GLU E 153 21.74 4.88 -57.74
N TYR E 154 22.23 6.12 -57.65
CA TYR E 154 22.86 6.62 -56.44
C TYR E 154 22.24 7.94 -55.98
N ALA E 155 20.95 8.12 -56.25
CA ALA E 155 20.29 9.35 -55.84
C ALA E 155 20.10 9.44 -54.34
N GLU E 156 20.07 8.30 -53.64
CA GLU E 156 19.87 8.31 -52.20
C GLU E 156 20.95 9.10 -51.48
N ASP E 157 22.16 9.14 -52.02
CA ASP E 157 23.25 9.89 -51.40
C ASP E 157 23.15 11.39 -51.65
N PHE E 158 22.23 11.84 -52.49
CA PHE E 158 22.06 13.26 -52.75
C PHE E 158 20.91 13.88 -51.95
N ILE E 159 20.28 13.12 -51.07
CA ILE E 159 19.19 13.65 -50.25
C ILE E 159 19.64 13.69 -48.79
N GLY E 160 20.17 14.83 -48.36
CA GLY E 160 20.57 15.04 -47.00
C GLY E 160 19.63 15.97 -46.27
N ILE E 161 19.99 16.25 -45.01
CA ILE E 161 19.21 17.21 -44.23
C ILE E 161 19.25 18.58 -44.89
N GLN E 162 20.42 18.98 -45.39
CA GLN E 162 20.51 20.27 -46.06
C GLN E 162 19.64 20.31 -47.31
N GLU E 163 19.62 19.22 -48.09
CA GLU E 163 18.82 19.20 -49.31
C GLU E 163 17.32 19.30 -49.01
N THR E 164 16.85 18.53 -48.02
CA THR E 164 15.43 18.60 -47.66
C THR E 164 15.08 19.97 -47.09
N ARG E 165 15.97 20.57 -46.30
CA ARG E 165 15.71 21.90 -45.79
C ARG E 165 15.66 22.92 -46.92
N TYR E 166 16.52 22.77 -47.92
CA TYR E 166 16.47 23.64 -49.09
C TYR E 166 15.15 23.47 -49.84
N LEU E 167 14.68 22.24 -49.98
CA LEU E 167 13.39 22.01 -50.64
C LEU E 167 12.26 22.68 -49.86
N LEU E 168 12.28 22.56 -48.53
CA LEU E 168 11.26 23.19 -47.71
C LEU E 168 11.32 24.71 -47.80
N GLU E 169 12.54 25.28 -47.76
CA GLU E 169 12.69 26.73 -47.83
C GLU E 169 12.29 27.26 -49.20
N GLN E 170 12.46 26.47 -50.26
CA GLN E 170 12.08 26.92 -51.59
C GLN E 170 10.57 26.96 -51.77
N MET E 171 9.83 26.15 -51.00
CA MET E 171 8.39 26.09 -51.09
C MET E 171 7.68 26.91 -50.03
N GLU E 172 8.41 27.73 -49.27
CA GLU E 172 7.77 28.53 -48.23
C GLU E 172 6.80 29.53 -48.83
N GLY E 173 7.17 30.16 -49.95
CA GLY E 173 6.25 31.09 -50.60
C GLY E 173 5.00 30.41 -51.11
N GLY E 174 5.15 29.20 -51.65
CA GLY E 174 4.02 28.47 -52.19
C GLY E 174 3.05 27.98 -51.12
N TYR E 175 3.51 27.07 -50.26
CA TYR E 175 2.69 26.46 -49.21
C TYR E 175 3.38 26.68 -47.88
N GLY E 176 3.09 27.81 -47.23
CA GLY E 176 3.75 28.12 -45.97
C GLY E 176 3.19 27.29 -44.82
N GLU E 177 1.86 27.33 -44.64
CA GLU E 177 1.25 26.61 -43.52
C GLU E 177 1.42 25.11 -43.64
N LEU E 178 1.41 24.56 -44.86
CA LEU E 178 1.64 23.13 -45.02
C LEU E 178 3.02 22.73 -44.51
N ILE E 179 4.04 23.52 -44.86
CA ILE E 179 5.39 23.24 -44.38
C ILE E 179 5.48 23.43 -42.87
N LYS E 180 4.83 24.48 -42.35
CA LYS E 180 4.87 24.74 -40.92
C LYS E 180 4.22 23.60 -40.14
N GLU E 181 3.16 23.02 -40.68
CA GLU E 181 2.50 21.89 -40.01
C GLU E 181 3.34 20.62 -40.13
N VAL E 182 3.87 20.33 -41.32
CA VAL E 182 4.61 19.09 -41.50
C VAL E 182 5.90 19.12 -40.69
N GLN E 183 6.50 20.30 -40.50
CA GLN E 183 7.68 20.39 -39.64
C GLN E 183 7.34 20.08 -38.19
N ARG E 184 6.20 20.57 -37.71
CA ARG E 184 5.80 20.29 -36.33
C ARG E 184 5.32 18.85 -36.14
N ILE E 185 4.93 18.17 -37.22
CA ILE E 185 4.44 16.81 -37.11
C ILE E 185 5.59 15.79 -37.15
N VAL E 186 6.51 15.93 -38.09
CA VAL E 186 7.61 14.98 -38.24
C VAL E 186 8.94 15.73 -38.26
N PRO E 187 10.02 15.13 -37.78
CA PRO E 187 11.33 15.82 -37.78
C PRO E 187 12.02 15.74 -39.14
N LEU E 188 13.14 16.45 -39.23
CA LEU E 188 13.90 16.47 -40.48
C LEU E 188 14.51 15.12 -40.79
N GLN E 189 14.99 14.40 -39.78
CA GLN E 189 15.64 13.12 -40.02
C GLN E 189 14.67 12.10 -40.61
N ARG E 190 13.48 11.96 -40.01
CA ARG E 190 12.50 11.02 -40.54
C ARG E 190 12.04 11.42 -41.92
N MET E 191 11.81 12.72 -42.14
CA MET E 191 11.37 13.19 -43.45
C MET E 191 12.41 12.91 -44.53
N THR E 192 13.68 13.18 -44.22
CA THR E 192 14.75 12.92 -45.18
C THR E 192 14.90 11.42 -45.45
N GLU E 193 14.79 10.60 -44.40
CA GLU E 193 14.88 9.15 -44.60
C GLU E 193 13.72 8.65 -45.46
N ILE E 194 12.53 9.20 -45.26
CA ILE E 194 11.38 8.83 -46.08
C ILE E 194 11.62 9.21 -47.53
N LEU E 195 12.14 10.42 -47.77
CA LEU E 195 12.42 10.83 -49.15
C LEU E 195 13.46 9.92 -49.79
N GLN E 196 14.50 9.56 -49.04
CA GLN E 196 15.52 8.65 -49.57
C GLN E 196 14.92 7.28 -49.90
N ARG E 197 14.07 6.77 -49.01
CA ARG E 197 13.44 5.46 -49.26
C ARG E 197 12.53 5.52 -50.47
N LEU E 198 11.80 6.63 -50.64
CA LEU E 198 10.95 6.80 -51.82
C LEU E 198 11.77 6.81 -53.09
N VAL E 199 12.89 7.55 -53.10
CA VAL E 199 13.71 7.62 -54.30
C VAL E 199 14.38 6.28 -54.58
N GLY E 200 14.68 5.52 -53.53
CA GLY E 200 15.26 4.19 -53.73
C GLY E 200 14.38 3.25 -54.50
N GLU E 201 13.08 3.53 -54.58
CA GLU E 201 12.14 2.74 -55.37
C GLU E 201 11.81 3.40 -56.71
N ASP E 202 12.62 4.37 -57.13
CA ASP E 202 12.41 5.12 -58.38
C ASP E 202 11.10 5.90 -58.36
N ILE E 203 10.65 6.29 -57.17
CA ILE E 203 9.45 7.12 -57.01
C ILE E 203 9.88 8.58 -56.99
N SER E 204 9.26 9.40 -57.83
CA SER E 204 9.70 10.77 -58.01
C SER E 204 9.32 11.63 -56.82
N ILE E 205 10.28 12.45 -56.37
CA ILE E 205 9.99 13.46 -55.35
C ILE E 205 9.27 14.66 -55.93
N ARG E 206 9.36 14.86 -57.25
CA ARG E 206 8.89 16.07 -57.93
C ARG E 206 7.55 16.59 -57.41
N ASN E 207 6.57 15.70 -57.25
CA ASN E 207 5.24 16.08 -56.76
C ASN E 207 5.27 16.14 -55.23
N MET E 208 5.79 17.26 -54.72
CA MET E 208 6.00 17.41 -53.28
C MET E 208 4.71 17.72 -52.53
N ARG E 209 3.71 18.29 -53.18
CA ARG E 209 2.49 18.69 -52.48
C ARG E 209 1.77 17.47 -51.89
N SER E 210 1.53 16.46 -52.72
CA SER E 210 0.85 15.27 -52.23
C SER E 210 1.69 14.54 -51.20
N ILE E 211 3.01 14.54 -51.37
CA ILE E 211 3.90 13.89 -50.40
C ILE E 211 3.78 14.57 -49.04
N LEU E 212 3.79 15.91 -49.03
CA LEU E 212 3.67 16.63 -47.77
C LEU E 212 2.29 16.43 -47.14
N GLU E 213 1.23 16.42 -47.96
CA GLU E 213 -0.10 16.17 -47.42
C GLU E 213 -0.21 14.78 -46.81
N ALA E 214 0.35 13.77 -47.48
CA ALA E 214 0.35 12.43 -46.93
C ALA E 214 1.19 12.37 -45.66
N MET E 215 2.31 13.08 -45.63
CA MET E 215 3.14 13.14 -44.44
C MET E 215 2.36 13.71 -43.26
N VAL E 216 1.61 14.79 -43.49
CA VAL E 216 0.78 15.37 -42.44
C VAL E 216 -0.29 14.39 -41.99
N GLU E 217 -0.95 13.75 -42.96
CA GLU E 217 -2.09 12.89 -42.63
C GLU E 217 -1.67 11.64 -41.87
N TRP E 218 -0.53 11.04 -42.22
CA TRP E 218 -0.16 9.75 -41.67
C TRP E 218 0.97 9.81 -40.63
N GLY E 219 1.60 10.97 -40.43
CA GLY E 219 2.68 11.05 -39.47
C GLY E 219 2.22 11.02 -38.03
N GLN E 220 0.98 11.42 -37.77
CA GLN E 220 0.45 11.39 -36.41
C GLN E 220 0.04 10.00 -35.96
N LYS E 221 -0.20 9.08 -36.88
CA LYS E 221 -0.69 7.75 -36.55
C LYS E 221 0.41 6.70 -36.49
N GLU E 222 1.37 6.74 -37.41
CA GLU E 222 2.44 5.75 -37.48
C GLU E 222 3.77 6.42 -37.21
N LYS E 223 4.61 5.75 -36.41
CA LYS E 223 5.95 6.22 -36.11
C LYS E 223 7.05 5.40 -36.77
N ASP E 224 6.78 4.15 -37.13
CA ASP E 224 7.76 3.35 -37.84
C ASP E 224 7.99 3.90 -39.24
N VAL E 225 9.26 3.96 -39.64
CA VAL E 225 9.61 4.56 -40.93
C VAL E 225 9.07 3.72 -42.08
N VAL E 226 9.12 2.39 -41.94
CA VAL E 226 8.68 1.51 -43.03
C VAL E 226 7.19 1.69 -43.29
N GLN E 227 6.36 1.64 -42.25
CA GLN E 227 4.92 1.78 -42.44
C GLN E 227 4.57 3.17 -42.95
N LEU E 228 5.23 4.21 -42.42
CA LEU E 228 4.94 5.57 -42.86
C LEU E 228 5.29 5.76 -44.32
N THR E 229 6.44 5.24 -44.76
CA THR E 229 6.80 5.38 -46.17
C THR E 229 5.92 4.51 -47.05
N GLU E 230 5.43 3.38 -46.55
CA GLU E 230 4.46 2.60 -47.31
C GLU E 230 3.16 3.37 -47.49
N TYR E 231 2.70 4.05 -46.44
CA TYR E 231 1.51 4.88 -46.56
C TYR E 231 1.73 6.02 -47.56
N ILE E 232 2.91 6.64 -47.53
CA ILE E 232 3.18 7.72 -48.48
C ILE E 232 3.25 7.18 -49.90
N ARG E 233 3.77 5.96 -50.08
CA ARG E 233 3.72 5.31 -51.38
C ARG E 233 2.29 5.08 -51.83
N SER E 234 1.45 4.57 -50.92
CA SER E 234 0.04 4.36 -51.23
C SER E 234 -0.69 5.66 -51.53
N SER E 235 -0.14 6.79 -51.08
CA SER E 235 -0.70 8.09 -51.41
C SER E 235 -0.45 8.50 -52.85
N LEU E 236 0.33 7.72 -53.60
CA LEU E 236 0.65 8.05 -54.99
C LEU E 236 0.08 6.99 -55.93
N LYS E 237 -1.18 6.61 -55.71
CA LYS E 237 -1.78 5.52 -56.47
C LYS E 237 -1.74 5.79 -57.98
N ARG E 238 -2.23 6.95 -58.39
CA ARG E 238 -2.33 7.23 -59.82
C ARG E 238 -0.96 7.43 -60.45
N TYR E 239 -0.01 8.03 -59.72
CA TYR E 239 1.34 8.18 -60.25
C TYR E 239 1.98 6.81 -60.48
N ILE E 240 1.87 5.91 -59.51
CA ILE E 240 2.44 4.58 -59.67
C ILE E 240 1.74 3.84 -60.81
N CYS E 241 0.41 3.96 -60.89
CA CYS E 241 -0.35 3.28 -61.93
C CYS E 241 0.09 3.75 -63.31
N TYR E 242 0.25 5.06 -63.50
CA TYR E 242 0.67 5.56 -64.81
C TYR E 242 2.12 5.20 -65.11
N LYS E 243 2.99 5.23 -64.08
CA LYS E 243 4.40 4.95 -64.31
C LYS E 243 4.65 3.49 -64.68
N TYR E 244 3.92 2.57 -64.07
CA TYR E 244 4.17 1.14 -64.27
C TYR E 244 3.20 0.47 -65.25
N ALA E 245 2.20 1.19 -65.77
CA ALA E 245 1.24 0.62 -66.70
C ALA E 245 1.16 1.55 -67.92
N ASN E 246 2.04 1.32 -68.90
CA ASN E 246 2.03 2.11 -70.12
C ASN E 246 0.81 1.82 -70.99
N GLY E 247 0.17 0.67 -70.81
CA GLY E 247 -1.02 0.33 -71.56
C GLY E 247 -2.25 1.06 -71.08
N ASN E 248 -3.42 0.48 -71.30
CA ASN E 248 -4.70 1.12 -70.99
C ASN E 248 -5.24 0.45 -69.73
N ASN E 249 -4.76 0.94 -68.59
CA ASN E 249 -5.14 0.41 -67.28
C ASN E 249 -4.84 -1.08 -67.15
N ILE E 250 -3.88 -1.57 -67.92
CA ILE E 250 -3.45 -2.96 -67.85
C ILE E 250 -2.11 -2.98 -67.13
N LEU E 251 -2.04 -3.74 -66.05
CA LEU E 251 -0.83 -3.84 -65.24
C LEU E 251 -0.41 -5.29 -65.09
N PRO E 252 0.68 -5.72 -65.72
CA PRO E 252 1.17 -7.09 -65.50
C PRO E 252 1.54 -7.30 -64.05
N ALA E 253 1.15 -8.45 -63.51
CA ALA E 253 1.34 -8.74 -62.10
C ALA E 253 1.88 -10.14 -61.91
N TYR E 254 2.62 -10.33 -60.81
CA TYR E 254 3.16 -11.61 -60.39
C TYR E 254 2.76 -11.89 -58.95
N LEU E 255 1.47 -11.75 -58.67
CA LEU E 255 0.95 -11.77 -57.31
C LEU E 255 1.44 -12.99 -56.53
N PHE E 256 1.61 -12.79 -55.23
CA PHE E 256 2.11 -13.81 -54.33
C PHE E 256 0.95 -14.58 -53.69
N ASP E 257 1.20 -15.85 -53.41
CA ASP E 257 0.23 -16.65 -52.68
C ASP E 257 0.16 -16.22 -51.22
N GLN E 258 -0.97 -16.53 -50.58
CA GLN E 258 -1.15 -16.16 -49.18
C GLN E 258 -0.14 -16.86 -48.28
N GLU E 259 0.18 -18.12 -48.58
CA GLU E 259 1.13 -18.86 -47.75
C GLU E 259 2.51 -18.20 -47.77
N VAL E 260 2.99 -17.81 -48.96
CA VAL E 260 4.30 -17.18 -49.06
C VAL E 260 4.31 -15.84 -48.33
N GLU E 261 3.25 -15.05 -48.49
CA GLU E 261 3.17 -13.77 -47.79
C GLU E 261 3.20 -13.96 -46.29
N GLU E 262 2.46 -14.95 -45.79
CA GLU E 262 2.46 -15.22 -44.34
C GLU E 262 3.84 -15.67 -43.86
N LYS E 263 4.51 -16.53 -44.64
CA LYS E 263 5.84 -16.98 -44.28
C LYS E 263 6.82 -15.82 -44.23
N ILE E 264 6.74 -14.91 -45.20
CA ILE E 264 7.60 -13.73 -45.19
C ILE E 264 7.29 -12.84 -43.99
N ARG E 265 6.01 -12.61 -43.71
CA ARG E 265 5.61 -11.75 -42.59
C ARG E 265 5.99 -12.35 -41.24
N SER E 266 6.15 -13.67 -41.16
CA SER E 266 6.43 -14.32 -39.89
C SER E 266 7.77 -13.93 -39.29
N ARG E 267 8.66 -13.29 -40.04
CA ARG E 267 10.00 -12.94 -39.57
C ARG E 267 10.29 -11.46 -39.81
N VAL E 268 9.38 -10.58 -39.37
CA VAL E 268 9.58 -9.15 -39.55
C VAL E 268 10.74 -8.64 -38.69
N ARG E 269 10.80 -9.08 -37.43
CA ARG E 269 11.92 -8.81 -36.52
C ARG E 269 12.18 -7.30 -36.35
N GLN E 270 11.20 -6.63 -35.77
CA GLN E 270 11.29 -5.18 -35.50
C GLN E 270 11.92 -4.94 -34.13
N THR E 271 13.18 -5.33 -33.98
CA THR E 271 13.81 -5.34 -32.67
C THR E 271 14.51 -4.03 -32.33
N SER E 272 15.53 -3.64 -33.10
CA SER E 272 16.33 -2.44 -32.78
C SER E 272 16.41 -1.54 -34.00
N ALA E 273 15.36 -0.75 -34.20
CA ALA E 273 15.23 0.19 -35.31
C ALA E 273 15.89 -0.27 -36.60
N GLY E 274 15.70 -1.53 -36.98
CA GLY E 274 16.18 -2.00 -38.26
C GLY E 274 15.17 -2.82 -39.03
N SER E 275 14.21 -3.39 -38.32
CA SER E 275 13.15 -4.22 -38.90
C SER E 275 13.73 -5.18 -39.94
N TYR E 276 14.86 -5.81 -39.62
CA TYR E 276 15.52 -6.66 -40.60
C TYR E 276 14.73 -7.95 -40.84
N LEU E 277 14.72 -8.38 -42.09
CA LEU E 277 14.00 -9.59 -42.50
C LEU E 277 14.99 -10.74 -42.58
N ALA E 278 15.19 -11.43 -41.46
CA ALA E 278 16.08 -12.59 -41.40
C ALA E 278 15.22 -13.79 -40.99
N LEU E 279 14.88 -14.65 -41.94
CA LEU E 279 14.09 -15.82 -41.59
C LEU E 279 14.97 -17.04 -41.33
N ASP E 280 15.43 -17.67 -42.41
CA ASP E 280 16.41 -18.73 -42.39
C ASP E 280 17.06 -18.69 -43.76
N PRO E 281 18.38 -18.82 -43.86
CA PRO E 281 19.01 -18.82 -45.19
C PRO E 281 18.43 -19.87 -46.12
N ALA E 282 18.11 -21.06 -45.59
CA ALA E 282 17.48 -22.09 -46.41
C ALA E 282 16.09 -21.66 -46.84
N VAL E 283 15.34 -21.01 -45.95
CA VAL E 283 13.98 -20.58 -46.30
C VAL E 283 14.01 -19.51 -47.39
N THR E 284 14.90 -18.52 -47.26
CA THR E 284 15.01 -17.52 -48.31
C THR E 284 15.51 -18.14 -49.61
N GLU E 285 16.41 -19.13 -49.52
CA GLU E 285 16.84 -19.82 -50.73
C GLU E 285 15.68 -20.53 -51.41
N SER E 286 14.83 -21.20 -50.63
CA SER E 286 13.67 -21.90 -51.20
C SER E 286 12.69 -20.91 -51.84
N LEU E 287 12.41 -19.80 -51.15
CA LEU E 287 11.50 -18.81 -51.70
C LEU E 287 12.06 -18.20 -52.99
N LEU E 288 13.36 -17.91 -53.00
CA LEU E 288 13.99 -17.37 -54.20
C LEU E 288 13.97 -18.38 -55.34
N GLU E 289 14.15 -19.66 -55.03
CA GLU E 289 14.05 -20.70 -56.05
C GLU E 289 12.63 -20.75 -56.62
N GLN E 290 11.62 -20.66 -55.76
CA GLN E 290 10.24 -20.65 -56.23
C GLN E 290 9.96 -19.44 -57.12
N VAL E 291 10.48 -18.27 -56.73
CA VAL E 291 10.33 -17.07 -57.54
C VAL E 291 11.02 -17.25 -58.89
N ARG E 292 12.21 -17.84 -58.87
CA ARG E 292 12.96 -18.09 -60.10
C ARG E 292 12.21 -19.05 -61.02
N LYS E 293 11.53 -20.04 -60.45
CA LYS E 293 10.76 -20.98 -61.27
C LYS E 293 9.65 -20.26 -62.03
N THR E 294 8.97 -19.33 -61.36
CA THR E 294 7.93 -18.54 -61.99
C THR E 294 8.59 -17.47 -62.87
N ILE E 295 7.80 -16.48 -63.30
CA ILE E 295 8.30 -15.40 -64.15
C ILE E 295 8.83 -15.95 -65.47
N LEU E 298 15.76 -12.59 -67.55
CA LEU E 298 14.47 -12.54 -68.22
C LEU E 298 14.45 -11.45 -69.28
N SER E 299 15.50 -11.40 -70.10
CA SER E 299 15.61 -10.39 -71.15
C SER E 299 14.49 -10.50 -72.18
N GLN E 300 13.88 -11.69 -72.31
CA GLN E 300 12.77 -11.85 -73.24
C GLN E 300 11.52 -11.11 -72.79
N ILE E 301 11.44 -10.73 -71.52
CA ILE E 301 10.27 -10.07 -70.97
C ILE E 301 10.37 -8.57 -71.23
N GLN E 302 9.26 -7.96 -71.64
CA GLN E 302 9.21 -6.54 -71.93
C GLN E 302 8.07 -5.88 -71.16
N SER E 303 7.76 -4.62 -71.49
CA SER E 303 6.65 -3.86 -70.93
C SER E 303 6.76 -3.64 -69.42
N LYS E 304 7.89 -4.01 -68.81
CA LYS E 304 8.19 -3.78 -67.41
C LYS E 304 7.12 -4.38 -66.49
N PRO E 305 7.08 -5.70 -66.33
CA PRO E 305 6.15 -6.29 -65.36
C PRO E 305 6.54 -5.91 -63.95
N VAL E 306 5.54 -5.83 -63.08
CA VAL E 306 5.74 -5.41 -61.70
C VAL E 306 5.19 -6.48 -60.76
N LEU E 307 5.89 -6.70 -59.65
CA LEU E 307 5.42 -7.58 -58.60
C LEU E 307 4.44 -6.83 -57.70
N ILE E 308 3.32 -7.46 -57.37
CA ILE E 308 2.31 -6.87 -56.50
C ILE E 308 2.10 -7.80 -55.32
N VAL E 309 2.25 -7.27 -54.11
CA VAL E 309 2.19 -8.05 -52.89
C VAL E 309 1.51 -7.20 -51.81
N SER E 310 1.24 -7.83 -50.67
CA SER E 310 0.62 -7.12 -49.55
C SER E 310 1.50 -5.97 -49.09
N MET E 311 0.86 -4.87 -48.69
CA MET E 311 1.59 -3.64 -48.38
C MET E 311 2.52 -3.83 -47.18
N ASP E 312 2.04 -4.49 -46.12
CA ASP E 312 2.78 -4.53 -44.87
C ASP E 312 4.16 -5.17 -45.01
N ILE E 313 4.38 -5.97 -46.05
CA ILE E 313 5.64 -6.64 -46.27
C ILE E 313 6.31 -6.22 -47.57
N ARG E 314 5.75 -5.21 -48.26
CA ARG E 314 6.22 -4.88 -49.61
C ARG E 314 7.71 -4.64 -49.63
N ARG E 315 8.19 -3.72 -48.78
CA ARG E 315 9.63 -3.44 -48.73
C ARG E 315 10.41 -4.70 -48.38
N TYR E 316 9.90 -5.48 -47.43
CA TYR E 316 10.58 -6.72 -47.06
C TYR E 316 10.70 -7.66 -48.25
N VAL E 317 9.71 -7.66 -49.14
CA VAL E 317 9.82 -8.48 -50.35
C VAL E 317 10.86 -7.88 -51.30
N ARG E 318 10.87 -6.56 -51.43
CA ARG E 318 11.75 -5.91 -52.40
C ARG E 318 13.21 -6.24 -52.13
N LYS E 319 13.67 -6.01 -50.90
CA LYS E 319 15.04 -6.32 -50.55
C LYS E 319 15.32 -7.81 -50.64
N LEU E 320 14.28 -8.65 -50.59
CA LEU E 320 14.50 -10.08 -50.78
C LEU E 320 14.86 -10.39 -52.22
N ILE E 321 14.32 -9.65 -53.18
CA ILE E 321 14.56 -9.90 -54.59
C ILE E 321 15.47 -8.84 -55.21
N GLU E 322 15.99 -7.92 -54.40
CA GLU E 322 16.88 -6.90 -54.92
C GLU E 322 18.20 -7.49 -55.43
N SER E 323 18.62 -8.62 -54.85
CA SER E 323 19.88 -9.23 -55.25
C SER E 323 19.82 -9.75 -56.68
N GLU E 324 18.75 -10.47 -57.02
CA GLU E 324 18.63 -11.06 -58.35
C GLU E 324 17.84 -10.17 -59.31
N TYR E 325 16.60 -9.86 -58.96
CA TYR E 325 15.70 -9.10 -59.82
C TYR E 325 15.70 -7.64 -59.38
N TYR E 326 16.79 -6.94 -59.70
CA TYR E 326 16.85 -5.51 -59.42
C TYR E 326 15.89 -4.71 -60.29
N GLY E 327 15.52 -5.23 -61.45
CA GLY E 327 14.55 -4.58 -62.32
C GLY E 327 13.14 -4.57 -61.77
N LEU E 328 12.50 -5.74 -61.78
CA LEU E 328 11.13 -5.98 -61.31
C LEU E 328 10.79 -5.17 -60.06
N PRO E 329 9.89 -4.19 -60.17
CA PRO E 329 9.47 -3.43 -58.99
C PRO E 329 8.50 -4.24 -58.14
N VAL E 330 8.33 -3.78 -56.90
CA VAL E 330 7.39 -4.38 -55.96
C VAL E 330 6.37 -3.32 -55.56
N LEU E 331 5.09 -3.66 -55.65
CA LEU E 331 4.01 -2.73 -55.39
C LEU E 331 3.07 -3.30 -54.33
N SER E 332 2.35 -2.40 -53.67
CA SER E 332 1.38 -2.76 -52.65
C SER E 332 -0.03 -2.75 -53.22
N TYR E 333 -0.90 -3.58 -52.62
CA TYR E 333 -2.30 -3.58 -53.02
C TYR E 333 -2.95 -2.23 -52.75
N GLN E 334 -2.58 -1.58 -51.64
CA GLN E 334 -3.10 -0.24 -51.37
C GLN E 334 -2.63 0.76 -52.40
N GLU E 335 -1.40 0.59 -52.91
CA GLU E 335 -0.88 1.52 -53.92
C GLU E 335 -1.65 1.45 -55.22
N LEU E 336 -2.37 0.37 -55.46
CA LEU E 336 -3.14 0.23 -56.69
C LEU E 336 -4.45 0.99 -56.56
N THR E 337 -4.67 1.96 -57.44
CA THR E 337 -5.96 2.62 -57.51
C THR E 337 -6.95 1.72 -58.24
N GLN E 338 -8.21 2.17 -58.35
CA GLN E 338 -9.20 1.37 -59.04
C GLN E 338 -9.08 1.57 -60.54
N GLN E 339 -10.14 1.22 -61.28
CA GLN E 339 -10.13 1.19 -62.74
C GLN E 339 -8.79 0.74 -63.31
N ILE E 340 -8.31 -0.40 -62.81
CA ILE E 340 -7.09 -1.03 -63.30
C ILE E 340 -7.41 -2.50 -63.57
N ASN E 341 -7.06 -2.96 -64.77
CA ASN E 341 -7.23 -4.37 -65.12
C ASN E 341 -5.93 -5.09 -64.80
N ILE E 342 -5.84 -5.63 -63.58
CA ILE E 342 -4.66 -6.37 -63.16
C ILE E 342 -4.70 -7.75 -63.79
N GLN E 343 -3.71 -8.05 -64.63
CA GLN E 343 -3.66 -9.34 -65.29
C GLN E 343 -2.62 -10.21 -64.60
N PRO E 344 -3.03 -11.28 -63.90
CA PRO E 344 -2.08 -12.12 -63.17
C PRO E 344 -1.33 -13.05 -64.10
N LEU E 345 -0.03 -12.78 -64.27
CA LEU E 345 0.80 -13.66 -65.08
C LEU E 345 1.07 -14.98 -64.39
N GLY E 346 0.94 -15.04 -63.06
CA GLY E 346 1.15 -16.27 -62.32
C GLY E 346 1.34 -16.05 -60.83
N ARG E 347 0.78 -16.94 -60.02
CA ARG E 347 0.91 -16.86 -58.56
C ARG E 347 2.17 -17.60 -58.13
N VAL E 348 2.95 -16.97 -57.24
CA VAL E 348 4.16 -17.59 -56.71
C VAL E 348 3.73 -18.60 -55.65
N CYS E 349 3.64 -19.87 -56.04
CA CYS E 349 3.20 -20.91 -55.14
C CYS E 349 4.33 -21.32 -54.18
N LEU E 350 3.99 -22.17 -53.23
CA LEU E 350 4.96 -22.65 -52.25
C LEU E 350 5.20 -24.15 -52.44
N LYS F 4 60.67 41.03 -20.48
CA LYS F 4 61.55 40.21 -19.66
C LYS F 4 60.94 39.97 -18.28
N GLY F 5 61.39 38.89 -17.63
CA GLY F 5 60.82 38.51 -16.35
C GLY F 5 61.51 39.12 -15.15
N ARG F 6 60.89 40.14 -14.56
CA ARG F 6 61.37 40.68 -13.30
C ARG F 6 61.06 39.70 -12.17
N LEU F 7 61.56 40.00 -10.97
CA LEU F 7 61.29 39.18 -9.81
C LEU F 7 60.01 39.60 -9.09
N GLY F 8 59.06 40.15 -9.83
CA GLY F 8 57.74 40.48 -9.32
C GLY F 8 56.68 39.97 -10.26
N GLU F 9 57.08 39.72 -11.51
CA GLU F 9 56.19 39.07 -12.47
C GLU F 9 55.90 37.65 -12.03
N GLN F 10 54.68 37.19 -12.27
CA GLN F 10 54.28 35.90 -11.71
C GLN F 10 54.95 34.77 -12.46
N GLU F 11 54.57 34.54 -13.72
CA GLU F 11 55.27 33.53 -14.52
C GLU F 11 55.49 33.89 -15.98
N ALA F 12 54.74 34.83 -16.55
CA ALA F 12 54.75 35.08 -18.00
C ALA F 12 54.49 33.79 -18.78
N PHE F 13 53.28 33.25 -18.59
CA PHE F 13 52.92 31.95 -19.14
C PHE F 13 52.99 31.97 -20.67
N ALA F 14 53.44 30.85 -21.24
CA ALA F 14 53.52 30.65 -22.68
C ALA F 14 53.15 29.21 -22.99
N MET F 15 52.29 29.01 -23.97
CA MET F 15 51.82 27.67 -24.31
C MET F 15 52.89 26.89 -25.06
N THR F 16 52.90 25.58 -24.82
CA THR F 16 53.84 24.70 -25.51
C THR F 16 53.50 24.57 -26.98
N VAL F 17 54.51 24.50 -27.82
CA VAL F 17 54.30 24.33 -29.26
C VAL F 17 53.76 22.93 -29.53
N PRO F 18 52.76 22.77 -30.39
CA PRO F 18 52.20 21.43 -30.64
C PRO F 18 53.17 20.50 -31.34
N LEU F 19 53.76 20.96 -32.44
CA LEU F 19 54.68 20.17 -33.24
C LEU F 19 55.98 20.94 -33.43
N LEU F 20 57.11 20.28 -33.16
CA LEU F 20 58.41 20.91 -33.28
C LEU F 20 59.37 19.98 -34.01
N ILE F 21 60.19 20.55 -34.88
CA ILE F 21 61.24 19.81 -35.56
C ILE F 21 62.55 20.54 -35.29
N ASP F 22 63.46 19.89 -34.57
CA ASP F 22 64.76 20.44 -34.25
C ASP F 22 65.81 19.68 -35.04
N VAL F 23 66.48 20.38 -35.96
CA VAL F 23 67.54 19.81 -36.75
C VAL F 23 68.84 20.49 -36.36
N ASP F 24 69.95 19.83 -36.68
CA ASP F 24 71.25 20.38 -36.34
C ASP F 24 71.51 21.65 -37.15
N SER F 25 72.48 22.42 -36.66
CA SER F 25 72.91 23.64 -37.35
C SER F 25 73.85 23.26 -38.49
N SER F 26 74.49 24.25 -39.10
CA SER F 26 75.31 24.07 -40.30
C SER F 26 74.48 23.59 -41.49
N GLN F 27 73.15 23.59 -41.33
CA GLN F 27 72.24 23.41 -42.45
C GLN F 27 71.22 24.54 -42.52
N GLN F 28 71.47 25.64 -41.81
CA GLN F 28 70.64 26.83 -41.96
C GLN F 28 70.68 27.33 -43.40
N GLU F 29 71.88 27.53 -43.94
CA GLU F 29 72.07 27.99 -45.31
C GLU F 29 72.72 26.94 -46.21
N ALA F 30 73.28 25.87 -45.64
CA ALA F 30 73.77 24.76 -46.46
C ALA F 30 72.60 23.96 -47.02
N LEU F 31 71.50 23.90 -46.29
CA LEU F 31 70.28 23.23 -46.70
C LEU F 31 69.31 24.34 -47.16
N GLU F 32 68.04 23.98 -47.36
CA GLU F 32 66.96 24.89 -47.79
C GLU F 32 67.10 25.17 -49.28
N ALA F 33 68.14 24.64 -49.92
CA ALA F 33 68.33 24.81 -51.37
C ALA F 33 67.09 24.40 -52.15
N ILE F 34 66.36 23.37 -51.70
CA ILE F 34 65.23 22.91 -52.50
C ILE F 34 63.95 23.60 -52.05
N ALA F 35 63.41 23.22 -50.91
CA ALA F 35 62.40 24.07 -50.29
C ALA F 35 62.63 24.33 -48.80
N LEU F 36 62.56 23.26 -48.00
CA LEU F 36 62.67 23.30 -46.54
C LEU F 36 61.53 24.10 -45.90
N ASN F 37 60.80 24.86 -46.71
CA ASN F 37 59.64 25.62 -46.26
C ASN F 37 58.43 25.43 -47.14
N ASP F 38 58.59 24.85 -48.33
CA ASP F 38 57.48 24.50 -49.20
C ASP F 38 57.20 23.00 -49.19
N GLU F 39 58.24 22.18 -49.05
CA GLU F 39 58.05 20.74 -48.99
C GLU F 39 57.24 20.33 -47.78
N LEU F 40 57.47 20.97 -46.64
CA LEU F 40 56.76 20.61 -45.42
C LEU F 40 55.27 20.89 -45.56
N VAL F 41 54.90 22.08 -46.05
CA VAL F 41 53.50 22.38 -46.24
C VAL F 41 52.91 21.50 -47.34
N ARG F 42 53.69 21.17 -48.36
CA ARG F 42 53.20 20.29 -49.42
C ARG F 42 52.84 18.90 -48.88
N VAL F 43 53.74 18.31 -48.10
CA VAL F 43 53.46 16.98 -47.57
C VAL F 43 52.34 17.01 -46.54
N ARG F 44 52.29 18.07 -45.71
CA ARG F 44 51.20 18.20 -44.76
C ARG F 44 49.86 18.33 -45.47
N ARG F 45 49.81 19.14 -46.53
CA ARG F 45 48.57 19.32 -47.28
C ARG F 45 48.15 18.01 -47.96
N ALA F 46 49.11 17.28 -48.52
CA ALA F 46 48.78 16.00 -49.14
C ALA F 46 48.25 15.00 -48.13
N LEU F 47 48.88 14.92 -46.95
CA LEU F 47 48.41 14.00 -45.93
C LEU F 47 47.04 14.40 -45.40
N TYR F 48 46.79 15.71 -45.28
CA TYR F 48 45.45 16.16 -44.89
C TYR F 48 44.41 15.78 -45.92
N LEU F 49 44.72 16.00 -47.21
CA LEU F 49 43.78 15.61 -48.26
C LEU F 49 43.51 14.12 -48.22
N ASP F 50 44.52 13.33 -47.85
CA ASP F 50 44.32 11.88 -47.73
C ASP F 50 43.47 11.54 -46.50
N LEU F 51 43.64 12.28 -45.41
CA LEU F 51 42.97 11.98 -44.15
C LEU F 51 41.89 12.99 -43.76
N GLY F 52 42.23 14.27 -43.75
CA GLY F 52 41.30 15.29 -43.31
C GLY F 52 41.51 15.79 -41.90
N VAL F 53 42.51 15.28 -41.19
CA VAL F 53 42.79 15.74 -39.83
C VAL F 53 43.43 17.11 -39.87
N PRO F 54 42.92 18.09 -39.12
CA PRO F 54 43.53 19.44 -39.13
C PRO F 54 44.83 19.49 -38.37
N PHE F 55 45.93 19.12 -39.04
CA PHE F 55 47.23 19.12 -38.40
C PHE F 55 47.61 20.55 -37.99
N PRO F 56 48.39 20.71 -36.92
CA PRO F 56 48.74 22.05 -36.44
C PRO F 56 49.91 22.62 -37.24
N GLY F 57 50.31 23.83 -36.85
CA GLY F 57 51.48 24.45 -37.45
C GLY F 57 52.77 23.78 -37.01
N ILE F 58 53.76 23.80 -37.90
CA ILE F 58 55.05 23.16 -37.67
C ILE F 58 56.09 24.24 -37.42
N HIS F 59 56.74 24.17 -36.26
CA HIS F 59 57.80 25.11 -35.90
C HIS F 59 59.14 24.46 -36.22
N LEU F 60 59.95 25.14 -37.04
CA LEU F 60 61.24 24.64 -37.47
C LEU F 60 62.34 25.53 -36.88
N ARG F 61 63.27 24.91 -36.16
CA ARG F 61 64.37 25.62 -35.53
C ARG F 61 65.68 24.89 -35.77
N PHE F 62 66.76 25.66 -35.90
CA PHE F 62 68.11 25.13 -36.09
C PHE F 62 68.89 25.29 -34.79
N ASN F 63 69.23 24.17 -34.16
CA ASN F 63 69.95 24.17 -32.89
C ASN F 63 71.38 23.68 -33.12
N GLU F 64 72.34 24.46 -32.63
CA GLU F 64 73.76 24.13 -32.77
C GLU F 64 74.29 23.26 -31.63
N GLY F 65 73.49 23.02 -30.59
CA GLY F 65 73.96 22.20 -29.49
C GLY F 65 74.10 20.73 -29.83
N MET F 66 73.41 20.27 -30.88
CA MET F 66 73.45 18.88 -31.29
C MET F 66 74.55 18.67 -32.32
N GLY F 67 74.54 17.54 -33.00
CA GLY F 67 75.59 17.18 -33.93
C GLY F 67 75.50 17.86 -35.28
N GLU F 68 75.68 17.09 -36.36
CA GLU F 68 75.68 17.63 -37.71
C GLU F 68 74.51 17.17 -38.56
N GLY F 69 73.98 15.97 -38.32
CA GLY F 69 72.87 15.46 -39.10
C GLY F 69 71.73 14.90 -38.27
N GLU F 70 71.59 15.39 -37.04
CA GLU F 70 70.57 14.92 -36.12
C GLU F 70 69.31 15.76 -36.28
N TYR F 71 68.20 15.09 -36.60
CA TYR F 71 66.88 15.71 -36.67
C TYR F 71 65.94 14.97 -35.73
N LEU F 72 65.15 15.73 -34.99
CA LEU F 72 64.17 15.17 -34.06
C LEU F 72 62.83 15.83 -34.29
N ILE F 73 61.78 15.02 -34.30
CA ILE F 73 60.39 15.48 -34.41
C ILE F 73 59.70 15.18 -33.09
N SER F 74 59.16 16.23 -32.48
CA SER F 74 58.56 16.17 -31.14
C SER F 74 57.13 16.67 -31.20
N LEU F 75 56.23 15.94 -30.56
CA LEU F 75 54.82 16.34 -30.44
C LEU F 75 54.60 16.92 -29.05
N GLN F 76 54.24 18.21 -29.00
CA GLN F 76 54.00 18.92 -27.74
C GLN F 76 55.23 18.85 -26.85
N GLU F 77 56.39 19.17 -27.42
CA GLU F 77 57.66 19.23 -26.70
C GLU F 77 57.98 17.89 -26.03
N VAL F 78 57.64 16.80 -26.72
CA VAL F 78 58.06 15.46 -26.31
C VAL F 78 58.55 14.77 -27.58
N PRO F 79 59.82 14.37 -27.65
CA PRO F 79 60.34 13.80 -28.91
C PRO F 79 59.70 12.47 -29.22
N VAL F 80 59.21 12.34 -30.45
CA VAL F 80 58.56 11.11 -30.89
C VAL F 80 59.33 10.39 -32.00
N ALA F 81 60.19 11.10 -32.74
CA ALA F 81 60.97 10.43 -33.78
C ALA F 81 62.31 11.14 -33.92
N ARG F 82 63.37 10.52 -33.42
CA ARG F 82 64.72 11.07 -33.52
C ARG F 82 65.53 10.26 -34.53
N GLY F 83 66.50 10.91 -35.15
CA GLY F 83 67.36 10.18 -36.06
C GLY F 83 68.49 11.02 -36.63
N GLU F 84 69.65 10.40 -36.85
CA GLU F 84 70.79 11.08 -37.43
C GLU F 84 70.93 10.64 -38.89
N LEU F 85 70.58 11.52 -39.81
CA LEU F 85 70.81 11.25 -41.22
C LEU F 85 72.30 11.35 -41.52
N LYS F 86 72.83 10.36 -42.23
CA LYS F 86 74.24 10.31 -42.56
C LYS F 86 74.55 10.88 -43.93
N ALA F 87 73.57 11.54 -44.57
CA ALA F 87 73.81 12.15 -45.87
C ALA F 87 74.86 13.26 -45.79
N GLY F 88 74.80 14.07 -44.73
CA GLY F 88 75.77 15.14 -44.54
C GLY F 88 75.61 16.28 -45.53
N LEU F 91 75.38 12.03 -49.31
CA LEU F 91 75.22 10.59 -49.15
C LEU F 91 73.74 10.22 -49.07
N VAL F 92 73.03 10.36 -50.20
CA VAL F 92 71.60 10.09 -50.21
C VAL F 92 71.32 8.61 -49.97
N ARG F 93 70.10 8.33 -49.51
CA ARG F 93 69.72 6.99 -49.11
C ARG F 93 68.72 6.38 -50.10
N GLU F 94 68.57 5.06 -49.99
CA GLU F 94 67.63 4.30 -50.81
C GLU F 94 66.86 3.34 -49.93
N SER F 95 65.58 3.15 -50.24
CA SER F 95 64.69 2.33 -49.43
C SER F 95 64.45 0.94 -50.00
N VAL F 96 64.95 0.64 -51.20
CA VAL F 96 64.72 -0.67 -51.81
C VAL F 96 66.04 -1.43 -51.86
N SER F 97 66.92 -1.16 -50.88
CA SER F 97 68.21 -1.83 -50.83
C SER F 97 68.03 -3.32 -50.59
N GLN F 98 68.83 -4.12 -51.30
CA GLN F 98 68.73 -5.58 -51.25
C GLN F 98 70.07 -6.13 -51.73
N LEU F 99 70.10 -7.44 -52.03
CA LEU F 99 71.28 -8.03 -52.65
C LEU F 99 71.54 -7.46 -54.04
N GLU F 100 70.56 -6.79 -54.63
CA GLU F 100 70.80 -6.06 -55.87
C GLU F 100 71.86 -4.99 -55.68
N LEU F 101 71.96 -4.42 -54.48
CA LEU F 101 72.99 -3.43 -54.19
C LEU F 101 74.39 -4.03 -54.25
N LEU F 102 74.51 -5.37 -54.19
CA LEU F 102 75.81 -6.00 -54.36
C LEU F 102 76.25 -5.96 -55.82
N GLY F 103 75.31 -6.04 -56.76
CA GLY F 103 75.61 -5.89 -58.17
C GLY F 103 75.53 -4.43 -58.61
N ILE F 104 76.07 -3.54 -57.78
CA ILE F 104 75.97 -2.10 -57.96
C ILE F 104 76.86 -1.48 -56.89
N PRO F 105 77.20 -0.18 -56.97
CA PRO F 105 77.94 0.45 -55.87
C PRO F 105 77.29 0.18 -54.52
N TYR F 106 78.08 -0.34 -53.59
CA TYR F 106 77.57 -0.79 -52.30
C TYR F 106 77.37 0.40 -51.36
N GLU F 107 77.11 0.09 -50.08
CA GLU F 107 76.86 1.13 -49.08
C GLU F 107 78.08 2.00 -48.86
N PRO F 114 61.90 5.07 -39.77
CA PRO F 114 62.68 4.24 -40.69
C PRO F 114 61.87 3.07 -41.24
N ASP F 115 61.77 1.98 -40.48
CA ASP F 115 61.02 0.77 -40.82
C ASP F 115 61.14 0.39 -42.28
N GLN F 116 62.34 0.51 -42.85
CA GLN F 116 62.58 0.24 -44.26
C GLN F 116 64.03 -0.19 -44.44
N GLU F 117 64.31 -0.78 -45.60
CA GLU F 117 65.67 -1.17 -45.94
C GLU F 117 66.50 0.08 -46.23
N THR F 118 67.21 0.58 -45.23
CA THR F 118 67.89 1.87 -45.31
C THR F 118 69.40 1.65 -45.49
N PHE F 119 69.88 1.87 -46.71
CA PHE F 119 71.30 1.91 -47.01
C PHE F 119 71.65 3.25 -47.65
N TRP F 120 72.89 3.67 -47.48
CA TRP F 120 73.34 5.00 -47.91
C TRP F 120 74.36 4.87 -49.04
N VAL F 121 74.19 5.70 -50.08
CA VAL F 121 75.07 5.70 -51.23
C VAL F 121 75.52 7.13 -51.50
N SER F 122 76.69 7.25 -52.14
CA SER F 122 77.27 8.55 -52.42
C SER F 122 76.55 9.25 -53.58
N VAL F 123 76.82 10.55 -53.72
CA VAL F 123 76.16 11.35 -54.75
C VAL F 123 76.75 11.13 -56.14
N GLU F 124 77.98 10.63 -56.24
CA GLU F 124 78.54 10.32 -57.56
C GLU F 124 77.82 9.15 -58.22
N TYR F 125 77.27 8.23 -57.42
CA TYR F 125 76.49 7.12 -57.98
C TYR F 125 75.08 7.53 -58.38
N GLU F 126 74.67 8.75 -58.06
CA GLU F 126 73.27 9.15 -58.25
C GLU F 126 72.85 9.02 -59.70
N GLU F 127 73.74 9.39 -60.63
CA GLU F 127 73.41 9.24 -62.03
C GLU F 127 73.23 7.77 -62.38
N ARG F 128 74.22 6.94 -62.04
CA ARG F 128 74.15 5.54 -62.44
C ARG F 128 73.05 4.81 -61.71
N LEU F 129 72.79 5.19 -60.46
CA LEU F 129 71.69 4.57 -59.74
C LEU F 129 70.36 5.02 -60.32
N GLU F 130 70.30 6.25 -60.85
CA GLU F 130 69.11 6.67 -61.56
C GLU F 130 69.01 5.96 -62.90
N LYS F 131 70.15 5.52 -63.45
CA LYS F 131 70.09 4.58 -64.57
C LYS F 131 69.53 3.24 -64.14
N SER F 132 69.78 2.83 -62.89
CA SER F 132 69.20 1.62 -62.34
C SER F 132 67.82 1.83 -61.75
N GLN F 133 67.52 3.04 -61.28
CA GLN F 133 66.22 3.38 -60.71
C GLN F 133 65.87 2.49 -59.51
N PHE F 136 65.21 7.45 -54.48
CA PHE F 136 66.13 8.54 -54.20
C PHE F 136 65.54 9.53 -53.19
N PHE F 137 65.84 9.31 -51.91
CA PHE F 137 65.40 10.20 -50.84
C PHE F 137 66.51 11.21 -50.53
N SER F 138 66.25 12.48 -50.80
CA SER F 138 67.18 13.56 -50.45
C SER F 138 66.94 13.95 -48.99
N HIS F 139 67.61 15.01 -48.53
CA HIS F 139 67.43 15.46 -47.15
C HIS F 139 65.99 15.87 -46.90
N SER F 140 65.42 16.67 -47.82
CA SER F 140 64.02 17.07 -47.70
C SER F 140 63.12 15.85 -47.73
N GLN F 141 63.40 14.91 -48.62
CA GLN F 141 62.54 13.73 -48.75
C GLN F 141 62.56 12.88 -47.49
N VAL F 142 63.73 12.65 -46.89
CA VAL F 142 63.77 11.82 -45.69
C VAL F 142 63.13 12.56 -44.51
N LEU F 143 63.36 13.87 -44.41
CA LEU F 143 62.73 14.63 -43.33
C LEU F 143 61.21 14.59 -43.44
N THR F 144 60.70 14.80 -44.65
CA THR F 144 59.26 14.76 -44.85
C THR F 144 58.71 13.34 -44.72
N TRP F 145 59.52 12.33 -45.04
CA TRP F 145 59.08 10.95 -44.85
C TRP F 145 58.85 10.66 -43.37
N HIS F 146 59.81 11.05 -42.52
CA HIS F 146 59.62 10.89 -41.08
C HIS F 146 58.45 11.73 -40.58
N LEU F 147 58.32 12.95 -41.08
CA LEU F 147 57.20 13.80 -40.68
C LEU F 147 55.87 13.15 -41.05
N SER F 148 55.77 12.60 -42.26
CA SER F 148 54.54 11.95 -42.71
C SER F 148 54.22 10.73 -41.87
N HIS F 149 55.25 9.92 -41.55
CA HIS F 149 55.00 8.75 -40.70
C HIS F 149 54.51 9.17 -39.33
N VAL F 150 55.11 10.21 -38.75
CA VAL F 150 54.69 10.69 -37.43
C VAL F 150 53.24 11.18 -37.48
N LEU F 151 52.91 11.98 -38.51
CA LEU F 151 51.56 12.53 -38.60
C LEU F 151 50.52 11.44 -38.80
N ARG F 152 50.81 10.44 -39.64
CA ARG F 152 49.84 9.39 -39.87
C ARG F 152 49.66 8.49 -38.65
N GLU F 153 50.74 8.12 -37.98
CA GLU F 153 50.59 7.22 -36.84
C GLU F 153 50.19 7.92 -35.56
N TYR F 154 50.21 9.25 -35.52
CA TYR F 154 49.83 10.00 -34.32
C TYR F 154 48.77 11.04 -34.64
N ALA F 155 47.90 10.76 -35.60
CA ALA F 155 46.87 11.73 -35.97
C ALA F 155 45.81 11.87 -34.89
N GLU F 156 45.60 10.84 -34.08
CA GLU F 156 44.60 10.92 -33.03
C GLU F 156 44.91 12.03 -32.04
N ASP F 157 46.18 12.35 -31.86
CA ASP F 157 46.57 13.42 -30.95
C ASP F 157 46.36 14.81 -31.54
N PHE F 158 46.02 14.90 -32.82
CA PHE F 158 45.75 16.18 -33.45
C PHE F 158 44.26 16.50 -33.55
N ILE F 159 43.39 15.66 -32.99
CA ILE F 159 41.96 15.89 -33.01
C ILE F 159 41.46 16.16 -31.60
N GLY F 160 41.35 17.44 -31.25
CA GLY F 160 40.80 17.84 -29.97
C GLY F 160 39.40 18.43 -30.13
N ILE F 161 38.86 18.87 -28.99
CA ILE F 161 37.56 19.52 -29.01
C ILE F 161 37.63 20.82 -29.81
N GLN F 162 38.71 21.57 -29.65
CA GLN F 162 38.87 22.82 -30.38
C GLN F 162 38.94 22.56 -31.89
N GLU F 163 39.67 21.51 -32.29
CA GLU F 163 39.79 21.20 -33.72
C GLU F 163 38.45 20.82 -34.33
N THR F 164 37.67 19.98 -33.64
CA THR F 164 36.35 19.60 -34.14
C THR F 164 35.42 20.81 -34.18
N ARG F 165 35.50 21.69 -33.19
CA ARG F 165 34.68 22.90 -33.20
C ARG F 165 35.06 23.80 -34.36
N TYR F 166 36.37 23.91 -34.65
CA TYR F 166 36.82 24.68 -35.80
C TYR F 166 36.32 24.08 -37.11
N LEU F 167 36.37 22.75 -37.23
CA LEU F 167 35.83 22.10 -38.43
C LEU F 167 34.35 22.37 -38.58
N LEU F 168 33.59 22.29 -37.49
CA LEU F 168 32.16 22.57 -37.56
C LEU F 168 31.89 24.01 -37.94
N GLU F 169 32.65 24.95 -37.36
CA GLU F 169 32.44 26.36 -37.67
C GLU F 169 32.85 26.68 -39.11
N GLN F 170 33.80 25.94 -39.67
CA GLN F 170 34.20 26.18 -41.05
C GLN F 170 33.14 25.74 -42.05
N MET F 171 32.30 24.77 -41.67
CA MET F 171 31.26 24.25 -42.54
C MET F 171 29.88 24.81 -42.24
N GLU F 172 29.78 25.84 -41.38
CA GLU F 172 28.48 26.40 -41.03
C GLU F 172 27.80 27.00 -42.25
N GLY F 173 28.56 27.69 -43.10
CA GLY F 173 27.97 28.26 -44.31
C GLY F 173 27.49 27.20 -45.27
N GLY F 174 28.23 26.10 -45.38
CA GLY F 174 27.87 25.02 -46.29
C GLY F 174 26.63 24.27 -45.86
N TYR F 175 26.70 23.60 -44.71
CA TYR F 175 25.59 22.79 -44.18
C TYR F 175 25.29 23.29 -42.77
N GLY F 176 24.42 24.30 -42.68
CA GLY F 176 24.08 24.85 -41.39
C GLY F 176 23.15 23.95 -40.60
N GLU F 177 22.03 23.54 -41.21
CA GLU F 177 21.05 22.73 -40.50
C GLU F 177 21.61 21.36 -40.14
N LEU F 178 22.46 20.78 -41.00
CA LEU F 178 23.07 19.51 -40.66
C LEU F 178 23.92 19.60 -39.40
N ILE F 179 24.72 20.65 -39.30
CA ILE F 179 25.55 20.85 -38.12
C ILE F 179 24.69 21.12 -36.88
N LYS F 180 23.66 21.96 -37.04
CA LYS F 180 22.79 22.28 -35.91
C LYS F 180 22.05 21.04 -35.41
N GLU F 181 21.66 20.14 -36.31
CA GLU F 181 20.99 18.92 -35.89
C GLU F 181 21.97 17.95 -35.24
N VAL F 182 23.16 17.77 -35.83
CA VAL F 182 24.10 16.81 -35.27
C VAL F 182 24.61 17.28 -33.92
N GLN F 183 24.72 18.60 -33.71
CA GLN F 183 25.11 19.12 -32.40
C GLN F 183 24.02 18.83 -31.36
N ARG F 184 22.75 18.98 -31.73
CA ARG F 184 21.67 18.72 -30.79
C ARG F 184 21.49 17.23 -30.53
N ILE F 185 21.96 16.37 -31.43
CA ILE F 185 21.78 14.94 -31.25
C ILE F 185 22.89 14.33 -30.39
N VAL F 186 24.14 14.65 -30.69
CA VAL F 186 25.28 14.10 -29.95
C VAL F 186 26.17 15.24 -29.45
N PRO F 187 26.86 15.08 -28.33
CA PRO F 187 27.70 16.15 -27.81
C PRO F 187 29.05 16.22 -28.53
N LEU F 188 29.81 17.27 -28.18
CA LEU F 188 31.11 17.47 -28.80
C LEU F 188 32.09 16.37 -28.39
N GLN F 189 32.04 15.93 -27.13
CA GLN F 189 32.99 14.94 -26.64
C GLN F 189 32.82 13.61 -27.39
N ARG F 190 31.58 13.13 -27.49
CA ARG F 190 31.32 11.88 -28.20
C ARG F 190 31.68 11.99 -29.67
N MET F 191 31.34 13.13 -30.29
CA MET F 191 31.66 13.34 -31.70
C MET F 191 33.17 13.33 -31.94
N THR F 192 33.93 14.02 -31.09
CA THR F 192 35.38 14.04 -31.24
C THR F 192 35.97 12.65 -31.02
N GLU F 193 35.47 11.91 -30.02
CA GLU F 193 35.97 10.56 -29.81
C GLU F 193 35.68 9.67 -31.01
N ILE F 194 34.49 9.82 -31.60
CA ILE F 194 34.15 9.05 -32.80
C ILE F 194 35.09 9.39 -33.94
N LEU F 195 35.37 10.69 -34.14
CA LEU F 195 36.28 11.09 -35.21
C LEU F 195 37.68 10.51 -35.00
N GLN F 196 38.17 10.55 -33.76
CA GLN F 196 39.47 9.97 -33.47
C GLN F 196 39.49 8.47 -33.73
N ARG F 197 38.42 7.77 -33.33
CA ARG F 197 38.37 6.33 -33.58
C ARG F 197 38.32 6.04 -35.08
N LEU F 198 37.62 6.86 -35.85
CA LEU F 198 37.61 6.71 -37.29
C LEU F 198 39.00 6.90 -37.89
N VAL F 199 39.71 7.94 -37.44
CA VAL F 199 41.03 8.21 -37.98
C VAL F 199 42.02 7.13 -37.57
N GLY F 200 41.83 6.52 -36.41
CA GLY F 200 42.71 5.44 -35.98
C GLY F 200 42.74 4.25 -36.91
N GLU F 201 41.73 4.10 -37.76
CA GLU F 201 41.69 3.05 -38.77
C GLU F 201 42.04 3.56 -40.16
N ASP F 202 42.65 4.74 -40.24
CA ASP F 202 43.04 5.37 -41.51
C ASP F 202 41.82 5.67 -42.39
N ILE F 203 40.66 5.89 -41.76
CA ILE F 203 39.46 6.30 -42.48
C ILE F 203 39.41 7.81 -42.56
N SER F 204 39.23 8.35 -43.76
CA SER F 204 39.37 9.79 -43.96
C SER F 204 38.17 10.54 -43.39
N ILE F 205 38.45 11.61 -42.65
CA ILE F 205 37.41 12.53 -42.20
C ILE F 205 36.96 13.46 -43.31
N ARG F 206 37.79 13.66 -44.34
CA ARG F 206 37.58 14.66 -45.38
C ARG F 206 36.13 14.78 -45.84
N ASN F 207 35.47 13.65 -46.08
CA ASN F 207 34.07 13.65 -46.51
C ASN F 207 33.19 13.76 -45.27
N MET F 208 33.05 15.00 -44.79
CA MET F 208 32.33 15.26 -43.55
C MET F 208 30.82 15.16 -43.71
N ARG F 209 30.30 15.33 -44.92
CA ARG F 209 28.85 15.32 -45.11
C ARG F 209 28.26 13.96 -44.74
N SER F 210 28.82 12.89 -45.29
CA SER F 210 28.31 11.56 -44.99
C SER F 210 28.52 11.20 -43.53
N ILE F 211 29.65 11.63 -42.95
CA ILE F 211 29.90 11.36 -41.54
C ILE F 211 28.85 12.03 -40.66
N LEU F 212 28.53 13.29 -40.96
CA LEU F 212 27.53 14.00 -40.18
C LEU F 212 26.14 13.39 -40.38
N GLU F 213 25.81 12.98 -41.61
CA GLU F 213 24.52 12.34 -41.85
C GLU F 213 24.41 11.03 -41.08
N ALA F 214 25.47 10.23 -41.07
CA ALA F 214 25.46 8.99 -40.31
C ALA F 214 25.35 9.27 -38.81
N MET F 215 26.04 10.31 -38.33
CA MET F 215 25.95 10.69 -36.93
C MET F 215 24.52 11.06 -36.56
N VAL F 216 23.86 11.83 -37.43
CA VAL F 216 22.46 12.19 -37.18
C VAL F 216 21.58 10.95 -37.18
N GLU F 217 21.78 10.05 -38.16
CA GLU F 217 20.89 8.91 -38.30
C GLU F 217 21.02 7.93 -37.15
N TRP F 218 22.24 7.70 -36.66
CA TRP F 218 22.48 6.64 -35.69
C TRP F 218 22.75 7.14 -34.28
N GLY F 219 22.87 8.45 -34.06
CA GLY F 219 23.13 8.94 -32.71
C GLY F 219 21.93 8.85 -31.78
N GLN F 220 20.73 8.84 -32.35
CA GLN F 220 19.51 8.70 -31.55
C GLN F 220 19.24 7.27 -31.12
N LYS F 221 19.82 6.29 -31.81
CA LYS F 221 19.56 4.88 -31.55
C LYS F 221 20.62 4.24 -30.65
N GLU F 222 21.89 4.55 -30.87
CA GLU F 222 22.99 3.96 -30.11
C GLU F 222 23.71 5.02 -29.29
N LYS F 223 24.02 4.67 -28.04
CA LYS F 223 24.76 5.54 -27.14
C LYS F 223 26.18 5.05 -26.89
N ASP F 224 26.44 3.75 -27.05
CA ASP F 224 27.80 3.24 -26.92
C ASP F 224 28.66 3.74 -28.06
N VAL F 225 29.89 4.16 -27.72
CA VAL F 225 30.76 4.76 -28.73
C VAL F 225 31.19 3.71 -29.75
N VAL F 226 31.45 2.48 -29.31
CA VAL F 226 31.93 1.44 -30.22
C VAL F 226 30.88 1.13 -31.28
N GLN F 227 29.63 0.89 -30.86
CA GLN F 227 28.59 0.55 -31.81
C GLN F 227 28.29 1.72 -32.74
N LEU F 228 28.27 2.95 -32.21
CA LEU F 228 28.00 4.11 -33.04
C LEU F 228 29.08 4.31 -34.09
N THR F 229 30.35 4.15 -33.70
CA THR F 229 31.42 4.32 -34.68
C THR F 229 31.45 3.17 -35.67
N GLU F 230 31.02 1.98 -35.27
CA GLU F 230 30.89 0.89 -36.22
C GLU F 230 29.80 1.19 -37.24
N TYR F 231 28.68 1.76 -36.80
CA TYR F 231 27.63 2.15 -37.73
C TYR F 231 28.12 3.25 -38.68
N ILE F 232 28.88 4.21 -38.15
CA ILE F 232 29.41 5.27 -39.00
C ILE F 232 30.40 4.71 -40.02
N ARG F 233 31.19 3.71 -39.61
CA ARG F 233 32.06 3.02 -40.55
C ARG F 233 31.24 2.32 -41.64
N SER F 234 30.18 1.62 -41.23
CA SER F 234 29.30 0.97 -42.20
C SER F 234 28.62 1.97 -43.13
N SER F 235 28.52 3.23 -42.70
CA SER F 235 27.99 4.26 -43.59
C SER F 235 28.95 4.65 -44.70
N LEU F 236 30.19 4.15 -44.68
CA LEU F 236 31.20 4.48 -45.67
C LEU F 236 31.58 3.25 -46.50
N LYS F 237 30.56 2.52 -46.96
CA LYS F 237 30.80 1.25 -47.64
C LYS F 237 31.66 1.44 -48.89
N ARG F 238 31.28 2.38 -49.76
CA ARG F 238 32.01 2.51 -51.02
C ARG F 238 33.41 3.08 -50.80
N TYR F 239 33.57 3.98 -49.83
CA TYR F 239 34.90 4.49 -49.52
C TYR F 239 35.82 3.38 -49.04
N ILE F 240 35.33 2.55 -48.12
CA ILE F 240 36.15 1.43 -47.64
C ILE F 240 36.45 0.46 -48.77
N CYS F 241 35.45 0.17 -49.61
CA CYS F 241 35.65 -0.75 -50.71
C CYS F 241 36.71 -0.24 -51.67
N TYR F 242 36.66 1.04 -52.02
CA TYR F 242 37.66 1.59 -52.94
C TYR F 242 39.04 1.66 -52.29
N LYS F 243 39.10 1.97 -51.00
CA LYS F 243 40.39 2.11 -50.34
C LYS F 243 41.09 0.76 -50.20
N TYR F 244 40.35 -0.31 -49.93
CA TYR F 244 40.96 -1.60 -49.66
C TYR F 244 40.91 -2.57 -50.83
N ALA F 245 40.29 -2.21 -51.95
CA ALA F 245 40.22 -3.09 -53.12
C ALA F 245 40.70 -2.31 -54.34
N ASN F 246 42.01 -2.33 -54.57
CA ASN F 246 42.60 -1.66 -55.73
C ASN F 246 42.27 -2.37 -57.04
N GLY F 247 41.93 -3.65 -56.99
CA GLY F 247 41.57 -4.40 -58.18
C GLY F 247 40.17 -4.10 -58.67
N ASN F 248 39.56 -5.04 -59.38
CA ASN F 248 38.26 -4.84 -60.01
C ASN F 248 37.24 -5.61 -59.19
N ASN F 249 36.72 -4.96 -58.15
CA ASN F 249 35.76 -5.53 -57.22
C ASN F 249 36.27 -6.81 -56.56
N ILE F 250 37.60 -6.96 -56.47
CA ILE F 250 38.22 -8.11 -55.82
C ILE F 250 38.77 -7.64 -54.48
N LEU F 251 38.36 -8.30 -53.41
CA LEU F 251 38.80 -7.96 -52.06
C LEU F 251 39.39 -9.18 -51.38
N PRO F 252 40.70 -9.25 -51.18
CA PRO F 252 41.28 -10.38 -50.43
C PRO F 252 40.76 -10.40 -48.99
N ALA F 253 40.43 -11.59 -48.51
CA ALA F 253 39.83 -11.74 -47.20
C ALA F 253 40.47 -12.88 -46.43
N TYR F 254 40.45 -12.74 -45.11
CA TYR F 254 40.90 -13.74 -44.15
C TYR F 254 39.80 -14.02 -43.13
N LEU F 255 38.61 -14.29 -43.65
CA LEU F 255 37.38 -14.37 -42.87
C LEU F 255 37.54 -15.26 -41.64
N PHE F 256 36.81 -14.91 -40.58
CA PHE F 256 36.85 -15.63 -39.32
C PHE F 256 35.78 -16.70 -39.28
N ASP F 257 36.09 -17.80 -38.59
CA ASP F 257 35.11 -18.85 -38.35
C ASP F 257 34.08 -18.39 -37.32
N GLN F 258 32.91 -19.03 -37.36
CA GLN F 258 31.85 -18.69 -36.42
C GLN F 258 32.26 -18.99 -34.98
N GLU F 259 32.97 -20.10 -34.77
CA GLU F 259 33.38 -20.47 -33.42
C GLU F 259 34.32 -19.42 -32.81
N VAL F 260 35.29 -18.95 -33.59
CA VAL F 260 36.22 -17.95 -33.09
C VAL F 260 35.51 -16.64 -32.80
N GLU F 261 34.59 -16.23 -33.68
CA GLU F 261 33.84 -15.01 -33.45
C GLU F 261 33.00 -15.11 -32.17
N GLU F 262 32.35 -16.26 -31.96
CA GLU F 262 31.56 -16.43 -30.74
C GLU F 262 32.44 -16.41 -29.50
N LYS F 263 33.61 -17.07 -29.57
CA LYS F 263 34.51 -17.08 -28.43
C LYS F 263 35.00 -15.67 -28.10
N ILE F 264 35.32 -14.88 -29.13
CA ILE F 264 35.74 -13.50 -28.91
C ILE F 264 34.59 -12.69 -28.32
N ARG F 265 33.38 -12.85 -28.86
CA ARG F 265 32.23 -12.09 -28.38
C ARG F 265 31.85 -12.47 -26.95
N SER F 266 32.24 -13.65 -26.49
CA SER F 266 31.86 -14.10 -25.16
C SER F 266 32.43 -13.25 -24.03
N ARG F 267 33.40 -12.38 -24.30
CA ARG F 267 34.04 -11.57 -23.27
C ARG F 267 34.08 -10.10 -23.67
N VAL F 268 32.93 -9.56 -24.07
CA VAL F 268 32.87 -8.15 -24.44
C VAL F 268 33.05 -7.25 -23.23
N ARG F 269 32.38 -7.57 -22.11
CA ARG F 269 32.56 -6.92 -20.81
C ARG F 269 32.32 -5.41 -20.88
N GLN F 270 31.07 -5.05 -21.17
CA GLN F 270 30.65 -3.65 -21.26
C GLN F 270 30.20 -3.14 -19.88
N THR F 271 31.13 -3.14 -18.93
CA THR F 271 30.78 -2.87 -17.54
C THR F 271 30.87 -1.39 -17.16
N SER F 272 31.95 -0.71 -17.55
CA SER F 272 32.21 0.68 -17.15
C SER F 272 32.48 1.53 -18.38
N ALA F 273 31.60 1.41 -19.36
CA ALA F 273 31.73 2.05 -20.67
C ALA F 273 33.17 2.03 -21.16
N GLY F 274 33.84 0.89 -20.97
CA GLY F 274 35.16 0.66 -21.53
C GLY F 274 35.04 -0.33 -22.66
N SER F 275 34.37 -1.46 -22.36
CA SER F 275 34.10 -2.55 -23.29
C SER F 275 35.38 -3.34 -23.56
N TYR F 276 36.15 -3.59 -22.50
CA TYR F 276 37.44 -4.26 -22.67
C TYR F 276 37.25 -5.72 -23.03
N LEU F 277 38.10 -6.21 -23.92
CA LEU F 277 38.08 -7.60 -24.39
C LEU F 277 39.16 -8.35 -23.60
N ALA F 278 38.77 -8.92 -22.47
CA ALA F 278 39.70 -9.66 -21.63
C ALA F 278 39.26 -11.12 -21.55
N LEU F 279 39.92 -11.96 -22.33
CA LEU F 279 39.74 -13.41 -22.30
C LEU F 279 40.85 -13.99 -21.43
N ASP F 280 40.92 -15.32 -21.36
CA ASP F 280 42.06 -15.95 -20.73
C ASP F 280 43.30 -15.70 -21.59
N PRO F 281 44.44 -15.34 -20.98
CA PRO F 281 45.65 -15.11 -21.78
C PRO F 281 46.02 -16.28 -22.67
N ALA F 282 45.84 -17.51 -22.18
CA ALA F 282 46.12 -18.69 -23.00
C ALA F 282 45.18 -18.74 -24.20
N VAL F 283 43.91 -18.38 -24.00
CA VAL F 283 42.94 -18.42 -25.10
C VAL F 283 43.32 -17.42 -26.19
N THR F 284 43.67 -16.19 -25.79
CA THR F 284 44.08 -15.19 -26.78
C THR F 284 45.39 -15.60 -27.45
N GLU F 285 46.30 -16.22 -26.70
CA GLU F 285 47.54 -16.70 -27.31
C GLU F 285 47.24 -17.78 -28.36
N SER F 286 46.34 -18.71 -28.04
CA SER F 286 45.99 -19.76 -28.99
C SER F 286 45.30 -19.20 -30.23
N LEU F 287 44.39 -18.25 -30.05
CA LEU F 287 43.72 -17.65 -31.21
C LEU F 287 44.71 -16.89 -32.08
N LEU F 288 45.63 -16.15 -31.46
CA LEU F 288 46.64 -15.43 -32.23
C LEU F 288 47.57 -16.40 -32.95
N GLU F 289 47.89 -17.53 -32.31
CA GLU F 289 48.70 -18.55 -32.97
C GLU F 289 47.99 -19.14 -34.18
N GLN F 290 46.69 -19.41 -34.05
CA GLN F 290 45.93 -19.91 -35.19
C GLN F 290 45.88 -18.89 -36.33
N VAL F 291 45.67 -17.62 -35.98
CA VAL F 291 45.65 -16.57 -37.00
C VAL F 291 47.00 -16.47 -37.70
N ARG F 292 48.08 -16.54 -36.92
CA ARG F 292 49.42 -16.48 -37.50
C ARG F 292 49.70 -17.68 -38.39
N LYS F 293 49.25 -18.87 -37.99
CA LYS F 293 49.47 -20.06 -38.80
C LYS F 293 48.70 -19.96 -40.12
N THR F 294 47.47 -19.46 -40.08
CA THR F 294 46.67 -19.35 -41.29
C THR F 294 47.18 -18.22 -42.19
N ILE F 295 47.02 -16.97 -41.72
CA ILE F 295 47.47 -15.79 -42.48
C ILE F 295 48.91 -15.97 -42.95
N GLY F 296 49.82 -16.22 -42.00
CA GLY F 296 51.23 -16.27 -42.32
C GLY F 296 52.02 -15.15 -41.67
N ASP F 297 53.11 -14.74 -42.31
CA ASP F 297 53.96 -13.66 -41.79
C ASP F 297 53.65 -12.31 -42.39
N LEU F 298 53.00 -12.26 -43.55
CA LEU F 298 52.60 -11.05 -44.27
C LEU F 298 53.79 -10.27 -44.83
N SER F 299 55.02 -10.74 -44.64
CA SER F 299 56.18 -10.02 -45.13
C SER F 299 56.24 -10.03 -46.66
N GLN F 300 56.09 -11.20 -47.25
CA GLN F 300 56.11 -11.35 -48.70
C GLN F 300 54.73 -11.22 -49.33
N ILE F 301 53.71 -10.93 -48.54
CA ILE F 301 52.35 -10.74 -49.04
C ILE F 301 52.18 -9.30 -49.49
N GLN F 302 51.49 -9.10 -50.61
CA GLN F 302 51.27 -7.77 -51.16
C GLN F 302 49.80 -7.50 -51.41
N SER F 303 49.49 -6.41 -52.10
CA SER F 303 48.14 -5.99 -52.49
C SER F 303 47.26 -5.64 -51.29
N LYS F 304 47.83 -5.62 -50.07
CA LYS F 304 47.15 -5.23 -48.84
C LYS F 304 45.89 -6.06 -48.60
N PRO F 305 46.03 -7.32 -48.21
CA PRO F 305 44.84 -8.09 -47.84
C PRO F 305 44.23 -7.55 -46.56
N VAL F 306 42.92 -7.72 -46.42
CA VAL F 306 42.18 -7.20 -45.28
C VAL F 306 41.44 -8.33 -44.60
N LEU F 307 41.40 -8.28 -43.27
CA LEU F 307 40.61 -9.19 -42.47
C LEU F 307 39.16 -8.71 -42.42
N ILE F 308 38.21 -9.63 -42.61
CA ILE F 308 36.80 -9.30 -42.57
C ILE F 308 36.14 -10.17 -41.50
N VAL F 309 35.44 -9.51 -40.56
CA VAL F 309 34.82 -10.18 -39.43
C VAL F 309 33.49 -9.52 -39.13
N SER F 310 32.74 -10.12 -38.21
CA SER F 310 31.43 -9.58 -37.83
C SER F 310 31.59 -8.18 -37.24
N MET F 311 30.60 -7.33 -37.52
CA MET F 311 30.70 -5.91 -37.15
C MET F 311 30.76 -5.72 -35.63
N ASP F 312 29.90 -6.42 -34.90
CA ASP F 312 29.74 -6.18 -33.46
C ASP F 312 31.04 -6.39 -32.69
N ILE F 313 31.98 -7.16 -33.24
CA ILE F 313 33.25 -7.44 -32.58
C ILE F 313 34.44 -6.94 -33.39
N ARG F 314 34.19 -6.19 -34.48
CA ARG F 314 35.26 -5.84 -35.40
C ARG F 314 36.42 -5.16 -34.68
N ARG F 315 36.12 -4.09 -33.95
CA ARG F 315 37.18 -3.40 -33.20
C ARG F 315 37.83 -4.33 -32.20
N TYR F 316 37.02 -5.17 -31.54
CA TYR F 316 37.57 -6.11 -30.57
C TYR F 316 38.58 -7.05 -31.23
N VAL F 317 38.34 -7.41 -32.49
CA VAL F 317 39.34 -8.22 -33.20
C VAL F 317 40.56 -7.37 -33.54
N ARG F 318 40.33 -6.13 -33.97
CA ARG F 318 41.43 -5.28 -34.45
C ARG F 318 42.46 -5.07 -33.36
N LYS F 319 42.03 -4.59 -32.19
CA LYS F 319 42.98 -4.39 -31.10
C LYS F 319 43.58 -5.70 -30.62
N LEU F 320 42.94 -6.83 -30.93
CA LEU F 320 43.54 -8.12 -30.60
C LEU F 320 44.75 -8.41 -31.48
N ILE F 321 44.73 -7.98 -32.74
CA ILE F 321 45.80 -8.26 -33.69
C ILE F 321 46.62 -7.02 -34.00
N GLU F 322 46.36 -5.90 -33.32
CA GLU F 322 47.11 -4.69 -33.56
C GLU F 322 48.58 -4.83 -33.12
N SER F 323 48.83 -5.69 -32.14
CA SER F 323 50.19 -5.85 -31.63
C SER F 323 51.12 -6.44 -32.68
N GLU F 324 50.67 -7.49 -33.37
CA GLU F 324 51.51 -8.17 -34.36
C GLU F 324 51.27 -7.63 -35.77
N TYR F 325 50.04 -7.71 -36.26
CA TYR F 325 49.71 -7.30 -37.63
C TYR F 325 49.10 -5.90 -37.58
N TYR F 326 49.97 -4.91 -37.37
CA TYR F 326 49.53 -3.52 -37.40
C TYR F 326 49.11 -3.09 -38.80
N GLY F 327 49.63 -3.75 -39.83
CA GLY F 327 49.24 -3.46 -41.20
C GLY F 327 47.83 -3.87 -41.50
N LEU F 328 47.58 -5.19 -41.58
CA LEU F 328 46.30 -5.82 -41.87
C LEU F 328 45.13 -5.08 -41.24
N PRO F 329 44.27 -4.45 -42.04
CA PRO F 329 43.06 -3.81 -41.50
C PRO F 329 42.00 -4.84 -41.15
N VAL F 330 41.03 -4.40 -40.35
CA VAL F 330 39.89 -5.21 -39.96
C VAL F 330 38.62 -4.49 -40.41
N LEU F 331 37.74 -5.22 -41.09
CA LEU F 331 36.53 -4.68 -41.67
C LEU F 331 35.32 -5.47 -41.19
N SER F 332 34.16 -4.82 -41.26
CA SER F 332 32.89 -5.42 -40.88
C SER F 332 32.15 -5.92 -42.10
N TYR F 333 31.33 -6.95 -41.90
CA TYR F 333 30.48 -7.43 -42.99
C TYR F 333 29.52 -6.34 -43.45
N GLN F 334 29.02 -5.54 -42.51
CA GLN F 334 28.14 -4.42 -42.85
C GLN F 334 28.88 -3.38 -43.68
N GLU F 335 30.17 -3.17 -43.42
CA GLU F 335 30.93 -2.19 -44.17
C GLU F 335 31.09 -2.59 -45.64
N LEU F 336 30.91 -3.87 -45.96
CA LEU F 336 31.04 -4.35 -47.32
C LEU F 336 29.82 -3.96 -48.14
N THR F 337 30.04 -3.14 -49.17
CA THR F 337 28.97 -2.87 -50.13
C THR F 337 28.83 -4.05 -51.08
N GLN F 338 27.85 -3.98 -51.98
CA GLN F 338 27.65 -5.06 -52.94
C GLN F 338 28.65 -4.93 -54.09
N GLN F 339 28.34 -5.60 -55.20
CA GLN F 339 29.25 -5.72 -56.34
C GLN F 339 30.72 -5.83 -55.92
N ILE F 340 30.99 -6.75 -55.00
CA ILE F 340 32.34 -7.04 -54.56
C ILE F 340 32.56 -8.55 -54.63
N ASN F 341 33.65 -8.97 -55.28
CA ASN F 341 34.02 -10.37 -55.34
C ASN F 341 34.98 -10.63 -54.17
N ILE F 342 34.42 -11.07 -53.04
CA ILE F 342 35.22 -11.35 -51.86
C ILE F 342 35.93 -12.68 -52.09
N GLN F 343 37.26 -12.64 -52.11
CA GLN F 343 38.06 -13.84 -52.34
C GLN F 343 38.64 -14.31 -51.02
N PRO F 344 38.20 -15.45 -50.48
CA PRO F 344 38.72 -15.92 -49.20
C PRO F 344 40.11 -16.52 -49.34
N LEU F 345 41.11 -15.81 -48.83
CA LEU F 345 42.47 -16.35 -48.85
C LEU F 345 42.64 -17.50 -47.87
N GLY F 346 41.76 -17.61 -46.89
CA GLY F 346 41.82 -18.68 -45.92
C GLY F 346 40.95 -18.40 -44.71
N ARG F 347 40.28 -19.44 -44.21
CA ARG F 347 39.42 -19.32 -43.03
C ARG F 347 40.23 -19.58 -41.77
N VAL F 348 40.06 -18.71 -40.77
CA VAL F 348 40.75 -18.85 -39.49
C VAL F 348 40.01 -19.93 -38.69
N CYS F 349 40.52 -21.15 -38.75
CA CYS F 349 39.89 -22.26 -38.05
C CYS F 349 40.22 -22.22 -36.57
N LEU F 350 39.58 -23.10 -35.81
CA LEU F 350 39.80 -23.18 -34.37
C LEU F 350 40.45 -24.51 -34.01
N GLY G 5 49.80 54.50 12.49
CA GLY G 5 50.19 55.60 13.35
C GLY G 5 49.07 56.07 14.26
N ARG G 6 47.95 56.45 13.65
CA ARG G 6 46.79 56.88 14.41
C ARG G 6 46.26 55.73 15.27
N LEU G 7 45.82 56.05 16.48
CA LEU G 7 45.25 55.05 17.38
C LEU G 7 43.73 54.97 17.25
N GLY G 8 43.21 55.18 16.06
CA GLY G 8 41.80 55.03 15.77
C GLY G 8 41.63 54.22 14.51
N GLU G 9 42.69 54.14 13.71
CA GLU G 9 42.71 53.26 12.56
C GLU G 9 42.64 51.82 13.05
N GLN G 10 41.94 50.97 12.29
CA GLN G 10 41.62 49.66 12.84
C GLN G 10 42.83 48.73 12.88
N GLU G 11 43.33 48.28 11.73
CA GLU G 11 44.55 47.46 11.75
C GLU G 11 45.53 47.71 10.62
N ALA G 12 45.16 48.36 9.53
CA ALA G 12 45.98 48.47 8.33
C ALA G 12 46.43 47.09 7.85
N PHE G 13 45.46 46.28 7.45
CA PHE G 13 45.71 44.90 7.07
C PHE G 13 46.66 44.81 5.88
N ALA G 14 47.54 43.81 5.92
CA ALA G 14 48.49 43.55 4.84
C ALA G 14 48.68 42.04 4.69
N MET G 15 48.62 41.56 3.45
CA MET G 15 48.74 40.14 3.19
C MET G 15 50.19 39.67 3.34
N THR G 16 50.36 38.43 3.78
CA THR G 16 51.68 37.85 3.92
C THR G 16 52.30 37.59 2.55
N VAL G 17 53.61 37.82 2.45
CA VAL G 17 54.32 37.58 1.19
C VAL G 17 54.38 36.08 0.92
N PRO G 18 54.15 35.64 -0.31
CA PRO G 18 54.17 34.20 -0.59
C PRO G 18 55.55 33.57 -0.46
N LEU G 19 56.56 34.17 -1.10
CA LEU G 19 57.92 33.65 -1.10
C LEU G 19 58.88 34.75 -0.67
N LEU G 20 59.75 34.44 0.30
CA LEU G 20 60.71 35.40 0.80
C LEU G 20 62.07 34.72 0.93
N ILE G 21 63.12 35.47 0.58
CA ILE G 21 64.50 35.01 0.76
C ILE G 21 65.23 36.07 1.58
N ASP G 22 65.63 35.71 2.78
CA ASP G 22 66.36 36.61 3.67
C ASP G 22 67.80 36.14 3.76
N VAL G 23 68.71 36.95 3.26
CA VAL G 23 70.14 36.67 3.33
C VAL G 23 70.79 37.72 4.22
N ASP G 24 71.96 37.37 4.73
CA ASP G 24 72.68 38.30 5.59
C ASP G 24 73.13 39.52 4.80
N SER G 25 73.46 40.57 5.55
CA SER G 25 74.00 41.80 4.97
C SER G 25 75.46 41.61 4.63
N SER G 26 76.16 42.71 4.30
CA SER G 26 77.53 42.71 3.80
C SER G 26 77.63 42.00 2.47
N GLN G 27 76.47 41.65 1.89
CA GLN G 27 76.38 41.23 0.50
C GLN G 27 75.31 42.03 -0.24
N GLN G 28 74.85 43.14 0.34
CA GLN G 28 73.96 44.05 -0.36
C GLN G 28 74.62 44.56 -1.63
N GLU G 29 75.83 45.09 -1.51
CA GLU G 29 76.59 45.62 -2.63
C GLU G 29 77.84 44.79 -2.94
N ALA G 30 78.25 43.91 -2.02
CA ALA G 30 79.35 42.99 -2.30
C ALA G 30 78.95 41.90 -3.28
N LEU G 31 77.67 41.55 -3.30
CA LEU G 31 77.12 40.52 -4.18
C LEU G 31 76.41 41.11 -5.39
N GLU G 32 75.65 42.19 -5.19
CA GLU G 32 74.95 42.92 -6.26
C GLU G 32 75.84 43.10 -7.48
N ALA G 33 75.22 43.14 -8.66
CA ALA G 33 75.82 43.32 -9.98
C ALA G 33 76.44 42.03 -10.46
N ILE G 34 76.41 40.96 -9.65
CA ILE G 34 76.77 39.62 -10.10
C ILE G 34 75.52 38.76 -10.04
N ALA G 35 74.78 38.72 -11.15
CA ALA G 35 73.51 37.99 -11.26
C ALA G 35 72.59 38.45 -10.13
N LEU G 36 71.91 37.53 -9.43
CA LEU G 36 71.05 37.78 -8.27
C LEU G 36 69.74 38.43 -8.69
N ASN G 37 69.69 38.96 -9.92
CA ASN G 37 68.46 39.50 -10.47
C ASN G 37 68.12 38.92 -11.83
N ASP G 38 69.07 38.28 -12.50
CA ASP G 38 68.82 37.51 -13.71
C ASP G 38 68.91 36.02 -13.48
N GLU G 39 69.78 35.58 -12.57
CA GLU G 39 69.90 34.16 -12.26
C GLU G 39 68.63 33.62 -11.63
N LEU G 40 68.00 34.38 -10.73
CA LEU G 40 66.79 33.92 -10.08
C LEU G 40 65.66 33.73 -11.09
N VAL G 41 65.45 34.71 -11.96
CA VAL G 41 64.42 34.56 -12.97
C VAL G 41 64.78 33.45 -13.94
N ARG G 42 66.08 33.27 -14.23
CA ARG G 42 66.50 32.19 -15.12
C ARG G 42 66.13 30.83 -14.54
N VAL G 43 66.46 30.60 -13.27
CA VAL G 43 66.17 29.29 -12.67
C VAL G 43 64.66 29.09 -12.51
N ARG G 44 63.94 30.15 -12.13
CA ARG G 44 62.49 30.03 -12.02
C ARG G 44 61.86 29.70 -13.37
N ARG G 45 62.31 30.38 -14.43
CA ARG G 45 61.79 30.13 -15.76
C ARG G 45 62.10 28.72 -16.22
N ALA G 46 63.32 28.25 -15.94
CA ALA G 46 63.67 26.88 -16.33
C ALA G 46 62.81 25.87 -15.59
N LEU G 47 62.60 26.07 -14.29
CA LEU G 47 61.79 25.13 -13.53
C LEU G 47 60.34 25.16 -13.99
N TYR G 48 59.82 26.34 -14.32
CA TYR G 48 58.47 26.44 -14.85
C TYR G 48 58.35 25.72 -16.19
N LEU G 49 59.31 25.95 -17.09
CA LEU G 49 59.27 25.27 -18.38
C LEU G 49 59.36 23.76 -18.22
N ASP G 50 60.12 23.30 -17.21
CA ASP G 50 60.19 21.86 -16.96
C ASP G 50 58.90 21.32 -16.35
N LEU G 51 58.22 22.11 -15.52
CA LEU G 51 57.04 21.67 -14.80
C LEU G 51 55.75 22.31 -15.27
N GLY G 52 55.71 23.64 -15.37
CA GLY G 52 54.49 24.35 -15.72
C GLY G 52 53.76 24.97 -14.55
N VAL G 53 54.29 24.84 -13.34
CA VAL G 53 53.64 25.43 -12.16
C VAL G 53 53.87 26.94 -12.18
N PRO G 54 52.82 27.76 -12.06
CA PRO G 54 53.01 29.22 -12.05
C PRO G 54 53.58 29.72 -10.73
N PHE G 55 54.90 29.67 -10.58
CA PHE G 55 55.55 30.11 -9.36
C PHE G 55 55.29 31.60 -9.12
N PRO G 56 55.24 32.03 -7.87
CA PRO G 56 54.95 33.43 -7.56
C PRO G 56 56.19 34.30 -7.67
N GLY G 57 56.01 35.59 -7.37
CA GLY G 57 57.13 36.49 -7.33
C GLY G 57 58.00 36.25 -6.11
N ILE G 58 59.29 36.52 -6.27
CA ILE G 58 60.29 36.27 -5.22
C ILE G 58 60.73 37.61 -4.64
N HIS G 59 60.59 37.75 -3.32
CA HIS G 59 61.01 38.95 -2.61
C HIS G 59 62.39 38.68 -2.00
N LEU G 60 63.36 39.54 -2.34
CA LEU G 60 64.72 39.42 -1.87
C LEU G 60 65.05 40.59 -0.95
N ARG G 61 65.49 40.30 0.26
CA ARG G 61 65.83 41.31 1.24
C ARG G 61 67.16 40.97 1.90
N PHE G 62 67.92 42.02 2.24
CA PHE G 62 69.21 41.89 2.92
C PHE G 62 69.01 42.34 4.36
N ASN G 63 69.15 41.38 5.29
CA ASN G 63 68.96 41.65 6.71
C ASN G 63 70.30 41.61 7.43
N GLU G 64 70.59 42.66 8.20
CA GLU G 64 71.83 42.75 8.97
C GLU G 64 71.72 42.14 10.35
N GLY G 65 70.54 41.73 10.79
CA GLY G 65 70.39 41.18 12.12
C GLY G 65 71.10 39.86 12.29
N MET G 66 71.12 39.03 11.26
CA MET G 66 71.75 37.73 11.31
C MET G 66 73.26 37.87 11.11
N GLY G 67 73.94 36.76 10.85
CA GLY G 67 75.39 36.76 10.73
C GLY G 67 75.89 37.27 9.40
N GLU G 68 76.86 36.55 8.81
CA GLU G 68 77.49 36.98 7.56
C GLU G 68 77.12 36.13 6.36
N GLY G 69 76.81 34.85 6.54
CA GLY G 69 76.50 33.99 5.42
C GLY G 69 75.26 33.14 5.61
N GLU G 70 74.29 33.64 6.37
CA GLU G 70 73.05 32.93 6.63
C GLU G 70 72.00 33.35 5.61
N TYR G 71 71.47 32.38 4.87
CA TYR G 71 70.37 32.57 3.94
C TYR G 71 69.23 31.63 4.31
N LEU G 72 68.01 32.17 4.29
CA LEU G 72 66.81 31.40 4.58
C LEU G 72 65.76 31.68 3.51
N ILE G 73 65.09 30.61 3.08
CA ILE G 73 63.99 30.68 2.13
C ILE G 73 62.73 30.27 2.87
N SER G 74 61.73 31.14 2.86
CA SER G 74 60.49 30.97 3.59
C SER G 74 59.30 31.09 2.64
N LEU G 75 58.36 30.16 2.75
CA LEU G 75 57.13 30.19 1.97
C LEU G 75 56.00 30.70 2.86
N GLN G 76 55.43 31.84 2.49
CA GLN G 76 54.35 32.48 3.25
C GLN G 76 54.79 32.77 4.69
N GLU G 77 55.97 33.40 4.80
CA GLU G 77 56.53 33.87 6.07
C GLU G 77 56.68 32.76 7.12
N VAL G 78 57.04 31.56 6.66
CA VAL G 78 57.46 30.51 7.58
C VAL G 78 58.71 29.87 6.96
N PRO G 79 59.85 29.90 7.65
CA PRO G 79 61.09 29.42 7.03
C PRO G 79 61.02 27.94 6.71
N VAL G 80 61.36 27.59 5.47
CA VAL G 80 61.34 26.22 5.02
C VAL G 80 62.73 25.68 4.66
N ALA G 81 63.71 26.56 4.41
CA ALA G 81 65.06 26.08 4.12
C ALA G 81 66.06 27.12 4.60
N ARG G 82 66.74 26.83 5.71
CA ARG G 82 67.75 27.70 6.25
C ARG G 82 69.14 27.10 6.05
N GLY G 83 70.15 27.97 6.00
CA GLY G 83 71.52 27.48 5.93
C GLY G 83 72.55 28.59 5.94
N GLU G 84 73.69 28.34 6.58
CA GLU G 84 74.78 29.31 6.63
C GLU G 84 75.83 28.89 5.61
N LEU G 85 75.79 29.50 4.43
CA LEU G 85 76.75 29.20 3.38
C LEU G 85 78.15 29.64 3.79
N ALA G 87 83.48 29.28 5.27
CA ALA G 87 82.63 28.70 4.25
C ALA G 87 81.69 29.75 3.66
N GLY G 88 81.46 29.67 2.36
CA GLY G 88 80.56 30.60 1.69
C GLY G 88 81.10 31.99 1.41
N TYR G 89 81.75 32.61 2.39
CA TYR G 89 82.31 33.95 2.19
C TYR G 89 83.38 33.94 1.12
N LEU G 90 84.35 33.03 1.23
CA LEU G 90 85.39 32.90 0.21
C LEU G 90 85.65 31.44 -0.14
N LEU G 91 84.84 30.51 0.36
CA LEU G 91 84.99 29.09 0.07
C LEU G 91 83.82 28.65 -0.80
N VAL G 92 84.11 28.28 -2.04
CA VAL G 92 83.10 27.75 -2.95
C VAL G 92 82.91 26.26 -2.67
N ARG G 93 81.70 25.77 -2.88
CA ARG G 93 81.37 24.42 -2.47
C ARG G 93 81.57 23.43 -3.61
N GLU G 94 81.68 22.16 -3.22
CA GLU G 94 81.79 21.03 -4.14
C GLU G 94 80.81 19.96 -3.71
N SER G 95 80.08 19.41 -4.69
CA SER G 95 79.03 18.44 -4.43
C SER G 95 79.46 16.99 -4.64
N VAL G 96 80.58 16.75 -5.31
CA VAL G 96 81.04 15.39 -5.58
C VAL G 96 82.34 15.16 -4.82
N SER G 97 82.48 15.83 -3.69
CA SER G 97 83.65 15.64 -2.84
C SER G 97 83.72 14.19 -2.36
N GLN G 98 84.89 13.59 -2.50
CA GLN G 98 85.09 12.19 -2.15
C GLN G 98 86.59 12.01 -1.91
N LEU G 99 87.05 10.76 -1.89
CA LEU G 99 88.48 10.51 -1.78
C LEU G 99 89.22 11.05 -2.99
N GLU G 100 88.52 11.35 -4.09
CA GLU G 100 89.15 12.07 -5.19
C GLU G 100 89.59 13.46 -4.76
N LEU G 101 88.76 14.13 -3.95
CA LEU G 101 89.15 15.43 -3.42
C LEU G 101 90.35 15.33 -2.48
N LEU G 102 90.59 14.15 -1.90
CA LEU G 102 91.86 13.89 -1.22
C LEU G 102 92.98 13.61 -2.22
N GLY G 103 92.65 13.02 -3.36
CA GLY G 103 93.65 12.83 -4.40
C GLY G 103 94.23 14.14 -4.90
N ILE G 104 93.39 15.18 -4.98
CA ILE G 104 93.85 16.53 -5.27
C ILE G 104 93.77 17.31 -3.96
N PRO G 105 94.83 17.32 -3.15
CA PRO G 105 94.69 17.72 -1.74
C PRO G 105 94.39 19.20 -1.54
N TYR G 106 93.15 19.50 -1.15
CA TYR G 106 92.73 20.85 -0.82
C TYR G 106 91.88 20.79 0.45
N GLU G 107 91.84 21.91 1.16
CA GLU G 107 91.01 21.99 2.36
C GLU G 107 89.54 21.82 1.98
N LYS G 108 88.84 20.99 2.75
CA LYS G 108 87.44 20.70 2.45
C LYS G 108 86.56 20.89 3.67
N LEU G 113 73.48 19.65 4.84
CA LEU G 113 72.97 20.42 3.71
C LEU G 113 72.05 19.57 2.85
N PRO G 114 70.94 20.14 2.39
CA PRO G 114 70.02 19.38 1.53
C PRO G 114 70.63 18.92 0.22
N ASP G 115 71.75 19.49 -0.19
CA ASP G 115 72.43 19.07 -1.41
C ASP G 115 73.19 17.76 -1.13
N GLN G 116 73.99 17.32 -2.10
CA GLN G 116 74.79 16.12 -1.93
C GLN G 116 76.00 16.43 -1.04
N GLU G 117 76.95 15.50 -0.98
CA GLU G 117 78.13 15.67 -0.15
C GLU G 117 78.85 16.97 -0.49
N THR G 118 78.85 17.91 0.45
CA THR G 118 79.35 19.26 0.22
C THR G 118 80.65 19.47 0.96
N PHE G 119 81.65 20.00 0.26
CA PHE G 119 82.89 20.40 0.92
C PHE G 119 83.42 21.67 0.28
N TRP G 120 83.97 22.56 1.11
CA TRP G 120 84.28 23.92 0.70
C TRP G 120 85.78 24.08 0.44
N VAL G 121 86.11 24.76 -0.66
CA VAL G 121 87.50 25.00 -1.06
C VAL G 121 87.68 26.49 -1.33
N SER G 122 88.92 26.96 -1.15
CA SER G 122 89.23 28.37 -1.32
C SER G 122 89.30 28.76 -2.79
N VAL G 123 89.30 30.07 -3.05
CA VAL G 123 89.30 30.56 -4.42
C VAL G 123 90.67 30.46 -5.08
N GLU G 124 91.75 30.37 -4.29
CA GLU G 124 93.06 30.15 -4.88
C GLU G 124 93.17 28.76 -5.48
N TYR G 125 92.43 27.80 -4.93
CA TYR G 125 92.38 26.44 -5.47
C TYR G 125 91.47 26.32 -6.69
N GLU G 126 90.74 27.39 -7.02
CA GLU G 126 89.74 27.31 -8.08
C GLU G 126 90.37 27.01 -9.44
N GLU G 127 91.53 27.62 -9.74
CA GLU G 127 92.15 27.42 -11.03
C GLU G 127 92.57 25.96 -11.24
N ARG G 128 93.32 25.41 -10.28
CA ARG G 128 93.83 24.05 -10.45
C ARG G 128 92.71 23.02 -10.37
N LEU G 129 91.67 23.29 -9.58
CA LEU G 129 90.54 22.36 -9.50
C LEU G 129 89.66 22.44 -10.74
N GLU G 130 89.53 23.63 -11.35
CA GLU G 130 88.81 23.73 -12.62
C GLU G 130 89.62 23.16 -13.77
N LYS G 131 90.94 23.06 -13.63
CA LYS G 131 91.70 22.25 -14.57
C LYS G 131 91.25 20.79 -14.52
N SER G 132 90.80 20.33 -13.35
CA SER G 132 90.18 19.01 -13.22
C SER G 132 88.70 19.01 -13.57
N GLN G 133 88.10 20.18 -13.78
CA GLN G 133 86.72 20.33 -14.23
C GLN G 133 85.73 19.68 -13.25
N LEU G 134 85.67 20.27 -12.05
CA LEU G 134 84.73 19.87 -11.02
C LEU G 134 83.73 20.99 -10.75
N GLU G 135 82.84 20.74 -9.79
CA GLU G 135 81.76 21.69 -9.49
C GLU G 135 82.29 22.93 -8.76
N PHE G 136 81.81 24.09 -9.18
CA PHE G 136 82.27 25.37 -8.64
C PHE G 136 81.09 26.27 -8.34
N PHE G 137 80.12 25.74 -7.61
CA PHE G 137 78.95 26.53 -7.22
C PHE G 137 79.38 27.80 -6.49
N SER G 138 79.10 28.95 -7.09
CA SER G 138 79.35 30.24 -6.46
C SER G 138 78.17 30.56 -5.54
N HIS G 139 78.15 31.78 -4.99
CA HIS G 139 77.05 32.18 -4.11
C HIS G 139 75.73 32.14 -4.85
N SER G 140 75.69 32.71 -6.06
CA SER G 140 74.47 32.68 -6.86
C SER G 140 74.07 31.25 -7.16
N GLN G 141 75.03 30.40 -7.51
CA GLN G 141 74.71 29.03 -7.88
C GLN G 141 74.13 28.24 -6.71
N VAL G 142 74.72 28.36 -5.52
CA VAL G 142 74.21 27.61 -4.37
C VAL G 142 72.86 28.17 -3.93
N LEU G 143 72.69 29.50 -3.96
CA LEU G 143 71.41 30.08 -3.59
C LEU G 143 70.30 29.62 -4.53
N THR G 144 70.57 29.65 -5.84
CA THR G 144 69.57 29.22 -6.81
C THR G 144 69.35 27.71 -6.76
N TRP G 145 70.38 26.93 -6.39
CA TRP G 145 70.17 25.49 -6.24
C TRP G 145 69.20 25.21 -5.09
N HIS G 146 69.39 25.89 -3.96
CA HIS G 146 68.46 25.73 -2.85
C HIS G 146 67.07 26.22 -3.23
N LEU G 147 66.99 27.33 -3.95
CA LEU G 147 65.70 27.84 -4.41
C LEU G 147 64.99 26.81 -5.30
N SER G 148 65.73 26.21 -6.23
CA SER G 148 65.15 25.22 -7.13
C SER G 148 64.68 23.99 -6.38
N HIS G 149 65.48 23.53 -5.40
CA HIS G 149 65.05 22.38 -4.61
C HIS G 149 63.79 22.68 -3.82
N VAL G 150 63.72 23.88 -3.22
CA VAL G 150 62.54 24.27 -2.46
C VAL G 150 61.31 24.32 -3.37
N LEU G 151 61.46 24.93 -4.54
CA LEU G 151 60.33 25.03 -5.47
C LEU G 151 59.88 23.66 -5.95
N ARG G 152 60.84 22.75 -6.19
CA ARG G 152 60.48 21.42 -6.68
C ARG G 152 59.77 20.60 -5.61
N GLU G 153 60.26 20.64 -4.36
CA GLU G 153 59.64 19.82 -3.33
C GLU G 153 58.43 20.49 -2.69
N TYR G 154 58.18 21.76 -2.95
CA TYR G 154 57.04 22.47 -2.37
C TYR G 154 56.19 23.13 -3.45
N ALA G 155 56.14 22.54 -4.65
CA ALA G 155 55.35 23.12 -5.72
C ALA G 155 53.86 22.96 -5.48
N GLU G 156 53.45 21.96 -4.68
CA GLU G 156 52.04 21.77 -4.41
C GLU G 156 51.43 22.98 -3.72
N ASP G 157 52.24 23.72 -2.96
CA ASP G 157 51.75 24.92 -2.28
C ASP G 157 51.61 26.11 -3.22
N PHE G 158 52.10 26.00 -4.46
CA PHE G 158 51.99 27.07 -5.45
C PHE G 158 50.83 26.85 -6.41
N ILE G 159 50.02 25.81 -6.20
CA ILE G 159 48.88 25.54 -7.06
C ILE G 159 47.60 25.77 -6.29
N GLY G 160 47.06 26.98 -6.38
CA GLY G 160 45.80 27.33 -5.78
C GLY G 160 44.68 27.47 -6.80
N ILE G 161 43.50 27.84 -6.30
CA ILE G 161 42.38 28.10 -7.18
C ILE G 161 42.68 29.30 -8.07
N GLN G 162 43.30 30.34 -7.50
CA GLN G 162 43.64 31.52 -8.29
C GLN G 162 44.64 31.18 -9.39
N GLU G 163 45.64 30.34 -9.08
CA GLU G 163 46.63 29.98 -10.09
C GLU G 163 46.00 29.20 -11.23
N THR G 164 45.15 28.23 -10.92
CA THR G 164 44.47 27.46 -11.96
C THR G 164 43.56 28.34 -12.79
N ARG G 165 42.86 29.29 -12.14
CA ARG G 165 42.02 30.21 -12.90
C ARG G 165 42.86 31.09 -13.82
N TYR G 166 44.02 31.53 -13.35
CA TYR G 166 44.91 32.30 -14.23
C TYR G 166 45.36 31.47 -15.42
N LEU G 167 45.71 30.19 -15.19
CA LEU G 167 46.10 29.32 -16.28
C LEU G 167 44.97 29.16 -17.29
N LEU G 168 43.75 28.96 -16.80
CA LEU G 168 42.61 28.83 -17.71
C LEU G 168 42.36 30.12 -18.50
N GLU G 169 42.45 31.27 -17.82
CA GLU G 169 42.22 32.55 -18.50
C GLU G 169 43.31 32.86 -19.51
N GLN G 170 44.53 32.38 -19.28
CA GLN G 170 45.61 32.63 -20.23
C GLN G 170 45.43 31.80 -21.49
N MET G 171 44.75 30.67 -21.40
CA MET G 171 44.54 29.79 -22.54
C MET G 171 43.16 29.95 -23.16
N GLU G 172 42.38 30.96 -22.75
CA GLU G 172 41.05 31.15 -23.31
C GLU G 172 41.11 31.46 -24.79
N GLY G 173 42.08 32.29 -25.20
CA GLY G 173 42.21 32.59 -26.63
C GLY G 173 42.59 31.35 -27.43
N GLY G 174 43.41 30.48 -26.87
CA GLY G 174 43.84 29.28 -27.55
C GLY G 174 42.72 28.26 -27.71
N TYR G 175 42.22 27.74 -26.59
CA TYR G 175 41.19 26.71 -26.59
C TYR G 175 40.00 27.21 -25.75
N GLY G 176 39.09 27.92 -26.39
CA GLY G 176 37.94 28.45 -25.66
C GLY G 176 36.92 27.38 -25.34
N GLU G 177 36.45 26.65 -26.36
CA GLU G 177 35.43 25.63 -26.15
C GLU G 177 35.94 24.49 -25.29
N LEU G 178 37.22 24.14 -25.39
CA LEU G 178 37.78 23.11 -24.53
C LEU G 178 37.70 23.53 -23.06
N ILE G 179 38.04 24.78 -22.76
CA ILE G 179 37.96 25.27 -21.39
C ILE G 179 36.51 25.32 -20.92
N LYS G 180 35.60 25.78 -21.79
CA LYS G 180 34.19 25.83 -21.41
C LYS G 180 33.62 24.44 -21.14
N GLU G 181 34.08 23.44 -21.89
CA GLU G 181 33.62 22.07 -21.65
C GLU G 181 34.20 21.51 -20.36
N VAL G 182 35.51 21.70 -20.15
CA VAL G 182 36.13 21.13 -18.96
C VAL G 182 35.61 21.80 -17.69
N GLN G 183 35.27 23.09 -17.76
CA GLN G 183 34.67 23.74 -16.60
C GLN G 183 33.31 23.17 -16.28
N ARG G 184 32.51 22.89 -17.32
CA ARG G 184 31.18 22.32 -17.07
C ARG G 184 31.27 20.87 -16.64
N ILE G 185 32.38 20.18 -16.91
CA ILE G 185 32.51 18.78 -16.53
C ILE G 185 33.03 18.63 -15.10
N VAL G 186 34.07 19.36 -14.74
CA VAL G 186 34.66 19.25 -13.41
C VAL G 186 34.79 20.65 -12.80
N PRO G 187 34.71 20.77 -11.48
CA PRO G 187 34.84 22.09 -10.84
C PRO G 187 36.31 22.48 -10.69
N LEU G 188 36.51 23.72 -10.21
CA LEU G 188 37.86 24.23 -10.03
C LEU G 188 38.59 23.47 -8.93
N GLN G 189 37.88 23.09 -7.86
CA GLN G 189 38.55 22.41 -6.75
C GLN G 189 39.13 21.08 -7.18
N ARG G 190 38.33 20.26 -7.88
CA ARG G 190 38.83 18.97 -8.35
C ARG G 190 39.97 19.13 -9.33
N MET G 191 39.85 20.10 -10.24
CA MET G 191 40.90 20.33 -11.23
C MET G 191 42.21 20.74 -10.58
N THR G 192 42.15 21.65 -9.60
CA THR G 192 43.35 22.07 -8.89
C THR G 192 43.95 20.93 -8.09
N GLU G 193 43.10 20.12 -7.45
CA GLU G 193 43.62 18.97 -6.71
C GLU G 193 44.31 17.99 -7.65
N ILE G 194 43.74 17.79 -8.84
CA ILE G 194 44.36 16.91 -9.84
C ILE G 194 45.72 17.47 -10.26
N LEU G 195 45.79 18.78 -10.49
CA LEU G 195 47.07 19.38 -10.87
C LEU G 195 48.10 19.23 -9.76
N GLN G 196 47.68 19.42 -8.51
CA GLN G 196 48.59 19.23 -7.39
C GLN G 196 49.08 17.79 -7.30
N ARG G 197 48.20 16.82 -7.49
CA ARG G 197 48.62 15.42 -7.46
C ARG G 197 49.57 15.11 -8.61
N LEU G 198 49.31 15.69 -9.79
CA LEU G 198 50.22 15.49 -10.91
C LEU G 198 51.61 16.04 -10.62
N VAL G 199 51.67 17.25 -10.06
CA VAL G 199 52.96 17.86 -9.78
C VAL G 199 53.68 17.13 -8.65
N GLY G 200 52.92 16.57 -7.70
CA GLY G 200 53.54 15.80 -6.63
C GLY G 200 54.30 14.58 -7.11
N GLU G 201 54.01 14.11 -8.32
CA GLU G 201 54.71 12.97 -8.92
C GLU G 201 55.72 13.42 -9.97
N ASP G 202 56.10 14.69 -9.97
CA ASP G 202 57.06 15.27 -10.93
C ASP G 202 56.55 15.18 -12.37
N ILE G 203 55.23 15.17 -12.55
CA ILE G 203 54.62 15.18 -13.87
C ILE G 203 54.36 16.62 -14.27
N SER G 204 54.82 17.00 -15.47
CA SER G 204 54.75 18.39 -15.87
C SER G 204 53.34 18.81 -16.24
N ILE G 205 52.92 19.98 -15.75
CA ILE G 205 51.67 20.59 -16.15
C ILE G 205 51.76 21.22 -17.53
N ARG G 206 52.98 21.54 -17.98
CA ARG G 206 53.21 22.34 -19.18
C ARG G 206 52.30 22.00 -20.35
N ASN G 207 52.14 20.70 -20.63
CA ASN G 207 51.28 20.25 -21.74
C ASN G 207 49.83 20.21 -21.26
N MET G 208 49.20 21.39 -21.23
CA MET G 208 47.86 21.51 -20.69
C MET G 208 46.78 20.98 -21.62
N ARG G 209 47.04 20.93 -22.93
CA ARG G 209 46.02 20.50 -23.88
C ARG G 209 45.60 19.05 -23.63
N SER G 210 46.58 18.15 -23.53
CA SER G 210 46.27 16.75 -23.28
C SER G 210 45.64 16.57 -21.90
N ILE G 211 46.08 17.35 -20.92
CA ILE G 211 45.50 17.27 -19.58
C ILE G 211 44.01 17.63 -19.63
N LEU G 212 43.68 18.71 -20.33
CA LEU G 212 42.28 19.11 -20.43
C LEU G 212 41.46 18.10 -21.21
N GLU G 213 42.04 17.53 -22.28
CA GLU G 213 41.32 16.51 -23.03
C GLU G 213 41.04 15.28 -22.17
N ALA G 214 42.03 14.84 -21.38
CA ALA G 214 41.81 13.73 -20.46
C ALA G 214 40.79 14.07 -19.40
N MET G 215 40.82 15.30 -18.89
CA MET G 215 39.84 15.74 -17.92
C MET G 215 38.44 15.66 -18.49
N VAL G 216 38.27 16.12 -19.73
CA VAL G 216 36.97 16.04 -20.39
C VAL G 216 36.55 14.58 -20.58
N GLU G 217 37.48 13.74 -21.03
CA GLU G 217 37.11 12.37 -21.38
C GLU G 217 36.75 11.55 -20.14
N TRP G 218 37.47 11.73 -19.04
CA TRP G 218 37.30 10.86 -17.89
C TRP G 218 36.58 11.50 -16.71
N GLY G 219 36.30 12.82 -16.75
CA GLY G 219 35.59 13.45 -15.65
C GLY G 219 34.13 13.08 -15.58
N GLN G 220 33.55 12.67 -16.70
CA GLN G 220 32.16 12.24 -16.74
C GLN G 220 31.97 10.83 -16.19
N LYS G 221 33.03 10.02 -16.16
CA LYS G 221 32.94 8.63 -15.73
C LYS G 221 33.33 8.42 -14.28
N GLU G 222 34.39 9.07 -13.81
CA GLU G 222 34.89 8.89 -12.45
C GLU G 222 34.76 10.19 -11.66
N LYS G 223 34.31 10.04 -10.42
CA LYS G 223 34.19 11.15 -9.49
C LYS G 223 35.24 11.14 -8.38
N ASP G 224 35.79 9.96 -8.08
CA ASP G 224 36.88 9.88 -7.10
C ASP G 224 38.13 10.54 -7.68
N VAL G 225 38.81 11.31 -6.83
CA VAL G 225 39.96 12.08 -7.30
C VAL G 225 41.10 11.13 -7.69
N VAL G 226 41.30 10.06 -6.92
CA VAL G 226 42.42 9.15 -7.17
C VAL G 226 42.30 8.50 -8.55
N GLN G 227 41.13 7.94 -8.85
CA GLN G 227 40.95 7.27 -10.13
C GLN G 227 41.04 8.26 -11.29
N LEU G 228 40.47 9.45 -11.12
CA LEU G 228 40.52 10.45 -12.19
C LEU G 228 41.95 10.89 -12.46
N THR G 229 42.74 11.11 -11.40
CA THR G 229 44.12 11.52 -11.61
C THR G 229 44.96 10.37 -12.17
N GLU G 230 44.61 9.13 -11.83
CA GLU G 230 45.28 7.98 -12.46
C GLU G 230 45.00 7.93 -13.96
N TYR G 231 43.74 8.19 -14.34
CA TYR G 231 43.40 8.23 -15.77
C TYR G 231 44.13 9.37 -16.48
N ILE G 232 44.23 10.53 -15.83
CA ILE G 232 44.94 11.65 -16.43
C ILE G 232 46.43 11.34 -16.57
N ARG G 233 47.00 10.63 -15.59
CA ARG G 233 48.38 10.18 -15.73
C ARG G 233 48.53 9.23 -16.91
N SER G 234 47.61 8.27 -17.02
CA SER G 234 47.64 7.33 -18.13
C SER G 234 47.44 8.01 -19.48
N SER G 235 46.83 9.21 -19.49
CA SER G 235 46.71 9.96 -20.72
C SER G 235 48.03 10.57 -21.18
N LEU G 236 49.09 10.45 -20.39
CA LEU G 236 50.38 11.05 -20.72
C LEU G 236 51.42 9.95 -20.94
N LYS G 237 51.04 8.91 -21.69
CA LYS G 237 51.89 7.74 -21.86
C LYS G 237 53.26 8.10 -22.42
N ARG G 238 53.28 8.82 -23.55
CA ARG G 238 54.57 9.08 -24.18
C ARG G 238 55.40 10.07 -23.37
N TYR G 239 54.77 11.04 -22.72
CA TYR G 239 55.52 11.95 -21.87
C TYR G 239 56.18 11.21 -20.72
N ILE G 240 55.44 10.33 -20.05
CA ILE G 240 56.01 9.55 -18.96
C ILE G 240 57.12 8.64 -19.47
N CYS G 241 56.90 8.01 -20.63
CA CYS G 241 57.90 7.12 -21.19
C CYS G 241 59.20 7.88 -21.48
N TYR G 242 59.10 9.05 -22.09
CA TYR G 242 60.31 9.80 -22.39
C TYR G 242 60.96 10.33 -21.11
N LYS G 243 60.16 10.71 -20.12
CA LYS G 243 60.72 11.29 -18.90
C LYS G 243 61.48 10.25 -18.08
N TYR G 244 60.98 9.02 -18.02
CA TYR G 244 61.61 8.03 -17.15
C TYR G 244 62.49 7.02 -17.86
N ALA G 245 62.19 6.64 -19.10
CA ALA G 245 63.01 5.67 -19.79
C ALA G 245 64.32 6.29 -20.27
N ASN G 246 65.40 5.53 -20.14
CA ASN G 246 66.72 5.93 -20.61
C ASN G 246 67.17 4.94 -21.68
N GLY G 247 68.12 5.38 -22.51
CA GLY G 247 68.52 4.53 -23.60
C GLY G 247 67.43 4.55 -24.66
N ASN G 248 67.35 3.49 -25.46
CA ASN G 248 66.38 3.44 -26.54
C ASN G 248 65.29 2.43 -26.19
N ASN G 249 64.04 2.90 -26.16
CA ASN G 249 62.86 2.10 -25.86
C ASN G 249 63.06 1.14 -24.69
N ILE G 250 63.97 1.48 -23.78
CA ILE G 250 64.29 0.65 -22.62
C ILE G 250 63.76 1.32 -21.36
N LEU G 251 62.96 0.60 -20.58
CA LEU G 251 62.40 1.11 -19.33
C LEU G 251 62.73 0.17 -18.18
N PRO G 252 63.63 0.56 -17.27
CA PRO G 252 63.89 -0.30 -16.10
C PRO G 252 62.66 -0.41 -15.22
N ALA G 253 62.39 -1.63 -14.76
CA ALA G 253 61.20 -1.90 -13.98
C ALA G 253 61.50 -2.78 -12.78
N TYR G 254 60.69 -2.64 -11.74
CA TYR G 254 60.73 -3.46 -10.54
C TYR G 254 59.35 -4.03 -10.25
N LEU G 255 58.74 -4.65 -11.26
CA LEU G 255 57.35 -5.08 -11.22
C LEU G 255 57.04 -5.88 -9.95
N PHE G 256 55.80 -5.73 -9.48
CA PHE G 256 55.32 -6.38 -8.27
C PHE G 256 54.68 -7.73 -8.58
N ASP G 257 54.80 -8.65 -7.63
CA ASP G 257 54.11 -9.92 -7.76
C ASP G 257 52.61 -9.73 -7.55
N GLN G 258 51.83 -10.68 -8.07
CA GLN G 258 50.38 -10.58 -7.94
C GLN G 258 49.95 -10.68 -6.48
N GLU G 259 50.61 -11.55 -5.70
CA GLU G 259 50.22 -11.70 -4.30
C GLU G 259 50.42 -10.41 -3.52
N VAL G 260 51.55 -9.73 -3.74
CA VAL G 260 51.80 -8.48 -3.04
C VAL G 260 50.79 -7.41 -3.45
N GLU G 261 50.49 -7.33 -4.75
CA GLU G 261 49.50 -6.38 -5.21
C GLU G 261 48.14 -6.64 -4.59
N GLU G 262 47.74 -7.91 -4.50
CA GLU G 262 46.45 -8.24 -3.90
C GLU G 262 46.45 -7.88 -2.41
N LYS G 263 47.55 -8.15 -1.71
CA LYS G 263 47.63 -7.82 -0.30
C LYS G 263 47.52 -6.31 -0.08
N ILE G 264 48.18 -5.53 -0.92
CA ILE G 264 48.07 -4.07 -0.83
C ILE G 264 46.64 -3.61 -1.15
N ARG G 265 46.06 -4.15 -2.22
CA ARG G 265 44.72 -3.76 -2.64
C ARG G 265 43.65 -4.14 -1.63
N SER G 266 43.91 -5.13 -0.78
CA SER G 266 42.90 -5.60 0.16
C SER G 266 42.49 -4.56 1.20
N ARG G 267 43.26 -3.47 1.36
CA ARG G 267 42.96 -2.47 2.38
C ARG G 267 42.95 -1.06 1.79
N VAL G 268 42.19 -0.88 0.72
CA VAL G 268 42.08 0.45 0.12
C VAL G 268 41.31 1.40 1.04
N ARG G 269 40.24 0.92 1.65
CA ARG G 269 39.48 1.66 2.67
C ARG G 269 38.96 3.00 2.14
N GLN G 270 38.05 2.90 1.16
CA GLN G 270 37.45 4.08 0.54
C GLN G 270 36.21 4.53 1.33
N THR G 271 36.46 4.93 2.59
CA THR G 271 35.38 5.20 3.52
C THR G 271 34.88 6.65 3.50
N SER G 272 35.79 7.62 3.49
CA SER G 272 35.43 9.03 3.60
C SER G 272 36.04 9.85 2.49
N ALA G 273 35.93 9.36 1.25
CA ALA G 273 36.48 9.96 0.04
C ALA G 273 37.99 10.21 0.14
N GLY G 274 38.65 9.64 1.15
CA GLY G 274 40.08 9.70 1.26
C GLY G 274 40.73 8.49 0.64
N SER G 275 40.32 7.31 1.12
CA SER G 275 40.80 6.00 0.63
C SER G 275 42.21 5.71 1.12
N TYR G 276 42.47 5.97 2.40
CA TYR G 276 43.80 5.77 2.94
C TYR G 276 44.15 4.29 3.00
N LEU G 277 45.42 3.97 2.74
CA LEU G 277 45.90 2.60 2.69
C LEU G 277 46.54 2.24 4.03
N ALA G 278 45.72 1.73 4.94
CA ALA G 278 46.18 1.27 6.24
C ALA G 278 45.84 -0.21 6.36
N LEU G 279 46.85 -1.08 6.18
CA LEU G 279 46.59 -2.52 6.32
C LEU G 279 46.94 -3.00 7.72
N ASP G 280 48.24 -3.15 8.01
CA ASP G 280 48.73 -3.45 9.34
C ASP G 280 50.13 -2.88 9.42
N PRO G 281 50.51 -2.22 10.52
CA PRO G 281 51.90 -1.73 10.61
C PRO G 281 52.94 -2.84 10.48
N ALA G 282 52.69 -4.01 11.07
CA ALA G 282 53.62 -5.11 10.91
C ALA G 282 53.65 -5.63 9.48
N VAL G 283 52.47 -5.73 8.85
CA VAL G 283 52.41 -6.24 7.48
C VAL G 283 53.09 -5.27 6.52
N THR G 284 52.83 -3.96 6.67
CA THR G 284 53.50 -2.99 5.81
C THR G 284 55.00 -2.97 6.08
N GLU G 285 55.41 -3.18 7.33
CA GLU G 285 56.84 -3.29 7.62
C GLU G 285 57.46 -4.48 6.89
N SER G 286 56.76 -5.62 6.90
CA SER G 286 57.26 -6.80 6.20
C SER G 286 57.33 -6.58 4.69
N LEU G 287 56.30 -5.94 4.12
CA LEU G 287 56.30 -5.67 2.70
C LEU G 287 57.43 -4.70 2.32
N LEU G 288 57.66 -3.68 3.14
CA LEU G 288 58.74 -2.75 2.89
C LEU G 288 60.09 -3.44 3.02
N GLU G 289 60.22 -4.37 3.96
CA GLU G 289 61.45 -5.16 4.08
C GLU G 289 61.67 -6.01 2.85
N GLN G 290 60.61 -6.64 2.32
CA GLN G 290 60.74 -7.42 1.10
C GLN G 290 61.15 -6.55 -0.08
N VAL G 291 60.56 -5.35 -0.19
CA VAL G 291 60.92 -4.43 -1.26
C VAL G 291 62.39 -4.02 -1.13
N ARG G 292 62.84 -3.73 0.09
CA ARG G 292 64.23 -3.35 0.31
C ARG G 292 65.17 -4.50 -0.02
N LYS G 293 64.81 -5.72 0.35
CA LYS G 293 65.65 -6.87 0.04
C LYS G 293 65.75 -7.12 -1.46
N THR G 294 64.64 -6.99 -2.17
CA THR G 294 64.66 -7.23 -3.63
C THR G 294 65.31 -6.07 -4.37
N ILE G 295 64.64 -4.91 -4.37
CA ILE G 295 65.16 -3.73 -5.06
C ILE G 295 66.61 -3.45 -4.68
N GLY G 296 66.88 -3.46 -3.37
CA GLY G 296 68.18 -3.00 -2.88
C GLY G 296 68.16 -1.52 -2.55
N ASP G 297 69.32 -0.87 -2.62
CA ASP G 297 69.41 0.57 -2.38
C ASP G 297 69.81 1.33 -3.65
N LEU G 298 70.96 0.99 -4.23
CA LEU G 298 71.46 1.55 -5.48
C LEU G 298 71.30 3.06 -5.58
N SER G 299 71.44 3.76 -4.44
CA SER G 299 71.29 5.21 -4.45
C SER G 299 72.40 5.89 -5.25
N GLN G 300 73.63 5.39 -5.11
CA GLN G 300 74.76 5.96 -5.85
C GLN G 300 74.66 5.72 -7.35
N ILE G 301 73.84 4.76 -7.77
CA ILE G 301 73.73 4.36 -9.17
C ILE G 301 72.76 5.30 -9.90
N GLN G 302 72.70 5.18 -11.22
CA GLN G 302 72.08 6.11 -12.14
C GLN G 302 70.85 5.47 -12.79
N SER G 303 70.34 6.12 -13.84
CA SER G 303 69.32 5.65 -14.79
C SER G 303 67.89 5.72 -14.24
N LYS G 304 67.69 6.08 -12.97
CA LYS G 304 66.37 6.27 -12.38
C LYS G 304 65.43 5.10 -12.68
N PRO G 305 65.60 3.96 -12.03
CA PRO G 305 64.63 2.87 -12.21
C PRO G 305 63.29 3.29 -11.64
N VAL G 306 62.22 2.76 -12.22
CA VAL G 306 60.86 3.11 -11.82
C VAL G 306 60.12 1.83 -11.43
N LEU G 307 59.31 1.93 -10.40
CA LEU G 307 58.44 0.83 -10.01
C LEU G 307 57.18 0.84 -10.85
N ILE G 308 56.78 -0.32 -11.35
CA ILE G 308 55.58 -0.46 -12.17
C ILE G 308 54.64 -1.43 -11.49
N VAL G 309 53.41 -0.98 -11.26
CA VAL G 309 52.41 -1.75 -10.52
C VAL G 309 51.06 -1.49 -11.17
N SER G 310 50.05 -2.24 -10.72
CA SER G 310 48.70 -2.08 -11.25
C SER G 310 48.20 -0.66 -11.02
N MET G 311 47.44 -0.14 -11.98
CA MET G 311 47.05 1.27 -11.95
C MET G 311 46.18 1.59 -10.74
N ASP G 312 45.22 0.71 -10.44
CA ASP G 312 44.22 1.01 -9.41
C ASP G 312 44.83 1.27 -8.04
N ILE G 313 46.05 0.80 -7.81
CA ILE G 313 46.72 0.96 -6.52
C ILE G 313 48.01 1.76 -6.63
N ARG G 314 48.30 2.32 -7.82
CA ARG G 314 49.61 2.92 -8.06
C ARG G 314 49.95 3.98 -7.01
N ARG G 315 49.06 4.97 -6.85
CA ARG G 315 49.29 6.01 -5.86
C ARG G 315 49.42 5.42 -4.47
N TYR G 316 48.56 4.44 -4.14
CA TYR G 316 48.62 3.81 -2.82
C TYR G 316 49.97 3.16 -2.58
N VAL G 317 50.60 2.62 -3.63
CA VAL G 317 51.94 2.06 -3.48
C VAL G 317 52.96 3.17 -3.26
N ARG G 318 52.82 4.28 -3.99
CA ARG G 318 53.84 5.33 -3.94
C ARG G 318 54.01 5.88 -2.54
N LYS G 319 52.91 6.30 -1.92
CA LYS G 319 53.00 6.81 -0.56
C LYS G 319 53.43 5.74 0.43
N LEU G 320 53.32 4.46 0.07
CA LEU G 320 53.84 3.41 0.94
C LEU G 320 55.37 3.44 0.97
N ILE G 321 55.99 3.79 -0.16
CA ILE G 321 57.45 3.78 -0.27
C ILE G 321 58.01 5.18 -0.36
N GLU G 322 57.18 6.22 -0.21
CA GLU G 322 57.67 7.58 -0.27
C GLU G 322 58.56 7.91 0.91
N SER G 323 58.36 7.25 2.05
CA SER G 323 59.15 7.54 3.24
C SER G 323 60.62 7.17 3.03
N GLU G 324 60.88 5.99 2.47
CA GLU G 324 62.26 5.53 2.28
C GLU G 324 62.78 5.87 0.89
N TYR G 325 62.10 5.40 -0.15
CA TYR G 325 62.53 5.59 -1.53
C TYR G 325 61.77 6.77 -2.14
N TYR G 326 62.18 7.98 -1.74
CA TYR G 326 61.59 9.18 -2.31
C TYR G 326 61.97 9.34 -3.78
N GLY G 327 63.09 8.76 -4.19
CA GLY G 327 63.51 8.80 -5.58
C GLY G 327 62.64 7.98 -6.50
N LEU G 328 62.76 6.65 -6.38
CA LEU G 328 62.04 5.65 -7.17
C LEU G 328 60.60 6.05 -7.45
N PRO G 329 60.26 6.35 -8.71
CA PRO G 329 58.87 6.63 -9.05
C PRO G 329 58.05 5.36 -9.14
N VAL G 330 56.73 5.54 -9.12
CA VAL G 330 55.77 4.44 -9.26
C VAL G 330 54.90 4.74 -10.47
N LEU G 331 54.77 3.75 -11.37
CA LEU G 331 54.03 3.90 -12.60
C LEU G 331 52.95 2.83 -12.73
N SER G 332 51.96 3.13 -13.54
CA SER G 332 50.86 2.23 -13.83
C SER G 332 51.09 1.52 -15.16
N TYR G 333 50.52 0.32 -15.27
CA TYR G 333 50.61 -0.40 -16.54
C TYR G 333 49.94 0.37 -17.67
N GLN G 334 48.81 1.02 -17.37
CA GLN G 334 48.15 1.84 -18.38
C GLN G 334 49.00 3.04 -18.78
N GLU G 335 49.78 3.59 -17.85
CA GLU G 335 50.60 4.76 -18.14
C GLU G 335 51.72 4.44 -19.13
N LEU G 336 52.04 3.17 -19.35
CA LEU G 336 53.09 2.80 -20.28
C LEU G 336 52.55 2.77 -21.70
N THR G 337 53.22 3.47 -22.61
CA THR G 337 52.87 3.37 -24.02
C THR G 337 53.46 2.10 -24.61
N GLN G 338 53.17 1.86 -25.88
CA GLN G 338 53.71 0.67 -26.54
C GLN G 338 55.14 0.93 -26.98
N GLN G 339 55.64 0.11 -27.91
CA GLN G 339 57.04 0.11 -28.33
C GLN G 339 58.00 0.45 -27.19
N ILE G 340 57.88 -0.26 -26.07
CA ILE G 340 58.78 -0.13 -24.94
C ILE G 340 59.26 -1.52 -24.54
N ASN G 341 60.58 -1.68 -24.42
CA ASN G 341 61.16 -2.93 -23.93
C ASN G 341 61.35 -2.78 -22.43
N ILE G 342 60.34 -3.20 -21.68
CA ILE G 342 60.39 -3.14 -20.23
C ILE G 342 61.28 -4.27 -19.72
N GLN G 343 62.39 -3.91 -19.06
CA GLN G 343 63.30 -4.91 -18.55
C GLN G 343 63.10 -5.05 -17.04
N PRO G 344 62.60 -6.17 -16.57
CA PRO G 344 62.36 -6.35 -15.13
C PRO G 344 63.65 -6.60 -14.37
N LEU G 345 64.05 -5.62 -13.56
CA LEU G 345 65.23 -5.78 -12.73
C LEU G 345 65.01 -6.76 -11.59
N GLY G 346 63.75 -7.04 -11.25
CA GLY G 346 63.42 -7.99 -10.20
C GLY G 346 61.99 -7.89 -9.71
N ARG G 347 61.39 -9.04 -9.43
CA ARG G 347 60.02 -9.10 -8.94
C ARG G 347 60.01 -9.05 -7.41
N VAL G 348 59.15 -8.21 -6.85
CA VAL G 348 59.01 -8.10 -5.40
C VAL G 348 58.17 -9.28 -4.93
N CYS G 349 58.85 -10.33 -4.44
CA CYS G 349 58.15 -11.53 -4.00
C CYS G 349 57.55 -11.33 -2.62
N LEU G 350 56.78 -12.33 -2.20
CA LEU G 350 56.12 -12.29 -0.90
C LEU G 350 56.70 -13.37 0.02
N LEU H 7 15.41 68.56 27.02
CA LEU H 7 14.67 67.40 27.51
C LEU H 7 13.55 67.03 26.54
N GLY H 8 13.82 67.15 25.25
CA GLY H 8 12.87 66.77 24.23
C GLY H 8 13.51 65.87 23.19
N GLU H 9 14.84 65.91 23.13
CA GLU H 9 15.57 64.95 22.31
C GLU H 9 15.38 63.55 22.88
N GLN H 10 15.32 62.57 21.99
CA GLN H 10 14.92 61.23 22.44
C GLN H 10 16.00 60.58 23.30
N GLU H 11 17.14 60.21 22.69
CA GLU H 11 18.24 59.68 23.49
C GLU H 11 19.63 60.12 23.06
N ALA H 12 19.82 60.56 21.82
CA ALA H 12 21.15 60.81 21.25
C ALA H 12 22.04 59.58 21.43
N PHE H 13 21.64 58.49 20.76
CA PHE H 13 22.31 57.21 20.92
C PHE H 13 23.77 57.28 20.47
N ALA H 14 24.64 56.60 21.20
CA ALA H 14 26.06 56.51 20.87
C ALA H 14 26.56 55.12 21.22
N MET H 15 27.32 54.51 20.30
CA MET H 15 27.81 53.17 20.51
C MET H 15 28.98 53.16 21.49
N THR H 16 29.07 52.07 22.26
CA THR H 16 30.16 51.91 23.22
C THR H 16 31.49 51.72 22.52
N VAL H 17 32.54 52.31 23.10
CA VAL H 17 33.89 52.18 22.54
C VAL H 17 34.38 50.74 22.70
N PRO H 18 35.02 50.15 21.68
CA PRO H 18 35.46 48.75 21.79
C PRO H 18 36.59 48.55 22.79
N LEU H 19 37.64 49.37 22.69
CA LEU H 19 38.81 49.25 23.55
C LEU H 19 39.09 50.62 24.18
N LEU H 20 39.27 50.63 25.50
CA LEU H 20 39.53 51.87 26.22
C LEU H 20 40.66 51.66 27.22
N ILE H 21 41.53 52.66 27.34
CA ILE H 21 42.58 52.66 28.36
C ILE H 21 42.43 53.95 29.14
N ASP H 22 42.09 53.83 30.42
CA ASP H 22 41.92 54.97 31.31
C ASP H 22 43.07 54.97 32.32
N VAL H 23 43.91 55.99 32.24
CA VAL H 23 45.00 56.15 33.17
C VAL H 23 44.75 57.42 33.98
N ASP H 24 45.42 57.50 35.14
CA ASP H 24 45.23 58.66 35.99
C ASP H 24 45.76 59.93 35.31
N SER H 25 45.30 61.06 35.83
CA SER H 25 45.74 62.36 35.34
C SER H 25 47.12 62.70 35.91
N SER H 26 47.57 63.94 35.70
CA SER H 26 48.91 64.40 36.04
C SER H 26 49.96 63.64 35.24
N GLN H 27 49.52 62.81 34.29
CA GLN H 27 50.38 62.23 33.27
C GLN H 27 49.82 62.45 31.87
N GLN H 28 48.83 63.33 31.73
CA GLN H 28 48.34 63.70 30.40
C GLN H 28 49.45 64.29 29.55
N GLU H 29 50.13 65.31 30.07
CA GLU H 29 51.22 65.96 29.35
C GLU H 29 52.58 65.76 29.98
N ALA H 30 52.67 65.30 31.23
CA ALA H 30 53.99 65.01 31.78
C ALA H 30 54.53 63.69 31.26
N LEU H 31 53.68 62.68 31.09
CA LEU H 31 54.09 61.39 30.55
C LEU H 31 53.60 61.27 29.10
N GLU H 32 54.23 62.02 28.21
CA GLU H 32 53.90 61.92 26.80
C GLU H 32 55.12 62.01 25.89
N ALA H 33 56.31 62.27 26.44
CA ALA H 33 57.53 62.29 25.65
C ALA H 33 57.71 61.00 24.87
N ILE H 34 57.52 59.86 25.54
CA ILE H 34 57.74 58.56 24.92
C ILE H 34 56.75 58.32 23.79
N LEU H 36 53.73 58.11 23.51
CA LEU H 36 52.64 57.26 23.96
C LEU H 36 51.69 56.95 22.80
N ASN H 37 51.70 57.85 21.81
CA ASN H 37 50.89 57.68 20.62
C ASN H 37 51.56 56.84 19.53
N ASP H 38 52.85 56.55 19.65
CA ASP H 38 53.53 55.67 18.71
C ASP H 38 53.82 54.28 19.26
N GLU H 39 54.11 54.17 20.56
CA GLU H 39 54.39 52.87 21.15
C GLU H 39 53.19 51.95 21.06
N LEU H 40 51.98 52.49 21.29
CA LEU H 40 50.77 51.68 21.25
C LEU H 40 50.52 51.13 19.85
N VAL H 41 50.62 51.99 18.83
CA VAL H 41 50.40 51.49 17.46
C VAL H 41 51.50 50.52 17.07
N ARG H 42 52.73 50.75 17.54
CA ARG H 42 53.82 49.83 17.23
C ARG H 42 53.55 48.44 17.80
N VAL H 43 53.15 48.38 19.08
CA VAL H 43 52.90 47.07 19.69
C VAL H 43 51.67 46.41 19.08
N ARG H 44 50.64 47.19 18.75
CA ARG H 44 49.46 46.64 18.09
C ARG H 44 49.81 46.06 16.73
N ARG H 45 50.63 46.79 15.96
CA ARG H 45 51.05 46.32 14.65
C ARG H 45 51.87 45.04 14.77
N ALA H 46 52.77 44.99 15.76
CA ALA H 46 53.58 43.79 15.95
C ALA H 46 52.70 42.60 16.31
N LEU H 47 51.72 42.80 17.20
CA LEU H 47 50.86 41.70 17.59
C LEU H 47 49.98 41.24 16.42
N TYR H 48 49.52 42.19 15.60
CA TYR H 48 48.77 41.82 14.40
C TYR H 48 49.62 41.01 13.44
N LEU H 49 50.86 41.45 13.21
CA LEU H 49 51.75 40.71 12.32
C LEU H 49 52.02 39.31 12.85
N ASP H 50 52.08 39.17 14.18
CA ASP H 50 52.28 37.85 14.76
C ASP H 50 51.03 36.98 14.63
N LEU H 51 49.85 37.58 14.75
CA LEU H 51 48.59 36.85 14.77
C LEU H 51 47.73 37.08 13.53
N GLY H 52 47.47 38.33 13.17
CA GLY H 52 46.58 38.64 12.07
C GLY H 52 45.18 39.04 12.48
N VAL H 53 44.90 39.11 13.77
CA VAL H 53 43.57 39.53 14.23
C VAL H 53 43.41 41.03 14.01
N PRO H 54 42.35 41.47 13.35
CA PRO H 54 42.17 42.92 13.14
C PRO H 54 41.71 43.62 14.40
N PHE H 55 42.67 43.99 15.26
CA PHE H 55 42.34 44.67 16.50
C PHE H 55 41.68 46.02 16.22
N PRO H 56 40.81 46.49 17.11
CA PRO H 56 40.10 47.75 16.88
C PRO H 56 40.98 48.93 17.28
N GLY H 57 40.42 50.13 17.14
CA GLY H 57 41.10 51.32 17.58
C GLY H 57 41.16 51.40 19.10
N ILE H 58 42.23 52.03 19.59
CA ILE H 58 42.49 52.13 21.03
C ILE H 58 42.19 53.55 21.46
N HIS H 59 41.28 53.71 22.42
CA HIS H 59 40.93 55.02 22.96
C HIS H 59 41.71 55.25 24.25
N LEU H 60 42.46 56.34 24.30
CA LEU H 60 43.27 56.70 25.46
C LEU H 60 42.70 57.97 26.08
N ARG H 61 42.37 57.92 27.36
CA ARG H 61 41.82 59.06 28.09
C ARG H 61 42.52 59.19 29.43
N PHE H 62 42.68 60.44 29.87
CA PHE H 62 43.29 60.75 31.16
C PHE H 62 42.18 61.19 32.10
N ASN H 63 41.93 60.39 33.14
CA ASN H 63 40.86 60.65 34.09
C ASN H 63 41.45 61.05 35.43
N GLU H 64 40.97 62.18 35.97
CA GLU H 64 41.44 62.69 37.25
C GLU H 64 40.65 62.15 38.43
N GLY H 65 39.59 61.37 38.19
CA GLY H 65 38.79 60.87 39.29
C GLY H 65 39.48 59.80 40.11
N MET H 66 40.49 59.13 39.56
CA MET H 66 41.23 58.10 40.26
C MET H 66 42.45 58.72 40.94
N GLY H 67 43.38 57.86 41.39
CA GLY H 67 44.55 58.32 42.11
C GLY H 67 45.64 58.88 41.22
N GLU H 68 46.88 58.46 41.47
CA GLU H 68 48.03 58.99 40.74
C GLU H 68 48.65 57.99 39.78
N GLY H 69 48.57 56.69 40.06
CA GLY H 69 49.19 55.69 39.21
C GLY H 69 48.29 54.53 38.83
N GLU H 70 47.00 54.79 38.68
CA GLU H 70 46.02 53.76 38.34
C GLU H 70 45.79 53.75 36.83
N TYR H 71 46.03 52.62 36.19
CA TYR H 71 45.73 52.41 34.79
C TYR H 71 44.82 51.20 34.65
N LEU H 72 43.79 51.33 33.80
CA LEU H 72 42.86 50.24 33.54
C LEU H 72 42.67 50.10 32.04
N ILE H 73 42.65 48.85 31.58
CA ILE H 73 42.37 48.50 30.20
C ILE H 73 41.04 47.75 30.19
N SER H 74 40.09 48.28 29.42
CA SER H 74 38.73 47.79 29.38
C SER H 74 38.34 47.45 27.95
N LEU H 75 37.72 46.29 27.76
CA LEU H 75 37.20 45.87 26.47
C LEU H 75 35.70 46.11 26.44
N GLN H 76 35.25 46.98 25.53
CA GLN H 76 33.84 47.33 25.39
C GLN H 76 33.27 47.86 26.71
N GLU H 77 33.99 48.82 27.30
CA GLU H 77 33.57 49.51 28.52
C GLU H 77 33.33 48.54 29.67
N VAL H 78 34.15 47.49 29.76
CA VAL H 78 34.16 46.59 30.90
C VAL H 78 35.63 46.39 31.28
N PRO H 79 36.05 46.77 32.49
CA PRO H 79 37.49 46.69 32.82
C PRO H 79 37.96 45.24 32.88
N VAL H 80 39.04 44.96 32.16
CA VAL H 80 39.62 43.63 32.12
C VAL H 80 41.00 43.57 32.74
N ALA H 81 41.71 44.69 32.88
CA ALA H 81 43.04 44.66 33.49
C ALA H 81 43.27 45.98 34.21
N ARG H 82 43.23 45.96 35.54
CA ARG H 82 43.49 47.14 36.36
C ARG H 82 44.83 47.00 37.06
N GLY H 83 45.44 48.14 37.36
CA GLY H 83 46.68 48.12 38.11
C GLY H 83 47.12 49.49 38.59
N GLU H 84 47.52 49.58 39.87
CA GLU H 84 48.06 50.81 40.42
C GLU H 84 49.58 50.63 40.51
N LEU H 85 50.27 51.04 39.44
CA LEU H 85 51.73 50.99 39.45
C LEU H 85 52.28 51.99 40.45
N LYS H 86 53.20 51.54 41.30
CA LYS H 86 53.86 52.41 42.27
C LYS H 86 55.03 53.17 41.65
N ALA H 87 55.11 53.19 40.32
CA ALA H 87 56.11 53.95 39.58
C ALA H 87 55.60 55.34 39.21
N GLY H 88 54.73 55.92 40.04
CA GLY H 88 54.13 57.20 39.68
C GLY H 88 55.16 58.31 39.50
N TYR H 89 56.09 58.42 40.45
CA TYR H 89 57.12 59.46 40.30
C TYR H 89 58.26 58.98 39.41
N LEU H 90 59.05 58.02 39.90
CA LEU H 90 60.00 57.28 39.04
C LEU H 90 60.39 56.02 39.81
N LEU H 91 59.75 54.89 39.49
CA LEU H 91 60.05 53.63 40.17
C LEU H 91 60.03 52.47 39.17
N VAL H 92 60.73 52.64 38.05
CA VAL H 92 60.78 51.65 36.97
C VAL H 92 60.96 50.24 37.53
N ARG H 93 60.23 49.28 36.97
CA ARG H 93 60.06 47.97 37.57
C ARG H 93 61.02 46.94 36.99
N GLU H 94 61.10 45.80 37.66
CA GLU H 94 61.85 44.64 37.23
C GLU H 94 60.90 43.44 37.15
N SER H 95 61.04 42.66 36.08
CA SER H 95 60.11 41.58 35.79
C SER H 95 60.54 40.23 36.37
N VAL H 96 61.84 39.94 36.33
CA VAL H 96 62.34 38.61 36.68
C VAL H 96 63.22 38.69 37.91
N SER H 97 62.88 39.58 38.84
CA SER H 97 63.65 39.72 40.07
C SER H 97 63.71 38.39 40.83
N GLN H 98 64.79 38.21 41.58
CA GLN H 98 65.04 36.99 42.33
C GLN H 98 66.01 37.34 43.46
N LEU H 99 66.59 36.31 44.08
CA LEU H 99 67.59 36.54 45.12
C LEU H 99 68.82 37.25 44.59
N GLU H 100 69.04 37.23 43.28
CA GLU H 100 70.12 38.04 42.70
C GLU H 100 69.90 39.53 42.98
N LEU H 101 68.64 39.96 43.03
CA LEU H 101 68.36 41.35 43.41
C LEU H 101 68.78 41.62 44.85
N LEU H 102 68.78 40.59 45.69
CA LEU H 102 69.40 40.72 47.01
C LEU H 102 70.92 40.71 46.92
N GLY H 103 71.47 39.96 45.96
CA GLY H 103 72.90 40.01 45.73
C GLY H 103 73.37 41.34 45.19
N ILE H 104 72.48 42.08 44.53
CA ILE H 104 72.79 43.43 44.05
C ILE H 104 71.89 44.41 44.80
N PRO H 105 72.32 44.93 45.96
CA PRO H 105 71.53 45.77 46.86
C PRO H 105 70.86 46.96 46.17
N LEU H 112 48.74 40.58 40.90
CA LEU H 112 48.02 41.47 39.99
C LEU H 112 48.66 41.44 38.60
N LEU H 113 49.93 41.80 38.53
CA LEU H 113 50.65 41.82 37.26
C LEU H 113 51.11 40.41 36.91
N PRO H 114 50.72 39.87 35.74
CA PRO H 114 51.05 38.47 35.41
C PRO H 114 52.45 38.32 34.82
N ASP H 115 53.45 38.53 35.65
CA ASP H 115 54.85 38.34 35.27
C ASP H 115 55.50 37.35 36.25
N GLN H 116 56.81 37.15 36.09
CA GLN H 116 57.54 36.22 36.96
C GLN H 116 57.49 36.70 38.41
N GLU H 117 58.09 37.87 38.67
CA GLU H 117 58.02 38.45 40.01
C GLU H 117 58.24 39.96 39.86
N THR H 118 57.20 40.74 40.09
CA THR H 118 57.28 42.18 39.94
C THR H 118 58.04 42.78 41.13
N PHE H 119 59.05 43.59 40.82
CA PHE H 119 59.78 44.35 41.83
C PHE H 119 60.03 45.74 41.27
N TRP H 120 60.10 46.73 42.17
CA TRP H 120 60.26 48.12 41.79
C TRP H 120 61.52 48.68 42.43
N VAL H 121 62.34 49.38 41.64
CA VAL H 121 63.58 49.98 42.12
C VAL H 121 63.63 51.42 41.65
N SER H 122 64.40 52.23 42.38
CA SER H 122 64.51 53.65 42.04
C SER H 122 65.41 53.84 40.82
N VAL H 123 65.37 55.05 40.27
CA VAL H 123 66.14 55.34 39.06
C VAL H 123 67.61 55.59 39.35
N GLU H 124 67.98 55.94 40.58
CA GLU H 124 69.40 56.05 40.90
C GLU H 124 70.07 54.69 40.87
N TYR H 125 69.33 53.63 41.19
CA TYR H 125 69.84 52.27 41.04
C TYR H 125 69.74 51.75 39.61
N GLU H 126 69.08 52.48 38.72
CA GLU H 126 68.83 51.99 37.37
C GLU H 126 70.14 51.82 36.60
N GLU H 127 71.08 52.74 36.76
CA GLU H 127 72.35 52.65 36.03
C GLU H 127 73.11 51.40 36.43
N ARG H 128 73.31 51.20 37.74
CA ARG H 128 74.09 50.05 38.20
C ARG H 128 73.34 48.74 37.97
N LEU H 129 72.00 48.78 37.98
CA LEU H 129 71.24 47.56 37.73
C LEU H 129 71.26 47.19 36.25
N GLU H 130 71.27 48.18 35.35
CA GLU H 130 71.42 47.88 33.94
C GLU H 130 72.86 47.51 33.59
N LYS H 131 73.82 47.93 34.40
CA LYS H 131 75.16 47.37 34.30
C LYS H 131 75.15 45.88 34.61
N SER H 132 74.22 45.44 35.46
CA SER H 132 74.02 44.02 35.73
C SER H 132 73.11 43.35 34.69
N GLN H 133 72.57 44.12 33.74
CA GLN H 133 71.80 43.59 32.61
C GLN H 133 70.57 42.82 33.08
N LEU H 134 69.62 43.57 33.66
CA LEU H 134 68.31 43.06 33.96
C LEU H 134 67.25 43.78 33.11
N GLU H 135 66.05 43.20 33.06
CA GLU H 135 64.99 43.77 32.24
C GLU H 135 64.45 45.04 32.87
N PHE H 136 64.27 46.08 32.05
CA PHE H 136 63.84 47.40 32.51
C PHE H 136 62.58 47.82 31.74
N PHE H 137 61.43 47.60 32.36
CA PHE H 137 60.15 48.01 31.79
C PHE H 137 59.79 49.39 32.31
N SER H 138 59.74 50.38 31.41
CA SER H 138 59.33 51.73 31.79
C SER H 138 57.80 51.81 31.81
N HIS H 139 57.28 53.02 32.01
CA HIS H 139 55.82 53.20 32.05
C HIS H 139 55.17 52.80 30.74
N SER H 140 55.73 53.28 29.62
CA SER H 140 55.21 52.89 28.31
C SER H 140 55.36 51.40 28.11
N GLN H 141 56.50 50.83 28.53
CA GLN H 141 56.73 49.41 28.33
C GLN H 141 55.75 48.56 29.12
N VAL H 142 55.48 48.92 30.38
CA VAL H 142 54.54 48.12 31.18
C VAL H 142 53.12 48.30 30.64
N LEU H 143 52.77 49.51 30.22
CA LEU H 143 51.43 49.73 29.66
C LEU H 143 51.23 48.89 28.40
N THR H 144 52.23 48.88 27.52
CA THR H 144 52.12 48.09 26.31
C THR H 144 52.19 46.60 26.61
N TRP H 145 52.90 46.21 27.68
CA TRP H 145 52.92 44.81 28.09
C TRP H 145 51.53 44.34 28.51
N HIS H 146 50.85 45.14 29.33
CA HIS H 146 49.49 44.80 29.73
C HIS H 146 48.54 44.81 28.54
N LEU H 147 48.70 45.79 27.64
CA LEU H 147 47.86 45.84 26.44
C LEU H 147 48.05 44.60 25.58
N SER H 148 49.31 44.19 25.38
CA SER H 148 49.60 43.01 24.57
C SER H 148 49.04 41.75 25.22
N HIS H 149 49.18 41.64 26.55
CA HIS H 149 48.62 40.48 27.24
C HIS H 149 47.11 40.42 27.09
N VAL H 150 46.44 41.57 27.24
CA VAL H 150 44.99 41.62 27.10
C VAL H 150 44.57 41.24 25.68
N LEU H 151 45.25 41.80 24.68
CA LEU H 151 44.89 41.51 23.29
C LEU H 151 45.13 40.04 22.96
N ARG H 152 46.22 39.46 23.48
CA ARG H 152 46.52 38.07 23.19
C ARG H 152 45.53 37.13 23.85
N GLU H 153 45.17 37.39 25.12
CA GLU H 153 44.26 36.50 25.83
C GLU H 153 42.79 36.73 25.51
N TYR H 154 42.45 37.83 24.83
CA TYR H 154 41.06 38.12 24.50
C TYR H 154 40.89 38.43 23.02
N ALA H 155 41.71 37.81 22.17
CA ALA H 155 41.63 38.06 20.73
C ALA H 155 40.35 37.47 20.13
N GLU H 156 39.80 36.43 20.74
CA GLU H 156 38.59 35.82 20.19
C GLU H 156 37.44 36.80 20.11
N ASP H 157 37.39 37.77 21.02
CA ASP H 157 36.33 38.77 21.01
C ASP H 157 36.54 39.85 19.96
N PHE H 158 37.69 39.88 19.29
CA PHE H 158 37.95 40.86 18.25
C PHE H 158 37.69 40.32 16.85
N ILE H 159 37.16 39.10 16.74
CA ILE H 159 36.85 38.51 15.44
C ILE H 159 35.34 38.39 15.29
N GLY H 160 34.73 39.39 14.67
CA GLY H 160 33.31 39.39 14.40
C GLY H 160 33.00 39.18 12.93
N ILE H 161 31.71 39.21 12.63
CA ILE H 161 31.27 39.10 11.24
C ILE H 161 31.77 40.28 10.42
N GLN H 162 31.71 41.49 11.00
CA GLN H 162 32.19 42.66 10.29
C GLN H 162 33.68 42.57 10.00
N GLU H 163 34.45 42.08 10.96
CA GLU H 163 35.90 41.96 10.78
C GLU H 163 36.24 40.96 9.68
N THR H 164 35.57 39.80 9.68
CA THR H 164 35.83 38.81 8.65
C THR H 164 35.39 39.32 7.27
N ARG H 165 34.28 40.04 7.21
CA ARG H 165 33.85 40.60 5.94
C ARG H 165 34.84 41.64 5.43
N TYR H 166 35.39 42.46 6.33
CA TYR H 166 36.43 43.41 5.94
C TYR H 166 37.66 42.69 5.44
N LEU H 167 38.06 41.61 6.10
CA LEU H 167 39.21 40.84 5.65
C LEU H 167 38.96 40.27 4.25
N LEU H 168 37.77 39.73 4.00
CA LEU H 168 37.45 39.20 2.68
C LEU H 168 37.45 40.29 1.62
N GLU H 169 36.86 41.45 1.93
CA GLU H 169 36.82 42.54 0.96
C GLU H 169 38.20 43.10 0.68
N GLN H 170 39.11 43.03 1.66
CA GLN H 170 40.47 43.53 1.44
C GLN H 170 41.26 42.62 0.51
N MET H 171 40.90 41.34 0.43
CA MET H 171 41.59 40.37 -0.42
C MET H 171 40.84 40.11 -1.72
N GLU H 172 39.80 40.88 -2.03
CA GLU H 172 39.05 40.66 -3.26
C GLU H 172 39.92 40.90 -4.49
N GLY H 173 40.73 41.95 -4.46
CA GLY H 173 41.62 42.21 -5.58
C GLY H 173 42.68 41.14 -5.76
N GLY H 174 43.20 40.61 -4.65
CA GLY H 174 44.23 39.60 -4.70
C GLY H 174 43.75 38.25 -5.21
N TYR H 175 42.84 37.61 -4.47
CA TYR H 175 42.33 36.29 -4.81
C TYR H 175 40.80 36.38 -4.90
N GLY H 176 40.30 36.72 -6.08
CA GLY H 176 38.88 36.87 -6.28
C GLY H 176 38.14 35.56 -6.34
N GLU H 177 38.57 34.66 -7.23
CA GLU H 177 37.88 33.39 -7.40
C GLU H 177 37.95 32.53 -6.15
N LEU H 178 39.07 32.59 -5.42
CA LEU H 178 39.16 31.83 -4.17
C LEU H 178 38.11 32.29 -3.17
N ILE H 179 37.95 33.61 -3.02
CA ILE H 179 36.94 34.14 -2.11
C ILE H 179 35.54 33.80 -2.60
N LYS H 180 35.30 33.91 -3.91
CA LYS H 180 33.97 33.60 -4.44
C LYS H 180 33.63 32.13 -4.22
N GLU H 181 34.62 31.24 -4.31
CA GLU H 181 34.37 29.82 -4.07
C GLU H 181 34.14 29.55 -2.58
N VAL H 182 34.98 30.11 -1.72
CA VAL H 182 34.86 29.83 -0.29
C VAL H 182 33.56 30.41 0.26
N GLN H 183 33.08 31.53 -0.30
CA GLN H 183 31.79 32.07 0.13
C GLN H 183 30.65 31.13 -0.23
N ARG H 184 30.69 30.53 -1.43
CA ARG H 184 29.63 29.61 -1.81
C ARG H 184 29.75 28.27 -1.09
N ILE H 185 30.92 27.95 -0.56
CA ILE H 185 31.10 26.67 0.14
C ILE H 185 30.69 26.75 1.59
N VAL H 186 31.13 27.78 2.30
CA VAL H 186 30.82 27.91 3.73
C VAL H 186 30.23 29.28 4.02
N PRO H 187 29.35 29.40 5.03
CA PRO H 187 28.77 30.70 5.36
C PRO H 187 29.70 31.54 6.23
N LEU H 188 29.27 32.78 6.48
CA LEU H 188 30.08 33.69 7.28
C LEU H 188 30.19 33.23 8.72
N GLN H 189 29.11 32.69 9.29
CA GLN H 189 29.15 32.28 10.69
C GLN H 189 30.14 31.16 10.93
N ARG H 190 30.10 30.13 10.08
CA ARG H 190 31.04 29.02 10.23
C ARG H 190 32.48 29.47 10.04
N MET H 191 32.71 30.33 9.05
CA MET H 191 34.05 30.83 8.79
C MET H 191 34.59 31.64 9.96
N THR H 192 33.76 32.53 10.53
CA THR H 192 34.19 33.33 11.67
C THR H 192 34.44 32.45 12.90
N GLU H 193 33.58 31.45 13.13
CA GLU H 193 33.81 30.54 14.24
C GLU H 193 35.10 29.77 14.08
N ILE H 194 35.40 29.34 12.86
CA ILE H 194 36.66 28.65 12.59
C ILE H 194 37.83 29.57 12.88
N LEU H 195 37.76 30.83 12.43
CA LEU H 195 38.84 31.78 12.69
C LEU H 195 39.03 32.01 14.19
N GLN H 196 37.93 32.14 14.93
CA GLN H 196 38.02 32.33 16.37
C GLN H 196 38.66 31.12 17.04
N ARG H 197 38.27 29.91 16.63
CA ARG H 197 38.87 28.71 17.20
C ARG H 197 40.35 28.62 16.86
N LEU H 198 40.74 29.02 15.65
CA LEU H 198 42.14 29.03 15.28
C LEU H 198 42.94 30.00 16.15
N VAL H 199 42.41 31.20 16.35
CA VAL H 199 43.14 32.20 17.14
C VAL H 199 43.19 31.78 18.61
N GLY H 200 42.17 31.08 19.10
CA GLY H 200 42.20 30.63 20.48
C GLY H 200 43.35 29.71 20.82
N GLU H 201 43.97 29.09 19.82
CA GLU H 201 45.13 28.23 20.01
C GLU H 201 46.43 28.91 19.61
N ASP H 202 46.43 30.25 19.52
CA ASP H 202 47.61 31.04 19.12
C ASP H 202 48.06 30.73 17.70
N ILE H 203 47.14 30.29 16.85
CA ILE H 203 47.45 30.05 15.44
C ILE H 203 47.15 31.32 14.66
N SER H 204 48.12 31.78 13.87
CA SER H 204 47.99 33.07 13.22
C SER H 204 47.02 33.00 12.04
N ILE H 205 46.14 34.00 11.96
CA ILE H 205 45.26 34.14 10.81
C ILE H 205 46.00 34.70 9.59
N ARG H 206 47.13 35.39 9.84
CA ARG H 206 47.84 36.14 8.80
C ARG H 206 47.92 35.43 7.45
N ASN H 207 48.25 34.15 7.46
CA ASN H 207 48.37 33.37 6.22
C ASN H 207 46.98 32.91 5.79
N MET H 208 46.24 33.83 5.19
CA MET H 208 44.85 33.58 4.81
C MET H 208 44.71 32.71 3.57
N ARG H 209 45.73 32.67 2.71
CA ARG H 209 45.62 31.91 1.47
C ARG H 209 45.44 30.42 1.75
N SER H 210 46.31 29.84 2.58
CA SER H 210 46.20 28.43 2.91
C SER H 210 44.93 28.14 3.69
N ILE H 211 44.51 29.07 4.56
CA ILE H 211 43.28 28.88 5.32
C ILE H 211 42.09 28.80 4.37
N LEU H 212 42.03 29.70 3.40
CA LEU H 212 40.91 29.69 2.44
C LEU H 212 40.96 28.44 1.57
N GLU H 213 42.16 28.02 1.14
CA GLU H 213 42.24 26.80 0.35
C GLU H 213 41.78 25.59 1.14
N ALA H 214 42.18 25.49 2.41
CA ALA H 214 41.72 24.39 3.24
C ALA H 214 40.22 24.46 3.46
N MET H 215 39.68 25.67 3.63
CA MET H 215 38.25 25.84 3.78
C MET H 215 37.51 25.35 2.55
N VAL H 216 38.02 25.67 1.37
CA VAL H 216 37.42 25.18 0.13
C VAL H 216 37.50 23.66 0.05
N GLU H 217 38.67 23.10 0.39
CA GLU H 217 38.89 21.66 0.20
C GLU H 217 38.04 20.83 1.16
N TRP H 218 37.88 21.28 2.41
CA TRP H 218 37.22 20.48 3.43
C TRP H 218 35.81 20.93 3.79
N GLY H 219 35.36 22.09 3.30
CA GLY H 219 34.03 22.55 3.65
C GLY H 219 32.92 21.78 2.97
N GLN H 220 33.22 21.16 1.82
CA GLN H 220 32.25 20.34 1.13
C GLN H 220 32.11 18.95 1.76
N LYS H 221 33.12 18.52 2.51
CA LYS H 221 33.16 17.17 3.07
C LYS H 221 32.71 17.11 4.52
N GLU H 222 33.11 18.07 5.35
CA GLU H 222 32.78 18.08 6.76
C GLU H 222 31.93 19.28 7.11
N LYS H 223 30.89 19.05 7.93
CA LYS H 223 30.00 20.10 8.39
C LYS H 223 30.20 20.45 9.85
N ASP H 224 30.74 19.55 10.65
CA ASP H 224 31.02 19.84 12.05
C ASP H 224 32.15 20.87 12.17
N VAL H 225 31.94 21.86 13.05
CA VAL H 225 32.91 22.94 13.18
C VAL H 225 34.22 22.42 13.77
N VAL H 226 34.13 21.50 14.72
CA VAL H 226 35.34 20.99 15.38
C VAL H 226 36.22 20.26 14.38
N GLN H 227 35.64 19.32 13.63
CA GLN H 227 36.42 18.57 12.66
C GLN H 227 36.95 19.45 11.54
N LEU H 228 36.13 20.41 11.07
CA LEU H 228 36.56 21.31 10.02
C LEU H 228 37.73 22.17 10.47
N THR H 229 37.65 22.71 11.69
CA THR H 229 38.75 23.53 12.18
C THR H 229 39.98 22.70 12.49
N GLU H 230 39.81 21.42 12.88
CA GLU H 230 40.96 20.55 13.04
C GLU H 230 41.65 20.28 11.70
N TYR H 231 40.86 20.09 10.64
CA TYR H 231 41.44 19.92 9.31
C TYR H 231 42.16 21.18 8.86
N ILE H 232 41.59 22.35 9.15
CA ILE H 232 42.25 23.61 8.79
C ILE H 232 43.53 23.79 9.59
N ARG H 233 43.54 23.35 10.85
CA ARG H 233 44.77 23.36 11.64
C ARG H 233 45.81 22.45 11.01
N SER H 234 45.40 21.24 10.61
CA SER H 234 46.32 20.32 9.94
C SER H 234 46.81 20.87 8.60
N SER H 235 46.08 21.82 8.02
CA SER H 235 46.55 22.47 6.80
C SER H 235 47.70 23.43 7.05
N LEU H 236 48.05 23.68 8.32
CA LEU H 236 49.11 24.62 8.66
C LEU H 236 50.27 23.89 9.35
N LYS H 237 50.66 22.74 8.76
CA LYS H 237 51.65 21.87 9.39
C LYS H 237 52.96 22.60 9.64
N ARG H 238 53.51 23.23 8.60
CA ARG H 238 54.84 23.82 8.73
C ARG H 238 54.80 25.05 9.62
N TYR H 239 53.71 25.84 9.58
CA TYR H 239 53.62 26.98 10.48
C TYR H 239 53.59 26.53 11.94
N ILE H 240 52.77 25.53 12.25
CA ILE H 240 52.69 25.06 13.62
C ILE H 240 54.03 24.48 14.07
N CYS H 241 54.65 23.68 13.21
CA CYS H 241 55.92 23.05 13.55
C CYS H 241 57.01 24.09 13.80
N TYR H 242 57.12 25.11 12.95
CA TYR H 242 58.13 26.13 13.18
C TYR H 242 57.81 26.96 14.42
N LYS H 243 56.52 27.21 14.68
CA LYS H 243 56.16 28.01 15.83
C LYS H 243 56.50 27.30 17.14
N TYR H 244 56.34 25.97 17.18
CA TYR H 244 56.53 25.25 18.44
C TYR H 244 57.90 24.58 18.56
N ALA H 245 58.40 23.98 17.49
CA ALA H 245 59.73 23.35 17.53
C ALA H 245 60.78 24.45 17.49
N ASN H 246 61.15 24.97 18.66
CA ASN H 246 62.15 26.03 18.74
C ASN H 246 63.52 25.52 18.28
N GLY H 247 63.93 24.36 18.79
CA GLY H 247 65.19 23.79 18.36
C GLY H 247 65.05 23.17 16.99
N ASN H 248 66.18 23.00 16.30
CA ASN H 248 66.11 22.58 14.91
C ASN H 248 65.53 21.18 14.81
N ASN H 249 64.41 21.08 14.09
CA ASN H 249 63.65 19.85 13.83
C ASN H 249 63.45 18.96 15.05
N ILE H 250 63.50 19.53 16.25
CA ILE H 250 63.24 18.79 17.49
C ILE H 250 61.93 19.29 18.08
N LEU H 251 61.01 18.37 18.31
CA LEU H 251 59.70 18.73 18.88
C LEU H 251 59.46 17.92 20.15
N PRO H 252 59.54 18.54 21.32
CA PRO H 252 59.20 17.81 22.56
C PRO H 252 57.76 17.36 22.54
N ALA H 253 57.52 16.13 23.02
CA ALA H 253 56.18 15.55 22.97
C ALA H 253 55.82 14.92 24.31
N TYR H 254 54.52 14.91 24.57
CA TYR H 254 53.92 14.28 25.76
C TYR H 254 52.80 13.33 25.33
N LEU H 255 53.12 12.45 24.37
CA LEU H 255 52.12 11.62 23.72
C LEU H 255 51.27 10.87 24.75
N PHE H 256 50.00 10.66 24.39
CA PHE H 256 49.03 9.99 25.25
C PHE H 256 48.96 8.50 24.93
N ASP H 257 48.65 7.71 25.95
CA ASP H 257 48.43 6.28 25.76
C ASP H 257 47.14 6.05 24.99
N GLN H 258 47.07 4.88 24.35
CA GLN H 258 45.88 4.53 23.57
C GLN H 258 44.65 4.40 24.46
N GLU H 259 44.82 3.82 25.66
CA GLU H 259 43.68 3.65 26.56
C GLU H 259 43.09 4.99 26.98
N VAL H 260 43.97 5.96 27.31
CA VAL H 260 43.49 7.27 27.71
C VAL H 260 42.78 7.97 26.57
N GLU H 261 43.34 7.87 25.35
CA GLU H 261 42.69 8.47 24.19
C GLU H 261 41.32 7.86 23.94
N GLU H 262 41.21 6.54 24.05
CA GLU H 262 39.92 5.89 23.85
C GLU H 262 38.92 6.31 24.93
N LYS H 263 39.38 6.40 26.19
CA LYS H 263 38.49 6.81 27.26
C LYS H 263 37.99 8.24 27.03
N ILE H 264 38.87 9.13 26.58
CA ILE H 264 38.46 10.51 26.28
C ILE H 264 37.47 10.51 25.12
N ARG H 265 37.74 9.74 24.07
CA ARG H 265 36.86 9.70 22.91
C ARG H 265 35.51 9.09 23.24
N SER H 266 35.43 8.29 24.30
CA SER H 266 34.20 7.60 24.66
C SER H 266 33.07 8.55 25.09
N ARG H 267 33.37 9.81 25.38
CA ARG H 267 32.37 10.75 25.86
C ARG H 267 32.43 12.06 25.07
N VAL H 268 32.40 11.95 23.74
CA VAL H 268 32.44 13.13 22.89
C VAL H 268 31.14 13.91 22.99
N ARG H 269 30.00 13.21 22.97
CA ARG H 269 28.67 13.82 23.16
C ARG H 269 28.38 14.90 22.12
N GLN H 270 28.30 14.48 20.86
CA GLN H 270 28.03 15.39 19.74
C GLN H 270 26.51 15.53 19.52
N THR H 271 25.84 16.07 20.54
CA THR H 271 24.38 16.08 20.53
C THR H 271 23.78 17.35 19.91
N SER H 272 24.26 18.54 20.30
CA SER H 272 23.65 19.80 19.88
C SER H 272 24.68 20.73 19.29
N ALA H 273 25.54 20.20 18.41
CA ALA H 273 26.63 20.94 17.78
C ALA H 273 27.52 21.65 18.80
N GLY H 274 27.46 21.24 20.06
CA GLY H 274 28.37 21.74 21.08
C GLY H 274 29.54 20.79 21.20
N SER H 275 29.24 19.53 21.48
CA SER H 275 30.22 18.45 21.57
C SER H 275 31.06 18.56 22.85
N TYR H 276 30.41 18.85 23.97
CA TYR H 276 31.13 19.02 25.21
C TYR H 276 31.69 17.69 25.70
N LEU H 277 32.88 17.74 26.28
CA LEU H 277 33.57 16.54 26.77
C LEU H 277 33.30 16.42 28.26
N ALA H 278 32.22 15.72 28.60
CA ALA H 278 31.85 15.45 29.99
C ALA H 278 31.86 13.95 30.18
N LEU H 279 32.90 13.42 30.83
CA LEU H 279 32.94 11.99 31.09
C LEU H 279 32.40 11.68 32.48
N ASP H 280 33.22 11.91 33.50
CA ASP H 280 32.86 11.84 34.90
C ASP H 280 33.79 12.79 35.64
N PRO H 281 33.30 13.55 36.62
CA PRO H 281 34.22 14.40 37.38
C PRO H 281 35.36 13.62 38.03
N ALA H 282 35.07 12.43 38.55
CA ALA H 282 36.13 11.60 39.11
C ALA H 282 37.10 11.13 38.04
N VAL H 283 36.58 10.76 36.86
CA VAL H 283 37.44 10.28 35.78
C VAL H 283 38.34 11.39 35.28
N THR H 284 37.78 12.58 35.05
CA THR H 284 38.62 13.69 34.60
C THR H 284 39.62 14.10 35.68
N GLU H 285 39.23 14.01 36.96
CA GLU H 285 40.18 14.28 38.02
C GLU H 285 41.34 13.28 38.00
N SER H 286 41.02 12.00 37.79
CA SER H 286 42.07 10.98 37.74
C SER H 286 42.99 11.19 36.54
N LEU H 287 42.42 11.50 35.38
CA LEU H 287 43.24 11.74 34.19
C LEU H 287 44.14 12.96 34.38
N LEU H 288 43.60 14.03 34.97
CA LEU H 288 44.41 15.21 35.24
C LEU H 288 45.51 14.91 36.25
N GLU H 289 45.21 14.07 37.24
CA GLU H 289 46.24 13.66 38.20
C GLU H 289 47.35 12.88 37.51
N GLN H 290 46.99 11.97 36.59
CA GLN H 290 48.00 11.24 35.84
C GLN H 290 48.85 12.17 34.98
N VAL H 291 48.21 13.15 34.31
CA VAL H 291 48.94 14.09 33.48
C VAL H 291 49.90 14.92 34.33
N ARG H 292 49.44 15.37 35.51
CA ARG H 292 50.31 16.14 36.39
C ARG H 292 51.48 15.30 36.89
N LYS H 293 51.21 14.02 37.20
CA LYS H 293 52.29 13.14 37.64
C LYS H 293 53.32 12.93 36.54
N THR H 294 52.86 12.78 35.30
CA THR H 294 53.77 12.57 34.17
C THR H 294 54.50 13.86 33.83
N ILE H 295 53.77 14.85 33.33
CA ILE H 295 54.35 16.16 32.97
C ILE H 295 55.27 16.71 34.05
N LEU H 298 59.00 21.98 35.05
CA LEU H 298 57.70 22.36 34.51
C LEU H 298 57.48 23.86 34.58
N SER H 299 58.41 24.57 35.21
CA SER H 299 58.35 26.01 35.37
C SER H 299 59.68 26.63 35.01
N GLN H 300 59.63 27.81 34.37
CA GLN H 300 60.82 28.52 33.90
C GLN H 300 61.68 27.63 33.00
N ILE H 301 61.06 27.16 31.93
CA ILE H 301 61.64 26.15 31.05
C ILE H 301 61.60 26.67 29.62
N GLN H 302 62.73 26.59 28.92
CA GLN H 302 62.85 27.09 27.56
C GLN H 302 62.69 25.94 26.56
N SER H 303 61.45 25.48 26.45
CA SER H 303 61.10 24.45 25.48
C SER H 303 59.89 24.81 24.63
N LYS H 304 58.90 25.45 25.22
CA LYS H 304 57.53 25.42 24.72
C LYS H 304 57.19 23.97 24.37
N PRO H 305 57.03 23.10 25.37
CA PRO H 305 56.59 21.74 25.08
C PRO H 305 55.16 21.72 24.58
N VAL H 306 54.86 20.73 23.74
CA VAL H 306 53.53 20.60 23.17
C VAL H 306 52.98 19.22 23.47
N LEU H 307 51.70 19.15 23.77
CA LEU H 307 51.01 17.87 23.91
C LEU H 307 50.58 17.38 22.54
N ILE H 308 50.81 16.09 22.27
CA ILE H 308 50.45 15.50 20.99
C ILE H 308 49.49 14.35 21.25
N VAL H 309 48.32 14.39 20.63
CA VAL H 309 47.25 13.42 20.84
C VAL H 309 46.54 13.20 19.51
N SER H 310 45.62 12.24 19.51
CA SER H 310 44.86 11.95 18.30
C SER H 310 44.05 13.18 17.87
N MET H 311 43.94 13.38 16.56
CA MET H 311 43.35 14.60 16.05
C MET H 311 41.87 14.74 16.43
N ASP H 312 41.11 13.65 16.31
CA ASP H 312 39.65 13.72 16.46
C ASP H 312 39.23 14.24 17.82
N ILE H 313 40.09 14.13 18.83
CA ILE H 313 39.76 14.57 20.18
C ILE H 313 40.68 15.69 20.66
N ARG H 314 41.53 16.24 19.77
CA ARG H 314 42.57 17.17 20.20
C ARG H 314 41.98 18.33 20.99
N ARG H 315 41.00 19.02 20.41
CA ARG H 315 40.38 20.15 21.10
C ARG H 315 39.77 19.71 22.43
N TYR H 316 39.12 18.54 22.44
CA TYR H 316 38.52 18.05 23.67
C TYR H 316 39.57 17.87 24.75
N VAL H 317 40.79 17.46 24.36
CA VAL H 317 41.86 17.35 25.33
C VAL H 317 42.31 18.73 25.78
N ARG H 318 42.40 19.69 24.85
CA ARG H 318 42.93 21.01 25.17
C ARG H 318 42.11 21.69 26.27
N LYS H 319 40.79 21.78 26.08
CA LYS H 319 39.95 22.38 27.11
C LYS H 319 39.95 21.56 28.40
N LEU H 320 40.36 20.29 28.32
CA LEU H 320 40.49 19.50 29.54
C LEU H 320 41.66 19.99 30.39
N ILE H 321 42.72 20.48 29.76
CA ILE H 321 43.91 20.92 30.46
C ILE H 321 44.05 22.43 30.46
N GLU H 322 43.04 23.14 29.96
CA GLU H 322 43.10 24.60 29.93
C GLU H 322 43.04 25.19 31.35
N SER H 323 42.41 24.49 32.28
CA SER H 323 42.26 25.02 33.63
C SER H 323 43.61 25.17 34.33
N GLU H 324 44.45 24.13 34.26
CA GLU H 324 45.75 24.14 34.92
C GLU H 324 46.88 24.57 33.99
N TYR H 325 47.07 23.86 32.88
CA TYR H 325 48.16 24.11 31.95
C TYR H 325 47.65 24.94 30.78
N TYR H 326 47.46 26.24 31.05
CA TYR H 326 47.07 27.15 29.98
C TYR H 326 48.19 27.37 28.96
N GLY H 327 49.44 27.17 29.37
CA GLY H 327 50.56 27.27 28.45
C GLY H 327 50.60 26.17 27.41
N LEU H 328 50.94 24.95 27.86
CA LEU H 328 51.09 23.74 27.05
C LEU H 328 50.05 23.63 25.94
N PRO H 329 50.46 23.75 24.68
CA PRO H 329 49.54 23.53 23.56
C PRO H 329 49.28 22.04 23.34
N VAL H 330 48.23 21.78 22.58
CA VAL H 330 47.86 20.42 22.18
C VAL H 330 47.86 20.36 20.66
N LEU H 331 48.53 19.35 20.11
CA LEU H 331 48.69 19.22 18.66
C LEU H 331 48.18 17.86 18.19
N SER H 332 47.82 17.81 16.92
CA SER H 332 47.32 16.61 16.28
C SER H 332 48.42 15.92 15.50
N TYR H 333 48.29 14.59 15.36
CA TYR H 333 49.23 13.83 14.55
C TYR H 333 49.20 14.28 13.09
N GLN H 334 48.01 14.61 12.58
CA GLN H 334 47.91 15.13 11.22
C GLN H 334 48.60 16.48 11.07
N GLU H 335 48.56 17.30 12.12
CA GLU H 335 49.19 18.62 12.07
C GLU H 335 50.71 18.55 11.95
N LEU H 336 51.32 17.39 12.20
CA LEU H 336 52.76 17.25 12.15
C LEU H 336 53.20 16.88 10.75
N THR H 337 54.04 17.71 10.14
CA THR H 337 54.63 17.41 8.85
C THR H 337 55.75 16.40 9.03
N GLN H 338 56.36 15.99 7.92
CA GLN H 338 57.46 15.04 7.98
C GLN H 338 58.76 15.72 8.38
N GLN H 339 59.89 15.06 8.12
CA GLN H 339 61.22 15.49 8.57
C GLN H 339 61.19 16.16 9.95
N ILE H 340 60.58 15.50 10.94
CA ILE H 340 60.53 15.99 12.30
C ILE H 340 60.97 14.88 13.25
N ASN H 341 61.91 15.20 14.14
CA ASN H 341 62.35 14.26 15.17
C ASN H 341 61.49 14.52 16.40
N ILE H 342 60.40 13.77 16.51
CA ILE H 342 59.49 13.89 17.65
C ILE H 342 60.13 13.20 18.84
N GLN H 343 60.41 13.96 19.89
CA GLN H 343 61.04 13.39 21.07
C GLN H 343 60.01 13.18 22.16
N PRO H 344 59.67 11.94 22.49
CA PRO H 344 58.67 11.69 23.54
C PRO H 344 59.28 11.87 24.92
N LEU H 345 58.88 12.94 25.60
CA LEU H 345 59.36 13.16 26.96
C LEU H 345 58.74 12.19 27.95
N GLY H 346 57.60 11.58 27.61
CA GLY H 346 56.95 10.63 28.47
C GLY H 346 55.51 10.36 28.08
N ARG H 347 55.07 9.12 28.17
CA ARG H 347 53.70 8.76 27.86
C ARG H 347 52.83 8.89 29.10
N VAL H 348 51.65 9.51 28.93
CA VAL H 348 50.70 9.69 30.02
C VAL H 348 49.97 8.36 30.21
N CYS H 349 50.41 7.59 31.21
CA CYS H 349 49.83 6.28 31.45
C CYS H 349 48.48 6.43 32.15
N LEU H 350 47.79 5.30 32.29
CA LEU H 350 46.48 5.28 32.92
C LEU H 350 46.54 4.50 34.22
N GLY I 5 -13.73 76.24 9.31
CA GLY I 5 -14.20 76.23 10.67
C GLY I 5 -15.62 75.73 10.83
N ARG I 6 -15.78 74.41 10.84
CA ARG I 6 -17.09 73.78 10.98
C ARG I 6 -16.93 72.55 11.89
N LEU I 7 -17.98 71.74 11.93
CA LEU I 7 -17.93 70.42 12.59
C LEU I 7 -17.74 69.31 11.56
N GLY I 8 -16.95 69.58 10.54
CA GLY I 8 -16.62 68.60 9.52
C GLY I 8 -15.33 67.85 9.79
N GLU I 9 -14.49 68.38 10.66
CA GLU I 9 -13.29 67.64 11.05
C GLU I 9 -13.67 66.37 11.79
N GLN I 10 -12.94 65.30 11.53
CA GLN I 10 -13.34 63.99 12.03
C GLN I 10 -13.05 63.86 13.53
N GLU I 11 -11.77 63.81 13.90
CA GLU I 11 -11.41 63.79 15.31
C GLU I 11 -10.16 64.59 15.66
N ALA I 12 -9.31 64.96 14.70
CA ALA I 12 -8.00 65.54 14.96
C ALA I 12 -7.18 64.65 15.90
N PHE I 13 -6.85 63.45 15.39
CA PHE I 13 -6.17 62.44 16.19
C PHE I 13 -4.80 62.93 16.65
N ALA I 14 -4.44 62.59 17.88
CA ALA I 14 -3.15 62.93 18.46
C ALA I 14 -2.67 61.77 19.34
N MET I 15 -1.40 61.39 19.20
CA MET I 15 -0.87 60.28 19.95
C MET I 15 -0.61 60.68 21.40
N THR I 16 -0.78 59.71 22.30
CA THR I 16 -0.52 59.94 23.72
C THR I 16 0.97 60.15 23.98
N VAL I 17 1.27 61.06 24.90
CA VAL I 17 2.67 61.31 25.25
C VAL I 17 3.23 60.09 25.98
N PRO I 18 4.45 59.65 25.67
CA PRO I 18 5.00 58.46 26.31
C PRO I 18 5.30 58.68 27.80
N LEU I 19 6.01 59.77 28.11
CA LEU I 19 6.41 60.08 29.46
C LEU I 19 5.98 61.50 29.78
N LEU I 20 5.32 61.69 30.92
CA LEU I 20 4.85 63.01 31.33
C LEU I 20 5.18 63.21 32.80
N ILE I 21 5.58 64.43 33.14
CA ILE I 21 5.83 64.82 34.52
C ILE I 21 4.98 66.06 34.80
N ASP I 22 4.00 65.92 35.68
CA ASP I 22 3.12 67.01 36.07
C ASP I 22 3.43 67.38 37.51
N VAL I 23 3.91 68.61 37.72
CA VAL I 23 4.18 69.11 39.05
C VAL I 23 3.23 70.27 39.32
N ASP I 24 3.01 70.53 40.61
CA ASP I 24 2.11 71.60 40.99
C ASP I 24 2.71 72.95 40.62
N SER I 25 1.84 73.96 40.56
CA SER I 25 2.27 75.32 40.29
C SER I 25 2.89 75.95 41.52
N SER I 26 3.15 77.27 41.46
CA SER I 26 3.88 78.00 42.48
C SER I 26 5.30 77.48 42.64
N GLN I 27 5.71 76.57 41.74
CA GLN I 27 7.10 76.17 41.59
C GLN I 27 7.56 76.29 40.14
N GLN I 28 6.78 76.97 39.30
CA GLN I 28 7.19 77.24 37.93
C GLN I 28 8.50 78.01 37.89
N GLU I 29 8.58 79.14 38.61
CA GLU I 29 9.77 79.97 38.64
C GLU I 29 10.48 79.97 39.98
N ALA I 30 9.84 79.46 41.03
CA ALA I 30 10.51 79.33 42.32
C ALA I 30 11.53 78.18 42.31
N LEU I 31 11.29 77.15 41.50
CA LEU I 31 12.16 75.99 41.43
C LEU I 31 13.08 75.98 40.21
N GLU I 32 12.57 76.38 39.03
CA GLU I 32 13.36 76.38 37.80
C GLU I 32 14.71 77.09 37.92
N ALA I 33 14.96 77.76 39.05
CA ALA I 33 16.28 78.34 39.30
C ALA I 33 17.36 77.27 39.17
N ILE I 34 17.07 76.07 39.66
CA ILE I 34 17.95 74.91 39.53
C ILE I 34 17.95 74.47 38.07
N ALA I 35 18.85 73.55 37.71
CA ALA I 35 18.98 73.13 36.32
C ALA I 35 17.63 72.68 35.74
N LEU I 36 16.94 71.77 36.44
CA LEU I 36 15.58 71.38 36.10
C LEU I 36 15.49 70.79 34.70
N ASN I 37 15.73 71.61 33.69
CA ASN I 37 15.75 71.16 32.31
C ASN I 37 17.09 70.56 31.92
N ASP I 38 18.11 70.75 32.74
CA ASP I 38 19.41 70.10 32.54
C ASP I 38 19.62 68.93 33.49
N GLU I 39 19.08 69.01 34.71
CA GLU I 39 19.21 67.89 35.65
C GLU I 39 18.48 66.66 35.13
N LEU I 40 17.30 66.85 34.57
CA LEU I 40 16.53 65.72 34.04
C LEU I 40 17.24 65.07 32.86
N VAL I 41 17.73 65.88 31.91
CA VAL I 41 18.42 65.29 30.78
C VAL I 41 19.71 64.63 31.24
N ARG I 42 20.39 65.19 32.26
CA ARG I 42 21.60 64.58 32.78
C ARG I 42 21.31 63.20 33.37
N VAL I 43 20.26 63.10 34.20
CA VAL I 43 19.97 61.80 34.82
C VAL I 43 19.49 60.81 33.78
N ARG I 44 18.71 61.26 32.79
CA ARG I 44 18.28 60.36 31.72
C ARG I 44 19.48 59.85 30.92
N ARG I 45 20.42 60.73 30.59
CA ARG I 45 21.61 60.34 29.84
C ARG I 45 22.45 59.36 30.65
N ALA I 46 22.61 59.61 31.95
CA ALA I 46 23.38 58.70 32.79
C ALA I 46 22.73 57.32 32.86
N LEU I 47 21.41 57.29 33.01
CA LEU I 47 20.72 55.99 33.07
C LEU I 47 20.81 55.26 31.73
N TYR I 48 20.74 56.01 30.62
CA TYR I 48 20.92 55.40 29.31
C TYR I 48 22.33 54.82 29.16
N LEU I 49 23.34 55.59 29.56
CA LEU I 49 24.72 55.08 29.50
C LEU I 49 24.90 53.84 30.36
N ASP I 50 24.19 53.77 31.49
CA ASP I 50 24.27 52.60 32.34
C ASP I 50 23.56 51.40 31.72
N LEU I 51 22.45 51.65 31.02
CA LEU I 51 21.62 50.58 30.48
C LEU I 51 21.67 50.49 28.96
N GLY I 52 21.46 51.59 28.25
CA GLY I 52 21.39 51.58 26.81
C GLY I 52 20.00 51.60 26.22
N VAL I 53 18.97 51.64 27.06
CA VAL I 53 17.60 51.69 26.55
C VAL I 53 17.31 53.08 25.99
N PRO I 54 16.81 53.19 24.76
CA PRO I 54 16.53 54.53 24.20
C PRO I 54 15.30 55.15 24.83
N PHE I 55 15.47 55.79 25.98
CA PHE I 55 14.35 56.41 26.66
C PHE I 55 13.78 57.56 25.80
N PRO I 56 12.49 57.81 25.89
CA PRO I 56 11.87 58.85 25.06
C PRO I 56 12.08 60.23 25.68
N GLY I 57 11.53 61.24 25.01
CA GLY I 57 11.56 62.59 25.54
C GLY I 57 10.62 62.76 26.73
N ILE I 58 11.01 63.64 27.64
CA ILE I 58 10.28 63.88 28.88
C ILE I 58 9.54 65.21 28.74
N HIS I 59 8.23 65.17 28.92
CA HIS I 59 7.38 66.36 28.86
C HIS I 59 7.14 66.88 30.28
N LEU I 60 7.47 68.14 30.51
CA LEU I 60 7.34 68.79 31.80
C LEU I 60 6.25 69.85 31.71
N ARG I 61 5.26 69.75 32.59
CA ARG I 61 4.14 70.69 32.62
C ARG I 61 3.86 71.11 34.05
N PHE I 62 3.42 72.35 34.22
CA PHE I 62 3.07 72.89 35.53
C PHE I 62 1.54 72.97 35.60
N ASN I 63 0.96 72.14 36.46
CA ASN I 63 -0.48 72.04 36.64
C ASN I 63 -0.86 72.59 38.01
N GLU I 64 -1.89 73.44 38.04
CA GLU I 64 -2.36 74.04 39.29
C GLU I 64 -3.33 73.06 39.93
N GLY I 65 -2.78 72.13 40.72
CA GLY I 65 -3.57 71.04 41.25
C GLY I 65 -3.36 70.75 42.73
N MET I 66 -3.00 69.51 43.04
CA MET I 66 -2.98 69.03 44.42
C MET I 66 -1.89 69.71 45.24
N GLY I 67 -2.22 70.02 46.49
CA GLY I 67 -1.23 70.43 47.47
C GLY I 67 -0.44 71.65 47.05
N GLU I 68 0.85 71.63 47.36
CA GLU I 68 1.76 72.70 46.99
C GLU I 68 2.97 72.13 46.24
N GLY I 69 3.33 70.89 46.56
CA GLY I 69 4.46 70.24 45.93
C GLY I 69 4.12 68.87 45.38
N GLU I 70 2.91 68.71 44.87
CA GLU I 70 2.49 67.43 44.30
C GLU I 70 3.18 67.21 42.96
N TYR I 71 3.94 66.13 42.84
CA TYR I 71 4.57 65.74 41.59
C TYR I 71 4.13 64.34 41.20
N LEU I 72 3.81 64.16 39.91
CA LEU I 72 3.43 62.85 39.39
C LEU I 72 4.16 62.58 38.09
N ILE I 73 4.64 61.35 37.95
CA ILE I 73 5.25 60.85 36.72
C ILE I 73 4.33 59.78 36.16
N SER I 74 3.92 59.97 34.91
CA SER I 74 2.95 59.12 34.24
C SER I 74 3.56 58.56 32.96
N LEU I 75 3.38 57.27 32.76
CA LEU I 75 3.83 56.58 31.55
C LEU I 75 2.64 56.39 30.63
N GLN I 76 2.68 57.02 29.46
CA GLN I 76 1.60 56.95 28.48
C GLN I 76 0.28 57.41 29.08
N GLU I 77 0.32 58.58 29.74
CA GLU I 77 -0.85 59.22 30.32
C GLU I 77 -1.55 58.32 31.33
N VAL I 78 -0.77 57.56 32.10
CA VAL I 78 -1.27 56.80 33.23
C VAL I 78 -0.29 57.04 34.38
N PRO I 79 -0.72 57.62 35.50
CA PRO I 79 0.24 57.96 36.56
C PRO I 79 0.85 56.71 37.18
N VAL I 80 2.18 56.70 37.24
CA VAL I 80 2.89 55.57 37.82
C VAL I 80 3.66 55.92 39.10
N ALA I 81 3.97 57.19 39.34
CA ALA I 81 4.68 57.54 40.58
C ALA I 81 4.28 58.93 41.02
N ARG I 82 3.48 59.03 42.07
CA ARG I 82 3.08 60.30 42.64
C ARG I 82 3.76 60.52 43.98
N GLY I 83 3.80 61.77 44.40
CA GLY I 83 4.39 62.10 45.69
C GLY I 83 4.30 63.58 45.97
N GLU I 84 4.80 63.95 47.15
CA GLU I 84 4.84 65.34 47.59
C GLU I 84 6.26 65.70 48.01
N LEU I 85 6.61 66.97 47.86
CA LEU I 85 7.92 67.46 48.26
C LEU I 85 7.80 68.56 49.31
N LEU I 91 12.98 72.81 53.07
CA LEU I 91 12.72 71.59 53.82
C LEU I 91 13.29 70.37 53.09
N VAL I 92 14.61 70.20 53.17
CA VAL I 92 15.29 69.09 52.50
C VAL I 92 15.01 67.79 53.24
N ARG I 93 15.31 66.66 52.60
CA ARG I 93 14.99 65.34 53.12
C ARG I 93 16.26 64.59 53.51
N GLU I 94 16.06 63.46 54.19
CA GLU I 94 17.14 62.57 54.57
C GLU I 94 16.61 61.14 54.55
N SER I 95 17.45 60.21 54.08
CA SER I 95 17.04 58.82 53.92
C SER I 95 17.85 57.88 54.80
N VAL I 96 18.50 58.40 55.84
CA VAL I 96 19.29 57.58 56.75
C VAL I 96 18.65 57.64 58.13
N SER I 97 17.31 57.74 58.16
CA SER I 97 16.60 57.90 59.42
C SER I 97 16.87 56.73 60.35
N GLN I 98 17.29 57.06 61.57
CA GLN I 98 17.69 56.09 62.59
C GLN I 98 17.79 56.87 63.90
N LEU I 99 18.37 56.23 64.93
CA LEU I 99 18.66 56.95 66.16
C LEU I 99 19.69 58.06 65.96
N GLU I 100 20.39 58.07 64.81
CA GLU I 100 21.25 59.19 64.48
C GLU I 100 20.46 60.49 64.42
N LEU I 101 19.20 60.43 63.94
CA LEU I 101 18.35 61.61 63.92
C LEU I 101 18.11 62.14 65.34
N LEU I 102 18.22 61.27 66.35
CA LEU I 102 18.19 61.72 67.72
C LEU I 102 19.58 62.11 68.23
N GLY I 103 20.64 61.50 67.70
CA GLY I 103 21.98 61.89 68.10
C GLY I 103 22.32 63.31 67.69
N ILE I 104 22.02 63.67 66.44
CA ILE I 104 22.20 65.02 65.93
C ILE I 104 20.90 65.46 65.27
N PRO I 105 19.92 65.98 66.02
CA PRO I 105 18.63 66.42 65.48
C PRO I 105 18.76 67.56 64.48
N HIS I 111 8.81 59.15 57.46
CA HIS I 111 7.41 59.37 57.12
C HIS I 111 7.02 58.61 55.87
N LEU I 112 5.84 58.91 55.33
CA LEU I 112 5.34 58.24 54.15
C LEU I 112 6.06 58.76 52.90
N LEU I 113 6.64 57.85 52.13
CA LEU I 113 7.31 58.18 50.88
C LEU I 113 7.54 56.91 50.07
N PRO I 114 7.26 56.94 48.77
CA PRO I 114 7.48 55.72 47.96
C PRO I 114 8.93 55.27 47.92
N ASP I 115 9.89 56.17 48.09
CA ASP I 115 11.31 55.81 48.03
C ASP I 115 11.67 54.84 49.14
N GLN I 116 11.62 55.30 50.39
CA GLN I 116 12.05 54.53 51.55
C GLN I 116 11.71 55.36 52.79
N GLU I 117 12.14 54.89 53.95
CA GLU I 117 12.03 55.68 55.18
C GLU I 117 12.76 57.01 55.00
N THR I 118 12.07 58.10 55.35
CA THR I 118 12.57 59.43 55.05
C THR I 118 12.03 60.43 56.07
N PHE I 119 12.89 61.34 56.50
CA PHE I 119 12.52 62.45 57.35
C PHE I 119 12.89 63.77 56.67
N TRP I 120 12.14 64.82 56.97
CA TRP I 120 12.35 66.14 56.41
C TRP I 120 12.80 67.10 57.50
N VAL I 121 13.81 67.91 57.18
CA VAL I 121 14.37 68.87 58.12
C VAL I 121 14.42 70.23 57.44
N SER I 122 14.41 71.28 58.26
CA SER I 122 14.40 72.64 57.75
C SER I 122 15.78 73.04 57.24
N VAL I 123 15.82 74.17 56.51
CA VAL I 123 17.06 74.61 55.89
C VAL I 123 18.01 75.27 56.88
N GLU I 124 17.52 75.76 58.02
CA GLU I 124 18.42 76.29 59.03
C GLU I 124 19.27 75.18 59.67
N TYR I 125 18.71 73.97 59.77
CA TYR I 125 19.45 72.81 60.25
C TYR I 125 20.33 72.20 59.18
N GLU I 126 20.20 72.66 57.93
CA GLU I 126 20.92 72.03 56.82
C GLU I 126 22.43 72.17 56.98
N GLU I 127 22.90 73.32 57.45
CA GLU I 127 24.34 73.54 57.58
C GLU I 127 24.97 72.58 58.59
N ARG I 128 24.40 72.51 59.79
CA ARG I 128 25.00 71.67 60.82
C ARG I 128 24.86 70.19 60.51
N LEU I 129 23.78 69.80 59.83
CA LEU I 129 23.62 68.40 59.45
C LEU I 129 24.51 68.03 58.27
N GLU I 130 24.75 68.95 57.34
CA GLU I 130 25.67 68.71 56.24
C GLU I 130 27.12 68.75 56.70
N LYS I 131 27.41 69.37 57.84
CA LYS I 131 28.72 69.18 58.44
C LYS I 131 28.95 67.71 58.79
N SER I 132 27.88 66.99 59.12
CA SER I 132 27.90 65.54 59.26
C SER I 132 27.68 64.83 57.93
N GLN I 133 27.63 65.59 56.82
CA GLN I 133 27.42 65.08 55.47
C GLN I 133 26.04 64.45 55.29
N LEU I 134 25.98 63.12 55.38
CA LEU I 134 24.74 62.37 55.15
C LEU I 134 24.23 62.58 53.73
N GLU I 135 22.93 62.32 53.51
CA GLU I 135 22.33 62.38 52.19
C GLU I 135 21.37 63.56 52.13
N PHE I 136 21.79 64.62 51.44
CA PHE I 136 20.99 65.83 51.27
C PHE I 136 20.46 65.88 49.83
N PHE I 137 19.22 65.41 49.66
CA PHE I 137 18.57 65.45 48.36
C PHE I 137 17.73 66.72 48.27
N SER I 138 18.09 67.60 47.35
CA SER I 138 17.31 68.81 47.11
C SER I 138 16.14 68.46 46.22
N HIS I 139 15.39 69.46 45.76
CA HIS I 139 14.22 69.21 44.92
C HIS I 139 14.63 68.52 43.62
N SER I 140 15.68 69.02 42.96
CA SER I 140 16.15 68.37 41.74
C SER I 140 16.65 66.95 42.02
N GLN I 141 17.38 66.76 43.12
CA GLN I 141 17.93 65.45 43.43
C GLN I 141 16.82 64.45 43.75
N VAL I 142 15.83 64.85 44.54
CA VAL I 142 14.74 63.92 44.87
C VAL I 142 13.91 63.64 43.63
N LEU I 143 13.70 64.65 42.78
CA LEU I 143 12.96 64.44 41.55
C LEU I 143 13.66 63.42 40.65
N THR I 144 14.98 63.59 40.49
CA THR I 144 15.74 62.69 39.64
C THR I 144 15.87 61.29 40.22
N TRP I 145 15.88 61.15 41.55
CA TRP I 145 15.98 59.81 42.12
C TRP I 145 14.75 58.97 41.77
N HIS I 146 13.55 59.51 42.02
CA HIS I 146 12.35 58.76 41.66
C HIS I 146 12.20 58.61 40.15
N LEU I 147 12.59 59.63 39.37
CA LEU I 147 12.54 59.46 37.92
C LEU I 147 13.43 58.30 37.46
N SER I 148 14.65 58.21 38.01
CA SER I 148 15.55 57.13 37.66
C SER I 148 14.99 55.79 38.10
N HIS I 149 14.40 55.73 39.29
CA HIS I 149 13.79 54.49 39.76
C HIS I 149 12.66 54.04 38.84
N VAL I 150 11.82 54.99 38.43
CA VAL I 150 10.71 54.66 37.52
C VAL I 150 11.24 54.16 36.19
N LEU I 151 12.24 54.84 35.63
CA LEU I 151 12.77 54.42 34.34
C LEU I 151 13.43 53.04 34.44
N ARG I 152 14.13 52.76 35.53
CA ARG I 152 14.80 51.48 35.68
C ARG I 152 13.79 50.35 35.88
N GLU I 153 12.75 50.56 36.68
CA GLU I 153 11.80 49.48 36.96
C GLU I 153 10.73 49.34 35.88
N TYR I 154 10.62 50.28 34.95
CA TYR I 154 9.63 50.21 33.88
C TYR I 154 10.28 50.39 32.51
N ALA I 155 11.53 49.95 32.37
CA ALA I 155 12.24 50.09 31.11
C ALA I 155 11.69 49.17 30.03
N GLU I 156 11.06 48.05 30.42
CA GLU I 156 10.53 47.11 29.43
C GLU I 156 9.48 47.78 28.55
N ASP I 157 8.76 48.77 29.08
CA ASP I 157 7.76 49.48 28.30
C ASP I 157 8.35 50.50 27.34
N PHE I 158 9.66 50.76 27.44
CA PHE I 158 10.33 51.69 26.54
C PHE I 158 11.05 50.98 25.40
N ILE I 159 10.92 49.66 25.28
CA ILE I 159 11.56 48.91 24.21
C ILE I 159 10.50 48.36 23.28
N GLY I 160 10.21 49.10 22.21
CA GLY I 160 9.29 48.66 21.19
C GLY I 160 10.01 48.26 19.91
N ILE I 161 9.20 47.90 18.91
CA ILE I 161 9.74 47.58 17.60
C ILE I 161 10.43 48.80 17.00
N GLN I 162 9.82 49.99 17.17
CA GLN I 162 10.42 51.20 16.64
C GLN I 162 11.77 51.48 17.28
N GLU I 163 11.88 51.27 18.59
CA GLU I 163 13.15 51.53 19.28
C GLU I 163 14.25 50.59 18.80
N THR I 164 13.94 49.31 18.68
CA THR I 164 14.95 48.35 18.20
C THR I 164 15.32 48.63 16.74
N ARG I 165 14.35 49.01 15.92
CA ARG I 165 14.65 49.35 14.53
C ARG I 165 15.54 50.59 14.45
N TYR I 166 15.28 51.59 15.31
CA TYR I 166 16.14 52.77 15.36
C TYR I 166 17.55 52.40 15.78
N LEU I 167 17.68 51.51 16.78
CA LEU I 167 19.01 51.07 17.19
C LEU I 167 19.73 50.37 16.05
N LEU I 168 19.02 49.51 15.30
CA LEU I 168 19.63 48.83 14.17
C LEU I 168 20.05 49.81 13.08
N GLU I 169 19.21 50.80 12.79
CA GLU I 169 19.52 51.78 11.76
C GLU I 169 20.69 52.67 12.16
N GLN I 170 20.87 52.92 13.46
CA GLN I 170 21.98 53.76 13.89
C GLN I 170 23.32 53.06 13.74
N MET I 171 23.34 51.73 13.77
CA MET I 171 24.58 50.96 13.68
C MET I 171 24.87 50.43 12.28
N GLU I 172 24.09 50.86 11.28
CA GLU I 172 24.33 50.37 9.92
C GLU I 172 25.70 50.79 9.41
N GLY I 173 26.11 52.03 9.67
CA GLY I 173 27.42 52.48 9.24
C GLY I 173 28.55 51.74 9.92
N GLY I 174 28.39 51.45 11.20
CA GLY I 174 29.41 50.75 11.97
C GLY I 174 29.57 49.30 11.56
N TYR I 175 28.53 48.51 11.79
CA TYR I 175 28.53 47.07 11.51
C TYR I 175 27.35 46.77 10.58
N GLY I 176 27.57 46.89 9.28
CA GLY I 176 26.51 46.67 8.32
C GLY I 176 26.17 45.20 8.10
N GLU I 177 27.19 44.39 7.77
CA GLU I 177 26.94 42.99 7.47
C GLU I 177 26.44 42.22 8.69
N LEU I 178 26.89 42.58 9.89
CA LEU I 178 26.39 41.93 11.10
C LEU I 178 24.88 42.16 11.24
N ILE I 179 24.43 43.40 11.02
CA ILE I 179 23.00 43.70 11.10
C ILE I 179 22.24 42.99 9.99
N LYS I 180 22.80 42.97 8.77
CA LYS I 180 22.12 42.31 7.66
C LYS I 180 21.96 40.82 7.92
N GLU I 181 22.96 40.20 8.57
CA GLU I 181 22.86 38.78 8.90
C GLU I 181 21.86 38.54 10.03
N VAL I 182 21.92 39.36 11.09
CA VAL I 182 21.03 39.14 12.22
C VAL I 182 19.57 39.39 11.81
N GLN I 183 19.34 40.29 10.86
CA GLN I 183 17.98 40.50 10.37
C GLN I 183 17.45 39.26 9.67
N ARG I 184 18.29 38.61 8.85
CA ARG I 184 17.84 37.40 8.16
C ARG I 184 17.78 36.19 9.08
N ILE I 185 18.46 36.23 10.22
CA ILE I 185 18.47 35.08 11.12
C ILE I 185 17.27 35.09 12.06
N VAL I 186 17.00 36.23 12.70
CA VAL I 186 15.91 36.32 13.66
C VAL I 186 14.99 37.48 13.32
N PRO I 187 13.70 37.40 13.62
CA PRO I 187 12.78 38.51 13.30
C PRO I 187 12.86 39.63 14.33
N LEU I 188 12.14 40.71 14.02
CA LEU I 188 12.13 41.87 14.91
C LEU I 188 11.44 41.57 16.24
N GLN I 189 10.35 40.80 16.20
CA GLN I 189 9.59 40.53 17.41
C GLN I 189 10.42 39.74 18.42
N ARG I 190 11.07 38.66 17.96
CA ARG I 190 11.89 37.84 18.86
C ARG I 190 13.05 38.65 19.42
N MET I 191 13.71 39.44 18.57
CA MET I 191 14.83 40.25 19.02
C MET I 191 14.40 41.27 20.06
N THR I 192 13.28 41.96 19.82
CA THR I 192 12.79 42.94 20.79
C THR I 192 12.39 42.28 22.09
N GLU I 193 11.75 41.10 22.03
CA GLU I 193 11.38 40.39 23.24
C GLU I 193 12.62 39.98 24.03
N ILE I 194 13.67 39.55 23.32
CA ILE I 194 14.93 39.20 23.98
C ILE I 194 15.53 40.42 24.66
N LEU I 195 15.52 41.57 23.97
CA LEU I 195 16.06 42.78 24.57
C LEU I 195 15.27 43.19 25.81
N GLN I 196 13.94 43.08 25.76
CA GLN I 196 13.12 43.41 26.92
C GLN I 196 13.43 42.48 28.09
N ARG I 197 13.58 41.18 27.81
CA ARG I 197 13.92 40.23 28.87
C ARG I 197 15.29 40.53 29.45
N LEU I 198 16.25 40.92 28.60
CA LEU I 198 17.58 41.28 29.08
C LEU I 198 17.53 42.49 30.00
N VAL I 199 16.78 43.52 29.59
CA VAL I 199 16.71 44.74 30.40
C VAL I 199 15.96 44.49 31.69
N GLY I 200 14.98 43.58 31.68
CA GLY I 200 14.25 43.26 32.90
C GLY I 200 15.13 42.70 34.01
N GLU I 201 16.32 42.19 33.66
CA GLU I 201 17.27 41.69 34.64
C GLU I 201 18.40 42.68 34.90
N ASP I 202 18.21 43.95 34.50
CA ASP I 202 19.22 45.01 34.67
C ASP I 202 20.49 44.72 33.87
N ILE I 203 20.38 43.97 32.78
CA ILE I 203 21.51 43.72 31.89
C ILE I 203 21.51 44.78 30.80
N SER I 204 22.66 45.44 30.63
CA SER I 204 22.71 46.60 29.75
C SER I 204 22.68 46.17 28.28
N ILE I 205 21.86 46.87 27.49
CA ILE I 205 21.85 46.69 26.04
C ILE I 205 23.03 47.40 25.38
N ARG I 206 23.60 48.40 26.06
CA ARG I 206 24.60 49.30 25.48
C ARG I 206 25.64 48.60 24.61
N ASN I 207 26.18 47.47 25.06
CA ASN I 207 27.18 46.73 24.30
C ASN I 207 26.47 45.86 23.27
N MET I 208 26.06 46.50 22.18
CA MET I 208 25.25 45.85 21.15
C MET I 208 26.05 44.92 20.25
N ARG I 209 27.35 45.12 20.12
CA ARG I 209 28.15 44.29 19.21
C ARG I 209 28.14 42.83 19.64
N SER I 210 28.45 42.58 20.91
CA SER I 210 28.45 41.20 21.41
C SER I 210 27.05 40.61 21.39
N ILE I 211 26.04 41.43 21.67
CA ILE I 211 24.66 40.95 21.65
C ILE I 211 24.28 40.50 20.25
N LEU I 212 24.63 41.28 19.23
CA LEU I 212 24.32 40.91 17.86
C LEU I 212 25.10 39.68 17.42
N GLU I 213 26.38 39.58 17.83
CA GLU I 213 27.16 38.39 17.49
C GLU I 213 26.56 37.14 18.12
N ALA I 214 26.16 37.22 19.39
CA ALA I 214 25.52 36.09 20.04
C ALA I 214 24.18 35.76 19.38
N MET I 215 23.44 36.79 18.98
CA MET I 215 22.18 36.57 18.28
C MET I 215 22.39 35.81 16.99
N VAL I 216 23.42 36.19 16.22
CA VAL I 216 23.75 35.46 15.00
C VAL I 216 24.16 34.03 15.32
N GLU I 217 24.98 33.85 16.36
CA GLU I 217 25.52 32.53 16.66
C GLU I 217 24.43 31.56 17.11
N TRP I 218 23.47 32.03 17.91
CA TRP I 218 22.50 31.16 18.55
C TRP I 218 21.09 31.21 17.97
N GLY I 219 20.80 32.15 17.06
CA GLY I 219 19.45 32.24 16.54
C GLY I 219 19.10 31.12 15.58
N GLN I 220 20.09 30.53 14.93
CA GLN I 220 19.85 29.41 14.03
C GLN I 220 19.65 28.09 14.77
N LYS I 221 20.10 28.00 16.02
CA LYS I 221 20.06 26.76 16.78
C LYS I 221 18.86 26.65 17.70
N GLU I 222 18.49 27.74 18.38
CA GLU I 222 17.38 27.74 19.33
C GLU I 222 16.27 28.66 18.84
N LYS I 223 15.04 28.18 18.97
CA LYS I 223 13.86 28.96 18.62
C LYS I 223 13.06 29.43 19.82
N ASP I 224 13.17 28.74 20.95
CA ASP I 224 12.51 29.18 22.17
C ASP I 224 13.14 30.47 22.68
N VAL I 225 12.30 31.42 23.08
CA VAL I 225 12.79 32.72 23.49
C VAL I 225 13.58 32.61 24.79
N VAL I 226 13.13 31.75 25.71
CA VAL I 226 13.78 31.63 27.01
C VAL I 226 15.21 31.10 26.85
N GLN I 227 15.37 30.01 26.11
CA GLN I 227 16.70 29.43 25.93
C GLN I 227 17.61 30.36 25.15
N LEU I 228 17.08 31.01 24.12
CA LEU I 228 17.89 31.93 23.33
C LEU I 228 18.36 33.12 24.16
N THR I 229 17.47 33.69 24.99
CA THR I 229 17.89 34.80 25.83
C THR I 229 18.82 34.35 26.95
N GLU I 230 18.69 33.10 27.42
CA GLU I 230 19.66 32.58 28.37
C GLU I 230 21.04 32.46 27.74
N TYR I 231 21.11 31.99 26.48
CA TYR I 231 22.38 31.92 25.78
C TYR I 231 22.96 33.32 25.58
N ILE I 232 22.13 34.29 25.24
CA ILE I 232 22.62 35.65 25.05
C ILE I 232 23.12 36.23 26.37
N ARG I 233 22.46 35.89 27.49
CA ARG I 233 22.97 36.28 28.80
C ARG I 233 24.33 35.64 29.07
N SER I 234 24.46 34.35 28.78
CA SER I 234 25.73 33.65 28.95
C SER I 234 26.81 34.21 28.05
N SER I 235 26.43 34.89 26.97
CA SER I 235 27.40 35.55 26.11
C SER I 235 28.01 36.80 26.75
N LEU I 236 27.53 37.22 27.92
CA LEU I 236 28.02 38.42 28.58
C LEU I 236 28.71 38.06 29.90
N LYS I 237 29.56 37.04 29.87
CA LYS I 237 30.16 36.51 31.10
C LYS I 237 30.93 37.59 31.85
N ARG I 238 31.85 38.28 31.17
CA ARG I 238 32.70 39.24 31.88
C ARG I 238 31.92 40.47 32.31
N TYR I 239 30.93 40.90 31.52
CA TYR I 239 30.09 42.02 31.94
C TYR I 239 29.34 41.68 33.22
N ILE I 240 28.72 40.49 33.25
CA ILE I 240 27.99 40.08 34.45
C ILE I 240 28.94 39.96 35.64
N CYS I 241 30.12 39.37 35.41
CA CYS I 241 31.09 39.20 36.49
C CYS I 241 31.51 40.55 37.08
N TYR I 242 31.79 41.53 36.23
CA TYR I 242 32.18 42.84 36.74
C TYR I 242 31.01 43.55 37.42
N LYS I 243 29.81 43.38 36.88
CA LYS I 243 28.66 44.09 37.44
C LYS I 243 28.30 43.56 38.82
N TYR I 244 28.40 42.24 39.02
CA TYR I 244 27.97 41.64 40.27
C TYR I 244 29.11 41.29 41.23
N ALA I 245 30.36 41.47 40.84
CA ALA I 245 31.48 41.15 41.73
C ALA I 245 32.51 42.27 41.69
N ASN I 246 32.29 43.31 42.52
CA ASN I 246 33.24 44.41 42.63
C ASN I 246 34.53 43.98 43.32
N GLY I 247 34.43 43.14 44.34
CA GLY I 247 35.60 42.68 45.08
C GLY I 247 36.45 41.65 44.37
N ASN I 248 37.20 42.11 43.36
CA ASN I 248 38.07 41.28 42.52
C ASN I 248 37.24 40.16 41.88
N ASN I 249 37.63 38.90 42.01
CA ASN I 249 36.94 37.76 41.41
C ASN I 249 36.16 36.95 42.43
N ILE I 250 35.71 37.59 43.50
CA ILE I 250 34.93 36.92 44.54
C ILE I 250 33.47 37.27 44.32
N LEU I 251 32.64 36.23 44.19
CA LEU I 251 31.21 36.40 43.95
C LEU I 251 30.43 35.63 45.00
N PRO I 252 29.74 36.31 45.92
CA PRO I 252 28.90 35.60 46.89
C PRO I 252 27.80 34.83 46.18
N ALA I 253 27.57 33.60 46.63
CA ALA I 253 26.63 32.70 45.98
C ALA I 253 25.73 32.02 47.00
N TYR I 254 24.53 31.67 46.55
CA TYR I 254 23.54 30.93 47.33
C TYR I 254 23.08 29.71 46.55
N LEU I 255 24.04 28.93 46.06
CA LEU I 255 23.79 27.86 45.11
C LEU I 255 22.66 26.93 45.57
N PHE I 256 21.95 26.39 44.59
CA PHE I 256 20.82 25.49 44.82
C PHE I 256 21.27 24.05 44.79
N ASP I 257 20.58 23.21 45.56
CA ASP I 257 20.82 21.78 45.52
C ASP I 257 20.34 21.19 44.19
N GLN I 258 20.91 20.04 43.84
CA GLN I 258 20.51 19.38 42.60
C GLN I 258 19.06 18.92 42.66
N GLU I 259 18.61 18.43 43.82
CA GLU I 259 17.23 17.97 43.97
C GLU I 259 16.24 19.11 43.79
N VAL I 260 16.53 20.27 44.37
CA VAL I 260 15.64 21.42 44.24
C VAL I 260 15.60 21.89 42.79
N GLU I 261 16.75 21.92 42.12
CA GLU I 261 16.78 22.31 40.71
C GLU I 261 15.97 21.34 39.86
N GLU I 262 16.08 20.04 40.13
CA GLU I 262 15.30 19.07 39.38
C GLU I 262 13.81 19.22 39.65
N LYS I 263 13.43 19.47 40.90
CA LYS I 263 12.02 19.67 41.21
C LYS I 263 11.46 20.89 40.49
N ILE I 264 12.23 21.98 40.45
CA ILE I 264 11.79 23.17 39.72
C ILE I 264 11.68 22.86 38.23
N ARG I 265 12.68 22.17 37.67
CA ARG I 265 12.67 21.84 36.25
C ARG I 265 11.55 20.90 35.86
N SER I 266 11.02 20.13 36.82
CA SER I 266 9.99 19.14 36.52
C SER I 266 8.68 19.73 36.02
N ARG I 267 8.47 21.04 36.17
CA ARG I 267 7.21 21.68 35.78
C ARG I 267 7.48 22.92 34.94
N VAL I 268 8.30 22.78 33.89
CA VAL I 268 8.60 23.92 33.03
C VAL I 268 7.37 24.32 32.23
N ARG I 269 6.65 23.34 31.66
CA ARG I 269 5.37 23.56 30.97
C ARG I 269 5.50 24.57 29.82
N GLN I 270 6.28 24.20 28.81
CA GLN I 270 6.49 25.06 27.63
C GLN I 270 5.41 24.78 26.58
N THR I 271 4.17 25.05 26.96
CA THR I 271 3.03 24.65 26.14
C THR I 271 2.57 25.71 25.13
N SER I 272 2.50 26.97 25.54
CA SER I 272 1.96 28.03 24.67
C SER I 272 2.93 29.20 24.57
N ALA I 273 4.22 28.89 24.38
CA ALA I 273 5.29 29.87 24.29
C ALA I 273 5.34 30.78 25.52
N GLY I 274 4.65 30.40 26.59
CA GLY I 274 4.73 31.11 27.84
C GLY I 274 5.78 30.48 28.74
N SER I 275 5.59 29.18 29.01
CA SER I 275 6.52 28.38 29.81
C SER I 275 6.41 28.72 31.29
N TYR I 276 5.17 28.88 31.77
CA TYR I 276 4.94 29.26 33.15
C TYR I 276 5.33 28.12 34.08
N LEU I 277 5.89 28.48 35.23
CA LEU I 277 6.35 27.50 36.23
C LEU I 277 5.27 27.35 37.29
N ALA I 278 4.35 26.42 37.07
CA ALA I 278 3.29 26.13 38.02
C ALA I 278 3.42 24.67 38.43
N LEU I 279 3.96 24.43 39.63
CA LEU I 279 4.06 23.06 40.12
C LEU I 279 2.87 22.74 41.01
N ASP I 280 2.90 23.24 42.25
CA ASP I 280 1.81 23.22 43.21
C ASP I 280 2.03 24.45 44.08
N PRO I 281 0.98 25.22 44.40
CA PRO I 281 1.20 26.38 45.27
C PRO I 281 1.84 26.02 46.61
N ALA I 282 1.46 24.87 47.18
CA ALA I 282 2.08 24.43 48.42
C ALA I 282 3.56 24.12 48.22
N VAL I 283 3.92 23.50 47.08
CA VAL I 283 5.31 23.14 46.83
C VAL I 283 6.16 24.40 46.68
N THR I 284 5.69 25.38 45.91
CA THR I 284 6.44 26.62 45.79
C THR I 284 6.51 27.36 47.12
N GLU I 285 5.44 27.31 47.92
CA GLU I 285 5.51 27.93 49.25
C GLU I 285 6.57 27.26 50.12
N SER I 286 6.64 25.93 50.09
CA SER I 286 7.65 25.22 50.88
C SER I 286 9.06 25.54 50.40
N LEU I 287 9.26 25.58 49.08
CA LEU I 287 10.58 25.89 48.54
C LEU I 287 10.98 27.32 48.91
N LEU I 288 10.04 28.26 48.82
CA LEU I 288 10.34 29.63 49.20
C LEU I 288 10.65 29.74 50.69
N GLU I 289 9.95 28.97 51.52
CA GLU I 289 10.27 28.94 52.94
C GLU I 289 11.68 28.40 53.19
N GLN I 290 12.06 27.34 52.47
CA GLN I 290 13.41 26.81 52.60
C GLN I 290 14.45 27.84 52.17
N VAL I 291 14.18 28.55 51.07
CA VAL I 291 15.11 29.58 50.60
C VAL I 291 15.24 30.69 51.64
N ARG I 292 14.12 31.10 52.23
CA ARG I 292 14.15 32.13 53.27
C ARG I 292 14.93 31.66 54.50
N LYS I 293 14.76 30.39 54.88
CA LYS I 293 15.50 29.86 56.02
C LYS I 293 17.00 29.79 55.75
N THR I 294 17.39 29.40 54.53
CA THR I 294 18.80 29.29 54.18
C THR I 294 19.45 30.65 53.99
N ILE I 295 19.03 31.38 52.95
CA ILE I 295 19.57 32.71 52.66
C ILE I 295 19.59 33.57 53.93
N GLY I 296 18.49 33.55 54.68
CA GLY I 296 18.35 34.35 55.88
C GLY I 296 17.63 35.66 55.69
N ASP I 297 17.37 36.08 54.45
CA ASP I 297 16.68 37.33 54.14
C ASP I 297 17.40 38.53 54.77
N LEU I 298 18.73 38.46 54.79
CA LEU I 298 19.55 39.56 55.31
C LEU I 298 20.06 40.40 54.15
N SER I 299 19.14 41.20 53.58
CA SER I 299 19.44 42.00 52.42
C SER I 299 19.93 43.40 52.76
N GLN I 300 19.74 43.86 53.99
CA GLN I 300 20.12 45.21 54.37
C GLN I 300 21.53 45.27 54.97
N ILE I 301 22.52 44.73 54.27
CA ILE I 301 23.89 44.87 54.78
C ILE I 301 24.79 45.53 53.73
N GLN I 302 25.11 44.82 52.65
CA GLN I 302 25.98 45.35 51.61
C GLN I 302 26.15 44.32 50.49
N SER I 303 26.83 44.76 49.43
CA SER I 303 27.56 43.92 48.48
C SER I 303 26.69 43.16 47.50
N LYS I 304 25.37 43.19 47.67
CA LYS I 304 24.42 42.59 46.74
C LYS I 304 24.78 41.15 46.40
N PRO I 305 24.54 40.19 47.30
CA PRO I 305 24.79 38.79 46.97
C PRO I 305 23.85 38.32 45.87
N VAL I 306 24.31 37.35 45.09
CA VAL I 306 23.57 36.85 43.94
C VAL I 306 23.36 35.35 44.07
N LEU I 307 22.17 34.90 43.66
CA LEU I 307 21.85 33.48 43.57
C LEU I 307 22.39 32.92 42.26
N ILE I 308 23.00 31.74 42.34
CA ILE I 308 23.54 31.06 41.17
C ILE I 308 22.88 29.69 41.04
N VAL I 309 22.30 29.43 39.88
CA VAL I 309 21.52 28.21 39.65
C VAL I 309 21.77 27.75 38.21
N SER I 310 21.25 26.56 37.89
CA SER I 310 21.39 26.02 36.55
C SER I 310 20.76 26.94 35.52
N MET I 311 21.38 27.00 34.34
CA MET I 311 20.96 27.96 33.32
C MET I 311 19.56 27.67 32.81
N ASP I 312 19.26 26.40 32.54
CA ASP I 312 18.01 26.05 31.87
C ASP I 312 16.77 26.48 32.65
N ILE I 313 16.90 26.71 33.96
CA ILE I 313 15.78 27.10 34.79
C ILE I 313 16.01 28.47 35.44
N ARG I 314 17.07 29.18 35.04
CA ARG I 314 17.44 30.41 35.74
C ARG I 314 16.28 31.39 35.80
N ARG I 315 15.71 31.73 34.64
CA ARG I 315 14.57 32.63 34.61
C ARG I 315 13.42 32.08 35.43
N TYR I 316 13.17 30.78 35.31
CA TYR I 316 12.09 30.17 36.07
C TYR I 316 12.30 30.34 37.57
N VAL I 317 13.56 30.33 38.03
CA VAL I 317 13.82 30.60 39.44
C VAL I 317 13.55 32.06 39.75
N ARG I 318 13.97 32.97 38.87
CA ARG I 318 13.88 34.39 39.15
C ARG I 318 12.43 34.81 39.40
N LYS I 319 11.54 34.48 38.46
CA LYS I 319 10.13 34.81 38.64
C LYS I 319 9.52 34.13 39.85
N LEU I 320 10.13 33.04 40.32
CA LEU I 320 9.64 32.42 41.56
C LEU I 320 9.96 33.27 42.77
N ILE I 321 11.11 33.96 42.77
CA ILE I 321 11.56 34.73 43.91
C ILE I 321 11.49 36.23 43.65
N GLU I 322 10.94 36.65 42.52
CA GLU I 322 10.83 38.08 42.23
C GLU I 322 9.84 38.76 43.17
N SER I 323 8.85 38.02 43.66
CA SER I 323 7.83 38.60 44.53
C SER I 323 8.44 39.06 45.85
N GLU I 324 9.27 38.24 46.48
CA GLU I 324 9.85 38.57 47.77
C GLU I 324 11.22 39.23 47.63
N TYR I 325 12.17 38.54 46.98
CA TYR I 325 13.53 39.05 46.82
C TYR I 325 13.65 39.70 45.46
N TYR I 326 13.08 40.89 45.33
CA TYR I 326 13.21 41.65 44.08
C TYR I 326 14.64 42.12 43.87
N GLY I 327 15.41 42.27 44.94
CA GLY I 327 16.80 42.64 44.84
C GLY I 327 17.67 41.55 44.25
N LEU I 328 17.88 40.48 45.01
CA LEU I 328 18.68 39.31 44.66
C LEU I 328 18.55 38.90 43.20
N PRO I 329 19.60 39.07 42.39
CA PRO I 329 19.57 38.57 41.02
C PRO I 329 19.79 37.07 40.97
N VAL I 330 19.46 36.49 39.81
CA VAL I 330 19.67 35.06 39.56
C VAL I 330 20.59 34.93 38.35
N LEU I 331 21.63 34.11 38.49
CA LEU I 331 22.66 33.92 37.49
C LEU I 331 22.77 32.44 37.12
N SER I 332 23.28 32.20 35.92
CA SER I 332 23.49 30.86 35.41
C SER I 332 24.94 30.44 35.58
N TYR I 333 25.15 29.12 35.69
CA TYR I 333 26.52 28.61 35.72
C TYR I 333 27.25 28.94 34.42
N GLN I 334 26.52 28.88 33.29
CA GLN I 334 27.11 29.26 32.02
C GLN I 334 27.50 30.73 31.97
N GLU I 335 26.72 31.59 32.64
CA GLU I 335 27.04 33.01 32.65
C GLU I 335 28.34 33.31 33.38
N LEU I 336 28.80 32.41 34.25
CA LEU I 336 30.04 32.62 34.99
C LEU I 336 31.23 32.36 34.09
N THR I 337 32.11 33.35 33.96
CA THR I 337 33.38 33.14 33.29
C THR I 337 34.36 32.46 34.26
N GLN I 338 35.55 32.16 33.78
CA GLN I 338 36.55 31.51 34.63
C GLN I 338 37.22 32.54 35.52
N GLN I 339 38.38 32.19 36.07
CA GLN I 339 39.09 32.97 37.08
C GLN I 339 38.14 33.72 38.02
N ILE I 340 37.19 33.01 38.61
CA ILE I 340 36.27 33.56 39.60
C ILE I 340 36.26 32.64 40.80
N ASN I 341 36.44 33.21 41.99
CA ASN I 341 36.35 32.46 43.24
C ASN I 341 34.92 32.58 43.76
N ILE I 342 34.09 31.62 43.38
CA ILE I 342 32.69 31.59 43.81
C ILE I 342 32.65 31.11 45.27
N GLN I 343 32.15 31.96 46.15
CA GLN I 343 32.09 31.61 47.56
C GLN I 343 30.67 31.20 47.93
N PRO I 344 30.43 29.92 48.23
CA PRO I 344 29.07 29.48 48.57
C PRO I 344 28.71 29.87 50.00
N LEU I 345 27.80 30.84 50.13
CA LEU I 345 27.36 31.24 51.46
C LEU I 345 26.45 30.20 52.09
N GLY I 346 25.84 29.33 51.28
CA GLY I 346 24.99 28.26 51.78
C GLY I 346 24.14 27.68 50.68
N ARG I 347 24.00 26.35 50.67
CA ARG I 347 23.18 25.67 49.68
C ARG I 347 21.76 25.50 50.19
N VAL I 348 20.78 25.79 49.32
CA VAL I 348 19.37 25.65 49.67
C VAL I 348 19.02 24.17 49.58
N CYS I 349 19.03 23.49 50.73
CA CYS I 349 18.74 22.07 50.77
C CYS I 349 17.24 21.82 50.66
N LEU I 350 16.88 20.55 50.55
CA LEU I 350 15.49 20.15 50.42
C LEU I 350 15.03 19.39 51.67
N GLY J 5 -14.44 -29.83 67.55
CA GLY J 5 -13.44 -28.79 67.50
C GLY J 5 -12.05 -29.28 67.88
N ARG J 6 -11.06 -28.95 67.05
CA ARG J 6 -9.68 -29.34 67.28
C ARG J 6 -8.77 -28.17 66.92
N LEU J 7 -7.55 -28.20 67.47
CA LEU J 7 -6.51 -27.27 67.03
C LEU J 7 -5.64 -27.85 65.93
N GLY J 8 -6.20 -28.72 65.09
CA GLY J 8 -5.53 -29.22 63.91
C GLY J 8 -6.45 -29.15 62.72
N GLU J 9 -7.76 -29.07 63.01
CA GLU J 9 -8.75 -28.84 61.97
C GLU J 9 -8.58 -27.44 61.40
N GLN J 10 -8.84 -27.31 60.09
CA GLN J 10 -8.51 -26.06 59.42
C GLN J 10 -9.45 -24.93 59.85
N GLU J 11 -10.72 -25.00 59.45
CA GLU J 11 -11.66 -23.99 59.93
C GLU J 11 -13.06 -24.49 60.26
N ALA J 12 -13.46 -25.69 59.82
CA ALA J 12 -14.84 -26.15 59.93
C ALA J 12 -15.81 -25.14 59.31
N PHE J 13 -15.67 -24.97 57.99
CA PHE J 13 -16.46 -23.97 57.26
C PHE J 13 -17.96 -24.24 57.36
N ALA J 14 -18.73 -23.17 57.47
CA ALA J 14 -20.18 -23.22 57.51
C ALA J 14 -20.74 -22.01 56.76
N MET J 15 -21.70 -22.25 55.88
CA MET J 15 -22.26 -21.17 55.08
C MET J 15 -23.19 -20.30 55.91
N THR J 16 -23.23 -19.01 55.60
CA THR J 16 -24.12 -18.09 56.28
C THR J 16 -25.57 -18.39 55.91
N VAL J 17 -26.46 -18.29 56.90
CA VAL J 17 -27.88 -18.53 56.63
C VAL J 17 -28.43 -17.41 55.77
N PRO J 18 -29.24 -17.70 54.75
CA PRO J 18 -29.77 -16.63 53.89
C PRO J 18 -30.76 -15.73 54.61
N LEU J 19 -31.74 -16.34 55.27
CA LEU J 19 -32.79 -15.61 55.98
C LEU J 19 -32.89 -16.13 57.40
N LEU J 20 -32.89 -15.21 58.37
CA LEU J 20 -32.97 -15.59 59.77
C LEU J 20 -33.96 -14.68 60.49
N ILE J 21 -34.74 -15.25 61.39
CA ILE J 21 -35.66 -14.49 62.24
C ILE J 21 -35.37 -14.84 63.70
N ASP J 22 -34.91 -13.86 64.46
CA ASP J 22 -34.60 -14.03 65.88
C ASP J 22 -35.64 -13.26 66.70
N VAL J 23 -36.45 -14.00 67.45
CA VAL J 23 -37.45 -13.42 68.35
C VAL J 23 -37.06 -13.78 69.78
N ASP J 24 -37.64 -13.05 70.72
CA ASP J 24 -37.36 -13.26 72.12
C ASP J 24 -37.87 -14.62 72.58
N SER J 25 -37.34 -15.06 73.71
CA SER J 25 -37.77 -16.31 74.34
C SER J 25 -39.09 -16.08 75.09
N SER J 26 -39.52 -17.06 75.87
CA SER J 26 -40.83 -17.06 76.54
C SER J 26 -41.97 -17.05 75.53
N GLN J 27 -41.62 -17.21 74.25
CA GLN J 27 -42.59 -17.49 73.20
C GLN J 27 -42.18 -18.73 72.40
N GLN J 28 -41.25 -19.51 72.94
CA GLN J 28 -40.88 -20.79 72.34
C GLN J 28 -42.10 -21.70 72.24
N GLU J 29 -42.82 -21.86 73.34
CA GLU J 29 -44.03 -22.67 73.38
C GLU J 29 -45.28 -21.84 73.63
N ALA J 30 -45.12 -20.57 74.05
CA ALA J 30 -46.26 -19.68 74.21
C ALA J 30 -46.78 -19.20 72.86
N LEU J 31 -45.91 -19.10 71.86
CA LEU J 31 -46.30 -18.65 70.52
C LEU J 31 -46.43 -19.80 69.53
N GLU J 32 -45.45 -20.72 69.52
CA GLU J 32 -45.55 -21.91 68.67
C GLU J 32 -46.91 -22.58 68.76
N ALA J 33 -47.53 -22.55 69.96
CA ALA J 33 -48.88 -23.08 70.14
C ALA J 33 -49.89 -22.47 69.17
N ILE J 34 -49.57 -21.32 68.58
CA ILE J 34 -50.43 -20.65 67.61
C ILE J 34 -49.88 -20.99 66.21
N ALA J 35 -49.24 -22.15 66.12
CA ALA J 35 -48.60 -22.67 64.90
C ALA J 35 -47.34 -21.87 64.57
N LEU J 36 -47.49 -20.83 63.76
CA LEU J 36 -46.40 -19.97 63.29
C LEU J 36 -45.55 -20.72 62.26
N ASN J 37 -45.71 -22.04 62.23
CA ASN J 37 -45.03 -22.88 61.26
C ASN J 37 -45.82 -23.01 59.96
N ASP J 38 -47.09 -22.61 59.96
CA ASP J 38 -47.90 -22.57 58.76
C ASP J 38 -48.14 -21.17 58.22
N GLU J 39 -48.24 -20.17 59.11
CA GLU J 39 -48.46 -18.80 58.66
C GLU J 39 -47.29 -18.28 57.84
N LEU J 40 -46.06 -18.62 58.25
CA LEU J 40 -44.88 -18.14 57.53
C LEU J 40 -44.83 -18.74 56.12
N VAL J 41 -45.05 -20.05 56.01
CA VAL J 41 -45.03 -20.65 54.68
C VAL J 41 -46.20 -20.13 53.85
N ARG J 42 -47.34 -19.86 54.48
CA ARG J 42 -48.48 -19.32 53.75
C ARG J 42 -48.15 -17.94 53.16
N VAL J 43 -47.56 -17.05 53.96
CA VAL J 43 -47.26 -15.72 53.47
C VAL J 43 -46.15 -15.77 52.42
N ARG J 44 -45.15 -16.64 52.62
CA ARG J 44 -44.09 -16.78 51.63
C ARG J 44 -44.65 -17.30 50.31
N ARG J 45 -45.52 -18.31 50.36
CA ARG J 45 -46.11 -18.86 49.16
C ARG J 45 -46.98 -17.83 48.45
N ALA J 46 -47.76 -17.06 49.21
CA ALA J 46 -48.60 -16.04 48.60
C ALA J 46 -47.76 -14.97 47.92
N LEU J 47 -46.68 -14.53 48.58
CA LEU J 47 -45.83 -13.51 47.98
C LEU J 47 -45.12 -14.05 46.74
N TYR J 48 -44.72 -15.32 46.77
CA TYR J 48 -44.13 -15.93 45.59
C TYR J 48 -45.14 -16.00 44.44
N LEU J 49 -46.37 -16.42 44.73
CA LEU J 49 -47.39 -16.46 43.68
C LEU J 49 -47.67 -15.07 43.12
N ASP J 50 -47.57 -14.04 43.96
CA ASP J 50 -47.77 -12.68 43.48
C ASP J 50 -46.59 -12.21 42.63
N LEU J 51 -45.37 -12.63 42.98
CA LEU J 51 -44.17 -12.15 42.32
C LEU J 51 -43.47 -13.23 41.50
N GLY J 52 -43.20 -14.39 42.07
CA GLY J 52 -42.45 -15.43 41.40
C GLY J 52 -40.98 -15.53 41.81
N VAL J 53 -40.54 -14.70 42.74
CA VAL J 53 -39.14 -14.77 43.20
C VAL J 53 -38.97 -15.99 44.09
N PRO J 54 -37.98 -16.85 43.83
CA PRO J 54 -37.78 -18.03 44.67
C PRO J 54 -37.18 -17.67 46.03
N PHE J 55 -38.04 -17.30 46.97
CA PHE J 55 -37.58 -16.93 48.30
C PHE J 55 -36.90 -18.13 48.97
N PRO J 56 -35.92 -17.89 49.83
CA PRO J 56 -35.17 -18.98 50.46
C PRO J 56 -35.93 -19.56 51.65
N GLY J 57 -35.30 -20.55 52.28
CA GLY J 57 -35.85 -21.11 53.50
C GLY J 57 -35.69 -20.15 54.66
N ILE J 58 -36.64 -20.23 55.59
CA ILE J 58 -36.69 -19.33 56.74
C ILE J 58 -36.25 -20.10 57.98
N HIS J 59 -35.21 -19.61 58.64
CA HIS J 59 -34.72 -20.19 59.89
C HIS J 59 -35.30 -19.40 61.05
N LEU J 60 -36.01 -20.09 61.95
CA LEU J 60 -36.64 -19.46 63.10
C LEU J 60 -35.95 -19.97 64.36
N ARG J 61 -35.43 -19.04 65.17
CA ARG J 61 -34.72 -19.37 66.39
C ARG J 61 -35.21 -18.48 67.52
N PHE J 62 -35.25 -19.03 68.73
CA PHE J 62 -35.66 -18.30 69.93
C PHE J 62 -34.41 -18.03 70.76
N ASN J 63 -34.05 -16.75 70.87
CA ASN J 63 -32.88 -16.32 71.63
C ASN J 63 -33.33 -15.59 72.88
N GLU J 64 -32.81 -15.99 74.03
CA GLU J 64 -33.14 -15.38 75.31
C GLU J 64 -32.21 -14.22 75.67
N GLY J 65 -31.29 -13.85 74.79
CA GLY J 65 -30.38 -12.76 75.09
C GLY J 65 -31.10 -11.43 75.27
N MET J 66 -32.03 -11.13 74.37
CA MET J 66 -32.82 -9.90 74.43
C MET J 66 -34.21 -10.25 74.92
N GLY J 67 -34.49 -9.97 76.20
CA GLY J 67 -35.81 -10.22 76.72
C GLY J 67 -36.71 -9.02 76.62
N GLU J 68 -37.49 -8.96 75.54
CA GLU J 68 -38.37 -7.84 75.23
C GLU J 68 -39.38 -8.31 74.18
N GLY J 69 -40.11 -7.36 73.60
CA GLY J 69 -40.89 -7.65 72.42
C GLY J 69 -40.06 -7.44 71.17
N GLU J 70 -38.82 -7.92 71.21
CA GLU J 70 -37.83 -7.65 70.18
C GLU J 70 -37.81 -8.78 69.17
N TYR J 71 -38.09 -8.44 67.91
CA TYR J 71 -37.99 -9.36 66.79
C TYR J 71 -37.08 -8.75 65.75
N LEU J 72 -36.19 -9.56 65.17
CA LEU J 72 -35.30 -9.08 64.13
C LEU J 72 -35.31 -10.05 62.96
N ILE J 73 -35.37 -9.49 61.76
CA ILE J 73 -35.28 -10.25 60.51
C ILE J 73 -34.00 -9.84 59.82
N SER J 74 -33.14 -10.82 59.54
CA SER J 74 -31.82 -10.57 58.98
C SER J 74 -31.67 -11.36 57.68
N LEU J 75 -31.14 -10.68 56.66
CA LEU J 75 -30.85 -11.30 55.37
C LEU J 75 -29.35 -11.57 55.30
N GLN J 76 -28.99 -12.85 55.21
CA GLN J 76 -27.60 -13.27 55.16
C GLN J 76 -26.83 -12.73 56.37
N GLU J 77 -27.41 -12.95 57.56
CA GLU J 77 -26.79 -12.56 58.82
C GLU J 77 -26.47 -11.07 58.87
N VAL J 78 -27.35 -10.25 58.28
CA VAL J 78 -27.27 -8.81 58.40
C VAL J 78 -28.68 -8.32 58.72
N PRO J 79 -28.93 -7.70 59.87
CA PRO J 79 -30.30 -7.32 60.23
C PRO J 79 -30.82 -6.20 59.34
N VAL J 80 -32.01 -6.41 58.79
CA VAL J 80 -32.65 -5.41 57.93
C VAL J 80 -33.94 -4.86 58.52
N ALA J 81 -34.57 -5.53 59.48
CA ALA J 81 -35.81 -5.05 60.09
C ALA J 81 -35.86 -5.51 61.53
N ARG J 82 -35.73 -4.57 62.47
CA ARG J 82 -35.79 -4.88 63.89
C ARG J 82 -37.11 -4.42 64.49
N LEU J 90 -49.39 -8.63 76.41
CA LEU J 90 -50.39 -8.73 75.36
C LEU J 90 -50.99 -7.37 75.03
N LEU J 91 -50.70 -6.88 73.82
CA LEU J 91 -51.20 -5.58 73.37
C LEU J 91 -51.27 -5.63 71.84
N VAL J 92 -52.48 -5.82 71.31
CA VAL J 92 -52.66 -5.95 69.87
C VAL J 92 -52.67 -4.58 69.22
N ARG J 93 -52.20 -4.51 67.98
CA ARG J 93 -52.02 -3.24 67.30
C ARG J 93 -53.17 -2.96 66.32
N GLU J 94 -53.25 -1.70 65.90
CA GLU J 94 -54.28 -1.23 64.99
C GLU J 94 -53.63 -0.55 63.79
N SER J 95 -54.21 -0.78 62.60
CA SER J 95 -53.67 -0.22 61.37
C SER J 95 -54.29 1.13 61.00
N VAL J 96 -55.52 1.39 61.41
CA VAL J 96 -56.21 2.63 61.06
C VAL J 96 -56.28 3.52 62.29
N SER J 97 -55.30 3.39 63.18
CA SER J 97 -55.26 4.20 64.40
C SER J 97 -55.22 5.69 64.05
N GLN J 98 -56.31 6.39 64.34
CA GLN J 98 -56.50 7.78 63.96
C GLN J 98 -57.34 8.44 65.04
N LEU J 99 -57.96 9.58 64.70
CA LEU J 99 -58.94 10.17 65.60
C LEU J 99 -60.13 9.24 65.84
N GLU J 100 -60.34 8.26 64.96
CA GLU J 100 -61.34 7.23 65.25
C GLU J 100 -60.96 6.40 66.47
N LEU J 101 -59.66 6.21 66.69
CA LEU J 101 -59.20 5.57 67.92
C LEU J 101 -59.50 6.44 69.14
N LEU J 102 -59.81 7.72 68.93
CA LEU J 102 -60.35 8.56 69.99
C LEU J 102 -61.87 8.52 70.04
N GLY J 103 -62.53 8.22 68.92
CA GLY J 103 -63.95 7.93 68.96
C GLY J 103 -64.24 6.66 69.72
N ILE J 104 -63.38 5.66 69.59
CA ILE J 104 -63.40 4.45 70.40
C ILE J 104 -62.19 4.53 71.31
N PRO J 105 -62.29 5.20 72.46
CA PRO J 105 -61.09 5.66 73.17
C PRO J 105 -60.32 4.58 73.92
N TYR J 106 -60.61 3.32 73.63
CA TYR J 106 -59.94 2.20 74.30
C TYR J 106 -58.43 2.27 74.18
N GLN J 116 -47.46 2.82 57.75
CA GLN J 116 -48.69 3.31 58.39
C GLN J 116 -48.48 3.52 59.88
N GLU J 117 -49.33 4.36 60.47
CA GLU J 117 -49.23 4.64 61.89
C GLU J 117 -49.65 3.43 62.71
N THR J 118 -48.99 3.25 63.86
CA THR J 118 -49.18 2.07 64.70
C THR J 118 -49.53 2.50 66.12
N PHE J 119 -50.59 1.90 66.67
CA PHE J 119 -50.95 2.10 68.06
C PHE J 119 -51.44 0.77 68.63
N TRP J 120 -51.39 0.66 69.96
CA TRP J 120 -51.56 -0.61 70.65
C TRP J 120 -52.65 -0.50 71.70
N VAL J 121 -53.52 -1.51 71.75
CA VAL J 121 -54.62 -1.58 72.70
C VAL J 121 -54.59 -2.94 73.39
N SER J 122 -55.18 -3.00 74.58
CA SER J 122 -55.19 -4.21 75.37
C SER J 122 -56.20 -5.22 74.81
N VAL J 123 -56.09 -6.46 75.31
CA VAL J 123 -56.95 -7.54 74.81
C VAL J 123 -58.37 -7.48 75.36
N GLU J 124 -58.59 -6.81 76.49
CA GLU J 124 -59.96 -6.65 76.98
C GLU J 124 -60.77 -5.74 76.08
N TYR J 125 -60.12 -4.79 75.41
CA TYR J 125 -60.79 -3.93 74.44
C TYR J 125 -61.01 -4.60 73.09
N GLU J 126 -60.45 -5.80 72.88
CA GLU J 126 -60.52 -6.44 71.58
C GLU J 126 -61.95 -6.76 71.18
N GLU J 127 -62.76 -7.23 72.14
CA GLU J 127 -64.14 -7.61 71.82
C GLU J 127 -64.94 -6.40 71.35
N ARG J 128 -64.90 -5.32 72.12
CA ARG J 128 -65.67 -4.13 71.75
C ARG J 128 -65.10 -3.44 70.52
N LEU J 129 -63.79 -3.56 70.28
CA LEU J 129 -63.21 -2.95 69.08
C LEU J 129 -63.55 -3.75 67.83
N GLU J 130 -63.63 -5.08 67.94
CA GLU J 130 -64.09 -5.87 66.80
C GLU J 130 -65.59 -5.77 66.61
N LYS J 131 -66.34 -5.43 67.66
CA LYS J 131 -67.73 -5.02 67.47
C LYS J 131 -67.79 -3.74 66.64
N SER J 132 -66.78 -2.89 66.75
CA SER J 132 -66.65 -1.74 65.87
C SER J 132 -65.98 -2.10 64.56
N GLN J 133 -65.50 -3.34 64.43
CA GLN J 133 -64.92 -3.86 63.19
C GLN J 133 -63.69 -3.04 62.77
N LEU J 134 -62.66 -3.12 63.60
CA LEU J 134 -61.36 -2.51 63.30
C LEU J 134 -60.30 -3.58 63.12
N GLU J 135 -59.13 -3.14 62.67
CA GLU J 135 -58.05 -4.06 62.35
C GLU J 135 -57.51 -4.73 63.61
N PHE J 136 -57.01 -5.96 63.45
CA PHE J 136 -56.49 -6.71 64.59
C PHE J 136 -55.32 -7.57 64.11
N PHE J 137 -54.10 -7.05 64.26
CA PHE J 137 -52.90 -7.80 63.94
C PHE J 137 -52.41 -8.46 65.22
N SER J 138 -52.44 -9.79 65.26
CA SER J 138 -51.90 -10.54 66.37
C SER J 138 -50.38 -10.66 66.18
N HIS J 139 -49.72 -11.43 67.03
CA HIS J 139 -48.28 -11.61 66.91
C HIS J 139 -47.93 -12.23 65.56
N SER J 140 -48.66 -13.26 65.17
CA SER J 140 -48.44 -13.89 63.87
C SER J 140 -48.67 -12.90 62.74
N GLN J 141 -49.74 -12.10 62.83
CA GLN J 141 -50.07 -11.18 61.76
C GLN J 141 -49.02 -10.08 61.61
N VAL J 142 -48.56 -9.50 62.72
CA VAL J 142 -47.56 -8.43 62.62
C VAL J 142 -46.22 -8.99 62.18
N LEU J 143 -45.85 -10.18 62.67
CA LEU J 143 -44.59 -10.79 62.27
C LEU J 143 -44.58 -11.08 60.77
N THR J 144 -45.68 -11.65 60.27
CA THR J 144 -45.76 -11.95 58.84
C THR J 144 -45.89 -10.69 58.01
N TRP J 145 -46.48 -9.62 58.55
CA TRP J 145 -46.54 -8.35 57.84
C TRP J 145 -45.14 -7.79 57.63
N HIS J 146 -44.33 -7.80 58.70
CA HIS J 146 -42.94 -7.34 58.56
C HIS J 146 -42.15 -8.24 57.62
N LEU J 147 -42.34 -9.55 57.73
CA LEU J 147 -41.65 -10.48 56.85
C LEU J 147 -42.02 -10.23 55.39
N SER J 148 -43.30 -10.03 55.11
CA SER J 148 -43.75 -9.79 53.75
C SER J 148 -43.19 -8.49 53.20
N HIS J 149 -43.17 -7.44 54.03
CA HIS J 149 -42.61 -6.17 53.58
C HIS J 149 -41.12 -6.32 53.27
N VAL J 150 -40.39 -7.04 54.13
CA VAL J 150 -38.96 -7.25 53.91
C VAL J 150 -38.72 -8.02 52.62
N LEU J 151 -39.48 -9.09 52.41
CA LEU J 151 -39.30 -9.91 51.20
C LEU J 151 -39.65 -9.11 49.96
N ARG J 152 -40.69 -8.27 50.04
CA ARG J 152 -41.10 -7.48 48.89
C ARG J 152 -40.07 -6.42 48.52
N GLU J 153 -39.51 -5.73 49.53
CA GLU J 153 -38.57 -4.66 49.24
C GLU J 153 -37.15 -5.16 49.02
N TYR J 154 -36.85 -6.43 49.31
CA TYR J 154 -35.51 -6.97 49.12
C TYR J 154 -35.53 -8.25 48.29
N ALA J 155 -36.46 -8.36 47.34
CA ALA J 155 -36.53 -9.54 46.50
C ALA J 155 -35.37 -9.63 45.52
N GLU J 156 -34.77 -8.48 45.16
CA GLU J 156 -33.65 -8.50 44.23
C GLU J 156 -32.49 -9.33 44.76
N ASP J 157 -32.33 -9.39 46.09
CA ASP J 157 -31.25 -10.16 46.69
C ASP J 157 -31.54 -11.65 46.71
N PHE J 158 -32.74 -12.07 46.34
CA PHE J 158 -33.08 -13.48 46.27
C PHE J 158 -33.00 -14.05 44.85
N ILE J 159 -32.54 -13.24 43.88
CA ILE J 159 -32.39 -13.70 42.50
C ILE J 159 -30.92 -13.75 42.14
N GLY J 160 -30.31 -14.93 42.30
CA GLY J 160 -28.94 -15.16 41.90
C GLY J 160 -28.86 -16.03 40.65
N ILE J 161 -27.63 -16.32 40.25
CA ILE J 161 -27.42 -17.23 39.13
C ILE J 161 -27.95 -18.62 39.48
N GLN J 162 -27.71 -19.06 40.71
CA GLN J 162 -28.21 -20.37 41.13
C GLN J 162 -29.74 -20.43 41.08
N GLU J 163 -30.40 -19.36 41.51
CA GLU J 163 -31.87 -19.35 41.52
C GLU J 163 -32.42 -19.41 40.10
N THR J 164 -31.86 -18.62 39.17
CA THR J 164 -32.32 -18.66 37.80
C THR J 164 -32.04 -20.01 37.16
N ARG J 165 -30.89 -20.61 37.48
CA ARG J 165 -30.58 -21.94 36.95
C ARG J 165 -31.56 -22.97 37.48
N TYR J 166 -31.94 -22.87 38.76
CA TYR J 166 -32.95 -23.75 39.31
C TYR J 166 -34.30 -23.57 38.63
N LEU J 167 -34.67 -22.32 38.37
CA LEU J 167 -35.94 -22.06 37.66
C LEU J 167 -35.92 -22.68 36.27
N LEU J 168 -34.81 -22.53 35.55
CA LEU J 168 -34.72 -23.12 34.21
C LEU J 168 -34.75 -24.64 34.27
N GLU J 169 -34.05 -25.24 35.23
CA GLU J 169 -34.04 -26.70 35.34
C GLU J 169 -35.40 -27.24 35.75
N GLN J 170 -36.18 -26.46 36.51
CA GLN J 170 -37.52 -26.90 36.89
C GLN J 170 -38.48 -26.90 35.72
N MET J 171 -38.22 -26.08 34.70
CA MET J 171 -39.07 -25.98 33.53
C MET J 171 -38.55 -26.78 32.34
N GLU J 172 -37.53 -27.60 32.53
CA GLU J 172 -36.98 -28.39 31.42
C GLU J 172 -38.01 -29.36 30.86
N GLY J 173 -38.78 -30.01 31.73
CA GLY J 173 -39.79 -30.92 31.26
C GLY J 173 -40.90 -30.23 30.48
N GLY J 174 -41.27 -29.03 30.92
CA GLY J 174 -42.32 -28.27 30.27
C GLY J 174 -41.93 -27.74 28.89
N TYR J 175 -40.94 -26.87 28.84
CA TYR J 175 -40.50 -26.22 27.61
C TYR J 175 -39.00 -26.48 27.44
N GLY J 176 -38.67 -27.60 26.79
CA GLY J 176 -37.25 -27.93 26.60
C GLY J 176 -36.60 -27.08 25.54
N GLU J 177 -37.17 -27.06 24.32
CA GLU J 177 -36.58 -26.32 23.22
C GLU J 177 -36.58 -24.82 23.47
N LEU J 178 -37.60 -24.29 24.14
CA LEU J 178 -37.61 -22.88 24.48
C LEU J 178 -36.44 -22.52 25.38
N ILE J 179 -36.18 -23.35 26.39
CA ILE J 179 -35.05 -23.11 27.28
C ILE J 179 -33.73 -23.25 26.52
N LYS J 180 -33.63 -24.25 25.64
CA LYS J 180 -32.40 -24.45 24.87
C LYS J 180 -32.13 -23.24 23.97
N GLU J 181 -33.18 -22.64 23.42
CA GLU J 181 -33.00 -21.47 22.56
C GLU J 181 -32.63 -20.24 23.39
N VAL J 182 -33.32 -20.02 24.51
CA VAL J 182 -33.03 -18.83 25.30
C VAL J 182 -31.65 -18.91 25.92
N GLN J 183 -31.18 -20.12 26.25
CA GLN J 183 -29.82 -20.28 26.76
C GLN J 183 -28.79 -19.94 25.69
N ARG J 184 -29.03 -20.37 24.45
CA ARG J 184 -28.09 -20.09 23.38
C ARG J 184 -28.13 -18.62 22.95
N ILE J 185 -29.20 -17.90 23.24
CA ILE J 185 -29.29 -16.51 22.81
C ILE J 185 -28.65 -15.56 23.81
N VAL J 186 -28.93 -15.71 25.10
CA VAL J 186 -28.40 -14.80 26.11
C VAL J 186 -27.73 -15.60 27.24
N PRO J 187 -26.73 -15.05 27.90
CA PRO J 187 -26.07 -15.78 28.99
C PRO J 187 -26.86 -15.69 30.29
N LEU J 188 -26.39 -16.45 31.29
CA LEU J 188 -27.06 -16.50 32.58
C LEU J 188 -26.99 -15.17 33.31
N GLN J 189 -25.84 -14.48 33.23
CA GLN J 189 -25.69 -13.22 33.96
C GLN J 189 -26.68 -12.17 33.46
N ARG J 190 -26.78 -12.01 32.13
CA ARG J 190 -27.72 -11.05 31.57
C ARG J 190 -29.15 -11.41 31.92
N MET J 191 -29.48 -12.70 31.86
CA MET J 191 -30.84 -13.16 32.17
C MET J 191 -31.20 -12.86 33.62
N THR J 192 -30.28 -13.15 34.55
CA THR J 192 -30.53 -12.87 35.96
C THR J 192 -30.64 -11.37 36.21
N GLU J 193 -29.80 -10.57 35.57
CA GLU J 193 -29.89 -9.12 35.74
C GLU J 193 -31.23 -8.59 35.22
N ILE J 194 -31.70 -9.14 34.10
CA ILE J 194 -33.00 -8.73 33.57
C ILE J 194 -34.11 -9.10 34.54
N LEU J 195 -34.05 -10.32 35.11
CA LEU J 195 -35.07 -10.72 36.07
C LEU J 195 -35.04 -9.83 37.31
N GLN J 196 -33.84 -9.48 37.78
CA GLN J 196 -33.73 -8.59 38.93
C GLN J 196 -34.32 -7.21 38.63
N ARG J 197 -34.04 -6.68 37.43
CA ARG J 197 -34.61 -5.40 37.05
C ARG J 197 -36.13 -5.46 36.95
N LEU J 198 -36.65 -6.58 36.45
CA LEU J 198 -38.10 -6.76 36.38
C LEU J 198 -38.72 -6.76 37.78
N VAL J 199 -38.09 -7.50 38.71
CA VAL J 199 -38.65 -7.57 40.06
C VAL J 199 -38.50 -6.24 40.78
N GLY J 200 -37.47 -5.46 40.46
CA GLY J 200 -37.32 -4.16 41.07
C GLY J 200 -38.46 -3.20 40.77
N GLU J 201 -39.23 -3.47 39.72
CA GLU J 201 -40.40 -2.68 39.37
C GLU J 201 -41.71 -3.35 39.76
N ASP J 202 -41.64 -4.35 40.65
CA ASP J 202 -42.81 -5.09 41.12
C ASP J 202 -43.51 -5.84 39.99
N ILE J 203 -42.76 -6.21 38.95
CA ILE J 203 -43.29 -7.00 37.85
C ILE J 203 -43.09 -8.48 38.16
N SER J 204 -44.15 -9.26 38.04
CA SER J 204 -44.11 -10.65 38.47
C SER J 204 -43.30 -11.50 37.48
N ILE J 205 -42.43 -12.34 38.04
CA ILE J 205 -41.70 -13.33 37.23
C ILE J 205 -42.58 -14.52 36.85
N ARG J 206 -43.65 -14.77 37.60
CA ARG J 206 -44.46 -15.99 37.50
C ARG J 206 -44.72 -16.46 36.07
N ASN J 207 -45.07 -15.55 35.17
CA ASN J 207 -45.33 -15.91 33.77
C ASN J 207 -43.99 -16.02 33.05
N MET J 208 -43.31 -17.15 33.27
CA MET J 208 -41.97 -17.33 32.75
C MET J 208 -41.96 -17.64 31.26
N ARG J 209 -43.05 -18.21 30.73
CA ARG J 209 -43.07 -18.56 29.31
C ARG J 209 -43.00 -17.32 28.44
N SER J 210 -43.82 -16.32 28.73
CA SER J 210 -43.80 -15.09 27.94
C SER J 210 -42.48 -14.35 28.11
N ILE J 211 -41.91 -14.38 29.32
CA ILE J 211 -40.62 -13.74 29.54
C ILE J 211 -39.55 -14.40 28.69
N LEU J 212 -39.52 -15.73 28.65
CA LEU J 212 -38.52 -16.43 27.85
C LEU J 212 -38.74 -16.20 26.36
N GLU J 213 -39.99 -16.16 25.91
CA GLU J 213 -40.26 -15.89 24.50
C GLU J 213 -39.79 -14.48 24.12
N ALA J 214 -40.04 -13.50 24.97
CA ALA J 214 -39.55 -12.15 24.71
C ALA J 214 -38.03 -12.11 24.73
N MET J 215 -37.42 -12.86 25.65
CA MET J 215 -35.97 -12.94 25.72
C MET J 215 -35.41 -13.49 24.41
N VAL J 216 -36.03 -14.55 23.89
CA VAL J 216 -35.60 -15.13 22.63
C VAL J 216 -35.77 -14.13 21.49
N GLU J 217 -36.91 -13.44 21.46
CA GLU J 217 -37.20 -12.56 20.33
C GLU J 217 -36.27 -11.35 20.31
N TRP J 218 -35.95 -10.79 21.48
CA TRP J 218 -35.23 -9.52 21.53
C TRP J 218 -33.77 -9.64 21.94
N GLY J 219 -33.30 -10.81 22.36
CA GLY J 219 -31.91 -10.93 22.76
C GLY J 219 -30.93 -10.90 21.61
N GLN J 220 -31.38 -11.26 20.41
CA GLN J 220 -30.54 -11.22 19.22
C GLN J 220 -30.38 -9.80 18.66
N LYS J 221 -31.29 -8.89 19.01
CA LYS J 221 -31.29 -7.54 18.45
C LYS J 221 -30.60 -6.52 19.34
N GLU J 222 -30.84 -6.58 20.66
CA GLU J 222 -30.26 -5.62 21.60
C GLU J 222 -29.35 -6.34 22.57
N LYS J 223 -28.20 -5.70 22.85
CA LYS J 223 -27.25 -6.20 23.83
C LYS J 223 -27.22 -5.40 25.11
N ASP J 224 -27.66 -4.13 25.07
CA ASP J 224 -27.74 -3.33 26.29
C ASP J 224 -28.81 -3.89 27.21
N VAL J 225 -28.50 -3.99 28.50
CA VAL J 225 -29.42 -4.59 29.45
C VAL J 225 -30.66 -3.72 29.61
N VAL J 226 -30.48 -2.40 29.63
CA VAL J 226 -31.61 -1.49 29.85
C VAL J 226 -32.63 -1.61 28.73
N GLN J 227 -32.17 -1.53 27.48
CA GLN J 227 -33.10 -1.62 26.35
C GLN J 227 -33.73 -3.00 26.27
N LEU J 228 -32.96 -4.05 26.53
CA LEU J 228 -33.50 -5.40 26.47
C LEU J 228 -34.58 -5.61 27.52
N THR J 229 -34.35 -5.12 28.74
CA THR J 229 -35.36 -5.28 29.78
C THR J 229 -36.56 -4.38 29.53
N GLU J 230 -36.35 -3.22 28.89
CA GLU J 230 -37.49 -2.40 28.49
C GLU J 230 -38.36 -3.11 27.45
N TYR J 231 -37.72 -3.79 26.49
CA TYR J 231 -38.47 -4.57 25.50
C TYR J 231 -39.22 -5.72 26.18
N ILE J 232 -38.58 -6.39 27.14
CA ILE J 232 -39.26 -7.48 27.84
C ILE J 232 -40.44 -6.94 28.66
N ARG J 233 -40.28 -5.75 29.25
CA ARG J 233 -41.41 -5.12 29.93
C ARG J 233 -42.54 -4.83 28.94
N SER J 234 -42.20 -4.28 27.78
CA SER J 234 -43.21 -4.03 26.75
C SER J 234 -43.86 -5.31 26.27
N SER J 235 -43.19 -6.45 26.45
CA SER J 235 -43.79 -7.73 26.14
C SER J 235 -44.86 -8.15 27.15
N LEU J 236 -45.02 -7.40 28.24
CA LEU J 236 -46.01 -7.74 29.26
C LEU J 236 -47.09 -6.67 29.35
N LYS J 237 -47.60 -6.24 28.19
CA LYS J 237 -48.55 -5.13 28.13
C LYS J 237 -49.77 -5.41 28.98
N ARG J 238 -50.42 -6.56 28.77
CA ARG J 238 -51.67 -6.81 29.47
C ARG J 238 -51.45 -7.04 30.96
N TYR J 239 -50.34 -7.67 31.34
CA TYR J 239 -50.05 -7.84 32.76
C TYR J 239 -49.87 -6.49 33.43
N ILE J 240 -49.09 -5.60 32.81
CA ILE J 240 -48.89 -4.27 33.39
C ILE J 240 -50.21 -3.52 33.48
N CYS J 241 -51.01 -3.59 32.41
CA CYS J 241 -52.28 -2.89 32.39
C CYS J 241 -53.21 -3.39 33.50
N TYR J 242 -53.32 -4.70 33.68
CA TYR J 242 -54.18 -5.21 34.73
C TYR J 242 -53.64 -4.89 36.11
N LYS J 243 -52.31 -4.91 36.27
CA LYS J 243 -51.72 -4.66 37.58
C LYS J 243 -51.92 -3.21 38.02
N TYR J 244 -51.83 -2.27 37.08
CA TYR J 244 -51.88 -0.86 37.46
C TYR J 244 -53.24 -0.20 37.23
N ALA J 245 -53.95 -0.56 36.15
CA ALA J 245 -55.27 0.01 35.87
C ALA J 245 -56.29 -0.64 36.81
N ASN J 246 -56.45 -0.04 37.99
CA ASN J 246 -57.43 -0.55 38.95
C ASN J 246 -58.86 -0.38 38.42
N GLY J 247 -59.17 0.80 37.89
CA GLY J 247 -60.47 0.98 37.28
C GLY J 247 -60.51 0.27 35.94
N ASN J 248 -61.71 -0.14 35.53
CA ASN J 248 -61.83 -0.99 34.36
C ASN J 248 -61.28 -0.29 33.13
N ASN J 249 -60.28 -0.93 32.50
CA ASN J 249 -59.58 -0.43 31.32
C ASN J 249 -59.22 1.05 31.41
N ILE J 250 -59.13 1.59 32.63
CA ILE J 250 -58.78 2.97 32.86
C ILE J 250 -57.48 3.01 33.65
N LEU J 251 -56.50 3.75 33.14
CA LEU J 251 -55.18 3.85 33.79
C LEU J 251 -54.84 5.30 34.08
N PRO J 252 -54.80 5.72 35.35
CA PRO J 252 -54.40 7.09 35.66
C PRO J 252 -52.99 7.36 35.20
N ALA J 253 -52.79 8.53 34.59
CA ALA J 253 -51.51 8.86 33.99
C ALA J 253 -51.11 10.29 34.35
N TYR J 254 -49.80 10.51 34.40
CA TYR J 254 -49.20 11.82 34.63
C TYR J 254 -48.19 12.12 33.54
N LEU J 255 -48.63 11.98 32.28
CA LEU J 255 -47.74 12.02 31.13
C LEU J 255 -46.83 13.25 31.15
N PHE J 256 -45.63 13.07 30.61
CA PHE J 256 -44.61 14.10 30.60
C PHE J 256 -44.67 14.94 29.33
N ASP J 257 -44.29 16.21 29.48
CA ASP J 257 -44.18 17.10 28.33
C ASP J 257 -43.00 16.69 27.46
N GLN J 258 -43.05 17.07 26.19
CA GLN J 258 -41.99 16.70 25.26
C GLN J 258 -40.66 17.34 25.65
N GLU J 259 -40.69 18.60 26.10
CA GLU J 259 -39.45 19.29 26.46
C GLU J 259 -38.76 18.60 27.63
N VAL J 260 -39.52 18.20 28.66
CA VAL J 260 -38.93 17.55 29.82
C VAL J 260 -38.33 16.20 29.43
N GLU J 261 -39.04 15.44 28.59
CA GLU J 261 -38.51 14.16 28.14
C GLU J 261 -37.22 14.35 27.36
N GLU J 262 -37.17 15.35 26.48
CA GLU J 262 -35.94 15.59 25.72
C GLU J 262 -34.80 16.03 26.63
N LYS J 263 -35.09 16.88 27.61
CA LYS J 263 -34.04 17.31 28.54
C LYS J 263 -33.50 16.13 29.35
N ILE J 264 -34.39 15.23 29.79
CA ILE J 264 -33.93 14.04 30.50
C ILE J 264 -33.10 13.16 29.58
N ARG J 265 -33.55 12.95 28.35
CA ARG J 265 -32.84 12.11 27.41
C ARG J 265 -31.49 12.69 27.00
N SER J 266 -31.31 14.00 27.12
CA SER J 266 -30.07 14.64 26.68
C SER J 266 -28.84 14.21 27.47
N ARG J 267 -29.01 13.56 28.62
CA ARG J 267 -27.89 13.15 29.47
C ARG J 267 -27.99 11.69 29.86
N VAL J 268 -28.21 10.83 28.86
CA VAL J 268 -28.33 9.40 29.12
C VAL J 268 -26.98 8.81 29.54
N ARG J 269 -25.91 9.15 28.81
CA ARG J 269 -24.53 8.77 29.16
C ARG J 269 -24.40 7.25 29.32
N GLN J 270 -24.58 6.55 28.20
CA GLN J 270 -24.54 5.08 28.19
C GLN J 270 -23.11 4.57 27.98
N THR J 271 -22.24 4.89 28.93
CA THR J 271 -20.83 4.57 28.84
C THR J 271 -20.39 3.74 30.03
N SER J 272 -19.33 2.94 29.84
CA SER J 272 -18.83 2.00 30.85
C SER J 272 -19.94 1.08 31.33
N ALA J 273 -20.83 0.70 30.40
CA ALA J 273 -22.03 -0.08 30.67
C ALA J 273 -22.67 0.27 32.01
N GLY J 274 -22.71 1.55 32.33
CA GLY J 274 -23.43 2.04 33.49
C GLY J 274 -24.76 2.66 33.11
N SER J 275 -24.67 3.65 32.21
CA SER J 275 -25.81 4.39 31.66
C SER J 275 -26.38 5.34 32.72
N TYR J 276 -25.50 6.02 33.45
CA TYR J 276 -25.94 6.89 34.53
C TYR J 276 -26.59 8.16 33.99
N LEU J 277 -27.65 8.61 34.67
CA LEU J 277 -28.39 9.82 34.27
C LEU J 277 -27.92 10.96 35.18
N ALA J 278 -26.88 11.66 34.75
CA ALA J 278 -26.37 12.82 35.47
C ALA J 278 -26.47 14.03 34.55
N LEU J 279 -27.46 14.89 34.78
CA LEU J 279 -27.59 16.08 33.95
C LEU J 279 -26.92 17.29 34.59
N ASP J 280 -27.59 17.89 35.57
CA ASP J 280 -27.07 18.95 36.42
C ASP J 280 -27.84 18.82 37.72
N PRO J 281 -27.18 18.92 38.88
CA PRO J 281 -27.93 18.83 40.14
C PRO J 281 -29.07 19.84 40.24
N ALA J 282 -28.86 21.06 39.75
CA ALA J 282 -29.91 22.06 39.75
C ALA J 282 -31.05 21.67 38.81
N VAL J 283 -30.72 21.09 37.66
CA VAL J 283 -31.75 20.71 36.70
C VAL J 283 -32.63 19.59 37.26
N THR J 284 -32.00 18.56 37.86
CA THR J 284 -32.80 17.50 38.47
C THR J 284 -33.61 18.03 39.65
N GLU J 285 -33.05 18.96 40.43
CA GLU J 285 -33.82 19.55 41.52
C GLU J 285 -35.05 20.29 40.99
N SER J 286 -34.88 21.07 39.91
CA SER J 286 -36.00 21.81 39.34
C SER J 286 -37.05 20.86 38.75
N LEU J 287 -36.62 19.80 38.07
CA LEU J 287 -37.57 18.84 37.52
C LEU J 287 -38.34 18.13 38.63
N LEU J 288 -37.65 17.76 39.71
CA LEU J 288 -38.33 17.13 40.84
C LEU J 288 -39.31 18.10 41.48
N GLU J 289 -38.95 19.38 41.55
CA GLU J 289 -39.87 20.39 42.05
C GLU J 289 -41.11 20.51 41.16
N GLN J 290 -40.92 20.47 39.84
CA GLN J 290 -42.06 20.51 38.92
C GLN J 290 -42.97 19.30 39.11
N VAL J 291 -42.37 18.12 39.25
CA VAL J 291 -43.15 16.90 39.47
C VAL J 291 -43.94 17.01 40.77
N ARG J 292 -43.29 17.51 41.83
CA ARG J 292 -43.97 17.68 43.11
C ARG J 292 -45.11 18.68 42.99
N LYS J 293 -44.90 19.76 42.24
CA LYS J 293 -45.95 20.76 42.06
C LYS J 293 -47.14 20.18 41.31
N THR J 294 -46.89 19.36 40.29
CA THR J 294 -47.98 18.79 39.49
C THR J 294 -48.70 17.67 40.26
N ILE J 295 -48.01 16.54 40.48
CA ILE J 295 -48.61 15.42 41.20
C ILE J 295 -49.20 15.88 42.53
N GLY J 296 -48.44 16.68 43.27
CA GLY J 296 -48.91 17.28 44.50
C GLY J 296 -48.79 16.45 45.76
N ASP J 297 -49.71 15.52 45.99
CA ASP J 297 -49.81 14.85 47.28
C ASP J 297 -49.22 13.44 47.28
N LEU J 298 -49.78 12.54 46.47
CA LEU J 298 -49.46 11.11 46.50
C LEU J 298 -49.51 10.54 47.91
N SER J 299 -50.31 11.15 48.79
CA SER J 299 -50.45 10.71 50.17
C SER J 299 -51.86 10.19 50.46
N GLN J 300 -52.88 11.00 50.23
CA GLN J 300 -54.25 10.54 50.24
C GLN J 300 -54.68 10.00 48.88
N ILE J 301 -53.79 10.02 47.90
CA ILE J 301 -54.08 9.50 46.57
C ILE J 301 -54.16 7.98 46.64
N GLN J 302 -55.18 7.42 46.00
CA GLN J 302 -55.41 5.98 45.97
C GLN J 302 -55.48 5.51 44.51
N SER J 303 -55.87 4.26 44.32
CA SER J 303 -56.00 3.61 43.01
C SER J 303 -54.69 3.55 42.23
N LYS J 304 -53.55 3.81 42.90
CA LYS J 304 -52.20 3.70 42.34
C LYS J 304 -52.07 4.36 40.98
N PRO J 305 -52.02 5.69 40.91
CA PRO J 305 -51.74 6.34 39.64
C PRO J 305 -50.31 6.04 39.22
N VAL J 306 -50.08 6.01 37.90
CA VAL J 306 -48.77 5.68 37.37
C VAL J 306 -48.30 6.81 36.47
N LEU J 307 -47.01 7.11 36.54
CA LEU J 307 -46.37 8.06 35.64
C LEU J 307 -46.04 7.32 34.34
N ILE J 308 -46.35 7.94 33.21
CA ILE J 308 -46.10 7.34 31.90
C ILE J 308 -45.18 8.25 31.10
N VAL J 309 -44.08 7.69 30.60
CA VAL J 309 -43.06 8.44 29.89
C VAL J 309 -42.54 7.58 28.74
N SER J 310 -41.72 8.18 27.90
CA SER J 310 -41.15 7.47 26.76
C SER J 310 -40.31 6.30 27.23
N MET J 311 -40.34 5.20 26.45
CA MET J 311 -39.71 3.96 26.88
C MET J 311 -38.20 4.11 27.05
N ASP J 312 -37.55 4.78 26.11
CA ASP J 312 -36.09 4.82 26.07
C ASP J 312 -35.48 5.42 27.33
N ILE J 313 -36.26 6.21 28.09
CA ILE J 313 -35.76 6.84 29.31
C ILE J 313 -36.53 6.39 30.54
N ARG J 314 -37.40 5.39 30.40
CA ARG J 314 -38.31 5.05 31.49
C ARG J 314 -37.55 4.75 32.78
N ARG J 315 -36.58 3.83 32.71
CA ARG J 315 -35.78 3.51 33.89
C ARG J 315 -35.07 4.75 34.41
N TYR J 316 -34.52 5.56 33.50
CA TYR J 316 -33.84 6.78 33.91
C TYR J 316 -34.78 7.70 34.68
N VAL J 317 -36.06 7.71 34.32
CA VAL J 317 -37.03 8.50 35.07
C VAL J 317 -37.28 7.89 36.44
N ARG J 318 -37.38 6.55 36.51
CA ARG J 318 -37.75 5.91 37.76
C ARG J 318 -36.78 6.24 38.89
N LYS J 319 -35.49 5.98 38.66
CA LYS J 319 -34.51 6.30 39.69
C LYS J 319 -34.39 7.81 39.93
N LEU J 320 -34.89 8.63 39.01
CA LEU J 320 -34.93 10.06 39.26
C LEU J 320 -35.93 10.40 40.35
N ILE J 321 -37.04 9.66 40.41
CA ILE J 321 -38.10 9.94 41.39
C ILE J 321 -38.19 8.88 42.46
N GLU J 322 -37.28 7.90 42.47
CA GLU J 322 -37.32 6.85 43.47
C GLU J 322 -37.01 7.39 44.87
N SER J 323 -36.23 8.47 44.95
CA SER J 323 -35.85 9.01 46.26
C SER J 323 -37.07 9.51 47.02
N GLU J 324 -37.93 10.27 46.35
CA GLU J 324 -39.11 10.83 47.01
C GLU J 324 -40.34 9.95 46.81
N TYR J 325 -40.71 9.69 45.55
CA TYR J 325 -41.92 8.93 45.24
C TYR J 325 -41.51 7.49 44.94
N TYR J 326 -41.20 6.75 46.01
CA TYR J 326 -40.89 5.34 45.87
C TYR J 326 -42.12 4.52 45.47
N GLY J 327 -43.31 5.02 45.78
CA GLY J 327 -44.54 4.36 45.39
C GLY J 327 -44.80 4.42 43.89
N LEU J 328 -45.14 5.62 43.40
CA LEU J 328 -45.46 5.91 42.00
C LEU J 328 -44.60 5.14 41.03
N PRO J 329 -45.17 4.20 40.29
CA PRO J 329 -44.41 3.49 39.25
C PRO J 329 -44.23 4.35 38.01
N VAL J 330 -43.28 3.93 37.18
CA VAL J 330 -43.00 4.57 35.90
C VAL J 330 -43.20 3.54 34.79
N LEU J 331 -43.95 3.93 33.76
CA LEU J 331 -44.33 3.05 32.67
C LEU J 331 -43.90 3.65 31.33
N SER J 332 -43.76 2.77 30.35
CA SER J 332 -43.41 3.13 28.98
C SER J 332 -44.64 3.18 28.10
N TYR J 333 -44.59 4.02 27.07
CA TYR J 333 -45.69 4.07 26.11
C TYR J 333 -45.85 2.74 25.40
N GLN J 334 -44.74 2.07 25.08
CA GLN J 334 -44.80 0.76 24.46
C GLN J 334 -45.45 -0.27 25.38
N GLU J 335 -45.26 -0.15 26.69
CA GLU J 335 -45.84 -1.09 27.63
C GLU J 335 -47.37 -1.03 27.66
N LEU J 336 -47.97 0.00 27.08
CA LEU J 336 -49.42 0.14 27.07
C LEU J 336 -50.01 -0.57 25.86
N THR J 337 -50.83 -1.59 26.10
CA THR J 337 -51.59 -2.23 25.04
C THR J 337 -52.75 -1.33 24.63
N GLN J 338 -53.52 -1.76 23.63
CA GLN J 338 -54.66 -0.99 23.18
C GLN J 338 -55.84 -1.22 24.11
N GLN J 339 -57.05 -0.89 23.65
CA GLN J 339 -58.26 -0.89 24.46
C GLN J 339 -58.02 -0.47 25.90
N ILE J 340 -57.35 0.67 26.09
CA ILE J 340 -57.13 1.25 27.40
C ILE J 340 -57.53 2.71 27.34
N ASN J 341 -58.36 3.15 28.29
CA ASN J 341 -58.74 4.55 28.39
C ASN J 341 -57.76 5.24 29.33
N ILE J 342 -56.69 5.78 28.77
CA ILE J 342 -55.69 6.48 29.56
C ILE J 342 -56.24 7.87 29.88
N GLN J 343 -56.40 8.14 31.18
CA GLN J 343 -56.92 9.43 31.62
C GLN J 343 -55.79 10.30 32.12
N PRO J 344 -55.43 11.38 31.44
CA PRO J 344 -54.33 12.23 31.90
C PRO J 344 -54.76 13.10 33.09
N LEU J 345 -54.23 12.76 34.27
CA LEU J 345 -54.52 13.56 35.46
C LEU J 345 -53.79 14.90 35.43
N GLY J 346 -52.74 15.03 34.62
CA GLY J 346 -52.01 16.27 34.53
C GLY J 346 -50.66 16.12 33.84
N ARG J 347 -50.32 17.11 33.03
CA ARG J 347 -49.06 17.12 32.30
C ARG J 347 -47.98 17.80 33.14
N VAL J 348 -46.80 17.19 33.20
CA VAL J 348 -45.67 17.77 33.92
C VAL J 348 -45.09 18.87 33.02
N CYS J 349 -45.49 20.11 33.28
CA CYS J 349 -45.05 21.23 32.46
C CYS J 349 -43.64 21.65 32.85
N LEU J 350 -43.09 22.57 32.08
CA LEU J 350 -41.74 23.08 32.31
C LEU J 350 -41.79 24.55 32.71
N ARG K 6 20.55 -41.56 58.31
CA ARG K 6 21.97 -41.42 58.61
C ARG K 6 22.55 -40.20 57.89
N LEU K 7 23.81 -40.32 57.47
CA LEU K 7 24.50 -39.26 56.74
C LEU K 7 24.48 -39.52 55.24
N GLY K 8 23.38 -40.07 54.75
CA GLY K 8 23.19 -40.28 53.32
C GLY K 8 21.83 -39.78 52.90
N GLU K 9 20.93 -39.63 53.86
CA GLU K 9 19.64 -38.99 53.61
C GLU K 9 19.86 -37.53 53.28
N GLN K 10 19.03 -37.00 52.39
CA GLN K 10 19.30 -35.66 51.88
C GLN K 10 19.02 -34.61 52.95
N GLU K 11 17.74 -34.41 53.30
CA GLU K 11 17.41 -33.51 54.40
C GLU K 11 16.25 -33.96 55.28
N ALA K 12 15.42 -34.90 54.85
CA ALA K 12 14.16 -35.21 55.52
C ALA K 12 13.32 -33.93 55.65
N PHE K 13 12.92 -33.41 54.48
CA PHE K 13 12.24 -32.12 54.41
C PHE K 13 10.92 -32.14 55.18
N ALA K 14 10.63 -31.02 55.85
CA ALA K 14 9.39 -30.83 56.59
C ALA K 14 8.97 -29.37 56.43
N MET K 15 7.71 -29.14 56.11
CA MET K 15 7.24 -27.79 55.89
C MET K 15 7.09 -27.05 57.22
N THR K 16 7.33 -25.74 57.18
CA THR K 16 7.21 -24.91 58.36
C THR K 16 5.74 -24.80 58.77
N VAL K 17 5.51 -24.81 60.08
CA VAL K 17 4.14 -24.70 60.62
C VAL K 17 3.61 -23.31 60.35
N PRO K 18 2.35 -23.16 59.94
CA PRO K 18 1.83 -21.81 59.64
C PRO K 18 1.69 -20.94 60.87
N LEU K 19 1.07 -21.45 61.93
CA LEU K 19 0.84 -20.70 63.15
C LEU K 19 1.38 -21.49 64.34
N LEU K 20 2.17 -20.81 65.19
CA LEU K 20 2.77 -21.47 66.34
C LEU K 20 2.62 -20.55 67.56
N ILE K 21 2.33 -21.17 68.71
CA ILE K 21 2.29 -20.45 69.99
C ILE K 21 3.21 -21.18 70.94
N ASP K 22 4.29 -20.52 71.35
CA ASP K 22 5.26 -21.08 72.28
C ASP K 22 5.12 -20.35 73.61
N VAL K 23 4.71 -21.07 74.65
CA VAL K 23 4.57 -20.51 75.98
C VAL K 23 5.59 -21.16 76.91
N ASP K 24 5.85 -20.50 78.02
CA ASP K 24 6.82 -20.97 78.98
C ASP K 24 6.33 -22.26 79.65
N SER K 25 7.27 -22.98 80.24
CA SER K 25 6.94 -24.19 80.99
C SER K 25 6.42 -23.82 82.37
N SER K 26 6.25 -24.83 83.25
CA SER K 26 5.64 -24.68 84.57
C SER K 26 4.19 -24.21 84.45
N GLN K 27 3.67 -24.15 83.22
CA GLN K 27 2.24 -23.99 82.98
C GLN K 27 1.72 -25.06 82.03
N GLN K 28 2.49 -26.13 81.82
CA GLN K 28 2.00 -27.26 81.05
C GLN K 28 0.75 -27.86 81.72
N GLU K 29 0.84 -28.14 83.01
CA GLU K 29 -0.27 -28.69 83.77
C GLU K 29 -0.80 -27.73 84.83
N ALA K 30 -0.06 -26.65 85.13
CA ALA K 30 -0.56 -25.61 86.02
C ALA K 30 -1.61 -24.74 85.36
N LEU K 31 -1.55 -24.62 84.03
CA LEU K 31 -2.47 -23.79 83.25
C LEU K 31 -3.54 -24.61 82.55
N GLU K 32 -3.20 -25.78 82.00
CA GLU K 32 -4.14 -26.66 81.33
C GLU K 32 -5.41 -26.92 82.14
N ALA K 33 -5.41 -26.55 83.43
CA ALA K 33 -6.62 -26.66 84.25
C ALA K 33 -7.80 -25.94 83.61
N ILE K 34 -7.54 -24.83 82.90
CA ILE K 34 -8.60 -24.01 82.32
C ILE K 34 -8.98 -24.46 80.91
N ALA K 35 -8.39 -25.55 80.41
CA ALA K 35 -8.69 -26.07 79.08
C ALA K 35 -8.43 -25.03 77.99
N LEU K 36 -7.15 -24.65 77.86
CA LEU K 36 -6.73 -23.71 76.83
C LEU K 36 -7.01 -24.23 75.43
N ASN K 37 -7.13 -25.55 75.28
CA ASN K 37 -7.38 -26.19 74.01
C ASN K 37 -8.83 -26.07 73.56
N ASP K 38 -9.72 -25.58 74.42
CA ASP K 38 -11.07 -25.25 74.02
C ASP K 38 -11.26 -23.74 73.86
N GLU K 39 -10.59 -22.95 74.70
CA GLU K 39 -10.66 -21.49 74.57
C GLU K 39 -10.05 -21.02 73.26
N LEU K 40 -8.93 -21.63 72.85
CA LEU K 40 -8.28 -21.21 71.61
C LEU K 40 -9.17 -21.48 70.40
N VAL K 41 -9.77 -22.67 70.33
CA VAL K 41 -10.65 -22.96 69.20
C VAL K 41 -11.89 -22.08 69.26
N ARG K 42 -12.39 -21.79 70.47
CA ARG K 42 -13.56 -20.92 70.58
C ARG K 42 -13.27 -19.53 70.02
N VAL K 43 -12.14 -18.94 70.41
CA VAL K 43 -11.84 -17.58 69.94
C VAL K 43 -11.53 -17.60 68.44
N ARG K 44 -10.85 -18.64 67.96
CA ARG K 44 -10.58 -18.74 66.53
C ARG K 44 -11.87 -18.86 65.73
N ARG K 45 -12.79 -19.70 66.20
CA ARG K 45 -14.08 -19.87 65.52
C ARG K 45 -14.88 -18.58 65.54
N ALA K 46 -14.89 -17.87 66.67
CA ALA K 46 -15.62 -16.61 66.74
C ALA K 46 -15.03 -15.58 65.78
N LEU K 47 -13.70 -15.49 65.72
CA LEU K 47 -13.09 -14.52 64.81
C LEU K 47 -13.35 -14.91 63.35
N TYR K 48 -13.36 -16.20 63.06
CA TYR K 48 -13.70 -16.65 61.70
C TYR K 48 -15.14 -16.29 61.35
N LEU K 49 -16.08 -16.54 62.27
CA LEU K 49 -17.47 -16.18 62.02
C LEU K 49 -17.63 -14.68 61.84
N ASP K 50 -16.82 -13.89 62.54
CA ASP K 50 -16.88 -12.44 62.35
C ASP K 50 -16.28 -12.02 61.00
N LEU K 51 -15.24 -12.72 60.54
CA LEU K 51 -14.52 -12.35 59.34
C LEU K 51 -14.74 -13.32 58.18
N GLY K 52 -14.55 -14.62 58.41
CA GLY K 52 -14.65 -15.59 57.35
C GLY K 52 -13.33 -16.08 56.80
N VAL K 53 -12.21 -15.59 57.33
CA VAL K 53 -10.90 -16.05 56.85
C VAL K 53 -10.64 -17.45 57.38
N PRO K 54 -10.30 -18.41 56.52
CA PRO K 54 -10.04 -19.77 57.03
C PRO K 54 -8.69 -19.85 57.74
N PHE K 55 -8.68 -19.51 59.02
CA PHE K 55 -7.44 -19.54 59.79
C PHE K 55 -6.90 -20.96 59.86
N PRO K 56 -5.58 -21.13 59.94
CA PRO K 56 -5.00 -22.47 59.96
C PRO K 56 -5.08 -23.08 61.35
N GLY K 57 -4.54 -24.29 61.46
CA GLY K 57 -4.47 -24.95 62.75
C GLY K 57 -3.44 -24.29 63.64
N ILE K 58 -3.69 -24.35 64.95
CA ILE K 58 -2.85 -23.70 65.95
C ILE K 58 -2.05 -24.78 66.66
N HIS K 59 -0.72 -24.65 66.62
CA HIS K 59 0.18 -25.57 67.31
C HIS K 59 0.59 -24.95 68.63
N LEU K 60 0.34 -25.67 69.73
CA LEU K 60 0.65 -25.21 71.07
C LEU K 60 1.74 -26.10 71.64
N ARG K 61 2.84 -25.49 72.08
CA ARG K 61 3.98 -26.22 72.63
C ARG K 61 4.45 -25.53 73.90
N PHE K 62 4.90 -26.35 74.85
CA PHE K 62 5.45 -25.87 76.12
C PHE K 62 6.95 -26.04 76.09
N ASN K 63 7.69 -24.93 76.09
CA ASN K 63 9.14 -24.93 76.04
C ASN K 63 9.69 -24.47 77.37
N GLU K 64 10.61 -25.25 77.93
CA GLU K 64 11.23 -24.95 79.21
C GLU K 64 12.47 -24.08 79.09
N GLY K 65 12.86 -23.70 77.85
CA GLY K 65 14.02 -22.85 77.67
C GLY K 65 13.81 -21.42 78.10
N MET K 66 12.56 -20.98 78.20
CA MET K 66 12.25 -19.62 78.62
C MET K 66 12.19 -19.51 80.14
N GLU K 70 6.73 -16.10 79.69
CA GLU K 70 7.03 -15.66 78.33
C GLU K 70 6.19 -16.45 77.33
N TYR K 71 5.35 -15.74 76.56
CA TYR K 71 4.58 -16.33 75.49
C TYR K 71 4.85 -15.59 74.19
N LEU K 72 5.02 -16.35 73.11
CA LEU K 72 5.25 -15.78 71.79
C LEU K 72 4.33 -16.44 70.78
N ILE K 73 3.75 -15.61 69.91
CA ILE K 73 2.91 -16.04 68.81
C ILE K 73 3.65 -15.74 67.52
N SER K 74 3.88 -16.77 66.71
CA SER K 74 4.69 -16.69 65.50
C SER K 74 3.88 -17.17 64.30
N LEU K 75 3.96 -16.42 63.21
CA LEU K 75 3.33 -16.80 61.95
C LEU K 75 4.39 -17.39 61.02
N GLN K 76 4.23 -18.67 60.70
CA GLN K 76 5.18 -19.39 59.85
C GLN K 76 6.59 -19.32 60.43
N GLU K 77 6.70 -19.65 61.72
CA GLU K 77 7.97 -19.73 62.43
C GLU K 77 8.73 -18.41 62.36
N VAL K 78 8.00 -17.29 62.42
CA VAL K 78 8.58 -15.97 62.55
C VAL K 78 7.80 -15.27 63.65
N PRO K 79 8.42 -14.86 64.75
CA PRO K 79 7.64 -14.30 65.87
C PRO K 79 7.00 -12.97 65.48
N VAL K 80 5.70 -12.88 65.72
CA VAL K 80 4.96 -11.66 65.42
C VAL K 80 4.41 -10.97 66.67
N ALA K 81 4.28 -11.67 67.79
CA ALA K 81 3.80 -11.03 69.01
C ALA K 81 4.42 -11.72 70.21
N ARG K 82 5.36 -11.07 70.86
CA ARG K 82 6.00 -11.60 72.06
C ARG K 82 5.53 -10.80 73.27
N GLY K 83 5.34 -11.49 74.39
CA GLY K 83 4.89 -10.82 75.60
C GLY K 83 5.17 -11.67 76.80
N GLU K 84 5.03 -11.05 77.98
CA GLU K 84 5.30 -11.71 79.25
C GLU K 84 4.04 -11.76 80.08
N LEU K 85 3.70 -12.94 80.57
CA LEU K 85 2.60 -13.11 81.53
C LEU K 85 3.13 -12.71 82.89
N LYS K 86 3.02 -11.42 83.22
CA LYS K 86 3.53 -10.92 84.49
C LYS K 86 2.82 -11.55 85.68
N ALA K 87 1.61 -12.10 85.47
CA ALA K 87 0.91 -12.79 86.54
C ALA K 87 1.71 -14.01 87.02
N GLY K 88 2.22 -14.79 86.08
CA GLY K 88 2.98 -15.98 86.41
C GLY K 88 2.12 -17.13 86.90
N LEU K 90 0.16 -14.52 90.88
CA LEU K 90 -0.88 -14.38 89.87
C LEU K 90 -1.43 -12.95 89.87
N LEU K 91 -0.61 -12.00 89.42
CA LEU K 91 -1.03 -10.61 89.30
C LEU K 91 -1.94 -10.49 88.09
N VAL K 92 -3.26 -10.50 88.34
CA VAL K 92 -4.23 -10.52 87.25
C VAL K 92 -4.04 -9.30 86.35
N ARG K 93 -4.06 -9.55 85.04
CA ARG K 93 -3.77 -8.47 84.09
C ARG K 93 -4.79 -7.36 84.15
N GLU K 94 -6.07 -7.72 84.26
CA GLU K 94 -7.16 -6.74 84.31
C GLU K 94 -7.14 -5.84 83.09
N SER K 95 -7.78 -4.68 83.19
CA SER K 95 -7.83 -3.71 82.11
C SER K 95 -8.30 -2.38 82.68
N VAL K 96 -8.47 -1.39 81.80
CA VAL K 96 -9.02 -0.09 82.14
C VAL K 96 -8.16 0.59 83.20
N SER K 97 -7.00 1.10 82.79
CA SER K 97 -6.08 1.78 83.69
C SER K 97 -6.40 3.26 83.72
N GLN K 98 -6.64 3.78 84.92
CA GLN K 98 -6.98 5.19 85.12
C GLN K 98 -6.88 5.45 86.62
N LEU K 99 -7.08 6.71 87.01
CA LEU K 99 -7.08 7.03 88.44
C LEU K 99 -8.31 6.51 89.16
N GLU K 100 -9.22 5.82 88.46
CA GLU K 100 -10.25 5.05 89.15
C GLU K 100 -9.63 3.95 89.99
N LEU K 101 -8.59 3.30 89.45
CA LEU K 101 -7.83 2.33 90.23
C LEU K 101 -7.09 3.01 91.38
N LEU K 102 -6.86 4.32 91.30
CA LEU K 102 -6.38 5.07 92.45
C LEU K 102 -7.51 5.33 93.45
N GLY K 103 -8.74 5.51 92.94
CA GLY K 103 -9.88 5.68 93.84
C GLY K 103 -10.13 4.45 94.70
N ILE K 104 -9.98 3.27 94.11
CA ILE K 104 -10.02 2.02 94.87
C ILE K 104 -8.58 1.52 94.98
N PRO K 105 -7.88 1.83 96.08
CA PRO K 105 -6.42 1.65 96.10
C PRO K 105 -5.97 0.20 95.95
N TYR K 106 -5.37 -0.12 94.81
CA TYR K 106 -4.83 -1.44 94.53
C TYR K 106 -3.45 -1.27 93.90
N GLU K 107 -2.62 -2.30 94.04
CA GLU K 107 -1.30 -2.28 93.43
C GLU K 107 -1.43 -2.23 91.91
N LYS K 108 -0.66 -1.34 91.29
CA LYS K 108 -0.71 -1.19 89.84
C LYS K 108 0.59 -1.67 89.19
N LEU K 113 3.09 -4.82 76.48
CA LEU K 113 1.75 -5.14 76.00
C LEU K 113 1.19 -4.02 75.14
N PRO K 114 0.58 -4.38 74.02
CA PRO K 114 0.06 -3.38 73.08
C PRO K 114 -1.37 -2.96 73.40
N ASP K 115 -1.82 -1.91 72.69
CA ASP K 115 -3.19 -1.42 72.71
C ASP K 115 -3.62 -0.94 74.09
N GLN K 116 -4.45 -1.72 74.78
CA GLN K 116 -5.07 -1.27 76.01
C GLN K 116 -4.04 -1.00 77.10
N GLU K 117 -4.18 0.13 77.77
CA GLU K 117 -3.37 0.41 78.95
C GLU K 117 -3.75 -0.55 80.07
N THR K 118 -2.74 -1.15 80.70
CA THR K 118 -2.97 -2.26 81.62
C THR K 118 -2.09 -2.10 82.86
N PHE K 119 -2.69 -2.38 84.02
CA PHE K 119 -1.94 -2.53 85.27
C PHE K 119 -2.37 -3.82 85.94
N TRP K 120 -1.42 -4.46 86.60
CA TRP K 120 -1.58 -5.80 87.16
C TRP K 120 -1.99 -5.71 88.63
N VAL K 121 -2.96 -6.53 89.02
CA VAL K 121 -3.47 -6.56 90.38
C VAL K 121 -3.44 -7.98 90.91
N SER K 122 -3.33 -8.11 92.23
CA SER K 122 -3.25 -9.41 92.89
C SER K 122 -4.62 -10.06 92.98
N VAL K 123 -4.62 -11.36 93.33
CA VAL K 123 -5.87 -12.10 93.41
C VAL K 123 -6.67 -11.78 94.67
N GLU K 124 -6.02 -11.28 95.72
CA GLU K 124 -6.77 -10.86 96.91
C GLU K 124 -7.61 -9.62 96.62
N TYR K 125 -7.14 -8.75 95.72
CA TYR K 125 -7.93 -7.60 95.30
C TYR K 125 -8.98 -7.96 94.25
N GLU K 126 -8.93 -9.19 93.72
CA GLU K 126 -9.81 -9.56 92.62
C GLU K 126 -11.28 -9.52 93.01
N GLU K 127 -11.60 -9.98 94.23
CA GLU K 127 -12.99 -10.00 94.68
C GLU K 127 -13.54 -8.58 94.77
N ARG K 128 -12.83 -7.70 95.46
CA ARG K 128 -13.31 -6.34 95.64
C ARG K 128 -13.30 -5.54 94.34
N LEU K 129 -12.39 -5.87 93.42
CA LEU K 129 -12.37 -5.19 92.14
C LEU K 129 -13.50 -5.67 91.22
N GLU K 130 -13.87 -6.95 91.30
CA GLU K 130 -15.03 -7.42 90.55
C GLU K 130 -16.34 -6.97 91.17
N LYS K 131 -16.33 -6.64 92.46
CA LYS K 131 -17.47 -5.91 93.03
C LYS K 131 -17.62 -4.55 92.38
N SER K 132 -16.50 -3.95 91.96
CA SER K 132 -16.52 -2.70 91.19
C SER K 132 -16.75 -2.93 89.70
N GLN K 133 -16.74 -4.19 89.26
CA GLN K 133 -17.06 -4.57 87.88
C GLN K 133 -16.10 -3.92 86.88
N LEU K 134 -14.84 -4.37 86.95
CA LEU K 134 -13.87 -4.08 85.91
C LEU K 134 -13.57 -5.35 85.12
N GLU K 135 -12.88 -5.17 84.00
CA GLU K 135 -12.66 -6.26 83.05
C GLU K 135 -11.50 -7.13 83.50
N PHE K 136 -11.80 -8.36 83.90
CA PHE K 136 -10.81 -9.30 84.44
C PHE K 136 -10.36 -10.26 83.34
N PHE K 137 -9.20 -9.97 82.76
CA PHE K 137 -8.61 -10.84 81.75
C PHE K 137 -7.67 -11.80 82.45
N SER K 138 -8.01 -13.08 82.41
CA SER K 138 -7.17 -14.13 82.99
C SER K 138 -6.07 -14.53 81.99
N HIS K 139 -5.31 -15.57 82.34
CA HIS K 139 -4.24 -16.04 81.46
C HIS K 139 -4.79 -16.49 80.11
N SER K 140 -5.85 -17.29 80.14
CA SER K 140 -6.49 -17.72 78.91
C SER K 140 -7.01 -16.52 78.13
N GLN K 141 -7.61 -15.56 78.84
CA GLN K 141 -8.18 -14.39 78.18
C GLN K 141 -7.10 -13.54 77.51
N VAL K 142 -5.97 -13.32 78.18
CA VAL K 142 -4.91 -12.51 77.58
C VAL K 142 -4.26 -13.25 76.41
N LEU K 143 -4.07 -14.57 76.54
CA LEU K 143 -3.49 -15.33 75.44
C LEU K 143 -4.39 -15.28 74.22
N THR K 144 -5.69 -15.47 74.42
CA THR K 144 -6.63 -15.41 73.31
C THR K 144 -6.77 -13.99 72.78
N TRP K 145 -6.59 -12.97 73.64
CA TRP K 145 -6.62 -11.59 73.18
C TRP K 145 -5.47 -11.32 72.22
N HIS K 146 -4.26 -11.75 72.59
CA HIS K 146 -3.12 -11.58 71.69
C HIS K 146 -3.32 -12.38 70.41
N LEU K 147 -3.83 -13.61 70.53
CA LEU K 147 -4.08 -14.42 69.34
C LEU K 147 -5.08 -13.75 68.40
N SER K 148 -6.17 -13.21 68.97
CA SER K 148 -7.19 -12.55 68.16
C SER K 148 -6.65 -11.30 67.50
N HIS K 149 -5.85 -10.52 68.22
CA HIS K 149 -5.24 -9.34 67.62
C HIS K 149 -4.32 -9.71 66.46
N VAL K 150 -3.51 -10.76 66.64
CA VAL K 150 -2.62 -11.22 65.59
C VAL K 150 -3.41 -11.68 64.37
N LEU K 151 -4.46 -12.49 64.60
CA LEU K 151 -5.25 -13.00 63.48
C LEU K 151 -5.97 -11.88 62.75
N ARG K 152 -6.48 -10.89 63.48
CA ARG K 152 -7.21 -9.80 62.84
C ARG K 152 -6.29 -8.89 62.04
N GLU K 153 -5.11 -8.56 62.59
CA GLU K 153 -4.22 -7.65 61.90
C GLU K 153 -3.35 -8.32 60.84
N TYR K 154 -3.31 -9.66 60.82
CA TYR K 154 -2.51 -10.40 59.85
C TYR K 154 -3.34 -11.43 59.11
N ALA K 155 -4.63 -11.14 58.90
CA ALA K 155 -5.48 -12.11 58.22
C ALA K 155 -5.14 -12.24 56.74
N GLU K 156 -4.57 -11.19 56.12
CA GLU K 156 -4.22 -11.27 54.71
C GLU K 156 -3.22 -12.38 54.44
N ASP K 157 -2.38 -12.69 55.42
CA ASP K 157 -1.40 -13.76 55.25
C ASP K 157 -2.01 -15.14 55.38
N PHE K 158 -3.27 -15.24 55.80
CA PHE K 158 -3.96 -16.51 55.89
C PHE K 158 -4.86 -16.78 54.69
N ILE K 159 -4.84 -15.90 53.69
CA ILE K 159 -5.66 -16.08 52.49
C ILE K 159 -4.75 -16.36 51.30
N GLY K 160 -4.53 -17.64 51.01
CA GLY K 160 -3.76 -18.06 49.87
C GLY K 160 -4.65 -18.64 48.78
N ILE K 161 -3.98 -19.10 47.72
CA ILE K 161 -4.69 -19.77 46.64
C ILE K 161 -5.34 -21.05 47.15
N GLN K 162 -4.63 -21.78 48.03
CA GLN K 162 -5.18 -23.01 48.58
C GLN K 162 -6.45 -22.74 49.40
N GLU K 163 -6.45 -21.66 50.19
CA GLU K 163 -7.62 -21.35 51.01
C GLU K 163 -8.83 -21.02 50.15
N THR K 164 -8.64 -20.20 49.11
CA THR K 164 -9.74 -19.86 48.21
C THR K 164 -10.23 -21.10 47.46
N ARG K 165 -9.31 -21.97 47.05
CA ARG K 165 -9.70 -23.20 46.37
C ARG K 165 -10.51 -24.10 47.30
N TYR K 166 -10.12 -24.18 48.57
CA TYR K 166 -10.89 -24.95 49.54
C TYR K 166 -12.28 -24.36 49.73
N LEU K 167 -12.38 -23.03 49.81
CA LEU K 167 -13.69 -22.39 49.92
C LEU K 167 -14.56 -22.69 48.71
N LEU K 168 -13.98 -22.62 47.50
CA LEU K 168 -14.74 -22.91 46.29
C LEU K 168 -15.19 -24.36 46.25
N GLU K 169 -14.31 -25.29 46.61
CA GLU K 169 -14.69 -26.71 46.60
C GLU K 169 -15.73 -27.02 47.66
N GLN K 170 -15.71 -26.30 48.78
CA GLN K 170 -16.69 -26.54 49.83
C GLN K 170 -18.09 -26.04 49.46
N MET K 171 -18.19 -25.08 48.54
CA MET K 171 -19.46 -24.52 48.13
C MET K 171 -20.00 -25.11 46.84
N GLU K 172 -19.38 -26.18 46.33
CA GLU K 172 -19.86 -26.78 45.09
C GLU K 172 -21.28 -27.32 45.24
N GLY K 173 -21.55 -27.98 46.37
CA GLY K 173 -22.90 -28.50 46.58
C GLY K 173 -23.95 -27.40 46.70
N GLY K 174 -23.60 -26.29 47.33
CA GLY K 174 -24.53 -25.20 47.49
C GLY K 174 -24.85 -24.45 46.20
N TYR K 175 -23.85 -23.79 45.63
CA TYR K 175 -24.00 -23.00 44.40
C TYR K 175 -22.98 -23.50 43.39
N GLY K 176 -23.35 -24.51 42.62
CA GLY K 176 -22.45 -25.07 41.63
C GLY K 176 -22.25 -24.20 40.41
N GLU K 177 -23.36 -23.81 39.77
CA GLU K 177 -23.28 -23.02 38.55
C GLU K 177 -22.69 -21.64 38.80
N LEU K 178 -22.94 -21.06 39.97
CA LEU K 178 -22.32 -19.78 40.30
C LEU K 178 -20.80 -19.89 40.33
N ILE K 179 -20.29 -20.95 40.97
CA ILE K 179 -18.84 -21.17 41.02
C ILE K 179 -18.29 -21.46 39.63
N LYS K 180 -19.00 -22.26 38.84
CA LYS K 180 -18.54 -22.57 37.49
C LYS K 180 -18.48 -21.32 36.62
N GLU K 181 -19.42 -20.39 36.82
CA GLU K 181 -19.40 -19.14 36.07
C GLU K 181 -18.27 -18.23 36.53
N VAL K 182 -18.10 -18.09 37.85
CA VAL K 182 -17.07 -17.19 38.36
C VAL K 182 -15.68 -17.71 38.01
N GLN K 183 -15.52 -19.03 37.91
CA GLN K 183 -14.23 -19.58 37.48
C GLN K 183 -13.91 -19.19 36.05
N ARG K 184 -14.92 -19.24 35.16
CA ARG K 184 -14.67 -18.84 33.77
C ARG K 184 -14.54 -17.33 33.63
N ILE K 185 -15.04 -16.56 34.58
CA ILE K 185 -14.98 -15.10 34.48
C ILE K 185 -13.68 -14.54 35.05
N VAL K 186 -13.27 -14.98 36.23
CA VAL K 186 -12.06 -14.43 36.85
C VAL K 186 -11.10 -15.55 37.26
N PRO K 187 -9.80 -15.32 37.24
CA PRO K 187 -8.83 -16.36 37.65
C PRO K 187 -8.70 -16.44 39.17
N LEU K 188 -7.95 -17.44 39.61
CA LEU K 188 -7.73 -17.64 41.05
C LEU K 188 -6.91 -16.51 41.66
N GLN K 189 -5.89 -16.03 40.94
CA GLN K 189 -5.03 -15.00 41.51
C GLN K 189 -5.79 -13.71 41.77
N ARG K 190 -6.57 -13.25 40.79
CA ARG K 190 -7.34 -12.03 40.97
C ARG K 190 -8.36 -12.17 42.09
N MET K 191 -9.04 -13.32 42.15
CA MET K 191 -10.03 -13.56 43.19
C MET K 191 -9.40 -13.55 44.58
N THR K 192 -8.25 -14.22 44.73
CA THR K 192 -7.57 -14.24 46.02
C THR K 192 -7.09 -12.84 46.41
N GLU K 193 -6.56 -12.08 45.46
CA GLU K 193 -6.13 -10.72 45.78
C GLU K 193 -7.31 -9.85 46.20
N ILE K 194 -8.46 -10.02 45.54
CA ILE K 194 -9.65 -9.28 45.92
C ILE K 194 -10.08 -9.65 47.34
N LEU K 195 -10.06 -10.94 47.66
CA LEU K 195 -10.44 -11.35 49.01
C LEU K 195 -9.49 -10.78 50.05
N GLN K 196 -8.18 -10.78 49.75
CA GLN K 196 -7.21 -10.20 50.67
C GLN K 196 -7.44 -8.71 50.85
N ARG K 197 -7.72 -8.00 49.76
CA ARG K 197 -7.99 -6.57 49.88
C ARG K 197 -9.26 -6.30 50.68
N LEU K 198 -10.27 -7.14 50.49
CA LEU K 198 -11.50 -7.00 51.27
C LEU K 198 -11.23 -7.20 52.76
N VAL K 199 -10.48 -8.25 53.10
CA VAL K 199 -10.22 -8.52 54.51
C VAL K 199 -9.34 -7.45 55.12
N GLY K 200 -8.46 -6.84 54.33
CA GLY K 200 -7.62 -5.76 54.84
C GLY K 200 -8.40 -4.57 55.34
N GLU K 201 -9.65 -4.42 54.91
CA GLU K 201 -10.53 -3.35 55.37
C GLU K 201 -11.56 -3.84 56.39
N ASP K 202 -11.32 -5.00 57.01
CA ASP K 202 -12.22 -5.60 57.99
C ASP K 202 -13.58 -5.93 57.40
N ILE K 203 -13.62 -6.20 56.10
CA ILE K 203 -14.85 -6.61 55.42
C ILE K 203 -14.94 -8.13 55.45
N SER K 204 -16.06 -8.65 55.94
CA SER K 204 -16.17 -10.08 56.16
C SER K 204 -16.33 -10.83 54.84
N ILE K 205 -15.59 -11.92 54.69
CA ILE K 205 -15.76 -12.82 53.55
C ILE K 205 -17.01 -13.70 53.72
N ARG K 206 -17.46 -13.87 54.96
CA ARG K 206 -18.51 -14.84 55.32
C ARG K 206 -19.65 -14.92 54.31
N ASN K 207 -20.17 -13.78 53.87
CA ASN K 207 -21.27 -13.74 52.91
C ASN K 207 -20.68 -13.87 51.50
N MET K 208 -20.36 -15.11 51.13
CA MET K 208 -19.67 -15.36 49.87
C MET K 208 -20.61 -15.29 48.66
N ARG K 209 -21.91 -15.48 48.87
CA ARG K 209 -22.84 -15.49 47.73
C ARG K 209 -22.84 -14.13 47.03
N SER K 210 -23.00 -13.05 47.80
CA SER K 210 -23.01 -11.73 47.19
C SER K 210 -21.66 -11.38 46.59
N ILE K 211 -20.57 -11.83 47.20
CA ILE K 211 -19.24 -11.58 46.66
C ILE K 211 -19.10 -12.23 45.30
N LEU K 212 -19.55 -13.50 45.19
CA LEU K 212 -19.48 -14.20 43.91
C LEU K 212 -20.39 -13.56 42.87
N GLU K 213 -21.58 -13.11 43.29
CA GLU K 213 -22.48 -12.45 42.35
C GLU K 213 -21.86 -11.16 41.81
N ALA K 214 -21.25 -10.37 42.69
CA ALA K 214 -20.56 -9.15 42.25
C ALA K 214 -19.38 -9.47 41.35
N MET K 215 -18.64 -10.53 41.69
CA MET K 215 -17.52 -10.94 40.86
C MET K 215 -17.98 -11.31 39.45
N VAL K 216 -19.08 -12.06 39.35
CA VAL K 216 -19.64 -12.41 38.05
C VAL K 216 -20.08 -11.16 37.30
N GLU K 217 -20.77 -10.25 38.00
CA GLU K 217 -21.35 -9.09 37.32
C GLU K 217 -20.28 -8.15 36.81
N TRP K 218 -19.19 -7.96 37.56
CA TRP K 218 -18.21 -6.93 37.22
C TRP K 218 -16.92 -7.47 36.65
N GLY K 219 -16.71 -8.79 36.62
CA GLY K 219 -15.46 -9.32 36.08
C GLY K 219 -15.35 -9.19 34.58
N GLN K 220 -16.47 -9.13 33.88
CA GLN K 220 -16.44 -8.93 32.44
C GLN K 220 -16.21 -7.47 32.06
N LYS K 221 -16.48 -6.54 32.98
CA LYS K 221 -16.37 -5.11 32.70
C LYS K 221 -15.05 -4.50 33.15
N GLU K 222 -14.56 -4.86 34.33
CA GLU K 222 -13.34 -4.30 34.88
C GLU K 222 -12.26 -5.37 35.04
N LYS K 223 -11.03 -5.04 34.64
CA LYS K 223 -9.89 -5.91 34.80
C LYS K 223 -8.91 -5.43 35.86
N ASP K 224 -8.89 -4.14 36.16
CA ASP K 224 -8.05 -3.62 37.23
C ASP K 224 -8.55 -4.12 38.57
N VAL K 225 -7.61 -4.55 39.43
CA VAL K 225 -8.00 -5.12 40.71
C VAL K 225 -8.63 -4.06 41.61
N VAL K 226 -8.12 -2.84 41.56
CA VAL K 226 -8.61 -1.78 42.45
C VAL K 226 -10.08 -1.47 42.14
N GLN K 227 -10.40 -1.24 40.85
CA GLN K 227 -11.78 -0.93 40.48
C GLN K 227 -12.70 -2.10 40.76
N LEU K 228 -12.26 -3.32 40.47
CA LEU K 228 -13.09 -4.49 40.70
C LEU K 228 -13.39 -4.68 42.18
N THR K 229 -12.38 -4.50 43.04
CA THR K 229 -12.63 -4.66 44.47
C THR K 229 -13.45 -3.50 45.03
N GLU K 230 -13.34 -2.30 44.43
CA GLU K 230 -14.24 -1.22 44.84
C GLU K 230 -15.68 -1.53 44.47
N TYR K 231 -15.91 -2.10 43.29
CA TYR K 231 -17.26 -2.49 42.91
C TYR K 231 -17.78 -3.60 43.83
N ILE K 232 -16.93 -4.55 44.18
CA ILE K 232 -17.36 -5.62 45.08
C ILE K 232 -17.68 -5.06 46.47
N ARG K 233 -16.90 -4.07 46.93
CA ARG K 233 -17.24 -3.39 48.18
C ARG K 233 -18.58 -2.70 48.08
N SER K 234 -18.83 -1.99 46.98
CA SER K 234 -20.12 -1.34 46.77
C SER K 234 -21.26 -2.34 46.69
N SER K 235 -20.96 -3.60 46.34
CA SER K 235 -21.99 -4.63 46.35
C SER K 235 -22.38 -5.05 47.76
N LEU K 236 -21.70 -4.56 48.79
CA LEU K 236 -21.99 -4.95 50.17
C LEU K 236 -22.52 -3.76 50.96
N LYS K 237 -23.46 -3.02 50.35
CA LYS K 237 -23.94 -1.77 50.93
C LYS K 237 -24.50 -1.98 52.33
N ARG K 238 -25.42 -2.94 52.49
CA ARG K 238 -26.09 -3.10 53.77
C ARG K 238 -25.15 -3.65 54.82
N TYR K 239 -24.23 -4.54 54.43
CA TYR K 239 -23.26 -5.04 55.40
C TYR K 239 -22.38 -3.91 55.91
N ILE K 240 -21.87 -3.08 55.02
CA ILE K 240 -21.02 -1.96 55.44
C ILE K 240 -21.81 -0.99 56.31
N CYS K 241 -23.05 -0.68 55.90
CA CYS K 241 -23.86 0.27 56.65
C CYS K 241 -24.13 -0.23 58.07
N TYR K 242 -24.50 -1.52 58.20
CA TYR K 242 -24.77 -2.05 59.53
C TYR K 242 -23.49 -2.15 60.36
N LYS K 243 -22.36 -2.48 59.73
CA LYS K 243 -21.12 -2.62 60.47
C LYS K 243 -20.64 -1.28 61.01
N TYR K 244 -20.82 -0.20 60.25
CA TYR K 244 -20.28 1.09 60.65
C TYR K 244 -21.28 2.03 61.29
N ALA K 245 -22.50 2.13 60.75
CA ALA K 245 -23.52 2.99 61.35
C ALA K 245 -24.07 2.30 62.59
N ASN K 246 -23.39 2.50 63.72
CA ASN K 246 -23.82 1.90 64.96
C ASN K 246 -25.14 2.48 65.46
N GLY K 247 -25.43 3.73 65.13
CA GLY K 247 -26.69 4.34 65.53
C GLY K 247 -27.85 3.87 64.68
N ASN K 248 -28.89 4.69 64.57
CA ASN K 248 -30.13 4.31 63.89
C ASN K 248 -30.16 5.08 62.56
N ASN K 249 -29.63 4.43 61.51
CA ASN K 249 -29.50 4.99 60.17
C ASN K 249 -28.72 6.29 60.15
N ILE K 250 -27.89 6.51 61.17
CA ILE K 250 -27.03 7.68 61.27
C ILE K 250 -25.59 7.21 61.06
N LEU K 251 -24.89 7.83 60.13
CA LEU K 251 -23.51 7.47 59.83
C LEU K 251 -22.62 8.69 59.98
N PRO K 252 -21.78 8.77 61.02
CA PRO K 252 -20.85 9.89 61.13
C PRO K 252 -19.88 9.90 59.97
N ALA K 253 -19.61 11.10 59.44
CA ALA K 253 -18.78 11.23 58.25
C ALA K 253 -17.79 12.38 58.43
N TYR K 254 -16.66 12.26 57.74
CA TYR K 254 -15.62 13.28 57.69
C TYR K 254 -15.33 13.63 56.24
N LEU K 255 -16.40 13.93 55.52
CA LEU K 255 -16.39 14.09 54.07
C LEU K 255 -15.29 15.05 53.60
N PHE K 256 -14.75 14.74 52.43
CA PHE K 256 -13.66 15.50 51.83
C PHE K 256 -14.20 16.56 50.87
N ASP K 257 -13.48 17.67 50.78
CA ASP K 257 -13.82 18.71 49.82
C ASP K 257 -13.52 18.24 48.40
N GLN K 258 -14.19 18.88 47.44
CA GLN K 258 -13.97 18.52 46.04
C GLN K 258 -12.54 18.82 45.61
N GLU K 259 -11.97 19.92 46.09
CA GLU K 259 -10.60 20.28 45.72
C GLU K 259 -9.61 19.22 46.17
N VAL K 260 -9.76 18.74 47.40
CA VAL K 260 -8.85 17.72 47.93
C VAL K 260 -9.00 16.42 47.14
N GLU K 261 -10.25 16.03 46.83
CA GLU K 261 -10.45 14.83 46.03
C GLU K 261 -9.80 14.95 44.66
N GLU K 262 -9.94 16.11 44.02
CA GLU K 262 -9.31 16.30 42.72
C GLU K 262 -7.79 16.25 42.83
N LYS K 263 -7.23 16.87 43.87
CA LYS K 263 -5.78 16.84 44.04
C LYS K 263 -5.28 15.41 44.25
N ILE K 264 -6.00 14.63 45.06
CA ILE K 264 -5.61 13.24 45.27
C ILE K 264 -5.73 12.45 43.97
N ARG K 265 -6.83 12.64 43.24
CA ARG K 265 -7.04 11.91 41.99
C ARG K 265 -6.04 12.29 40.92
N SER K 266 -5.43 13.47 41.02
CA SER K 266 -4.50 13.91 39.99
C SER K 266 -3.24 13.07 39.89
N ARG K 267 -2.95 12.22 40.88
CA ARG K 267 -1.72 11.42 40.90
C ARG K 267 -2.04 9.96 41.19
N VAL K 268 -2.98 9.39 40.43
CA VAL K 268 -3.33 7.98 40.61
C VAL K 268 -2.19 7.08 40.17
N ARG K 269 -1.57 7.38 39.03
CA ARG K 269 -0.37 6.69 38.52
C ARG K 269 -0.63 5.19 38.34
N GLN K 270 -1.54 4.88 37.40
CA GLN K 270 -1.90 3.49 37.08
C GLN K 270 -0.97 2.97 35.97
N THR K 271 0.31 2.86 36.30
CA THR K 271 1.31 2.57 35.27
C THR K 271 1.54 1.07 35.03
N SER K 272 2.01 0.35 36.04
CA SER K 272 2.38 -1.05 35.82
C SER K 272 1.67 -2.02 36.74
N ALA K 273 1.75 -1.80 38.06
CA ALA K 273 1.16 -2.74 39.01
C ALA K 273 1.03 -2.03 40.34
N GLY K 274 -0.19 -1.89 40.84
CA GLY K 274 -0.41 -1.32 42.15
C GLY K 274 -1.18 -0.02 42.10
N SER K 275 -0.75 0.89 41.22
CA SER K 275 -1.42 2.18 41.02
C SER K 275 -1.17 3.09 42.22
N TYR K 276 0.10 3.15 42.65
CA TYR K 276 0.46 3.85 43.87
C TYR K 276 0.21 5.35 43.76
N LEU K 277 -0.20 5.94 44.88
CA LEU K 277 -0.55 7.36 44.98
C LEU K 277 0.64 8.13 45.54
N ALA K 278 1.48 8.62 44.64
CA ALA K 278 2.64 9.44 45.00
C ALA K 278 2.44 10.81 44.36
N LEU K 279 2.05 11.81 45.16
CA LEU K 279 1.85 13.14 44.60
C LEU K 279 3.08 14.02 44.76
N ASP K 280 3.28 14.55 45.98
CA ASP K 280 4.46 15.29 46.38
C ASP K 280 4.60 15.10 47.88
N PRO K 281 5.82 14.92 48.39
CA PRO K 281 5.97 14.80 49.85
C PRO K 281 5.40 15.98 50.62
N ALA K 282 5.60 17.20 50.13
CA ALA K 282 5.05 18.39 50.78
C ALA K 282 3.52 18.39 50.69
N VAL K 283 2.98 18.00 49.54
CA VAL K 283 1.52 17.98 49.38
C VAL K 283 0.91 16.93 50.30
N THR K 284 1.51 15.74 50.38
CA THR K 284 0.99 14.72 51.27
C THR K 284 1.07 15.16 52.72
N GLU K 285 2.17 15.83 53.09
CA GLU K 285 2.27 16.35 54.45
C GLU K 285 1.18 17.38 54.74
N SER K 286 0.93 18.29 53.79
CA SER K 286 -0.09 19.31 53.99
C SER K 286 -1.49 18.71 54.08
N LEU K 287 -1.79 17.72 53.23
CA LEU K 287 -3.11 17.09 53.30
C LEU K 287 -3.31 16.34 54.60
N LEU K 288 -2.27 15.63 55.06
CA LEU K 288 -2.38 14.95 56.34
C LEU K 288 -2.53 15.94 57.48
N GLU K 289 -1.85 17.09 57.38
CA GLU K 289 -2.00 18.14 58.37
C GLU K 289 -3.43 18.68 58.40
N GLN K 290 -4.03 18.87 57.22
CA GLN K 290 -5.42 19.33 57.15
C GLN K 290 -6.36 18.30 57.77
N VAL K 291 -6.15 17.02 57.48
CA VAL K 291 -6.99 15.97 58.04
C VAL K 291 -6.88 15.95 59.56
N ARG K 292 -5.65 16.08 60.08
CA ARG K 292 -5.47 16.12 61.52
C ARG K 292 -6.12 17.34 62.15
N LYS K 293 -6.02 18.49 61.47
CA LYS K 293 -6.62 19.72 61.99
C LYS K 293 -8.14 19.63 62.03
N THR K 294 -8.76 19.02 61.02
CA THR K 294 -10.21 18.91 60.97
C THR K 294 -10.72 17.92 62.01
N ILE K 295 -10.39 16.64 61.83
CA ILE K 295 -10.80 15.58 62.76
C ILE K 295 -10.56 15.96 64.21
N LEU K 298 -10.78 12.86 69.85
CA LEU K 298 -10.52 11.65 69.07
C LEU K 298 -10.31 10.44 69.97
N SER K 299 -9.66 10.67 71.11
CA SER K 299 -9.37 9.57 72.03
C SER K 299 -10.62 9.08 72.75
N GLN K 300 -11.58 9.98 73.02
CA GLN K 300 -12.80 9.65 73.73
C GLN K 300 -13.98 9.45 72.78
N ILE K 301 -13.73 8.87 71.60
CA ILE K 301 -14.77 8.61 70.61
C ILE K 301 -15.33 7.22 70.87
N GLN K 302 -16.65 7.13 71.07
CA GLN K 302 -17.29 5.83 71.31
C GLN K 302 -17.61 5.13 69.99
N SER K 303 -18.48 5.72 69.17
CA SER K 303 -18.91 5.12 67.93
C SER K 303 -17.93 5.45 66.81
N LYS K 304 -17.46 4.42 66.10
CA LYS K 304 -16.41 4.56 65.11
C LYS K 304 -16.82 5.48 63.96
N PRO K 305 -16.28 6.69 63.89
CA PRO K 305 -16.55 7.55 62.73
C PRO K 305 -15.89 6.97 61.50
N VAL K 306 -16.48 7.24 60.34
CA VAL K 306 -15.95 6.72 59.09
C VAL K 306 -15.71 7.89 58.14
N LEU K 307 -14.60 7.82 57.42
CA LEU K 307 -14.32 8.78 56.35
C LEU K 307 -15.04 8.32 55.10
N ILE K 308 -15.71 9.24 54.42
CA ILE K 308 -16.43 8.91 53.19
C ILE K 308 -15.91 9.79 52.07
N VAL K 309 -15.47 9.17 50.98
CA VAL K 309 -14.85 9.88 49.88
C VAL K 309 -15.30 9.23 48.56
N SER K 310 -14.94 9.87 47.45
CA SER K 310 -15.31 9.36 46.15
C SER K 310 -14.71 7.97 45.94
N MET K 311 -15.47 7.11 45.24
CA MET K 311 -15.09 5.71 45.13
C MET K 311 -13.77 5.52 44.40
N ASP K 312 -13.58 6.25 43.29
CA ASP K 312 -12.44 6.00 42.41
C ASP K 312 -11.10 6.16 43.13
N ILE K 313 -11.06 6.91 44.23
CA ILE K 313 -9.82 7.15 44.96
C ILE K 313 -9.89 6.62 46.39
N ARG K 314 -10.95 5.88 46.73
CA ARG K 314 -11.18 5.50 48.13
C ARG K 314 -9.96 4.80 48.72
N ARG K 315 -9.52 3.72 48.08
CA ARG K 315 -8.37 2.99 48.59
C ARG K 315 -7.13 3.89 48.65
N TYR K 316 -6.94 4.73 47.63
CA TYR K 316 -5.79 5.62 47.62
C TYR K 316 -5.82 6.55 48.84
N VAL K 317 -7.00 6.95 49.28
CA VAL K 317 -7.09 7.75 50.50
C VAL K 317 -6.75 6.91 51.72
N ARG K 318 -7.24 5.66 51.76
CA ARG K 318 -7.06 4.82 52.94
C ARG K 318 -5.58 4.61 53.26
N LYS K 319 -4.80 4.16 52.26
CA LYS K 319 -3.37 3.98 52.46
C LYS K 319 -2.67 5.29 52.75
N LEU K 320 -3.31 6.42 52.42
CA LEU K 320 -2.74 7.72 52.77
C LEU K 320 -2.81 7.97 54.27
N ILE K 321 -3.84 7.48 54.94
CA ILE K 321 -4.03 7.74 56.36
C ILE K 321 -3.76 6.51 57.22
N GLU K 322 -3.30 5.42 56.61
CA GLU K 322 -3.03 4.21 57.38
C GLU K 322 -1.85 4.40 58.33
N SER K 323 -0.91 5.29 58.00
CA SER K 323 0.27 5.48 58.83
C SER K 323 -0.11 6.04 60.20
N GLU K 324 -0.94 7.08 60.24
CA GLU K 324 -1.34 7.71 61.49
C GLU K 324 -2.67 7.14 62.00
N TYR K 325 -3.71 7.25 61.19
CA TYR K 325 -5.06 6.83 61.57
C TYR K 325 -5.34 5.44 61.03
N TYR K 326 -4.79 4.42 61.71
CA TYR K 326 -5.12 3.06 61.32
C TYR K 326 -6.60 2.77 61.54
N GLY K 327 -7.21 3.44 62.50
CA GLY K 327 -8.65 3.41 62.67
C GLY K 327 -9.27 4.26 61.57
N LEU K 328 -10.51 4.72 61.76
CA LEU K 328 -11.16 5.58 60.77
C LEU K 328 -11.12 4.94 59.39
N PRO K 329 -12.00 3.98 59.10
CA PRO K 329 -11.99 3.38 57.76
C PRO K 329 -12.48 4.37 56.73
N VAL K 330 -12.23 4.04 55.46
CA VAL K 330 -12.60 4.89 54.33
C VAL K 330 -13.60 4.15 53.48
N LEU K 331 -14.68 4.83 53.14
CA LEU K 331 -15.82 4.27 52.42
C LEU K 331 -16.06 5.08 51.15
N SER K 332 -16.72 4.44 50.19
CA SER K 332 -17.07 5.07 48.94
C SER K 332 -18.51 5.53 48.98
N TYR K 333 -18.79 6.60 48.23
CA TYR K 333 -20.16 7.07 48.11
C TYR K 333 -21.04 6.01 47.47
N GLN K 334 -20.50 5.27 46.49
CA GLN K 334 -21.27 4.18 45.89
C GLN K 334 -21.55 3.07 46.89
N GLU K 335 -20.64 2.84 47.84
CA GLU K 335 -20.85 1.82 48.85
C GLU K 335 -22.02 2.13 49.77
N LEU K 336 -22.44 3.40 49.84
CA LEU K 336 -23.53 3.78 50.72
C LEU K 336 -24.87 3.44 50.09
N THR K 337 -25.69 2.69 50.83
CA THR K 337 -27.07 2.46 50.44
C THR K 337 -27.92 3.66 50.83
N GLN K 338 -29.20 3.62 50.48
CA GLN K 338 -30.09 4.71 50.83
C GLN K 338 -30.55 4.58 52.27
N GLN K 339 -31.64 5.26 52.62
CA GLN K 339 -32.14 5.38 53.99
C GLN K 339 -30.99 5.45 55.01
N ILE K 340 -30.05 6.36 54.75
CA ILE K 340 -28.95 6.63 55.66
C ILE K 340 -28.87 8.13 55.88
N ASN K 341 -28.83 8.55 57.15
CA ASN K 341 -28.65 9.96 57.50
C ASN K 341 -27.16 10.21 57.70
N ILE K 342 -26.50 10.65 56.64
CA ILE K 342 -25.08 10.95 56.70
C ILE K 342 -24.91 12.28 57.45
N GLN K 343 -24.21 12.24 58.57
CA GLN K 343 -24.01 13.43 59.39
C GLN K 343 -22.62 13.99 59.15
N PRO K 344 -22.49 15.14 58.50
CA PRO K 344 -21.16 15.71 58.24
C PRO K 344 -20.58 16.37 59.48
N LEU K 345 -19.56 15.73 60.05
CA LEU K 345 -18.88 16.31 61.20
C LEU K 345 -18.00 17.50 60.82
N GLY K 346 -17.59 17.59 59.56
CA GLY K 346 -16.75 18.67 59.09
C GLY K 346 -16.11 18.33 57.76
N ARG K 347 -16.01 19.32 56.88
CA ARG K 347 -15.40 19.12 55.57
C ARG K 347 -13.90 19.37 55.66
N VAL K 348 -13.11 18.47 55.08
CA VAL K 348 -11.66 18.58 55.06
C VAL K 348 -11.31 19.60 53.98
N CYS K 349 -11.06 20.85 54.39
CA CYS K 349 -10.77 21.90 53.43
C CYS K 349 -9.34 21.78 52.93
N LEU K 350 -9.03 22.61 51.93
CA LEU K 350 -7.71 22.62 51.33
C LEU K 350 -7.01 23.94 51.63
N LEU L 7 38.49 -56.55 29.62
CA LEU L 7 38.74 -55.48 28.67
C LEU L 7 37.64 -55.44 27.61
N GLY L 8 36.41 -55.68 28.04
CA GLY L 8 35.27 -55.59 27.15
C GLY L 8 34.16 -54.77 27.73
N GLU L 9 34.18 -54.59 29.05
CA GLU L 9 33.28 -53.66 29.70
C GLU L 9 33.60 -52.24 29.26
N GLN L 10 32.57 -51.41 29.12
CA GLN L 10 32.80 -50.11 28.50
C GLN L 10 33.56 -49.16 29.41
N GLU L 11 32.94 -48.70 30.50
CA GLU L 11 33.67 -47.87 31.46
C GLU L 11 33.33 -48.11 32.91
N ALA L 12 32.21 -48.78 33.23
CA ALA L 12 31.69 -48.86 34.60
C ALA L 12 31.53 -47.45 35.17
N PHE L 13 30.63 -46.69 34.55
CA PHE L 13 30.45 -45.28 34.91
C PHE L 13 29.98 -45.14 36.35
N ALA L 14 30.50 -44.11 37.03
CA ALA L 14 30.12 -43.80 38.40
C ALA L 14 30.10 -42.30 38.59
N MET L 15 29.03 -41.79 39.21
CA MET L 15 28.89 -40.36 39.43
C MET L 15 29.78 -39.90 40.57
N THR L 16 30.26 -38.66 40.46
CA THR L 16 31.08 -38.08 41.51
C THR L 16 30.24 -37.80 42.76
N VAL L 17 30.83 -38.03 43.92
CA VAL L 17 30.12 -37.77 45.19
C VAL L 17 29.92 -36.28 45.36
N PRO L 18 28.76 -35.82 45.81
CA PRO L 18 28.52 -34.37 45.95
C PRO L 18 29.37 -33.73 47.03
N LEU L 19 29.36 -34.31 48.23
CA LEU L 19 30.08 -33.76 49.37
C LEU L 19 30.97 -34.87 49.96
N LEU L 20 32.24 -34.55 50.18
CA LEU L 20 33.18 -35.51 50.73
C LEU L 20 34.00 -34.85 51.82
N ILE L 21 34.27 -35.59 52.89
CA ILE L 21 35.14 -35.15 53.97
C ILE L 21 36.21 -36.21 54.15
N ASP L 22 37.46 -35.84 53.88
CA ASP L 22 38.60 -36.74 54.03
C ASP L 22 39.42 -36.26 55.21
N VAL L 23 39.50 -37.07 56.26
CA VAL L 23 40.29 -36.74 57.43
C VAL L 23 41.41 -37.75 57.55
N ASP L 24 42.44 -37.38 58.30
CA ASP L 24 43.57 -38.28 58.48
C ASP L 24 43.15 -39.51 59.28
N SER L 25 43.96 -40.56 59.15
CA SER L 25 43.76 -41.78 59.92
C SER L 25 44.30 -41.60 61.34
N SER L 26 44.39 -42.70 62.09
CA SER L 26 44.78 -42.71 63.50
C SER L 26 43.82 -41.92 64.37
N GLN L 27 42.70 -41.47 63.79
CA GLN L 27 41.59 -40.95 64.57
C GLN L 27 40.27 -41.62 64.20
N GLN L 28 40.31 -42.74 63.47
CA GLN L 28 39.10 -43.50 63.22
C GLN L 28 38.49 -44.00 64.52
N GLU L 29 39.31 -44.16 65.56
CA GLU L 29 38.84 -44.59 66.87
C GLU L 29 39.09 -43.56 67.96
N ALA L 30 39.94 -42.56 67.71
CA ALA L 30 40.14 -41.48 68.67
C ALA L 30 38.95 -40.52 68.69
N LEU L 31 38.27 -40.34 67.55
CA LEU L 31 37.13 -39.45 67.47
C LEU L 31 35.80 -40.17 67.47
N GLU L 32 35.66 -41.26 66.71
CA GLU L 32 34.43 -42.05 66.73
C GLU L 32 34.00 -42.45 68.14
N ALA L 33 34.86 -42.26 69.13
CA ALA L 33 34.45 -42.43 70.52
C ALA L 33 33.24 -41.54 70.82
N ILE L 34 33.37 -40.25 70.52
CA ILE L 34 32.20 -39.40 70.35
C ILE L 34 31.52 -39.80 69.04
N ALA L 35 30.19 -39.69 69.01
CA ALA L 35 29.41 -40.24 67.90
C ALA L 35 30.01 -39.84 66.55
N LEU L 36 30.02 -38.55 66.25
CA LEU L 36 30.58 -37.96 65.03
C LEU L 36 29.74 -38.35 63.82
N ASN L 37 28.96 -39.41 63.96
CA ASN L 37 27.97 -39.81 62.98
C ASN L 37 26.63 -39.14 63.24
N ASP L 38 26.47 -38.56 64.43
CA ASP L 38 25.31 -37.76 64.80
C ASP L 38 25.60 -36.27 64.81
N GLU L 39 26.83 -35.87 65.13
CA GLU L 39 27.18 -34.45 65.13
C GLU L 39 27.07 -33.84 63.74
N LEU L 40 27.51 -34.56 62.71
CA LEU L 40 27.45 -34.05 61.35
C LEU L 40 26.02 -33.88 60.88
N VAL L 41 25.18 -34.89 61.10
CA VAL L 41 23.78 -34.76 60.72
C VAL L 41 23.10 -33.69 61.55
N ARG L 42 23.50 -33.55 62.81
CA ARG L 42 22.92 -32.50 63.66
C ARG L 42 23.21 -31.11 63.08
N VAL L 43 24.47 -30.85 62.73
CA VAL L 43 24.80 -29.52 62.22
C VAL L 43 24.18 -29.29 60.84
N ARG L 44 24.14 -30.34 60.00
CA ARG L 44 23.50 -30.21 58.70
C ARG L 44 22.01 -29.93 58.84
N ARG L 45 21.34 -30.65 59.75
CA ARG L 45 19.92 -30.45 59.98
C ARG L 45 19.64 -29.05 60.54
N ALA L 46 20.49 -28.58 61.46
CA ALA L 46 20.30 -27.25 62.01
C ALA L 46 20.46 -26.19 60.92
N LEU L 47 21.46 -26.34 60.06
CA LEU L 47 21.66 -25.37 58.98
C LEU L 47 20.51 -25.42 57.99
N TYR L 48 19.97 -26.62 57.73
CA TYR L 48 18.79 -26.71 56.86
C TYR L 48 17.59 -26.02 57.48
N LEU L 49 17.35 -26.26 58.78
CA LEU L 49 16.24 -25.61 59.46
C LEU L 49 16.38 -24.11 59.46
N ASP L 50 17.61 -23.61 59.55
CA ASP L 50 17.83 -22.17 59.48
C ASP L 50 17.64 -21.64 58.06
N LEU L 51 18.00 -22.42 57.05
CA LEU L 51 17.96 -21.97 55.65
C LEU L 51 16.89 -22.67 54.83
N GLY L 52 16.85 -24.01 54.84
CA GLY L 52 15.93 -24.75 54.00
C GLY L 52 16.51 -25.35 52.74
N VAL L 53 17.80 -25.19 52.51
CA VAL L 53 18.43 -25.75 51.30
C VAL L 53 18.55 -27.27 51.46
N PRO L 54 18.09 -28.05 50.48
CA PRO L 54 18.20 -29.51 50.61
C PRO L 54 19.62 -30.01 50.38
N PHE L 55 20.43 -29.98 51.44
CA PHE L 55 21.82 -30.42 51.33
C PHE L 55 21.87 -31.90 50.98
N PRO L 56 22.90 -32.32 50.26
CA PRO L 56 23.01 -33.72 49.84
C PRO L 56 23.62 -34.56 50.97
N GLY L 57 23.80 -35.85 50.68
CA GLY L 57 24.45 -36.72 51.64
C GLY L 57 25.94 -36.45 51.73
N ILE L 58 26.48 -36.67 52.93
CA ILE L 58 27.89 -36.40 53.23
C ILE L 58 28.61 -37.74 53.34
N HIS L 59 29.66 -37.90 52.53
CA HIS L 59 30.49 -39.10 52.57
C HIS L 59 31.72 -38.84 53.42
N LEU L 60 31.92 -39.67 54.44
CA LEU L 60 33.02 -39.54 55.38
C LEU L 60 33.99 -40.70 55.19
N ARG L 61 35.25 -40.40 54.93
CA ARG L 61 36.28 -41.41 54.70
C ARG L 61 37.53 -41.08 55.49
N PHE L 62 38.22 -42.12 55.94
CA PHE L 62 39.47 -41.99 56.69
C PHE L 62 40.63 -42.39 55.79
N ASN L 63 41.49 -41.43 55.46
CA ASN L 63 42.63 -41.65 54.58
C ASN L 63 43.92 -41.58 55.39
N GLU L 64 44.76 -42.60 55.26
CA GLU L 64 46.03 -42.65 55.99
C GLU L 64 47.18 -41.99 55.22
N GLY L 65 46.99 -41.63 53.96
CA GLY L 65 48.08 -41.09 53.17
C GLY L 65 48.50 -39.70 53.57
N MET L 66 47.64 -38.96 54.26
CA MET L 66 47.90 -37.58 54.65
C MET L 66 48.59 -37.58 56.01
N GLY L 67 48.70 -36.40 56.64
CA GLY L 67 49.39 -36.28 57.92
C GLY L 67 48.65 -36.84 59.11
N GLU L 68 48.69 -36.13 60.24
CA GLU L 68 48.17 -36.64 61.51
C GLU L 68 46.82 -36.01 61.90
N GLY L 69 46.61 -34.73 61.61
CA GLY L 69 45.38 -34.06 61.99
C GLY L 69 44.77 -33.19 60.90
N GLU L 70 44.91 -33.62 59.65
CA GLU L 70 44.49 -32.84 58.50
C GLU L 70 43.13 -33.33 58.01
N TYR L 71 42.17 -32.41 57.93
CA TYR L 71 40.84 -32.67 57.41
C TYR L 71 40.56 -31.73 56.24
N LEU L 72 39.97 -32.29 55.18
CA LEU L 72 39.60 -31.52 54.00
C LEU L 72 38.16 -31.80 53.64
N ILE L 73 37.44 -30.74 53.30
CA ILE L 73 36.05 -30.81 52.86
C ILE L 73 36.02 -30.40 51.40
N SER L 74 35.51 -31.29 50.55
CA SER L 74 35.50 -31.12 49.11
C SER L 74 34.08 -31.23 48.57
N LEU L 75 33.70 -30.31 47.69
CA LEU L 75 32.41 -30.33 47.03
C LEU L 75 32.58 -30.87 45.61
N GLN L 76 31.95 -32.02 45.34
CA GLN L 76 32.01 -32.68 44.03
C GLN L 76 33.47 -32.98 43.65
N GLU L 77 34.19 -33.61 44.57
CA GLU L 77 35.57 -34.04 44.37
C GLU L 77 36.48 -32.88 43.97
N VAL L 78 36.24 -31.71 44.56
CA VAL L 78 37.12 -30.56 44.43
C VAL L 78 37.28 -29.99 45.84
N PRO L 79 38.49 -29.94 46.39
CA PRO L 79 38.65 -29.50 47.78
C PRO L 79 38.30 -28.02 47.93
N VAL L 80 37.45 -27.72 48.91
CA VAL L 80 37.03 -26.36 49.16
C VAL L 80 37.50 -25.83 50.51
N ALA L 81 37.81 -26.70 51.47
CA ALA L 81 38.31 -26.22 52.76
C ALA L 81 39.26 -27.26 53.34
N ARG L 82 40.56 -26.98 53.30
CA ARG L 82 41.58 -27.85 53.88
C ARG L 82 42.15 -27.19 55.13
N GLY L 83 42.16 -27.92 56.24
CA GLY L 83 42.70 -27.41 57.47
C GLY L 83 43.35 -28.54 58.25
N GLU L 84 44.07 -28.18 59.30
CA GLU L 84 44.72 -29.15 60.15
C GLU L 84 44.53 -28.75 61.60
N LEU L 85 43.98 -29.66 62.40
CA LEU L 85 43.79 -29.44 63.83
C LEU L 85 45.07 -29.81 64.57
N LYS L 86 45.60 -28.87 65.34
CA LYS L 86 46.82 -29.11 66.09
C LYS L 86 46.61 -30.04 67.28
N ALA L 87 45.36 -30.26 67.67
CA ALA L 87 45.04 -31.14 68.79
C ALA L 87 45.24 -32.60 68.40
N LEU L 90 45.94 -33.32 71.81
CA LEU L 90 45.35 -32.80 73.04
C LEU L 90 45.63 -31.31 73.17
N LEU L 91 45.28 -30.57 72.13
CA LEU L 91 45.54 -29.13 72.04
C LEU L 91 44.30 -28.40 71.54
N VAL L 92 43.16 -28.66 72.20
CA VAL L 92 41.86 -28.08 71.83
C VAL L 92 41.98 -26.57 71.65
N ARG L 93 41.21 -26.02 70.72
CA ARG L 93 41.42 -24.66 70.25
C ARG L 93 40.49 -23.67 70.95
N GLU L 94 40.80 -22.39 70.77
CA GLU L 94 40.06 -21.29 71.36
C GLU L 94 39.60 -20.33 70.26
N SER L 95 38.36 -19.85 70.38
CA SER L 95 37.81 -18.92 69.41
C SER L 95 38.03 -17.47 69.78
N VAL L 96 37.82 -17.11 71.05
CA VAL L 96 37.98 -15.72 71.51
C VAL L 96 39.47 -15.51 71.78
N SER L 97 40.15 -14.84 70.86
CA SER L 97 41.58 -14.59 70.98
C SER L 97 41.81 -13.14 71.34
N GLN L 98 42.58 -12.91 72.39
CA GLN L 98 42.89 -11.57 72.89
C GLN L 98 44.01 -11.72 73.91
N LEU L 99 44.41 -10.60 74.51
CA LEU L 99 45.37 -10.65 75.61
C LEU L 99 44.75 -11.18 76.90
N GLU L 100 43.46 -11.49 76.90
CA GLU L 100 42.88 -12.22 78.02
C GLU L 100 43.53 -13.59 78.16
N LEU L 101 43.81 -14.25 77.04
CA LEU L 101 44.58 -15.48 77.07
C LEU L 101 46.03 -15.25 77.50
N LEU L 102 46.48 -14.00 77.55
CA LEU L 102 47.70 -13.66 78.27
C LEU L 102 47.42 -13.36 79.75
N GLY L 103 46.23 -12.84 80.06
CA GLY L 103 45.83 -12.68 81.44
C GLY L 103 45.71 -14.01 82.17
N ILE L 104 45.26 -15.03 81.46
CA ILE L 104 45.27 -16.41 81.97
C ILE L 104 46.53 -17.09 81.42
N PRO L 105 47.46 -17.51 82.27
CA PRO L 105 48.84 -17.77 81.79
C PRO L 105 48.99 -19.01 80.92
N TYR L 106 47.88 -19.61 80.48
CA TYR L 106 47.97 -20.85 79.74
C TYR L 106 48.44 -20.59 78.31
N GLU L 107 49.25 -21.51 77.79
CA GLU L 107 49.96 -21.29 76.53
C GLU L 107 49.01 -21.22 75.35
N LYS L 108 49.43 -20.50 74.32
CA LYS L 108 48.68 -20.35 73.08
C LYS L 108 49.20 -21.32 72.03
N GLY L 109 48.50 -21.37 70.90
CA GLY L 109 48.89 -22.24 69.80
C GLY L 109 49.55 -21.48 68.66
N LEU L 113 42.36 -22.24 61.11
CA LEU L 113 42.15 -20.80 61.10
C LEU L 113 41.41 -20.37 59.83
N PRO L 114 40.10 -20.65 59.78
CA PRO L 114 39.32 -20.32 58.58
C PRO L 114 39.23 -18.82 58.31
N ASP L 115 38.67 -18.06 59.26
CA ASP L 115 38.53 -16.61 59.11
C ASP L 115 39.02 -15.84 60.33
N GLN L 116 38.76 -16.35 61.54
CA GLN L 116 39.06 -15.64 62.77
C GLN L 116 40.34 -16.18 63.40
N GLU L 117 40.89 -15.38 64.33
CA GLU L 117 42.09 -15.80 65.04
C GLU L 117 41.77 -17.01 65.93
N THR L 118 42.63 -18.03 65.85
CA THR L 118 42.42 -19.27 66.58
C THR L 118 43.69 -19.59 67.36
N PHE L 119 43.55 -19.75 68.68
CA PHE L 119 44.62 -20.18 69.55
C PHE L 119 44.32 -21.59 70.05
N TRP L 120 45.38 -22.28 70.48
CA TRP L 120 45.28 -23.68 70.92
C TRP L 120 45.79 -23.79 72.35
N VAL L 121 45.06 -24.51 73.19
CA VAL L 121 45.41 -24.71 74.58
C VAL L 121 45.39 -26.20 74.89
N SER L 122 46.18 -26.60 75.90
CA SER L 122 46.27 -27.99 76.29
C SER L 122 45.04 -28.42 77.09
N VAL L 123 44.88 -29.73 77.24
CA VAL L 123 43.71 -30.25 77.96
C VAL L 123 43.84 -30.13 79.47
N GLU L 124 45.06 -30.04 80.00
CA GLU L 124 45.22 -29.83 81.44
C GLU L 124 44.77 -28.44 81.85
N TYR L 125 44.92 -27.45 80.96
CA TYR L 125 44.44 -26.10 81.20
C TYR L 125 42.95 -25.95 80.95
N GLU L 126 42.30 -26.97 80.39
CA GLU L 126 40.91 -26.85 79.97
C GLU L 126 39.98 -26.58 81.14
N GLU L 127 40.20 -27.24 82.28
CA GLU L 127 39.32 -27.07 83.43
C GLU L 127 39.35 -25.64 83.94
N ARG L 128 40.56 -25.13 84.22
CA ARG L 128 40.68 -23.79 84.77
C ARG L 128 40.34 -22.73 83.73
N LEU L 129 40.56 -23.02 82.45
CA LEU L 129 40.22 -22.06 81.42
C LEU L 129 38.71 -21.98 81.19
N GLU L 130 38.00 -23.10 81.33
CA GLU L 130 36.55 -23.08 81.29
C GLU L 130 35.94 -22.53 82.57
N LYS L 131 36.69 -22.54 83.68
CA LYS L 131 36.26 -21.77 84.85
C LYS L 131 36.18 -20.27 84.53
N SER L 132 36.98 -19.81 83.58
CA SER L 132 36.89 -18.43 83.09
C SER L 132 35.82 -18.27 82.02
N GLN L 133 35.11 -19.34 81.66
CA GLN L 133 33.98 -19.30 80.73
C GLN L 133 34.42 -18.81 79.34
N LEU L 134 35.30 -19.58 78.72
CA LEU L 134 35.75 -19.32 77.36
C LEU L 134 35.19 -20.37 76.41
N GLU L 135 35.28 -20.07 75.11
CA GLU L 135 34.80 -20.98 74.09
C GLU L 135 35.75 -22.16 73.90
N PHE L 136 35.20 -23.35 73.82
CA PHE L 136 35.99 -24.58 73.74
C PHE L 136 35.49 -25.42 72.56
N PHE L 137 36.16 -25.30 71.42
CA PHE L 137 35.83 -26.08 70.23
C PHE L 137 36.69 -27.33 70.21
N SER L 138 36.06 -28.50 70.34
CA SER L 138 36.75 -29.77 70.25
C SER L 138 36.92 -30.16 68.78
N HIS L 139 37.39 -31.38 68.54
CA HIS L 139 37.59 -31.85 67.16
C HIS L 139 36.26 -31.88 66.41
N SER L 140 35.22 -32.44 67.03
CA SER L 140 33.91 -32.46 66.40
C SER L 140 33.39 -31.05 66.18
N GLN L 141 33.59 -30.16 67.15
CA GLN L 141 33.08 -28.80 67.04
C GLN L 141 33.75 -28.05 65.89
N VAL L 142 35.08 -28.17 65.76
CA VAL L 142 35.75 -27.45 64.69
C VAL L 142 35.41 -28.06 63.34
N LEU L 143 35.31 -29.39 63.27
CA LEU L 143 34.94 -30.04 62.01
C LEU L 143 33.55 -29.60 61.56
N THR L 144 32.59 -29.59 62.48
CA THR L 144 31.24 -29.17 62.11
C THR L 144 31.16 -27.69 61.84
N TRP L 145 31.99 -26.87 62.50
CA TRP L 145 32.01 -25.45 62.21
C TRP L 145 32.48 -25.20 60.78
N HIS L 146 33.55 -25.89 60.38
CA HIS L 146 34.02 -25.77 58.99
C HIS L 146 32.98 -26.28 58.02
N LEU L 147 32.32 -27.40 58.34
CA LEU L 147 31.27 -27.92 57.47
C LEU L 147 30.14 -26.92 57.31
N SER L 148 29.69 -26.32 58.42
CA SER L 148 28.61 -25.36 58.36
C SER L 148 29.01 -24.11 57.59
N HIS L 149 30.23 -23.63 57.79
CA HIS L 149 30.69 -22.46 57.05
C HIS L 149 30.75 -22.74 55.55
N VAL L 150 31.25 -23.92 55.17
CA VAL L 150 31.31 -24.29 53.76
C VAL L 150 29.91 -24.37 53.17
N LEU L 151 28.99 -25.02 53.88
CA LEU L 151 27.63 -25.15 53.37
C LEU L 151 26.95 -23.80 53.24
N ARG L 152 27.19 -22.90 54.19
CA ARG L 152 26.57 -21.58 54.14
C ARG L 152 27.13 -20.75 52.99
N GLU L 153 28.44 -20.80 52.78
CA GLU L 153 29.04 -19.99 51.73
C GLU L 153 28.94 -20.64 50.36
N TYR L 154 28.56 -21.91 50.28
CA TYR L 154 28.43 -22.59 49.00
C TYR L 154 27.07 -23.27 48.85
N ALA L 155 26.03 -22.69 49.46
CA ALA L 155 24.70 -23.28 49.36
C ALA L 155 24.11 -23.12 47.96
N GLU L 156 24.55 -22.11 47.21
CA GLU L 156 24.02 -21.87 45.87
C GLU L 156 24.26 -23.07 44.96
N ASP L 157 25.34 -23.82 45.19
CA ASP L 157 25.63 -25.00 44.38
C ASP L 157 24.81 -26.22 44.76
N PHE L 158 24.05 -26.16 45.85
CA PHE L 158 23.21 -27.28 46.25
C PHE L 158 21.75 -27.12 45.82
N ILE L 159 21.43 -26.08 45.06
CA ILE L 159 20.07 -25.87 44.59
C ILE L 159 20.03 -26.03 43.09
N GLY L 160 19.71 -27.24 42.63
CA GLY L 160 19.56 -27.54 41.22
C GLY L 160 18.10 -27.71 40.85
N ILE L 161 17.90 -28.06 39.58
CA ILE L 161 16.55 -28.34 39.10
C ILE L 161 15.97 -29.54 39.83
N GLN L 162 16.78 -30.57 40.06
CA GLN L 162 16.31 -31.74 40.77
C GLN L 162 15.89 -31.39 42.20
N GLU L 163 16.66 -30.55 42.87
CA GLU L 163 16.33 -30.19 44.24
C GLU L 163 15.01 -29.41 44.31
N THR L 164 14.83 -28.45 43.41
CA THR L 164 13.59 -27.68 43.38
C THR L 164 12.40 -28.58 43.03
N ARG L 165 12.59 -29.51 42.11
CA ARG L 165 11.52 -30.44 41.78
C ARG L 165 11.17 -31.33 42.96
N TYR L 166 12.18 -31.76 43.72
CA TYR L 166 11.92 -32.53 44.93
C TYR L 166 11.14 -31.72 45.94
N LEU L 167 11.50 -30.45 46.11
CA LEU L 167 10.75 -29.58 47.02
C LEU L 167 9.30 -29.44 46.58
N LEU L 168 9.08 -29.25 45.27
CA LEU L 168 7.71 -29.13 44.77
C LEU L 168 6.93 -30.43 44.97
N GLU L 169 7.55 -31.58 44.70
CA GLU L 169 6.87 -32.86 44.86
C GLU L 169 6.55 -33.17 46.31
N GLN L 170 7.40 -32.68 47.24
CA GLN L 170 7.15 -32.94 48.66
C GLN L 170 5.97 -32.15 49.19
N MET L 171 5.64 -31.01 48.57
CA MET L 171 4.56 -30.16 49.02
C MET L 171 3.27 -30.35 48.24
N GLU L 172 3.20 -31.39 47.40
CA GLU L 172 1.98 -31.62 46.62
C GLU L 172 0.79 -31.91 47.52
N GLY L 173 1.00 -32.71 48.57
CA GLY L 173 -0.10 -32.99 49.49
C GLY L 173 -0.57 -31.76 50.23
N GLY L 174 0.36 -30.89 50.61
CA GLY L 174 0.02 -29.68 51.33
C GLY L 174 -0.71 -28.66 50.50
N TYR L 175 -0.03 -28.12 49.48
CA TYR L 175 -0.58 -27.08 48.60
C TYR L 175 -0.48 -27.57 47.16
N GLY L 176 -1.49 -28.30 46.70
CA GLY L 176 -1.47 -28.82 45.36
C GLY L 176 -1.74 -27.78 44.29
N GLU L 177 -2.84 -27.05 44.44
CA GLU L 177 -3.22 -26.05 43.44
C GLU L 177 -2.21 -24.91 43.39
N LEU L 178 -1.61 -24.54 44.52
CA LEU L 178 -0.59 -23.50 44.51
C LEU L 178 0.61 -23.91 43.66
N ILE L 179 1.06 -25.16 43.82
CA ILE L 179 2.18 -25.66 43.02
C ILE L 179 1.79 -25.76 41.55
N LYS L 180 0.57 -26.24 41.27
CA LYS L 180 0.13 -26.36 39.89
C LYS L 180 0.04 -25.01 39.20
N GLU L 181 -0.35 -23.97 39.95
CA GLU L 181 -0.43 -22.63 39.38
C GLU L 181 0.97 -22.06 39.17
N VAL L 182 1.85 -22.20 40.16
CA VAL L 182 3.18 -21.61 40.02
C VAL L 182 3.97 -22.31 38.92
N GLN L 183 3.72 -23.60 38.70
CA GLN L 183 4.38 -24.31 37.61
C GLN L 183 3.93 -23.76 36.25
N ARG L 184 2.64 -23.47 36.09
CA ARG L 184 2.17 -22.92 34.84
C ARG L 184 2.54 -21.45 34.68
N ILE L 185 2.87 -20.77 35.77
CA ILE L 185 3.23 -19.35 35.70
C ILE L 185 4.71 -19.15 35.37
N VAL L 186 5.59 -19.86 36.06
CA VAL L 186 7.03 -19.69 35.85
C VAL L 186 7.68 -21.03 35.58
N PRO L 187 8.76 -21.08 34.79
CA PRO L 187 9.42 -22.34 34.50
C PRO L 187 10.36 -22.77 35.63
N LEU L 188 10.93 -23.97 35.46
CA LEU L 188 11.83 -24.52 36.47
C LEU L 188 13.13 -23.72 36.56
N GLN L 189 13.65 -23.26 35.42
CA GLN L 189 14.91 -22.54 35.41
C GLN L 189 14.81 -21.23 36.18
N ARG L 190 13.77 -20.44 35.89
CA ARG L 190 13.59 -19.16 36.57
C ARG L 190 13.37 -19.36 38.06
N MET L 191 12.54 -20.35 38.42
CA MET L 191 12.26 -20.61 39.83
C MET L 191 13.52 -21.03 40.58
N THR L 192 14.31 -21.92 39.99
CA THR L 192 15.55 -22.36 40.64
C THR L 192 16.55 -21.23 40.76
N GLU L 193 16.67 -20.40 39.72
CA GLU L 193 17.57 -19.25 39.79
C GLU L 193 17.13 -18.27 40.87
N ILE L 194 15.83 -18.06 41.01
CA ILE L 194 15.31 -17.19 42.07
C ILE L 194 15.64 -17.77 43.43
N LEU L 195 15.46 -19.08 43.61
CA LEU L 195 15.80 -19.70 44.89
C LEU L 195 17.28 -19.55 45.22
N GLN L 196 18.14 -19.75 44.21
CA GLN L 196 19.57 -19.58 44.43
C GLN L 196 19.91 -18.14 44.80
N ARG L 197 19.30 -17.16 44.12
CA ARG L 197 19.56 -15.76 44.44
C ARG L 197 19.08 -15.43 45.85
N LEU L 198 17.94 -15.99 46.25
CA LEU L 198 17.44 -15.78 47.61
C LEU L 198 18.41 -16.34 48.64
N VAL L 199 18.91 -17.56 48.42
CA VAL L 199 19.82 -18.17 49.38
C VAL L 199 21.16 -17.44 49.41
N GLY L 200 21.57 -16.86 48.27
CA GLY L 200 22.82 -16.12 48.23
C GLY L 200 22.84 -14.92 49.16
N GLU L 201 21.69 -14.43 49.58
CA GLU L 201 21.59 -13.33 50.53
C GLU L 201 21.26 -13.80 51.94
N ASP L 202 21.43 -15.09 52.22
CA ASP L 202 21.14 -15.70 53.53
C ASP L 202 19.66 -15.60 53.89
N ILE L 203 18.79 -15.55 52.88
CA ILE L 203 17.35 -15.56 53.08
C ILE L 203 16.87 -17.01 53.02
N SER L 204 16.13 -17.43 54.04
CA SER L 204 15.76 -18.83 54.16
C SER L 204 14.67 -19.19 53.16
N ILE L 205 14.85 -20.33 52.49
CA ILE L 205 13.82 -20.88 51.61
C ILE L 205 12.70 -21.55 52.41
N ARG L 206 12.99 -21.93 53.67
CA ARG L 206 12.10 -22.76 54.48
C ARG L 206 10.62 -22.40 54.35
N ASN L 207 10.30 -21.11 54.41
CA ASN L 207 8.91 -20.64 54.28
C ASN L 207 8.54 -20.55 52.80
N MET L 208 8.21 -21.71 52.23
CA MET L 208 7.92 -21.80 50.80
C MET L 208 6.55 -21.27 50.42
N ARG L 209 5.60 -21.23 51.35
CA ARG L 209 4.25 -20.79 51.01
C ARG L 209 4.24 -19.35 50.53
N SER L 210 4.85 -18.44 51.30
CA SER L 210 4.88 -17.05 50.90
C SER L 210 5.68 -16.84 49.62
N ILE L 211 6.76 -17.62 49.45
CA ILE L 211 7.56 -17.50 48.24
C ILE L 211 6.74 -17.89 47.01
N LEU L 212 5.98 -18.98 47.11
CA LEU L 212 5.16 -19.42 46.00
C LEU L 212 4.02 -18.43 45.72
N GLU L 213 3.41 -17.89 46.78
CA GLU L 213 2.36 -16.90 46.57
C GLU L 213 2.90 -15.65 45.88
N ALA L 214 4.07 -15.19 46.30
CA ALA L 214 4.69 -14.04 45.65
C ALA L 214 5.05 -14.37 44.20
N MET L 215 5.52 -15.59 43.97
CA MET L 215 5.83 -16.02 42.61
C MET L 215 4.60 -15.97 41.71
N VAL L 216 3.46 -16.44 42.23
CA VAL L 216 2.21 -16.36 41.48
C VAL L 216 1.83 -14.91 41.22
N GLU L 217 1.95 -14.07 42.24
CA GLU L 217 1.48 -12.69 42.11
C GLU L 217 2.33 -11.89 41.13
N TRP L 218 3.65 -12.09 41.14
CA TRP L 218 4.56 -11.24 40.38
C TRP L 218 5.14 -11.88 39.14
N GLY L 219 4.92 -13.18 38.91
CA GLY L 219 5.48 -13.84 37.75
C GLY L 219 4.81 -13.45 36.44
N GLN L 220 3.56 -13.03 36.51
CA GLN L 220 2.85 -12.58 35.32
C GLN L 220 3.24 -11.18 34.89
N LYS L 221 3.83 -10.39 35.80
CA LYS L 221 4.17 -9.00 35.53
C LYS L 221 5.62 -8.79 35.13
N GLU L 222 6.56 -9.47 35.78
CA GLU L 222 7.98 -9.31 35.52
C GLU L 222 8.59 -10.59 34.98
N LYS L 223 9.42 -10.47 33.95
CA LYS L 223 10.15 -11.59 33.38
C LYS L 223 11.63 -11.58 33.67
N ASP L 224 12.21 -10.41 33.98
CA ASP L 224 13.61 -10.35 34.37
C ASP L 224 13.79 -11.00 35.74
N VAL L 225 14.86 -11.80 35.87
CA VAL L 225 15.07 -12.55 37.09
C VAL L 225 15.40 -11.62 38.26
N VAL L 226 16.16 -10.56 38.01
CA VAL L 226 16.58 -9.66 39.09
C VAL L 226 15.38 -8.98 39.72
N GLN L 227 14.52 -8.38 38.90
CA GLN L 227 13.36 -7.68 39.44
C GLN L 227 12.40 -8.64 40.13
N LEU L 228 12.19 -9.82 39.54
CA LEU L 228 11.29 -10.79 40.15
C LEU L 228 11.80 -11.25 41.50
N THR L 229 13.10 -11.52 41.61
CA THR L 229 13.64 -11.94 42.91
C THR L 229 13.65 -10.78 43.90
N GLU L 230 13.79 -9.53 43.43
CA GLU L 230 13.65 -8.40 44.33
C GLU L 230 12.22 -8.29 44.87
N TYR L 231 11.22 -8.52 44.02
CA TYR L 231 9.84 -8.52 44.49
C TYR L 231 9.60 -9.65 45.49
N ILE L 232 10.18 -10.83 45.22
CA ILE L 232 10.01 -11.94 46.15
C ILE L 232 10.69 -11.65 47.48
N ARG L 233 11.83 -10.95 47.45
CA ARG L 233 12.45 -10.49 48.69
C ARG L 233 11.55 -9.52 49.43
N SER L 234 10.96 -8.56 48.71
CA SER L 234 10.03 -7.62 49.34
C SER L 234 8.80 -8.32 49.87
N SER L 235 8.48 -9.51 49.36
CA SER L 235 7.38 -10.30 49.90
C SER L 235 7.70 -10.92 51.25
N LEU L 236 8.93 -10.79 51.75
CA LEU L 236 9.32 -11.39 53.02
C LEU L 236 9.66 -10.31 54.04
N LYS L 237 8.80 -9.29 54.13
CA LYS L 237 9.08 -8.12 54.95
C LYS L 237 9.31 -8.51 56.41
N ARG L 238 8.39 -9.26 57.00
CA ARG L 238 8.50 -9.56 58.42
C ARG L 238 9.65 -10.50 58.71
N TYR L 239 9.92 -11.46 57.82
CA TYR L 239 11.05 -12.35 58.02
C TYR L 239 12.37 -11.57 58.00
N ILE L 240 12.53 -10.69 57.00
CA ILE L 240 13.75 -9.89 56.92
C ILE L 240 13.87 -8.98 58.12
N CYS L 241 12.77 -8.35 58.52
CA CYS L 241 12.79 -7.44 59.66
C CYS L 241 13.21 -8.16 60.94
N TYR L 242 12.64 -9.34 61.18
CA TYR L 242 13.02 -10.07 62.40
C TYR L 242 14.45 -10.58 62.30
N LYS L 243 14.89 -10.98 61.11
CA LYS L 243 16.23 -11.53 60.96
C LYS L 243 17.30 -10.47 61.19
N TYR L 244 17.04 -9.23 60.74
CA TYR L 244 18.05 -8.18 60.85
C TYR L 244 17.80 -7.23 62.02
N ALA L 245 16.61 -6.66 62.12
CA ALA L 245 16.29 -5.76 63.23
C ALA L 245 16.05 -6.61 64.48
N ASN L 246 17.15 -6.93 65.17
CA ASN L 246 17.07 -7.72 66.41
C ASN L 246 16.42 -6.94 67.54
N GLY L 247 16.44 -5.61 67.50
CA GLY L 247 15.83 -4.79 68.52
C GLY L 247 14.32 -4.72 68.40
N ASN L 248 13.72 -3.64 68.88
CA ASN L 248 12.27 -3.52 68.93
C ASN L 248 11.87 -2.58 67.80
N ASN L 249 11.70 -3.17 66.61
CA ASN L 249 11.35 -2.45 65.39
C ASN L 249 12.37 -1.37 65.03
N ILE L 250 13.60 -1.51 65.52
CA ILE L 250 14.68 -0.59 65.23
C ILE L 250 15.64 -1.28 64.27
N LEU L 251 15.90 -0.66 63.13
CA LEU L 251 16.80 -1.22 62.12
C LEU L 251 17.90 -0.24 61.80
N PRO L 252 19.15 -0.52 62.17
CA PRO L 252 20.25 0.37 61.81
C PRO L 252 20.39 0.48 60.29
N ALA L 253 20.64 1.69 59.81
CA ALA L 253 20.66 1.96 58.38
C ALA L 253 21.86 2.82 58.02
N TYR L 254 22.32 2.64 56.79
CA TYR L 254 23.40 3.43 56.18
C TYR L 254 22.93 4.00 54.86
N LEU L 255 21.76 4.66 54.89
CA LEU L 255 21.06 5.07 53.69
C LEU L 255 21.96 5.82 52.71
N PHE L 256 21.67 5.64 51.43
CA PHE L 256 22.43 6.23 50.34
C PHE L 256 21.83 7.57 49.90
N ASP L 257 22.70 8.45 49.43
CA ASP L 257 22.25 9.71 48.85
C ASP L 257 21.58 9.45 47.50
N GLN L 258 20.74 10.41 47.10
CA GLN L 258 20.06 10.31 45.81
C GLN L 258 21.08 10.35 44.67
N GLU L 259 22.11 11.18 44.80
CA GLU L 259 23.12 11.28 43.75
C GLU L 259 23.85 9.96 43.54
N VAL L 260 24.24 9.30 44.63
CA VAL L 260 24.96 8.03 44.51
C VAL L 260 24.06 6.95 43.92
N GLU L 261 22.80 6.90 44.37
CA GLU L 261 21.87 5.92 43.82
C GLU L 261 21.66 6.14 42.33
N GLU L 262 21.50 7.41 41.92
CA GLU L 262 21.32 7.72 40.50
C GLU L 262 22.56 7.36 39.69
N LYS L 263 23.76 7.63 40.24
CA LYS L 263 24.99 7.28 39.54
C LYS L 263 25.12 5.78 39.37
N ILE L 264 24.79 5.01 40.40
CA ILE L 264 24.82 3.55 40.27
C ILE L 264 23.78 3.09 39.24
N ARG L 265 22.57 3.64 39.32
CA ARG L 265 21.50 3.27 38.40
C ARG L 265 21.81 3.69 36.96
N SER L 266 22.71 4.65 36.76
CA SER L 266 22.95 5.19 35.44
C SER L 266 23.54 4.17 34.46
N ARG L 267 24.07 3.04 34.93
CA ARG L 267 24.64 2.04 34.04
C ARG L 267 24.08 0.68 34.40
N VAL L 268 22.85 0.41 33.95
CA VAL L 268 22.24 -0.90 34.21
C VAL L 268 22.80 -1.97 33.26
N ARG L 269 22.87 -1.65 31.96
CA ARG L 269 23.43 -2.54 30.93
C ARG L 269 22.71 -3.90 30.96
N GLN L 270 21.43 -3.84 30.63
CA GLN L 270 20.54 -5.01 30.68
C GLN L 270 20.58 -5.83 29.39
N THR L 271 21.75 -6.39 29.11
CA THR L 271 21.92 -7.18 27.90
C THR L 271 21.59 -8.64 28.23
N SER L 272 21.78 -9.53 27.26
CA SER L 272 21.42 -10.92 27.50
C SER L 272 22.28 -11.47 28.62
N ALA L 273 21.64 -12.22 29.52
CA ALA L 273 22.28 -12.72 30.75
C ALA L 273 23.29 -11.72 31.28
N GLY L 274 22.90 -10.45 31.36
CA GLY L 274 23.79 -9.44 31.89
C GLY L 274 23.30 -8.68 33.10
N SER L 275 23.04 -7.39 32.91
CA SER L 275 22.61 -6.45 33.94
C SER L 275 23.77 -6.03 34.82
N TYR L 276 25.00 -6.22 34.33
CA TYR L 276 26.19 -5.96 35.13
C TYR L 276 26.37 -4.47 35.36
N LEU L 277 26.88 -4.12 36.53
CA LEU L 277 27.09 -2.72 36.92
C LEU L 277 28.55 -2.37 36.64
N ALA L 278 28.82 -1.92 35.42
CA ALA L 278 30.16 -1.48 35.02
C ALA L 278 30.06 -0.02 34.58
N LEU L 279 30.47 0.91 35.46
CA LEU L 279 30.46 2.31 35.07
C LEU L 279 31.84 2.74 34.57
N ASP L 280 32.76 2.95 35.51
CA ASP L 280 34.17 3.19 35.28
C ASP L 280 34.88 2.64 36.51
N PRO L 281 36.00 1.93 36.35
CA PRO L 281 36.70 1.43 37.54
C PRO L 281 37.06 2.53 38.53
N ALA L 282 37.44 3.71 38.03
CA ALA L 282 37.74 4.83 38.91
C ALA L 282 36.50 5.28 39.66
N VAL L 283 35.34 5.29 39.00
CA VAL L 283 34.10 5.72 39.65
C VAL L 283 33.72 4.77 40.77
N THR L 284 33.80 3.45 40.51
CA THR L 284 33.51 2.48 41.56
C THR L 284 34.52 2.58 42.69
N GLU L 285 35.78 2.85 42.37
CA GLU L 285 36.78 3.03 43.42
C GLU L 285 36.43 4.24 44.29
N SER L 286 36.00 5.35 43.66
CA SER L 286 35.65 6.54 44.43
C SER L 286 34.42 6.30 45.30
N LEU L 287 33.41 5.61 44.76
CA LEU L 287 32.21 5.32 45.55
C LEU L 287 32.55 4.40 46.73
N LEU L 288 33.40 3.40 46.49
CA LEU L 288 33.81 2.50 47.56
C LEU L 288 34.63 3.25 48.60
N GLU L 289 35.46 4.19 48.17
CA GLU L 289 36.21 5.02 49.12
C GLU L 289 35.28 5.87 49.97
N GLN L 290 34.26 6.46 49.37
CA GLN L 290 33.29 7.23 50.14
C GLN L 290 32.55 6.36 51.15
N VAL L 291 32.12 5.17 50.72
CA VAL L 291 31.42 4.25 51.62
C VAL L 291 32.33 3.85 52.78
N ARG L 292 33.59 3.55 52.48
CA ARG L 292 34.53 3.18 53.53
C ARG L 292 34.77 4.34 54.48
N LYS L 293 34.86 5.57 53.95
CA LYS L 293 35.08 6.74 54.79
C LYS L 293 33.89 6.98 55.72
N THR L 294 32.67 6.77 55.21
CA THR L 294 31.49 7.00 56.03
C THR L 294 31.34 5.89 57.08
N ILE L 295 31.05 4.67 56.63
CA ILE L 295 30.90 3.51 57.51
C ILE L 295 32.04 3.41 58.52
N SER L 299 34.68 -2.02 63.33
CA SER L 299 33.86 -3.23 63.29
C SER L 299 34.06 -4.06 64.56
N GLN L 300 34.44 -3.39 65.65
CA GLN L 300 34.59 -4.08 66.93
C GLN L 300 33.25 -4.54 67.47
N ILE L 301 32.19 -3.78 67.21
CA ILE L 301 30.88 -4.02 67.79
C ILE L 301 30.06 -4.91 66.84
N GLN L 302 28.99 -5.49 67.37
CA GLN L 302 28.20 -6.56 66.77
C GLN L 302 26.79 -6.05 66.45
N SER L 303 25.89 -7.00 66.15
CA SER L 303 24.47 -6.84 65.85
C SER L 303 24.19 -6.46 64.40
N LYS L 304 25.18 -6.53 63.52
CA LYS L 304 24.99 -6.48 62.07
C LYS L 304 24.16 -5.30 61.56
N PRO L 305 24.71 -4.10 61.53
CA PRO L 305 24.00 -3.00 60.87
C PRO L 305 23.88 -3.29 59.39
N VAL L 306 22.82 -2.78 58.77
CA VAL L 306 22.53 -3.09 57.38
C VAL L 306 22.45 -1.81 56.55
N LEU L 307 22.95 -1.90 55.33
CA LEU L 307 22.82 -0.85 54.34
C LEU L 307 21.44 -0.95 53.69
N ILE L 308 20.76 0.19 53.56
CA ILE L 308 19.43 0.24 52.95
C ILE L 308 19.48 1.18 51.76
N VAL L 309 19.04 0.69 50.60
CA VAL L 309 19.10 1.45 49.36
C VAL L 309 17.84 1.16 48.55
N SER L 310 17.68 1.89 47.46
CA SER L 310 16.52 1.71 46.59
C SER L 310 16.48 0.29 46.05
N MET L 311 15.26 -0.25 45.90
CA MET L 311 15.09 -1.65 45.53
C MET L 311 15.64 -1.93 44.14
N ASP L 312 15.35 -1.05 43.19
CA ASP L 312 15.67 -1.32 41.78
C ASP L 312 17.16 -1.55 41.54
N ILE L 313 18.03 -1.06 42.43
CA ILE L 313 19.46 -1.21 42.30
C ILE L 313 20.08 -1.99 43.44
N ARG L 314 19.25 -2.59 44.31
CA ARG L 314 19.75 -3.20 45.54
C ARG L 314 20.85 -4.21 45.24
N ARG L 315 20.56 -5.18 44.37
CA ARG L 315 21.56 -6.18 44.01
C ARG L 315 22.80 -5.53 43.42
N TYR L 316 22.62 -4.52 42.57
CA TYR L 316 23.77 -3.84 41.99
C TYR L 316 24.66 -3.23 43.07
N VAL L 317 24.05 -2.76 44.16
CA VAL L 317 24.86 -2.26 45.27
C VAL L 317 25.57 -3.41 45.98
N ARG L 318 24.86 -4.52 46.19
CA ARG L 318 25.43 -5.62 46.96
C ARG L 318 26.70 -6.15 46.31
N LYS L 319 26.63 -6.48 45.02
CA LYS L 319 27.81 -6.98 44.32
C LYS L 319 28.91 -5.93 44.25
N LEU L 320 28.57 -4.65 44.44
CA LEU L 320 29.61 -3.63 44.50
C LEU L 320 30.41 -3.72 45.79
N ILE L 321 29.76 -4.08 46.90
CA ILE L 321 30.40 -4.10 48.20
C ILE L 321 30.64 -5.51 48.71
N GLU L 322 30.35 -6.53 47.90
CA GLU L 322 30.57 -7.90 48.35
C GLU L 322 32.06 -8.21 48.50
N SER L 323 32.91 -7.54 47.71
CA SER L 323 34.35 -7.81 47.76
C SER L 323 34.95 -7.42 49.11
N GLU L 324 34.61 -6.23 49.60
CA GLU L 324 35.18 -5.74 50.86
C GLU L 324 34.28 -6.05 52.04
N TYR L 325 33.03 -5.58 52.00
CA TYR L 325 32.09 -5.76 53.11
C TYR L 325 31.19 -6.95 52.79
N TYR L 326 31.75 -8.14 52.93
CA TYR L 326 30.95 -9.36 52.76
C TYR L 326 29.92 -9.52 53.88
N GLY L 327 30.18 -8.94 55.05
CA GLY L 327 29.24 -8.98 56.15
C GLY L 327 27.98 -8.17 55.92
N LEU L 328 28.13 -6.84 55.94
CA LEU L 328 27.07 -5.85 55.76
C LEU L 328 26.06 -6.26 54.69
N PRO L 329 24.83 -6.58 55.06
CA PRO L 329 23.79 -6.88 54.07
C PRO L 329 23.27 -5.62 53.41
N VAL L 330 22.57 -5.82 52.29
CA VAL L 330 21.93 -4.73 51.55
C VAL L 330 20.44 -5.03 51.48
N LEU L 331 19.63 -4.02 51.82
CA LEU L 331 18.19 -4.16 51.89
C LEU L 331 17.51 -3.11 51.03
N SER L 332 16.28 -3.42 50.63
CA SER L 332 15.44 -2.53 49.84
C SER L 332 14.43 -1.82 50.74
N TYR L 333 14.03 -0.63 50.32
CA TYR L 333 12.99 0.10 51.04
C TYR L 333 11.68 -0.69 51.03
N GLN L 334 11.37 -1.33 49.91
CA GLN L 334 10.17 -2.15 49.81
C GLN L 334 10.21 -3.35 50.73
N GLU L 335 11.40 -3.91 50.98
CA GLU L 335 11.53 -5.08 51.85
C GLU L 335 11.18 -4.77 53.31
N LEU L 336 11.07 -3.49 53.68
CA LEU L 336 10.75 -3.12 55.05
C LEU L 336 9.25 -2.95 55.22
N THR L 337 8.69 -3.66 56.20
CA THR L 337 7.30 -3.46 56.58
C THR L 337 7.17 -2.15 57.37
N GLN L 338 5.94 -1.83 57.76
CA GLN L 338 5.72 -0.60 58.51
C GLN L 338 6.08 -0.81 59.98
N GLN L 339 5.61 0.09 60.84
CA GLN L 339 5.98 0.14 62.25
C GLN L 339 7.43 -0.26 62.51
N ILE L 340 8.36 0.36 61.79
CA ILE L 340 9.79 0.15 61.99
C ILE L 340 10.47 1.51 62.13
N ASN L 341 11.28 1.66 63.18
CA ASN L 341 12.04 2.89 63.41
C ASN L 341 13.41 2.73 62.77
N ILE L 342 13.53 3.18 61.52
CA ILE L 342 14.78 3.13 60.79
C ILE L 342 15.70 4.22 61.33
N GLN L 343 16.84 3.81 61.90
CA GLN L 343 17.78 4.76 62.47
C GLN L 343 18.96 4.97 61.55
N PRO L 344 19.13 6.14 60.96
CA PRO L 344 20.26 6.38 60.04
C PRO L 344 21.55 6.57 60.80
N LEU L 345 22.45 5.59 60.69
CA LEU L 345 23.78 5.68 61.30
C LEU L 345 24.67 6.68 60.58
N GLY L 346 24.35 7.02 59.34
CA GLY L 346 25.12 7.97 58.56
C GLY L 346 24.74 7.93 57.10
N ARG L 347 24.71 9.09 56.46
CA ARG L 347 24.34 9.21 55.05
C ARG L 347 25.60 9.07 54.19
N VAL L 348 25.51 8.22 53.17
CA VAL L 348 26.61 8.01 52.23
C VAL L 348 26.63 9.16 51.25
N CYS L 349 27.48 10.16 51.49
CA CYS L 349 27.57 11.30 50.61
C CYS L 349 28.40 10.96 49.38
N LEU L 350 28.43 11.90 48.43
CA LEU L 350 29.19 11.68 47.19
C LEU L 350 30.36 12.65 47.13
N LYS M 4 31.57 -66.83 6.35
CA LYS M 4 31.57 -68.12 5.65
C LYS M 4 30.40 -68.21 4.67
N GLY M 5 29.47 -69.12 4.97
CA GLY M 5 28.33 -69.32 4.10
C GLY M 5 28.76 -69.84 2.75
N ARG M 6 28.32 -69.16 1.69
CA ARG M 6 28.63 -69.55 0.32
C ARG M 6 28.90 -68.27 -0.47
N LEU M 7 28.88 -68.38 -1.80
CA LEU M 7 29.02 -67.23 -2.67
C LEU M 7 27.66 -66.66 -3.07
N GLY M 8 26.69 -66.69 -2.15
CA GLY M 8 25.38 -66.11 -2.37
C GLY M 8 24.98 -65.24 -1.20
N GLU M 9 25.65 -65.44 -0.07
CA GLU M 9 25.48 -64.53 1.06
C GLU M 9 25.98 -63.15 0.67
N GLN M 10 25.32 -62.12 1.19
CA GLN M 10 25.58 -60.78 0.67
C GLN M 10 26.95 -60.28 1.11
N GLU M 11 27.15 -59.99 2.39
CA GLU M 11 28.48 -59.59 2.83
C GLU M 11 28.91 -60.12 4.19
N ALA M 12 27.99 -60.59 5.04
CA ALA M 12 28.30 -60.90 6.44
C ALA M 12 28.94 -59.69 7.12
N PHE M 13 28.16 -58.62 7.21
CA PHE M 13 28.67 -57.34 7.73
C PHE M 13 29.15 -57.47 9.17
N ALA M 14 30.24 -56.79 9.48
CA ALA M 14 30.80 -56.73 10.82
C ALA M 14 31.35 -55.34 11.09
N MET M 15 31.03 -54.78 12.25
CA MET M 15 31.47 -53.44 12.58
C MET M 15 32.95 -53.44 12.96
N THR M 16 33.63 -52.34 12.63
CA THR M 16 35.04 -52.19 12.96
C THR M 16 35.24 -52.04 14.46
N VAL M 17 36.31 -52.64 14.98
CA VAL M 17 36.62 -52.54 16.41
C VAL M 17 37.05 -51.11 16.73
N PRO M 18 36.60 -50.53 17.84
CA PRO M 18 36.96 -49.14 18.15
C PRO M 18 38.44 -48.97 18.50
N LEU M 19 38.94 -49.79 19.42
CA LEU M 19 40.32 -49.68 19.89
C LEU M 19 40.99 -51.05 19.78
N LEU M 20 42.19 -51.07 19.20
CA LEU M 20 42.93 -52.30 19.03
C LEU M 20 44.39 -52.09 19.44
N ILE M 21 44.96 -53.08 20.10
CA ILE M 21 46.38 -53.08 20.45
C ILE M 21 46.97 -54.38 19.90
N ASP M 22 47.88 -54.25 18.92
CA ASP M 22 48.53 -55.39 18.30
C ASP M 22 49.99 -55.42 18.73
N VAL M 23 50.37 -56.47 19.45
CA VAL M 23 51.75 -56.68 19.87
C VAL M 23 52.27 -57.95 19.19
N ASP M 24 53.59 -58.07 19.17
CA ASP M 24 54.22 -59.22 18.54
C ASP M 24 53.91 -60.50 19.32
N SER M 25 54.11 -61.63 18.65
CA SER M 25 53.92 -62.92 19.29
C SER M 25 55.13 -63.23 20.18
N SER M 26 55.20 -64.46 20.66
CA SER M 26 56.18 -64.92 21.65
C SER M 26 56.08 -64.16 22.97
N GLN M 27 55.05 -63.32 23.13
CA GLN M 27 54.69 -62.74 24.42
C GLN M 27 53.22 -62.98 24.73
N GLN M 28 52.60 -63.93 24.03
CA GLN M 28 51.22 -64.31 24.34
C GLN M 28 51.10 -64.81 25.77
N GLU M 29 51.96 -65.74 26.17
CA GLU M 29 51.94 -66.31 27.51
C GLU M 29 53.17 -65.98 28.34
N ALA M 30 54.23 -65.45 27.72
CA ALA M 30 55.40 -65.02 28.48
C ALA M 30 55.16 -63.72 29.25
N LEU M 31 54.29 -62.86 28.73
CA LEU M 31 54.00 -61.57 29.37
C LEU M 31 52.66 -61.55 30.09
N GLU M 32 51.62 -62.11 29.49
CA GLU M 32 50.27 -62.21 30.05
C GLU M 32 50.25 -62.58 31.53
N ALA M 33 51.16 -63.47 31.94
CA ALA M 33 51.25 -63.91 33.33
C ALA M 33 51.37 -62.78 34.34
N ILE M 34 51.71 -61.56 33.93
CA ILE M 34 52.05 -60.55 34.93
C ILE M 34 50.87 -59.64 35.26
N ALA M 35 50.48 -58.77 34.32
CA ALA M 35 49.42 -57.81 34.64
C ALA M 35 48.51 -57.44 33.48
N LEU M 36 48.66 -58.04 32.30
CA LEU M 36 48.12 -57.41 31.10
C LEU M 36 46.60 -57.37 31.07
N ASN M 37 45.93 -58.29 31.77
CA ASN M 37 44.48 -58.24 31.83
C ASN M 37 43.95 -57.37 32.95
N ASP M 38 44.79 -57.00 33.92
CA ASP M 38 44.40 -56.07 34.98
C ASP M 38 45.02 -54.69 34.85
N GLU M 39 46.26 -54.59 34.38
CA GLU M 39 46.92 -53.30 34.26
C GLU M 39 46.21 -52.38 33.27
N LEU M 40 45.76 -52.93 32.14
CA LEU M 40 45.10 -52.12 31.11
C LEU M 40 43.78 -51.55 31.63
N VAL M 41 42.95 -52.39 32.25
CA VAL M 41 41.68 -51.90 32.78
C VAL M 41 41.93 -50.91 33.93
N ARG M 42 42.96 -51.16 34.74
CA ARG M 42 43.28 -50.24 35.82
C ARG M 42 43.66 -48.86 35.29
N VAL M 43 44.54 -48.81 34.29
CA VAL M 43 44.94 -47.50 33.76
C VAL M 43 43.78 -46.82 33.04
N ARG M 44 42.97 -47.59 32.32
CA ARG M 44 41.79 -47.01 31.68
C ARG M 44 40.84 -46.42 32.71
N ARG M 45 40.60 -47.15 33.81
CA ARG M 45 39.72 -46.66 34.86
C ARG M 45 40.28 -45.41 35.51
N ALA M 46 41.59 -45.38 35.75
CA ALA M 46 42.20 -44.19 36.34
C ALA M 46 42.07 -42.99 35.42
N LEU M 47 42.31 -43.18 34.11
CA LEU M 47 42.18 -42.07 33.18
C LEU M 47 40.73 -41.60 33.07
N TYR M 48 39.78 -42.54 33.14
CA TYR M 48 38.37 -42.16 33.15
C TYR M 48 38.03 -41.35 34.40
N LEU M 49 38.51 -41.79 35.56
CA LEU M 49 38.27 -41.04 36.79
C LEU M 49 38.88 -39.64 36.70
N ASP M 50 40.01 -39.52 36.00
CA ASP M 50 40.61 -38.20 35.82
C ASP M 50 39.80 -37.34 34.86
N LEU M 51 39.21 -37.96 33.83
CA LEU M 51 38.51 -37.23 32.77
C LEU M 51 37.01 -37.43 32.79
N GLY M 52 36.54 -38.68 32.82
CA GLY M 52 35.12 -38.96 32.73
C GLY M 52 34.63 -39.39 31.38
N VAL M 53 35.51 -39.49 30.40
CA VAL M 53 35.11 -39.93 29.05
C VAL M 53 34.86 -41.43 29.07
N PRO M 54 33.70 -41.90 28.58
CA PRO M 54 33.45 -43.35 28.56
C PRO M 54 34.25 -44.06 27.49
N PHE M 55 35.50 -44.41 27.82
CA PHE M 55 36.36 -45.07 26.86
C PHE M 55 35.76 -46.43 26.47
N PRO M 56 35.99 -46.89 25.25
CA PRO M 56 35.39 -48.15 24.79
C PRO M 56 36.20 -49.34 25.29
N GLY M 57 35.73 -50.53 24.90
CA GLY M 57 36.48 -51.74 25.22
C GLY M 57 37.74 -51.85 24.41
N ILE M 58 38.75 -52.48 25.00
CA ILE M 58 40.07 -52.62 24.40
C ILE M 58 40.23 -54.06 23.92
N HIS M 59 40.50 -54.23 22.64
CA HIS M 59 40.73 -55.54 22.04
C HIS M 59 42.23 -55.80 21.98
N LEU M 60 42.67 -56.89 22.59
CA LEU M 60 44.08 -57.26 22.65
C LEU M 60 44.29 -58.52 21.83
N ARG M 61 45.21 -58.45 20.86
CA ARG M 61 45.52 -59.57 19.98
C ARG M 61 47.02 -59.71 19.84
N PHE M 62 47.47 -60.95 19.72
CA PHE M 62 48.89 -61.27 19.53
C PHE M 62 49.09 -61.70 18.08
N ASN M 63 49.82 -60.88 17.32
CA ASN M 63 50.08 -61.14 15.91
C ASN M 63 51.54 -61.52 15.72
N GLU M 64 51.77 -62.62 15.01
CA GLU M 64 53.12 -63.10 14.74
C GLU M 64 53.67 -62.49 13.46
N GLU M 70 57.49 -55.11 18.67
CA GLU M 70 56.67 -54.10 18.02
C GLU M 70 55.25 -54.09 18.58
N TYR M 71 54.83 -52.95 19.11
CA TYR M 71 53.49 -52.74 19.61
C TYR M 71 52.86 -51.56 18.88
N LEU M 72 51.60 -51.73 18.48
CA LEU M 72 50.86 -50.66 17.82
C LEU M 72 49.50 -50.51 18.48
N ILE M 73 49.10 -49.26 18.70
CA ILE M 73 47.80 -48.90 19.22
C ILE M 73 47.05 -48.17 18.11
N SER M 74 45.88 -48.70 17.75
CA SER M 74 45.09 -48.21 16.64
C SER M 74 43.69 -47.87 17.10
N LEU M 75 43.18 -46.71 16.68
CA LEU M 75 41.82 -46.30 16.96
C LEU M 75 40.97 -46.52 15.72
N GLN M 76 39.98 -47.41 15.84
CA GLN M 76 39.10 -47.76 14.73
C GLN M 76 39.89 -48.29 13.54
N GLU M 77 40.78 -49.26 13.82
CA GLU M 77 41.57 -49.95 12.80
C GLU M 77 42.41 -48.98 11.96
N VAL M 78 42.94 -47.94 12.60
CA VAL M 78 43.91 -47.05 11.98
C VAL M 78 45.00 -46.83 13.01
N PRO M 79 46.25 -47.20 12.73
CA PRO M 79 47.29 -47.10 13.77
C PRO M 79 47.57 -45.65 14.13
N VAL M 80 47.54 -45.35 15.42
CA VAL M 80 47.79 -44.00 15.91
C VAL M 80 49.07 -43.90 16.74
N ALA M 81 49.58 -45.01 17.27
CA ALA M 81 50.82 -44.96 18.04
C ALA M 81 51.55 -46.29 17.85
N ARG M 82 52.62 -46.28 17.06
CA ARG M 82 53.42 -47.46 16.83
C ARG M 82 54.77 -47.32 17.54
N GLY M 83 55.41 -48.46 17.79
CA GLY M 83 56.75 -48.44 18.32
C GLY M 83 57.34 -49.82 18.47
N GLU M 84 58.61 -49.99 18.10
CA GLU M 84 59.31 -51.25 18.29
C GLU M 84 59.90 -51.22 19.70
N LEU M 85 59.18 -51.78 20.66
CA LEU M 85 59.65 -51.78 22.03
C LEU M 85 60.93 -52.60 22.17
N LYS M 86 61.90 -52.05 22.90
CA LYS M 86 63.05 -52.83 23.33
C LYS M 86 62.65 -53.63 24.57
N ALA M 87 63.64 -54.13 25.31
CA ALA M 87 63.45 -55.09 26.40
C ALA M 87 63.07 -56.46 25.85
N GLY M 88 63.55 -56.78 24.65
CA GLY M 88 63.37 -58.10 24.10
C GLY M 88 63.91 -59.16 25.04
N TYR M 89 65.22 -59.14 25.26
CA TYR M 89 65.79 -60.04 26.26
C TYR M 89 65.32 -59.67 27.65
N LEU M 90 65.84 -58.57 28.20
CA LEU M 90 65.39 -58.08 29.51
C LEU M 90 65.44 -56.56 29.68
N LEU M 91 65.81 -55.79 28.67
CA LEU M 91 66.29 -54.42 28.87
C LEU M 91 65.15 -53.45 29.16
N VAL M 92 64.79 -53.33 30.45
CA VAL M 92 63.79 -52.34 30.85
C VAL M 92 64.30 -50.92 30.59
N ARG M 93 63.38 -49.97 30.50
CA ARG M 93 63.69 -48.62 30.07
C ARG M 93 63.77 -47.65 31.25
N GLU M 94 64.39 -46.49 30.98
CA GLU M 94 64.50 -45.40 31.93
C GLU M 94 64.08 -44.11 31.24
N SER M 95 63.30 -43.29 31.95
CA SER M 95 62.79 -42.06 31.35
C SER M 95 63.78 -40.91 31.47
N VAL M 96 64.48 -40.81 32.60
CA VAL M 96 65.44 -39.74 32.80
C VAL M 96 66.83 -40.31 33.10
N LEU M 99 72.48 -33.74 33.10
CA LEU M 99 73.01 -34.96 32.47
C LEU M 99 73.34 -36.01 33.51
N GLU M 100 72.33 -36.44 34.27
CA GLU M 100 72.55 -37.48 35.28
C GLU M 100 72.82 -38.84 34.66
N LEU M 101 72.56 -39.00 33.36
CA LEU M 101 72.78 -40.28 32.71
C LEU M 101 74.27 -40.59 32.59
N LEU M 102 75.10 -39.56 32.36
CA LEU M 102 76.53 -39.77 32.21
C LEU M 102 77.16 -40.30 33.50
N GLY M 103 76.75 -39.76 34.65
CA GLY M 103 77.27 -40.24 35.92
C GLY M 103 76.88 -41.68 36.21
N ILE M 104 75.69 -42.10 35.80
CA ILE M 104 75.24 -43.48 36.03
C ILE M 104 76.07 -44.42 35.17
N PRO M 105 76.64 -45.49 35.75
CA PRO M 105 77.42 -46.48 34.98
C PRO M 105 76.54 -47.33 34.07
N THR M 118 68.06 -41.53 28.25
CA THR M 118 66.74 -42.12 28.09
C THR M 118 66.78 -43.26 27.07
N PHE M 119 67.16 -44.44 27.53
CA PHE M 119 67.14 -45.64 26.68
C PHE M 119 66.90 -46.85 27.58
N TRP M 120 67.17 -48.04 27.05
CA TRP M 120 66.84 -49.30 27.70
C TRP M 120 68.11 -49.91 28.30
N VAL M 121 68.01 -50.39 29.54
CA VAL M 121 69.13 -51.00 30.26
C VAL M 121 68.68 -52.35 30.81
N SER M 122 69.66 -53.23 31.03
CA SER M 122 69.37 -54.59 31.46
C SER M 122 68.97 -54.64 32.93
N VAL M 123 68.42 -55.79 33.32
CA VAL M 123 67.92 -55.98 34.69
C VAL M 123 69.02 -56.21 35.71
N GLU M 124 70.23 -56.61 35.27
CA GLU M 124 71.31 -56.73 36.24
C GLU M 124 71.71 -55.36 36.78
N TYR M 125 71.59 -54.32 35.97
CA TYR M 125 71.77 -52.95 36.43
C TYR M 125 70.53 -52.40 37.12
N GLU M 126 69.41 -53.12 37.05
CA GLU M 126 68.15 -52.62 37.59
C GLU M 126 68.21 -52.44 39.10
N GLU M 127 68.86 -53.36 39.80
CA GLU M 127 68.92 -53.28 41.26
C GLU M 127 69.66 -52.02 41.71
N ARG M 128 70.87 -51.80 41.18
CA ARG M 128 71.65 -50.66 41.60
C ARG M 128 71.06 -49.34 41.11
N LEU M 129 70.37 -49.37 39.96
CA LEU M 129 69.73 -48.15 39.47
C LEU M 129 68.46 -47.81 40.26
N GLU M 130 67.71 -48.83 40.72
CA GLU M 130 66.57 -48.57 41.58
C GLU M 130 67.01 -48.21 42.99
N LYS M 131 68.23 -48.58 43.39
CA LYS M 131 68.80 -48.00 44.60
C LYS M 131 68.99 -46.50 44.44
N SER M 132 69.20 -46.04 43.20
CA SER M 132 69.23 -44.62 42.90
C SER M 132 67.85 -44.02 42.71
N GLN M 133 66.79 -44.85 42.77
CA GLN M 133 65.41 -44.39 42.79
C GLN M 133 65.04 -43.63 41.52
N LEU M 134 65.14 -44.32 40.38
CA LEU M 134 64.71 -43.75 39.11
C LEU M 134 63.40 -44.37 38.66
N GLU M 135 62.85 -43.83 37.58
CA GLU M 135 61.56 -44.28 37.06
C GLU M 135 61.76 -45.54 36.23
N PHE M 136 61.18 -46.65 36.69
CA PHE M 136 61.37 -47.97 36.08
C PHE M 136 60.08 -48.40 35.42
N PHE M 137 59.97 -48.20 34.11
CA PHE M 137 58.80 -48.61 33.34
C PHE M 137 59.06 -50.01 32.79
N SER M 138 58.27 -50.99 33.25
CA SER M 138 58.35 -52.35 32.75
C SER M 138 57.55 -52.44 31.45
N HIS M 139 57.40 -53.67 30.93
CA HIS M 139 56.64 -53.85 29.69
C HIS M 139 55.20 -53.39 29.87
N SER M 140 54.56 -53.84 30.95
CA SER M 140 53.20 -53.39 31.22
C SER M 140 53.15 -51.89 31.44
N GLN M 141 54.14 -51.35 32.17
CA GLN M 141 54.14 -49.93 32.46
C GLN M 141 54.30 -49.08 31.20
N VAL M 142 55.22 -49.47 30.30
CA VAL M 142 55.40 -48.68 29.08
C VAL M 142 54.18 -48.82 28.16
N LEU M 143 53.62 -50.03 28.08
CA LEU M 143 52.44 -50.23 27.25
C LEU M 143 51.27 -49.38 27.76
N THR M 144 51.05 -49.38 29.08
CA THR M 144 49.96 -48.58 29.64
C THR M 144 50.26 -47.09 29.54
N TRP M 145 51.53 -46.69 29.59
CA TRP M 145 51.87 -45.29 29.40
C TRP M 145 51.50 -44.83 27.99
N HIS M 146 51.85 -45.64 26.99
CA HIS M 146 51.47 -45.32 25.62
C HIS M 146 49.94 -45.33 25.45
N LEU M 147 49.27 -46.29 26.07
CA LEU M 147 47.81 -46.34 26.01
C LEU M 147 47.18 -45.09 26.62
N SER M 148 47.70 -44.66 27.77
CA SER M 148 47.18 -43.47 28.43
C SER M 148 47.42 -42.22 27.59
N HIS M 149 48.60 -42.13 26.98
CA HIS M 149 48.88 -40.99 26.11
C HIS M 149 47.94 -40.97 24.91
N VAL M 150 47.67 -42.14 24.32
CA VAL M 150 46.77 -42.23 23.17
C VAL M 150 45.37 -41.80 23.59
N LEU M 151 44.88 -42.31 24.72
CA LEU M 151 43.53 -41.96 25.17
C LEU M 151 43.41 -40.48 25.51
N ARG M 152 44.45 -39.91 26.13
CA ARG M 152 44.40 -38.52 26.53
C ARG M 152 44.43 -37.58 25.32
N GLU M 153 45.29 -37.87 24.33
CA GLU M 153 45.40 -36.96 23.19
C GLU M 153 44.32 -37.20 22.14
N TYR M 154 43.55 -38.29 22.22
CA TYR M 154 42.50 -38.57 21.24
C TYR M 154 41.17 -38.87 21.91
N ALA M 155 40.90 -38.22 23.06
CA ALA M 155 39.65 -38.49 23.77
C ALA M 155 38.44 -37.92 23.03
N GLU M 156 38.63 -36.89 22.21
CA GLU M 156 37.49 -36.31 21.50
C GLU M 156 36.82 -37.32 20.58
N ASP M 157 37.58 -38.30 20.07
CA ASP M 157 37.00 -39.31 19.20
C ASP M 157 36.21 -40.37 19.96
N PHE M 158 36.26 -40.37 21.29
CA PHE M 158 35.50 -41.32 22.09
C PHE M 158 34.19 -40.73 22.61
N ILE M 159 33.85 -39.51 22.22
CA ILE M 159 32.60 -38.87 22.66
C ILE M 159 31.70 -38.70 21.45
N GLY M 160 30.82 -39.67 21.23
CA GLY M 160 29.83 -39.60 20.18
C GLY M 160 28.44 -39.34 20.72
N ILE M 161 27.48 -39.34 19.80
CA ILE M 161 26.09 -39.19 20.20
C ILE M 161 25.66 -40.36 21.08
N GLN M 162 26.09 -41.57 20.72
CA GLN M 162 25.74 -42.74 21.52
C GLN M 162 26.33 -42.65 22.93
N GLU M 163 27.57 -42.17 23.05
CA GLU M 163 28.19 -42.07 24.38
C GLU M 163 27.45 -41.05 25.25
N THR M 164 27.12 -39.89 24.70
CA THR M 164 26.39 -38.89 25.47
C THR M 164 24.99 -39.40 25.84
N ARG M 165 24.34 -40.11 24.93
CA ARG M 165 23.03 -40.68 25.23
C ARG M 165 23.13 -41.71 26.35
N TYR M 166 24.19 -42.53 26.33
CA TYR M 166 24.41 -43.47 27.42
C TYR M 166 24.63 -42.77 28.75
N LEU M 167 25.41 -41.68 28.73
CA LEU M 167 25.62 -40.91 29.95
C LEU M 167 24.31 -40.34 30.47
N LEU M 168 23.47 -39.81 29.58
CA LEU M 168 22.18 -39.28 30.00
C LEU M 168 21.28 -40.38 30.56
N GLU M 169 21.26 -41.54 29.91
CA GLU M 169 20.43 -42.65 30.38
C GLU M 169 20.92 -43.19 31.71
N GLN M 170 22.23 -43.12 31.97
CA GLN M 170 22.76 -43.59 33.24
C GLN M 170 22.39 -42.67 34.39
N MET M 171 22.14 -41.39 34.10
CA MET M 171 21.79 -40.41 35.13
C MET M 171 20.29 -40.15 35.20
N GLU M 172 19.47 -40.92 34.48
CA GLU M 172 18.04 -40.71 34.52
C GLU M 172 17.47 -40.96 35.92
N GLY M 173 17.93 -42.01 36.58
CA GLY M 173 17.47 -42.27 37.94
C GLY M 173 17.91 -41.20 38.92
N GLY M 174 19.13 -40.70 38.77
CA GLY M 174 19.66 -39.68 39.65
C GLY M 174 18.99 -38.33 39.47
N TYR M 175 19.17 -37.72 38.31
CA TYR M 175 18.64 -36.39 38.01
C TYR M 175 17.81 -36.50 36.73
N GLY M 176 16.54 -36.84 36.88
CA GLY M 176 15.66 -37.00 35.74
C GLY M 176 15.21 -35.69 35.13
N GLU M 177 14.64 -34.82 35.96
CA GLU M 177 14.10 -33.55 35.47
C GLU M 177 15.19 -32.65 34.91
N LEU M 178 16.39 -32.69 35.50
CA LEU M 178 17.50 -31.91 34.96
C LEU M 178 17.81 -32.35 33.53
N ILE M 179 17.85 -33.67 33.30
CA ILE M 179 18.09 -34.18 31.95
C ILE M 179 16.96 -33.80 31.02
N LYS M 180 15.71 -33.90 31.49
CA LYS M 180 14.58 -33.55 30.64
C LYS M 180 14.61 -32.08 30.24
N GLU M 181 15.06 -31.22 31.14
CA GLU M 181 15.17 -29.80 30.81
C GLU M 181 16.33 -29.54 29.86
N VAL M 182 17.49 -30.14 30.12
CA VAL M 182 18.65 -29.87 29.27
C VAL M 182 18.43 -30.42 27.87
N GLN M 183 17.68 -31.52 27.73
CA GLN M 183 17.35 -32.02 26.40
C GLN M 183 16.46 -31.06 25.65
N ARG M 184 15.48 -30.45 26.34
CA ARG M 184 14.60 -29.50 25.67
C ARG M 184 15.30 -28.18 25.39
N ILE M 185 16.40 -27.89 26.09
CA ILE M 185 17.10 -26.63 25.88
C ILE M 185 18.11 -26.72 24.74
N VAL M 186 18.92 -27.77 24.72
CA VAL M 186 19.94 -27.92 23.68
C VAL M 186 19.82 -29.28 23.02
N PRO M 187 20.16 -29.42 21.75
CA PRO M 187 20.06 -30.72 21.08
C PRO M 187 21.25 -31.61 21.41
N LEU M 188 21.18 -32.86 20.92
CA LEU M 188 22.25 -33.81 21.17
C LEU M 188 23.55 -33.39 20.50
N GLN M 189 23.46 -32.85 19.28
CA GLN M 189 24.66 -32.48 18.55
C GLN M 189 25.44 -31.38 19.28
N ARG M 190 24.73 -30.33 19.70
CA ARG M 190 25.38 -29.23 20.41
C ARG M 190 25.97 -29.72 21.73
N MET M 191 25.23 -30.55 22.46
CA MET M 191 25.69 -31.06 23.74
C MET M 191 26.95 -31.90 23.58
N THR M 192 26.95 -32.80 22.59
CA THR M 192 28.13 -33.64 22.35
C THR M 192 29.33 -32.81 21.90
N GLU M 193 29.10 -31.81 21.05
CA GLU M 193 30.19 -30.94 20.62
C GLU M 193 30.76 -30.17 21.80
N ILE M 194 29.90 -29.69 22.70
CA ILE M 194 30.36 -28.99 23.89
C ILE M 194 31.20 -29.91 24.77
N LEU M 195 30.74 -31.15 24.96
CA LEU M 195 31.51 -32.11 25.76
C LEU M 195 32.86 -32.39 25.12
N GLN M 196 32.89 -32.55 23.80
CA GLN M 196 34.16 -32.78 23.11
C GLN M 196 35.10 -31.60 23.28
N ARG M 197 34.58 -30.38 23.15
CA ARG M 197 35.42 -29.20 23.33
C ARG M 197 35.93 -29.09 24.76
N LEU M 198 35.09 -29.45 25.74
CA LEU M 198 35.52 -29.44 27.14
C LEU M 198 36.66 -30.43 27.36
N VAL M 199 36.51 -31.65 26.83
CA VAL M 199 37.56 -32.65 27.02
C VAL M 199 38.82 -32.27 26.27
N GLY M 200 38.68 -31.58 25.13
CA GLY M 200 39.84 -31.14 24.37
C GLY M 200 40.75 -30.21 25.14
N GLU M 201 40.26 -29.59 26.21
CA GLU M 201 41.06 -28.74 27.08
C GLU M 201 41.43 -29.44 28.37
N ASP M 202 41.30 -30.78 28.41
CA ASP M 202 41.61 -31.59 29.60
C ASP M 202 40.72 -31.23 30.79
N ILE M 203 39.51 -30.74 30.51
CA ILE M 203 38.52 -30.46 31.55
C ILE M 203 37.66 -31.70 31.74
N SER M 204 37.54 -32.15 32.98
CA SER M 204 36.88 -33.42 33.24
C SER M 204 35.38 -33.33 33.07
N ILE M 205 34.81 -34.32 32.39
CA ILE M 205 33.36 -34.45 32.30
C ILE M 205 32.77 -35.02 33.59
N ARG M 206 33.59 -35.71 34.40
CA ARG M 206 33.13 -36.47 35.55
C ARG M 206 32.05 -35.77 36.37
N ASN M 207 32.24 -34.48 36.66
CA ASN M 207 31.26 -33.71 37.43
C ASN M 207 30.18 -33.20 36.47
N MET M 208 29.25 -34.10 36.14
CA MET M 208 28.23 -33.81 35.15
C MET M 208 27.11 -32.92 35.68
N ARG M 209 26.89 -32.88 37.00
CA ARG M 209 25.79 -32.11 37.55
C ARG M 209 25.95 -30.62 37.25
N SER M 210 27.10 -30.06 37.58
CA SER M 210 27.33 -28.65 37.33
C SER M 210 27.33 -28.34 35.84
N ILE M 211 27.87 -29.27 35.03
CA ILE M 211 27.87 -29.06 33.58
C ILE M 211 26.44 -28.99 33.05
N LEU M 212 25.57 -29.89 33.50
CA LEU M 212 24.17 -29.87 33.05
C LEU M 212 23.45 -28.63 33.54
N GLU M 213 23.73 -28.20 34.78
CA GLU M 213 23.10 -26.98 35.28
C GLU M 213 23.53 -25.76 34.46
N ALA M 214 24.82 -25.67 34.14
CA ALA M 214 25.30 -24.57 33.30
C ALA M 214 24.69 -24.64 31.90
N MET M 215 24.56 -25.85 31.36
CA MET M 215 23.93 -26.03 30.06
C MET M 215 22.50 -25.53 30.08
N VAL M 216 21.76 -25.86 31.14
CA VAL M 216 20.37 -25.39 31.28
C VAL M 216 20.34 -23.87 31.38
N GLU M 217 21.22 -23.30 32.19
CA GLU M 217 21.17 -21.86 32.45
C GLU M 217 21.54 -21.06 31.20
N TRP M 218 22.53 -21.51 30.43
CA TRP M 218 23.08 -20.71 29.36
C TRP M 218 22.69 -21.16 27.95
N GLY M 219 22.02 -22.31 27.80
CA GLY M 219 21.68 -22.78 26.47
C GLY M 219 20.54 -22.01 25.80
N GLN M 220 19.65 -21.43 26.60
CA GLN M 220 18.56 -20.64 26.05
C GLN M 220 19.00 -19.24 25.64
N LYS M 221 20.13 -18.77 26.14
CA LYS M 221 20.60 -17.41 25.92
C LYS M 221 21.61 -17.30 24.79
N GLU M 222 22.54 -18.25 24.69
CA GLU M 222 23.58 -18.24 23.68
C GLU M 222 23.40 -19.42 22.74
N LYS M 223 23.55 -19.17 21.44
CA LYS M 223 23.44 -20.22 20.43
C LYS M 223 24.77 -20.60 19.80
N ASP M 224 25.76 -19.72 19.83
CA ASP M 224 27.09 -20.07 19.32
C ASP M 224 27.74 -21.10 20.23
N VAL M 225 28.35 -22.12 19.64
CA VAL M 225 28.93 -23.20 20.43
C VAL M 225 30.12 -22.68 21.23
N VAL M 226 30.92 -21.79 20.64
CA VAL M 226 32.12 -21.29 21.32
C VAL M 226 31.74 -20.53 22.58
N GLN M 227 30.80 -19.59 22.46
CA GLN M 227 30.40 -18.78 23.61
C GLN M 227 29.74 -19.65 24.68
N LEU M 228 28.90 -20.60 24.26
CA LEU M 228 28.24 -21.47 25.22
C LEU M 228 29.24 -22.33 25.99
N THR M 229 30.23 -22.89 25.28
CA THR M 229 31.21 -23.71 25.96
C THR M 229 32.14 -22.85 26.82
N GLU M 230 32.38 -21.60 26.43
CA GLU M 230 33.14 -20.70 27.30
C GLU M 230 32.37 -20.41 28.59
N TYR M 231 31.06 -20.21 28.49
CA TYR M 231 30.26 -20.03 29.70
C TYR M 231 30.28 -21.28 30.57
N ILE M 232 30.19 -22.45 29.94
CA ILE M 232 30.22 -23.69 30.71
C ILE M 232 31.57 -23.89 31.39
N ARG M 233 32.66 -23.49 30.71
CA ARG M 233 33.97 -23.50 31.34
C ARG M 233 34.00 -22.55 32.53
N SER M 234 33.47 -21.34 32.36
CA SER M 234 33.41 -20.38 33.47
C SER M 234 32.56 -20.90 34.61
N SER M 235 31.65 -21.83 34.34
CA SER M 235 30.88 -22.46 35.41
C SER M 235 31.69 -23.42 36.25
N LEU M 236 32.94 -23.70 35.87
CA LEU M 236 33.78 -24.65 36.60
C LEU M 236 34.98 -23.94 37.22
N LYS M 237 34.73 -22.79 37.85
CA LYS M 237 35.80 -21.95 38.37
C LYS M 237 36.68 -22.70 39.35
N ARG M 238 36.07 -23.33 40.36
CA ARG M 238 36.86 -23.97 41.40
C ARG M 238 37.57 -25.21 40.89
N TYR M 239 36.93 -25.96 39.98
CA TYR M 239 37.61 -27.12 39.39
C TYR M 239 38.84 -26.69 38.61
N ILE M 240 38.72 -25.66 37.77
CA ILE M 240 39.86 -25.19 37.00
C ILE M 240 40.95 -24.67 37.93
N CYS M 241 40.56 -23.92 38.96
CA CYS M 241 41.54 -23.37 39.89
C CYS M 241 42.32 -24.48 40.60
N TYR M 242 41.62 -25.52 41.06
CA TYR M 242 42.32 -26.60 41.75
C TYR M 242 43.18 -27.39 40.77
N LYS M 243 42.71 -27.57 39.54
CA LYS M 243 43.46 -28.36 38.56
C LYS M 243 44.74 -27.66 38.15
N TYR M 244 44.71 -26.33 38.00
CA TYR M 244 45.85 -25.60 37.47
C TYR M 244 46.68 -24.89 38.53
N ALA M 245 46.04 -24.18 39.46
CA ALA M 245 46.79 -23.44 40.47
C ALA M 245 47.36 -24.39 41.51
N ASN M 246 48.57 -24.07 41.98
CA ASN M 246 49.24 -24.81 43.03
C ASN M 246 48.51 -24.56 44.36
N GLY M 247 49.09 -25.01 45.46
CA GLY M 247 48.46 -24.80 46.74
C GLY M 247 48.59 -23.35 47.18
N ASN M 248 47.74 -22.97 48.14
CA ASN M 248 47.61 -21.58 48.56
C ASN M 248 47.18 -20.70 47.39
N ASN M 249 46.28 -21.23 46.58
CA ASN M 249 45.72 -20.61 45.38
C ASN M 249 46.67 -19.67 44.63
N ILE M 250 47.85 -20.17 44.25
CA ILE M 250 48.81 -19.41 43.48
C ILE M 250 48.75 -19.94 42.04
N LEU M 251 48.51 -19.06 41.09
CA LEU M 251 48.40 -19.44 39.68
C LEU M 251 49.37 -18.65 38.82
N PRO M 252 50.42 -19.27 38.29
CA PRO M 252 51.31 -18.57 37.36
C PRO M 252 50.56 -18.14 36.11
N ALA M 253 50.83 -16.93 35.65
CA ALA M 253 50.10 -16.35 34.54
C ALA M 253 51.05 -15.71 33.53
N TYR M 254 50.60 -15.68 32.28
CA TYR M 254 51.29 -15.05 31.16
C TYR M 254 50.34 -14.10 30.45
N LEU M 255 49.69 -13.23 31.24
CA LEU M 255 48.59 -12.39 30.79
C LEU M 255 48.95 -11.63 29.51
N PHE M 256 47.92 -11.41 28.68
CA PHE M 256 48.08 -10.71 27.42
C PHE M 256 47.78 -9.22 27.59
N ASP M 257 48.45 -8.41 26.80
CA ASP M 257 48.17 -6.97 26.76
C ASP M 257 46.83 -6.71 26.07
N GLN M 258 46.25 -5.56 26.38
CA GLN M 258 44.96 -5.19 25.78
C GLN M 258 45.06 -5.03 24.28
N GLU M 259 46.17 -4.47 23.79
CA GLU M 259 46.33 -4.24 22.35
C GLU M 259 46.34 -5.57 21.60
N VAL M 260 47.06 -6.56 22.11
CA VAL M 260 47.12 -7.86 21.46
C VAL M 260 45.76 -8.54 21.48
N GLU M 261 45.05 -8.44 22.61
CA GLU M 261 43.71 -9.03 22.69
C GLU M 261 42.77 -8.40 21.68
N GLU M 262 42.82 -7.07 21.55
CA GLU M 262 41.96 -6.40 20.57
C GLU M 262 42.33 -6.79 19.15
N LYS M 263 43.64 -6.90 18.86
CA LYS M 263 44.06 -7.30 17.52
C LYS M 263 43.58 -8.71 17.20
N ILE M 264 43.65 -9.63 18.17
CA ILE M 264 43.15 -10.98 17.96
C ILE M 264 41.65 -10.97 17.72
N ARG M 265 40.91 -10.21 18.54
CA ARG M 265 39.46 -10.13 18.38
C ARG M 265 39.06 -9.48 17.07
N SER M 266 39.93 -8.67 16.47
CA SER M 266 39.59 -7.94 15.26
C SER M 266 39.34 -8.84 14.06
N ARG M 267 39.69 -10.12 14.12
CA ARG M 267 39.53 -11.04 12.99
C ARG M 267 38.84 -12.32 13.44
N VAL M 268 37.70 -12.17 14.11
CA VAL M 268 36.96 -13.35 14.56
C VAL M 268 36.35 -14.10 13.38
N ARG M 269 35.76 -13.39 12.43
CA ARG M 269 35.23 -13.96 11.19
C ARG M 269 34.21 -15.07 11.50
N GLN M 270 33.09 -14.63 12.09
CA GLN M 270 32.04 -15.52 12.57
C GLN M 270 31.06 -15.91 11.46
N THR M 271 31.59 -16.60 10.45
CA THR M 271 30.80 -16.99 9.30
C THR M 271 30.19 -18.36 9.54
N SER M 272 29.36 -18.82 8.60
CA SER M 272 28.65 -20.08 8.80
C SER M 272 29.66 -21.22 8.96
N ALA M 273 29.37 -22.11 9.91
CA ALA M 273 30.27 -23.18 10.32
C ALA M 273 31.72 -22.73 10.25
N GLY M 274 31.98 -21.53 10.78
CA GLY M 274 33.33 -21.00 10.82
C GLY M 274 33.81 -20.51 12.16
N SER M 275 34.07 -19.19 12.22
CA SER M 275 34.58 -18.45 13.36
C SER M 275 36.09 -18.70 13.49
N TYR M 276 36.75 -18.90 12.35
CA TYR M 276 38.18 -19.18 12.33
C TYR M 276 38.97 -17.90 12.61
N LEU M 277 40.10 -18.04 13.28
CA LEU M 277 40.93 -16.88 13.60
C LEU M 277 42.05 -16.84 12.56
N ALA M 278 41.76 -16.19 11.44
CA ALA M 278 42.74 -15.98 10.37
C ALA M 278 42.88 -14.47 10.16
N LEU M 279 43.97 -13.89 10.66
CA LEU M 279 44.18 -12.46 10.47
C LEU M 279 45.05 -12.20 9.26
N ASP M 280 46.36 -12.41 9.41
CA ASP M 280 47.35 -12.39 8.37
C ASP M 280 48.43 -13.35 8.85
N PRO M 281 48.97 -14.20 7.97
CA PRO M 281 50.05 -15.11 8.42
C PRO M 281 51.21 -14.36 9.05
N ALA M 282 51.56 -13.18 8.51
CA ALA M 282 52.61 -12.37 9.09
C ALA M 282 52.22 -11.87 10.48
N VAL M 283 50.95 -11.49 10.67
CA VAL M 283 50.51 -10.99 11.96
C VAL M 283 50.57 -12.08 13.01
N THR M 284 50.09 -13.28 12.68
CA THR M 284 50.18 -14.40 13.63
C THR M 284 51.64 -14.78 13.90
N GLU M 285 52.50 -14.70 12.87
CA GLU M 285 53.91 -14.95 13.10
C GLU M 285 54.51 -13.95 14.07
N SER M 286 54.16 -12.66 13.91
CA SER M 286 54.67 -11.63 14.80
C SER M 286 54.16 -11.83 16.22
N LEU M 287 52.87 -12.18 16.38
CA LEU M 287 52.32 -12.42 17.71
C LEU M 287 53.00 -13.62 18.37
N LEU M 288 53.24 -14.68 17.60
CA LEU M 288 53.92 -15.84 18.13
C LEU M 288 55.35 -15.51 18.52
N GLU M 289 56.01 -14.65 17.74
CA GLU M 289 57.35 -14.20 18.09
C GLU M 289 57.35 -13.40 19.39
N GLN M 290 56.36 -12.53 19.57
CA GLN M 290 56.27 -11.77 20.82
C GLN M 290 56.02 -12.69 22.00
N VAL M 291 55.15 -13.68 21.84
CA VAL M 291 54.88 -14.64 22.91
C VAL M 291 56.15 -15.41 23.26
N ARG M 292 56.90 -15.84 22.24
CA ARG M 292 58.14 -16.56 22.45
C ARG M 292 59.16 -15.68 23.18
N LYS M 293 59.23 -14.40 22.81
CA LYS M 293 60.15 -13.49 23.47
C LYS M 293 59.79 -13.30 24.94
N THR M 294 58.50 -13.20 25.24
CA THR M 294 58.06 -13.01 26.61
C THR M 294 58.21 -14.29 27.42
N ILE M 295 57.43 -15.31 27.09
CA ILE M 295 57.48 -16.61 27.77
C ILE M 295 58.92 -17.11 27.94
N GLN M 302 58.44 -24.93 36.35
CA GLN M 302 57.47 -25.99 36.62
C GLN M 302 56.13 -25.40 37.05
N SER M 303 55.39 -26.14 37.87
CA SER M 303 54.09 -25.76 38.42
C SER M 303 53.04 -25.51 37.36
N LYS M 304 53.32 -25.84 36.09
CA LYS M 304 52.39 -25.69 34.98
C LYS M 304 51.81 -24.29 34.91
N PRO M 305 52.57 -23.30 34.43
CA PRO M 305 52.01 -21.97 34.25
C PRO M 305 50.94 -21.99 33.18
N VAL M 306 49.96 -21.10 33.32
CA VAL M 306 48.81 -21.04 32.42
C VAL M 306 48.70 -19.64 31.83
N LEU M 307 48.28 -19.57 30.58
CA LEU M 307 47.98 -18.31 29.93
C LEU M 307 46.57 -17.87 30.32
N ILE M 308 46.40 -16.61 30.70
CA ILE M 308 45.10 -16.06 31.06
C ILE M 308 44.81 -14.88 30.16
N VAL M 309 43.67 -14.93 29.47
CA VAL M 309 43.29 -13.93 28.48
C VAL M 309 41.79 -13.71 28.59
N SER M 310 41.30 -12.72 27.84
CA SER M 310 39.88 -12.42 27.83
C SER M 310 39.09 -13.63 27.33
N MET M 311 37.91 -13.84 27.92
CA MET M 311 37.13 -15.04 27.64
C MET M 311 36.70 -15.12 26.19
N ASP M 312 36.22 -14.00 25.63
CA ASP M 312 35.60 -14.02 24.32
C ASP M 312 36.54 -14.51 23.23
N ILE M 313 37.85 -14.44 23.44
CA ILE M 313 38.83 -14.87 22.46
C ILE M 313 39.70 -16.01 22.98
N ARG M 314 39.36 -16.58 24.14
CA ARG M 314 40.26 -17.54 24.78
C ARG M 314 40.60 -18.70 23.84
N ARG M 315 39.58 -19.36 23.31
CA ARG M 315 39.83 -20.46 22.37
C ARG M 315 40.62 -19.98 21.17
N TYR M 316 40.27 -18.80 20.64
CA TYR M 316 41.00 -18.26 19.50
C TYR M 316 42.47 -18.08 19.83
N VAL M 317 42.78 -17.70 21.07
CA VAL M 317 44.17 -17.60 21.48
C VAL M 317 44.79 -18.99 21.60
N ARG M 318 44.04 -19.94 22.17
CA ARG M 318 44.59 -21.26 22.46
C ARG M 318 45.08 -21.94 21.18
N LYS M 319 44.21 -22.03 20.17
CA LYS M 319 44.62 -22.66 18.92
C LYS M 319 45.72 -21.87 18.22
N LEU M 320 45.90 -20.60 18.57
CA LEU M 320 47.03 -19.85 18.02
C LEU M 320 48.35 -20.35 18.58
N ILE M 321 48.37 -20.78 19.84
CA ILE M 321 49.60 -21.25 20.49
C ILE M 321 49.60 -22.75 20.67
N GLU M 322 48.58 -23.45 20.15
CA GLU M 322 48.53 -24.90 20.28
C GLU M 322 49.65 -25.57 19.49
N SER M 323 50.11 -24.93 18.41
CA SER M 323 51.16 -25.52 17.58
C SER M 323 52.47 -25.64 18.35
N GLU M 324 52.87 -24.59 19.05
CA GLU M 324 54.14 -24.58 19.76
C GLU M 324 53.99 -25.01 21.22
N TYR M 325 53.16 -24.28 21.97
CA TYR M 325 52.98 -24.55 23.40
C TYR M 325 51.74 -25.41 23.59
N TYR M 326 51.87 -26.69 23.26
CA TYR M 326 50.80 -27.64 23.51
C TYR M 326 50.58 -27.87 25.00
N GLY M 327 51.62 -27.66 25.81
CA GLY M 327 51.52 -27.76 27.25
C GLY M 327 50.70 -26.64 27.87
N LEU M 328 51.26 -25.43 27.88
CA LEU M 328 50.69 -24.21 28.42
C LEU M 328 49.19 -24.11 28.17
N PRO M 329 48.37 -24.19 29.22
CA PRO M 329 46.93 -24.00 29.04
C PRO M 329 46.57 -22.53 28.88
N VAL M 330 45.36 -22.30 28.39
CA VAL M 330 44.82 -20.95 28.23
C VAL M 330 43.54 -20.86 29.06
N LEU M 331 43.44 -19.80 29.87
CA LEU M 331 42.32 -19.61 30.77
C LEU M 331 41.65 -18.26 30.55
N SER M 332 40.39 -18.19 30.94
CA SER M 332 39.58 -16.98 30.85
C SER M 332 39.54 -16.26 32.18
N TYR M 333 39.37 -14.94 32.13
CA TYR M 333 39.22 -14.16 33.35
C TYR M 333 37.96 -14.60 34.12
N GLN M 334 36.89 -14.91 33.40
CA GLN M 334 35.67 -15.38 34.04
C GLN M 334 35.89 -16.73 34.73
N GLU M 335 36.73 -17.58 34.16
CA GLU M 335 37.00 -18.88 34.78
C GLU M 335 37.70 -18.74 36.12
N LEU M 336 38.42 -17.63 36.33
CA LEU M 336 39.10 -17.39 37.59
C LEU M 336 38.08 -17.05 38.67
N THR M 337 37.97 -17.90 39.69
CA THR M 337 37.18 -17.56 40.85
C THR M 337 37.95 -16.57 41.71
N GLN M 338 37.32 -16.12 42.80
CA GLN M 338 38.00 -15.18 43.68
C GLN M 338 38.97 -15.93 44.59
N GLN M 339 39.36 -15.28 45.69
CA GLN M 339 40.41 -15.78 46.58
C GLN M 339 41.53 -16.52 45.85
N ILE M 340 42.08 -15.89 44.80
CA ILE M 340 43.22 -16.43 44.07
C ILE M 340 44.27 -15.33 43.95
N ASN M 341 45.51 -15.65 44.31
CA ASN M 341 46.62 -14.72 44.16
C ASN M 341 47.27 -14.98 42.80
N ILE M 342 46.81 -14.24 41.79
CA ILE M 342 47.36 -14.37 40.44
C ILE M 342 48.69 -13.63 40.39
N GLN M 343 49.76 -14.36 40.09
CA GLN M 343 51.09 -13.78 40.00
C GLN M 343 51.48 -13.60 38.54
N PRO M 344 51.59 -12.37 38.03
CA PRO M 344 51.92 -12.15 36.62
C PRO M 344 53.40 -12.39 36.36
N LEU M 345 53.71 -13.48 35.66
CA LEU M 345 55.09 -13.75 35.28
C LEU M 345 55.59 -12.81 34.20
N GLY M 346 54.67 -12.23 33.41
CA GLY M 346 55.03 -11.29 32.38
C GLY M 346 53.92 -11.08 31.37
N ARG M 347 53.71 -9.83 30.95
CA ARG M 347 52.69 -9.51 29.97
C ARG M 347 53.27 -9.55 28.56
N VAL M 348 52.54 -10.18 27.64
CA VAL M 348 52.96 -10.25 26.25
C VAL M 348 52.65 -8.90 25.61
N CYS M 349 53.64 -8.03 25.53
CA CYS M 349 53.46 -6.71 24.97
C CYS M 349 53.47 -6.78 23.45
N LEU M 350 53.20 -5.65 22.82
CA LEU M 350 53.18 -5.56 21.36
C LEU M 350 54.31 -4.66 20.87
N ARG N 6 2.30 -71.72 -21.09
CA ARG N 6 0.90 -72.13 -21.23
C ARG N 6 0.10 -71.03 -21.94
N LEU N 7 0.78 -69.93 -22.25
CA LEU N 7 0.17 -68.74 -22.85
C LEU N 7 -1.01 -68.25 -22.01
N GLY N 8 -0.92 -68.41 -20.69
CA GLY N 8 -1.91 -67.86 -19.80
C GLY N 8 -1.22 -67.16 -18.65
N GLU N 9 0.04 -67.55 -18.43
CA GLU N 9 0.89 -66.86 -17.48
C GLU N 9 1.21 -65.46 -18.00
N GLN N 10 1.32 -64.49 -17.09
CA GLN N 10 1.49 -63.12 -17.55
C GLN N 10 2.88 -62.94 -18.11
N GLU N 11 3.91 -62.99 -17.26
CA GLU N 11 5.28 -62.95 -17.74
C GLU N 11 6.25 -63.85 -17.00
N ALA N 12 5.93 -64.34 -15.80
CA ALA N 12 6.89 -65.04 -14.94
C ALA N 12 8.15 -64.18 -14.73
N PHE N 13 7.93 -63.04 -14.07
CA PHE N 13 9.00 -62.05 -13.90
C PHE N 13 10.16 -62.63 -13.09
N ALA N 14 11.38 -62.26 -13.47
CA ALA N 14 12.58 -62.66 -12.76
C ALA N 14 13.58 -61.52 -12.78
N MET N 15 14.14 -61.21 -11.62
CA MET N 15 15.08 -60.10 -11.49
C MET N 15 16.44 -60.46 -12.07
N THR N 16 17.12 -59.47 -12.62
CA THR N 16 18.45 -59.67 -13.18
C THR N 16 19.45 -59.96 -12.06
N VAL N 17 20.38 -60.88 -12.33
CA VAL N 17 21.42 -61.21 -11.34
C VAL N 17 22.38 -60.04 -11.21
N PRO N 18 22.79 -59.67 -9.99
CA PRO N 18 23.70 -58.52 -9.84
C PRO N 18 25.09 -58.79 -10.40
N LEU N 19 25.68 -59.92 -10.03
CA LEU N 19 27.03 -60.29 -10.45
C LEU N 19 26.99 -61.68 -11.03
N LEU N 20 27.57 -61.86 -12.21
CA LEU N 20 27.61 -63.15 -12.89
C LEU N 20 29.01 -63.40 -13.43
N ILE N 21 29.46 -64.64 -13.31
CA ILE N 21 30.74 -65.08 -13.88
C ILE N 21 30.43 -66.30 -14.74
N ASP N 22 30.64 -66.17 -16.06
CA ASP N 22 30.39 -67.25 -17.01
C ASP N 22 31.74 -67.74 -17.52
N VAL N 23 32.07 -68.99 -17.19
CA VAL N 23 33.28 -69.63 -17.65
C VAL N 23 32.91 -70.80 -18.56
N ASP N 24 33.86 -71.20 -19.37
CA ASP N 24 33.65 -72.29 -20.31
C ASP N 24 33.46 -73.61 -19.59
N SER N 25 32.89 -74.59 -20.29
CA SER N 25 32.71 -75.93 -19.76
C SER N 25 34.05 -76.66 -19.82
N SER N 26 34.03 -77.96 -19.55
CA SER N 26 35.20 -78.81 -19.38
C SER N 26 36.12 -78.32 -18.26
N GLN N 27 35.67 -77.33 -17.48
CA GLN N 27 36.30 -76.93 -16.23
C GLN N 27 35.26 -76.88 -15.11
N GLN N 28 34.09 -77.50 -15.34
CA GLN N 28 33.09 -77.62 -14.30
C GLN N 28 33.64 -78.34 -13.08
N GLU N 29 34.35 -79.45 -13.30
CA GLU N 29 34.96 -80.21 -12.22
C GLU N 29 36.47 -80.23 -12.28
N ALA N 30 37.07 -79.80 -13.41
CA ALA N 30 38.52 -79.70 -13.48
C ALA N 30 39.06 -78.50 -12.71
N LEU N 31 38.28 -77.42 -12.61
CA LEU N 31 38.74 -76.24 -11.89
C LEU N 31 38.06 -76.07 -10.53
N GLU N 32 36.74 -76.22 -10.46
CA GLU N 32 35.98 -76.12 -9.22
C GLU N 32 36.48 -77.08 -8.14
N ALA N 33 37.37 -78.00 -8.54
CA ALA N 33 37.98 -78.93 -7.60
C ALA N 33 38.65 -78.20 -6.44
N ILE N 34 39.45 -77.18 -6.75
CA ILE N 34 40.45 -76.70 -5.82
C ILE N 34 39.89 -75.70 -4.81
N ALA N 35 39.55 -74.48 -5.27
CA ALA N 35 39.15 -73.45 -4.31
C ALA N 35 38.01 -72.55 -4.78
N LEU N 36 37.36 -72.84 -5.91
CA LEU N 36 36.50 -71.83 -6.53
C LEU N 36 35.31 -71.46 -5.64
N ASN N 37 34.87 -72.36 -4.76
CA ASN N 37 33.79 -72.04 -3.83
C ASN N 37 34.27 -71.38 -2.55
N ASP N 38 35.57 -71.45 -2.24
CA ASP N 38 36.12 -70.75 -1.10
C ASP N 38 36.98 -69.55 -1.45
N GLU N 39 37.72 -69.60 -2.56
CA GLU N 39 38.57 -68.49 -2.95
C GLU N 39 37.77 -67.24 -3.27
N LEU N 40 36.62 -67.41 -3.94
CA LEU N 40 35.81 -66.26 -4.30
C LEU N 40 35.27 -65.54 -3.06
N VAL N 41 34.73 -66.30 -2.11
CA VAL N 41 34.22 -65.69 -0.90
C VAL N 41 35.37 -65.08 -0.09
N ARG N 42 36.54 -65.73 -0.10
CA ARG N 42 37.69 -65.19 0.62
C ARG N 42 38.11 -63.84 0.07
N VAL N 43 38.22 -63.73 -1.26
CA VAL N 43 38.67 -62.47 -1.85
C VAL N 43 37.59 -61.40 -1.70
N ARG N 44 36.32 -61.79 -1.83
CA ARG N 44 35.25 -60.81 -1.63
C ARG N 44 35.23 -60.28 -0.21
N ARG N 45 35.39 -61.17 0.78
CA ARG N 45 35.43 -60.75 2.17
C ARG N 45 36.63 -59.87 2.45
N ALA N 46 37.80 -60.21 1.89
CA ALA N 46 38.99 -59.39 2.09
C ALA N 46 38.80 -58.00 1.48
N LEU N 47 38.25 -57.92 0.28
CA LEU N 47 38.04 -56.62 -0.34
C LEU N 47 37.01 -55.80 0.44
N TYR N 48 35.97 -56.46 0.97
CA TYR N 48 35.03 -55.75 1.82
C TYR N 48 35.70 -55.22 3.08
N LEU N 49 36.53 -56.05 3.73
CA LEU N 49 37.24 -55.60 4.92
C LEU N 49 38.16 -54.43 4.60
N ASP N 50 38.73 -54.41 3.39
CA ASP N 50 39.57 -53.29 3.00
C ASP N 50 38.75 -52.04 2.73
N LEU N 51 37.54 -52.20 2.18
CA LEU N 51 36.70 -51.07 1.79
C LEU N 51 35.46 -50.90 2.65
N GLY N 52 34.67 -51.96 2.85
CA GLY N 52 33.43 -51.85 3.56
C GLY N 52 32.19 -51.79 2.70
N VAL N 53 32.34 -51.86 1.38
CA VAL N 53 31.18 -51.84 0.48
C VAL N 53 30.48 -53.19 0.55
N PRO N 54 29.17 -53.24 0.77
CA PRO N 54 28.48 -54.53 0.84
C PRO N 54 28.30 -55.15 -0.54
N PHE N 55 29.33 -55.86 -1.02
CA PHE N 55 29.26 -56.49 -2.33
C PHE N 55 28.14 -57.53 -2.36
N PRO N 56 27.52 -57.74 -3.51
CA PRO N 56 26.40 -58.69 -3.61
C PRO N 56 26.91 -60.13 -3.74
N GLY N 57 25.96 -61.05 -3.88
CA GLY N 57 26.30 -62.43 -4.11
C GLY N 57 26.85 -62.65 -5.51
N ILE N 58 27.72 -63.64 -5.64
CA ILE N 58 28.40 -63.94 -6.89
C ILE N 58 27.77 -65.19 -7.51
N HIS N 59 27.29 -65.06 -8.74
CA HIS N 59 26.69 -66.17 -9.46
C HIS N 59 27.74 -66.78 -10.38
N LEU N 60 28.01 -68.07 -10.19
CA LEU N 60 29.00 -68.80 -10.98
C LEU N 60 28.29 -69.84 -11.82
N ARG N 61 28.50 -69.78 -13.14
CA ARG N 61 27.89 -70.71 -14.07
C ARG N 61 28.92 -71.16 -15.09
N PHE N 62 28.81 -72.43 -15.50
CA PHE N 62 29.69 -73.01 -16.52
C PHE N 62 28.88 -73.16 -17.80
N ASN N 63 29.25 -72.41 -18.83
CA ASN N 63 28.56 -72.42 -20.12
C ASN N 63 29.43 -73.09 -21.17
N GLU N 64 28.87 -74.05 -21.88
CA GLU N 64 29.57 -74.78 -22.93
C GLU N 64 29.45 -74.12 -24.30
N GLY N 65 28.65 -73.06 -24.43
CA GLY N 65 28.46 -72.43 -25.72
C GLY N 65 29.69 -71.69 -26.22
N MET N 66 30.55 -71.26 -25.30
CA MET N 66 31.77 -70.57 -25.66
C MET N 66 32.89 -71.58 -25.92
N GLY N 67 34.12 -71.10 -25.99
CA GLY N 67 35.25 -71.96 -26.29
C GLY N 67 35.73 -72.76 -25.11
N GLU N 68 37.05 -72.83 -24.92
CA GLU N 68 37.63 -73.62 -23.84
C GLU N 68 38.28 -72.78 -22.74
N GLY N 69 38.67 -71.54 -23.04
CA GLY N 69 39.31 -70.68 -22.06
C GLY N 69 38.76 -69.28 -21.99
N GLU N 70 37.45 -69.12 -22.19
CA GLU N 70 36.80 -67.81 -22.21
C GLU N 70 36.02 -67.63 -20.91
N TYR N 71 36.35 -66.58 -20.16
CA TYR N 71 35.63 -66.22 -18.94
C TYR N 71 35.16 -64.78 -19.07
N LEU N 72 33.93 -64.52 -18.63
CA LEU N 72 33.37 -63.18 -18.64
C LEU N 72 32.75 -62.87 -17.30
N ILE N 73 32.99 -61.66 -16.80
CA ILE N 73 32.40 -61.16 -15.56
C ILE N 73 31.47 -60.01 -15.93
N SER N 74 30.19 -60.14 -15.54
CA SER N 74 29.16 -59.18 -15.90
C SER N 74 28.48 -58.68 -14.64
N LEU N 75 28.30 -57.36 -14.54
CA LEU N 75 27.59 -56.73 -13.45
C LEU N 75 26.19 -56.38 -13.94
N GLN N 76 25.17 -57.01 -13.34
CA GLN N 76 23.77 -56.83 -13.75
C GLN N 76 23.58 -57.18 -15.22
N GLU N 77 24.11 -58.35 -15.59
CA GLU N 77 23.95 -58.92 -16.93
C GLU N 77 24.47 -58.01 -18.05
N VAL N 78 25.56 -57.28 -17.78
CA VAL N 78 26.27 -56.58 -18.84
C VAL N 78 27.77 -56.84 -18.64
N PRO N 79 28.44 -57.47 -19.61
CA PRO N 79 29.84 -57.85 -19.40
C PRO N 79 30.76 -56.63 -19.31
N VAL N 80 31.57 -56.60 -18.27
CA VAL N 80 32.54 -55.52 -18.07
C VAL N 80 33.98 -55.99 -18.16
N ALA N 81 34.26 -57.29 -18.01
CA ALA N 81 35.62 -57.81 -18.09
C ALA N 81 35.55 -59.23 -18.63
N ARG N 82 35.98 -59.41 -19.87
CA ARG N 82 35.99 -60.73 -20.50
C ARG N 82 37.41 -61.29 -20.62
N LYS N 86 41.25 -67.89 -18.23
CA LYS N 86 41.78 -67.72 -19.58
C LYS N 86 42.82 -68.80 -19.88
N ALA N 87 43.45 -69.32 -18.82
CA ALA N 87 44.52 -70.30 -18.96
C ALA N 87 43.92 -71.69 -19.18
N GLY N 88 43.38 -71.89 -20.38
CA GLY N 88 42.96 -73.23 -20.77
C GLY N 88 44.13 -74.19 -20.83
N TYR N 89 45.24 -73.75 -21.42
CA TYR N 89 46.52 -74.43 -21.36
C TYR N 89 47.45 -73.66 -20.44
N LEU N 90 48.46 -74.35 -19.92
CA LEU N 90 49.48 -73.69 -19.12
C LEU N 90 50.24 -72.66 -19.95
N LEU N 91 50.58 -73.02 -21.19
CA LEU N 91 51.22 -72.12 -22.14
C LEU N 91 52.52 -71.51 -21.60
N VAL N 96 56.70 -59.76 -14.81
CA VAL N 96 57.44 -58.49 -14.74
C VAL N 96 57.87 -58.08 -16.14
N SER N 97 58.25 -59.07 -16.96
CA SER N 97 58.74 -58.86 -18.32
C SER N 97 60.01 -58.01 -18.25
N GLN N 98 60.06 -56.83 -18.89
CA GLN N 98 61.24 -55.96 -18.87
C GLN N 98 62.48 -56.68 -19.40
N LEU N 99 62.27 -57.66 -20.29
CA LEU N 99 63.33 -58.48 -20.86
C LEU N 99 64.03 -59.32 -19.78
N GLU N 100 63.55 -59.22 -18.54
CA GLU N 100 64.05 -60.09 -17.49
C GLU N 100 63.48 -61.51 -17.64
N LEU N 101 62.29 -61.62 -18.23
CA LEU N 101 61.76 -62.94 -18.56
C LEU N 101 62.64 -63.65 -19.57
N LEU N 102 63.30 -62.89 -20.46
CA LEU N 102 64.30 -63.46 -21.35
C LEU N 102 65.61 -63.76 -20.65
N GLY N 103 65.82 -63.25 -19.43
CA GLY N 103 66.99 -63.64 -18.66
C GLY N 103 67.05 -65.13 -18.42
N ILE N 104 65.91 -65.74 -18.12
CA ILE N 104 65.75 -67.18 -18.08
C ILE N 104 64.73 -67.55 -19.15
N PRO N 105 65.17 -68.01 -20.32
CA PRO N 105 64.32 -68.07 -21.53
C PRO N 105 63.29 -69.19 -21.56
N TYR N 106 62.14 -68.94 -20.94
CA TYR N 106 61.03 -69.87 -20.99
C TYR N 106 60.09 -69.50 -22.14
N GLU N 107 59.08 -70.34 -22.34
CA GLU N 107 58.10 -70.10 -23.40
C GLU N 107 57.16 -68.94 -23.04
N PRO N 114 45.23 -58.00 -20.01
CA PRO N 114 44.30 -57.32 -19.10
C PRO N 114 44.77 -55.93 -18.71
N ASP N 115 44.83 -55.67 -17.40
CA ASP N 115 45.23 -54.35 -16.92
C ASP N 115 46.72 -54.12 -17.11
N GLN N 116 47.54 -55.14 -16.86
CA GLN N 116 48.99 -55.01 -16.91
C GLN N 116 49.57 -56.09 -17.82
N GLU N 117 50.83 -55.90 -18.19
CA GLU N 117 51.53 -56.90 -19.01
C GLU N 117 51.55 -58.24 -18.30
N THR N 118 51.18 -59.29 -19.02
CA THR N 118 51.12 -60.64 -18.44
C THR N 118 51.45 -61.66 -19.53
N PHE N 119 52.29 -62.63 -19.19
CA PHE N 119 52.64 -63.71 -20.09
C PHE N 119 52.37 -65.04 -19.42
N TRP N 120 52.44 -66.11 -20.21
CA TRP N 120 52.05 -67.45 -19.79
C TRP N 120 53.20 -68.42 -19.98
N VAL N 121 53.45 -69.25 -18.98
CA VAL N 121 54.53 -70.23 -19.01
C VAL N 121 53.97 -71.60 -18.67
N SER N 122 54.65 -72.64 -19.16
CA SER N 122 54.24 -74.02 -18.96
C SER N 122 54.58 -74.49 -17.54
N VAL N 123 54.02 -75.64 -17.16
CA VAL N 123 54.22 -76.17 -15.82
C VAL N 123 55.59 -76.80 -15.62
N GLU N 124 56.25 -77.25 -16.70
CA GLU N 124 57.60 -77.78 -16.55
C GLU N 124 58.59 -76.68 -16.21
N TYR N 125 58.38 -75.47 -16.71
CA TYR N 125 59.20 -74.32 -16.35
C TYR N 125 58.78 -73.69 -15.03
N GLU N 126 57.65 -74.10 -14.46
CA GLU N 126 57.13 -73.46 -13.26
C GLU N 126 58.07 -73.63 -12.08
N GLU N 127 58.68 -74.83 -11.95
CA GLU N 127 59.54 -75.09 -10.81
C GLU N 127 60.75 -74.17 -10.79
N ARG N 128 61.48 -74.09 -11.92
CA ARG N 128 62.67 -73.24 -11.95
C ARG N 128 62.32 -71.76 -11.91
N LEU N 129 61.15 -71.39 -12.44
CA LEU N 129 60.76 -69.98 -12.38
C LEU N 129 60.36 -69.57 -10.97
N GLU N 130 59.74 -70.47 -10.20
CA GLU N 130 59.47 -70.17 -8.80
C GLU N 130 60.74 -70.29 -7.96
N LYS N 131 61.73 -71.06 -8.42
CA LYS N 131 63.06 -70.96 -7.82
C LYS N 131 63.67 -69.59 -8.08
N SER N 132 63.32 -68.97 -9.20
CA SER N 132 63.76 -67.60 -9.47
C SER N 132 62.85 -66.58 -8.80
N GLN N 133 61.54 -66.72 -8.96
CA GLN N 133 60.56 -65.78 -8.42
C GLN N 133 60.84 -64.34 -8.85
N GLU N 135 54.72 -62.04 -9.72
CA GLU N 135 54.88 -63.43 -9.31
C GLU N 135 54.18 -64.37 -10.27
N PHE N 136 53.51 -65.38 -9.72
CA PHE N 136 52.79 -66.38 -10.50
C PHE N 136 51.28 -66.13 -10.45
N PHE N 137 50.58 -66.71 -11.42
CA PHE N 137 49.12 -66.63 -11.46
C PHE N 137 48.61 -67.94 -12.02
N SER N 138 47.91 -68.71 -11.19
CA SER N 138 47.29 -69.95 -11.64
C SER N 138 45.92 -69.62 -12.27
N HIS N 139 45.16 -70.67 -12.61
CA HIS N 139 43.85 -70.48 -13.19
C HIS N 139 42.91 -69.77 -12.24
N SER N 140 42.86 -70.23 -10.98
CA SER N 140 42.03 -69.57 -9.97
C SER N 140 42.51 -68.14 -9.70
N GLN N 141 43.83 -67.94 -9.67
CA GLN N 141 44.39 -66.64 -9.32
C GLN N 141 44.01 -65.56 -10.32
N VAL N 142 44.05 -65.87 -11.62
CA VAL N 142 43.71 -64.84 -12.60
C VAL N 142 42.23 -64.48 -12.53
N LEU N 143 41.38 -65.48 -12.32
CA LEU N 143 39.95 -65.21 -12.17
C LEU N 143 39.68 -64.33 -10.96
N THR N 144 40.31 -64.64 -9.82
CA THR N 144 40.08 -63.83 -8.63
C THR N 144 40.71 -62.45 -8.76
N TRP N 145 41.81 -62.34 -9.50
CA TRP N 145 42.41 -61.03 -9.75
C TRP N 145 41.47 -60.15 -10.57
N HIS N 146 40.89 -60.71 -11.63
CA HIS N 146 39.93 -59.97 -12.43
C HIS N 146 38.70 -59.61 -11.62
N LEU N 147 38.22 -60.53 -10.78
CA LEU N 147 37.08 -60.24 -9.93
C LEU N 147 37.38 -59.08 -8.99
N SER N 148 38.56 -59.10 -8.37
CA SER N 148 38.94 -58.02 -7.45
C SER N 148 39.07 -56.69 -8.18
N HIS N 149 39.64 -56.71 -9.38
CA HIS N 149 39.75 -55.47 -10.16
C HIS N 149 38.37 -54.92 -10.52
N VAL N 150 37.45 -55.80 -10.93
CA VAL N 150 36.10 -55.36 -11.27
C VAL N 150 35.40 -54.77 -10.05
N LEU N 151 35.50 -55.44 -8.90
CA LEU N 151 34.83 -54.96 -7.70
C LEU N 151 35.41 -53.63 -7.25
N ARG N 152 36.74 -53.47 -7.34
CA ARG N 152 37.37 -52.23 -6.89
C ARG N 152 37.04 -51.06 -7.82
N GLU N 153 37.09 -51.29 -9.14
CA GLU N 153 36.86 -50.18 -10.06
C GLU N 153 35.38 -49.90 -10.30
N TYR N 154 34.47 -50.77 -9.86
CA TYR N 154 33.04 -50.57 -10.07
C TYR N 154 32.27 -50.71 -8.76
N ALA N 155 32.88 -50.32 -7.64
CA ALA N 155 32.21 -50.43 -6.35
C ALA N 155 31.07 -49.42 -6.21
N GLU N 156 31.12 -48.30 -6.93
CA GLU N 156 30.06 -47.29 -6.81
C GLU N 156 28.70 -47.86 -7.17
N ASP N 157 28.67 -48.86 -8.07
CA ASP N 157 27.41 -49.47 -8.47
C ASP N 157 26.88 -50.47 -7.46
N PHE N 158 27.64 -50.80 -6.42
CA PHE N 158 27.18 -51.71 -5.38
C PHE N 158 26.62 -50.99 -4.16
N ILE N 159 26.53 -49.66 -4.19
CA ILE N 159 25.99 -48.90 -3.07
C ILE N 159 24.70 -48.23 -3.50
N GLY N 160 23.57 -48.88 -3.23
CA GLY N 160 22.26 -48.33 -3.48
C GLY N 160 21.57 -47.89 -2.19
N ILE N 161 20.33 -47.44 -2.35
CA ILE N 161 19.52 -47.07 -1.20
C ILE N 161 19.26 -48.30 -0.33
N GLN N 162 19.01 -49.43 -0.96
CA GLN N 162 18.77 -50.67 -0.20
C GLN N 162 20.02 -51.07 0.59
N GLU N 163 21.20 -50.93 -0.01
CA GLU N 163 22.43 -51.29 0.69
C GLU N 163 22.67 -50.40 1.90
N THR N 164 22.48 -49.09 1.74
CA THR N 164 22.65 -48.18 2.87
C THR N 164 21.62 -48.44 3.95
N ARG N 165 20.39 -48.75 3.57
CA ARG N 165 19.37 -49.07 4.57
C ARG N 165 19.72 -50.36 5.31
N TYR N 166 20.25 -51.35 4.60
CA TYR N 166 20.71 -52.57 5.25
C TYR N 166 21.84 -52.30 6.22
N LEU N 167 22.79 -51.46 5.83
CA LEU N 167 23.87 -51.09 6.73
C LEU N 167 23.34 -50.40 7.97
N LEU N 168 22.39 -49.48 7.80
CA LEU N 168 21.81 -48.78 8.94
C LEU N 168 21.07 -49.73 9.86
N GLU N 169 20.29 -50.66 9.29
CA GLU N 169 19.54 -51.61 10.11
C GLU N 169 20.46 -52.58 10.83
N GLN N 170 21.62 -52.90 10.24
CA GLN N 170 22.54 -53.81 10.92
C GLN N 170 23.21 -53.13 12.11
N MET N 171 23.30 -51.81 12.12
CA MET N 171 23.93 -51.06 13.19
C MET N 171 22.92 -50.46 14.16
N GLU N 172 21.64 -50.83 14.05
CA GLU N 172 20.64 -50.28 14.95
C GLU N 172 20.90 -50.67 16.40
N GLY N 173 21.29 -51.93 16.63
CA GLY N 173 21.58 -52.35 17.98
C GLY N 173 22.79 -51.65 18.57
N GLY N 174 23.81 -51.43 17.75
CA GLY N 174 25.03 -50.78 18.20
C GLY N 174 24.86 -49.30 18.52
N TYR N 175 24.53 -48.51 17.51
CA TYR N 175 24.37 -47.06 17.64
C TYR N 175 22.99 -46.70 17.12
N GLY N 176 21.98 -46.76 17.99
CA GLY N 176 20.63 -46.45 17.60
C GLY N 176 20.37 -44.96 17.43
N GLU N 177 20.69 -44.19 18.48
CA GLU N 177 20.41 -42.76 18.46
C GLU N 177 21.25 -42.05 17.39
N LEU N 178 22.48 -42.51 17.16
CA LEU N 178 23.30 -41.91 16.11
C LEU N 178 22.65 -42.10 14.74
N ILE N 179 22.15 -43.31 14.46
CA ILE N 179 21.49 -43.57 13.19
C ILE N 179 20.21 -42.76 13.07
N LYS N 180 19.42 -42.70 14.15
CA LYS N 180 18.18 -41.93 14.08
C LYS N 180 18.45 -40.45 13.86
N GLU N 181 19.52 -39.93 14.46
CA GLU N 181 19.86 -38.53 14.27
C GLU N 181 20.34 -38.27 12.85
N VAL N 182 21.22 -39.13 12.33
CA VAL N 182 21.70 -38.92 10.97
C VAL N 182 20.58 -39.07 9.97
N GLN N 183 19.61 -39.96 10.25
CA GLN N 183 18.44 -40.08 9.38
C GLN N 183 17.59 -38.83 9.43
N ARG N 184 17.41 -38.24 10.62
CA ARG N 184 16.60 -37.04 10.71
C ARG N 184 17.32 -35.81 10.15
N ILE N 185 18.65 -35.86 10.03
CA ILE N 185 19.40 -34.71 9.53
C ILE N 185 19.48 -34.74 8.01
N VAL N 186 19.83 -35.88 7.42
CA VAL N 186 19.99 -35.98 5.97
C VAL N 186 19.15 -37.15 5.46
N PRO N 187 18.67 -37.09 4.22
CA PRO N 187 17.85 -38.18 3.68
C PRO N 187 18.71 -39.35 3.20
N LEU N 188 18.03 -40.41 2.80
CA LEU N 188 18.72 -41.61 2.32
C LEU N 188 19.46 -41.34 1.02
N GLN N 189 18.88 -40.54 0.13
CA GLN N 189 19.50 -40.27 -1.18
C GLN N 189 20.82 -39.54 -1.00
N ARG N 190 20.85 -38.49 -0.19
CA ARG N 190 22.09 -37.74 0.04
C ARG N 190 23.13 -38.62 0.70
N MET N 191 22.72 -39.43 1.68
CA MET N 191 23.66 -40.31 2.37
C MET N 191 24.26 -41.34 1.41
N THR N 192 23.44 -41.93 0.55
CA THR N 192 23.94 -42.90 -0.42
C THR N 192 24.87 -42.24 -1.44
N GLU N 193 24.52 -41.04 -1.90
CA GLU N 193 25.40 -40.33 -2.83
C GLU N 193 26.73 -39.99 -2.17
N ILE N 194 26.70 -39.60 -0.91
CA ILE N 194 27.95 -39.31 -0.18
C ILE N 194 28.80 -40.56 -0.07
N LEU N 195 28.18 -41.70 0.27
CA LEU N 195 28.95 -42.93 0.38
C LEU N 195 29.56 -43.32 -0.97
N GLN N 196 28.78 -43.18 -2.05
CA GLN N 196 29.31 -43.48 -3.38
C GLN N 196 30.48 -42.57 -3.74
N ARG N 197 30.37 -41.27 -3.44
CA ARG N 197 31.46 -40.35 -3.73
C ARG N 197 32.70 -40.69 -2.91
N LEU N 198 32.50 -41.10 -1.64
CA LEU N 198 33.62 -41.52 -0.82
C LEU N 198 34.31 -42.74 -1.40
N VAL N 199 33.53 -43.74 -1.82
CA VAL N 199 34.11 -44.97 -2.34
C VAL N 199 34.79 -44.72 -3.69
N GLY N 200 34.30 -43.75 -4.46
CA GLY N 200 34.94 -43.44 -5.73
C GLY N 200 36.37 -42.98 -5.60
N GLU N 201 36.78 -42.53 -4.42
CA GLU N 201 38.15 -42.14 -4.13
C GLU N 201 38.91 -43.20 -3.34
N ASP N 202 38.40 -44.44 -3.32
CA ASP N 202 39.02 -45.54 -2.59
C ASP N 202 39.08 -45.29 -1.09
N ILE N 203 38.13 -44.51 -0.57
CA ILE N 203 38.02 -44.27 0.86
C ILE N 203 37.10 -45.32 1.45
N SER N 204 37.56 -45.98 2.51
CA SER N 204 36.84 -47.12 3.06
C SER N 204 35.60 -46.67 3.82
N ILE N 205 34.48 -47.35 3.56
CA ILE N 205 33.26 -47.13 4.34
C ILE N 205 33.32 -47.82 5.69
N ARG N 206 34.17 -48.84 5.84
CA ARG N 206 34.20 -49.72 7.00
C ARG N 206 34.02 -48.99 8.34
N ASN N 207 34.74 -47.89 8.53
CA ASN N 207 34.64 -47.10 9.77
C ASN N 207 33.43 -46.17 9.66
N MET N 208 32.25 -46.74 9.88
CA MET N 208 31.00 -46.00 9.70
C MET N 208 30.71 -45.04 10.83
N ARG N 209 31.26 -45.25 12.03
CA ARG N 209 30.96 -44.40 13.17
C ARG N 209 31.41 -42.97 12.93
N SER N 210 32.67 -42.78 12.52
CA SER N 210 33.17 -41.44 12.25
C SER N 210 32.45 -40.81 11.07
N ILE N 211 32.10 -41.61 10.06
CA ILE N 211 31.38 -41.08 8.90
C ILE N 211 30.02 -40.54 9.34
N LEU N 212 29.30 -41.30 10.17
CA LEU N 212 27.99 -40.85 10.64
C LEU N 212 28.12 -39.63 11.54
N GLU N 213 29.15 -39.60 12.39
CA GLU N 213 29.34 -38.43 13.25
C GLU N 213 29.62 -37.18 12.42
N ALA N 214 30.46 -37.29 11.39
CA ALA N 214 30.71 -36.15 10.52
C ALA N 214 29.44 -35.76 9.76
N MET N 215 28.66 -36.76 9.34
CA MET N 215 27.40 -36.49 8.66
C MET N 215 26.46 -35.69 9.55
N VAL N 216 26.35 -36.08 10.83
CA VAL N 216 25.53 -35.35 11.78
C VAL N 216 26.06 -33.94 11.99
N GLU N 217 27.38 -33.81 12.14
CA GLU N 217 27.97 -32.51 12.48
C GLU N 217 27.81 -31.51 11.34
N TRP N 218 27.96 -31.96 10.09
CA TRP N 218 27.99 -31.04 8.96
C TRP N 218 26.73 -31.04 8.12
N GLY N 219 25.79 -31.95 8.36
CA GLY N 219 24.59 -32.01 7.53
C GLY N 219 23.60 -30.90 7.82
N GLN N 220 23.61 -30.35 9.03
CA GLN N 220 22.73 -29.25 9.37
C GLN N 220 23.24 -27.92 8.84
N LYS N 221 24.54 -27.83 8.54
CA LYS N 221 25.17 -26.59 8.11
C LYS N 221 25.32 -26.47 6.61
N GLU N 222 25.70 -27.56 5.93
CA GLU N 222 25.92 -27.56 4.49
C GLU N 222 24.92 -28.49 3.82
N LYS N 223 24.36 -28.03 2.70
CA LYS N 223 23.43 -28.81 1.92
C LYS N 223 23.99 -29.29 0.59
N ASP N 224 25.01 -28.62 0.05
CA ASP N 224 25.64 -29.07 -1.18
C ASP N 224 26.40 -30.37 -0.95
N VAL N 225 26.25 -31.30 -1.89
CA VAL N 225 26.85 -32.63 -1.73
C VAL N 225 28.37 -32.54 -1.78
N VAL N 226 28.90 -31.69 -2.65
CA VAL N 226 30.36 -31.59 -2.80
C VAL N 226 31.00 -31.12 -1.51
N GLN N 227 30.49 -30.02 -0.95
CA GLN N 227 31.06 -29.48 0.28
C GLN N 227 30.90 -30.45 1.44
N LEU N 228 29.73 -31.10 1.54
CA LEU N 228 29.49 -32.05 2.61
C LEU N 228 30.43 -33.23 2.53
N THR N 229 30.64 -33.78 1.32
CA THR N 229 31.54 -34.91 1.19
C THR N 229 32.99 -34.49 1.39
N GLU N 230 33.34 -33.25 1.05
CA GLU N 230 34.68 -32.75 1.37
C GLU N 230 34.89 -32.65 2.88
N TYR N 231 33.87 -32.18 3.60
CA TYR N 231 33.96 -32.14 5.06
C TYR N 231 34.08 -33.54 5.66
N ILE N 232 33.32 -34.50 5.12
CA ILE N 232 33.40 -35.86 5.62
C ILE N 232 34.77 -36.47 5.33
N ARG N 233 35.35 -36.15 4.17
CA ARG N 233 36.72 -36.57 3.88
C ARG N 233 37.70 -35.97 4.87
N SER N 234 37.56 -34.67 5.15
CA SER N 234 38.42 -34.02 6.12
C SER N 234 38.24 -34.58 7.53
N SER N 235 37.10 -35.21 7.80
CA SER N 235 36.89 -35.87 9.08
C SER N 235 37.70 -37.16 9.22
N LEU N 236 38.38 -37.59 8.16
CA LEU N 236 39.15 -38.84 8.20
C LEU N 236 40.63 -38.56 8.01
N LYS N 237 41.14 -37.55 8.74
CA LYS N 237 42.53 -37.11 8.56
C LYS N 237 43.52 -38.25 8.76
N ARG N 238 43.43 -38.94 9.90
CA ARG N 238 44.42 -39.96 10.21
C ARG N 238 44.27 -41.17 9.30
N TYR N 239 43.04 -41.53 8.93
CA TYR N 239 42.86 -42.64 8.01
C TYR N 239 43.49 -42.33 6.66
N ILE N 240 43.25 -41.13 6.13
CA ILE N 240 43.84 -40.76 4.85
C ILE N 240 45.37 -40.73 4.95
N CYS N 241 45.88 -40.18 6.05
CA CYS N 241 47.32 -40.11 6.24
C CYS N 241 47.95 -41.50 6.26
N TYR N 242 47.34 -42.43 6.98
CA TYR N 242 47.90 -43.79 7.03
C TYR N 242 47.75 -44.49 5.69
N LYS N 243 46.64 -44.26 4.98
CA LYS N 243 46.41 -44.94 3.72
C LYS N 243 47.38 -44.49 2.64
N TYR N 244 47.72 -43.19 2.61
CA TYR N 244 48.55 -42.68 1.52
C TYR N 244 50.01 -42.48 1.90
N ALA N 245 50.29 -42.01 3.11
CA ALA N 245 51.68 -41.83 3.54
C ALA N 245 52.26 -43.21 3.88
N ASN N 246 52.82 -43.88 2.86
CA ASN N 246 53.39 -45.21 3.06
C ASN N 246 54.61 -45.14 3.97
N GLY N 247 55.55 -44.24 3.66
CA GLY N 247 56.71 -44.08 4.51
C GLY N 247 56.34 -43.29 5.74
N ASN N 248 57.03 -43.56 6.85
CA ASN N 248 56.62 -42.98 8.12
C ASN N 248 56.61 -41.45 8.01
N ASN N 249 55.45 -40.87 8.29
CA ASN N 249 55.19 -39.43 8.24
C ASN N 249 55.76 -38.77 6.98
N ILE N 250 55.96 -39.53 5.90
CA ILE N 250 56.44 -38.99 4.64
C ILE N 250 55.29 -39.08 3.65
N LEU N 251 54.91 -37.94 3.07
CA LEU N 251 53.84 -37.89 2.08
C LEU N 251 54.33 -37.19 0.83
N PRO N 252 54.56 -37.90 -0.27
CA PRO N 252 54.90 -37.23 -1.52
C PRO N 252 53.76 -36.33 -1.98
N ALA N 253 54.11 -35.14 -2.44
CA ALA N 253 53.11 -34.13 -2.82
C ALA N 253 53.48 -33.49 -4.14
N TYR N 254 52.45 -33.05 -4.85
CA TYR N 254 52.57 -32.31 -6.11
C TYR N 254 51.77 -31.02 -6.02
N LEU N 255 52.02 -30.27 -4.95
CA LEU N 255 51.21 -29.12 -4.58
C LEU N 255 50.99 -28.16 -5.74
N PHE N 256 49.83 -27.52 -5.75
CA PHE N 256 49.43 -26.62 -6.81
C PHE N 256 49.79 -25.18 -6.47
N ASP N 257 50.09 -24.41 -7.51
CA ASP N 257 50.30 -22.98 -7.35
C ASP N 257 48.98 -22.27 -7.03
N GLN N 258 49.09 -21.10 -6.40
CA GLN N 258 47.90 -20.34 -6.06
C GLN N 258 47.16 -19.89 -7.32
N GLU N 259 47.91 -19.52 -8.36
CA GLU N 259 47.28 -19.06 -9.61
C GLU N 259 46.45 -20.17 -10.24
N VAL N 260 46.97 -21.40 -10.26
CA VAL N 260 46.22 -22.51 -10.85
C VAL N 260 44.97 -22.80 -10.04
N GLU N 261 45.07 -22.77 -8.71
CA GLU N 261 43.90 -23.00 -7.87
C GLU N 261 42.84 -21.93 -8.12
N GLU N 262 43.26 -20.67 -8.21
CA GLU N 262 42.31 -19.59 -8.47
C GLU N 262 41.65 -19.75 -9.84
N LYS N 263 42.45 -20.12 -10.85
CA LYS N 263 41.90 -20.31 -12.18
C LYS N 263 40.88 -21.44 -12.20
N ILE N 264 41.17 -22.54 -11.50
CA ILE N 264 40.21 -23.63 -11.42
C ILE N 264 38.95 -23.19 -10.69
N ARG N 265 39.11 -22.48 -9.56
CA ARG N 265 37.96 -22.04 -8.80
C ARG N 265 37.12 -21.00 -9.54
N SER N 266 37.71 -20.29 -10.51
CA SER N 266 36.99 -19.25 -11.23
C SER N 266 35.83 -19.78 -12.06
N ARG N 267 35.76 -21.07 -12.30
CA ARG N 267 34.71 -21.66 -13.15
C ARG N 267 34.07 -22.86 -12.43
N VAL N 268 33.65 -22.65 -11.19
CA VAL N 268 33.01 -23.73 -10.43
C VAL N 268 31.65 -24.08 -11.03
N ARG N 269 30.86 -23.06 -11.38
CA ARG N 269 29.57 -23.23 -12.05
C ARG N 269 28.63 -24.12 -11.23
N GLN N 270 28.27 -23.61 -10.05
CA GLN N 270 27.39 -24.33 -9.13
C GLN N 270 25.92 -24.05 -9.43
N THR N 271 25.52 -24.41 -10.64
CA THR N 271 24.19 -24.10 -11.15
C THR N 271 23.54 -25.38 -11.68
N SER N 272 22.22 -25.34 -11.81
CA SER N 272 21.39 -26.48 -12.22
C SER N 272 21.64 -27.63 -11.25
N ALA N 273 21.48 -28.86 -11.70
CA ALA N 273 21.66 -30.04 -10.84
C ALA N 273 23.09 -30.57 -10.92
N GLY N 274 24.06 -29.67 -10.81
CA GLY N 274 25.45 -30.09 -10.76
C GLY N 274 26.36 -28.95 -10.39
N SER N 275 27.65 -29.26 -10.32
CA SER N 275 28.70 -28.29 -10.03
C SER N 275 29.89 -28.57 -10.95
N TYR N 276 29.59 -28.78 -12.23
CA TYR N 276 30.61 -29.20 -13.19
C TYR N 276 31.61 -28.09 -13.47
N LEU N 277 32.87 -28.49 -13.66
CA LEU N 277 33.99 -27.57 -13.90
C LEU N 277 34.25 -27.51 -15.40
N ALA N 278 33.61 -26.55 -16.07
CA ALA N 278 33.84 -26.33 -17.50
C ALA N 278 34.36 -24.91 -17.65
N LEU N 279 35.68 -24.77 -17.87
CA LEU N 279 36.25 -23.44 -18.06
C LEU N 279 36.37 -23.07 -19.53
N ASP N 280 37.40 -23.60 -20.19
CA ASP N 280 37.63 -23.51 -21.62
C ASP N 280 38.41 -24.77 -21.99
N PRO N 281 38.07 -25.45 -23.09
CA PRO N 281 38.86 -26.62 -23.47
C PRO N 281 40.34 -26.33 -23.63
N ALA N 282 40.68 -25.16 -24.19
CA ALA N 282 42.08 -24.78 -24.32
C ALA N 282 42.75 -24.58 -22.96
N VAL N 283 42.03 -23.98 -22.01
CA VAL N 283 42.59 -23.72 -20.69
C VAL N 283 42.87 -25.04 -19.97
N THR N 284 41.92 -25.97 -20.00
CA THR N 284 42.16 -27.27 -19.37
C THR N 284 43.26 -28.02 -20.11
N GLU N 285 43.35 -27.89 -21.43
CA GLU N 285 44.44 -28.53 -22.16
C GLU N 285 45.79 -27.98 -21.71
N SER N 286 45.91 -26.66 -21.56
CA SER N 286 47.17 -26.07 -21.13
C SER N 286 47.51 -26.48 -19.70
N LEU N 287 46.52 -26.49 -18.79
CA LEU N 287 46.78 -26.90 -17.42
C LEU N 287 47.20 -28.36 -17.36
N LEU N 288 46.53 -29.22 -18.12
CA LEU N 288 46.90 -30.64 -18.15
C LEU N 288 48.29 -30.82 -18.75
N GLU N 289 48.65 -30.03 -19.76
CA GLU N 289 50.01 -30.08 -20.30
C GLU N 289 51.04 -29.68 -19.26
N GLN N 290 50.75 -28.64 -18.49
CA GLN N 290 51.67 -28.23 -17.43
C GLN N 290 51.81 -29.31 -16.36
N VAL N 291 50.69 -29.92 -15.97
CA VAL N 291 50.74 -31.00 -14.97
C VAL N 291 51.53 -32.18 -15.51
N ARG N 292 51.33 -32.52 -16.78
CA ARG N 292 52.07 -33.63 -17.38
C ARG N 292 53.57 -33.31 -17.45
N LYS N 293 53.92 -32.06 -17.76
CA LYS N 293 55.32 -31.68 -17.82
C LYS N 293 55.98 -31.76 -16.44
N THR N 294 55.26 -31.32 -15.41
CA THR N 294 55.83 -31.34 -14.06
C THR N 294 55.86 -32.75 -13.48
N ILE N 295 54.68 -33.32 -13.20
CA ILE N 295 54.58 -34.67 -12.63
C ILE N 295 55.44 -35.66 -13.41
N GLY N 296 55.22 -35.74 -14.72
CA GLY N 296 55.84 -36.78 -15.52
C GLY N 296 54.83 -37.76 -16.09
N ASP N 297 55.14 -39.06 -15.98
CA ASP N 297 54.25 -40.09 -16.51
C ASP N 297 53.92 -41.20 -15.52
N LEU N 298 54.49 -41.18 -14.31
CA LEU N 298 54.21 -42.17 -13.28
C LEU N 298 54.50 -43.59 -13.78
N SER N 299 55.74 -43.79 -14.24
CA SER N 299 56.16 -45.07 -14.79
C SER N 299 56.84 -45.87 -13.68
N GLN N 300 56.04 -46.67 -12.98
CA GLN N 300 56.52 -47.50 -11.86
C GLN N 300 57.25 -46.65 -10.82
N ILE N 301 56.65 -45.52 -10.48
CA ILE N 301 57.28 -44.55 -9.59
C ILE N 301 57.45 -45.15 -8.19
N GLN N 302 56.47 -45.94 -7.74
CA GLN N 302 56.47 -46.56 -6.42
C GLN N 302 56.27 -45.52 -5.31
N SER N 303 55.87 -45.96 -4.13
CA SER N 303 55.62 -45.14 -2.94
C SER N 303 54.34 -44.31 -3.07
N LYS N 304 53.70 -44.35 -4.24
CA LYS N 304 52.38 -43.80 -4.46
C LYS N 304 52.29 -42.32 -4.11
N PRO N 305 52.84 -41.43 -4.94
CA PRO N 305 52.69 -39.99 -4.68
C PRO N 305 51.24 -39.56 -4.83
N VAL N 306 50.87 -38.53 -4.07
CA VAL N 306 49.50 -38.02 -4.06
C VAL N 306 49.52 -36.52 -4.36
N LEU N 307 48.51 -36.07 -5.10
CA LEU N 307 48.32 -34.64 -5.34
C LEU N 307 47.60 -34.02 -4.15
N ILE N 308 48.09 -32.87 -3.70
CA ILE N 308 47.49 -32.14 -2.58
C ILE N 308 47.11 -30.76 -3.07
N VAL N 309 45.84 -30.39 -2.90
CA VAL N 309 45.29 -29.14 -3.40
C VAL N 309 44.28 -28.61 -2.38
N SER N 310 43.82 -27.39 -2.62
CA SER N 310 42.83 -26.77 -1.75
C SER N 310 41.54 -27.60 -1.73
N MET N 311 40.89 -27.65 -0.56
CA MET N 311 39.74 -28.53 -0.38
C MET N 311 38.58 -28.12 -1.28
N ASP N 312 38.29 -26.82 -1.37
CA ASP N 312 37.09 -26.34 -2.03
C ASP N 312 37.01 -26.75 -3.49
N ILE N 313 38.13 -27.06 -4.13
CA ILE N 313 38.16 -27.47 -5.53
C ILE N 313 38.70 -28.87 -5.72
N ARG N 314 38.91 -29.61 -4.62
CA ARG N 314 39.62 -30.89 -4.69
C ARG N 314 38.96 -31.83 -5.70
N ARG N 315 37.67 -32.09 -5.53
CA ARG N 315 36.96 -32.97 -6.46
C ARG N 315 37.05 -32.43 -7.88
N TYR N 316 36.90 -31.11 -8.04
CA TYR N 316 36.98 -30.51 -9.36
C TYR N 316 38.33 -30.79 -10.02
N VAL N 317 39.39 -30.86 -9.22
CA VAL N 317 40.71 -31.20 -9.76
C VAL N 317 40.75 -32.67 -10.16
N ARG N 318 40.16 -33.55 -9.32
CA ARG N 318 40.27 -34.99 -9.56
C ARG N 318 39.69 -35.36 -10.91
N LYS N 319 38.45 -34.96 -11.18
CA LYS N 319 37.84 -35.27 -12.47
C LYS N 319 38.58 -34.59 -13.62
N LEU N 320 39.35 -33.53 -13.32
CA LEU N 320 40.18 -32.93 -14.37
C LEU N 320 41.34 -33.84 -14.75
N ILE N 321 41.91 -34.55 -13.77
CA ILE N 321 43.08 -35.39 -14.02
C ILE N 321 42.77 -36.87 -13.94
N GLU N 322 41.49 -37.25 -13.78
CA GLU N 322 41.16 -38.67 -13.72
C GLU N 322 41.38 -39.34 -15.07
N SER N 323 41.29 -38.58 -16.16
CA SER N 323 41.45 -39.16 -17.49
C SER N 323 42.85 -39.70 -17.69
N GLU N 324 43.86 -38.95 -17.29
CA GLU N 324 45.25 -39.38 -17.49
C GLU N 324 45.79 -40.09 -16.25
N TYR N 325 45.80 -39.42 -15.11
CA TYR N 325 46.36 -39.99 -13.88
C TYR N 325 45.22 -40.56 -13.03
N TYR N 326 44.70 -41.71 -13.45
CA TYR N 326 43.70 -42.40 -12.65
C TYR N 326 44.30 -42.94 -11.36
N GLY N 327 45.61 -43.19 -11.35
CA GLY N 327 46.31 -43.64 -10.16
C GLY N 327 46.40 -42.55 -9.11
N LEU N 328 47.22 -41.54 -9.39
CA LEU N 328 47.48 -40.38 -8.54
C LEU N 328 46.23 -39.90 -7.81
N PRO N 329 46.18 -40.04 -6.49
CA PRO N 329 45.04 -39.51 -5.73
C PRO N 329 45.14 -38.00 -5.57
N VAL N 330 44.01 -37.40 -5.20
CA VAL N 330 43.91 -35.96 -4.95
C VAL N 330 43.46 -35.79 -3.51
N LEU N 331 44.18 -34.95 -2.75
CA LEU N 331 43.92 -34.75 -1.34
C LEU N 331 43.71 -33.27 -1.04
N SER N 332 42.99 -33.01 0.04
CA SER N 332 42.74 -31.66 0.53
C SER N 332 43.69 -31.33 1.67
N TYR N 333 43.98 -30.04 1.81
CA TYR N 333 44.81 -29.60 2.94
C TYR N 333 44.14 -29.94 4.26
N GLN N 334 42.81 -29.82 4.32
CA GLN N 334 42.07 -30.19 5.52
C GLN N 334 42.17 -31.68 5.80
N GLU N 335 42.25 -32.50 4.76
CA GLU N 335 42.34 -33.94 4.94
C GLU N 335 43.63 -34.38 5.60
N LEU N 336 44.63 -33.50 5.68
CA LEU N 336 45.91 -33.84 6.28
C LEU N 336 45.91 -33.43 7.75
N THR N 337 46.16 -34.39 8.63
CA THR N 337 46.38 -34.10 10.04
C THR N 337 47.77 -33.49 10.23
N GLN N 338 48.08 -33.13 11.47
CA GLN N 338 49.40 -32.56 11.75
C GLN N 338 50.41 -33.68 11.88
N GLN N 339 51.55 -33.37 12.50
CA GLN N 339 52.71 -34.27 12.59
C GLN N 339 52.87 -35.11 11.32
N ILE N 340 52.91 -34.42 10.18
CA ILE N 340 53.16 -35.03 8.87
C ILE N 340 54.24 -34.23 8.17
N ASN N 341 55.28 -34.93 7.69
CA ASN N 341 56.34 -34.29 6.92
C ASN N 341 55.99 -34.39 5.45
N ILE N 342 55.33 -33.36 4.94
CA ILE N 342 54.95 -33.30 3.52
C ILE N 342 56.18 -32.94 2.70
N GLN N 343 56.54 -33.81 1.76
CA GLN N 343 57.72 -33.58 0.93
C GLN N 343 57.25 -33.06 -0.41
N PRO N 344 57.51 -31.79 -0.74
CA PRO N 344 57.04 -31.22 -2.01
C PRO N 344 57.93 -31.64 -3.17
N LEU N 345 57.38 -32.51 -4.03
CA LEU N 345 58.11 -32.90 -5.23
C LEU N 345 58.15 -31.79 -6.27
N GLY N 346 57.20 -30.86 -6.25
CA GLY N 346 57.19 -29.78 -7.20
C GLY N 346 55.87 -29.04 -7.33
N ARG N 347 55.91 -27.71 -7.51
CA ARG N 347 54.71 -26.92 -7.69
C ARG N 347 54.35 -26.84 -9.16
N VAL N 348 53.06 -27.06 -9.46
CA VAL N 348 52.56 -26.94 -10.83
C VAL N 348 52.37 -25.45 -11.09
N CYS N 349 53.34 -24.83 -11.74
CA CYS N 349 53.29 -23.39 -12.01
C CYS N 349 52.37 -23.11 -13.19
N LEU N 350 52.15 -21.83 -13.44
CA LEU N 350 51.28 -21.41 -14.54
C LEU N 350 52.09 -20.71 -15.63
N GLY O 5 -28.45 -65.26 -22.18
CA GLY O 5 -29.01 -64.49 -23.28
C GLY O 5 -30.36 -63.89 -22.96
N ARG O 6 -31.43 -64.66 -23.24
CA ARG O 6 -32.80 -64.24 -23.01
C ARG O 6 -33.08 -62.90 -23.69
N LEU O 7 -33.84 -62.04 -23.02
CA LEU O 7 -34.07 -60.67 -23.47
C LEU O 7 -34.38 -59.85 -22.23
N GLY O 8 -33.40 -59.08 -21.78
CA GLY O 8 -33.59 -58.22 -20.63
C GLY O 8 -32.33 -58.10 -19.80
N GLU O 9 -31.41 -59.04 -19.99
CA GLU O 9 -30.09 -58.90 -19.40
C GLU O 9 -29.39 -57.70 -20.01
N GLN O 10 -28.58 -57.01 -19.22
CA GLN O 10 -28.08 -55.72 -19.68
C GLN O 10 -27.13 -55.89 -20.86
N GLU O 11 -25.92 -56.41 -20.63
CA GLU O 11 -25.06 -56.68 -21.77
C GLU O 11 -24.20 -57.94 -21.67
N ALA O 12 -24.01 -58.52 -20.49
CA ALA O 12 -23.03 -59.59 -20.28
C ALA O 12 -21.65 -59.15 -20.79
N PHE O 13 -21.12 -58.12 -20.12
CA PHE O 13 -19.87 -57.48 -20.55
C PHE O 13 -18.70 -58.47 -20.51
N ALA O 14 -17.81 -58.35 -21.49
CA ALA O 14 -16.60 -59.14 -21.57
C ALA O 14 -15.47 -58.29 -22.11
N MET O 15 -14.31 -58.34 -21.45
CA MET O 15 -13.19 -57.51 -21.84
C MET O 15 -12.52 -58.05 -23.10
N THR O 16 -12.00 -57.13 -23.91
CA THR O 16 -11.30 -57.51 -25.13
C THR O 16 -10.00 -58.21 -24.81
N VAL O 17 -9.67 -59.23 -25.60
CA VAL O 17 -8.40 -59.95 -25.42
C VAL O 17 -7.25 -59.04 -25.82
N PRO O 18 -6.15 -59.01 -25.06
CA PRO O 18 -5.03 -58.12 -25.40
C PRO O 18 -4.32 -58.56 -26.68
N LEU O 19 -3.96 -59.83 -26.76
CA LEU O 19 -3.24 -60.38 -27.90
C LEU O 19 -3.98 -61.60 -28.42
N LEU O 20 -4.22 -61.65 -29.72
CA LEU O 20 -4.91 -62.76 -30.34
C LEU O 20 -4.18 -63.17 -31.61
N ILE O 21 -4.10 -64.47 -31.86
CA ILE O 21 -3.55 -65.00 -33.10
C ILE O 21 -4.59 -65.93 -33.70
N ASP O 22 -5.12 -65.55 -34.86
CA ASP O 22 -6.11 -66.35 -35.56
C ASP O 22 -5.49 -66.92 -36.83
N VAL O 23 -5.38 -68.24 -36.87
CA VAL O 23 -4.86 -68.93 -38.05
C VAL O 23 -5.99 -69.78 -38.64
N ASP O 24 -5.83 -70.13 -39.91
CA ASP O 24 -6.82 -70.91 -40.62
C ASP O 24 -6.93 -72.31 -40.04
N SER O 25 -8.05 -72.97 -40.38
CA SER O 25 -8.26 -74.35 -39.96
C SER O 25 -7.41 -75.27 -40.85
N SER O 26 -7.63 -76.58 -40.74
CA SER O 26 -6.80 -77.60 -41.36
C SER O 26 -5.36 -77.57 -40.83
N GLN O 27 -5.10 -76.78 -39.79
CA GLN O 27 -3.86 -76.82 -39.03
C GLN O 27 -4.14 -77.01 -37.54
N GLN O 28 -5.36 -77.44 -37.21
CA GLN O 28 -5.69 -77.80 -35.83
C GLN O 28 -4.75 -78.88 -35.32
N GLU O 29 -4.66 -79.99 -36.06
CA GLU O 29 -3.78 -81.10 -35.71
C GLU O 29 -2.65 -81.28 -36.71
N ALA O 30 -2.71 -80.62 -37.87
CA ALA O 30 -1.61 -80.64 -38.82
C ALA O 30 -0.44 -79.79 -38.33
N LEU O 31 -0.72 -78.75 -37.56
CA LEU O 31 0.31 -77.87 -37.03
C LEU O 31 0.64 -78.16 -35.57
N GLU O 32 -0.37 -78.35 -34.73
CA GLU O 32 -0.17 -78.70 -33.32
C GLU O 32 0.74 -79.91 -33.14
N ALA O 33 1.08 -80.60 -34.23
CA ALA O 33 2.03 -81.71 -34.16
C ALA O 33 3.32 -81.28 -33.48
N ILE O 34 3.79 -80.06 -33.78
CA ILE O 34 4.90 -79.47 -33.07
C ILE O 34 4.35 -78.67 -31.89
N ALA O 35 5.19 -78.50 -30.86
CA ALA O 35 4.78 -77.79 -29.64
C ALA O 35 4.76 -76.29 -29.91
N LEU O 36 3.76 -75.87 -30.68
CA LEU O 36 3.57 -74.43 -30.93
C LEU O 36 3.20 -73.70 -29.66
N ASN O 37 2.62 -74.39 -28.69
CA ASN O 37 2.28 -73.81 -27.41
C ASN O 37 3.48 -73.73 -26.49
N ASP O 38 4.58 -74.38 -26.86
CA ASP O 38 5.85 -74.21 -26.18
C ASP O 38 6.78 -73.28 -26.94
N GLU O 39 6.70 -73.29 -28.28
CA GLU O 39 7.49 -72.35 -29.06
C GLU O 39 7.06 -70.91 -28.79
N LEU O 40 5.75 -70.69 -28.69
CA LEU O 40 5.26 -69.34 -28.42
C LEU O 40 5.71 -68.84 -27.05
N VAL O 41 5.59 -69.68 -26.02
CA VAL O 41 6.05 -69.26 -24.70
C VAL O 41 7.57 -69.07 -24.70
N ARG O 42 8.30 -69.89 -25.45
CA ARG O 42 9.75 -69.74 -25.54
C ARG O 42 10.12 -68.39 -26.13
N VAL O 43 9.49 -68.02 -27.25
CA VAL O 43 9.85 -66.76 -27.90
C VAL O 43 9.41 -65.58 -27.04
N ARG O 44 8.24 -65.68 -26.39
CA ARG O 44 7.81 -64.61 -25.50
C ARG O 44 8.76 -64.43 -24.33
N ARG O 45 9.19 -65.55 -23.72
CA ARG O 45 10.14 -65.48 -22.61
C ARG O 45 11.47 -64.90 -23.05
N ALA O 46 11.96 -65.31 -24.23
CA ALA O 46 13.22 -64.77 -24.72
C ALA O 46 13.13 -63.28 -24.98
N LEU O 47 12.04 -62.83 -25.61
CA LEU O 47 11.90 -61.41 -25.88
C LEU O 47 11.73 -60.60 -24.59
N TYR O 48 11.04 -61.16 -23.59
CA TYR O 48 10.97 -60.50 -22.30
C TYR O 48 12.34 -60.38 -21.66
N LEU O 49 13.12 -61.48 -21.68
CA LEU O 49 14.47 -61.43 -21.12
C LEU O 49 15.33 -60.41 -21.84
N ASP O 50 15.12 -60.25 -23.15
CA ASP O 50 15.86 -59.26 -23.91
C ASP O 50 15.41 -57.83 -23.57
N LEU O 51 14.13 -57.64 -23.30
CA LEU O 51 13.56 -56.31 -23.07
C LEU O 51 13.15 -56.07 -21.63
N GLY O 52 12.35 -56.97 -21.05
CA GLY O 52 11.80 -56.77 -19.72
C GLY O 52 10.38 -56.28 -19.68
N VAL O 53 9.75 -56.07 -20.83
CA VAL O 53 8.36 -55.63 -20.87
C VAL O 53 7.45 -56.81 -20.49
N PRO O 54 6.54 -56.63 -19.54
CA PRO O 54 5.65 -57.74 -19.18
C PRO O 54 4.60 -58.00 -20.23
N PHE O 55 4.94 -58.79 -21.26
CA PHE O 55 4.00 -59.08 -22.32
C PHE O 55 2.81 -59.86 -21.77
N PRO O 56 1.62 -59.69 -22.34
CA PRO O 56 0.44 -60.36 -21.82
C PRO O 56 0.35 -61.81 -22.31
N GLY O 57 -0.71 -62.47 -21.89
CA GLY O 57 -0.96 -63.81 -22.38
C GLY O 57 -1.41 -63.80 -23.83
N ILE O 58 -1.08 -64.88 -24.54
CA ILE O 58 -1.34 -64.99 -25.96
C ILE O 58 -2.52 -65.94 -26.15
N HIS O 59 -3.58 -65.45 -26.80
CA HIS O 59 -4.76 -66.25 -27.09
C HIS O 59 -4.65 -66.79 -28.51
N LEU O 60 -4.72 -68.11 -28.64
CA LEU O 60 -4.59 -68.78 -29.93
C LEU O 60 -5.92 -69.46 -30.28
N ARG O 61 -6.45 -69.13 -31.46
CA ARG O 61 -7.70 -69.70 -31.93
C ARG O 61 -7.55 -70.12 -33.38
N PHE O 62 -8.23 -71.21 -33.74
CA PHE O 62 -8.23 -71.73 -35.11
C PHE O 62 -9.60 -71.42 -35.72
N ASN O 63 -9.61 -70.56 -36.73
CA ASN O 63 -10.83 -70.14 -37.39
C ASN O 63 -10.89 -70.72 -38.80
N GLU O 64 -11.99 -71.38 -39.12
CA GLU O 64 -12.19 -71.99 -40.44
C GLU O 64 -12.83 -71.03 -41.44
N GLY O 65 -13.26 -69.85 -40.99
CA GLY O 65 -13.92 -68.92 -41.90
C GLY O 65 -13.02 -68.42 -43.01
N MET O 66 -11.74 -68.24 -42.72
CA MET O 66 -10.78 -67.76 -43.71
C MET O 66 -10.35 -68.92 -44.60
N GLY O 67 -9.27 -68.72 -45.36
CA GLY O 67 -8.80 -69.72 -46.28
C GLY O 67 -8.01 -70.83 -45.62
N GLU O 68 -6.88 -71.20 -46.23
CA GLU O 68 -6.04 -72.28 -45.72
C GLU O 68 -4.70 -71.81 -45.16
N GLY O 69 -4.18 -70.68 -45.63
CA GLY O 69 -2.89 -70.21 -45.20
C GLY O 69 -2.86 -68.75 -44.76
N GLU O 70 -3.91 -68.30 -44.08
CA GLU O 70 -4.00 -66.93 -43.60
C GLU O 70 -3.82 -66.92 -42.08
N TYR O 71 -2.83 -66.18 -41.60
CA TYR O 71 -2.61 -65.99 -40.18
C TYR O 71 -2.65 -64.51 -39.87
N LEU O 72 -3.30 -64.15 -38.77
CA LEU O 72 -3.39 -62.76 -38.34
C LEU O 72 -3.04 -62.64 -36.86
N ILE O 73 -2.25 -61.62 -36.55
CA ILE O 73 -1.89 -61.28 -35.18
C ILE O 73 -2.54 -59.93 -34.88
N SER O 74 -3.36 -59.89 -33.84
CA SER O 74 -4.14 -58.71 -33.49
C SER O 74 -3.86 -58.30 -32.06
N LEU O 75 -3.63 -57.00 -31.86
CA LEU O 75 -3.43 -56.43 -30.53
C LEU O 75 -4.71 -55.74 -30.10
N GLN O 76 -5.33 -56.24 -29.04
CA GLN O 76 -6.59 -55.70 -28.53
C GLN O 76 -7.67 -55.72 -29.61
N GLU O 77 -7.81 -56.90 -30.25
CA GLU O 77 -8.81 -57.14 -31.28
C GLU O 77 -8.71 -56.14 -32.43
N VAL O 78 -7.49 -55.76 -32.78
CA VAL O 78 -7.24 -54.99 -33.99
C VAL O 78 -6.04 -55.61 -34.69
N PRO O 79 -6.19 -56.12 -35.91
CA PRO O 79 -5.08 -56.81 -36.58
C PRO O 79 -3.95 -55.84 -36.92
N VAL O 80 -2.74 -56.22 -36.52
CA VAL O 80 -1.56 -55.41 -36.81
C VAL O 80 -0.59 -56.09 -37.77
N ALA O 81 -0.64 -57.42 -37.89
CA ALA O 81 0.21 -58.13 -38.84
C ALA O 81 -0.52 -59.40 -39.25
N ARG O 82 -1.06 -59.40 -40.47
CA ARG O 82 -1.74 -60.58 -41.00
C ARG O 82 -0.93 -61.24 -42.10
N LEU O 85 -0.19 -68.50 -43.32
CA LEU O 85 1.12 -68.74 -43.90
C LEU O 85 1.01 -68.91 -45.40
N LYS O 86 1.79 -68.13 -46.14
CA LYS O 86 1.83 -68.29 -47.59
C LYS O 86 2.33 -69.67 -47.99
N ALA O 87 3.09 -70.34 -47.12
CA ALA O 87 3.48 -71.73 -47.32
C ALA O 87 2.34 -72.62 -46.80
N GLY O 88 1.26 -72.68 -47.58
CA GLY O 88 0.13 -73.50 -47.19
C GLY O 88 0.50 -74.97 -47.06
N TYR O 89 1.20 -75.50 -48.05
CA TYR O 89 1.78 -76.82 -47.96
C TYR O 89 3.23 -76.69 -47.47
N LEU O 90 3.99 -77.78 -47.55
CA LEU O 90 5.39 -77.76 -47.11
C LEU O 90 6.24 -76.92 -48.06
N LEU O 91 6.28 -75.61 -47.84
CA LEU O 91 6.93 -74.66 -48.73
C LEU O 91 7.76 -73.65 -47.92
N VAL O 92 8.62 -74.18 -47.03
CA VAL O 92 9.44 -73.36 -46.13
C VAL O 92 10.21 -72.29 -46.91
N ARG O 93 10.40 -71.13 -46.28
CA ARG O 93 10.99 -69.97 -46.95
C ARG O 93 12.44 -69.78 -46.54
N GLU O 94 13.06 -68.76 -47.10
CA GLU O 94 14.47 -68.45 -46.84
C GLU O 94 14.67 -66.96 -47.10
N SER O 95 15.95 -66.53 -47.09
CA SER O 95 16.31 -65.14 -47.29
C SER O 95 17.42 -65.01 -48.34
N VAL O 96 18.01 -63.81 -48.44
CA VAL O 96 19.12 -63.48 -49.32
C VAL O 96 18.65 -63.42 -50.77
N SER O 97 18.14 -64.53 -51.29
CA SER O 97 17.57 -64.62 -52.65
C SER O 97 18.69 -64.33 -53.65
N GLN O 98 18.47 -63.48 -54.66
CA GLN O 98 19.47 -63.08 -55.63
C GLN O 98 19.98 -64.25 -56.47
N LEU O 99 21.01 -63.99 -57.30
CA LEU O 99 21.63 -65.05 -58.07
C LEU O 99 22.32 -66.08 -57.18
N GLU O 100 22.57 -65.74 -55.91
CA GLU O 100 23.06 -66.74 -54.97
C GLU O 100 22.03 -67.83 -54.75
N LEU O 101 20.75 -67.45 -54.61
CA LEU O 101 19.69 -68.45 -54.57
C LEU O 101 19.46 -69.05 -55.95
N LEU O 102 19.56 -68.24 -57.01
CA LEU O 102 19.43 -68.76 -58.36
C LEU O 102 20.55 -69.72 -58.72
N GLY O 103 21.70 -69.63 -58.04
CA GLY O 103 22.80 -70.54 -58.29
C GLY O 103 22.67 -71.90 -57.65
N ILE O 104 21.66 -72.11 -56.82
CA ILE O 104 21.44 -73.39 -56.17
C ILE O 104 20.03 -73.91 -56.45
N LEU O 113 6.27 -59.18 -47.33
CA LEU O 113 7.64 -58.97 -46.89
C LEU O 113 7.67 -58.50 -45.43
N PRO O 114 7.90 -59.43 -44.51
CA PRO O 114 8.02 -59.04 -43.10
C PRO O 114 9.20 -58.12 -42.84
N ASP O 115 10.41 -58.57 -43.21
CA ASP O 115 11.61 -57.73 -43.13
C ASP O 115 12.52 -57.85 -44.33
N GLN O 116 12.51 -58.96 -45.06
CA GLN O 116 13.45 -59.21 -46.14
C GLN O 116 12.75 -59.96 -47.26
N GLU O 117 13.37 -59.94 -48.43
CA GLU O 117 12.84 -60.64 -49.60
C GLU O 117 13.09 -62.14 -49.50
N PHE O 119 11.80 -65.55 -50.51
CA PHE O 119 11.23 -66.52 -51.44
C PHE O 119 10.86 -67.82 -50.72
N TRP O 120 10.17 -68.71 -51.42
CA TRP O 120 9.66 -69.95 -50.86
C TRP O 120 10.14 -71.13 -51.71
N VAL O 121 10.63 -72.17 -51.06
CA VAL O 121 11.14 -73.35 -51.75
C VAL O 121 10.51 -74.60 -51.13
N SER O 122 10.43 -75.67 -51.93
CA SER O 122 9.85 -76.91 -51.48
C SER O 122 10.82 -77.69 -50.58
N VAL O 123 10.29 -78.69 -49.90
CA VAL O 123 11.10 -79.47 -48.96
C VAL O 123 12.01 -80.48 -49.65
N GLU O 124 11.72 -80.86 -50.90
CA GLU O 124 12.65 -81.74 -51.60
C GLU O 124 13.96 -81.01 -51.89
N TYR O 125 13.90 -79.69 -52.10
CA TYR O 125 15.11 -78.89 -52.24
C TYR O 125 15.71 -78.53 -50.89
N GLU O 126 14.98 -78.77 -49.80
CA GLU O 126 15.43 -78.32 -48.47
C GLU O 126 16.72 -79.02 -48.06
N GLU O 127 16.84 -80.32 -48.35
CA GLU O 127 18.03 -81.05 -47.95
C GLU O 127 19.27 -80.47 -48.62
N ARG O 128 19.20 -80.30 -49.95
CA ARG O 128 20.35 -79.78 -50.68
C ARG O 128 20.61 -78.31 -50.35
N LEU O 129 19.57 -77.57 -49.98
CA LEU O 129 19.77 -76.16 -49.62
C LEU O 129 20.40 -76.03 -48.24
N GLU O 130 20.06 -76.92 -47.31
CA GLU O 130 20.70 -76.93 -46.00
C GLU O 130 22.09 -77.54 -46.04
N LYS O 131 22.39 -78.36 -47.04
CA LYS O 131 23.77 -78.76 -47.27
C LYS O 131 24.65 -77.57 -47.63
N SER O 132 24.07 -76.55 -48.27
CA SER O 132 24.78 -75.31 -48.54
C SER O 132 24.74 -74.38 -47.34
N PHE O 136 15.58 -70.13 -44.09
CA PHE O 136 15.10 -71.35 -43.47
C PHE O 136 14.12 -71.02 -42.35
N PHE O 137 12.82 -71.01 -42.69
CA PHE O 137 11.78 -70.72 -41.72
C PHE O 137 10.64 -71.72 -41.89
N SER O 138 10.40 -72.53 -40.86
CA SER O 138 9.26 -73.45 -40.88
C SER O 138 8.01 -72.69 -40.46
N HIS O 139 6.88 -73.39 -40.31
CA HIS O 139 5.63 -72.74 -39.93
C HIS O 139 5.75 -72.12 -38.54
N SER O 140 6.25 -72.89 -37.58
CA SER O 140 6.44 -72.36 -36.23
C SER O 140 7.42 -71.20 -36.24
N GLN O 141 8.51 -71.34 -37.02
CA GLN O 141 9.53 -70.29 -37.04
C GLN O 141 8.98 -68.99 -37.61
N VAL O 142 8.23 -69.04 -38.71
CA VAL O 142 7.69 -67.81 -39.27
C VAL O 142 6.62 -67.20 -38.37
N LEU O 143 5.78 -68.04 -37.76
CA LEU O 143 4.76 -67.52 -36.86
C LEU O 143 5.40 -66.82 -35.67
N THR O 144 6.41 -67.46 -35.06
CA THR O 144 7.07 -66.84 -33.92
C THR O 144 7.89 -65.63 -34.32
N TRP O 145 8.42 -65.62 -35.55
CA TRP O 145 9.14 -64.44 -36.02
C TRP O 145 8.21 -63.25 -36.13
N HIS O 146 7.04 -63.45 -36.73
CA HIS O 146 6.06 -62.36 -36.81
C HIS O 146 5.60 -61.93 -35.43
N LEU O 147 5.36 -62.88 -34.53
CA LEU O 147 4.97 -62.53 -33.17
C LEU O 147 6.04 -61.69 -32.49
N SER O 148 7.31 -62.09 -32.63
CA SER O 148 8.41 -61.36 -32.01
C SER O 148 8.54 -59.97 -32.60
N HIS O 149 8.39 -59.84 -33.92
CA HIS O 149 8.46 -58.52 -34.54
C HIS O 149 7.33 -57.63 -34.05
N VAL O 150 6.11 -58.17 -33.93
CA VAL O 150 4.99 -57.39 -33.43
C VAL O 150 5.24 -56.93 -32.00
N LEU O 151 5.73 -57.85 -31.16
CA LEU O 151 5.98 -57.49 -29.76
C LEU O 151 7.09 -56.45 -29.65
N ARG O 152 8.13 -56.56 -30.47
CA ARG O 152 9.24 -55.62 -30.39
C ARG O 152 8.83 -54.24 -30.89
N GLU O 153 8.10 -54.17 -32.00
CA GLU O 153 7.75 -52.86 -32.56
C GLU O 153 6.51 -52.26 -31.90
N TYR O 154 5.78 -53.02 -31.08
CA TYR O 154 4.59 -52.50 -30.42
C TYR O 154 4.64 -52.77 -28.92
N ALA O 155 5.84 -52.78 -28.34
CA ALA O 155 5.96 -53.01 -26.90
C ALA O 155 5.45 -51.84 -26.09
N GLU O 156 5.43 -50.63 -26.66
CA GLU O 156 4.96 -49.47 -25.91
C GLU O 156 3.51 -49.63 -25.47
N ASP O 157 2.71 -50.38 -26.23
CA ASP O 157 1.32 -50.62 -25.87
C ASP O 157 1.15 -51.67 -24.79
N PHE O 158 2.22 -52.36 -24.41
CA PHE O 158 2.15 -53.36 -23.34
C PHE O 158 2.62 -52.81 -22.00
N ILE O 159 2.95 -51.52 -21.91
CA ILE O 159 3.38 -50.93 -20.65
C ILE O 159 2.33 -49.94 -20.18
N GLY O 160 1.41 -50.41 -19.33
CA GLY O 160 0.40 -49.58 -18.72
C GLY O 160 0.69 -49.35 -17.25
N ILE O 161 -0.25 -48.64 -16.62
CA ILE O 161 -0.14 -48.43 -15.18
C ILE O 161 -0.24 -49.76 -14.45
N GLN O 162 -1.13 -50.64 -14.90
CA GLN O 162 -1.27 -51.95 -14.28
C GLN O 162 0.02 -52.76 -14.39
N GLU O 163 0.68 -52.71 -15.56
CA GLU O 163 1.91 -53.47 -15.75
C GLU O 163 3.03 -52.95 -14.85
N THR O 164 3.18 -51.62 -14.77
CA THR O 164 4.20 -51.05 -13.89
C THR O 164 3.90 -51.36 -12.43
N ARG O 165 2.62 -51.34 -12.06
CA ARG O 165 2.24 -51.70 -10.69
C ARG O 165 2.57 -53.16 -10.41
N TYR O 166 2.36 -54.04 -11.37
CA TYR O 166 2.74 -55.44 -11.21
C TYR O 166 4.24 -55.57 -11.03
N LEU O 167 5.02 -54.83 -11.83
CA LEU O 167 6.47 -54.87 -11.69
C LEU O 167 6.92 -54.40 -10.31
N LEU O 168 6.32 -53.31 -9.82
CA LEU O 168 6.68 -52.82 -8.49
C LEU O 168 6.28 -53.80 -7.40
N GLU O 169 5.08 -54.39 -7.50
CA GLU O 169 4.64 -55.33 -6.48
C GLU O 169 5.46 -56.61 -6.49
N GLN O 170 5.98 -57.01 -7.66
CA GLN O 170 6.81 -58.18 -7.74
C GLN O 170 8.19 -57.94 -7.11
N MET O 171 8.63 -56.69 -7.05
CA MET O 171 9.92 -56.32 -6.50
C MET O 171 9.83 -55.82 -5.07
N GLU O 172 8.66 -55.94 -4.42
CA GLU O 172 8.51 -55.45 -3.05
C GLU O 172 9.42 -56.22 -2.09
N GLY O 173 9.51 -57.54 -2.27
CA GLY O 173 10.39 -58.34 -1.41
C GLY O 173 11.86 -58.00 -1.60
N GLY O 174 12.27 -57.74 -2.84
CA GLY O 174 13.65 -57.43 -3.13
C GLY O 174 14.12 -56.08 -2.61
N TYR O 175 13.54 -55.00 -3.13
CA TYR O 175 13.94 -53.64 -2.77
C TYR O 175 12.70 -52.89 -2.28
N GLY O 176 12.44 -52.98 -0.97
CA GLY O 176 11.27 -52.31 -0.43
C GLY O 176 11.46 -50.81 -0.31
N GLU O 177 12.55 -50.39 0.34
CA GLU O 177 12.78 -48.97 0.57
C GLU O 177 13.01 -48.22 -0.74
N LEU O 178 13.66 -48.86 -1.72
CA LEU O 178 13.84 -48.22 -3.02
C LEU O 178 12.49 -47.94 -3.68
N ILE O 179 11.58 -48.91 -3.64
CA ILE O 179 10.25 -48.71 -4.21
C ILE O 179 9.50 -47.64 -3.46
N LYS O 180 9.58 -47.65 -2.12
CA LYS O 180 8.87 -46.64 -1.33
C LYS O 180 9.40 -45.24 -1.62
N GLU O 181 10.71 -45.12 -1.87
CA GLU O 181 11.28 -43.81 -2.20
C GLU O 181 10.86 -43.36 -3.60
N VAL O 182 10.94 -44.26 -4.57
CA VAL O 182 10.61 -43.88 -5.94
C VAL O 182 9.12 -43.56 -6.06
N GLN O 183 8.28 -44.23 -5.27
CA GLN O 183 6.86 -43.90 -5.26
C GLN O 183 6.61 -42.49 -4.71
N ARG O 184 7.33 -42.12 -3.65
CA ARG O 184 7.14 -40.79 -3.07
C ARG O 184 7.76 -39.69 -3.93
N ILE O 185 8.70 -40.04 -4.80
CA ILE O 185 9.35 -39.03 -5.63
C ILE O 185 8.57 -38.76 -6.91
N VAL O 186 8.16 -39.81 -7.63
CA VAL O 186 7.46 -39.63 -8.91
C VAL O 186 6.16 -40.44 -8.91
N PRO O 187 5.14 -39.99 -9.64
CA PRO O 187 3.87 -40.73 -9.69
C PRO O 187 3.94 -41.89 -10.68
N LEU O 188 2.86 -42.67 -10.70
CA LEU O 188 2.80 -43.82 -11.59
C LEU O 188 2.76 -43.40 -13.06
N GLN O 189 2.04 -42.32 -13.38
CA GLN O 189 1.91 -41.90 -14.76
C GLN O 189 3.26 -41.53 -15.36
N ARG O 190 4.04 -40.71 -14.64
CA ARG O 190 5.36 -40.31 -15.12
C ARG O 190 6.28 -41.52 -15.25
N MET O 191 6.23 -42.43 -14.28
CA MET O 191 7.08 -43.61 -14.31
C MET O 191 6.75 -44.48 -15.51
N THR O 192 5.46 -44.70 -15.77
CA THR O 192 5.05 -45.50 -16.92
C THR O 192 5.43 -44.82 -18.23
N GLU O 193 5.27 -43.50 -18.32
CA GLU O 193 5.66 -42.79 -19.53
C GLU O 193 7.16 -42.91 -19.77
N ILE O 194 7.96 -42.81 -18.71
CA ILE O 194 9.40 -42.97 -18.84
C ILE O 194 9.75 -44.38 -19.33
N LEU O 195 9.10 -45.39 -18.76
CA LEU O 195 9.37 -46.76 -19.19
C LEU O 195 8.99 -46.97 -20.65
N GLN O 196 7.85 -46.41 -21.08
CA GLN O 196 7.45 -46.52 -22.47
C GLN O 196 8.46 -45.83 -23.40
N ARG O 197 8.92 -44.64 -23.00
CA ARG O 197 9.91 -43.94 -23.82
C ARG O 197 11.22 -44.72 -23.89
N LEU O 198 11.62 -45.35 -22.78
CA LEU O 198 12.83 -46.17 -22.78
C LEU O 198 12.70 -47.35 -23.73
N VAL O 199 11.55 -48.05 -23.67
CA VAL O 199 11.38 -49.22 -24.52
C VAL O 199 11.25 -48.81 -25.99
N GLY O 200 10.70 -47.63 -26.26
CA GLY O 200 10.61 -47.17 -27.63
C GLY O 200 11.95 -46.99 -28.32
N GLU O 201 13.03 -46.86 -27.55
CA GLU O 201 14.38 -46.75 -28.07
C GLU O 201 15.16 -48.06 -27.97
N ASP O 202 14.45 -49.18 -27.77
CA ASP O 202 15.05 -50.51 -27.62
C ASP O 202 15.94 -50.60 -26.39
N ILE O 203 15.66 -49.79 -25.37
CA ILE O 203 16.38 -49.86 -24.10
C ILE O 203 15.63 -50.80 -23.17
N SER O 204 16.34 -51.78 -22.62
CA SER O 204 15.71 -52.83 -21.84
C SER O 204 15.29 -52.33 -20.46
N ILE O 205 14.07 -52.68 -20.06
CA ILE O 205 13.60 -52.41 -18.71
C ILE O 205 14.17 -53.39 -17.70
N ARG O 206 14.59 -54.57 -18.15
CA ARG O 206 14.97 -55.68 -17.27
C ARG O 206 15.77 -55.26 -16.03
N ASN O 207 16.77 -54.40 -16.22
CA ASN O 207 17.60 -53.94 -15.10
C ASN O 207 16.87 -52.79 -14.41
N MET O 208 15.91 -53.17 -13.56
CA MET O 208 15.04 -52.19 -12.90
C MET O 208 15.73 -51.46 -11.75
N ARG O 209 16.77 -52.05 -11.16
CA ARG O 209 17.43 -51.44 -10.01
C ARG O 209 18.06 -50.10 -10.37
N SER O 210 18.86 -50.08 -11.44
CA SER O 210 19.49 -48.83 -11.86
C SER O 210 18.46 -47.82 -12.33
N ILE O 211 17.40 -48.28 -13.00
CA ILE O 211 16.35 -47.37 -13.46
C ILE O 211 15.68 -46.70 -12.27
N LEU O 212 15.37 -47.48 -11.23
CA LEU O 212 14.73 -46.90 -10.04
C LEU O 212 15.68 -45.96 -9.30
N GLU O 213 16.96 -46.32 -9.22
CA GLU O 213 17.92 -45.42 -8.58
C GLU O 213 18.05 -44.11 -9.34
N ALA O 214 18.10 -44.17 -10.67
CA ALA O 214 18.15 -42.95 -11.46
C ALA O 214 16.87 -42.13 -11.29
N MET O 215 15.72 -42.81 -11.23
CA MET O 215 14.45 -42.13 -11.01
C MET O 215 14.46 -41.40 -9.68
N VAL O 216 14.96 -42.05 -8.63
CA VAL O 216 15.06 -41.41 -7.32
C VAL O 216 16.00 -40.21 -7.38
N GLU O 217 17.16 -40.37 -8.04
CA GLU O 217 18.17 -39.32 -8.03
C GLU O 217 17.72 -38.09 -8.80
N TRP O 218 17.02 -38.29 -9.93
CA TRP O 218 16.72 -37.18 -10.83
C TRP O 218 15.27 -36.75 -10.84
N GLY O 219 14.37 -37.46 -10.16
CA GLY O 219 12.97 -37.06 -10.17
C GLY O 219 12.69 -35.83 -9.34
N GLN O 220 13.53 -35.55 -8.34
CA GLN O 220 13.38 -34.34 -7.54
C GLN O 220 13.90 -33.10 -8.24
N LYS O 221 14.78 -33.27 -9.22
CA LYS O 221 15.44 -32.16 -9.89
C LYS O 221 14.77 -31.77 -11.20
N GLU O 222 14.34 -32.73 -12.01
CA GLU O 222 13.71 -32.47 -13.29
C GLU O 222 12.27 -32.98 -13.26
N LYS O 223 11.35 -32.17 -13.79
CA LYS O 223 9.95 -32.54 -13.89
C LYS O 223 9.50 -32.81 -15.31
N ASP O 224 10.19 -32.28 -16.31
CA ASP O 224 9.87 -32.58 -17.70
C ASP O 224 10.19 -34.03 -18.01
N VAL O 225 9.28 -34.69 -18.72
CA VAL O 225 9.45 -36.12 -19.00
C VAL O 225 10.65 -36.35 -19.92
N VAL O 226 10.85 -35.46 -20.90
CA VAL O 226 11.93 -35.64 -21.86
C VAL O 226 13.28 -35.59 -21.16
N GLN O 227 13.51 -34.55 -20.35
CA GLN O 227 14.79 -34.41 -19.67
C GLN O 227 15.02 -35.54 -18.67
N LEU O 228 13.97 -35.93 -17.95
CA LEU O 228 14.11 -37.00 -16.97
C LEU O 228 14.45 -38.33 -17.65
N THR O 229 13.79 -38.62 -18.78
CA THR O 229 14.10 -39.87 -19.47
C THR O 229 15.47 -39.82 -20.13
N GLU O 230 15.93 -38.63 -20.55
CA GLU O 230 17.30 -38.51 -21.06
C GLU O 230 18.31 -38.78 -19.96
N TYR O 231 18.08 -38.26 -18.75
CA TYR O 231 18.96 -38.56 -17.63
C TYR O 231 18.94 -40.05 -17.28
N ILE O 232 17.76 -40.67 -17.32
CA ILE O 232 17.69 -42.10 -17.03
C ILE O 232 18.42 -42.90 -18.11
N ARG O 233 18.35 -42.46 -19.37
CA ARG O 233 19.14 -43.09 -20.41
C ARG O 233 20.63 -42.95 -20.13
N SER O 234 21.05 -41.74 -19.73
CA SER O 234 22.44 -41.52 -19.38
C SER O 234 22.86 -42.33 -18.17
N SER O 235 21.90 -42.76 -17.35
CA SER O 235 22.20 -43.65 -16.23
C SER O 235 22.52 -45.08 -16.66
N LEU O 236 22.37 -45.40 -17.95
CA LEU O 236 22.62 -46.76 -18.43
C LEU O 236 23.81 -46.77 -19.40
N LYS O 237 24.89 -46.08 -19.00
CA LYS O 237 26.04 -45.90 -19.89
C LYS O 237 26.61 -47.23 -20.35
N ARG O 238 26.91 -48.13 -19.42
CA ARG O 238 27.57 -49.37 -19.81
C ARG O 238 26.64 -50.30 -20.57
N TYR O 239 25.35 -50.32 -20.21
CA TYR O 239 24.40 -51.14 -20.96
C TYR O 239 24.31 -50.67 -22.41
N ILE O 240 24.17 -49.36 -22.61
CA ILE O 240 24.09 -48.83 -23.97
C ILE O 240 25.39 -49.10 -24.72
N CYS O 241 26.53 -48.91 -24.04
CA CYS O 241 27.82 -49.14 -24.67
C CYS O 241 27.96 -50.58 -25.15
N TYR O 242 27.61 -51.55 -24.29
CA TYR O 242 27.75 -52.94 -24.72
C TYR O 242 26.73 -53.29 -25.80
N LYS O 243 25.52 -52.74 -25.72
CA LYS O 243 24.49 -53.09 -26.70
C LYS O 243 24.82 -52.56 -28.09
N TYR O 244 25.40 -51.36 -28.19
CA TYR O 244 25.64 -50.74 -29.48
C TYR O 244 27.08 -50.83 -29.97
N ALA O 245 27.98 -51.40 -29.20
CA ALA O 245 29.39 -51.56 -29.60
C ALA O 245 29.66 -53.04 -29.83
N ASN O 246 29.43 -53.50 -31.07
CA ASN O 246 29.69 -54.89 -31.41
C ASN O 246 31.18 -55.20 -31.33
N GLY O 247 32.00 -54.35 -31.95
CA GLY O 247 33.43 -54.54 -31.87
C GLY O 247 33.96 -54.07 -30.53
N ASN O 248 35.09 -54.64 -30.12
CA ASN O 248 35.57 -54.37 -28.76
C ASN O 248 35.85 -52.89 -28.59
N ASN O 249 35.18 -52.29 -27.60
CA ASN O 249 35.27 -50.87 -27.26
C ASN O 249 35.22 -49.97 -28.48
N ILE O 250 34.62 -50.44 -29.58
CA ILE O 250 34.52 -49.68 -30.82
C ILE O 250 33.05 -49.29 -31.03
N LEU O 251 32.80 -48.00 -31.19
CA LEU O 251 31.44 -47.49 -31.42
C LEU O 251 31.40 -46.63 -32.67
N PRO O 252 30.78 -47.10 -33.75
CA PRO O 252 30.61 -46.26 -34.94
C PRO O 252 29.72 -45.05 -34.62
N ALA O 253 30.11 -43.90 -35.16
CA ALA O 253 29.41 -42.65 -34.86
C ALA O 253 29.17 -41.85 -36.13
N TYR O 254 28.10 -41.07 -36.13
CA TYR O 254 27.74 -40.15 -37.19
C TYR O 254 27.50 -38.76 -36.62
N LEU O 255 28.48 -38.29 -35.85
CA LEU O 255 28.36 -37.08 -35.04
C LEU O 255 27.82 -35.90 -35.82
N PHE O 256 27.07 -35.05 -35.13
CA PHE O 256 26.45 -33.86 -35.70
C PHE O 256 27.33 -32.64 -35.53
N ASP O 257 27.22 -31.71 -36.47
CA ASP O 257 27.91 -30.43 -36.37
C ASP O 257 27.29 -29.58 -35.26
N GLN O 258 28.09 -28.65 -34.75
CA GLN O 258 27.59 -27.73 -33.74
C GLN O 258 26.51 -26.82 -34.31
N GLU O 259 26.70 -26.38 -35.56
CA GLU O 259 25.72 -25.51 -36.21
C GLU O 259 24.38 -26.22 -36.39
N VAL O 260 24.42 -27.49 -36.82
CA VAL O 260 23.18 -28.24 -37.01
C VAL O 260 22.47 -28.45 -35.68
N GLU O 261 23.22 -28.80 -34.63
CA GLU O 261 22.62 -28.97 -33.32
C GLU O 261 21.98 -27.68 -32.83
N GLU O 262 22.67 -26.55 -33.02
CA GLU O 262 22.10 -25.27 -32.60
C GLU O 262 20.85 -24.94 -33.40
N LYS O 263 20.86 -25.21 -34.71
CA LYS O 263 19.68 -24.95 -35.53
C LYS O 263 18.49 -25.79 -35.07
N ILE O 264 18.74 -27.06 -34.75
CA ILE O 264 17.67 -27.91 -34.22
C ILE O 264 17.17 -27.38 -32.89
N ARG O 265 18.10 -27.02 -32.00
CA ARG O 265 17.72 -26.53 -30.67
C ARG O 265 16.99 -25.19 -30.74
N SER O 266 17.17 -24.43 -31.83
CA SER O 266 16.55 -23.11 -31.94
C SER O 266 15.04 -23.17 -31.99
N ARG O 267 14.45 -24.35 -32.22
CA ARG O 267 13.01 -24.53 -32.33
C ARG O 267 12.57 -25.67 -31.42
N VAL O 268 12.99 -25.63 -30.16
CA VAL O 268 12.63 -26.69 -29.23
C VAL O 268 11.13 -26.66 -28.93
N ARG O 269 10.58 -25.48 -28.67
CA ARG O 269 9.14 -25.32 -28.50
C ARG O 269 8.63 -26.23 -27.38
N GLN O 270 9.06 -25.89 -26.16
CA GLN O 270 8.81 -26.73 -24.99
C GLN O 270 7.45 -26.48 -24.37
N THR O 271 6.48 -26.06 -25.19
CA THR O 271 5.16 -25.71 -24.69
C THR O 271 4.44 -26.96 -24.18
N SER O 272 3.59 -26.75 -23.17
CA SER O 272 2.88 -27.82 -22.49
C SER O 272 2.20 -28.78 -23.46
N ALA O 273 2.08 -30.03 -23.02
CA ALA O 273 1.48 -31.13 -23.79
C ALA O 273 2.35 -31.61 -24.96
N GLY O 274 3.63 -31.84 -24.68
CA GLY O 274 4.49 -32.49 -25.64
C GLY O 274 5.86 -31.92 -25.94
N SER O 275 5.98 -30.61 -26.16
CA SER O 275 7.28 -29.98 -26.42
C SER O 275 7.77 -30.36 -27.82
N TYR O 276 6.88 -30.26 -28.80
CA TYR O 276 7.18 -30.74 -30.14
C TYR O 276 8.24 -29.88 -30.83
N LEU O 277 9.06 -30.55 -31.64
CA LEU O 277 10.16 -29.94 -32.39
C LEU O 277 9.63 -29.64 -33.78
N ALA O 278 9.12 -28.43 -33.98
CA ALA O 278 8.58 -28.03 -35.27
C ALA O 278 9.39 -26.85 -35.83
N LEU O 279 10.23 -27.15 -36.81
CA LEU O 279 10.98 -26.14 -37.54
C LEU O 279 10.23 -25.82 -38.84
N ASP O 280 10.81 -24.95 -39.64
CA ASP O 280 10.27 -24.71 -40.98
C ASP O 280 10.40 -26.00 -41.79
N PRO O 281 9.36 -26.39 -42.55
CA PRO O 281 9.46 -27.62 -43.35
C PRO O 281 10.64 -27.64 -44.30
N ALA O 282 10.97 -26.50 -44.91
CA ALA O 282 12.14 -26.45 -45.78
C ALA O 282 13.43 -26.73 -45.02
N VAL O 283 13.53 -26.20 -43.80
CA VAL O 283 14.73 -26.40 -42.99
C VAL O 283 14.90 -27.88 -42.63
N THR O 284 13.81 -28.52 -42.20
CA THR O 284 13.89 -29.95 -41.88
C THR O 284 14.18 -30.78 -43.13
N GLU O 285 13.62 -30.39 -44.28
CA GLU O 285 13.93 -31.09 -45.53
C GLU O 285 15.41 -30.96 -45.86
N SER O 286 15.98 -29.77 -45.71
CA SER O 286 17.40 -29.58 -45.99
C SER O 286 18.27 -30.38 -45.03
N LEU O 287 17.90 -30.40 -43.74
CA LEU O 287 18.68 -31.18 -42.78
C LEU O 287 18.60 -32.67 -43.09
N LEU O 288 17.42 -33.16 -43.46
CA LEU O 288 17.29 -34.56 -43.84
C LEU O 288 18.09 -34.87 -45.09
N GLU O 289 18.12 -33.94 -46.05
CA GLU O 289 18.94 -34.13 -47.24
C GLU O 289 20.42 -34.19 -46.89
N GLN O 290 20.88 -33.33 -45.98
CA GLN O 290 22.28 -33.38 -45.56
C GLN O 290 22.60 -34.70 -44.87
N VAL O 291 21.71 -35.17 -44.00
CA VAL O 291 21.92 -36.43 -43.31
C VAL O 291 21.99 -37.58 -44.31
N ARG O 292 21.08 -37.59 -45.29
CA ARG O 292 21.08 -38.63 -46.31
C ARG O 292 22.35 -38.59 -47.15
N LYS O 293 22.82 -37.38 -47.49
CA LYS O 293 24.04 -37.24 -48.26
C LYS O 293 25.24 -37.76 -47.49
N THR O 294 25.29 -37.48 -46.19
CA THR O 294 26.41 -37.93 -45.36
C THR O 294 26.33 -39.44 -45.14
N ILE O 295 25.32 -39.89 -44.41
CA ILE O 295 25.12 -41.30 -44.11
C ILE O 295 25.27 -42.19 -45.34
N ASP O 297 22.20 -45.37 -48.34
CA ASP O 297 21.03 -46.06 -47.81
C ASP O 297 21.34 -46.72 -46.48
N LEU O 298 22.61 -47.13 -46.31
CA LEU O 298 23.13 -47.70 -45.07
C LEU O 298 22.60 -49.10 -44.81
N SER O 299 21.66 -49.55 -45.64
CA SER O 299 21.12 -50.91 -45.55
C SER O 299 21.87 -51.86 -46.46
N GLN O 300 23.20 -51.88 -46.33
CA GLN O 300 24.04 -52.74 -47.14
C GLN O 300 25.04 -53.55 -46.33
N ILE O 301 25.36 -53.13 -45.10
CA ILE O 301 26.45 -53.71 -44.33
C ILE O 301 25.93 -54.08 -42.96
N GLN O 302 26.60 -55.05 -42.33
CA GLN O 302 26.21 -55.56 -41.02
C GLN O 302 26.65 -54.56 -39.93
N SER O 303 26.62 -55.01 -38.68
CA SER O 303 26.87 -54.20 -37.49
C SER O 303 25.75 -53.19 -37.28
N LYS O 304 26.01 -52.13 -36.54
CA LYS O 304 24.95 -51.22 -36.16
C LYS O 304 25.52 -49.85 -35.78
N PRO O 305 25.87 -49.01 -36.75
CA PRO O 305 26.34 -47.67 -36.41
C PRO O 305 25.24 -46.86 -35.75
N VAL O 306 25.66 -45.94 -34.87
CA VAL O 306 24.73 -45.15 -34.07
C VAL O 306 25.02 -43.68 -34.29
N LEU O 307 23.96 -42.88 -34.34
CA LEU O 307 24.08 -41.43 -34.38
C LEU O 307 24.29 -40.90 -32.97
N ILE O 308 25.25 -40.00 -32.80
CA ILE O 308 25.54 -39.41 -31.50
C ILE O 308 25.37 -37.90 -31.60
N VAL O 309 24.54 -37.35 -30.71
CA VAL O 309 24.17 -35.94 -30.72
C VAL O 309 24.08 -35.48 -29.28
N SER O 310 23.92 -34.17 -29.10
CA SER O 310 23.80 -33.59 -27.76
C SER O 310 22.58 -34.17 -27.05
N MET O 311 22.72 -34.37 -25.73
CA MET O 311 21.68 -35.06 -24.97
C MET O 311 20.37 -34.26 -24.96
N ASP O 312 20.45 -32.95 -24.77
CA ASP O 312 19.25 -32.14 -24.55
C ASP O 312 18.29 -32.21 -25.72
N ILE O 313 18.76 -32.57 -26.92
CA ILE O 313 17.91 -32.65 -28.10
C ILE O 313 17.87 -34.06 -28.67
N ARG O 314 18.43 -35.05 -27.96
CA ARG O 314 18.59 -36.38 -28.54
C ARG O 314 17.26 -36.94 -29.05
N ARG O 315 16.26 -36.98 -28.17
CA ARG O 315 14.96 -37.49 -28.58
C ARG O 315 14.40 -36.67 -29.75
N TYR O 316 14.55 -35.34 -29.68
CA TYR O 316 14.08 -34.50 -30.77
C TYR O 316 14.74 -34.88 -32.09
N VAL O 317 16.00 -35.30 -32.05
CA VAL O 317 16.66 -35.75 -33.28
C VAL O 317 16.07 -37.08 -33.73
N ARG O 318 15.81 -37.99 -32.79
CA ARG O 318 15.39 -39.34 -33.15
C ARG O 318 14.10 -39.32 -33.98
N LYS O 319 13.06 -38.67 -33.46
CA LYS O 319 11.81 -38.58 -34.20
C LYS O 319 11.98 -37.79 -35.49
N LEU O 320 13.04 -37.00 -35.60
CA LEU O 320 13.33 -36.32 -36.86
C LEU O 320 13.77 -37.30 -37.93
N ILE O 321 14.50 -38.35 -37.56
CA ILE O 321 15.02 -39.32 -38.51
C ILE O 321 14.29 -40.65 -38.42
N GLU O 322 13.24 -40.73 -37.59
CA GLU O 322 12.50 -41.98 -37.47
C GLU O 322 11.76 -42.32 -38.75
N SER O 323 11.39 -41.32 -39.55
CA SER O 323 10.64 -41.57 -40.77
C SER O 323 11.46 -42.36 -41.78
N GLU O 324 12.71 -41.96 -42.01
CA GLU O 324 13.57 -42.62 -42.99
C GLU O 324 14.47 -43.67 -42.36
N TYR O 325 15.31 -43.26 -41.41
CA TYR O 325 16.27 -44.16 -40.78
C TYR O 325 15.70 -44.64 -39.44
N TYR O 326 14.74 -45.57 -39.54
CA TYR O 326 14.19 -46.19 -38.34
C TYR O 326 15.22 -47.09 -37.66
N GLY O 327 16.20 -47.59 -38.41
CA GLY O 327 17.25 -48.42 -37.85
C GLY O 327 18.21 -47.65 -36.96
N LEU O 328 19.04 -46.81 -37.57
CA LEU O 328 20.04 -45.98 -36.92
C LEU O 328 19.55 -45.41 -35.58
N PRO O 329 20.13 -45.86 -34.47
CA PRO O 329 19.78 -45.28 -33.17
C PRO O 329 20.41 -43.92 -32.98
N VAL O 330 19.88 -43.19 -31.99
CA VAL O 330 20.40 -41.88 -31.62
C VAL O 330 20.81 -41.95 -30.16
N LEU O 331 22.03 -41.50 -29.87
CA LEU O 331 22.60 -41.58 -28.53
C LEU O 331 23.03 -40.20 -28.06
N SER O 332 23.13 -40.06 -26.74
CA SER O 332 23.56 -38.82 -26.12
C SER O 332 25.04 -38.90 -25.77
N TYR O 333 25.68 -37.73 -25.75
CA TYR O 333 27.08 -37.67 -25.35
C TYR O 333 27.27 -38.12 -23.91
N GLN O 334 26.31 -37.79 -23.04
CA GLN O 334 26.38 -38.24 -21.65
C GLN O 334 26.29 -39.75 -21.54
N GLU O 335 25.52 -40.40 -22.44
CA GLU O 335 25.35 -41.84 -22.38
C GLU O 335 26.66 -42.60 -22.63
N LEU O 336 27.65 -41.98 -23.24
CA LEU O 336 28.90 -42.67 -23.55
C LEU O 336 29.73 -42.85 -22.29
N THR O 337 30.21 -44.08 -22.06
CA THR O 337 31.10 -44.35 -20.95
C THR O 337 32.53 -43.95 -21.34
N GLN O 338 33.47 -44.14 -20.42
CA GLN O 338 34.85 -43.76 -20.69
C GLN O 338 35.56 -44.78 -21.57
N GLN O 339 35.16 -46.04 -21.52
CA GLN O 339 35.85 -47.11 -22.24
C GLN O 339 35.25 -47.34 -23.62
N ILE O 340 35.12 -46.27 -24.42
CA ILE O 340 34.63 -46.36 -25.77
C ILE O 340 35.60 -45.65 -26.71
N ASN O 341 35.99 -46.34 -27.78
CA ASN O 341 36.80 -45.74 -28.84
C ASN O 341 35.81 -45.24 -29.88
N ILE O 342 35.42 -43.96 -29.77
CA ILE O 342 34.45 -43.41 -30.70
C ILE O 342 35.12 -43.17 -32.04
N GLN O 343 34.62 -43.86 -33.08
CA GLN O 343 35.17 -43.72 -34.42
C GLN O 343 34.24 -42.85 -35.23
N PRO O 344 34.65 -41.62 -35.57
CA PRO O 344 33.78 -40.72 -36.33
C PRO O 344 33.74 -41.07 -37.80
N LEU O 345 32.60 -41.60 -38.24
CA LEU O 345 32.42 -41.91 -39.66
C LEU O 345 32.20 -40.65 -40.50
N GLY O 346 31.76 -39.56 -39.89
CA GLY O 346 31.54 -38.33 -40.63
C GLY O 346 30.67 -37.31 -39.91
N ARG O 347 31.02 -36.03 -40.04
CA ARG O 347 30.25 -34.95 -39.42
C ARG O 347 29.15 -34.49 -40.39
N VAL O 348 27.95 -34.33 -39.87
CA VAL O 348 26.79 -33.89 -40.64
C VAL O 348 26.92 -32.39 -40.86
N CYS O 349 27.38 -32.00 -42.05
CA CYS O 349 27.60 -30.60 -42.36
C CYS O 349 26.27 -29.91 -42.65
N LEU O 350 26.33 -28.59 -42.81
CA LEU O 350 25.15 -27.78 -43.07
C LEU O 350 25.22 -27.16 -44.46
N GLY P 5 -57.62 -48.74 1.89
CA GLY P 5 -58.26 -48.17 0.72
C GLY P 5 -57.35 -48.07 -0.49
N ARG P 6 -57.75 -48.72 -1.58
CA ARG P 6 -56.94 -48.70 -2.80
C ARG P 6 -56.88 -47.32 -3.44
N LEU P 7 -57.80 -46.42 -3.09
CA LEU P 7 -57.69 -45.01 -3.43
C LEU P 7 -57.14 -44.21 -2.26
N GLY P 8 -56.22 -44.82 -1.52
CA GLY P 8 -55.52 -44.17 -0.43
C GLY P 8 -54.03 -44.38 -0.56
N GLU P 9 -53.66 -45.39 -1.35
CA GLU P 9 -52.26 -45.58 -1.70
C GLU P 9 -51.78 -44.40 -2.53
N GLN P 10 -50.51 -44.04 -2.36
CA GLN P 10 -50.06 -42.77 -2.92
C GLN P 10 -50.00 -42.81 -4.44
N GLU P 11 -49.04 -43.55 -5.01
CA GLU P 11 -49.05 -43.68 -6.47
C GLU P 11 -48.66 -45.06 -7.00
N ALA P 12 -48.03 -45.92 -6.21
CA ALA P 12 -47.44 -47.16 -6.70
C ALA P 12 -46.52 -46.87 -7.90
N PHE P 13 -45.45 -46.13 -7.62
CA PHE P 13 -44.56 -45.65 -8.68
C PHE P 13 -43.92 -46.83 -9.41
N ALA P 14 -43.76 -46.66 -10.73
CA ALA P 14 -43.12 -47.65 -11.57
C ALA P 14 -42.28 -46.94 -12.62
N MET P 15 -41.04 -47.39 -12.79
CA MET P 15 -40.13 -46.75 -13.73
C MET P 15 -40.46 -47.13 -15.16
N THR P 16 -40.23 -46.18 -16.07
CA THR P 16 -40.50 -46.42 -17.49
C THR P 16 -39.50 -47.42 -18.07
N VAL P 17 -39.98 -48.27 -18.96
CA VAL P 17 -39.08 -49.25 -19.60
C VAL P 17 -38.13 -48.52 -20.54
N PRO P 18 -36.84 -48.86 -20.56
CA PRO P 18 -35.90 -48.16 -21.42
C PRO P 18 -36.12 -48.40 -22.91
N LEU P 19 -36.24 -49.68 -23.30
CA LEU P 19 -36.39 -50.06 -24.70
C LEU P 19 -37.59 -50.97 -24.84
N LEU P 20 -38.46 -50.66 -25.80
CA LEU P 20 -39.67 -51.44 -26.04
C LEU P 20 -39.85 -51.67 -27.52
N ILE P 21 -40.30 -52.88 -27.88
CA ILE P 21 -40.67 -53.20 -29.25
C ILE P 21 -42.09 -53.74 -29.24
N ASP P 22 -43.01 -52.99 -29.85
CA ASP P 22 -44.41 -53.37 -29.93
C ASP P 22 -44.75 -53.75 -31.35
N VAL P 23 -45.10 -55.02 -31.56
CA VAL P 23 -45.53 -55.50 -32.86
C VAL P 23 -46.99 -55.91 -32.77
N ASP P 24 -47.64 -55.96 -33.93
CA ASP P 24 -49.05 -56.31 -33.99
C ASP P 24 -49.25 -57.78 -33.61
N SER P 25 -50.49 -58.10 -33.24
CA SER P 25 -50.85 -59.47 -32.92
C SER P 25 -51.07 -60.25 -34.23
N SER P 26 -51.57 -61.49 -34.09
CA SER P 26 -51.74 -62.43 -35.19
C SER P 26 -50.44 -62.77 -35.89
N GLN P 27 -49.30 -62.30 -35.35
CA GLN P 27 -47.99 -62.75 -35.77
C GLN P 27 -47.14 -63.19 -34.58
N GLN P 28 -47.76 -63.40 -33.42
CA GLN P 28 -47.03 -63.94 -32.27
C GLN P 28 -46.45 -65.30 -32.61
N GLU P 29 -47.30 -66.27 -32.93
CA GLU P 29 -46.85 -67.59 -33.32
C GLU P 29 -46.32 -67.64 -34.74
N ALA P 30 -46.56 -66.60 -35.54
CA ALA P 30 -45.99 -66.55 -36.89
C ALA P 30 -44.51 -66.20 -36.87
N LEU P 31 -44.07 -65.41 -35.89
CA LEU P 31 -42.66 -65.03 -35.79
C LEU P 31 -41.91 -65.77 -34.69
N GLU P 32 -42.49 -65.82 -33.49
CA GLU P 32 -41.88 -66.57 -32.38
C GLU P 32 -41.46 -67.98 -32.82
N ALA P 33 -42.38 -68.70 -33.46
CA ALA P 33 -42.07 -70.04 -33.96
C ALA P 33 -40.84 -70.03 -34.86
N ILE P 34 -40.78 -69.12 -35.83
CA ILE P 34 -39.72 -69.19 -36.83
C ILE P 34 -38.42 -68.72 -36.21
N ALA P 35 -38.32 -67.41 -35.93
CA ALA P 35 -37.19 -66.91 -35.15
C ALA P 35 -37.55 -65.53 -34.62
N LEU P 36 -37.98 -65.45 -33.36
CA LEU P 36 -38.06 -64.14 -32.71
C LEU P 36 -37.96 -64.35 -31.19
N ASN P 37 -36.74 -64.25 -30.66
CA ASN P 37 -36.39 -64.30 -29.25
C ASN P 37 -34.91 -64.62 -29.10
N ASP P 38 -34.32 -65.18 -30.14
CA ASP P 38 -32.88 -65.39 -30.21
C ASP P 38 -32.18 -64.47 -31.18
N GLU P 39 -32.84 -64.12 -32.28
CA GLU P 39 -32.25 -63.22 -33.27
C GLU P 39 -32.01 -61.83 -32.67
N LEU P 40 -32.95 -61.35 -31.85
CA LEU P 40 -32.82 -60.03 -31.25
C LEU P 40 -31.62 -59.97 -30.31
N VAL P 41 -31.47 -60.96 -29.44
CA VAL P 41 -30.32 -60.97 -28.53
C VAL P 41 -29.04 -61.17 -29.32
N ARG P 42 -29.08 -61.96 -30.40
CA ARG P 42 -27.89 -62.16 -31.22
C ARG P 42 -27.44 -60.84 -31.85
N VAL P 43 -28.37 -60.09 -32.44
CA VAL P 43 -28.00 -58.84 -33.09
C VAL P 43 -27.55 -57.80 -32.05
N ARG P 44 -28.21 -57.78 -30.89
CA ARG P 44 -27.78 -56.87 -29.83
C ARG P 44 -26.37 -57.19 -29.37
N ARG P 45 -26.07 -58.48 -29.18
CA ARG P 45 -24.73 -58.88 -28.75
C ARG P 45 -23.70 -58.53 -29.82
N ALA P 46 -24.03 -58.74 -31.09
CA ALA P 46 -23.11 -58.40 -32.17
C ALA P 46 -22.84 -56.89 -32.21
N LEU P 47 -23.88 -56.08 -32.05
CA LEU P 47 -23.69 -54.64 -32.06
C LEU P 47 -22.89 -54.18 -30.85
N TYR P 48 -23.09 -54.81 -29.69
CA TYR P 48 -22.27 -54.49 -28.53
C TYR P 48 -20.81 -54.85 -28.78
N LEU P 49 -20.56 -56.03 -29.34
CA LEU P 49 -19.18 -56.42 -29.64
C LEU P 49 -18.55 -55.45 -30.63
N ASP P 50 -19.34 -54.91 -31.55
CA ASP P 50 -18.82 -53.92 -32.49
C ASP P 50 -18.54 -52.59 -31.80
N LEU P 51 -19.34 -52.21 -30.82
CA LEU P 51 -19.24 -50.91 -30.16
C LEU P 51 -18.75 -50.99 -28.72
N GLY P 52 -19.38 -51.82 -27.90
CA GLY P 52 -19.06 -51.88 -26.49
C GLY P 52 -20.00 -51.13 -25.58
N VAL P 53 -21.03 -50.50 -26.14
CA VAL P 53 -22.00 -49.77 -25.34
C VAL P 53 -22.89 -50.76 -24.59
N PRO P 54 -23.06 -50.62 -23.28
CA PRO P 54 -23.93 -51.55 -22.55
C PRO P 54 -25.39 -51.26 -22.81
N PHE P 55 -25.93 -51.82 -23.90
CA PHE P 55 -27.32 -51.62 -24.26
C PHE P 55 -28.23 -52.15 -23.17
N PRO P 56 -29.41 -51.56 -23.00
CA PRO P 56 -30.32 -51.98 -21.93
C PRO P 56 -31.09 -53.23 -22.35
N GLY P 57 -31.96 -53.68 -21.45
CA GLY P 57 -32.83 -54.80 -21.77
C GLY P 57 -33.90 -54.42 -22.77
N ILE P 58 -34.29 -55.40 -23.58
CA ILE P 58 -35.27 -55.20 -24.65
C ILE P 58 -36.58 -55.84 -24.21
N HIS P 59 -37.64 -55.06 -24.19
CA HIS P 59 -38.97 -55.53 -23.83
C HIS P 59 -39.74 -55.83 -25.12
N LEU P 60 -40.20 -57.06 -25.26
CA LEU P 60 -40.97 -57.49 -26.43
C LEU P 60 -42.39 -57.79 -26.00
N ARG P 61 -43.35 -57.10 -26.61
CA ARG P 61 -44.75 -57.25 -26.28
C ARG P 61 -45.57 -57.31 -27.57
N PHE P 62 -46.65 -58.08 -27.53
CA PHE P 62 -47.56 -58.21 -28.67
C PHE P 62 -48.82 -57.41 -28.35
N ASN P 63 -49.04 -56.33 -29.11
CA ASN P 63 -50.16 -55.42 -28.91
C ASN P 63 -51.17 -55.60 -30.03
N GLU P 64 -52.44 -55.71 -29.68
CA GLU P 64 -53.49 -55.88 -30.67
C GLU P 64 -53.93 -54.53 -31.21
N GLY P 65 -54.53 -54.56 -32.40
CA GLY P 65 -54.82 -53.32 -33.10
C GLY P 65 -53.61 -52.85 -33.89
N MET P 66 -53.67 -51.59 -34.32
CA MET P 66 -52.64 -50.93 -35.11
C MET P 66 -52.39 -51.61 -36.46
N GLY P 67 -53.27 -52.52 -36.85
CA GLY P 67 -53.08 -53.28 -38.08
C GLY P 67 -52.46 -54.65 -37.83
N GLU P 68 -51.84 -55.17 -38.88
CA GLU P 68 -51.16 -56.46 -38.80
C GLU P 68 -49.71 -56.42 -39.22
N GLY P 69 -49.24 -55.32 -39.79
CA GLY P 69 -47.84 -55.21 -40.19
C GLY P 69 -47.16 -53.99 -39.62
N GLU P 70 -47.64 -53.51 -38.48
CA GLU P 70 -47.10 -52.31 -37.83
C GLU P 70 -46.22 -52.74 -36.66
N TYR P 71 -44.94 -52.36 -36.72
CA TYR P 71 -44.01 -52.58 -35.64
C TYR P 71 -43.40 -51.24 -35.24
N LEU P 72 -43.27 -51.01 -33.94
CA LEU P 72 -42.69 -49.78 -33.45
C LEU P 72 -41.63 -50.08 -32.40
N ILE P 73 -40.50 -49.38 -32.50
CA ILE P 73 -39.42 -49.47 -31.53
C ILE P 73 -39.35 -48.13 -30.81
N SER P 74 -39.47 -48.16 -29.50
CA SER P 74 -39.56 -46.96 -28.68
C SER P 74 -38.47 -46.97 -27.62
N LEU P 75 -37.80 -45.82 -27.47
CA LEU P 75 -36.79 -45.63 -26.45
C LEU P 75 -37.40 -44.83 -25.31
N GLN P 76 -37.47 -45.45 -24.13
CA GLN P 76 -38.05 -44.83 -22.94
C GLN P 76 -39.49 -44.39 -23.20
N GLU P 77 -40.28 -45.31 -23.74
CA GLU P 77 -41.71 -45.11 -24.00
C GLU P 77 -41.97 -43.90 -24.90
N VAL P 78 -41.09 -43.69 -25.88
CA VAL P 78 -41.29 -42.69 -26.92
C VAL P 78 -40.93 -43.34 -28.25
N PRO P 79 -41.87 -43.48 -29.19
CA PRO P 79 -41.56 -44.19 -30.45
C PRO P 79 -40.57 -43.42 -31.31
N VAL P 80 -39.51 -44.10 -31.74
CA VAL P 80 -38.50 -43.50 -32.60
C VAL P 80 -38.45 -44.12 -33.98
N ALA P 81 -38.96 -45.34 -34.16
CA ALA P 81 -38.94 -46.01 -35.47
C ALA P 81 -40.18 -46.89 -35.57
N ARG P 82 -41.14 -46.49 -36.41
CA ARG P 82 -42.36 -47.27 -36.60
C ARG P 82 -42.36 -47.97 -37.96
N LEU P 90 -47.22 -62.35 -46.00
CA LEU P 90 -45.90 -62.85 -46.37
C LEU P 90 -45.40 -62.17 -47.64
N LEU P 91 -45.11 -60.87 -47.55
CA LEU P 91 -44.56 -60.10 -48.66
C LEU P 91 -43.18 -59.63 -48.21
N VAL P 92 -42.15 -60.45 -48.51
CA VAL P 92 -40.81 -60.11 -48.07
C VAL P 92 -40.33 -58.84 -48.78
N ARG P 93 -39.23 -58.28 -48.26
CA ARG P 93 -38.76 -56.99 -48.74
C ARG P 93 -37.31 -57.07 -49.21
N GLU P 94 -37.00 -56.23 -50.18
CA GLU P 94 -35.69 -56.09 -50.77
C GLU P 94 -35.22 -54.64 -50.66
N SER P 95 -33.90 -54.48 -50.52
CA SER P 95 -33.30 -53.20 -50.20
C SER P 95 -32.46 -52.62 -51.33
N VAL P 96 -32.37 -53.29 -52.48
CA VAL P 96 -31.61 -52.74 -53.60
C VAL P 96 -32.33 -51.50 -54.11
N SER P 97 -31.59 -50.39 -54.21
CA SER P 97 -32.18 -49.12 -54.59
C SER P 97 -32.50 -49.11 -56.08
N GLN P 98 -33.80 -49.09 -56.40
CA GLN P 98 -34.28 -49.06 -57.77
C GLN P 98 -33.73 -50.24 -58.59
N LEU P 99 -32.65 -50.00 -59.33
CA LEU P 99 -32.00 -50.95 -60.24
C LEU P 99 -32.89 -51.25 -61.45
N GLU P 100 -34.11 -50.69 -61.48
CA GLU P 100 -35.10 -50.84 -62.54
C GLU P 100 -35.70 -52.25 -62.54
N LEU P 101 -35.11 -53.16 -61.77
CA LEU P 101 -35.66 -54.46 -61.42
C LEU P 101 -36.31 -55.20 -62.58
N LEU P 102 -35.85 -54.98 -63.81
CA LEU P 102 -36.48 -55.54 -65.00
C LEU P 102 -37.97 -55.22 -65.01
N GLY P 103 -38.81 -56.25 -65.05
CA GLY P 103 -40.24 -56.07 -64.88
C GLY P 103 -40.79 -56.88 -63.73
N ILE P 104 -41.20 -56.22 -62.66
CA ILE P 104 -41.76 -56.87 -61.47
C ILE P 104 -42.28 -55.78 -60.54
N PRO P 105 -43.38 -56.02 -59.80
CA PRO P 105 -43.91 -55.03 -58.86
C PRO P 105 -43.02 -54.85 -57.63
N LEU P 113 -39.03 -47.54 -42.54
CA LEU P 113 -38.52 -47.27 -43.87
C LEU P 113 -37.47 -46.16 -43.83
N PRO P 114 -36.19 -46.54 -43.84
CA PRO P 114 -35.12 -45.54 -43.82
C PRO P 114 -34.97 -44.83 -45.15
N ASP P 115 -33.95 -43.96 -45.26
CA ASP P 115 -33.71 -43.27 -46.53
C ASP P 115 -33.34 -44.24 -47.64
N GLN P 116 -32.80 -45.40 -47.29
CA GLN P 116 -32.48 -46.43 -48.28
C GLN P 116 -33.77 -47.01 -48.85
N GLU P 117 -33.76 -47.33 -50.14
CA GLU P 117 -34.97 -47.72 -50.84
C GLU P 117 -35.49 -49.07 -50.36
N THR P 118 -36.81 -49.23 -50.44
CA THR P 118 -37.50 -50.43 -49.99
C THR P 118 -38.48 -50.89 -51.07
N PHE P 119 -38.49 -52.19 -51.34
CA PHE P 119 -39.46 -52.77 -52.26
C PHE P 119 -39.95 -54.09 -51.69
N TRP P 120 -41.10 -54.56 -52.18
CA TRP P 120 -41.73 -55.76 -51.64
C TRP P 120 -42.00 -56.77 -52.75
N VAL P 121 -41.64 -58.03 -52.49
CA VAL P 121 -41.85 -59.14 -53.40
C VAL P 121 -42.47 -60.29 -52.63
N SER P 122 -43.17 -61.16 -53.37
CA SER P 122 -43.84 -62.30 -52.76
C SER P 122 -42.84 -63.40 -52.43
N VAL P 123 -43.29 -64.38 -51.65
CA VAL P 123 -42.42 -65.47 -51.23
C VAL P 123 -42.20 -66.49 -52.34
N GLU P 124 -43.08 -66.55 -53.34
CA GLU P 124 -42.82 -67.43 -54.48
C GLU P 124 -41.63 -66.93 -55.30
N TYR P 125 -41.39 -65.62 -55.30
CA TYR P 125 -40.22 -65.07 -55.95
C TYR P 125 -38.94 -65.21 -55.12
N GLU P 126 -39.03 -65.62 -53.85
CA GLU P 126 -37.88 -65.53 -52.97
C GLU P 126 -36.74 -66.43 -53.43
N GLU P 127 -37.03 -67.68 -53.77
CA GLU P 127 -35.97 -68.62 -54.13
C GLU P 127 -35.27 -68.21 -55.43
N ARG P 128 -36.05 -67.96 -56.49
CA ARG P 128 -35.46 -67.61 -57.77
C ARG P 128 -34.84 -66.21 -57.77
N LEU P 129 -35.36 -65.29 -56.96
CA LEU P 129 -34.76 -63.98 -56.85
C LEU P 129 -33.46 -64.04 -56.04
N GLU P 130 -33.34 -65.01 -55.14
CA GLU P 130 -32.08 -65.23 -54.44
C GLU P 130 -31.01 -65.73 -55.39
N LYS P 131 -31.39 -66.30 -56.54
CA LYS P 131 -30.43 -66.51 -57.61
C LYS P 131 -29.85 -65.20 -58.11
N SER P 132 -30.63 -64.11 -58.02
CA SER P 132 -30.11 -62.78 -58.32
C SER P 132 -29.37 -62.17 -57.14
N GLN P 133 -29.57 -62.71 -55.92
CA GLN P 133 -28.82 -62.31 -54.73
C GLN P 133 -28.97 -60.82 -54.45
N LEU P 134 -30.20 -60.41 -54.12
CA LEU P 134 -30.50 -58.99 -53.90
C LEU P 134 -31.22 -58.78 -52.56
N GLU P 135 -30.44 -58.67 -51.49
CA GLU P 135 -30.87 -58.07 -50.22
C GLU P 135 -32.20 -58.64 -49.72
N PHE P 136 -32.16 -59.91 -49.36
CA PHE P 136 -33.35 -60.61 -48.86
C PHE P 136 -33.48 -60.44 -47.36
N PHE P 137 -34.27 -59.44 -46.95
CA PHE P 137 -34.59 -59.19 -45.56
C PHE P 137 -35.93 -59.84 -45.26
N SER P 138 -35.93 -60.85 -44.39
CA SER P 138 -37.17 -61.48 -43.95
C SER P 138 -37.77 -60.64 -42.82
N HIS P 139 -38.85 -61.14 -42.21
CA HIS P 139 -39.47 -60.39 -41.12
C HIS P 139 -38.50 -60.23 -39.95
N SER P 140 -37.87 -61.33 -39.54
CA SER P 140 -36.88 -61.25 -38.47
C SER P 140 -35.72 -60.35 -38.88
N GLN P 141 -35.28 -60.48 -40.13
CA GLN P 141 -34.14 -59.69 -40.60
C GLN P 141 -34.47 -58.19 -40.62
N VAL P 142 -35.66 -57.81 -41.08
CA VAL P 142 -35.99 -56.39 -41.12
C VAL P 142 -36.18 -55.86 -39.70
N LEU P 143 -36.80 -56.64 -38.81
CA LEU P 143 -36.96 -56.19 -37.44
C LEU P 143 -35.61 -55.97 -36.77
N THR P 144 -34.69 -56.92 -36.95
CA THR P 144 -33.37 -56.78 -36.35
C THR P 144 -32.56 -55.67 -37.02
N TRP P 145 -32.80 -55.42 -38.31
CA TRP P 145 -32.14 -54.32 -38.99
C TRP P 145 -32.56 -52.99 -38.39
N HIS P 146 -33.87 -52.81 -38.18
CA HIS P 146 -34.35 -51.59 -37.53
C HIS P 146 -33.82 -51.48 -36.11
N LEU P 147 -33.79 -52.59 -35.37
CA LEU P 147 -33.26 -52.57 -34.01
C LEU P 147 -31.79 -52.14 -34.01
N SER P 148 -31.00 -52.71 -34.92
CA SER P 148 -29.58 -52.38 -35.00
C SER P 148 -29.38 -50.93 -35.39
N HIS P 149 -30.17 -50.44 -36.35
CA HIS P 149 -30.05 -49.04 -36.75
C HIS P 149 -30.39 -48.11 -35.59
N VAL P 150 -31.44 -48.41 -34.85
CA VAL P 150 -31.82 -47.58 -33.71
C VAL P 150 -30.74 -47.60 -32.64
N LEU P 151 -30.20 -48.78 -32.33
CA LEU P 151 -29.17 -48.86 -31.29
C LEU P 151 -27.91 -48.12 -31.70
N ARG P 152 -27.51 -48.24 -32.98
CA ARG P 152 -26.30 -47.59 -33.42
C ARG P 152 -26.46 -46.08 -33.49
N GLU P 153 -27.59 -45.59 -34.01
CA GLU P 153 -27.76 -44.15 -34.18
C GLU P 153 -28.24 -43.46 -32.91
N TYR P 154 -28.64 -44.21 -31.88
CA TYR P 154 -29.10 -43.61 -30.63
C TYR P 154 -28.35 -44.21 -29.44
N ALA P 155 -27.09 -44.59 -29.64
CA ALA P 155 -26.31 -45.18 -28.56
C ALA P 155 -25.92 -44.16 -27.50
N GLU P 156 -25.85 -42.87 -27.84
CA GLU P 156 -25.48 -41.87 -26.84
C GLU P 156 -26.45 -41.85 -25.67
N ASP P 157 -27.72 -42.19 -25.93
CA ASP P 157 -28.72 -42.21 -24.87
C ASP P 157 -28.63 -43.45 -23.99
N PHE P 158 -27.78 -44.42 -24.36
CA PHE P 158 -27.58 -45.62 -23.57
C PHE P 158 -26.32 -45.53 -22.71
N ILE P 159 -25.66 -44.38 -22.67
CA ILE P 159 -24.46 -44.19 -21.87
C ILE P 159 -24.76 -43.23 -20.73
N GLY P 160 -25.13 -43.76 -19.57
CA GLY P 160 -25.35 -42.97 -18.39
C GLY P 160 -24.24 -43.15 -17.36
N ILE P 161 -24.43 -42.46 -16.23
CA ILE P 161 -23.50 -42.62 -15.12
C ILE P 161 -23.54 -44.05 -14.59
N GLN P 162 -24.74 -44.63 -14.51
CA GLN P 162 -24.87 -45.99 -14.02
C GLN P 162 -24.16 -46.98 -14.93
N GLU P 163 -24.28 -46.79 -16.25
CA GLU P 163 -23.63 -47.72 -17.19
C GLU P 163 -22.13 -47.66 -17.09
N THR P 164 -21.56 -46.44 -17.02
CA THR P 164 -20.12 -46.30 -16.89
C THR P 164 -19.63 -46.85 -15.56
N ARG P 165 -20.40 -46.63 -14.49
CA ARG P 165 -20.02 -47.18 -13.19
C ARG P 165 -20.03 -48.71 -13.21
N TYR P 166 -21.03 -49.30 -13.88
CA TYR P 166 -21.07 -50.76 -14.02
C TYR P 166 -19.87 -51.26 -14.80
N LEU P 167 -19.50 -50.55 -15.87
CA LEU P 167 -18.31 -50.94 -16.64
C LEU P 167 -17.07 -50.87 -15.77
N LEU P 168 -16.93 -49.82 -14.97
CA LEU P 168 -15.77 -49.68 -14.10
C LEU P 168 -15.73 -50.79 -13.05
N GLU P 169 -16.89 -51.11 -12.46
CA GLU P 169 -16.94 -52.16 -11.45
C GLU P 169 -16.65 -53.53 -12.05
N GLN P 170 -17.01 -53.73 -13.32
CA GLN P 170 -16.72 -55.00 -13.98
C GLN P 170 -15.23 -55.18 -14.26
N MET P 171 -14.48 -54.09 -14.37
CA MET P 171 -13.05 -54.13 -14.66
C MET P 171 -12.18 -53.98 -13.42
N GLU P 172 -12.78 -54.03 -12.22
CA GLU P 172 -12.00 -53.90 -11.00
C GLU P 172 -10.99 -55.03 -10.85
N GLY P 173 -11.41 -56.26 -11.15
CA GLY P 173 -10.48 -57.38 -11.07
C GLY P 173 -9.35 -57.29 -12.06
N GLY P 174 -9.62 -56.82 -13.27
CA GLY P 174 -8.61 -56.71 -14.30
C GLY P 174 -7.57 -55.64 -14.05
N TYR P 175 -7.99 -54.38 -14.04
CA TYR P 175 -7.09 -53.23 -13.87
C TYR P 175 -7.57 -52.39 -12.70
N GLY P 176 -7.11 -52.73 -11.49
CA GLY P 176 -7.53 -52.01 -10.31
C GLY P 176 -6.90 -50.64 -10.18
N GLU P 177 -5.56 -50.59 -10.23
CA GLU P 177 -4.85 -49.33 -10.06
C GLU P 177 -5.14 -48.37 -11.20
N LEU P 178 -5.35 -48.88 -12.41
CA LEU P 178 -5.70 -48.02 -13.53
C LEU P 178 -7.02 -47.29 -13.26
N ILE P 179 -8.02 -48.03 -12.77
CA ILE P 179 -9.30 -47.43 -12.44
C ILE P 179 -9.17 -46.45 -11.28
N LYS P 180 -8.40 -46.81 -10.26
CA LYS P 180 -8.23 -45.93 -9.11
C LYS P 180 -7.55 -44.63 -9.51
N GLU P 181 -6.60 -44.70 -10.44
CA GLU P 181 -5.93 -43.48 -10.91
C GLU P 181 -6.85 -42.64 -11.79
N VAL P 182 -7.55 -43.28 -12.73
CA VAL P 182 -8.40 -42.51 -13.63
C VAL P 182 -9.57 -41.87 -12.88
N GLN P 183 -10.06 -42.51 -11.81
CA GLN P 183 -11.11 -41.89 -11.02
C GLN P 183 -10.62 -40.64 -10.32
N ARG P 184 -9.40 -40.68 -9.78
CA ARG P 184 -8.85 -39.50 -9.12
C ARG P 184 -8.43 -38.43 -10.10
N ILE P 185 -8.21 -38.78 -11.37
CA ILE P 185 -7.78 -37.79 -12.36
C ILE P 185 -8.97 -37.06 -12.96
N VAL P 186 -10.01 -37.79 -13.38
CA VAL P 186 -11.17 -37.16 -14.01
C VAL P 186 -12.45 -37.61 -13.29
N PRO P 187 -13.48 -36.78 -13.25
CA PRO P 187 -14.73 -37.16 -12.60
C PRO P 187 -15.59 -38.03 -13.50
N LEU P 188 -16.70 -38.51 -12.93
CA LEU P 188 -17.61 -39.37 -13.69
C LEU P 188 -18.27 -38.62 -14.83
N GLN P 189 -18.61 -37.34 -14.61
CA GLN P 189 -19.30 -36.57 -15.65
C GLN P 189 -18.43 -36.40 -16.88
N ARG P 190 -17.15 -36.01 -16.69
CA ARG P 190 -16.26 -35.84 -17.83
C ARG P 190 -16.03 -37.14 -18.56
N MET P 191 -15.82 -38.23 -17.83
CA MET P 191 -15.58 -39.53 -18.44
C MET P 191 -16.79 -40.00 -19.24
N THR P 192 -17.99 -39.86 -18.69
CA THR P 192 -19.19 -40.26 -19.40
C THR P 192 -19.43 -39.39 -20.63
N GLU P 193 -19.19 -38.08 -20.53
CA GLU P 193 -19.36 -37.21 -21.69
C GLU P 193 -18.36 -37.59 -22.78
N ILE P 194 -17.12 -37.91 -22.40
CA ILE P 194 -16.13 -38.34 -23.37
C ILE P 194 -16.56 -39.62 -24.06
N LEU P 195 -17.07 -40.59 -23.28
CA LEU P 195 -17.53 -41.84 -23.88
C LEU P 195 -18.69 -41.60 -24.83
N GLN P 196 -19.63 -40.73 -24.46
CA GLN P 196 -20.75 -40.42 -25.35
C GLN P 196 -20.26 -39.77 -26.64
N ARG P 197 -19.31 -38.84 -26.53
CA ARG P 197 -18.78 -38.18 -27.72
C ARG P 197 -18.04 -39.19 -28.60
N LEU P 198 -17.31 -40.13 -28.00
CA LEU P 198 -16.63 -41.17 -28.76
C LEU P 198 -17.63 -42.04 -29.51
N VAL P 199 -18.70 -42.46 -28.82
CA VAL P 199 -19.67 -43.35 -29.44
C VAL P 199 -20.47 -42.63 -30.52
N GLY P 200 -20.68 -41.31 -30.37
CA GLY P 200 -21.38 -40.57 -31.39
C GLY P 200 -20.72 -40.59 -32.76
N GLU P 201 -19.43 -40.89 -32.81
CA GLU P 201 -18.69 -41.03 -34.06
C GLU P 201 -18.47 -42.48 -34.44
N ASP P 202 -19.23 -43.41 -33.86
CA ASP P 202 -19.11 -44.85 -34.13
C ASP P 202 -17.75 -45.40 -33.72
N ILE P 203 -17.11 -44.78 -32.73
CA ILE P 203 -15.86 -45.28 -32.19
C ILE P 203 -16.17 -46.21 -31.02
N SER P 204 -15.61 -47.41 -31.07
CA SER P 204 -15.99 -48.45 -30.10
C SER P 204 -15.39 -48.17 -28.73
N ILE P 205 -16.23 -48.33 -27.70
CA ILE P 205 -15.76 -48.28 -26.33
C ILE P 205 -15.07 -49.58 -25.93
N ARG P 206 -15.36 -50.67 -26.64
CA ARG P 206 -14.94 -52.03 -26.26
C ARG P 206 -13.51 -52.10 -25.73
N ASN P 207 -12.57 -51.45 -26.40
CA ASN P 207 -11.17 -51.45 -25.97
C ASN P 207 -10.98 -50.39 -24.90
N MET P 208 -11.38 -50.74 -23.67
CA MET P 208 -11.39 -49.79 -22.56
C MET P 208 -10.00 -49.52 -22.00
N ARG P 209 -9.05 -50.44 -22.19
CA ARG P 209 -7.71 -50.27 -21.62
C ARG P 209 -7.02 -49.03 -22.19
N SER P 210 -6.98 -48.92 -23.52
CA SER P 210 -6.34 -47.78 -24.15
C SER P 210 -7.09 -46.48 -23.82
N ILE P 211 -8.42 -46.54 -23.74
CA ILE P 211 -9.20 -45.36 -23.39
C ILE P 211 -8.82 -44.87 -22.00
N LEU P 212 -8.72 -45.79 -21.04
CA LEU P 212 -8.35 -45.40 -19.68
C LEU P 212 -6.92 -44.88 -19.61
N GLU P 213 -6.00 -45.50 -20.35
CA GLU P 213 -4.63 -45.01 -20.38
C GLU P 213 -4.55 -43.60 -20.95
N ALA P 214 -5.28 -43.35 -22.04
CA ALA P 214 -5.32 -42.00 -22.61
C ALA P 214 -5.96 -41.01 -21.65
N MET P 215 -7.02 -41.44 -20.96
CA MET P 215 -7.66 -40.58 -19.97
C MET P 215 -6.69 -40.19 -18.86
N VAL P 216 -5.92 -41.15 -18.36
CA VAL P 216 -4.92 -40.85 -17.34
C VAL P 216 -3.85 -39.92 -17.88
N GLU P 217 -3.37 -40.20 -19.10
CA GLU P 217 -2.24 -39.45 -19.64
C GLU P 217 -2.62 -37.99 -19.92
N TRP P 218 -3.82 -37.74 -20.43
CA TRP P 218 -4.19 -36.41 -20.89
C TRP P 218 -5.15 -35.68 -19.97
N GLY P 219 -5.69 -36.34 -18.95
CA GLY P 219 -6.62 -35.67 -18.05
C GLY P 219 -5.97 -34.68 -17.12
N GLN P 220 -4.67 -34.85 -16.84
CA GLN P 220 -3.94 -33.90 -16.00
C GLN P 220 -3.58 -32.63 -16.75
N LYS P 221 -3.55 -32.67 -18.08
CA LYS P 221 -3.13 -31.53 -18.89
C LYS P 221 -4.30 -30.72 -19.43
N GLU P 222 -5.35 -31.38 -19.91
CA GLU P 222 -6.50 -30.71 -20.51
C GLU P 222 -7.76 -30.95 -19.68
N LYS P 223 -8.53 -29.87 -19.50
CA LYS P 223 -9.80 -29.93 -18.81
C LYS P 223 -11.01 -29.77 -19.73
N ASP P 224 -10.82 -29.16 -20.90
CA ASP P 224 -11.92 -29.04 -21.86
C ASP P 224 -12.29 -30.41 -22.40
N VAL P 225 -13.59 -30.68 -22.48
CA VAL P 225 -14.05 -31.99 -22.91
C VAL P 225 -13.72 -32.26 -24.37
N VAL P 226 -13.85 -31.22 -25.21
CA VAL P 226 -13.62 -31.40 -26.65
C VAL P 226 -12.17 -31.80 -26.92
N GLN P 227 -11.22 -31.05 -26.37
CA GLN P 227 -9.81 -31.34 -26.62
C GLN P 227 -9.42 -32.69 -26.00
N LEU P 228 -9.91 -32.98 -24.80
CA LEU P 228 -9.57 -34.26 -24.16
C LEU P 228 -10.11 -35.43 -24.97
N THR P 229 -11.34 -35.33 -25.47
CA THR P 229 -11.88 -36.43 -26.25
C THR P 229 -11.20 -36.51 -27.62
N GLU P 230 -10.72 -35.39 -28.16
CA GLU P 230 -9.92 -35.45 -29.39
C GLU P 230 -8.60 -36.19 -29.14
N TYR P 231 -7.96 -35.92 -28.00
CA TYR P 231 -6.75 -36.65 -27.65
C TYR P 231 -7.04 -38.14 -27.48
N ILE P 232 -8.17 -38.48 -26.86
CA ILE P 232 -8.52 -39.89 -26.69
C ILE P 232 -8.81 -40.54 -28.05
N ARG P 233 -9.41 -39.80 -28.98
CA ARG P 233 -9.58 -40.30 -30.34
C ARG P 233 -8.23 -40.56 -30.99
N SER P 234 -7.30 -39.61 -30.86
CA SER P 234 -5.95 -39.79 -31.38
C SER P 234 -5.22 -40.94 -30.71
N SER P 235 -5.65 -41.32 -29.50
CA SER P 235 -5.09 -42.48 -28.84
C SER P 235 -5.52 -43.80 -29.46
N LEU P 236 -6.43 -43.77 -30.42
CA LEU P 236 -6.93 -44.98 -31.07
C LEU P 236 -6.55 -44.98 -32.54
N LYS P 237 -5.28 -44.65 -32.83
CA LYS P 237 -4.84 -44.50 -34.22
C LYS P 237 -5.07 -45.77 -35.02
N ARG P 238 -4.58 -46.91 -34.50
CA ARG P 238 -4.68 -48.14 -35.27
C ARG P 238 -6.11 -48.65 -35.37
N TYR P 239 -6.92 -48.45 -34.31
CA TYR P 239 -8.32 -48.84 -34.40
C TYR P 239 -9.05 -48.04 -35.49
N ILE P 240 -8.83 -46.73 -35.52
CA ILE P 240 -9.46 -45.90 -36.54
C ILE P 240 -8.96 -46.32 -37.93
N CYS P 241 -7.66 -46.59 -38.04
CA CYS P 241 -7.08 -46.99 -39.32
C CYS P 241 -7.71 -48.29 -39.82
N TYR P 242 -7.85 -49.28 -38.94
CA TYR P 242 -8.43 -50.55 -39.35
C TYR P 242 -9.93 -50.43 -39.62
N LYS P 243 -10.63 -49.58 -38.88
CA LYS P 243 -12.09 -49.46 -39.06
C LYS P 243 -12.43 -48.88 -40.41
N TYR P 244 -11.64 -47.93 -40.89
CA TYR P 244 -11.89 -47.26 -42.16
C TYR P 244 -10.98 -47.85 -43.23
N ALA P 245 -11.37 -47.69 -44.49
CA ALA P 245 -10.62 -48.19 -45.63
C ALA P 245 -10.41 -49.71 -45.52
N ASN P 246 -11.51 -50.43 -45.72
CA ASN P 246 -11.48 -51.87 -45.65
C ASN P 246 -10.68 -52.46 -46.81
N GLY P 247 -10.19 -53.68 -46.60
CA GLY P 247 -9.40 -54.36 -47.61
C GLY P 247 -8.06 -53.68 -47.81
N ASN P 248 -7.81 -53.19 -49.03
CA ASN P 248 -6.54 -52.56 -49.34
C ASN P 248 -6.32 -51.37 -48.41
N ASN P 249 -5.13 -51.28 -47.83
CA ASN P 249 -4.86 -50.20 -46.87
C ASN P 249 -4.67 -48.88 -47.61
N ILE P 250 -5.62 -48.56 -48.47
CA ILE P 250 -5.69 -47.30 -49.19
C ILE P 250 -6.82 -46.49 -48.57
N LEU P 251 -6.53 -45.26 -48.18
CA LEU P 251 -7.51 -44.44 -47.47
C LEU P 251 -7.89 -43.21 -48.26
N PRO P 252 -9.10 -43.17 -48.82
CA PRO P 252 -9.55 -41.96 -49.51
C PRO P 252 -9.63 -40.77 -48.57
N ALA P 253 -9.19 -39.62 -49.06
CA ALA P 253 -9.14 -38.42 -48.23
C ALA P 253 -9.69 -37.22 -49.01
N TYR P 254 -10.25 -36.28 -48.28
CA TYR P 254 -10.75 -35.02 -48.81
C TYR P 254 -10.15 -33.87 -48.02
N LEU P 255 -8.83 -33.88 -47.87
CA LEU P 255 -8.13 -32.97 -46.98
C LEU P 255 -8.55 -31.52 -47.23
N PHE P 256 -8.55 -30.73 -46.15
CA PHE P 256 -8.96 -29.34 -46.22
C PHE P 256 -7.76 -28.44 -46.47
N ASP P 257 -8.01 -27.35 -47.19
CA ASP P 257 -6.98 -26.34 -47.40
C ASP P 257 -6.70 -25.60 -46.10
N GLN P 258 -5.51 -25.01 -46.02
CA GLN P 258 -5.14 -24.28 -44.81
C GLN P 258 -6.04 -23.07 -44.59
N GLU P 259 -6.39 -22.38 -45.66
CA GLU P 259 -7.24 -21.18 -45.53
C GLU P 259 -8.60 -21.52 -44.95
N VAL P 260 -9.21 -22.61 -45.43
CA VAL P 260 -10.53 -23.01 -44.94
C VAL P 260 -10.44 -23.42 -43.47
N GLU P 261 -9.40 -24.18 -43.11
CA GLU P 261 -9.23 -24.56 -41.72
C GLU P 261 -9.07 -23.35 -40.82
N GLU P 262 -8.27 -22.37 -41.25
CA GLU P 262 -8.08 -21.16 -40.45
C GLU P 262 -9.37 -20.37 -40.32
N LYS P 263 -10.14 -20.27 -41.41
CA LYS P 263 -11.40 -19.56 -41.34
C LYS P 263 -12.37 -20.24 -40.37
N ILE P 264 -12.42 -21.58 -40.41
CA ILE P 264 -13.28 -22.31 -39.48
C ILE P 264 -12.81 -22.10 -38.04
N ARG P 265 -11.50 -22.20 -37.81
CA ARG P 265 -10.95 -22.05 -36.46
C ARG P 265 -11.13 -20.64 -35.93
N SER P 266 -11.29 -19.64 -36.79
CA SER P 266 -11.39 -18.26 -36.34
C SER P 266 -12.65 -17.98 -35.52
N ARG P 267 -13.63 -18.89 -35.51
CA ARG P 267 -14.89 -18.68 -34.80
C ARG P 267 -15.23 -19.88 -33.93
N VAL P 268 -14.27 -20.31 -33.11
CA VAL P 268 -14.52 -21.45 -32.22
C VAL P 268 -15.51 -21.07 -31.13
N ARG P 269 -15.36 -19.88 -30.54
CA ARG P 269 -16.31 -19.35 -29.56
C ARG P 269 -16.48 -20.28 -28.37
N GLN P 270 -15.39 -20.45 -27.62
CA GLN P 270 -15.36 -21.30 -26.43
C GLN P 270 -15.73 -20.55 -25.17
N THR P 271 -16.64 -19.58 -25.25
CA THR P 271 -16.89 -18.70 -24.11
C THR P 271 -17.73 -19.39 -23.05
N SER P 272 -18.68 -20.23 -23.46
CA SER P 272 -19.59 -20.86 -22.51
C SER P 272 -19.62 -22.36 -22.72
N ALA P 273 -20.54 -23.04 -22.05
CA ALA P 273 -20.64 -24.49 -22.15
C ALA P 273 -21.07 -24.89 -23.55
N GLY P 274 -20.20 -25.58 -24.27
CA GLY P 274 -20.53 -26.12 -25.57
C GLY P 274 -19.53 -25.81 -26.66
N SER P 275 -19.12 -24.53 -26.77
CA SER P 275 -18.09 -24.10 -27.73
C SER P 275 -18.64 -24.17 -29.16
N TYR P 276 -19.84 -23.62 -29.36
CA TYR P 276 -20.51 -23.75 -30.64
C TYR P 276 -19.78 -22.98 -31.74
N LEU P 277 -19.79 -23.56 -32.94
CA LEU P 277 -19.10 -23.00 -34.10
C LEU P 277 -20.11 -22.21 -34.92
N ALA P 278 -20.25 -20.93 -34.60
CA ALA P 278 -21.13 -20.02 -35.33
C ALA P 278 -20.29 -18.90 -35.93
N LEU P 279 -20.04 -18.96 -37.23
CA LEU P 279 -19.28 -17.89 -37.85
C LEU P 279 -20.22 -16.85 -38.44
N ASP P 280 -20.80 -17.17 -39.60
CA ASP P 280 -21.86 -16.40 -40.25
C ASP P 280 -22.63 -17.43 -41.05
N PRO P 281 -23.97 -17.39 -41.04
CA PRO P 281 -24.73 -18.36 -41.84
C PRO P 281 -24.33 -18.35 -43.31
N ALA P 282 -24.05 -17.17 -43.87
CA ALA P 282 -23.60 -17.09 -45.25
C ALA P 282 -22.24 -17.76 -45.44
N VAL P 283 -21.34 -17.60 -44.47
CA VAL P 283 -20.01 -18.20 -44.58
C VAL P 283 -20.11 -19.72 -44.55
N THR P 284 -20.90 -20.27 -43.63
CA THR P 284 -21.08 -21.71 -43.60
C THR P 284 -21.79 -22.21 -44.86
N GLU P 285 -22.74 -21.43 -45.39
CA GLU P 285 -23.38 -21.81 -46.64
C GLU P 285 -22.37 -21.89 -47.77
N SER P 286 -21.48 -20.89 -47.87
CA SER P 286 -20.46 -20.90 -48.91
C SER P 286 -19.49 -22.06 -48.74
N LEU P 287 -19.06 -22.33 -47.51
CA LEU P 287 -18.14 -23.44 -47.28
C LEU P 287 -18.79 -24.77 -47.63
N LEU P 288 -20.06 -24.94 -47.24
CA LEU P 288 -20.76 -26.18 -47.58
C LEU P 288 -20.94 -26.32 -49.08
N GLU P 289 -21.20 -25.20 -49.77
CA GLU P 289 -21.30 -25.23 -51.23
C GLU P 289 -19.98 -25.65 -51.86
N GLN P 290 -18.86 -25.12 -51.35
CA GLN P 290 -17.56 -25.52 -51.87
C GLN P 290 -17.30 -27.00 -51.62
N VAL P 291 -17.63 -27.49 -50.42
CA VAL P 291 -17.44 -28.91 -50.11
C VAL P 291 -18.28 -29.78 -51.04
N ARG P 292 -19.53 -29.38 -51.27
CA ARG P 292 -20.40 -30.14 -52.17
C ARG P 292 -19.86 -30.13 -53.59
N LYS P 293 -19.33 -28.98 -54.03
CA LYS P 293 -18.78 -28.90 -55.39
C LYS P 293 -17.56 -29.80 -55.53
N THR P 294 -16.69 -29.85 -54.53
CA THR P 294 -15.50 -30.67 -54.61
C THR P 294 -15.85 -32.15 -54.46
N ILE P 295 -16.31 -32.54 -53.28
CA ILE P 295 -16.70 -33.92 -52.98
C ILE P 295 -17.61 -34.50 -54.06
N LEU P 298 -22.26 -39.16 -56.72
CA LEU P 298 -22.05 -38.39 -55.50
C LEU P 298 -22.57 -39.16 -54.29
N SER P 299 -21.65 -39.60 -53.43
CA SER P 299 -21.96 -40.31 -52.19
C SER P 299 -22.79 -41.57 -52.44
N GLN P 300 -22.59 -42.21 -53.60
CA GLN P 300 -23.21 -43.51 -53.90
C GLN P 300 -22.07 -44.44 -54.31
N ILE P 301 -21.39 -45.01 -53.32
CA ILE P 301 -20.19 -45.81 -53.54
C ILE P 301 -20.04 -46.86 -52.46
N GLN P 302 -19.00 -47.69 -52.56
CA GLN P 302 -18.72 -48.73 -51.57
C GLN P 302 -17.29 -48.66 -51.05
N SER P 303 -16.64 -47.50 -51.17
CA SER P 303 -15.28 -47.34 -50.65
C SER P 303 -15.23 -46.55 -49.35
N LYS P 304 -16.32 -45.87 -48.98
CA LYS P 304 -16.44 -45.08 -47.75
C LYS P 304 -15.30 -44.08 -47.62
N PRO P 305 -15.31 -42.99 -48.39
CA PRO P 305 -14.30 -41.95 -48.20
C PRO P 305 -14.46 -41.25 -46.86
N VAL P 306 -13.35 -40.77 -46.32
CA VAL P 306 -13.33 -40.10 -45.02
C VAL P 306 -12.70 -38.72 -45.19
N LEU P 307 -13.25 -37.75 -44.48
CA LEU P 307 -12.68 -36.41 -44.44
C LEU P 307 -11.57 -36.34 -43.39
N ILE P 308 -10.46 -35.73 -43.77
CA ILE P 308 -9.32 -35.57 -42.88
C ILE P 308 -9.03 -34.08 -42.73
N VAL P 309 -9.00 -33.61 -41.48
CA VAL P 309 -8.83 -32.20 -41.17
C VAL P 309 -7.99 -32.09 -39.90
N SER P 310 -7.61 -30.86 -39.56
CA SER P 310 -6.83 -30.62 -38.35
C SER P 310 -7.60 -31.06 -37.12
N MET P 311 -6.87 -31.59 -36.13
CA MET P 311 -7.52 -32.19 -34.97
C MET P 311 -8.30 -31.17 -34.16
N ASP P 312 -7.72 -29.99 -33.94
CA ASP P 312 -8.30 -29.01 -33.03
C ASP P 312 -9.71 -28.58 -33.43
N ILE P 313 -10.06 -28.74 -34.71
CA ILE P 313 -11.38 -28.35 -35.20
C ILE P 313 -12.16 -29.54 -35.75
N ARG P 314 -11.65 -30.77 -35.56
CA ARG P 314 -12.25 -31.92 -36.22
C ARG P 314 -13.74 -32.04 -35.89
N ARG P 315 -14.07 -32.05 -34.60
CA ARG P 315 -15.47 -32.11 -34.20
C ARG P 315 -16.24 -30.93 -34.76
N TYR P 316 -15.64 -29.73 -34.71
CA TYR P 316 -16.30 -28.55 -35.26
C TYR P 316 -16.62 -28.72 -36.74
N VAL P 317 -15.75 -29.42 -37.47
CA VAL P 317 -16.04 -29.69 -38.87
C VAL P 317 -17.18 -30.71 -38.99
N ARG P 318 -17.18 -31.73 -38.13
CA ARG P 318 -18.17 -32.80 -38.25
C ARG P 318 -19.59 -32.26 -38.14
N LYS P 319 -19.87 -31.50 -37.08
CA LYS P 319 -21.20 -30.92 -36.92
C LYS P 319 -21.52 -29.94 -38.04
N LEU P 320 -20.50 -29.44 -38.74
CA LEU P 320 -20.75 -28.58 -39.90
C LEU P 320 -21.32 -29.38 -41.06
N ILE P 321 -20.88 -30.63 -41.23
CA ILE P 321 -21.30 -31.44 -42.37
C ILE P 321 -22.22 -32.59 -41.96
N GLU P 322 -22.60 -32.67 -40.69
CA GLU P 322 -23.49 -33.75 -40.28
C GLU P 322 -24.88 -33.60 -40.89
N SER P 323 -25.29 -32.38 -41.19
CA SER P 323 -26.63 -32.14 -41.73
C SER P 323 -26.81 -32.79 -43.09
N GLU P 324 -25.83 -32.59 -43.99
CA GLU P 324 -25.94 -33.14 -45.34
C GLU P 324 -25.24 -34.49 -45.44
N TYR P 325 -23.95 -34.52 -45.14
CA TYR P 325 -23.14 -35.73 -45.27
C TYR P 325 -23.01 -36.38 -43.89
N TYR P 326 -24.10 -37.02 -43.45
CA TYR P 326 -24.07 -37.77 -42.20
C TYR P 326 -23.19 -39.01 -42.30
N GLY P 327 -23.00 -39.54 -43.50
CA GLY P 327 -22.13 -40.68 -43.71
C GLY P 327 -20.67 -40.35 -43.49
N LEU P 328 -20.08 -39.58 -44.42
CA LEU P 328 -18.69 -39.15 -44.42
C LEU P 328 -18.17 -38.82 -43.02
N PRO P 329 -17.25 -39.62 -42.50
CA PRO P 329 -16.64 -39.30 -41.21
C PRO P 329 -15.60 -38.19 -41.36
N VAL P 330 -15.21 -37.63 -40.22
CA VAL P 330 -14.17 -36.61 -40.15
C VAL P 330 -13.07 -37.14 -39.24
N LEU P 331 -11.83 -37.07 -39.71
CA LEU P 331 -10.68 -37.63 -39.01
C LEU P 331 -9.63 -36.54 -38.78
N SER P 332 -8.81 -36.78 -37.75
CA SER P 332 -7.72 -35.88 -37.39
C SER P 332 -6.39 -36.38 -37.94
N TYR P 333 -5.49 -35.43 -38.19
CA TYR P 333 -4.14 -35.80 -38.62
C TYR P 333 -3.44 -36.60 -37.53
N GLN P 334 -3.67 -36.26 -36.27
CA GLN P 334 -3.09 -37.01 -35.16
C GLN P 334 -3.61 -38.45 -35.12
N GLU P 335 -4.88 -38.65 -35.48
CA GLU P 335 -5.45 -39.99 -35.47
C GLU P 335 -4.80 -40.91 -36.50
N LEU P 336 -4.09 -40.35 -37.49
CA LEU P 336 -3.49 -41.14 -38.55
C LEU P 336 -2.20 -41.78 -38.05
N THR P 337 -2.23 -43.10 -37.88
CA THR P 337 -1.03 -43.86 -37.59
C THR P 337 -0.20 -44.01 -38.86
N GLN P 338 0.94 -44.70 -38.75
CA GLN P 338 1.79 -44.89 -39.91
C GLN P 338 1.23 -46.03 -40.76
N GLN P 339 2.05 -46.59 -41.65
CA GLN P 339 1.64 -47.57 -42.64
C GLN P 339 0.22 -47.35 -43.16
N ILE P 340 -0.09 -46.13 -43.61
CA ILE P 340 -1.37 -45.82 -44.21
C ILE P 340 -1.11 -45.10 -45.53
N ASN P 341 -1.73 -45.58 -46.61
CA ASN P 341 -1.63 -44.94 -47.92
C ASN P 341 -2.82 -43.99 -48.07
N ILE P 342 -2.62 -42.74 -47.66
CA ILE P 342 -3.66 -41.73 -47.78
C ILE P 342 -3.71 -41.24 -49.22
N GLN P 343 -4.84 -41.46 -49.89
CA GLN P 343 -5.00 -41.05 -51.27
C GLN P 343 -5.84 -39.78 -51.33
N PRO P 344 -5.27 -38.64 -51.72
CA PRO P 344 -6.06 -37.40 -51.75
C PRO P 344 -6.99 -37.38 -52.96
N LEU P 345 -8.29 -37.54 -52.70
CA LEU P 345 -9.28 -37.46 -53.77
C LEU P 345 -9.51 -36.04 -54.25
N GLY P 346 -9.16 -35.04 -53.44
CA GLY P 346 -9.35 -33.66 -53.84
C GLY P 346 -9.23 -32.69 -52.68
N ARG P 347 -8.64 -31.54 -52.93
CA ARG P 347 -8.45 -30.51 -51.92
C ARG P 347 -9.67 -29.60 -51.88
N VAL P 348 -10.17 -29.33 -50.68
CA VAL P 348 -11.32 -28.43 -50.49
C VAL P 348 -10.78 -27.01 -50.60
N CYS P 349 -10.93 -26.41 -51.78
CA CYS P 349 -10.42 -25.08 -52.01
C CYS P 349 -11.35 -24.04 -51.38
N LEU P 350 -10.91 -22.78 -51.41
CA LEU P 350 -11.70 -21.70 -50.87
C LEU P 350 -12.12 -20.75 -51.99
N GLY Q 5 -61.12 -34.85 24.92
CA GLY Q 5 -59.95 -34.84 25.77
C GLY Q 5 -60.20 -34.27 27.15
N ARG Q 6 -61.43 -33.81 27.37
CA ARG Q 6 -61.83 -33.22 28.64
C ARG Q 6 -60.92 -32.07 29.05
N LEU Q 7 -60.52 -31.27 28.05
CA LEU Q 7 -59.75 -30.04 28.27
C LEU Q 7 -58.42 -30.31 28.96
N GLY Q 8 -57.79 -31.43 28.64
CA GLY Q 8 -56.46 -31.68 29.16
C GLY Q 8 -55.49 -32.10 28.06
N GLU Q 9 -56.04 -32.61 26.96
CA GLU Q 9 -55.27 -32.82 25.75
C GLU Q 9 -54.92 -31.46 25.14
N GLN Q 10 -53.75 -31.37 24.51
CA GLN Q 10 -53.31 -30.05 24.07
C GLN Q 10 -54.18 -29.58 22.91
N GLU Q 11 -54.07 -30.23 21.75
CA GLU Q 11 -54.95 -29.90 20.64
C GLU Q 11 -55.42 -31.09 19.81
N ALA Q 12 -54.79 -32.26 19.93
CA ALA Q 12 -55.04 -33.40 19.06
C ALA Q 12 -54.85 -33.02 17.60
N PHE Q 13 -53.61 -32.65 17.26
CA PHE Q 13 -53.28 -32.18 15.93
C PHE Q 13 -53.53 -33.24 14.87
N ALA Q 14 -54.05 -32.81 13.72
CA ALA Q 14 -54.28 -33.68 12.58
C ALA Q 14 -53.98 -32.91 11.31
N MET Q 15 -53.23 -33.53 10.40
CA MET Q 15 -52.86 -32.86 9.17
C MET Q 15 -54.05 -32.82 8.21
N THR Q 16 -54.10 -31.76 7.41
CA THR Q 16 -55.16 -31.62 6.42
C THR Q 16 -55.01 -32.67 5.32
N VAL Q 17 -56.14 -33.20 4.86
CA VAL Q 17 -56.12 -34.20 3.78
C VAL Q 17 -55.70 -33.53 2.48
N PRO Q 18 -54.83 -34.15 1.68
CA PRO Q 18 -54.37 -33.50 0.44
C PRO Q 18 -55.47 -33.35 -0.60
N LEU Q 19 -56.19 -34.43 -0.90
CA LEU Q 19 -57.23 -34.43 -1.91
C LEU Q 19 -58.52 -34.96 -1.30
N LEU Q 20 -59.62 -34.24 -1.51
CA LEU Q 20 -60.92 -34.65 -0.99
C LEU Q 20 -61.98 -34.48 -2.06
N ILE Q 21 -62.91 -35.43 -2.13
CA ILE Q 21 -64.07 -35.33 -3.00
C ILE Q 21 -65.32 -35.54 -2.16
N ASP Q 22 -66.13 -34.49 -2.06
CA ASP Q 22 -67.37 -34.52 -1.29
C ASP Q 22 -68.54 -34.52 -2.26
N VAL Q 23 -69.30 -35.61 -2.27
CA VAL Q 23 -70.51 -35.74 -3.07
C VAL Q 23 -71.69 -35.87 -2.12
N ASP Q 24 -72.88 -35.61 -2.66
CA ASP Q 24 -74.08 -35.67 -1.84
C ASP Q 24 -74.38 -37.10 -1.39
N SER Q 25 -75.17 -37.21 -0.34
CA SER Q 25 -75.58 -38.51 0.17
C SER Q 25 -76.68 -39.15 -0.64
N SER Q 26 -77.23 -38.46 -1.63
CA SER Q 26 -78.39 -38.96 -2.36
C SER Q 26 -78.01 -39.73 -3.62
N GLN Q 27 -76.72 -39.93 -3.87
CA GLN Q 27 -76.25 -40.83 -4.91
C GLN Q 27 -75.17 -41.78 -4.41
N GLN Q 28 -75.02 -41.93 -3.08
CA GLN Q 28 -74.05 -42.87 -2.54
C GLN Q 28 -74.33 -44.29 -3.02
N GLU Q 29 -75.51 -44.83 -2.67
CA GLU Q 29 -75.84 -46.20 -3.08
C GLU Q 29 -76.06 -46.32 -4.58
N ALA Q 30 -76.25 -45.21 -5.29
CA ALA Q 30 -76.37 -45.25 -6.74
C ALA Q 30 -75.03 -45.47 -7.43
N LEU Q 31 -73.94 -45.01 -6.84
CA LEU Q 31 -72.60 -45.12 -7.41
C LEU Q 31 -71.74 -46.20 -6.76
N GLU Q 32 -71.78 -46.30 -5.43
CA GLU Q 32 -71.02 -47.27 -4.66
C GLU Q 32 -71.08 -48.70 -5.18
N ALA Q 33 -71.98 -48.99 -6.14
CA ALA Q 33 -72.03 -50.33 -6.70
C ALA Q 33 -72.22 -50.31 -8.22
N ILE Q 34 -71.73 -49.28 -8.90
CA ILE Q 34 -71.81 -49.28 -10.36
C ILE Q 34 -70.42 -49.17 -10.97
N ALA Q 35 -69.72 -48.07 -10.69
CA ALA Q 35 -68.44 -47.80 -11.32
C ALA Q 35 -67.40 -47.15 -10.43
N LEU Q 36 -67.80 -46.52 -9.32
CA LEU Q 36 -66.87 -45.72 -8.55
C LEU Q 36 -65.99 -46.59 -7.66
N ASN Q 37 -65.00 -45.95 -7.06
CA ASN Q 37 -64.02 -46.49 -6.13
C ASN Q 37 -62.99 -47.34 -6.88
N ASP Q 38 -63.30 -47.68 -8.14
CA ASP Q 38 -62.36 -48.27 -9.07
C ASP Q 38 -62.02 -47.34 -10.22
N GLU Q 39 -63.00 -46.56 -10.67
CA GLU Q 39 -62.78 -45.61 -11.76
C GLU Q 39 -61.80 -44.51 -11.35
N LEU Q 40 -61.91 -44.04 -10.10
CA LEU Q 40 -61.04 -42.96 -9.63
C LEU Q 40 -59.58 -43.39 -9.63
N VAL Q 41 -59.29 -44.57 -9.09
CA VAL Q 41 -57.91 -45.05 -9.07
C VAL Q 41 -57.42 -45.30 -10.49
N ARG Q 42 -58.31 -45.77 -11.37
CA ARG Q 42 -57.93 -46.00 -12.77
C ARG Q 42 -57.53 -44.69 -13.44
N VAL Q 43 -58.34 -43.64 -13.30
CA VAL Q 43 -58.03 -42.38 -13.97
C VAL Q 43 -56.80 -41.73 -13.34
N ARG Q 44 -56.64 -41.85 -12.02
CA ARG Q 44 -55.44 -41.32 -11.37
C ARG Q 44 -54.18 -42.03 -11.87
N ARG Q 45 -54.25 -43.35 -11.99
CA ARG Q 45 -53.11 -44.11 -12.49
C ARG Q 45 -52.79 -43.76 -13.94
N ALA Q 46 -53.83 -43.61 -14.76
CA ALA Q 46 -53.61 -43.25 -16.16
C ALA Q 46 -52.98 -41.86 -16.27
N LEU Q 47 -53.45 -40.91 -15.48
CA LEU Q 47 -52.87 -39.57 -15.53
C LEU Q 47 -51.43 -39.57 -15.02
N TYR Q 48 -51.14 -40.39 -14.01
CA TYR Q 48 -49.75 -40.53 -13.56
C TYR Q 48 -48.88 -41.11 -14.66
N LEU Q 49 -49.36 -42.16 -15.33
CA LEU Q 49 -48.60 -42.75 -16.43
C LEU Q 49 -48.37 -41.73 -17.54
N ASP Q 50 -49.34 -40.85 -17.77
CA ASP Q 50 -49.17 -39.81 -18.78
C ASP Q 50 -48.17 -38.75 -18.33
N LEU Q 51 -48.14 -38.44 -17.04
CA LEU Q 51 -47.32 -37.36 -16.51
C LEU Q 51 -46.16 -37.85 -15.64
N GLY Q 52 -46.41 -38.71 -14.66
CA GLY Q 52 -45.39 -39.14 -13.74
C GLY Q 52 -45.40 -38.43 -12.40
N VAL Q 53 -46.33 -37.52 -12.19
CA VAL Q 53 -46.43 -36.82 -10.90
C VAL Q 53 -47.01 -37.77 -9.86
N PRO Q 54 -46.37 -37.93 -8.70
CA PRO Q 54 -46.92 -38.83 -7.69
C PRO Q 54 -48.13 -38.24 -6.99
N PHE Q 55 -49.31 -38.40 -7.60
CA PHE Q 55 -50.54 -37.87 -7.03
C PHE Q 55 -50.83 -38.53 -5.68
N PRO Q 56 -51.48 -37.82 -4.77
CA PRO Q 56 -51.73 -38.37 -3.43
C PRO Q 56 -52.97 -39.26 -3.43
N GLY Q 57 -53.30 -39.77 -2.26
CA GLY Q 57 -54.52 -40.54 -2.09
C GLY Q 57 -55.75 -39.67 -2.16
N ILE Q 58 -56.84 -40.24 -2.64
CA ILE Q 58 -58.10 -39.52 -2.85
C ILE Q 58 -59.07 -39.95 -1.77
N HIS Q 59 -59.57 -38.98 -1.01
CA HIS Q 59 -60.55 -39.23 0.04
C HIS Q 59 -61.94 -38.94 -0.49
N LEU Q 60 -62.82 -39.95 -0.43
CA LEU Q 60 -64.20 -39.84 -0.91
C LEU Q 60 -65.13 -39.91 0.28
N ARG Q 61 -65.99 -38.90 0.42
CA ARG Q 61 -66.94 -38.82 1.51
C ARG Q 61 -68.30 -38.44 0.97
N PHE Q 62 -69.35 -38.99 1.59
CA PHE Q 62 -70.73 -38.72 1.23
C PHE Q 62 -71.32 -37.82 2.32
N ASN Q 63 -71.64 -36.58 1.95
CA ASN Q 63 -72.17 -35.59 2.88
C ASN Q 63 -73.64 -35.33 2.56
N GLU Q 64 -74.48 -35.38 3.59
CA GLU Q 64 -75.91 -35.14 3.45
C GLU Q 64 -76.28 -33.68 3.63
N GLY Q 65 -75.32 -32.80 3.90
CA GLY Q 65 -75.63 -31.40 4.10
C GLY Q 65 -76.16 -30.73 2.85
N MET Q 66 -75.64 -31.11 1.69
CA MET Q 66 -76.04 -30.51 0.42
C MET Q 66 -76.88 -31.50 -0.37
N GLY Q 67 -77.50 -30.97 -1.44
CA GLY Q 67 -78.32 -31.78 -2.32
C GLY Q 67 -78.20 -31.36 -3.77
N GLU Q 68 -79.16 -31.76 -4.59
CA GLU Q 68 -79.21 -31.38 -6.00
C GLU Q 68 -77.97 -31.86 -6.77
N GLY Q 69 -77.43 -33.02 -6.38
CA GLY Q 69 -76.30 -33.60 -7.07
C GLY Q 69 -75.06 -32.73 -7.07
N GLU Q 70 -74.72 -32.16 -5.92
CA GLU Q 70 -73.60 -31.24 -5.79
C GLU Q 70 -72.35 -32.03 -5.43
N TYR Q 71 -71.31 -31.93 -6.26
CA TYR Q 71 -70.03 -32.56 -5.99
C TYR Q 71 -68.93 -31.50 -6.00
N LEU Q 72 -68.02 -31.61 -5.03
CA LEU Q 72 -66.90 -30.69 -4.92
C LEU Q 72 -65.60 -31.46 -4.76
N ILE Q 73 -64.58 -31.01 -5.48
CA ILE Q 73 -63.23 -31.54 -5.39
C ILE Q 73 -62.36 -30.44 -4.78
N SER Q 74 -61.72 -30.75 -3.66
CA SER Q 74 -60.95 -29.80 -2.88
C SER Q 74 -59.52 -30.30 -2.70
N LEU Q 75 -58.55 -29.42 -2.89
CA LEU Q 75 -57.15 -29.72 -2.66
C LEU Q 75 -56.73 -29.11 -1.33
N GLN Q 76 -56.34 -29.96 -0.39
CA GLN Q 76 -55.92 -29.53 0.95
C GLN Q 76 -57.00 -28.70 1.62
N GLU Q 77 -58.22 -29.24 1.63
CA GLU Q 77 -59.38 -28.64 2.30
C GLU Q 77 -59.66 -27.23 1.79
N VAL Q 78 -59.47 -27.02 0.49
CA VAL Q 78 -59.88 -25.79 -0.17
C VAL Q 78 -60.56 -26.21 -1.47
N PRO Q 79 -61.84 -25.88 -1.67
CA PRO Q 79 -62.54 -26.37 -2.86
C PRO Q 79 -61.98 -25.75 -4.13
N VAL Q 80 -61.66 -26.61 -5.10
CA VAL Q 80 -61.11 -26.17 -6.37
C VAL Q 80 -62.04 -26.44 -7.55
N ALA Q 81 -63.00 -27.35 -7.42
CA ALA Q 81 -63.92 -27.61 -8.53
C ALA Q 81 -65.27 -28.03 -7.95
N ARG Q 82 -66.25 -27.13 -8.02
CA ARG Q 82 -67.60 -27.40 -7.55
C ARG Q 82 -68.55 -27.53 -8.74
N GLY Q 83 -69.55 -28.40 -8.59
CA GLY Q 83 -70.53 -28.60 -9.64
C GLY Q 83 -71.86 -29.11 -9.13
N LEU Q 90 -82.12 -37.40 -13.19
CA LEU Q 90 -81.00 -38.18 -13.69
C LEU Q 90 -80.91 -38.07 -15.20
N LEU Q 91 -79.92 -37.29 -15.67
CA LEU Q 91 -79.71 -37.08 -17.09
C LEU Q 91 -78.24 -37.29 -17.43
N VAL Q 92 -77.99 -37.82 -18.62
CA VAL Q 92 -76.63 -38.03 -19.12
C VAL Q 92 -76.21 -36.81 -19.91
N ARG Q 93 -74.94 -36.45 -19.83
CA ARG Q 93 -74.46 -35.19 -20.37
C ARG Q 93 -73.70 -35.38 -21.68
N GLU Q 94 -73.87 -34.42 -22.57
CA GLU Q 94 -73.14 -34.32 -23.82
C GLU Q 94 -72.26 -33.09 -23.80
N SER Q 95 -71.00 -33.26 -24.21
CA SER Q 95 -70.02 -32.18 -24.20
C SER Q 95 -69.81 -31.55 -25.57
N VAL Q 96 -70.24 -32.20 -26.66
CA VAL Q 96 -70.06 -31.66 -28.00
C VAL Q 96 -71.44 -31.28 -28.53
N SER Q 97 -72.34 -30.90 -27.63
CA SER Q 97 -73.66 -30.43 -28.02
C SER Q 97 -73.53 -29.20 -28.89
N GLN Q 98 -74.36 -29.13 -29.93
CA GLN Q 98 -74.27 -28.07 -30.93
C GLN Q 98 -75.57 -28.10 -31.73
N LEU Q 99 -75.62 -27.34 -32.83
CA LEU Q 99 -76.75 -27.42 -33.75
C LEU Q 99 -76.92 -28.81 -34.33
N GLU Q 100 -75.85 -29.60 -34.38
CA GLU Q 100 -75.98 -31.00 -34.76
C GLU Q 100 -76.85 -31.75 -33.75
N LEU Q 101 -76.71 -31.43 -32.47
CA LEU Q 101 -77.63 -31.95 -31.46
C LEU Q 101 -79.05 -31.44 -31.72
N LEU Q 102 -79.18 -30.16 -32.08
CA LEU Q 102 -80.50 -29.59 -32.38
C LEU Q 102 -81.14 -30.25 -33.60
N GLY Q 103 -80.34 -30.89 -34.45
CA GLY Q 103 -80.91 -31.68 -35.53
C GLY Q 103 -81.72 -32.86 -35.04
N ILE Q 104 -81.38 -33.38 -33.86
CA ILE Q 104 -82.15 -34.43 -33.20
C ILE Q 104 -82.40 -34.03 -31.76
N PRO Q 105 -83.34 -33.09 -31.49
CA PRO Q 105 -83.60 -32.56 -30.14
C PRO Q 105 -83.97 -33.64 -29.13
N HIS Q 111 -74.72 -24.79 -13.89
CA HIS Q 111 -73.39 -24.32 -13.53
C HIS Q 111 -72.45 -24.34 -14.74
N LEU Q 112 -71.21 -23.93 -14.52
CA LEU Q 112 -70.21 -23.88 -15.58
C LEU Q 112 -69.25 -25.06 -15.43
N LEU Q 113 -69.20 -25.91 -16.46
CA LEU Q 113 -68.24 -27.00 -16.52
C LEU Q 113 -67.11 -26.62 -17.46
N PRO Q 114 -65.88 -26.49 -16.98
CA PRO Q 114 -64.80 -26.02 -17.86
C PRO Q 114 -64.44 -27.04 -18.93
N ASP Q 115 -64.85 -26.77 -20.16
CA ASP Q 115 -64.61 -27.68 -21.28
C ASP Q 115 -64.78 -26.96 -22.61
N GLU Q 117 -69.46 -25.66 -23.00
CA GLU Q 117 -70.44 -26.31 -23.85
C GLU Q 117 -70.78 -27.70 -23.32
N THR Q 118 -71.94 -27.81 -22.67
CA THR Q 118 -72.38 -29.07 -22.07
C THR Q 118 -73.88 -29.00 -21.85
N PHE Q 119 -74.59 -30.09 -22.17
CA PHE Q 119 -76.03 -30.15 -21.94
C PHE Q 119 -76.40 -31.54 -21.42
N TRP Q 120 -77.66 -31.69 -21.03
CA TRP Q 120 -78.14 -32.90 -20.39
C TRP Q 120 -79.38 -33.43 -21.11
N VAL Q 121 -79.42 -34.74 -21.33
CA VAL Q 121 -80.52 -35.40 -22.02
C VAL Q 121 -80.97 -36.58 -21.16
N SER Q 122 -82.22 -36.98 -21.34
CA SER Q 122 -82.77 -38.06 -20.52
C SER Q 122 -82.22 -39.41 -20.96
N VAL Q 123 -82.43 -40.41 -20.09
CA VAL Q 123 -81.89 -41.74 -20.33
C VAL Q 123 -82.72 -42.51 -21.36
N GLU Q 124 -83.99 -42.14 -21.56
CA GLU Q 124 -84.76 -42.78 -22.61
C GLU Q 124 -84.25 -42.40 -24.00
N TYR Q 125 -83.69 -41.20 -24.13
CA TYR Q 125 -83.06 -40.78 -25.37
C TYR Q 125 -81.67 -41.34 -25.54
N GLU Q 126 -81.13 -42.00 -24.51
CA GLU Q 126 -79.73 -42.45 -24.54
C GLU Q 126 -79.50 -43.47 -25.65
N GLU Q 127 -80.45 -44.40 -25.84
CA GLU Q 127 -80.26 -45.44 -26.86
C GLU Q 127 -80.19 -44.84 -28.25
N ARG Q 128 -81.18 -44.02 -28.62
CA ARG Q 128 -81.21 -43.46 -29.97
C ARG Q 128 -80.10 -42.45 -30.20
N LEU Q 129 -79.67 -41.75 -29.15
CA LEU Q 129 -78.57 -40.81 -29.29
C LEU Q 129 -77.22 -41.52 -29.37
N GLU Q 130 -77.07 -42.66 -28.67
CA GLU Q 130 -75.86 -43.46 -28.80
C GLU Q 130 -75.81 -44.21 -30.12
N LYS Q 131 -76.96 -44.42 -30.76
CA LYS Q 131 -76.93 -44.85 -32.15
C LYS Q 131 -76.23 -43.82 -33.02
N SER Q 132 -76.32 -42.54 -32.64
CA SER Q 132 -75.55 -41.47 -33.27
C SER Q 132 -74.15 -41.33 -32.68
N GLN Q 133 -73.79 -42.18 -31.73
CA GLN Q 133 -72.42 -42.32 -31.21
C GLN Q 133 -71.86 -40.98 -30.73
N LEU Q 134 -72.51 -40.41 -29.72
CA LEU Q 134 -72.09 -39.15 -29.12
C LEU Q 134 -71.48 -39.41 -27.75
N GLU Q 135 -71.12 -38.33 -27.07
CA GLU Q 135 -70.54 -38.43 -25.73
C GLU Q 135 -71.62 -38.69 -24.70
N PHE Q 136 -71.37 -39.66 -23.82
CA PHE Q 136 -72.35 -40.13 -22.86
C PHE Q 136 -71.72 -40.24 -21.48
N PHE Q 137 -71.04 -39.16 -21.07
CA PHE Q 137 -70.43 -39.10 -19.75
C PHE Q 137 -71.45 -39.38 -18.66
N SER Q 138 -71.30 -40.48 -17.95
CA SER Q 138 -72.17 -40.80 -16.82
C SER Q 138 -71.67 -40.05 -15.58
N HIS Q 139 -72.27 -40.33 -14.43
CA HIS Q 139 -71.85 -39.66 -13.19
C HIS Q 139 -70.40 -39.98 -12.89
N SER Q 140 -70.02 -41.26 -12.97
CA SER Q 140 -68.63 -41.62 -12.76
C SER Q 140 -67.73 -40.96 -13.79
N GLN Q 141 -68.17 -40.93 -15.05
CA GLN Q 141 -67.35 -40.35 -16.10
C GLN Q 141 -67.14 -38.85 -15.91
N VAL Q 142 -68.19 -38.12 -15.56
CA VAL Q 142 -68.03 -36.67 -15.36
C VAL Q 142 -67.21 -36.39 -14.11
N LEU Q 143 -67.42 -37.17 -13.04
CA LEU Q 143 -66.63 -36.97 -11.83
C LEU Q 143 -65.15 -37.21 -12.09
N THR Q 144 -64.82 -38.30 -12.80
CA THR Q 144 -63.42 -38.57 -13.10
C THR Q 144 -62.86 -37.60 -14.12
N TRP Q 145 -63.70 -37.07 -15.02
CA TRP Q 145 -63.22 -36.06 -15.95
C TRP Q 145 -62.83 -34.78 -15.21
N HIS Q 146 -63.67 -34.33 -14.27
CA HIS Q 146 -63.31 -33.16 -13.48
C HIS Q 146 -62.08 -33.44 -12.62
N LEU Q 147 -61.99 -34.64 -12.04
CA LEU Q 147 -60.81 -34.99 -11.26
C LEU Q 147 -59.55 -34.94 -12.12
N SER Q 148 -59.61 -35.50 -13.33
CA SER Q 148 -58.46 -35.50 -14.22
C SER Q 148 -58.07 -34.09 -14.62
N HIS Q 149 -59.06 -33.24 -14.93
CA HIS Q 149 -58.76 -31.86 -15.28
C HIS Q 149 -58.11 -31.13 -14.11
N VAL Q 150 -58.61 -31.33 -12.90
CA VAL Q 150 -58.02 -30.69 -11.72
C VAL Q 150 -56.59 -31.16 -11.51
N LEU Q 151 -56.37 -32.48 -11.60
CA LEU Q 151 -55.03 -33.01 -11.38
C LEU Q 151 -54.05 -32.52 -12.44
N ARG Q 152 -54.50 -32.42 -13.68
CA ARG Q 152 -53.62 -31.97 -14.75
C ARG Q 152 -53.29 -30.48 -14.61
N GLU Q 153 -54.28 -29.67 -14.29
CA GLU Q 153 -54.05 -28.22 -14.18
C GLU Q 153 -53.50 -27.81 -12.82
N TYR Q 154 -53.50 -28.70 -11.82
CA TYR Q 154 -52.99 -28.39 -10.50
C TYR Q 154 -51.96 -29.42 -10.04
N ALA Q 155 -51.22 -29.99 -10.98
CA ALA Q 155 -50.20 -30.98 -10.63
C ALA Q 155 -49.01 -30.35 -9.94
N GLU Q 156 -48.76 -29.06 -10.15
CA GLU Q 156 -47.61 -28.41 -9.55
C GLU Q 156 -47.66 -28.48 -8.03
N ASP Q 157 -48.86 -28.51 -7.44
CA ASP Q 157 -49.00 -28.59 -5.99
C ASP Q 157 -48.76 -29.99 -5.44
N PHE Q 158 -48.63 -31.00 -6.30
CA PHE Q 158 -48.40 -32.37 -5.85
C PHE Q 158 -46.93 -32.77 -5.87
N ILE Q 159 -46.03 -31.85 -6.20
CA ILE Q 159 -44.60 -32.14 -6.22
C ILE Q 159 -43.91 -31.36 -5.11
N GLY Q 160 -43.75 -31.98 -3.95
CA GLY Q 160 -43.03 -31.39 -2.84
C GLY Q 160 -41.68 -32.03 -2.63
N ILE Q 161 -41.00 -31.58 -1.57
CA ILE Q 161 -39.71 -32.16 -1.23
C ILE Q 161 -39.89 -33.62 -0.85
N GLN Q 162 -40.95 -33.96 -0.12
CA GLN Q 162 -41.20 -35.34 0.24
C GLN Q 162 -41.46 -36.20 -0.99
N GLU Q 163 -42.22 -35.67 -1.95
CA GLU Q 163 -42.52 -36.44 -3.16
C GLU Q 163 -41.26 -36.71 -3.98
N THR Q 164 -40.42 -35.69 -4.15
CA THR Q 164 -39.17 -35.88 -4.89
C THR Q 164 -38.23 -36.83 -4.16
N ARG Q 165 -38.19 -36.74 -2.83
CA ARG Q 165 -37.37 -37.67 -2.06
C ARG Q 165 -37.88 -39.11 -2.21
N TYR Q 166 -39.19 -39.30 -2.21
CA TYR Q 166 -39.73 -40.63 -2.45
C TYR Q 166 -39.37 -41.13 -3.84
N LEU Q 167 -39.44 -40.26 -4.84
CA LEU Q 167 -39.04 -40.66 -6.20
C LEU Q 167 -37.58 -41.07 -6.25
N LEU Q 168 -36.71 -40.31 -5.59
CA LEU Q 168 -35.29 -40.65 -5.58
C LEU Q 168 -35.05 -41.97 -4.84
N GLU Q 169 -35.73 -42.17 -3.70
CA GLU Q 169 -35.56 -43.40 -2.95
C GLU Q 169 -36.06 -44.61 -3.71
N GLN Q 170 -37.09 -44.43 -4.56
CA GLN Q 170 -37.60 -45.54 -5.35
C GLN Q 170 -36.63 -45.96 -6.45
N MET Q 171 -35.77 -45.06 -6.90
CA MET Q 171 -34.82 -45.34 -7.97
C MET Q 171 -33.41 -45.64 -7.45
N GLU Q 172 -33.26 -45.82 -6.13
CA GLU Q 172 -31.93 -46.11 -5.59
C GLU Q 172 -31.42 -47.46 -6.09
N GLY Q 173 -32.29 -48.47 -6.15
CA GLY Q 173 -31.87 -49.77 -6.65
C GLY Q 173 -31.49 -49.73 -8.12
N GLY Q 174 -32.23 -48.98 -8.92
CA GLY Q 174 -31.96 -48.88 -10.34
C GLY Q 174 -30.68 -48.12 -10.65
N TYR Q 175 -30.66 -46.82 -10.33
CA TYR Q 175 -29.52 -45.95 -10.61
C TYR Q 175 -29.08 -45.32 -9.30
N GLY Q 176 -28.19 -46.00 -8.58
CA GLY Q 176 -27.70 -45.50 -7.31
C GLY Q 176 -26.69 -44.38 -7.48
N GLU Q 177 -25.65 -44.64 -8.27
CA GLU Q 177 -24.59 -43.64 -8.45
C GLU Q 177 -25.10 -42.40 -9.16
N LEU Q 178 -26.06 -42.55 -10.09
CA LEU Q 178 -26.63 -41.39 -10.75
C LEU Q 178 -27.33 -40.47 -9.74
N ILE Q 179 -28.10 -41.06 -8.83
CA ILE Q 179 -28.79 -40.28 -7.81
C ILE Q 179 -27.78 -39.65 -6.85
N LYS Q 180 -26.75 -40.42 -6.46
CA LYS Q 180 -25.75 -39.89 -5.53
C LYS Q 180 -24.99 -38.73 -6.15
N GLU Q 181 -24.73 -38.78 -7.45
CA GLU Q 181 -24.05 -37.67 -8.11
C GLU Q 181 -24.97 -36.46 -8.27
N VAL Q 182 -26.22 -36.69 -8.70
CA VAL Q 182 -27.11 -35.57 -8.93
C VAL Q 182 -27.47 -34.87 -7.63
N GLN Q 183 -27.52 -35.61 -6.51
CA GLN Q 183 -27.76 -34.97 -5.23
C GLN Q 183 -26.61 -34.05 -4.84
N ARG Q 184 -25.37 -34.49 -5.08
CA ARG Q 184 -24.23 -33.64 -4.75
C ARG Q 184 -24.06 -32.50 -5.74
N ILE Q 185 -24.66 -32.60 -6.93
CA ILE Q 185 -24.52 -31.53 -7.92
C ILE Q 185 -25.56 -30.44 -7.69
N VAL Q 186 -26.82 -30.81 -7.49
CA VAL Q 186 -27.89 -29.84 -7.28
C VAL Q 186 -28.64 -30.18 -6.00
N PRO Q 187 -29.19 -29.18 -5.30
CA PRO Q 187 -29.93 -29.47 -4.07
C PRO Q 187 -31.36 -29.91 -4.37
N LEU Q 188 -32.06 -30.30 -3.29
CA LEU Q 188 -33.44 -30.75 -3.43
C LEU Q 188 -34.36 -29.63 -3.88
N GLN Q 189 -34.13 -28.41 -3.38
CA GLN Q 189 -35.03 -27.30 -3.71
C GLN Q 189 -34.98 -26.98 -5.21
N ARG Q 190 -33.78 -26.85 -5.76
CA ARG Q 190 -33.64 -26.54 -7.19
C ARG Q 190 -34.22 -27.66 -8.05
N MET Q 191 -33.93 -28.91 -7.69
CA MET Q 191 -34.42 -30.06 -8.44
C MET Q 191 -35.94 -30.13 -8.42
N THR Q 192 -36.55 -29.91 -7.24
CA THR Q 192 -38.00 -29.94 -7.13
C THR Q 192 -38.64 -28.80 -7.90
N GLU Q 193 -38.04 -27.60 -7.84
CA GLU Q 193 -38.59 -26.49 -8.62
C GLU Q 193 -38.51 -26.78 -10.11
N ILE Q 194 -37.41 -27.39 -10.55
CA ILE Q 194 -37.28 -27.77 -11.96
C ILE Q 194 -38.36 -28.77 -12.35
N LEU Q 195 -38.60 -29.77 -11.51
CA LEU Q 195 -39.64 -30.75 -11.82
C LEU Q 195 -41.01 -30.09 -11.90
N GLN Q 196 -41.30 -29.18 -10.97
CA GLN Q 196 -42.58 -28.48 -10.99
C GLN Q 196 -42.72 -27.63 -12.26
N ARG Q 197 -41.65 -26.93 -12.65
CA ARG Q 197 -41.70 -26.12 -13.86
C ARG Q 197 -41.90 -27.00 -15.09
N LEU Q 198 -41.27 -28.18 -15.10
CA LEU Q 198 -41.46 -29.11 -16.20
C LEU Q 198 -42.91 -29.56 -16.29
N VAL Q 199 -43.52 -29.91 -15.14
CA VAL Q 199 -44.89 -30.38 -15.15
C VAL Q 199 -45.85 -29.25 -15.52
N GLY Q 200 -45.51 -28.01 -15.18
CA GLY Q 200 -46.35 -26.89 -15.53
C GLY Q 200 -46.55 -26.71 -17.03
N GLU Q 201 -45.66 -27.28 -17.84
CA GLU Q 201 -45.77 -27.24 -19.29
C GLU Q 201 -46.30 -28.55 -19.87
N ASP Q 202 -46.89 -29.40 -19.02
CA ASP Q 202 -47.41 -30.72 -19.42
C ASP Q 202 -46.31 -31.64 -19.93
N ILE Q 203 -45.08 -31.42 -19.47
CA ILE Q 203 -43.95 -32.30 -19.81
C ILE Q 203 -43.85 -33.38 -18.74
N SER Q 204 -43.81 -34.63 -19.17
CA SER Q 204 -43.90 -35.74 -18.22
C SER Q 204 -42.61 -35.91 -17.43
N ILE Q 205 -42.75 -36.11 -16.12
CA ILE Q 205 -41.62 -36.49 -15.28
C ILE Q 205 -41.26 -37.95 -15.46
N ARG Q 206 -42.21 -38.77 -15.95
CA ARG Q 206 -42.08 -40.21 -16.01
C ARG Q 206 -40.69 -40.69 -16.46
N ASN Q 207 -40.14 -40.06 -17.50
CA ASN Q 207 -38.82 -40.43 -18.00
C ASN Q 207 -37.75 -39.73 -17.16
N MET Q 208 -37.50 -40.30 -15.98
CA MET Q 208 -36.60 -39.67 -15.02
C MET Q 208 -35.13 -39.86 -15.36
N ARG Q 209 -34.77 -40.89 -16.11
CA ARG Q 209 -33.35 -41.15 -16.40
C ARG Q 209 -32.73 -40.01 -17.19
N SER Q 210 -33.37 -39.60 -18.28
CA SER Q 210 -32.83 -38.52 -19.09
C SER Q 210 -32.84 -37.21 -18.32
N ILE Q 211 -33.86 -37.00 -17.49
CA ILE Q 211 -33.92 -35.77 -16.68
C ILE Q 211 -32.74 -35.72 -15.72
N LEU Q 212 -32.44 -36.85 -15.07
CA LEU Q 212 -31.32 -36.88 -14.13
C LEU Q 212 -29.99 -36.72 -14.86
N GLU Q 213 -29.85 -37.34 -16.04
CA GLU Q 213 -28.61 -37.18 -16.80
C GLU Q 213 -28.41 -35.73 -17.23
N ALA Q 214 -29.47 -35.07 -17.70
CA ALA Q 214 -29.37 -33.66 -18.06
C ALA Q 214 -29.05 -32.81 -16.85
N MET Q 215 -29.65 -33.14 -15.69
CA MET Q 215 -29.37 -32.41 -14.47
C MET Q 215 -27.90 -32.51 -14.11
N VAL Q 216 -27.32 -33.71 -14.21
CA VAL Q 216 -25.89 -33.88 -13.93
C VAL Q 216 -25.06 -33.09 -14.94
N GLU Q 217 -25.42 -33.16 -16.21
CA GLU Q 217 -24.60 -32.54 -17.25
C GLU Q 217 -24.62 -31.01 -17.15
N TRP Q 218 -25.77 -30.42 -16.84
CA TRP Q 218 -25.93 -28.98 -16.90
C TRP Q 218 -25.96 -28.28 -15.54
N GLY Q 219 -25.98 -29.03 -14.43
CA GLY Q 219 -26.02 -28.39 -13.14
C GLY Q 219 -24.71 -27.75 -12.74
N GLN Q 220 -23.59 -28.21 -13.29
CA GLN Q 220 -22.29 -27.64 -12.99
C GLN Q 220 -22.04 -26.34 -13.75
N LYS Q 221 -22.76 -26.12 -14.85
CA LYS Q 221 -22.56 -24.96 -15.72
C LYS Q 221 -23.53 -23.82 -15.46
N GLU Q 222 -24.81 -24.13 -15.22
CA GLU Q 222 -25.84 -23.12 -15.03
C GLU Q 222 -26.40 -23.19 -13.62
N LYS Q 223 -26.57 -22.01 -13.01
CA LYS Q 223 -27.17 -21.92 -11.69
C LYS Q 223 -28.57 -21.32 -11.67
N ASP Q 224 -28.93 -20.55 -12.70
CA ASP Q 224 -30.28 -20.02 -12.79
C ASP Q 224 -31.28 -21.14 -13.05
N VAL Q 225 -32.40 -21.09 -12.33
CA VAL Q 225 -33.39 -22.17 -12.44
C VAL Q 225 -34.04 -22.16 -13.82
N VAL Q 226 -34.31 -20.97 -14.36
CA VAL Q 226 -35.00 -20.86 -15.65
C VAL Q 226 -34.15 -21.47 -16.75
N GLN Q 227 -32.87 -21.06 -16.83
CA GLN Q 227 -32.00 -21.58 -17.88
C GLN Q 227 -31.75 -23.06 -17.71
N LEU Q 228 -31.57 -23.52 -16.47
CA LEU Q 228 -31.32 -24.94 -16.23
C LEU Q 228 -32.53 -25.78 -16.64
N THR Q 229 -33.74 -25.32 -16.31
CA THR Q 229 -34.91 -26.09 -16.72
C THR Q 229 -35.15 -25.99 -18.22
N GLU Q 230 -34.73 -24.90 -18.87
CA GLU Q 230 -34.78 -24.83 -20.32
C GLU Q 230 -33.85 -25.85 -20.96
N TYR Q 231 -32.63 -26.00 -20.40
CA TYR Q 231 -31.71 -27.03 -20.89
C TYR Q 231 -32.29 -28.42 -20.67
N ILE Q 232 -32.92 -28.65 -19.52
CA ILE Q 232 -33.53 -29.96 -19.27
C ILE Q 232 -34.68 -30.21 -20.24
N ARG Q 233 -35.45 -29.17 -20.57
CA ARG Q 233 -36.47 -29.30 -21.60
C ARG Q 233 -35.86 -29.66 -22.95
N SER Q 234 -34.78 -28.98 -23.33
CA SER Q 234 -34.09 -29.30 -24.57
C SER Q 234 -33.51 -30.70 -24.57
N SER Q 235 -33.29 -31.27 -23.38
CA SER Q 235 -32.85 -32.66 -23.30
C SER Q 235 -33.95 -33.65 -23.65
N LEU Q 236 -35.19 -33.19 -23.85
CA LEU Q 236 -36.30 -34.07 -24.16
C LEU Q 236 -36.85 -33.79 -25.56
N LYS Q 237 -35.94 -33.66 -26.53
CA LYS Q 237 -36.32 -33.26 -27.88
C LYS Q 237 -37.33 -34.23 -28.48
N ARG Q 238 -37.01 -35.53 -28.46
CA ARG Q 238 -37.87 -36.49 -29.11
C ARG Q 238 -39.19 -36.67 -28.37
N TYR Q 239 -39.18 -36.58 -27.04
CA TYR Q 239 -40.43 -36.65 -26.29
C TYR Q 239 -41.34 -35.50 -26.65
N ILE Q 240 -40.79 -34.27 -26.69
CA ILE Q 240 -41.61 -33.12 -27.05
C ILE Q 240 -42.13 -33.26 -28.48
N CYS Q 241 -41.26 -33.71 -29.38
CA CYS Q 241 -41.65 -33.86 -30.78
C CYS Q 241 -42.79 -34.86 -30.92
N TYR Q 242 -42.70 -36.00 -30.25
CA TYR Q 242 -43.78 -36.99 -30.35
C TYR Q 242 -45.04 -36.50 -29.67
N LYS Q 243 -44.91 -35.76 -28.56
CA LYS Q 243 -46.10 -35.31 -27.85
C LYS Q 243 -46.88 -34.28 -28.65
N TYR Q 244 -46.18 -33.40 -29.38
CA TYR Q 244 -46.86 -32.31 -30.08
C TYR Q 244 -47.09 -32.56 -31.56
N ALA Q 245 -46.13 -33.16 -32.26
CA ALA Q 245 -46.29 -33.46 -33.69
C ALA Q 245 -47.23 -34.66 -33.83
N ASN Q 246 -48.52 -34.39 -33.93
CA ASN Q 246 -49.51 -35.45 -34.06
C ASN Q 246 -49.34 -36.22 -35.37
N GLY Q 247 -49.29 -35.50 -36.48
CA GLY Q 247 -49.07 -36.14 -37.76
C GLY Q 247 -47.60 -36.49 -37.93
N ASN Q 248 -47.30 -37.31 -38.93
CA ASN Q 248 -45.93 -37.79 -39.06
C ASN Q 248 -45.00 -36.64 -39.43
N ASN Q 249 -43.99 -36.43 -38.58
CA ASN Q 249 -42.94 -35.41 -38.72
C ASN Q 249 -43.48 -34.03 -39.11
N ILE Q 250 -44.74 -33.73 -38.83
CA ILE Q 250 -45.31 -32.41 -39.11
C ILE Q 250 -45.58 -31.71 -37.78
N LEU Q 251 -45.00 -30.53 -37.61
CA LEU Q 251 -45.17 -29.75 -36.39
C LEU Q 251 -45.67 -28.35 -36.74
N PRO Q 252 -46.94 -28.03 -36.47
CA PRO Q 252 -47.40 -26.65 -36.70
C PRO Q 252 -46.64 -25.68 -35.81
N ALA Q 253 -46.30 -24.53 -36.39
CA ALA Q 253 -45.46 -23.54 -35.71
C ALA Q 253 -46.06 -22.16 -35.86
N TYR Q 254 -45.79 -21.31 -34.87
CA TYR Q 254 -46.19 -19.91 -34.87
C TYR Q 254 -44.99 -19.03 -34.61
N LEU Q 255 -43.93 -19.26 -35.38
CA LEU Q 255 -42.62 -18.68 -35.15
C LEU Q 255 -42.68 -17.16 -34.97
N PHE Q 256 -41.79 -16.65 -34.12
CA PHE Q 256 -41.71 -15.23 -33.81
C PHE Q 256 -40.68 -14.54 -34.69
N ASP Q 257 -40.94 -13.27 -34.99
CA ASP Q 257 -39.96 -12.46 -35.70
C ASP Q 257 -38.78 -12.14 -34.79
N GLN Q 258 -37.64 -11.83 -35.41
CA GLN Q 258 -36.45 -11.49 -34.64
C GLN Q 258 -36.66 -10.20 -33.86
N GLU Q 259 -37.33 -9.23 -34.46
CA GLU Q 259 -37.55 -7.95 -33.77
C GLU Q 259 -38.39 -8.13 -32.52
N VAL Q 260 -39.46 -8.93 -32.60
CA VAL Q 260 -40.31 -9.16 -31.44
C VAL Q 260 -39.55 -9.91 -30.35
N GLU Q 261 -38.78 -10.93 -30.73
CA GLU Q 261 -37.98 -11.66 -29.75
C GLU Q 261 -36.99 -10.75 -29.06
N GLU Q 262 -36.32 -9.88 -29.82
CA GLU Q 262 -35.36 -8.95 -29.23
C GLU Q 262 -36.05 -7.96 -28.31
N LYS Q 263 -37.22 -7.46 -28.70
CA LYS Q 263 -37.95 -6.54 -27.84
C LYS Q 263 -38.34 -7.21 -26.53
N ILE Q 264 -38.77 -8.47 -26.60
CA ILE Q 264 -39.10 -9.20 -25.38
C ILE Q 264 -37.86 -9.39 -24.52
N ARG Q 265 -36.74 -9.79 -25.14
CA ARG Q 265 -35.50 -10.02 -24.40
C ARG Q 265 -34.93 -8.75 -23.80
N SER Q 266 -35.27 -7.59 -24.35
CA SER Q 266 -34.71 -6.32 -23.85
C SER Q 266 -35.14 -6.00 -22.42
N ARG Q 267 -36.16 -6.66 -21.90
CA ARG Q 267 -36.67 -6.41 -20.56
C ARG Q 267 -36.82 -7.72 -19.80
N VAL Q 268 -35.74 -8.53 -19.80
CA VAL Q 268 -35.76 -9.80 -19.09
C VAL Q 268 -35.78 -9.58 -17.58
N ARG Q 269 -34.99 -8.63 -17.09
CA ARG Q 269 -34.98 -8.26 -15.67
C ARG Q 269 -34.62 -9.47 -14.81
N GLN Q 270 -33.37 -9.92 -14.98
CA GLN Q 270 -32.87 -11.12 -14.33
C GLN Q 270 -32.39 -10.83 -12.91
N THR Q 271 -33.33 -10.38 -12.08
CA THR Q 271 -33.03 -9.95 -10.72
C THR Q 271 -33.17 -11.14 -9.77
N SER Q 272 -33.12 -10.87 -8.47
CA SER Q 272 -33.13 -11.89 -7.44
C SER Q 272 -34.55 -12.30 -7.08
N ALA Q 273 -34.70 -13.59 -6.76
CA ALA Q 273 -35.99 -14.20 -6.37
C ALA Q 273 -36.98 -14.28 -7.53
N GLY Q 274 -36.52 -14.79 -8.67
CA GLY Q 274 -37.43 -15.08 -9.77
C GLY Q 274 -37.07 -14.60 -11.15
N SER Q 275 -36.58 -13.36 -11.27
CA SER Q 275 -36.14 -12.80 -12.56
C SER Q 275 -37.34 -12.47 -13.45
N TYR Q 276 -38.37 -11.89 -12.86
CA TYR Q 276 -39.60 -11.61 -13.57
C TYR Q 276 -39.38 -10.52 -14.62
N LEU Q 277 -40.09 -10.64 -15.74
CA LEU Q 277 -39.98 -9.70 -16.84
C LEU Q 277 -41.06 -8.64 -16.76
N ALA Q 278 -40.71 -7.43 -17.18
CA ALA Q 278 -41.65 -6.31 -17.17
C ALA Q 278 -41.15 -5.29 -18.19
N LEU Q 279 -41.83 -5.19 -19.33
CA LEU Q 279 -41.43 -4.24 -20.37
C LEU Q 279 -42.18 -2.91 -20.22
N ASP Q 280 -43.47 -2.92 -20.51
CA ASP Q 280 -44.37 -1.79 -20.32
C ASP Q 280 -45.77 -2.28 -20.62
N PRO Q 281 -46.80 -1.91 -19.83
CA PRO Q 281 -48.15 -2.40 -20.14
C PRO Q 281 -48.61 -2.08 -21.55
N ALA Q 282 -48.25 -0.91 -22.08
CA ALA Q 282 -48.59 -0.59 -23.47
C ALA Q 282 -47.83 -1.49 -24.43
N VAL Q 283 -46.56 -1.78 -24.14
CA VAL Q 283 -45.75 -2.61 -25.03
C VAL Q 283 -46.29 -4.04 -25.07
N THR Q 284 -46.58 -4.62 -23.91
CA THR Q 284 -47.15 -5.96 -23.89
C THR Q 284 -48.54 -5.97 -24.51
N GLU Q 285 -49.32 -4.91 -24.32
CA GLU Q 285 -50.62 -4.84 -24.98
C GLU Q 285 -50.47 -4.83 -26.48
N SER Q 286 -49.53 -4.06 -27.01
CA SER Q 286 -49.30 -4.01 -28.45
C SER Q 286 -48.81 -5.35 -28.99
N LEU Q 287 -47.88 -5.99 -28.28
CA LEU Q 287 -47.37 -7.28 -28.74
C LEU Q 287 -48.46 -8.34 -28.72
N LEU Q 288 -49.27 -8.38 -27.66
CA LEU Q 288 -50.36 -9.35 -27.60
C LEU Q 288 -51.41 -9.06 -28.67
N GLU Q 289 -51.67 -7.79 -28.94
CA GLU Q 289 -52.59 -7.43 -30.01
C GLU Q 289 -52.06 -7.89 -31.37
N GLN Q 290 -50.76 -7.72 -31.61
CA GLN Q 290 -50.16 -8.21 -32.85
C GLN Q 290 -50.26 -9.72 -32.95
N VAL Q 291 -49.99 -10.43 -31.86
CA VAL Q 291 -50.07 -11.89 -31.87
C VAL Q 291 -51.50 -12.35 -32.19
N ARG Q 292 -52.49 -11.73 -31.54
CA ARG Q 292 -53.87 -12.08 -31.80
C ARG Q 292 -54.30 -11.72 -33.22
N LYS Q 293 -53.87 -10.55 -33.71
CA LYS Q 293 -54.24 -10.09 -35.04
C LYS Q 293 -53.66 -10.95 -36.15
N THR Q 294 -52.40 -11.37 -36.01
CA THR Q 294 -51.77 -12.11 -37.09
C THR Q 294 -52.30 -13.54 -37.25
N ILE Q 295 -52.00 -14.41 -36.27
CA ILE Q 295 -52.42 -15.80 -36.38
C ILE Q 295 -53.15 -16.24 -35.12
N GLY Q 296 -53.87 -15.31 -34.48
CA GLY Q 296 -54.61 -15.62 -33.28
C GLY Q 296 -55.87 -16.43 -33.56
N ASP Q 297 -55.68 -17.69 -33.95
CA ASP Q 297 -56.78 -18.55 -34.34
C ASP Q 297 -57.55 -19.00 -33.09
N LEU Q 298 -58.50 -19.91 -33.29
CA LEU Q 298 -59.37 -20.37 -32.21
C LEU Q 298 -59.48 -21.90 -32.20
N SER Q 299 -60.46 -22.42 -31.45
CA SER Q 299 -60.62 -23.86 -31.26
C SER Q 299 -61.03 -24.61 -32.52
N GLN Q 300 -61.14 -23.94 -33.67
CA GLN Q 300 -61.45 -24.62 -34.92
C GLN Q 300 -60.30 -25.51 -35.40
N ILE Q 301 -59.12 -25.39 -34.80
CA ILE Q 301 -57.97 -26.19 -35.19
C ILE Q 301 -58.10 -27.60 -34.64
N GLN Q 302 -57.64 -28.59 -35.41
CA GLN Q 302 -57.66 -29.99 -35.01
C GLN Q 302 -56.27 -30.61 -35.12
N SER Q 303 -55.25 -29.85 -34.71
CA SER Q 303 -53.89 -30.37 -34.68
C SER Q 303 -53.10 -30.00 -33.43
N LYS Q 304 -53.63 -29.15 -32.54
CA LYS Q 304 -52.92 -28.60 -31.40
C LYS Q 304 -51.60 -28.00 -31.86
N PRO Q 305 -51.64 -26.85 -32.52
CA PRO Q 305 -50.41 -26.17 -32.91
C PRO Q 305 -49.64 -25.66 -31.71
N VAL Q 306 -48.31 -25.55 -31.87
CA VAL Q 306 -47.42 -25.13 -30.79
C VAL Q 306 -46.64 -23.91 -31.24
N LEU Q 307 -46.39 -23.00 -30.30
CA LEU Q 307 -45.55 -21.84 -30.55
C LEU Q 307 -44.09 -22.24 -30.40
N ILE Q 308 -43.25 -21.81 -31.35
CA ILE Q 308 -41.83 -22.08 -31.32
C ILE Q 308 -41.08 -20.75 -31.34
N VAL Q 309 -40.22 -20.55 -30.35
CA VAL Q 309 -39.50 -19.29 -30.16
C VAL Q 309 -38.11 -19.61 -29.64
N SER Q 310 -37.27 -18.57 -29.55
CA SER Q 310 -35.92 -18.74 -29.04
C SER Q 310 -35.95 -19.25 -27.60
N MET Q 311 -34.99 -20.10 -27.26
CA MET Q 311 -35.00 -20.78 -25.97
C MET Q 311 -34.86 -19.80 -24.82
N ASP Q 312 -33.95 -18.83 -24.94
CA ASP Q 312 -33.60 -17.96 -23.82
C ASP Q 312 -34.79 -17.18 -23.27
N ILE Q 313 -35.83 -16.98 -24.08
CA ILE Q 313 -37.01 -16.24 -23.64
C ILE Q 313 -38.27 -17.09 -23.67
N ARG Q 314 -38.14 -18.40 -23.92
CA ARG Q 314 -39.31 -19.23 -24.14
C ARG Q 314 -40.29 -19.12 -22.98
N ARG Q 315 -39.81 -19.36 -21.76
CA ARG Q 315 -40.67 -19.25 -20.59
C ARG Q 315 -41.26 -17.85 -20.48
N TYR Q 316 -40.45 -16.82 -20.72
CA TYR Q 316 -40.95 -15.45 -20.67
C TYR Q 316 -42.06 -15.23 -21.69
N VAL Q 317 -41.98 -15.90 -22.85
CA VAL Q 317 -43.07 -15.79 -23.81
C VAL Q 317 -44.30 -16.51 -23.30
N ARG Q 318 -44.11 -17.69 -22.71
CA ARG Q 318 -45.24 -18.52 -22.31
C ARG Q 318 -46.14 -17.79 -21.32
N LYS Q 319 -45.56 -17.27 -20.24
CA LYS Q 319 -46.35 -16.53 -19.26
C LYS Q 319 -46.96 -15.27 -19.85
N LEU Q 320 -46.42 -14.77 -20.98
CA LEU Q 320 -47.04 -13.63 -21.64
C LEU Q 320 -48.37 -14.02 -22.27
N ILE Q 321 -48.49 -15.24 -22.78
CA ILE Q 321 -49.70 -15.68 -23.47
C ILE Q 321 -50.51 -16.66 -22.65
N GLU Q 322 -50.09 -16.93 -21.40
CA GLU Q 322 -50.85 -17.86 -20.57
C GLU Q 322 -52.22 -17.31 -20.21
N SER Q 323 -52.34 -15.97 -20.13
CA SER Q 323 -53.61 -15.37 -19.74
C SER Q 323 -54.69 -15.63 -20.79
N GLU Q 324 -54.36 -15.42 -22.07
CA GLU Q 324 -55.34 -15.58 -23.13
C GLU Q 324 -55.28 -16.98 -23.76
N TYR Q 325 -54.12 -17.36 -24.30
CA TYR Q 325 -53.95 -18.63 -24.98
C TYR Q 325 -53.31 -19.63 -24.02
N TYR Q 326 -54.12 -20.13 -23.09
CA TYR Q 326 -53.64 -21.16 -22.17
C TYR Q 326 -53.40 -22.49 -22.89
N GLY Q 327 -54.07 -22.73 -24.01
CA GLY Q 327 -53.86 -23.93 -24.79
C GLY Q 327 -52.50 -24.01 -25.46
N LEU Q 328 -52.31 -23.19 -26.50
CA LEU Q 328 -51.08 -23.11 -27.30
C LEU Q 328 -49.82 -23.24 -26.47
N PRO Q 329 -49.08 -24.33 -26.60
CA PRO Q 329 -47.79 -24.45 -25.89
C PRO Q 329 -46.72 -23.60 -26.54
N VAL Q 330 -45.65 -23.39 -25.78
CA VAL Q 330 -44.48 -22.64 -26.26
C VAL Q 330 -43.27 -23.55 -26.19
N LEU Q 331 -42.53 -23.61 -27.29
CA LEU Q 331 -41.38 -24.49 -27.43
C LEU Q 331 -40.14 -23.70 -27.81
N SER Q 332 -38.98 -24.29 -27.52
CA SER Q 332 -37.70 -23.69 -27.83
C SER Q 332 -37.15 -24.27 -29.13
N TYR Q 333 -36.35 -23.45 -29.82
CA TYR Q 333 -35.67 -23.92 -31.02
C TYR Q 333 -34.74 -25.08 -30.71
N GLN Q 334 -34.06 -25.02 -29.56
CA GLN Q 334 -33.19 -26.12 -29.15
C GLN Q 334 -33.97 -27.40 -28.91
N GLU Q 335 -35.20 -27.28 -28.42
CA GLU Q 335 -36.03 -28.46 -28.15
C GLU Q 335 -36.39 -29.24 -29.41
N LEU Q 336 -36.21 -28.65 -30.59
CA LEU Q 336 -36.57 -29.31 -31.84
C LEU Q 336 -35.52 -30.35 -32.21
N THR Q 337 -35.94 -31.62 -32.23
CA THR Q 337 -35.08 -32.70 -32.73
C THR Q 337 -35.08 -32.68 -34.25
N GLN Q 338 -34.33 -33.60 -34.85
CA GLN Q 338 -34.25 -33.67 -36.30
C GLN Q 338 -35.50 -34.37 -36.85
N GLN Q 339 -35.43 -34.83 -38.09
CA GLN Q 339 -36.57 -35.39 -38.82
C GLN Q 339 -37.90 -34.73 -38.47
N ILE Q 340 -37.96 -33.40 -38.54
CA ILE Q 340 -39.20 -32.66 -38.31
C ILE Q 340 -39.40 -31.70 -39.47
N ASN Q 341 -40.59 -31.74 -40.06
CA ASN Q 341 -40.98 -30.80 -41.12
C ASN Q 341 -41.72 -29.66 -40.45
N ILE Q 342 -40.98 -28.59 -40.11
CA ILE Q 342 -41.59 -27.45 -39.46
C ILE Q 342 -42.37 -26.65 -40.49
N GLN Q 343 -43.69 -26.55 -40.29
CA GLN Q 343 -44.55 -25.83 -41.21
C GLN Q 343 -44.89 -24.48 -40.62
N PRO Q 344 -44.40 -23.38 -41.18
CA PRO Q 344 -44.68 -22.04 -40.62
C PRO Q 344 -46.09 -21.58 -40.96
N LEU Q 345 -46.96 -21.56 -39.95
CA LEU Q 345 -48.31 -21.05 -40.15
C LEU Q 345 -48.35 -19.54 -40.29
N GLY Q 346 -47.32 -18.83 -39.80
CA GLY Q 346 -47.30 -17.39 -39.90
C GLY Q 346 -46.29 -16.72 -38.99
N ARG Q 347 -45.67 -15.64 -39.46
CA ARG Q 347 -44.71 -14.89 -38.66
C ARG Q 347 -45.44 -13.86 -37.80
N VAL Q 348 -45.06 -13.80 -36.53
CA VAL Q 348 -45.62 -12.79 -35.62
C VAL Q 348 -44.89 -11.48 -35.92
N CYS Q 349 -45.50 -10.62 -36.72
CA CYS Q 349 -44.86 -9.38 -37.12
C CYS Q 349 -44.92 -8.36 -35.99
N LEU Q 350 -44.23 -7.24 -36.20
CA LEU Q 350 -44.18 -6.16 -35.22
C LEU Q 350 -44.87 -4.92 -35.77
N GLY R 5 -42.58 -29.22 58.10
CA GLY R 5 -41.22 -28.75 57.84
C GLY R 5 -41.09 -28.07 56.50
N ARG R 6 -42.05 -27.21 56.16
CA ARG R 6 -42.03 -26.51 54.89
C ARG R 6 -41.19 -25.23 54.93
N LEU R 7 -40.62 -24.87 56.07
CA LEU R 7 -39.75 -23.70 56.14
C LEU R 7 -38.29 -24.05 55.92
N GLY R 8 -38.01 -25.06 55.11
CA GLY R 8 -36.66 -25.40 54.70
C GLY R 8 -36.65 -25.63 53.20
N GLU R 9 -37.84 -25.90 52.66
CA GLU R 9 -38.04 -25.96 51.23
C GLU R 9 -37.86 -24.59 50.62
N GLN R 10 -37.32 -24.55 49.40
CA GLN R 10 -36.96 -23.27 48.82
C GLN R 10 -38.22 -22.49 48.43
N GLU R 11 -38.94 -22.95 47.42
CA GLU R 11 -40.19 -22.27 47.06
C GLU R 11 -41.34 -23.19 46.67
N ALA R 12 -41.11 -24.47 46.36
CA ALA R 12 -42.13 -25.34 45.79
C ALA R 12 -42.73 -24.72 44.53
N PHE R 13 -41.87 -24.58 43.52
CA PHE R 13 -42.23 -23.90 42.28
C PHE R 13 -43.39 -24.60 41.58
N ALA R 14 -44.27 -23.80 40.98
CA ALA R 14 -45.40 -24.29 40.21
C ALA R 14 -45.61 -23.37 39.02
N MET R 15 -45.78 -23.96 37.83
CA MET R 15 -45.93 -23.16 36.62
C MET R 15 -47.31 -22.53 36.54
N THR R 16 -47.35 -21.34 35.95
CA THR R 16 -48.63 -20.64 35.77
C THR R 16 -49.49 -21.37 34.75
N VAL R 17 -50.79 -21.41 35.01
CA VAL R 17 -51.72 -22.05 34.07
C VAL R 17 -51.82 -21.21 32.81
N PRO R 18 -51.80 -21.80 31.63
CA PRO R 18 -51.88 -21.00 30.39
C PRO R 18 -53.23 -20.33 30.21
N LEU R 19 -54.31 -21.10 30.33
CA LEU R 19 -55.66 -20.62 30.13
C LEU R 19 -56.51 -21.02 31.33
N LEU R 20 -57.24 -20.06 31.90
CA LEU R 20 -58.08 -20.31 33.05
C LEU R 20 -59.45 -19.67 32.85
N ILE R 21 -60.49 -20.39 33.25
CA ILE R 21 -61.86 -19.87 33.24
C ILE R 21 -62.40 -20.04 34.64
N ASP R 22 -62.65 -18.94 35.32
CA ASP R 22 -63.20 -18.94 36.68
C ASP R 22 -64.63 -18.43 36.61
N VAL R 23 -65.57 -19.29 36.92
CA VAL R 23 -66.97 -18.91 36.98
C VAL R 23 -67.42 -19.02 38.42
N ASP R 24 -68.50 -18.31 38.74
CA ASP R 24 -68.97 -18.33 40.11
C ASP R 24 -69.47 -19.71 40.49
N SER R 25 -69.47 -19.97 41.79
CA SER R 25 -70.01 -21.20 42.36
C SER R 25 -71.53 -21.09 42.45
N SER R 26 -72.15 -22.00 43.18
CA SER R 26 -73.61 -22.11 43.29
C SER R 26 -74.27 -22.35 41.93
N GLN R 27 -73.46 -22.63 40.91
CA GLN R 27 -73.98 -23.16 39.65
C GLN R 27 -73.25 -24.44 39.25
N GLN R 28 -72.47 -25.03 40.16
CA GLN R 28 -71.88 -26.33 39.88
C GLN R 28 -72.98 -27.36 39.69
N GLU R 29 -72.92 -28.07 38.57
CA GLU R 29 -73.88 -29.11 38.18
C GLU R 29 -75.20 -28.47 37.76
N ALA R 30 -75.37 -27.17 38.05
CA ALA R 30 -76.51 -26.45 37.52
C ALA R 30 -76.27 -26.08 36.06
N LEU R 31 -75.02 -25.83 35.70
CA LEU R 31 -74.62 -25.54 34.34
C LEU R 31 -73.90 -26.72 33.70
N GLU R 32 -72.94 -27.30 34.41
CA GLU R 32 -72.25 -28.52 33.97
C GLU R 32 -73.22 -29.60 33.49
N ALA R 33 -74.47 -29.56 33.96
CA ALA R 33 -75.48 -30.51 33.53
C ALA R 33 -75.64 -30.55 32.02
N ILE R 34 -75.49 -29.42 31.35
CA ILE R 34 -75.94 -29.33 29.96
C ILE R 34 -74.87 -29.77 28.98
N ALA R 35 -73.79 -28.98 28.87
CA ALA R 35 -72.75 -29.33 27.91
C ALA R 35 -71.33 -28.95 28.31
N LEU R 36 -71.10 -28.41 29.51
CA LEU R 36 -69.86 -27.67 29.75
C LEU R 36 -68.60 -28.53 29.68
N ASN R 37 -68.71 -29.84 29.90
CA ASN R 37 -67.54 -30.69 29.74
C ASN R 37 -67.34 -31.16 28.30
N ASP R 38 -68.37 -31.04 27.46
CA ASP R 38 -68.26 -31.33 26.03
C ASP R 38 -68.30 -30.10 25.15
N GLU R 39 -69.06 -29.07 25.53
CA GLU R 39 -69.18 -27.88 24.71
C GLU R 39 -67.84 -27.16 24.57
N LEU R 40 -67.08 -27.06 25.66
CA LEU R 40 -65.81 -26.36 25.60
C LEU R 40 -64.82 -27.07 24.67
N VAL R 41 -64.69 -28.39 24.81
CA VAL R 41 -63.79 -29.12 23.93
C VAL R 41 -64.28 -29.06 22.49
N ARG R 42 -65.60 -29.09 22.28
CA ARG R 42 -66.13 -29.01 20.92
C ARG R 42 -65.78 -27.68 20.28
N VAL R 43 -65.98 -26.57 21.00
CA VAL R 43 -65.69 -25.26 20.40
C VAL R 43 -64.19 -25.08 20.21
N ARG R 44 -63.37 -25.60 21.13
CA ARG R 44 -61.92 -25.53 20.94
C ARG R 44 -61.49 -26.31 19.72
N ARG R 45 -62.03 -27.51 19.53
CA ARG R 45 -61.70 -28.32 18.37
C ARG R 45 -62.13 -27.64 17.08
N ALA R 46 -63.34 -27.05 17.07
CA ALA R 46 -63.81 -26.35 15.88
C ALA R 46 -62.94 -25.16 15.56
N LEU R 47 -62.56 -24.38 16.58
CA LEU R 47 -61.72 -23.22 16.32
C LEU R 47 -60.32 -23.64 15.84
N TYR R 48 -59.79 -24.74 16.39
CA TYR R 48 -58.52 -25.25 15.88
C TYR R 48 -58.62 -25.68 14.43
N LEU R 49 -59.69 -26.40 14.08
CA LEU R 49 -59.88 -26.82 12.69
C LEU R 49 -60.01 -25.60 11.77
N ASP R 50 -60.60 -24.52 12.27
CA ASP R 50 -60.69 -23.30 11.48
C ASP R 50 -59.34 -22.62 11.33
N LEU R 51 -58.52 -22.65 12.38
CA LEU R 51 -57.24 -21.92 12.40
C LEU R 51 -56.02 -22.83 12.35
N GLY R 52 -55.94 -23.82 13.23
CA GLY R 52 -54.78 -24.68 13.32
C GLY R 52 -53.81 -24.34 14.43
N VAL R 53 -54.10 -23.31 15.23
CA VAL R 53 -53.22 -22.96 16.35
C VAL R 53 -53.41 -23.98 17.47
N PRO R 54 -52.33 -24.58 17.99
CA PRO R 54 -52.49 -25.55 19.07
C PRO R 54 -52.83 -24.88 20.40
N PHE R 55 -54.12 -24.61 20.61
CA PHE R 55 -54.56 -23.96 21.85
C PHE R 55 -54.26 -24.86 23.04
N PRO R 56 -54.01 -24.29 24.21
CA PRO R 56 -53.64 -25.09 25.38
C PRO R 56 -54.89 -25.68 26.04
N GLY R 57 -54.64 -26.40 27.14
CA GLY R 57 -55.74 -26.93 27.92
C GLY R 57 -56.47 -25.84 28.68
N ILE R 58 -57.76 -26.07 28.89
CA ILE R 58 -58.64 -25.09 29.53
C ILE R 58 -58.92 -25.56 30.95
N HIS R 59 -58.59 -24.72 31.92
CA HIS R 59 -58.83 -25.01 33.33
C HIS R 59 -60.13 -24.36 33.76
N LEU R 60 -61.06 -25.14 34.27
CA LEU R 60 -62.36 -24.65 34.71
C LEU R 60 -62.45 -24.81 36.23
N ARG R 61 -62.71 -23.70 36.91
CA ARG R 61 -62.81 -23.67 38.36
C ARG R 61 -64.02 -22.88 38.80
N PHE R 62 -64.64 -23.31 39.89
CA PHE R 62 -65.80 -22.63 40.47
C PHE R 62 -65.35 -21.90 41.73
N ASN R 63 -65.39 -20.57 41.68
CA ASN R 63 -64.97 -19.73 42.79
C ASN R 63 -66.18 -19.04 43.40
N GLU R 64 -66.30 -19.13 44.72
CA GLU R 64 -67.42 -18.53 45.44
C GLU R 64 -67.19 -17.08 45.84
N GLY R 65 -65.99 -16.55 45.63
CA GLY R 65 -65.72 -15.17 46.01
C GLY R 65 -66.29 -14.11 45.09
N MET R 66 -66.83 -14.51 43.95
CA MET R 66 -67.35 -13.59 42.96
C MET R 66 -68.84 -13.33 43.22
N GLY R 67 -69.53 -12.69 42.28
CA GLY R 67 -70.95 -12.39 42.46
C GLY R 67 -71.84 -13.60 42.22
N GLU R 68 -72.85 -13.45 41.37
CA GLU R 68 -73.79 -14.53 41.06
C GLU R 68 -73.51 -15.19 39.72
N GLY R 69 -73.46 -14.40 38.65
CA GLY R 69 -73.18 -14.94 37.33
C GLY R 69 -71.88 -14.41 36.75
N GLU R 70 -70.84 -14.34 37.59
CA GLU R 70 -69.57 -13.73 37.20
C GLU R 70 -68.66 -14.79 36.60
N TYR R 71 -68.26 -14.60 35.34
CA TYR R 71 -67.30 -15.47 34.69
C TYR R 71 -66.13 -14.64 34.18
N LEU R 72 -64.92 -15.16 34.35
CA LEU R 72 -63.72 -14.49 33.87
C LEU R 72 -62.85 -15.48 33.12
N ILE R 73 -62.32 -15.04 31.98
CA ILE R 73 -61.36 -15.80 31.18
C ILE R 73 -60.04 -15.08 31.23
N SER R 74 -59.01 -15.79 31.70
CA SER R 74 -57.69 -15.23 31.94
C SER R 74 -56.63 -16.04 31.18
N LEU R 75 -55.72 -15.35 30.52
CA LEU R 75 -54.60 -15.97 29.82
C LEU R 75 -53.34 -15.81 30.67
N GLN R 76 -52.78 -16.94 31.11
CA GLN R 76 -51.58 -16.95 31.96
C GLN R 76 -51.80 -16.13 33.22
N GLU R 77 -52.91 -16.41 33.91
CA GLU R 77 -53.24 -15.77 35.18
C GLU R 77 -53.30 -14.25 35.05
N VAL R 78 -53.79 -13.77 33.91
CA VAL R 78 -54.09 -12.36 33.70
C VAL R 78 -55.45 -12.29 33.03
N PRO R 79 -56.46 -11.68 33.66
CA PRO R 79 -57.80 -11.70 33.07
C PRO R 79 -57.87 -10.90 31.78
N VAL R 80 -58.41 -11.52 30.74
CA VAL R 80 -58.56 -10.87 29.45
C VAL R 80 -60.02 -10.64 29.06
N ALA R 81 -60.96 -11.38 29.64
CA ALA R 81 -62.37 -11.15 29.33
C ALA R 81 -63.20 -11.48 30.56
N ARG R 82 -63.69 -10.46 31.24
CA ARG R 82 -64.54 -10.63 32.42
C ARG R 82 -65.96 -10.22 32.06
N GLY R 83 -66.89 -11.18 32.14
CA GLY R 83 -68.28 -10.90 31.85
C GLY R 83 -69.19 -11.41 32.95
N GLU R 84 -70.47 -11.04 32.83
CA GLU R 84 -71.50 -11.40 33.80
C GLU R 84 -72.69 -11.96 33.02
N LEU R 85 -72.85 -13.28 33.06
CA LEU R 85 -73.94 -13.93 32.36
C LEU R 85 -75.29 -13.53 32.93
N GLY R 88 -78.40 -11.22 34.56
CA GLY R 88 -78.62 -12.37 33.69
C GLY R 88 -78.65 -13.69 34.45
N TYR R 89 -79.50 -13.76 35.47
CA TYR R 89 -79.64 -14.98 36.25
C TYR R 89 -80.16 -16.12 35.40
N LEU R 90 -81.36 -15.97 34.86
CA LEU R 90 -81.92 -16.94 33.93
C LEU R 90 -82.35 -16.33 32.60
N LEU R 91 -82.24 -15.01 32.45
CA LEU R 91 -82.66 -14.35 31.22
C LEU R 91 -81.74 -14.74 30.07
N VAL R 92 -82.30 -15.39 29.06
CA VAL R 92 -81.52 -15.71 27.86
C VAL R 92 -81.22 -14.43 27.10
N ARG R 93 -80.06 -14.41 26.44
CA ARG R 93 -79.57 -13.20 25.81
C ARG R 93 -79.85 -13.19 24.31
N GLU R 94 -80.01 -11.99 23.78
CA GLU R 94 -80.24 -11.74 22.36
C GLU R 94 -79.13 -10.86 21.81
N SER R 95 -78.64 -11.22 20.63
CA SER R 95 -77.49 -10.57 20.01
C SER R 95 -77.86 -9.40 19.10
N VAL R 96 -79.14 -9.14 18.89
CA VAL R 96 -79.59 -8.03 18.05
C VAL R 96 -80.54 -7.16 18.86
N SER R 97 -80.18 -5.89 19.02
CA SER R 97 -80.93 -4.95 19.84
C SER R 97 -81.40 -3.75 19.02
N GLN R 98 -81.65 -3.96 17.72
CA GLN R 98 -82.04 -2.89 16.82
C GLN R 98 -83.50 -2.52 17.08
N LEU R 99 -84.07 -1.68 16.21
CA LEU R 99 -85.48 -1.33 16.33
C LEU R 99 -86.37 -2.55 16.16
N GLU R 100 -85.85 -3.62 15.57
CA GLU R 100 -86.61 -4.88 15.49
C GLU R 100 -86.94 -5.39 16.88
N LEU R 101 -86.02 -5.21 17.83
CA LEU R 101 -86.31 -5.63 19.20
C LEU R 101 -87.38 -4.77 19.85
N LEU R 102 -87.44 -3.48 19.49
CA LEU R 102 -88.58 -2.66 19.90
C LEU R 102 -89.87 -3.13 19.25
N GLY R 103 -89.79 -3.64 18.02
CA GLY R 103 -90.97 -4.18 17.37
C GLY R 103 -91.55 -5.40 18.08
N ILE R 104 -90.77 -6.05 18.93
CA ILE R 104 -91.23 -7.20 19.70
C ILE R 104 -91.47 -6.73 21.13
N PRO R 105 -92.68 -6.90 21.68
CA PRO R 105 -93.00 -6.33 23.02
C PRO R 105 -92.40 -7.13 24.17
N TYR R 106 -91.08 -7.15 24.24
CA TYR R 106 -90.36 -7.83 25.31
C TYR R 106 -89.43 -6.85 26.01
N GLU R 107 -88.87 -7.30 27.14
CA GLU R 107 -87.99 -6.46 27.94
C GLU R 107 -86.71 -6.11 27.18
N LYS R 108 -86.26 -4.87 27.34
CA LYS R 108 -85.11 -4.35 26.62
C LYS R 108 -83.91 -4.13 27.54
N GLY R 109 -83.88 -4.78 28.70
CA GLY R 109 -82.79 -4.62 29.64
C GLY R 109 -81.45 -5.11 29.12
N GLU R 110 -80.45 -4.24 29.15
CA GLU R 110 -79.11 -4.55 28.67
C GLU R 110 -78.17 -4.83 29.84
N HIS R 111 -76.88 -4.97 29.54
CA HIS R 111 -75.87 -5.21 30.56
C HIS R 111 -74.57 -4.52 30.12
N LEU R 112 -73.46 -4.92 30.73
CA LEU R 112 -72.20 -4.20 30.62
C LEU R 112 -71.21 -4.83 29.65
N LEU R 113 -71.38 -6.10 29.30
CA LEU R 113 -70.33 -6.87 28.66
C LEU R 113 -70.23 -6.61 27.16
N PRO R 114 -69.07 -6.97 26.54
CA PRO R 114 -68.93 -6.89 25.08
C PRO R 114 -69.73 -7.96 24.34
N ASP R 115 -69.40 -8.18 23.06
CA ASP R 115 -70.16 -8.96 22.08
C ASP R 115 -71.35 -8.16 21.55
N GLN R 116 -71.09 -6.90 21.20
CA GLN R 116 -71.98 -6.09 20.34
C GLN R 116 -73.32 -5.90 21.06
N GLU R 117 -74.44 -5.89 20.33
CA GLU R 117 -75.75 -5.83 20.97
C GLU R 117 -75.96 -7.07 21.83
N THR R 118 -76.34 -6.85 23.09
CA THR R 118 -76.51 -7.96 24.02
C THR R 118 -77.59 -7.57 25.01
N PHE R 119 -78.82 -7.98 24.75
CA PHE R 119 -79.93 -7.71 25.64
C PHE R 119 -80.41 -9.01 26.27
N TRP R 120 -81.34 -8.91 27.22
CA TRP R 120 -81.75 -10.06 28.02
C TRP R 120 -83.27 -10.14 28.09
N VAL R 121 -83.80 -11.35 27.90
CA VAL R 121 -85.23 -11.60 27.94
C VAL R 121 -85.47 -12.81 28.85
N SER R 122 -86.68 -12.88 29.41
CA SER R 122 -87.01 -13.96 30.33
C SER R 122 -87.28 -15.26 29.56
N VAL R 123 -87.30 -16.37 30.30
CA VAL R 123 -87.48 -17.67 29.66
C VAL R 123 -88.92 -17.96 29.28
N GLU R 124 -89.89 -17.29 29.91
CA GLU R 124 -91.29 -17.46 29.48
C GLU R 124 -91.52 -16.84 28.11
N TYR R 125 -90.79 -15.78 27.78
CA TYR R 125 -90.84 -15.18 26.46
C TYR R 125 -89.99 -15.93 25.45
N GLU R 126 -89.18 -16.89 25.90
CA GLU R 126 -88.24 -17.56 25.01
C GLU R 126 -88.97 -18.34 23.93
N GLU R 127 -90.08 -19.00 24.27
CA GLU R 127 -90.79 -19.80 23.28
C GLU R 127 -91.33 -18.92 22.15
N ARG R 128 -92.06 -17.86 22.50
CA ARG R 128 -92.65 -17.02 21.47
C ARG R 128 -91.59 -16.19 20.74
N LEU R 129 -90.48 -15.87 21.41
CA LEU R 129 -89.42 -15.14 20.72
C LEU R 129 -88.64 -16.03 19.76
N GLU R 130 -88.47 -17.32 20.10
CA GLU R 130 -87.86 -18.24 19.16
C GLU R 130 -88.83 -18.62 18.04
N LYS R 131 -90.14 -18.46 18.27
CA LYS R 131 -91.08 -18.50 17.17
C LYS R 131 -90.81 -17.37 16.18
N SER R 132 -90.28 -16.25 16.66
CA SER R 132 -89.87 -15.16 15.80
C SER R 132 -88.48 -15.37 15.19
N GLN R 133 -87.80 -16.46 15.55
CA GLN R 133 -86.55 -16.87 14.92
C GLN R 133 -85.47 -15.78 15.05
N LEU R 134 -85.06 -15.58 16.30
CA LEU R 134 -83.91 -14.73 16.62
C LEU R 134 -82.76 -15.61 17.12
N GLU R 135 -81.62 -14.97 17.39
CA GLU R 135 -80.45 -15.68 17.87
C GLU R 135 -80.54 -15.88 19.38
N PHE R 136 -80.52 -17.13 19.83
CA PHE R 136 -80.76 -17.48 21.23
C PHE R 136 -79.49 -18.08 21.83
N PHE R 137 -78.71 -17.25 22.50
CA PHE R 137 -77.51 -17.71 23.18
C PHE R 137 -77.84 -18.02 24.63
N SER R 138 -77.72 -19.29 25.01
CA SER R 138 -77.92 -19.70 26.39
C SER R 138 -76.63 -19.44 27.17
N HIS R 139 -76.59 -19.89 28.43
CA HIS R 139 -75.39 -19.69 29.25
C HIS R 139 -74.18 -20.36 28.62
N SER R 140 -74.33 -21.61 28.19
CA SER R 140 -73.24 -22.30 27.54
C SER R 140 -72.85 -21.58 26.25
N GLN R 141 -73.83 -21.11 25.49
CA GLN R 141 -73.54 -20.44 24.23
C GLN R 141 -72.78 -19.15 24.43
N VAL R 142 -73.18 -18.33 25.42
CA VAL R 142 -72.48 -17.07 25.63
C VAL R 142 -71.08 -17.32 26.18
N LEU R 143 -70.92 -18.30 27.07
CA LEU R 143 -69.60 -18.63 27.59
C LEU R 143 -68.67 -19.07 26.47
N THR R 144 -69.17 -19.95 25.60
CA THR R 144 -68.35 -20.42 24.48
C THR R 144 -68.12 -19.32 23.45
N TRP R 145 -69.06 -18.39 23.31
CA TRP R 145 -68.82 -17.27 22.40
C TRP R 145 -67.67 -16.40 22.90
N HIS R 146 -67.67 -16.09 24.21
CA HIS R 146 -66.55 -15.32 24.75
C HIS R 146 -65.25 -16.08 24.65
N LEU R 147 -65.27 -17.39 24.91
CA LEU R 147 -64.06 -18.19 24.78
C LEU R 147 -63.53 -18.15 23.35
N SER R 148 -64.42 -18.33 22.37
CA SER R 148 -64.03 -18.34 20.98
C SER R 148 -63.48 -16.98 20.54
N HIS R 149 -64.13 -15.89 20.95
CA HIS R 149 -63.63 -14.56 20.60
C HIS R 149 -62.26 -14.31 21.21
N VAL R 150 -62.07 -14.71 22.47
CA VAL R 150 -60.78 -14.53 23.13
C VAL R 150 -59.70 -15.32 22.40
N LEU R 151 -60.00 -16.59 22.06
CA LEU R 151 -59.00 -17.42 21.39
C LEU R 151 -58.66 -16.86 20.01
N ARG R 152 -59.66 -16.36 19.28
CA ARG R 152 -59.39 -15.84 17.94
C ARG R 152 -58.60 -14.54 17.99
N GLU R 153 -58.95 -13.62 18.89
CA GLU R 153 -58.25 -12.35 18.93
C GLU R 153 -56.95 -12.39 19.70
N TYR R 154 -56.66 -13.48 20.42
CA TYR R 154 -55.42 -13.62 21.17
C TYR R 154 -54.69 -14.92 20.82
N ALA R 155 -54.82 -15.35 19.56
CA ALA R 155 -54.17 -16.59 19.15
C ALA R 155 -52.65 -16.43 19.04
N GLU R 156 -52.17 -15.21 18.82
CA GLU R 156 -50.72 -15.01 18.70
C GLU R 156 -49.98 -15.42 19.96
N ASP R 157 -50.64 -15.31 21.12
CA ASP R 157 -50.00 -15.69 22.37
C ASP R 157 -49.95 -17.20 22.58
N PHE R 158 -50.60 -17.99 21.71
CA PHE R 158 -50.58 -19.44 21.81
C PHE R 158 -49.56 -20.07 20.87
N ILE R 159 -48.76 -19.27 20.18
CA ILE R 159 -47.74 -19.80 19.27
C ILE R 159 -46.35 -19.48 19.81
N GLY R 160 -45.77 -20.43 20.55
CA GLY R 160 -44.42 -20.30 21.05
C GLY R 160 -43.47 -21.24 20.32
N ILE R 161 -42.22 -21.22 20.77
CA ILE R 161 -41.23 -22.13 20.21
C ILE R 161 -41.62 -23.57 20.50
N GLN R 162 -42.13 -23.83 21.71
CA GLN R 162 -42.55 -25.18 22.07
C GLN R 162 -43.70 -25.66 21.18
N GLU R 163 -44.66 -24.77 20.88
CA GLU R 163 -45.80 -25.17 20.07
C GLU R 163 -45.38 -25.50 18.63
N THR R 164 -44.53 -24.66 18.04
CA THR R 164 -44.05 -24.93 16.69
C THR R 164 -43.20 -26.20 16.66
N ARG R 165 -42.39 -26.42 17.70
CA ARG R 165 -41.61 -27.65 17.76
C ARG R 165 -42.52 -28.88 17.86
N TYR R 166 -43.60 -28.77 18.63
CA TYR R 166 -44.57 -29.86 18.70
C TYR R 166 -45.21 -30.11 17.34
N LEU R 167 -45.56 -29.03 16.63
CA LEU R 167 -46.12 -29.19 15.29
C LEU R 167 -45.15 -29.90 14.35
N LEU R 168 -43.88 -29.52 14.39
CA LEU R 168 -42.90 -30.17 13.53
C LEU R 168 -42.71 -31.64 13.92
N GLU R 169 -42.63 -31.93 15.22
CA GLU R 169 -42.43 -33.30 15.66
C GLU R 169 -43.65 -34.17 15.35
N GLN R 170 -44.85 -33.58 15.34
CA GLN R 170 -46.04 -34.37 15.03
C GLN R 170 -46.10 -34.73 13.55
N MET R 171 -45.45 -33.93 12.69
CA MET R 171 -45.45 -34.16 11.26
C MET R 171 -44.19 -34.85 10.76
N GLU R 172 -43.33 -35.33 11.68
CA GLU R 172 -42.10 -35.98 11.26
C GLU R 172 -42.39 -37.24 10.44
N GLY R 173 -43.37 -38.02 10.88
CA GLY R 173 -43.73 -39.22 10.13
C GLY R 173 -44.27 -38.91 8.75
N GLY R 174 -45.05 -37.84 8.63
CA GLY R 174 -45.63 -37.45 7.36
C GLY R 174 -44.63 -36.94 6.36
N TYR R 175 -43.99 -35.81 6.66
CA TYR R 175 -43.02 -35.17 5.76
C TYR R 175 -41.73 -34.98 6.55
N GLY R 176 -40.86 -36.00 6.53
CA GLY R 176 -39.63 -35.90 7.28
C GLY R 176 -38.60 -35.00 6.63
N GLU R 177 -38.30 -35.25 5.36
CA GLU R 177 -37.28 -34.47 4.65
C GLU R 177 -37.68 -33.01 4.49
N LEU R 178 -38.97 -32.73 4.31
CA LEU R 178 -39.41 -31.35 4.25
C LEU R 178 -39.10 -30.61 5.54
N ILE R 179 -39.38 -31.24 6.68
CA ILE R 179 -39.07 -30.63 7.97
C ILE R 179 -37.57 -30.49 8.16
N LYS R 180 -36.80 -31.50 7.77
CA LYS R 180 -35.35 -31.43 7.92
C LYS R 180 -34.76 -30.31 7.07
N GLU R 181 -35.32 -30.08 5.88
CA GLU R 181 -34.84 -28.99 5.04
C GLU R 181 -35.25 -27.62 5.60
N VAL R 182 -36.51 -27.49 6.02
CA VAL R 182 -36.96 -26.20 6.52
C VAL R 182 -36.25 -25.83 7.82
N GLN R 183 -35.88 -26.82 8.63
CA GLN R 183 -35.11 -26.54 9.83
C GLN R 183 -33.72 -26.02 9.49
N ARG R 184 -33.08 -26.59 8.47
CA ARG R 184 -31.75 -26.11 8.10
C ARG R 184 -31.81 -24.78 7.36
N ILE R 185 -32.96 -24.41 6.80
CA ILE R 185 -33.07 -23.16 6.05
C ILE R 185 -33.37 -21.98 6.97
N VAL R 186 -34.35 -22.12 7.85
CA VAL R 186 -34.74 -21.02 8.74
C VAL R 186 -34.72 -21.50 10.19
N PRO R 187 -34.44 -20.63 11.16
CA PRO R 187 -34.43 -21.05 12.56
C PRO R 187 -35.82 -21.11 13.16
N LEU R 188 -35.89 -21.60 14.39
CA LEU R 188 -37.17 -21.73 15.07
C LEU R 188 -37.79 -20.38 15.36
N GLN R 189 -36.98 -19.40 15.76
CA GLN R 189 -37.53 -18.08 16.11
C GLN R 189 -38.19 -17.42 14.91
N ARG R 190 -37.50 -17.42 13.76
CA ARG R 190 -38.06 -16.80 12.56
C ARG R 190 -39.32 -17.52 12.11
N MET R 191 -39.30 -18.86 12.16
CA MET R 191 -40.46 -19.65 11.75
C MET R 191 -41.66 -19.39 12.65
N THR R 192 -41.44 -19.35 13.97
CA THR R 192 -42.54 -19.09 14.90
C THR R 192 -43.07 -17.68 14.72
N GLU R 193 -42.19 -16.69 14.52
CA GLU R 193 -42.66 -15.33 14.30
C GLU R 193 -43.49 -15.24 13.02
N ILE R 194 -43.07 -15.95 11.97
CA ILE R 194 -43.84 -15.97 10.73
C ILE R 194 -45.22 -16.59 10.97
N LEU R 195 -45.28 -17.69 11.73
CA LEU R 195 -46.57 -18.31 12.02
C LEU R 195 -47.46 -17.36 12.81
N GLN R 196 -46.90 -16.66 13.79
CA GLN R 196 -47.69 -15.70 14.57
C GLN R 196 -48.21 -14.59 13.68
N ARG R 197 -47.38 -14.06 12.78
CA ARG R 197 -47.82 -13.01 11.87
C ARG R 197 -48.91 -13.51 10.93
N LEU R 198 -48.80 -14.76 10.47
CA LEU R 198 -49.85 -15.34 9.62
C LEU R 198 -51.16 -15.44 10.38
N VAL R 199 -51.11 -15.93 11.63
CA VAL R 199 -52.33 -16.10 12.39
C VAL R 199 -52.93 -14.74 12.75
N GLY R 200 -52.10 -13.72 12.93
CA GLY R 200 -52.61 -12.39 13.22
C GLY R 200 -53.49 -11.82 12.12
N GLU R 201 -53.40 -12.35 10.91
CA GLU R 201 -54.24 -11.94 9.80
C GLU R 201 -55.37 -12.94 9.52
N ASP R 202 -55.66 -13.82 10.48
CA ASP R 202 -56.70 -14.84 10.37
C ASP R 202 -56.42 -15.84 9.25
N ILE R 203 -55.14 -16.04 8.92
CA ILE R 203 -54.74 -17.05 7.95
C ILE R 203 -54.45 -18.35 8.69
N SER R 204 -55.07 -19.43 8.23
CA SER R 204 -54.99 -20.69 8.96
C SER R 204 -53.62 -21.35 8.80
N ILE R 205 -53.08 -21.83 9.92
CA ILE R 205 -51.86 -22.64 9.90
C ILE R 205 -52.14 -24.07 9.45
N ARG R 206 -53.40 -24.52 9.55
CA ARG R 206 -53.77 -25.91 9.34
C ARG R 206 -53.07 -26.56 8.15
N ASN R 207 -53.01 -25.87 7.02
CA ASN R 207 -52.36 -26.40 5.82
C ASN R 207 -50.86 -26.14 5.93
N MET R 208 -50.20 -26.99 6.70
CA MET R 208 -48.78 -26.80 7.01
C MET R 208 -47.86 -27.20 5.86
N ARG R 209 -48.31 -28.07 4.96
CA ARG R 209 -47.45 -28.53 3.87
C ARG R 209 -47.06 -27.38 2.95
N SER R 210 -48.05 -26.62 2.47
CA SER R 210 -47.74 -25.50 1.59
C SER R 210 -46.95 -24.43 2.30
N ILE R 211 -47.23 -24.21 3.60
CA ILE R 211 -46.49 -23.22 4.36
C ILE R 211 -45.01 -23.61 4.45
N LEU R 212 -44.74 -24.88 4.73
CA LEU R 212 -43.35 -25.34 4.82
C LEU R 212 -42.67 -25.29 3.46
N GLU R 213 -43.39 -25.65 2.40
CA GLU R 213 -42.80 -25.57 1.06
C GLU R 213 -42.45 -24.13 0.69
N ALA R 214 -43.34 -23.19 1.00
CA ALA R 214 -43.04 -21.78 0.75
C ALA R 214 -41.88 -21.31 1.61
N MET R 215 -41.82 -21.79 2.86
CA MET R 215 -40.71 -21.44 3.74
C MET R 215 -39.38 -21.90 3.15
N VAL R 216 -39.35 -23.13 2.63
CA VAL R 216 -38.15 -23.63 1.98
C VAL R 216 -37.81 -22.82 0.75
N GLU R 217 -38.81 -22.52 -0.08
CA GLU R 217 -38.56 -21.87 -1.36
C GLU R 217 -38.06 -20.44 -1.18
N TRP R 218 -38.60 -19.70 -0.21
CA TRP R 218 -38.29 -18.28 -0.08
C TRP R 218 -37.37 -17.96 1.08
N GLY R 219 -37.06 -18.92 1.95
CA GLY R 219 -36.18 -18.62 3.07
C GLY R 219 -34.74 -18.43 2.68
N GLN R 220 -34.33 -19.01 1.55
CA GLN R 220 -32.97 -18.83 1.05
C GLN R 220 -32.77 -17.48 0.38
N LYS R 221 -33.85 -16.83 -0.04
CA LYS R 221 -33.78 -15.57 -0.78
C LYS R 221 -34.00 -14.35 0.10
N GLU R 222 -34.95 -14.41 1.03
CA GLU R 222 -35.27 -13.29 1.90
C GLU R 222 -34.97 -13.62 3.35
N LYS R 223 -34.36 -12.66 4.05
CA LYS R 223 -34.06 -12.80 5.46
C LYS R 223 -34.92 -11.90 6.34
N ASP R 224 -35.46 -10.81 5.80
CA ASP R 224 -36.37 -9.96 6.55
C ASP R 224 -37.68 -10.69 6.81
N VAL R 225 -38.19 -10.57 8.04
CA VAL R 225 -39.39 -11.31 8.42
C VAL R 225 -40.61 -10.82 7.64
N VAL R 226 -40.69 -9.51 7.42
CA VAL R 226 -41.87 -8.94 6.76
C VAL R 226 -41.98 -9.47 5.33
N GLN R 227 -40.90 -9.38 4.55
CA GLN R 227 -40.95 -9.84 3.17
C GLN R 227 -41.16 -11.34 3.07
N LEU R 228 -40.51 -12.11 3.95
CA LEU R 228 -40.67 -13.56 3.93
C LEU R 228 -42.11 -13.95 4.25
N THR R 229 -42.72 -13.31 5.24
CA THR R 229 -44.11 -13.65 5.56
C THR R 229 -45.07 -13.15 4.49
N GLU R 230 -44.73 -12.05 3.80
CA GLU R 230 -45.55 -11.63 2.66
C GLU R 230 -45.48 -12.66 1.53
N TYR R 231 -44.29 -13.20 1.26
CA TYR R 231 -44.17 -14.25 0.26
C TYR R 231 -44.94 -15.50 0.67
N ILE R 232 -44.88 -15.86 1.95
CA ILE R 232 -45.62 -17.04 2.40
C ILE R 232 -47.12 -16.80 2.29
N ARG R 233 -47.57 -15.57 2.53
CA ARG R 233 -48.96 -15.23 2.28
C ARG R 233 -49.31 -15.38 0.80
N SER R 234 -48.43 -14.87 -0.07
CA SER R 234 -48.65 -15.02 -1.51
C SER R 234 -48.65 -16.47 -1.95
N SER R 235 -48.04 -17.36 -1.16
CA SER R 235 -48.09 -18.78 -1.46
C SER R 235 -49.44 -19.41 -1.18
N LEU R 236 -50.38 -18.66 -0.59
CA LEU R 236 -51.70 -19.20 -0.27
C LEU R 236 -52.79 -18.48 -1.06
N LYS R 237 -52.56 -18.31 -2.36
CA LYS R 237 -53.48 -17.54 -3.20
C LYS R 237 -54.89 -18.13 -3.15
N ARG R 238 -55.02 -19.42 -3.39
CA ARG R 238 -56.34 -20.03 -3.45
C ARG R 238 -57.01 -20.07 -2.08
N TYR R 239 -56.23 -20.28 -1.01
CA TYR R 239 -56.80 -20.24 0.33
C TYR R 239 -57.36 -18.86 0.64
N ILE R 240 -56.60 -17.81 0.32
CA ILE R 240 -57.08 -16.45 0.56
C ILE R 240 -58.32 -16.18 -0.28
N CYS R 241 -58.31 -16.62 -1.54
CA CYS R 241 -59.48 -16.41 -2.40
C CYS R 241 -60.72 -17.09 -1.84
N TYR R 242 -60.58 -18.34 -1.38
CA TYR R 242 -61.75 -19.05 -0.85
C TYR R 242 -62.21 -18.46 0.47
N LYS R 243 -61.28 -18.01 1.31
CA LYS R 243 -61.68 -17.47 2.62
C LYS R 243 -62.47 -16.18 2.45
N TYR R 244 -62.09 -15.36 1.48
CA TYR R 244 -62.72 -14.09 1.22
C TYR R 244 -63.67 -14.27 0.05
N ALA R 245 -64.21 -13.16 -0.48
CA ALA R 245 -65.09 -13.22 -1.64
C ALA R 245 -66.30 -14.11 -1.37
N ASN R 246 -67.27 -13.58 -0.62
CA ASN R 246 -68.47 -14.36 -0.31
C ASN R 246 -69.26 -14.69 -1.57
N GLY R 247 -69.44 -13.72 -2.46
CA GLY R 247 -70.11 -14.01 -3.72
C GLY R 247 -69.19 -14.78 -4.64
N ASN R 248 -69.78 -15.68 -5.43
CA ASN R 248 -68.98 -16.61 -6.22
C ASN R 248 -68.14 -15.85 -7.24
N ASN R 249 -66.83 -16.10 -7.20
CA ASN R 249 -65.83 -15.46 -8.07
C ASN R 249 -65.97 -13.94 -8.08
N ILE R 250 -66.62 -13.36 -7.08
CA ILE R 250 -66.76 -11.91 -6.94
C ILE R 250 -65.95 -11.50 -5.71
N LEU R 251 -65.01 -10.57 -5.90
CA LEU R 251 -64.18 -10.09 -4.80
C LEU R 251 -64.29 -8.59 -4.66
N PRO R 252 -64.96 -8.08 -3.64
CA PRO R 252 -64.98 -6.63 -3.42
C PRO R 252 -63.58 -6.12 -3.12
N ALA R 253 -63.23 -4.98 -3.72
CA ALA R 253 -61.89 -4.44 -3.59
C ALA R 253 -61.95 -2.95 -3.32
N TYR R 254 -60.94 -2.46 -2.60
CA TYR R 254 -60.75 -1.04 -2.31
C TYR R 254 -59.34 -0.61 -2.69
N LEU R 255 -58.95 -0.94 -3.93
CA LEU R 255 -57.58 -0.74 -4.38
C LEU R 255 -57.09 0.67 -4.11
N PHE R 256 -55.79 0.79 -3.86
CA PHE R 256 -55.16 2.06 -3.53
C PHE R 256 -54.63 2.74 -4.79
N ASP R 257 -54.64 4.07 -4.77
CA ASP R 257 -54.01 4.83 -5.84
C ASP R 257 -52.50 4.70 -5.78
N GLN R 258 -51.85 4.93 -6.93
CA GLN R 258 -50.40 4.84 -6.97
C GLN R 258 -49.75 5.90 -6.08
N GLU R 259 -50.31 7.10 -6.06
CA GLU R 259 -49.76 8.17 -5.24
C GLU R 259 -49.82 7.82 -3.76
N VAL R 260 -50.96 7.28 -3.31
CA VAL R 260 -51.10 6.92 -1.90
C VAL R 260 -50.14 5.79 -1.54
N GLU R 261 -50.02 4.78 -2.42
CA GLU R 261 -49.10 3.69 -2.15
C GLU R 261 -47.66 4.19 -2.05
N GLU R 262 -47.28 5.10 -2.96
CA GLU R 262 -45.91 5.65 -2.92
C GLU R 262 -45.68 6.47 -1.65
N LYS R 263 -46.67 7.27 -1.25
CA LYS R 263 -46.52 8.06 -0.03
C LYS R 263 -46.38 7.17 1.19
N ILE R 264 -47.17 6.09 1.27
CA ILE R 264 -47.03 5.16 2.38
C ILE R 264 -45.66 4.49 2.34
N ARG R 265 -45.23 4.05 1.16
CA ARG R 265 -43.95 3.37 1.03
C ARG R 265 -42.77 4.28 1.34
N SER R 266 -42.95 5.59 1.22
CA SER R 266 -41.86 6.53 1.42
C SER R 266 -41.31 6.55 2.84
N ARG R 267 -42.01 5.96 3.81
CA ARG R 267 -41.56 5.99 5.21
C ARG R 267 -41.60 4.59 5.81
N VAL R 268 -40.99 3.62 5.11
CA VAL R 268 -40.95 2.26 5.61
C VAL R 268 -40.06 2.14 6.84
N ARG R 269 -38.88 2.76 6.81
CA ARG R 269 -37.98 2.88 7.95
C ARG R 269 -37.60 1.52 8.54
N GLN R 270 -36.88 0.74 7.72
CA GLN R 270 -36.43 -0.59 8.10
C GLN R 270 -35.07 -0.51 8.82
N THR R 271 -35.08 0.13 9.99
CA THR R 271 -33.83 0.47 10.67
C THR R 271 -33.34 -0.63 11.60
N SER R 272 -34.11 -0.98 12.63
CA SER R 272 -33.66 -1.96 13.62
C SER R 272 -34.72 -3.04 13.79
N ALA R 273 -34.71 -3.99 12.85
CA ALA R 273 -35.65 -5.10 12.76
C ALA R 273 -37.03 -4.80 13.31
N GLY R 274 -37.57 -3.61 13.00
CA GLY R 274 -38.94 -3.31 13.33
C GLY R 274 -39.76 -3.01 12.09
N SER R 275 -39.22 -2.09 11.28
CA SER R 275 -39.83 -1.66 10.02
C SER R 275 -41.09 -0.82 10.28
N TYR R 276 -41.01 0.05 11.27
CA TYR R 276 -42.18 0.82 11.67
C TYR R 276 -42.53 1.88 10.62
N LEU R 277 -43.83 2.09 10.42
CA LEU R 277 -44.33 3.04 9.44
C LEU R 277 -44.68 4.34 10.16
N ALA R 278 -43.71 5.23 10.25
CA ALA R 278 -43.91 6.55 10.87
C ALA R 278 -43.62 7.59 9.79
N LEU R 279 -44.68 8.18 9.23
CA LEU R 279 -44.47 9.22 8.23
C LEU R 279 -44.52 10.60 8.85
N ASP R 280 -45.73 11.10 9.11
CA ASP R 280 -45.98 12.34 9.85
C ASP R 280 -47.38 12.19 10.43
N PRO R 281 -47.63 12.63 11.67
CA PRO R 281 -48.99 12.50 12.21
C PRO R 281 -50.06 13.16 11.34
N ALA R 282 -49.75 14.31 10.74
CA ALA R 282 -50.69 14.96 9.83
C ALA R 282 -50.91 14.13 8.57
N VAL R 283 -49.85 13.52 8.05
CA VAL R 283 -49.98 12.72 6.83
C VAL R 283 -50.87 11.51 7.08
N THR R 284 -50.66 10.80 8.18
CA THR R 284 -51.52 9.67 8.51
C THR R 284 -52.94 10.12 8.80
N GLU R 285 -53.11 11.29 9.44
CA GLU R 285 -54.46 11.81 9.66
C GLU R 285 -55.18 12.06 8.34
N SER R 286 -54.48 12.69 7.39
CA SER R 286 -55.09 12.97 6.09
C SER R 286 -55.40 11.70 5.33
N LEU R 287 -54.49 10.72 5.36
CA LEU R 287 -54.75 9.46 4.66
C LEU R 287 -55.93 8.72 5.28
N LEU R 288 -56.01 8.71 6.61
CA LEU R 288 -57.13 8.05 7.28
C LEU R 288 -58.45 8.76 6.97
N GLU R 289 -58.42 10.09 6.89
CA GLU R 289 -59.61 10.84 6.49
C GLU R 289 -60.03 10.49 5.07
N GLN R 290 -59.06 10.39 4.16
CA GLN R 290 -59.38 10.00 2.78
C GLN R 290 -59.98 8.60 2.72
N VAL R 291 -59.40 7.67 3.49
CA VAL R 291 -59.91 6.30 3.53
C VAL R 291 -61.33 6.27 4.06
N ARG R 292 -61.60 7.04 5.12
CA ARG R 292 -62.95 7.10 5.67
C ARG R 292 -63.92 7.70 4.66
N LYS R 293 -63.48 8.73 3.92
CA LYS R 293 -64.36 9.35 2.93
C LYS R 293 -64.71 8.40 1.80
N THR R 294 -63.73 7.63 1.30
CA THR R 294 -64.02 6.70 0.21
C THR R 294 -64.83 5.49 0.71
N ILE R 295 -64.23 4.72 1.63
CA ILE R 295 -64.86 3.52 2.20
C ILE R 295 -66.30 3.79 2.59
N GLY R 296 -67.18 2.85 2.28
CA GLY R 296 -68.61 3.00 2.53
C GLY R 296 -68.97 3.11 4.01
N ASP R 297 -70.27 3.10 4.29
CA ASP R 297 -70.71 3.29 5.67
C ASP R 297 -70.28 2.13 6.57
N LEU R 298 -70.05 0.94 5.99
CA LEU R 298 -69.62 -0.23 6.75
C LEU R 298 -70.56 -0.53 7.91
N SER R 299 -71.87 -0.40 7.64
CA SER R 299 -72.86 -0.66 8.68
C SER R 299 -73.37 -2.10 8.62
N GLN R 300 -73.82 -2.54 7.44
CA GLN R 300 -74.34 -3.89 7.31
C GLN R 300 -73.24 -4.92 7.50
N ILE R 301 -72.13 -4.75 6.78
CA ILE R 301 -70.99 -5.68 6.81
C ILE R 301 -71.50 -7.11 6.64
N GLN R 302 -72.10 -7.39 5.49
CA GLN R 302 -72.65 -8.71 5.21
C GLN R 302 -71.77 -9.52 4.27
N SER R 303 -71.20 -8.89 3.25
CA SER R 303 -70.08 -9.48 2.52
C SER R 303 -68.80 -9.22 3.31
N LYS R 304 -67.66 -9.57 2.74
CA LYS R 304 -66.37 -9.33 3.36
C LYS R 304 -65.49 -8.59 2.35
N PRO R 305 -65.71 -7.28 2.20
CA PRO R 305 -64.84 -6.51 1.32
C PRO R 305 -63.43 -6.47 1.89
N VAL R 306 -62.46 -6.45 0.98
CA VAL R 306 -61.05 -6.50 1.35
C VAL R 306 -60.34 -5.34 0.69
N LEU R 307 -59.38 -4.75 1.43
CA LEU R 307 -58.49 -3.76 0.84
C LEU R 307 -57.35 -4.47 0.14
N ILE R 308 -57.05 -4.07 -1.09
CA ILE R 308 -55.98 -4.67 -1.88
C ILE R 308 -54.98 -3.59 -2.23
N VAL R 309 -53.72 -3.83 -1.90
CA VAL R 309 -52.64 -2.86 -2.05
C VAL R 309 -51.39 -3.62 -2.49
N SER R 310 -50.35 -2.86 -2.82
CA SER R 310 -49.09 -3.47 -3.23
C SER R 310 -48.53 -4.33 -2.11
N MET R 311 -47.90 -5.45 -2.49
CA MET R 311 -47.47 -6.43 -1.50
C MET R 311 -46.42 -5.86 -0.55
N ASP R 312 -45.45 -5.13 -1.10
CA ASP R 312 -44.30 -4.68 -0.31
C ASP R 312 -44.70 -3.81 0.88
N ILE R 313 -45.88 -3.21 0.84
CA ILE R 313 -46.37 -2.34 1.91
C ILE R 313 -47.63 -2.88 2.56
N ARG R 314 -48.05 -4.10 2.21
CA ARG R 314 -49.36 -4.59 2.64
C ARG R 314 -49.52 -4.51 4.14
N ARG R 315 -48.60 -5.12 4.88
CA ARG R 315 -48.66 -5.08 6.34
C ARG R 315 -48.60 -3.64 6.83
N TYR R 316 -47.74 -2.82 6.21
CA TYR R 316 -47.64 -1.42 6.60
C TYR R 316 -48.97 -0.70 6.45
N VAL R 317 -49.77 -1.07 5.44
CA VAL R 317 -51.10 -0.47 5.33
C VAL R 317 -52.01 -0.99 6.43
N ARG R 318 -51.94 -2.28 6.73
CA ARG R 318 -52.85 -2.90 7.69
C ARG R 318 -52.74 -2.23 9.06
N LYS R 319 -51.51 -2.12 9.57
CA LYS R 319 -51.31 -1.48 10.87
C LYS R 319 -51.72 -0.01 10.86
N LEU R 320 -51.81 0.61 9.68
CA LEU R 320 -52.30 1.98 9.61
C LEU R 320 -53.80 2.04 9.89
N ILE R 321 -54.55 1.03 9.47
CA ILE R 321 -56.01 1.06 9.59
C ILE R 321 -56.51 0.08 10.64
N GLU R 322 -55.61 -0.57 11.38
CA GLU R 322 -56.07 -1.50 12.40
C GLU R 322 -56.81 -0.80 13.54
N SER R 323 -56.47 0.47 13.80
CA SER R 323 -57.09 1.19 14.90
C SER R 323 -58.58 1.38 14.67
N GLU R 324 -58.97 1.81 13.47
CA GLU R 324 -60.38 2.05 13.15
C GLU R 324 -61.03 0.84 12.51
N TYR R 325 -60.46 0.37 11.39
CA TYR R 325 -61.05 -0.73 10.63
C TYR R 325 -60.34 -2.02 11.02
N TYR R 326 -60.67 -2.52 12.21
CA TYR R 326 -60.14 -3.81 12.65
C TYR R 326 -60.71 -4.95 11.81
N GLY R 327 -61.89 -4.75 11.23
CA GLY R 327 -62.49 -5.74 10.35
C GLY R 327 -61.80 -5.90 9.02
N LEU R 328 -61.95 -4.89 8.15
CA LEU R 328 -61.41 -4.83 6.79
C LEU R 328 -60.01 -5.43 6.67
N PRO R 329 -59.88 -6.55 5.97
CA PRO R 329 -58.55 -7.12 5.74
C PRO R 329 -57.79 -6.36 4.66
N VAL R 330 -56.49 -6.59 4.62
CA VAL R 330 -55.60 -6.02 3.61
C VAL R 330 -54.94 -7.16 2.87
N LEU R 331 -54.98 -7.09 1.53
CA LEU R 331 -54.46 -8.15 0.68
C LEU R 331 -53.42 -7.58 -0.29
N SER R 332 -52.56 -8.47 -0.76
CA SER R 332 -51.52 -8.13 -1.73
C SER R 332 -51.96 -8.51 -3.13
N TYR R 333 -51.44 -7.78 -4.12
CA TYR R 333 -51.72 -8.11 -5.51
C TYR R 333 -51.21 -9.50 -5.85
N GLN R 334 -50.06 -9.88 -5.30
CA GLN R 334 -49.54 -11.23 -5.52
C GLN R 334 -50.46 -12.28 -4.92
N GLU R 335 -51.12 -11.96 -3.80
CA GLU R 335 -52.02 -12.92 -3.16
C GLU R 335 -53.24 -13.24 -4.01
N LEU R 336 -53.58 -12.40 -4.98
CA LEU R 336 -54.74 -12.64 -5.83
C LEU R 336 -54.43 -13.71 -6.86
N THR R 337 -55.17 -14.81 -6.83
CA THR R 337 -55.06 -15.81 -7.88
C THR R 337 -55.89 -15.37 -9.09
N GLN R 338 -55.84 -16.17 -10.15
CA GLN R 338 -56.61 -15.86 -11.35
C GLN R 338 -58.06 -16.28 -11.20
N GLN R 339 -58.78 -16.38 -12.33
CA GLN R 339 -60.21 -16.65 -12.39
C GLN R 339 -61.00 -16.03 -11.25
N ILE R 340 -60.80 -14.73 -10.99
CA ILE R 340 -61.55 -13.98 -9.99
C ILE R 340 -62.04 -12.69 -10.64
N ASN R 341 -63.33 -12.39 -10.47
CA ASN R 341 -63.86 -11.12 -10.95
C ASN R 341 -63.75 -10.14 -9.78
N ILE R 342 -62.62 -9.44 -9.72
CA ILE R 342 -62.39 -8.45 -8.67
C ILE R 342 -63.19 -7.20 -9.00
N GLN R 343 -64.13 -6.84 -8.14
CA GLN R 343 -64.95 -5.66 -8.39
C GLN R 343 -64.46 -4.52 -7.50
N PRO R 344 -63.87 -3.47 -8.07
CA PRO R 344 -63.36 -2.35 -7.29
C PRO R 344 -64.48 -1.46 -6.81
N LEU R 345 -64.73 -1.47 -5.50
CA LEU R 345 -65.75 -0.60 -4.93
C LEU R 345 -65.34 0.87 -4.96
N GLY R 346 -64.06 1.16 -5.09
CA GLY R 346 -63.62 2.54 -5.15
C GLY R 346 -62.13 2.71 -4.93
N ARG R 347 -61.50 3.62 -5.66
CA ARG R 347 -60.08 3.88 -5.53
C ARG R 347 -59.85 4.94 -4.45
N VAL R 348 -58.93 4.67 -3.54
CA VAL R 348 -58.59 5.61 -2.48
C VAL R 348 -57.67 6.67 -3.08
N CYS R 349 -58.24 7.80 -3.48
CA CYS R 349 -57.48 8.86 -4.09
C CYS R 349 -56.72 9.65 -3.04
N LEU R 350 -55.88 10.57 -3.50
CA LEU R 350 -55.09 11.41 -2.62
C LEU R 350 -55.53 12.86 -2.73
N ALA S 24 -62.22 35.57 -41.45
CA ALA S 24 -61.31 36.68 -41.18
C ALA S 24 -61.97 37.68 -40.24
N GLN S 25 -62.47 38.76 -40.82
CA GLN S 25 -63.18 39.78 -40.05
C GLN S 25 -64.44 39.21 -39.42
N SER S 26 -65.18 38.36 -40.16
CA SER S 26 -66.37 37.74 -39.60
C SER S 26 -66.06 36.85 -38.40
N LYS S 27 -64.97 36.08 -38.45
CA LYS S 27 -64.62 35.24 -37.30
C LYS S 27 -64.27 36.09 -36.08
N ARG S 28 -63.53 37.18 -36.29
CA ARG S 28 -63.24 38.10 -35.19
C ARG S 28 -64.50 38.75 -34.65
N SER S 29 -65.43 39.12 -35.54
CA SER S 29 -66.71 39.67 -35.10
C SER S 29 -67.52 38.64 -34.31
N LEU S 30 -67.46 37.37 -34.70
CA LEU S 30 -68.10 36.32 -33.92
C LEU S 30 -67.51 36.24 -32.52
N TRP S 31 -66.18 36.23 -32.42
CA TRP S 31 -65.55 36.13 -31.10
C TRP S 31 -65.83 37.38 -30.25
N ASP S 32 -65.86 38.55 -30.89
CA ASP S 32 -66.18 39.78 -30.17
C ASP S 32 -67.63 39.80 -29.73
N PHE S 33 -68.53 39.21 -30.53
CA PHE S 33 -69.93 39.13 -30.14
C PHE S 33 -70.08 38.20 -28.95
N ALA S 34 -69.35 37.08 -28.94
CA ALA S 34 -69.46 36.15 -27.83
C ALA S 34 -68.82 36.73 -26.56
N SER S 35 -67.87 37.64 -26.72
CA SER S 35 -67.11 38.16 -25.59
C SER S 35 -68.03 38.94 -24.64
N PRO S 36 -67.72 38.95 -23.33
CA PRO S 36 -68.49 39.73 -22.36
C PRO S 36 -68.15 41.22 -22.41
N HIS S 41 -64.59 40.02 -16.89
CA HIS S 41 -64.50 41.32 -17.52
C HIS S 41 -64.29 42.41 -16.47
N GLY S 42 -63.30 42.21 -15.61
CA GLY S 42 -63.01 43.16 -14.56
C GLY S 42 -62.88 42.53 -13.19
N LEU S 43 -63.38 41.31 -13.04
CA LEU S 43 -63.29 40.60 -11.76
C LEU S 43 -61.85 40.22 -11.47
N HIS S 44 -61.46 40.34 -10.19
CA HIS S 44 -60.11 39.99 -9.78
C HIS S 44 -59.84 38.50 -9.91
N ARG S 45 -60.89 37.67 -9.84
CA ARG S 45 -60.79 36.22 -9.93
C ARG S 45 -59.91 35.74 -8.78
N ALA S 46 -58.92 34.87 -9.01
CA ALA S 46 -58.02 34.36 -7.98
C ALA S 46 -58.79 33.68 -6.85
N GLN S 47 -58.86 34.34 -5.69
CA GLN S 47 -59.61 33.78 -4.56
C GLN S 47 -61.10 33.69 -4.88
N ASP S 48 -61.63 34.70 -5.58
CA ASP S 48 -63.05 34.70 -5.93
C ASP S 48 -63.40 33.48 -6.78
N TYR S 49 -62.46 33.01 -7.60
CA TYR S 49 -62.71 31.85 -8.43
C TYR S 49 -62.89 30.60 -7.59
N ARG S 50 -61.94 30.32 -6.69
CA ARG S 50 -62.04 29.14 -5.83
C ARG S 50 -63.23 29.19 -4.88
N ARG S 51 -63.60 30.39 -4.40
CA ARG S 51 -64.74 30.49 -3.50
C ARG S 51 -66.04 30.23 -4.25
N GLU S 52 -66.19 30.83 -5.43
CA GLU S 52 -67.40 30.61 -6.22
C GLU S 52 -67.46 29.17 -6.69
N LEU S 53 -66.31 28.58 -7.02
CA LEU S 53 -66.30 27.17 -7.42
C LEU S 53 -66.86 26.30 -6.30
N ASP S 54 -66.38 26.50 -5.07
CA ASP S 54 -66.86 25.65 -3.97
C ASP S 54 -68.35 25.88 -3.71
N THR S 55 -68.80 27.14 -3.78
CA THR S 55 -70.22 27.40 -3.56
C THR S 55 -71.07 26.78 -4.67
N LEU S 56 -70.64 26.90 -5.93
CA LEU S 56 -71.46 26.40 -7.02
C LEU S 56 -71.51 24.89 -6.99
N GLN S 57 -70.39 24.25 -6.65
CA GLN S 57 -70.36 22.80 -6.63
C GLN S 57 -71.26 22.26 -5.54
N SER S 58 -71.30 22.94 -4.38
CA SER S 58 -72.19 22.46 -3.34
C SER S 58 -73.65 22.82 -3.62
N LEU S 59 -73.90 23.92 -4.33
CA LEU S 59 -75.29 24.21 -4.72
C LEU S 59 -75.81 23.19 -5.71
N LEU S 60 -75.06 22.95 -6.80
CA LEU S 60 -75.47 22.01 -7.83
C LEU S 60 -75.44 20.56 -7.39
N THR S 61 -74.71 20.21 -6.31
CA THR S 61 -74.73 18.81 -5.89
C THR S 61 -76.12 18.41 -5.42
N THR S 62 -76.85 19.34 -4.78
CA THR S 62 -78.19 19.06 -4.28
C THR S 62 -79.20 18.85 -5.41
N SER S 63 -78.89 19.31 -6.62
CA SER S 63 -79.88 19.37 -7.68
C SER S 63 -80.23 17.97 -8.19
N GLN S 64 -81.33 17.90 -8.95
CA GLN S 64 -81.81 16.68 -9.55
C GLN S 64 -81.89 16.73 -11.07
N SER S 65 -81.65 17.89 -11.68
CA SER S 65 -81.71 18.02 -13.12
C SER S 65 -80.47 17.41 -13.76
N SER S 66 -80.61 16.99 -15.02
CA SER S 66 -79.50 16.37 -15.74
C SER S 66 -78.45 17.41 -16.13
N GLU S 67 -78.89 18.57 -16.63
CA GLU S 67 -77.96 19.62 -17.03
C GLU S 67 -77.14 20.10 -15.85
N LEU S 68 -77.80 20.32 -14.71
CA LEU S 68 -77.07 20.69 -13.50
C LEU S 68 -76.18 19.56 -13.01
N GLN S 69 -76.55 18.30 -13.27
CA GLN S 69 -75.69 17.19 -12.90
C GLN S 69 -74.39 17.20 -13.70
N ALA S 70 -74.49 17.42 -15.02
CA ALA S 70 -73.29 17.53 -15.84
C ALA S 70 -72.45 18.74 -15.44
N ALA S 71 -73.12 19.86 -15.12
CA ALA S 71 -72.39 21.05 -14.68
C ALA S 71 -71.65 20.79 -13.38
N ALA S 72 -72.31 20.13 -12.42
CA ALA S 72 -71.68 19.81 -11.15
C ALA S 72 -70.49 18.89 -11.33
N ALA S 73 -70.60 17.88 -12.19
CA ALA S 73 -69.46 17.01 -12.40
C ALA S 73 -68.29 17.75 -13.04
N LEU S 74 -68.59 18.66 -13.98
CA LEU S 74 -67.55 19.48 -14.58
C LEU S 74 -66.87 20.38 -13.54
N LEU S 75 -67.67 20.95 -12.64
CA LEU S 75 -67.11 21.81 -11.60
C LEU S 75 -66.24 21.01 -10.65
N LYS S 76 -66.67 19.80 -10.29
CA LYS S 76 -65.83 18.98 -9.40
C LYS S 76 -64.52 18.65 -10.09
N CYS S 77 -64.58 18.39 -11.40
CA CYS S 77 -63.37 18.09 -12.16
C CYS S 77 -62.39 19.26 -12.06
N GLN S 78 -62.88 20.47 -12.32
CA GLN S 78 -61.99 21.63 -12.28
C GLN S 78 -61.53 21.92 -10.84
N GLN S 79 -62.41 21.66 -9.86
CA GLN S 79 -62.06 21.86 -8.45
C GLN S 79 -60.92 20.97 -8.02
N ASP S 80 -60.80 19.80 -8.64
CA ASP S 80 -59.73 18.93 -8.19
C ASP S 80 -58.51 19.03 -9.06
N ASP S 81 -58.66 19.39 -10.34
CA ASP S 81 -57.46 19.71 -11.10
C ASP S 81 -56.79 20.95 -10.50
N ASP S 82 -57.58 21.91 -10.01
CA ASP S 82 -57.02 23.07 -9.33
C ASP S 82 -56.41 22.67 -7.98
N ARG S 83 -57.03 21.71 -7.28
CA ARG S 83 -56.43 21.25 -6.03
C ARG S 83 -55.08 20.58 -6.29
N LEU S 84 -54.96 19.89 -7.42
CA LEU S 84 -53.70 19.27 -7.78
C LEU S 84 -52.65 20.33 -8.12
N LEU S 85 -53.06 21.41 -8.79
CA LEU S 85 -52.02 22.37 -9.14
C LEU S 85 -51.58 23.15 -7.91
N GLN S 86 -52.50 23.38 -6.97
CA GLN S 86 -52.10 24.03 -5.73
C GLN S 86 -51.12 23.13 -4.97
N ILE S 87 -51.33 21.81 -5.02
CA ILE S 87 -50.40 20.89 -4.37
C ILE S 87 -49.05 20.89 -5.07
N ILE S 88 -49.02 20.99 -6.40
CA ILE S 88 -47.74 21.01 -7.09
C ILE S 88 -46.97 22.29 -6.78
N LEU S 89 -47.65 23.44 -6.77
CA LEU S 89 -46.94 24.68 -6.44
C LEU S 89 -46.43 24.65 -5.00
N ASN S 90 -47.22 24.11 -4.08
CA ASN S 90 -46.77 23.98 -2.69
C ASN S 90 -45.59 23.02 -2.57
N LEU S 91 -45.62 21.94 -3.33
CA LEU S 91 -44.54 20.94 -3.35
C LEU S 91 -43.23 21.44 -3.94
N LEU S 92 -43.23 22.32 -4.95
CA LEU S 92 -41.89 22.72 -5.36
C LEU S 92 -41.21 23.83 -4.57
N HIS S 93 -41.59 25.10 -4.75
CA HIS S 93 -40.97 26.23 -4.05
C HIS S 93 -39.45 26.33 -4.21
N LYS S 94 -38.96 27.52 -4.59
CA LYS S 94 -37.51 27.75 -4.77
C LYS S 94 -37.11 29.01 -4.00
N VAL S 95 -36.91 28.85 -2.68
CA VAL S 95 -36.47 29.91 -1.77
C VAL S 95 -35.44 30.86 -2.38
N ILE T 11 -83.73 27.74 -5.48
CA ILE T 11 -82.55 27.21 -6.15
C ILE T 11 -81.95 28.26 -7.10
N THR T 12 -82.32 29.51 -6.88
CA THR T 12 -81.85 30.60 -7.72
C THR T 12 -80.36 30.87 -7.48
N LEU T 13 -79.72 31.47 -8.48
CA LEU T 13 -78.31 31.81 -8.43
C LEU T 13 -78.10 33.26 -8.03
N THR T 14 -76.98 33.51 -7.35
CA THR T 14 -76.56 34.88 -7.10
C THR T 14 -76.04 35.51 -8.39
N LYS T 15 -76.14 36.84 -8.47
CA LYS T 15 -75.56 37.55 -9.61
C LYS T 15 -74.07 37.27 -9.71
N ARG T 16 -73.40 37.16 -8.55
CA ARG T 16 -72.01 36.71 -8.53
C ARG T 16 -71.85 35.36 -9.21
N GLN T 17 -72.68 34.38 -8.82
CA GLN T 17 -72.61 33.06 -9.42
C GLN T 17 -72.95 33.08 -10.91
N GLN T 18 -73.96 33.86 -11.31
CA GLN T 18 -74.25 34.00 -12.73
C GLN T 18 -73.06 34.58 -13.49
N GLU T 19 -72.31 35.48 -12.85
CA GLU T 19 -71.14 36.06 -13.50
C GLU T 19 -70.01 35.05 -13.59
N PHE T 20 -69.86 34.22 -12.56
CA PHE T 20 -68.89 33.13 -12.59
C PHE T 20 -69.19 32.18 -13.74
N LEU T 21 -70.46 31.81 -13.89
CA LEU T 21 -70.84 30.92 -14.99
C LEU T 21 -70.59 31.57 -16.35
N LEU T 22 -70.92 32.86 -16.48
CA LEU T 22 -70.66 33.56 -17.74
C LEU T 22 -69.18 33.57 -18.06
N LEU T 23 -68.34 33.89 -17.08
CA LEU T 23 -66.90 33.95 -17.31
C LEU T 23 -66.33 32.57 -17.65
N ASN T 24 -66.78 31.53 -16.94
CA ASN T 24 -66.31 30.18 -17.23
C ASN T 24 -66.71 29.75 -18.64
N GLY T 25 -67.95 30.04 -19.04
CA GLY T 25 -68.37 29.72 -20.40
C GLY T 25 -67.53 30.45 -21.43
N TRP T 26 -67.24 31.74 -21.19
CA TRP T 26 -66.39 32.48 -22.10
C TRP T 26 -65.00 31.89 -22.17
N LEU T 27 -64.45 31.48 -21.03
CA LEU T 27 -63.11 30.89 -21.01
C LEU T 27 -63.08 29.57 -21.78
N GLN T 28 -64.10 28.73 -21.57
CA GLN T 28 -64.15 27.46 -22.30
C GLN T 28 -64.29 27.69 -23.79
N LEU T 29 -65.09 28.68 -24.19
CA LEU T 29 -65.17 29.04 -25.60
C LEU T 29 -63.83 29.53 -26.11
N GLN T 30 -63.12 30.32 -25.29
CA GLN T 30 -61.81 30.85 -25.61
C GLN T 30 -60.74 29.76 -25.65
N CYS T 31 -61.03 28.56 -25.15
CA CYS T 31 -60.07 27.46 -25.16
C CYS T 31 -60.53 26.30 -26.04
N GLY T 32 -61.51 26.50 -26.92
CA GLY T 32 -61.89 25.51 -27.90
C GLY T 32 -62.85 24.44 -27.43
N HIS T 33 -62.99 24.23 -26.12
CA HIS T 33 -63.89 23.21 -25.59
C HIS T 33 -65.36 23.60 -25.73
N ALA T 34 -65.76 23.99 -26.94
CA ALA T 34 -67.13 24.40 -27.28
C ALA T 34 -68.23 23.65 -26.54
N GLU T 35 -68.08 22.31 -26.42
CA GLU T 35 -69.10 21.52 -25.73
C GLU T 35 -69.12 21.82 -24.23
N ARG T 36 -67.95 21.99 -23.63
CA ARG T 36 -67.87 22.31 -22.20
C ARG T 36 -68.49 23.67 -21.91
N ALA T 37 -68.20 24.66 -22.76
CA ALA T 37 -68.85 25.97 -22.65
C ALA T 37 -70.35 25.85 -22.83
N CYS T 38 -70.78 25.02 -23.79
CA CYS T 38 -72.20 24.82 -24.01
C CYS T 38 -72.87 24.25 -22.77
N ILE T 39 -72.22 23.29 -22.11
CA ILE T 39 -72.80 22.70 -20.91
C ILE T 39 -72.93 23.74 -19.81
N LEU T 40 -71.87 24.54 -19.60
CA LEU T 40 -71.92 25.56 -18.56
C LEU T 40 -73.00 26.60 -18.85
N LEU T 41 -73.08 27.07 -20.09
CA LEU T 41 -74.06 28.10 -20.43
C LEU T 41 -75.48 27.57 -20.46
N ASP T 42 -75.64 26.30 -20.83
CA ASP T 42 -76.96 25.66 -20.75
C ASP T 42 -77.42 25.56 -19.31
N ALA T 43 -76.53 25.19 -18.40
CA ALA T 43 -76.89 25.18 -16.99
C ALA T 43 -77.26 26.58 -16.50
N LEU T 44 -76.47 27.59 -16.89
CA LEU T 44 -76.76 28.96 -16.47
C LEU T 44 -78.13 29.41 -16.97
N LEU T 45 -78.44 29.14 -18.23
CA LEU T 45 -79.73 29.56 -18.77
C LEU T 45 -80.89 28.76 -18.19
N THR T 46 -80.68 27.47 -17.92
CA THR T 46 -81.72 26.68 -17.29
C THR T 46 -82.03 27.18 -15.89
N LEU T 47 -81.02 27.71 -15.19
CA LEU T 47 -81.29 28.32 -13.88
C LEU T 47 -81.83 29.74 -14.06
N ASN T 48 -80.97 30.67 -14.51
CA ASN T 48 -81.44 32.03 -14.81
C ASN T 48 -81.51 32.24 -16.31
N PRO T 49 -82.70 32.18 -16.93
CA PRO T 49 -82.82 32.45 -18.36
C PRO T 49 -82.91 33.94 -18.68
N GLU T 50 -82.90 34.81 -17.68
CA GLU T 50 -83.19 36.23 -17.89
C GLU T 50 -82.15 36.88 -18.79
N HIS T 51 -80.87 36.70 -18.47
CA HIS T 51 -79.81 37.31 -19.27
C HIS T 51 -79.57 36.50 -20.53
N LEU T 52 -79.34 37.20 -21.64
CA LEU T 52 -79.11 36.58 -22.93
C LEU T 52 -77.66 36.61 -23.36
N ALA T 53 -76.76 37.18 -22.55
CA ALA T 53 -75.34 37.14 -22.89
C ALA T 53 -74.82 35.72 -22.91
N GLY T 54 -75.24 34.90 -21.94
CA GLY T 54 -74.91 33.49 -22.00
C GLY T 54 -75.45 32.82 -23.26
N ARG T 55 -76.69 33.13 -23.62
CA ARG T 55 -77.24 32.66 -24.89
C ARG T 55 -76.46 33.23 -26.06
N ARG T 56 -76.06 34.50 -25.95
CA ARG T 56 -75.33 35.16 -27.01
C ARG T 56 -74.02 34.45 -27.33
N CYS T 57 -73.29 34.02 -26.30
CA CYS T 57 -72.04 33.31 -26.55
C CYS T 57 -72.25 31.82 -26.84
N ARG T 58 -73.27 31.19 -26.24
CA ARG T 58 -73.52 29.80 -26.55
C ARG T 58 -73.98 29.63 -27.99
N LEU T 59 -74.54 30.68 -28.60
CA LEU T 59 -74.86 30.63 -30.02
C LEU T 59 -73.59 30.44 -30.86
N VAL T 60 -72.55 31.22 -30.57
CA VAL T 60 -71.28 31.05 -31.29
C VAL T 60 -70.66 29.70 -30.94
N ALA T 61 -70.81 29.27 -29.69
CA ALA T 61 -70.29 27.96 -29.30
C ALA T 61 -70.95 26.84 -30.10
N LEU T 62 -72.27 26.92 -30.28
CA LEU T 62 -72.99 25.94 -31.08
C LEU T 62 -72.62 26.03 -32.55
N LEU T 63 -72.36 27.24 -33.06
CA LEU T 63 -71.87 27.38 -34.42
C LEU T 63 -70.55 26.66 -34.60
N ASN T 64 -69.65 26.79 -33.62
CA ASN T 64 -68.37 26.10 -33.68
C ASN T 64 -68.53 24.62 -33.38
N ASN T 65 -69.64 24.21 -32.79
CA ASN T 65 -69.92 22.83 -32.45
C ASN T 65 -70.56 22.04 -33.60
N ASN T 66 -70.98 22.74 -34.66
CA ASN T 66 -71.65 22.13 -35.82
C ASN T 66 -72.99 21.50 -35.41
N GLN T 67 -73.88 22.37 -34.93
CA GLN T 67 -75.27 21.98 -34.66
C GLN T 67 -76.24 23.00 -35.24
N GLU T 69 -79.29 23.72 -36.79
CA GLU T 69 -80.72 23.92 -36.60
C GLU T 69 -81.01 24.49 -35.20
N ARG T 70 -80.25 24.01 -34.21
CA ARG T 70 -80.34 24.59 -32.87
C ARG T 70 -79.87 26.03 -32.88
N ALA T 71 -78.83 26.31 -33.68
CA ALA T 71 -78.35 27.68 -33.81
C ALA T 71 -79.43 28.59 -34.37
N GLU T 72 -80.22 28.09 -35.32
CA GLU T 72 -81.32 28.89 -35.85
C GLU T 72 -82.33 29.23 -34.76
N LYS T 73 -82.65 28.26 -33.89
CA LYS T 73 -83.59 28.52 -32.81
C LYS T 73 -83.05 29.57 -31.85
N GLU T 74 -81.77 29.47 -31.50
CA GLU T 74 -81.18 30.46 -30.59
C GLU T 74 -81.12 31.83 -31.23
N ALA T 75 -80.81 31.89 -32.54
CA ALA T 75 -80.82 33.16 -33.24
C ALA T 75 -82.23 33.73 -33.32
N GLN T 76 -83.25 32.88 -33.44
CA GLN T 76 -84.63 33.37 -33.41
C GLN T 76 -84.95 33.97 -32.04
N TRP T 77 -84.49 33.32 -30.97
CA TRP T 77 -84.68 33.89 -29.64
C TRP T 77 -84.03 35.27 -29.53
N LEU T 78 -82.77 35.37 -29.97
CA LEU T 78 -82.07 36.66 -29.87
C LEU T 78 -82.72 37.72 -30.75
N ILE T 79 -83.20 37.34 -31.93
CA ILE T 79 -83.84 38.31 -32.82
C ILE T 79 -85.19 38.75 -32.26
N SER T 80 -85.91 37.84 -31.60
CA SER T 80 -87.22 38.17 -31.04
C SER T 80 -87.13 38.82 -29.66
N HIS T 81 -85.94 38.93 -29.09
CA HIS T 81 -85.80 39.60 -27.79
C HIS T 81 -84.78 40.72 -27.79
N ASP T 82 -83.75 40.67 -28.64
CA ASP T 82 -82.81 41.77 -28.80
C ASP T 82 -82.51 41.96 -30.28
N PRO T 83 -83.44 42.54 -31.03
CA PRO T 83 -83.23 42.75 -32.47
C PRO T 83 -82.43 44.00 -32.80
N LEU T 84 -81.81 44.66 -31.83
CA LEU T 84 -81.10 45.91 -32.05
C LEU T 84 -79.61 45.71 -32.31
N GLN T 85 -79.11 44.48 -32.24
CA GLN T 85 -77.71 44.18 -32.49
C GLN T 85 -77.57 43.49 -33.84
N ALA T 86 -76.74 44.05 -34.71
CA ALA T 86 -76.51 43.45 -36.01
C ALA T 86 -75.79 42.11 -35.89
N GLY T 87 -75.09 41.86 -34.79
CA GLY T 87 -74.39 40.60 -34.62
C GLY T 87 -75.33 39.41 -34.66
N ASN T 88 -76.57 39.60 -34.21
CA ASN T 88 -77.57 38.54 -34.27
C ASN T 88 -77.80 38.01 -35.68
N TRP T 89 -77.30 38.70 -36.71
CA TRP T 89 -77.47 38.26 -38.08
C TRP T 89 -76.27 37.53 -38.65
N LEU T 90 -75.13 37.50 -37.95
CA LEU T 90 -74.04 36.66 -38.40
C LEU T 90 -74.30 35.19 -38.06
N CYS T 91 -74.73 34.94 -36.83
CA CYS T 91 -74.95 33.57 -36.39
C CYS T 91 -75.99 32.89 -37.25
N LEU T 92 -77.12 33.57 -37.48
CA LEU T 92 -78.14 33.04 -38.38
C LEU T 92 -77.52 32.71 -39.73
N SER T 93 -76.73 33.66 -40.27
CA SER T 93 -76.08 33.42 -41.55
C SER T 93 -75.23 32.18 -41.47
N ARG T 94 -74.40 32.07 -40.43
CA ARG T 94 -73.55 30.91 -40.29
C ARG T 94 -74.41 29.65 -40.21
N ALA T 95 -75.46 29.70 -39.40
CA ALA T 95 -76.32 28.53 -39.26
C ALA T 95 -76.90 28.16 -40.62
N GLN T 96 -77.37 29.16 -41.37
CA GLN T 96 -77.97 28.85 -42.65
C GLN T 96 -76.92 28.36 -43.64
N GLN T 97 -75.69 28.86 -43.54
CA GLN T 97 -74.66 28.30 -44.42
C GLN T 97 -74.19 26.94 -43.93
N LEU T 98 -74.34 26.65 -42.63
CA LEU T 98 -74.03 25.32 -42.15
C LEU T 98 -75.12 24.31 -42.48
N ASN T 99 -76.37 24.76 -42.55
CA ASN T 99 -77.49 23.88 -42.84
C ASN T 99 -77.74 23.70 -44.33
N GLY T 100 -76.95 24.35 -45.19
CA GLY T 100 -77.05 24.18 -46.62
C GLY T 100 -77.82 25.26 -47.35
N ASP T 101 -78.56 26.11 -46.63
CA ASP T 101 -79.34 27.18 -47.26
C ASP T 101 -78.41 28.37 -47.54
N LEU T 102 -77.57 28.20 -48.56
CA LEU T 102 -76.57 29.21 -48.88
C LEU T 102 -77.21 30.52 -49.32
N ASP T 103 -78.30 30.45 -50.09
CA ASP T 103 -78.95 31.67 -50.57
C ASP T 103 -79.49 32.50 -49.41
N LYS T 104 -80.13 31.83 -48.44
CA LYS T 104 -80.62 32.54 -47.26
C LYS T 104 -79.47 33.10 -46.43
N ALA T 105 -78.34 32.41 -46.40
CA ALA T 105 -77.16 32.95 -45.74
C ALA T 105 -76.66 34.20 -46.44
N ARG T 106 -76.70 34.22 -47.77
CA ARG T 106 -76.31 35.41 -48.52
C ARG T 106 -77.22 36.58 -48.17
N HIS T 107 -78.53 36.32 -48.10
CA HIS T 107 -79.49 37.36 -47.78
C HIS T 107 -79.27 37.88 -46.36
N ALA T 108 -79.03 36.97 -45.40
CA ALA T 108 -78.79 37.38 -44.02
C ALA T 108 -77.51 38.20 -43.90
N TYR T 109 -76.47 37.81 -44.63
CA TYR T 109 -75.23 38.57 -44.61
C TYR T 109 -75.44 39.98 -45.19
N GLN T 110 -76.22 40.08 -46.26
CA GLN T 110 -76.51 41.41 -46.80
C GLN T 110 -77.30 42.25 -45.80
N HIS T 111 -78.24 41.62 -45.09
CA HIS T 111 -78.98 42.32 -44.05
C HIS T 111 -78.05 42.80 -42.94
N TYR T 112 -77.10 41.95 -42.54
CA TYR T 112 -76.12 42.37 -41.52
C TYR T 112 -75.29 43.55 -42.01
N LEU T 113 -74.88 43.52 -43.28
CA LEU T 113 -74.11 44.64 -43.82
C LEU T 113 -74.93 45.93 -43.81
N GLU T 114 -76.21 45.82 -44.15
CA GLU T 114 -77.09 46.99 -44.11
C GLU T 114 -77.25 47.52 -42.69
N LEU T 115 -77.35 46.61 -41.70
CA LEU T 115 -77.51 47.06 -40.32
C LEU T 115 -76.22 47.63 -39.76
N LYS T 116 -75.07 47.10 -40.17
CA LYS T 116 -73.79 47.68 -39.78
C LYS T 116 -73.62 49.07 -40.38
N ASP T 117 -74.03 49.24 -41.63
CA ASP T 117 -74.03 50.58 -42.23
C ASP T 117 -74.96 51.51 -41.47
N HIS T 118 -76.11 51.00 -41.05
CA HIS T 118 -77.01 51.79 -40.21
C HIS T 118 -76.34 52.15 -38.89
N ASN T 119 -75.62 51.20 -38.30
CA ASN T 119 -74.91 51.44 -37.04
C ASN T 119 -73.60 52.20 -37.29
N THR U 23 -57.78 -4.02 56.49
CA THR U 23 -58.04 -3.59 55.12
C THR U 23 -58.40 -2.11 55.06
N ALA U 24 -57.96 -1.35 56.06
CA ALA U 24 -58.31 0.06 56.21
C ALA U 24 -59.82 0.25 56.13
N GLN U 25 -60.50 -0.33 57.11
CA GLN U 25 -61.93 -0.62 56.96
C GLN U 25 -62.77 0.65 56.84
N SER U 26 -62.49 1.67 57.65
CA SER U 26 -63.25 2.92 57.50
C SER U 26 -63.01 3.53 56.13
N LYS U 27 -61.76 3.50 55.67
CA LYS U 27 -61.43 4.02 54.35
C LYS U 27 -62.07 3.18 53.24
N ARG U 28 -62.08 1.85 53.42
CA ARG U 28 -62.76 0.99 52.46
C ARG U 28 -64.26 1.24 52.42
N SER U 29 -64.89 1.47 53.58
CA SER U 29 -66.31 1.80 53.59
C SER U 29 -66.57 3.15 52.90
N LEU U 30 -65.67 4.11 53.08
CA LEU U 30 -65.78 5.37 52.37
C LEU U 30 -65.70 5.16 50.86
N TRP U 31 -64.71 4.37 50.42
CA TRP U 31 -64.55 4.13 48.99
C TRP U 31 -65.71 3.33 48.42
N ASP U 32 -66.27 2.40 49.21
CA ASP U 32 -67.44 1.66 48.73
C ASP U 32 -68.64 2.58 48.61
N PHE U 33 -68.76 3.57 49.50
CA PHE U 33 -69.85 4.52 49.36
C PHE U 33 -69.63 5.38 48.12
N ALA U 34 -68.39 5.79 47.89
CA ALA U 34 -68.07 6.61 46.72
C ALA U 34 -68.11 5.81 45.43
N SER U 35 -67.92 4.49 45.52
CA SER U 35 -67.81 3.64 44.34
C SER U 35 -69.10 3.63 43.55
N PRO U 36 -69.08 4.00 42.27
CA PRO U 36 -70.27 3.82 41.43
C PRO U 36 -70.59 2.36 41.17
N GLY U 37 -69.65 1.44 41.37
CA GLY U 37 -69.88 0.04 41.12
C GLY U 37 -70.01 -0.25 39.63
N TYR U 38 -71.24 -0.50 39.18
CA TYR U 38 -71.51 -0.73 37.77
C TYR U 38 -71.00 0.44 36.92
N THR U 39 -70.34 0.11 35.82
CA THR U 39 -69.78 1.12 34.93
C THR U 39 -70.09 0.73 33.49
N PHE U 40 -70.14 1.72 32.60
CA PHE U 40 -70.47 1.51 31.21
C PHE U 40 -69.49 2.28 30.33
N HIS U 41 -69.34 1.79 29.10
CA HIS U 41 -68.43 2.35 28.10
C HIS U 41 -67.05 2.69 28.68
N ALA U 46 -63.37 3.27 24.47
CA ALA U 46 -62.25 3.64 23.61
C ALA U 46 -62.36 5.08 23.14
N GLN U 47 -62.79 5.26 21.89
CA GLN U 47 -62.95 6.59 21.31
C GLN U 47 -64.27 7.25 21.71
N ASP U 48 -65.23 6.47 22.24
CA ASP U 48 -66.45 7.05 22.78
C ASP U 48 -66.15 8.07 23.86
N TYR U 49 -65.06 7.86 24.62
CA TYR U 49 -64.69 8.81 25.66
C TYR U 49 -64.30 10.15 25.04
N ARG U 50 -63.39 10.14 24.06
CA ARG U 50 -62.99 11.37 23.40
C ARG U 50 -64.16 12.03 22.69
N ARG U 51 -65.11 11.24 22.18
CA ARG U 51 -66.26 11.83 21.50
C ARG U 51 -67.17 12.55 22.49
N GLU U 52 -67.46 11.92 23.62
CA GLU U 52 -68.29 12.56 24.64
C GLU U 52 -67.56 13.77 25.21
N LEU U 53 -66.24 13.66 25.37
CA LEU U 53 -65.44 14.77 25.85
C LEU U 53 -65.58 15.97 24.91
N ASP U 54 -65.42 15.74 23.60
CA ASP U 54 -65.50 16.86 22.66
C ASP U 54 -66.89 17.48 22.64
N THR U 55 -67.95 16.65 22.72
CA THR U 55 -69.29 17.24 22.75
C THR U 55 -69.50 18.05 24.01
N LEU U 56 -69.04 17.55 25.17
CA LEU U 56 -69.31 18.25 26.40
C LEU U 56 -68.49 19.53 26.47
N GLN U 57 -67.25 19.51 25.97
CA GLN U 57 -66.41 20.70 26.04
C GLN U 57 -66.98 21.79 25.14
N SER U 58 -67.54 21.41 23.99
CA SER U 58 -68.13 22.45 23.15
C SER U 58 -69.48 22.92 23.68
N LEU U 59 -70.22 22.07 24.38
CA LEU U 59 -71.45 22.54 25.01
C LEU U 59 -71.14 23.53 26.12
N LEU U 60 -70.25 23.14 27.04
CA LEU U 60 -69.83 23.93 28.19
C LEU U 60 -69.01 25.16 27.82
N THR U 61 -68.46 25.22 26.60
CA THR U 61 -67.68 26.39 26.19
C THR U 61 -68.51 27.66 26.16
N THR U 62 -69.80 27.57 25.81
CA THR U 62 -70.61 28.78 25.78
C THR U 62 -70.80 29.35 27.18
N SER U 63 -71.00 28.48 28.17
CA SER U 63 -70.75 28.77 29.59
C SER U 63 -71.38 30.08 30.05
N GLN U 64 -72.71 30.10 30.08
CA GLN U 64 -73.40 31.22 30.71
C GLN U 64 -73.10 31.30 32.20
N SER U 65 -72.61 30.23 32.80
CA SER U 65 -72.27 30.19 34.22
C SER U 65 -70.77 30.01 34.41
N SER U 66 -70.26 30.49 35.54
CA SER U 66 -68.82 30.39 35.82
C SER U 66 -68.41 28.96 36.14
N GLU U 67 -69.28 28.21 36.81
CA GLU U 67 -68.99 26.81 37.10
C GLU U 67 -68.82 26.02 35.82
N LEU U 68 -69.71 26.24 34.84
CA LEU U 68 -69.55 25.59 33.55
C LEU U 68 -68.31 26.09 32.82
N GLN U 69 -67.88 27.33 33.08
CA GLN U 69 -66.63 27.81 32.49
C GLN U 69 -65.43 27.06 33.05
N ALA U 70 -65.41 26.83 34.38
CA ALA U 70 -64.33 26.04 34.96
C ALA U 70 -64.35 24.60 34.43
N ALA U 71 -65.56 24.05 34.27
CA ALA U 71 -65.68 22.70 33.72
C ALA U 71 -65.15 22.65 32.29
N ALA U 72 -65.50 23.65 31.48
CA ALA U 72 -65.04 23.72 30.10
C ALA U 72 -63.53 23.85 30.02
N ALA U 73 -62.93 24.66 30.90
CA ALA U 73 -61.47 24.79 30.87
C ALA U 73 -60.81 23.47 31.26
N LEU U 74 -61.38 22.76 32.24
CA LEU U 74 -60.86 21.45 32.60
C LEU U 74 -60.96 20.49 31.42
N LEU U 75 -62.08 20.53 30.71
CA LEU U 75 -62.28 19.66 29.56
C LEU U 75 -61.30 20.00 28.44
N LYS U 76 -61.05 21.29 28.19
CA LYS U 76 -60.08 21.65 27.16
C LYS U 76 -58.69 21.14 27.53
N CYS U 77 -58.35 21.23 28.82
CA CYS U 77 -57.04 20.76 29.27
C CYS U 77 -56.91 19.27 28.97
N GLN U 78 -57.91 18.48 29.36
CA GLN U 78 -57.84 17.05 29.13
C GLN U 78 -57.94 16.73 27.64
N GLN U 79 -58.70 17.52 26.89
CA GLN U 79 -58.84 17.35 25.45
C GLN U 79 -57.51 17.52 24.73
N ASP U 80 -56.63 18.36 25.25
CA ASP U 80 -55.39 18.55 24.51
C ASP U 80 -54.26 17.71 25.07
N ASP U 81 -54.29 17.38 26.36
CA ASP U 81 -53.34 16.39 26.83
C ASP U 81 -53.63 15.05 26.15
N ASP U 82 -54.92 14.74 25.94
CA ASP U 82 -55.29 13.54 25.20
C ASP U 82 -54.91 13.64 23.72
N ARG U 83 -55.02 14.83 23.11
CA ARG U 83 -54.58 14.93 21.72
C ARG U 83 -53.08 14.71 21.59
N LEU U 84 -52.29 15.15 22.60
CA LEU U 84 -50.86 14.89 22.55
C LEU U 84 -50.58 13.40 22.76
N LEU U 85 -51.35 12.74 23.62
CA LEU U 85 -51.03 11.34 23.83
C LEU U 85 -51.47 10.51 22.63
N GLN U 86 -52.55 10.93 21.96
CA GLN U 86 -52.94 10.25 20.72
C GLN U 86 -51.87 10.40 19.65
N ILE U 87 -51.22 11.58 19.59
CA ILE U 87 -50.13 11.76 18.63
C ILE U 87 -48.95 10.88 18.99
N ILE U 88 -48.66 10.73 20.28
CA ILE U 88 -47.55 9.87 20.67
C ILE U 88 -47.84 8.41 20.33
N LEU U 89 -49.08 7.96 20.58
CA LEU U 89 -49.44 6.59 20.24
C LEU U 89 -49.38 6.36 18.74
N ASN U 90 -49.81 7.35 17.95
CA ASN U 90 -49.74 7.23 16.49
C ASN U 90 -48.30 7.15 15.99
N LEU U 91 -47.39 7.92 16.59
CA LEU U 91 -45.98 7.86 16.21
C LEU U 91 -45.31 6.54 16.58
N LEU U 92 -45.69 5.94 17.70
CA LEU U 92 -45.12 4.67 18.10
C LEU U 92 -45.82 3.47 17.46
N HIS U 93 -45.07 2.74 16.64
CA HIS U 93 -45.54 1.56 15.91
C HIS U 93 -44.44 0.51 15.99
N LYS U 94 -44.85 -0.76 16.04
CA LYS U 94 -43.90 -1.86 16.15
C LYS U 94 -44.06 -2.93 15.09
N VAL U 95 -45.22 -3.05 14.45
CA VAL U 95 -45.53 -3.99 13.38
C VAL U 95 -44.74 -5.31 13.41
N THR V 14 -78.16 13.29 27.70
CA THR V 14 -77.94 13.74 29.06
C THR V 14 -77.46 12.60 29.94
N LYS V 15 -78.03 11.40 29.74
CA LYS V 15 -77.60 10.23 30.51
C LYS V 15 -76.12 9.95 30.29
N ARG V 16 -75.68 10.03 29.04
CA ARG V 16 -74.26 9.90 28.74
C ARG V 16 -73.44 10.91 29.52
N GLN V 17 -73.81 12.19 29.42
CA GLN V 17 -73.15 13.23 30.21
C GLN V 17 -73.11 12.89 31.70
N GLN V 18 -74.22 12.39 32.25
CA GLN V 18 -74.24 12.01 33.66
C GLN V 18 -73.24 10.91 33.98
N GLU V 19 -73.11 9.92 33.09
CA GLU V 19 -72.17 8.84 33.35
C GLU V 19 -70.73 9.30 33.18
N PHE V 20 -70.49 10.16 32.18
CA PHE V 20 -69.17 10.73 31.97
C PHE V 20 -68.72 11.53 33.18
N LEU V 21 -69.60 12.38 33.70
CA LEU V 21 -69.27 13.18 34.87
C LEU V 21 -69.07 12.30 36.10
N LEU V 22 -69.93 11.29 36.30
CA LEU V 22 -69.77 10.41 37.45
C LEU V 22 -68.44 9.67 37.42
N LEU V 23 -68.11 9.06 36.27
CA LEU V 23 -66.86 8.30 36.19
C LEU V 23 -65.65 9.21 36.34
N ASN V 24 -65.68 10.38 35.69
CA ASN V 24 -64.55 11.30 35.82
C ASN V 24 -64.38 11.79 37.25
N GLY V 25 -65.48 12.12 37.93
CA GLY V 25 -65.40 12.53 39.31
C GLY V 25 -64.85 11.43 40.20
N TRP V 26 -65.31 10.19 39.98
CA TRP V 26 -64.81 9.08 40.78
C TRP V 26 -63.31 8.87 40.56
N LEU V 27 -62.86 8.94 39.31
CA LEU V 27 -61.44 8.75 39.03
C LEU V 27 -60.60 9.88 39.62
N GLN V 28 -61.06 11.12 39.49
CA GLN V 28 -60.32 12.24 40.05
C GLN V 28 -60.26 12.17 41.58
N LEU V 29 -61.37 11.78 42.22
CA LEU V 29 -61.37 11.62 43.67
C LEU V 29 -60.44 10.50 44.11
N GLN V 30 -60.46 9.37 43.40
CA GLN V 30 -59.58 8.28 43.81
C GLN V 30 -58.12 8.60 43.55
N CYS V 31 -57.81 9.64 42.78
CA CYS V 31 -56.41 9.98 42.55
C CYS V 31 -56.06 11.37 43.05
N GLY V 32 -56.40 11.65 44.31
CA GLY V 32 -55.98 12.85 45.00
C GLY V 32 -56.42 14.21 44.47
N HIS V 33 -56.86 14.28 43.22
CA HIS V 33 -57.30 15.56 42.66
C HIS V 33 -58.65 16.01 43.19
N ALA V 34 -58.84 15.91 44.51
CA ALA V 34 -60.05 16.30 45.22
C ALA V 34 -60.76 17.52 44.63
N GLU V 35 -59.98 18.55 44.25
CA GLU V 35 -60.58 19.77 43.71
C GLU V 35 -61.19 19.52 42.33
N ARG V 36 -60.51 18.75 41.48
CA ARG V 36 -61.06 18.46 40.16
C ARG V 36 -62.33 17.62 40.26
N ALA V 37 -62.32 16.62 41.14
CA ALA V 37 -63.52 15.83 41.37
C ALA V 37 -64.65 16.68 41.92
N CYS V 38 -64.32 17.60 42.83
CA CYS V 38 -65.33 18.49 43.38
C CYS V 38 -65.94 19.36 42.30
N ILE V 39 -65.12 19.91 41.40
CA ILE V 39 -65.65 20.75 40.34
C ILE V 39 -66.55 19.95 39.41
N LEU V 40 -66.10 18.75 39.02
CA LEU V 40 -66.90 17.92 38.13
C LEU V 40 -68.23 17.54 38.76
N LEU V 41 -68.21 17.14 40.03
CA LEU V 41 -69.43 16.74 40.69
C LEU V 41 -70.32 17.93 41.01
N ASP V 42 -69.74 19.10 41.23
CA ASP V 42 -70.54 20.31 41.39
C ASP V 42 -71.29 20.63 40.10
N ALA V 43 -70.62 20.53 38.95
CA ALA V 43 -71.33 20.73 37.69
C ALA V 43 -72.42 19.70 37.47
N LEU V 44 -72.12 18.42 37.75
CA LEU V 44 -73.11 17.36 37.57
C LEU V 44 -74.33 17.59 38.45
N LEU V 45 -74.10 17.93 39.73
CA LEU V 45 -75.21 18.13 40.66
C LEU V 45 -75.97 19.42 40.35
N THR V 46 -75.27 20.46 39.88
CA THR V 46 -75.94 21.69 39.51
C THR V 46 -76.86 21.47 38.30
N LEU V 47 -76.50 20.55 37.41
CA LEU V 47 -77.43 20.25 36.30
C LEU V 47 -78.57 19.35 36.79
N ASN V 48 -78.28 18.09 37.08
CA ASN V 48 -79.26 17.18 37.67
C ASN V 48 -78.93 16.94 39.14
N PRO V 49 -79.66 17.56 40.07
CA PRO V 49 -79.36 17.33 41.51
C PRO V 49 -79.91 16.03 42.06
N GLU V 50 -80.59 15.23 41.27
CA GLU V 50 -81.18 13.97 41.75
C GLU V 50 -80.24 12.78 41.60
N HIS V 51 -79.01 12.99 41.15
CA HIS V 51 -78.05 11.91 40.94
C HIS V 51 -77.46 11.51 42.28
N LEU V 52 -77.95 10.42 42.86
CA LEU V 52 -77.52 9.99 44.19
C LEU V 52 -76.04 9.60 44.21
N ALA V 53 -75.58 8.91 43.17
CA ALA V 53 -74.17 8.52 43.12
C ALA V 53 -73.26 9.74 43.11
N GLY V 54 -73.65 10.78 42.37
CA GLY V 54 -72.91 12.03 42.43
C GLY V 54 -72.90 12.63 43.82
N ARG V 55 -74.01 12.51 44.54
CA ARG V 55 -74.06 13.00 45.92
C ARG V 55 -73.06 12.25 46.80
N ARG V 56 -73.02 10.92 46.69
CA ARG V 56 -72.06 10.15 47.48
C ARG V 56 -70.63 10.50 47.12
N CYS V 57 -70.35 10.63 45.82
CA CYS V 57 -68.99 10.96 45.39
C CYS V 57 -68.57 12.33 45.90
N ARG V 58 -69.46 13.32 45.81
CA ARG V 58 -69.09 14.64 46.30
C ARG V 58 -69.00 14.67 47.82
N LEU V 59 -69.75 13.81 48.50
CA LEU V 59 -69.61 13.69 49.95
C LEU V 59 -68.22 13.19 50.32
N VAL V 60 -67.77 12.12 49.67
CA VAL V 60 -66.43 11.61 49.94
C VAL V 60 -65.36 12.61 49.51
N ALA V 61 -65.60 13.32 48.40
CA ALA V 61 -64.65 14.34 47.95
C ALA V 61 -64.52 15.46 48.96
N LEU V 62 -65.65 15.91 49.53
CA LEU V 62 -65.61 16.96 50.54
C LEU V 62 -64.93 16.46 51.81
N LEU V 63 -65.12 15.19 52.15
CA LEU V 63 -64.39 14.62 53.29
C LEU V 63 -62.89 14.63 53.04
N ASN V 64 -62.46 14.26 51.84
CA ASN V 64 -61.04 14.24 51.49
C ASN V 64 -60.46 15.62 51.21
N ASN V 65 -61.29 16.62 50.94
CA ASN V 65 -60.83 17.97 50.64
C ASN V 65 -60.60 18.83 51.87
N ASN V 66 -61.00 18.37 53.05
CA ASN V 66 -60.92 19.13 54.29
C ASN V 66 -61.84 20.36 54.22
N GLN V 67 -63.11 20.06 53.99
CA GLN V 67 -64.22 21.03 53.94
C GLN V 67 -65.39 20.50 54.76
N GLY V 68 -65.11 20.10 56.00
CA GLY V 68 -66.04 19.30 56.78
C GLY V 68 -67.40 19.93 56.98
N GLU V 69 -67.49 21.26 56.92
CA GLU V 69 -68.79 21.91 57.01
C GLU V 69 -69.68 21.54 55.83
N ARG V 70 -69.14 21.69 54.61
CA ARG V 70 -69.89 21.30 53.42
C ARG V 70 -70.18 19.81 53.42
N ALA V 71 -69.23 19.00 53.88
CA ALA V 71 -69.45 17.55 53.94
C ALA V 71 -70.58 17.21 54.91
N GLU V 72 -70.64 17.88 56.05
CA GLU V 72 -71.73 17.64 56.99
C GLU V 72 -73.06 18.06 56.38
N LYS V 73 -73.08 19.19 55.67
CA LYS V 73 -74.32 19.63 55.03
C LYS V 73 -74.79 18.63 53.98
N GLU V 74 -73.85 18.12 53.16
CA GLU V 74 -74.23 17.14 52.15
C GLU V 74 -74.69 15.83 52.77
N ALA V 75 -74.04 15.41 53.86
CA ALA V 75 -74.48 14.19 54.54
C ALA V 75 -75.88 14.38 55.12
N GLN V 76 -76.17 15.59 55.61
CA GLN V 76 -77.52 15.89 56.07
C GLN V 76 -78.52 15.87 54.92
N TRP V 77 -78.11 16.36 53.74
CA TRP V 77 -78.99 16.30 52.57
C TRP V 77 -79.33 14.86 52.24
N LEU V 78 -78.30 14.00 52.18
CA LEU V 78 -78.54 12.58 51.90
C LEU V 78 -79.37 11.94 52.99
N ILE V 79 -79.20 12.41 54.23
CA ILE V 79 -79.97 11.89 55.36
C ILE V 79 -81.44 12.24 55.17
N SER V 80 -81.72 13.42 54.60
CA SER V 80 -83.09 13.84 54.35
C SER V 80 -83.66 13.26 53.06
N HIS V 81 -82.84 12.56 52.28
CA HIS V 81 -83.27 11.89 51.05
C HIS V 81 -82.90 10.42 51.11
N ASP V 82 -82.84 9.87 52.33
CA ASP V 82 -82.27 8.56 52.62
C ASP V 82 -82.96 7.45 51.85
N PRO V 83 -82.26 6.81 50.91
CA PRO V 83 -82.84 5.61 50.28
C PRO V 83 -82.90 4.43 51.24
N LEU V 84 -81.85 4.26 52.05
CA LEU V 84 -81.76 3.23 53.08
C LEU V 84 -80.52 3.54 53.90
N GLN V 85 -80.20 2.67 54.85
CA GLN V 85 -78.96 2.80 55.60
C GLN V 85 -77.78 2.69 54.63
N ALA V 86 -77.09 3.80 54.41
CA ALA V 86 -76.01 3.84 53.43
C ALA V 86 -74.72 4.38 54.04
N GLY V 87 -74.62 4.44 55.37
CA GLY V 87 -73.43 4.99 55.97
C GLY V 87 -73.30 6.48 55.86
N ASN V 88 -74.42 7.20 55.67
CA ASN V 88 -74.37 8.65 55.70
C ASN V 88 -73.99 9.18 57.07
N TRP V 89 -74.01 8.33 58.10
CA TRP V 89 -73.65 8.78 59.42
C TRP V 89 -72.17 8.53 59.69
N LEU V 90 -71.52 7.72 58.86
CA LEU V 90 -70.06 7.67 58.90
C LEU V 90 -69.49 8.91 58.25
N CYS V 91 -70.08 9.32 57.13
CA CYS V 91 -69.69 10.58 56.50
C CYS V 91 -69.96 11.75 57.42
N LEU V 92 -71.14 11.77 58.07
CA LEU V 92 -71.42 12.81 59.05
C LEU V 92 -70.38 12.84 60.17
N SER V 93 -70.05 11.67 60.73
CA SER V 93 -69.07 11.60 61.80
C SER V 93 -67.71 12.15 61.34
N ARG V 94 -67.25 11.71 60.17
CA ARG V 94 -65.97 12.19 59.65
C ARG V 94 -66.01 13.69 59.41
N ALA V 95 -67.10 14.20 58.83
CA ALA V 95 -67.21 15.62 58.57
C ALA V 95 -67.15 16.43 59.85
N GLN V 96 -67.87 15.98 60.89
CA GLN V 96 -67.86 16.71 62.15
C GLN V 96 -66.52 16.59 62.86
N GLN V 97 -65.81 15.46 62.69
CA GLN V 97 -64.48 15.35 63.29
C GLN V 97 -63.49 16.24 62.55
N LEU V 98 -63.75 16.50 61.27
CA LEU V 98 -62.96 17.47 60.51
C LEU V 98 -63.32 18.91 60.86
N ASN V 99 -64.57 19.15 61.26
CA ASN V 99 -65.04 20.49 61.55
C ASN V 99 -64.73 20.94 62.97
N GLY V 100 -64.26 20.04 63.84
CA GLY V 100 -63.88 20.42 65.18
C GLY V 100 -64.98 20.35 66.21
N ASP V 101 -66.22 20.03 65.82
CA ASP V 101 -67.30 19.83 66.77
C ASP V 101 -67.10 18.48 67.44
N LEU V 102 -66.16 18.46 68.40
CA LEU V 102 -65.69 17.20 68.95
C LEU V 102 -66.80 16.44 69.66
N ASP V 103 -67.60 17.13 70.47
CA ASP V 103 -68.70 16.46 71.16
C ASP V 103 -69.75 15.97 70.16
N LYS V 104 -70.12 16.83 69.20
CA LYS V 104 -71.05 16.40 68.16
C LYS V 104 -70.44 15.33 67.27
N ALA V 105 -69.12 15.38 67.06
CA ALA V 105 -68.46 14.32 66.30
C ALA V 105 -68.54 12.98 67.02
N ARG V 106 -68.33 12.99 68.34
CA ARG V 106 -68.48 11.75 69.11
C ARG V 106 -69.92 11.24 69.07
N HIS V 107 -70.88 12.15 69.19
CA HIS V 107 -72.29 11.73 69.12
C HIS V 107 -72.62 11.16 67.76
N ALA V 108 -72.12 11.78 66.68
CA ALA V 108 -72.36 11.25 65.34
C ALA V 108 -71.69 9.90 65.16
N TYR V 109 -70.49 9.73 65.72
CA TYR V 109 -69.81 8.44 65.62
C TYR V 109 -70.58 7.35 66.36
N GLN V 110 -71.11 7.66 67.55
CA GLN V 110 -71.91 6.68 68.26
C GLN V 110 -73.21 6.38 67.52
N HIS V 111 -73.82 7.39 66.90
CA HIS V 111 -75.01 7.15 66.09
C HIS V 111 -74.69 6.26 64.89
N TYR V 112 -73.55 6.50 64.25
CA TYR V 112 -73.12 5.64 63.15
C TYR V 112 -72.89 4.22 63.63
N LEU V 113 -72.31 4.06 64.83
CA LEU V 113 -72.11 2.73 65.38
C LEU V 113 -73.44 2.03 65.63
N GLU V 114 -74.43 2.77 66.13
CA GLU V 114 -75.76 2.16 66.33
C GLU V 114 -76.38 1.76 65.01
N LEU V 115 -76.25 2.59 63.98
CA LEU V 115 -76.79 2.28 62.66
C LEU V 115 -75.93 1.29 61.89
N LYS V 116 -74.73 0.98 62.38
CA LYS V 116 -73.86 -0.01 61.76
C LYS V 116 -74.31 -1.42 62.11
N ASP V 117 -74.81 -1.61 63.32
CA ASP V 117 -75.47 -2.86 63.69
C ASP V 117 -76.90 -2.92 63.18
N HIS V 118 -77.41 -1.82 62.63
CA HIS V 118 -78.69 -1.89 61.94
C HIS V 118 -78.60 -2.79 60.72
N ASN V 119 -77.47 -2.75 60.01
CA ASN V 119 -77.19 -3.69 58.93
C ASN V 119 -76.46 -4.93 59.45
N GLU V 120 -77.04 -5.56 60.48
CA GLU V 120 -76.50 -6.79 61.05
C GLU V 120 -76.96 -7.94 60.16
N SER V 121 -76.13 -8.27 59.16
CA SER V 121 -76.45 -9.23 58.11
C SER V 121 -77.78 -8.88 57.45
N PRO V 122 -77.86 -7.76 56.72
CA PRO V 122 -79.13 -7.34 56.11
C PRO V 122 -79.51 -8.19 54.91
N HIS W 16 -23.27 -9.13 66.93
CA HIS W 16 -21.84 -9.08 66.60
C HIS W 16 -21.08 -10.19 67.32
N LEU W 17 -20.03 -10.69 66.68
CA LEU W 17 -19.19 -11.73 67.27
C LEU W 17 -18.20 -11.08 68.23
N GLU W 18 -17.26 -11.88 68.75
CA GLU W 18 -16.26 -11.43 69.71
C GLU W 18 -16.92 -10.79 70.93
N ARG W 19 -17.80 -11.58 71.56
CA ARG W 19 -18.51 -11.16 72.77
C ARG W 19 -17.76 -11.59 74.03
N LEU W 20 -16.47 -11.26 74.09
CA LEU W 20 -15.63 -11.62 75.23
C LEU W 20 -14.78 -10.48 75.77
N TYR W 21 -14.54 -9.43 74.98
CA TYR W 21 -13.64 -8.34 75.37
C TYR W 21 -14.39 -7.02 75.27
N PRO W 22 -15.25 -6.72 76.24
CA PRO W 22 -15.96 -5.44 76.24
C PRO W 22 -15.11 -4.35 76.89
N THR W 23 -15.67 -3.14 76.93
CA THR W 23 -15.01 -2.03 77.62
C THR W 23 -15.34 -2.10 79.11
N ALA W 24 -14.91 -1.10 79.87
CA ALA W 24 -15.18 -1.08 81.30
C ALA W 24 -16.67 -1.00 81.56
N GLN W 25 -17.10 -1.63 82.65
CA GLN W 25 -18.49 -1.51 83.07
C GLN W 25 -18.84 -0.06 83.34
N SER W 26 -17.95 0.68 84.00
CA SER W 26 -18.20 2.09 84.24
C SER W 26 -18.30 2.86 82.93
N LYS W 27 -17.44 2.55 81.95
CA LYS W 27 -17.51 3.20 80.65
C LYS W 27 -18.80 2.84 79.92
N ARG W 28 -19.21 1.58 80.00
CA ARG W 28 -20.49 1.18 79.40
C ARG W 28 -21.66 1.88 80.07
N SER W 29 -21.63 2.03 81.39
CA SER W 29 -22.67 2.78 82.07
C SER W 29 -22.68 4.25 81.68
N LEU W 30 -21.50 4.83 81.46
CA LEU W 30 -21.42 6.20 80.94
C LEU W 30 -22.04 6.30 79.56
N TRP W 31 -21.70 5.39 78.66
CA TRP W 31 -22.23 5.45 77.30
C TRP W 31 -23.74 5.18 77.30
N ASP W 32 -24.20 4.28 78.18
CA ASP W 32 -25.63 4.04 78.32
C ASP W 32 -26.31 5.25 78.94
N PHE W 33 -25.60 5.94 79.83
CA PHE W 33 -26.13 7.16 80.44
C PHE W 33 -26.23 8.22 79.36
N ALA W 34 -27.30 9.01 79.42
CA ALA W 34 -27.61 10.09 78.47
C ALA W 34 -28.09 9.54 77.13
N SER W 35 -27.75 8.29 76.82
CA SER W 35 -28.08 7.72 75.53
C SER W 35 -29.60 7.63 75.36
N PRO W 36 -30.17 8.25 74.34
CA PRO W 36 -31.63 8.25 74.19
C PRO W 36 -32.12 6.99 73.47
N GLY W 37 -33.43 6.94 73.26
CA GLY W 37 -34.06 5.82 72.57
C GLY W 37 -35.10 6.31 71.60
N TYR W 38 -35.35 5.48 70.58
CA TYR W 38 -36.29 5.81 69.51
C TYR W 38 -35.95 7.14 68.84
N GLY W 42 -33.91 12.77 60.90
CA GLY W 42 -34.31 12.95 62.29
C GLY W 42 -35.06 11.77 62.86
N LEU W 43 -36.26 12.05 63.41
CA LEU W 43 -37.08 10.98 63.95
C LEU W 43 -37.54 10.00 62.88
N HIS W 44 -37.60 10.45 61.62
CA HIS W 44 -38.04 9.61 60.53
C HIS W 44 -36.93 8.69 60.01
N ARG W 45 -35.68 8.98 60.34
CA ARG W 45 -34.51 8.24 59.87
C ARG W 45 -34.38 8.23 58.36
N ALA W 46 -35.14 9.07 57.67
CA ALA W 46 -35.05 9.24 56.23
C ALA W 46 -35.68 10.58 55.91
N GLN W 47 -34.90 11.52 55.38
CA GLN W 47 -35.28 12.93 55.28
C GLN W 47 -35.59 13.42 56.70
N ASP W 48 -36.42 14.46 56.82
CA ASP W 48 -36.84 15.05 58.08
C ASP W 48 -35.69 15.82 58.72
N TYR W 49 -34.47 15.37 58.46
CA TYR W 49 -33.29 16.03 59.00
C TYR W 49 -33.11 17.43 58.42
N ARG W 50 -33.13 17.55 57.09
CA ARG W 50 -32.98 18.85 56.44
C ARG W 50 -34.10 19.85 56.78
N ARG W 51 -35.32 19.37 57.00
CA ARG W 51 -36.41 20.30 57.35
C ARG W 51 -36.20 20.84 58.75
N GLU W 52 -35.86 19.97 59.70
CA GLU W 52 -35.61 20.43 61.07
C GLU W 52 -34.38 21.32 61.10
N LEU W 53 -33.37 21.01 60.28
CA LEU W 53 -32.18 21.85 60.20
C LEU W 53 -32.57 23.27 59.77
N ASP W 54 -33.37 23.39 58.71
CA ASP W 54 -33.77 24.71 58.22
C ASP W 54 -34.60 25.44 59.27
N THR W 55 -35.49 24.72 59.96
CA THR W 55 -36.30 25.37 60.99
C THR W 55 -35.42 25.84 62.14
N LEU W 56 -34.44 25.04 62.56
CA LEU W 56 -33.64 25.44 63.72
C LEU W 56 -32.79 26.64 63.34
N GLN W 57 -32.26 26.64 62.12
CA GLN W 57 -31.40 27.72 61.70
C GLN W 57 -32.16 29.03 61.60
N SER W 58 -33.42 28.97 61.14
CA SER W 58 -34.19 30.20 61.08
C SER W 58 -34.72 30.62 62.44
N LEU W 59 -34.97 29.68 63.35
CA LEU W 59 -35.36 30.06 64.69
C LEU W 59 -34.20 30.74 65.43
N LEU W 60 -33.04 30.09 65.45
CA LEU W 60 -31.88 30.64 66.14
C LEU W 60 -31.29 31.88 65.49
N THR W 61 -31.55 32.14 64.21
CA THR W 61 -31.01 33.37 63.63
C THR W 61 -31.60 34.62 64.28
N THR W 62 -32.89 34.56 64.65
CA THR W 62 -33.55 35.71 65.26
C THR W 62 -33.01 36.03 66.66
N SER W 63 -32.59 35.01 67.41
CA SER W 63 -32.31 35.19 68.83
C SER W 63 -31.14 36.14 69.05
N GLN W 64 -31.18 36.83 70.19
CA GLN W 64 -30.11 37.73 70.60
C GLN W 64 -29.06 37.05 71.47
N SER W 65 -29.28 35.79 71.85
CA SER W 65 -28.35 35.08 72.72
C SER W 65 -27.11 34.64 71.93
N SER W 66 -25.95 34.73 72.57
CA SER W 66 -24.71 34.34 71.92
C SER W 66 -24.59 32.83 71.78
N GLU W 67 -25.08 32.08 72.78
CA GLU W 67 -25.06 30.63 72.70
C GLU W 67 -25.91 30.12 71.54
N LEU W 68 -27.11 30.70 71.37
CA LEU W 68 -27.93 30.33 70.23
C LEU W 68 -27.29 30.77 68.92
N GLN W 69 -26.50 31.83 68.93
CA GLN W 69 -25.77 32.23 67.73
C GLN W 69 -24.68 31.22 67.38
N ALA W 70 -23.96 30.71 68.39
CA ALA W 70 -22.98 29.66 68.13
C ALA W 70 -23.67 28.41 67.59
N ALA W 71 -24.85 28.10 68.12
CA ALA W 71 -25.61 26.96 67.63
C ALA W 71 -26.00 27.17 66.17
N ALA W 72 -26.44 28.40 65.85
CA ALA W 72 -26.82 28.73 64.48
C ALA W 72 -25.63 28.62 63.54
N ALA W 73 -24.44 29.06 63.96
CA ALA W 73 -23.27 28.95 63.09
C ALA W 73 -22.92 27.48 62.85
N LEU W 74 -23.07 26.65 63.88
CA LEU W 74 -22.86 25.20 63.70
C LEU W 74 -23.87 24.66 62.70
N LEU W 75 -25.11 25.14 62.80
CA LEU W 75 -26.15 24.69 61.88
C LEU W 75 -25.84 25.14 60.46
N LYS W 76 -25.31 26.36 60.28
CA LYS W 76 -24.95 26.80 58.94
C LYS W 76 -23.86 25.90 58.37
N CYS W 77 -22.92 25.49 59.24
CA CYS W 77 -21.85 24.61 58.81
C CYS W 77 -22.44 23.31 58.28
N GLN W 78 -23.34 22.70 59.05
CA GLN W 78 -23.94 21.45 58.62
C GLN W 78 -24.84 21.66 57.42
N GLN W 79 -25.50 22.81 57.34
CA GLN W 79 -26.36 23.16 56.21
C GLN W 79 -25.59 23.21 54.91
N ASP W 80 -24.31 23.58 54.98
CA ASP W 80 -23.58 23.68 53.73
C ASP W 80 -22.78 22.43 53.45
N ASP W 81 -22.38 21.70 54.49
CA ASP W 81 -21.81 20.38 54.22
C ASP W 81 -22.88 19.49 53.59
N ASP W 82 -24.14 19.66 54.04
CA ASP W 82 -25.26 18.94 53.42
C ASP W 82 -25.52 19.44 52.00
N ARG W 83 -25.34 20.74 51.74
CA ARG W 83 -25.52 21.20 50.37
C ARG W 83 -24.48 20.57 49.45
N LEU W 84 -23.27 20.36 49.97
CA LEU W 84 -22.24 19.68 49.17
C LEU W 84 -22.60 18.22 48.97
N LEU W 85 -23.17 17.58 50.00
CA LEU W 85 -23.47 16.17 49.82
C LEU W 85 -24.68 15.99 48.93
N GLN W 86 -25.61 16.95 48.94
CA GLN W 86 -26.73 16.88 48.00
C GLN W 86 -26.21 17.00 46.57
N ILE W 87 -25.17 17.83 46.36
CA ILE W 87 -24.62 17.91 45.01
C ILE W 87 -23.94 16.60 44.63
N ILE W 88 -23.27 15.96 45.59
CA ILE W 88 -22.62 14.69 45.29
C ILE W 88 -23.67 13.61 45.00
N LEU W 89 -24.75 13.57 45.78
CA LEU W 89 -25.81 12.60 45.55
C LEU W 89 -26.50 12.82 44.20
N ASN W 90 -26.70 14.08 43.81
CA ASN W 90 -27.29 14.37 42.51
C ASN W 90 -26.37 13.90 41.39
N LEU W 91 -25.06 14.09 41.55
CA LEU W 91 -24.10 13.60 40.57
C LEU W 91 -24.04 12.08 40.52
N LEU W 92 -24.22 11.41 41.67
CA LEU W 92 -24.22 9.96 41.74
C LEU W 92 -25.55 9.30 41.41
N HIS W 93 -25.50 8.33 40.50
CA HIS W 93 -26.61 7.55 39.99
C HIS W 93 -26.06 6.39 39.18
N LYS W 94 -26.49 5.15 39.46
CA LYS W 94 -26.03 3.98 38.69
C LYS W 94 -27.28 3.22 38.25
N VAL W 95 -27.95 3.74 37.22
CA VAL W 95 -29.14 3.14 36.61
C VAL W 95 -29.05 1.63 36.50
N GLY X 9 -36.78 38.25 72.88
CA GLY X 9 -36.78 36.92 72.27
C GLY X 9 -37.85 36.00 72.82
N ASN X 10 -38.50 35.28 71.93
CA ASN X 10 -39.56 34.33 72.30
C ASN X 10 -39.05 32.90 72.13
N ILE X 11 -39.30 32.06 73.13
CA ILE X 11 -38.80 30.70 73.15
C ILE X 11 -39.93 29.77 72.73
N THR X 12 -39.62 28.83 71.83
CA THR X 12 -40.59 27.81 71.43
C THR X 12 -39.95 26.71 70.59
N LEU X 13 -40.20 25.45 70.94
CA LEU X 13 -39.65 24.31 70.22
C LEU X 13 -40.65 23.17 70.28
N THR X 14 -40.93 22.57 69.12
CA THR X 14 -41.69 21.33 69.06
C THR X 14 -40.89 20.17 69.66
N LYS X 15 -41.60 19.07 69.90
CA LYS X 15 -40.95 17.86 70.38
C LYS X 15 -39.88 17.40 69.40
N ARG X 16 -40.18 17.50 68.10
CA ARG X 16 -39.22 17.13 67.06
C ARG X 16 -37.98 18.02 67.11
N GLN X 17 -38.13 19.30 67.44
CA GLN X 17 -36.97 20.18 67.49
C GLN X 17 -36.07 19.83 68.68
N GLN X 18 -36.69 19.50 69.82
CA GLN X 18 -35.95 18.97 70.95
C GLN X 18 -35.22 17.69 70.59
N GLU X 19 -35.90 16.77 69.91
CA GLU X 19 -35.25 15.53 69.48
C GLU X 19 -34.07 15.82 68.56
N PHE X 20 -34.25 16.74 67.61
CA PHE X 20 -33.17 17.10 66.70
C PHE X 20 -31.93 17.53 67.48
N LEU X 21 -32.13 18.40 68.47
CA LEU X 21 -31.00 18.89 69.25
C LEU X 21 -30.40 17.76 70.08
N LEU X 22 -31.25 16.91 70.66
CA LEU X 22 -30.79 15.80 71.47
C LEU X 22 -29.91 14.86 70.64
N LEU X 23 -30.40 14.45 69.47
CA LEU X 23 -29.69 13.44 68.69
C LEU X 23 -28.43 14.03 68.06
N ASN X 24 -28.46 15.27 67.61
CA ASN X 24 -27.22 15.87 67.10
C ASN X 24 -26.19 15.99 68.22
N GLY X 25 -26.64 16.36 69.43
CA GLY X 25 -25.71 16.42 70.55
C GLY X 25 -25.14 15.07 70.94
N TRP X 26 -25.99 14.03 70.96
CA TRP X 26 -25.49 12.71 71.32
C TRP X 26 -24.50 12.17 70.30
N LEU X 27 -24.78 12.35 69.01
CA LEU X 27 -23.83 11.84 68.01
C LEU X 27 -22.55 12.67 68.00
N GLN X 28 -22.64 14.00 68.13
CA GLN X 28 -21.41 14.78 68.23
C GLN X 28 -20.61 14.39 69.47
N LEU X 29 -21.28 14.08 70.58
CA LEU X 29 -20.57 13.62 71.77
C LEU X 29 -19.88 12.28 71.54
N GLN X 30 -20.53 11.36 70.82
CA GLN X 30 -19.88 10.11 70.46
C GLN X 30 -18.72 10.32 69.49
N CYS X 31 -18.82 11.34 68.64
CA CYS X 31 -17.79 11.66 67.68
C CYS X 31 -16.58 12.37 68.27
N GLY X 32 -16.52 12.54 69.59
CA GLY X 32 -15.44 13.28 70.22
C GLY X 32 -15.51 14.78 70.09
N HIS X 33 -16.56 15.34 69.49
CA HIS X 33 -16.72 16.79 69.39
C HIS X 33 -17.50 17.27 70.60
N ALA X 34 -16.80 17.32 71.75
CA ALA X 34 -17.43 17.76 72.98
C ALA X 34 -17.84 19.23 72.92
N GLU X 35 -17.08 20.07 72.20
CA GLU X 35 -17.46 21.48 72.09
C GLU X 35 -18.77 21.64 71.33
N ARG X 36 -18.90 20.98 70.18
CA ARG X 36 -20.14 21.07 69.41
C ARG X 36 -21.31 20.52 70.23
N ALA X 37 -21.06 19.43 70.95
CA ALA X 37 -22.10 18.82 71.77
C ALA X 37 -22.55 19.80 72.85
N CYS X 38 -21.59 20.41 73.54
CA CYS X 38 -21.93 21.32 74.62
C CYS X 38 -22.66 22.54 74.08
N ILE X 39 -22.26 23.06 72.92
CA ILE X 39 -22.96 24.21 72.35
C ILE X 39 -24.42 23.87 72.06
N LEU X 40 -24.65 22.71 71.44
CA LEU X 40 -26.03 22.32 71.12
C LEU X 40 -26.85 22.07 72.38
N LEU X 41 -26.27 21.35 73.34
CA LEU X 41 -27.04 21.04 74.54
C LEU X 41 -27.23 22.26 75.42
N ASP X 42 -26.28 23.20 75.42
CA ASP X 42 -26.50 24.48 76.10
C ASP X 42 -27.67 25.21 75.48
N ALA X 43 -27.78 25.18 74.15
CA ALA X 43 -28.90 25.86 73.52
C ALA X 43 -30.21 25.18 73.88
N LEU X 44 -30.23 23.84 73.83
CA LEU X 44 -31.42 23.10 74.22
C LEU X 44 -31.84 23.42 75.65
N LEU X 45 -30.89 23.37 76.60
CA LEU X 45 -31.28 23.55 78.00
C LEU X 45 -31.49 25.01 78.37
N THR X 46 -31.02 25.95 77.54
CA THR X 46 -31.45 27.34 77.72
C THR X 46 -32.90 27.48 77.30
N LEU X 47 -33.28 26.81 76.22
CA LEU X 47 -34.65 26.94 75.73
C LEU X 47 -35.59 25.92 76.36
N ASN X 48 -35.07 24.75 76.76
CA ASN X 48 -35.86 23.69 77.40
C ASN X 48 -35.09 23.21 78.62
N PRO X 49 -35.14 23.94 79.73
CA PRO X 49 -34.33 23.57 80.91
C PRO X 49 -34.70 22.23 81.53
N GLU X 50 -35.92 21.72 81.32
CA GLU X 50 -36.34 20.47 81.96
C GLU X 50 -36.11 19.25 81.08
N HIS X 51 -35.45 19.38 79.93
CA HIS X 51 -35.15 18.25 79.08
C HIS X 51 -34.10 17.38 79.75
N LEU X 52 -34.53 16.30 80.43
CA LEU X 52 -33.62 15.56 81.29
C LEU X 52 -32.52 14.86 80.50
N ALA X 53 -32.87 14.20 79.39
CA ALA X 53 -31.87 13.50 78.59
C ALA X 53 -30.80 14.46 78.07
N GLY X 54 -31.21 15.66 77.65
CA GLY X 54 -30.23 16.64 77.22
C GLY X 54 -29.30 17.07 78.35
N ARG X 55 -29.86 17.23 79.55
CA ARG X 55 -29.03 17.56 80.71
C ARG X 55 -28.00 16.47 80.97
N ARG X 56 -28.43 15.21 80.90
CA ARG X 56 -27.53 14.08 81.10
C ARG X 56 -26.42 14.08 80.05
N CYS X 57 -26.79 14.36 78.80
CA CYS X 57 -25.80 14.42 77.73
C CYS X 57 -24.82 15.56 77.96
N ARG X 58 -25.29 16.71 78.44
CA ARG X 58 -24.34 17.78 78.75
C ARG X 58 -23.43 17.37 79.88
N LEU X 59 -23.96 16.66 80.88
CA LEU X 59 -23.14 16.22 81.99
C LEU X 59 -21.99 15.33 81.52
N VAL X 60 -22.32 14.35 80.67
CA VAL X 60 -21.27 13.47 80.12
C VAL X 60 -20.31 14.24 79.20
N ALA X 61 -20.83 15.22 78.44
CA ALA X 61 -19.94 16.04 77.63
C ALA X 61 -18.98 16.85 78.50
N LEU X 62 -19.48 17.37 79.62
CA LEU X 62 -18.61 18.07 80.56
C LEU X 62 -17.58 17.11 81.14
N LEU X 63 -17.99 15.85 81.39
CA LEU X 63 -17.05 14.84 81.86
C LEU X 63 -15.97 14.54 80.82
N ASN X 64 -16.24 14.80 79.55
CA ASN X 64 -15.26 14.51 78.51
C ASN X 64 -14.45 15.73 78.13
N ASN X 65 -15.02 16.93 78.28
CA ASN X 65 -14.28 18.17 78.10
C ASN X 65 -13.58 18.51 79.42
N ASN X 66 -12.82 19.60 79.44
CA ASN X 66 -12.14 20.03 80.65
C ASN X 66 -12.97 21.13 81.34
N GLN X 67 -14.16 20.72 81.80
CA GLN X 67 -15.05 21.58 82.59
C GLN X 67 -15.57 20.80 83.80
N GLY X 68 -14.65 20.46 84.72
CA GLY X 68 -15.00 19.60 85.83
C GLY X 68 -15.97 20.24 86.82
N GLU X 69 -15.75 21.51 87.14
CA GLU X 69 -16.62 22.22 88.08
C GLU X 69 -18.04 22.36 87.54
N ARG X 70 -18.17 22.67 86.25
CA ARG X 70 -19.49 22.68 85.62
C ARG X 70 -20.13 21.31 85.70
N ALA X 71 -19.35 20.25 85.47
CA ALA X 71 -19.92 18.90 85.51
C ALA X 71 -20.40 18.59 86.92
N GLU X 72 -19.66 19.04 87.93
CA GLU X 72 -20.06 18.79 89.32
C GLU X 72 -21.38 19.50 89.63
N LYS X 73 -21.52 20.75 89.19
CA LYS X 73 -22.77 21.46 89.46
C LYS X 73 -23.95 20.81 88.72
N GLU X 74 -23.71 20.34 87.49
CA GLU X 74 -24.77 19.66 86.76
C GLU X 74 -25.16 18.35 87.44
N ALA X 75 -24.17 17.61 87.94
CA ALA X 75 -24.44 16.37 88.66
C ALA X 75 -25.23 16.64 89.93
N GLN X 76 -24.88 17.69 90.67
CA GLN X 76 -25.66 18.04 91.85
C GLN X 76 -27.09 18.43 91.48
N TRP X 77 -27.27 19.09 90.33
CA TRP X 77 -28.63 19.40 89.87
C TRP X 77 -29.42 18.11 89.63
N LEU X 78 -28.82 17.16 88.91
CA LEU X 78 -29.54 15.93 88.61
C LEU X 78 -29.79 15.12 89.87
N ILE X 79 -28.81 15.06 90.77
CA ILE X 79 -28.99 14.33 92.02
C ILE X 79 -30.17 14.91 92.79
N SER X 80 -30.27 16.24 92.83
CA SER X 80 -31.37 16.87 93.56
C SER X 80 -32.70 16.62 92.87
N HIS X 81 -32.72 16.62 91.54
CA HIS X 81 -33.97 16.54 90.79
C HIS X 81 -34.33 15.12 90.36
N ASP X 82 -33.51 14.13 90.67
CA ASP X 82 -33.85 12.77 90.24
C ASP X 82 -33.16 11.73 91.13
N PRO X 83 -33.92 10.99 91.93
CA PRO X 83 -33.33 9.93 92.75
C PRO X 83 -33.14 8.59 92.05
N LEU X 84 -33.74 8.41 90.87
CA LEU X 84 -33.65 7.13 90.14
C LEU X 84 -32.51 7.15 89.13
N GLN X 85 -31.31 7.49 89.58
CA GLN X 85 -30.19 7.69 88.65
C GLN X 85 -28.89 7.23 89.33
N ALA X 86 -28.42 6.04 88.93
CA ALA X 86 -27.07 5.64 89.30
C ALA X 86 -26.03 6.52 88.60
N GLY X 87 -26.26 6.84 87.33
CA GLY X 87 -25.27 7.56 86.53
C GLY X 87 -24.89 8.91 87.09
N ASN X 88 -25.81 9.56 87.82
CA ASN X 88 -25.48 10.85 88.43
C ASN X 88 -24.34 10.71 89.42
N TRP X 89 -24.29 9.60 90.16
CA TRP X 89 -23.22 9.49 91.15
C TRP X 89 -21.88 9.16 90.50
N LEU X 90 -21.87 8.40 89.40
CA LEU X 90 -20.63 8.21 88.65
C LEU X 90 -20.15 9.53 88.07
N CYS X 91 -21.08 10.34 87.56
CA CYS X 91 -20.73 11.65 87.04
C CYS X 91 -20.16 12.54 88.12
N LEU X 92 -20.77 12.51 89.31
CA LEU X 92 -20.25 13.30 90.42
C LEU X 92 -18.86 12.83 90.81
N SER X 93 -18.64 11.51 90.82
CA SER X 93 -17.33 10.99 91.17
C SER X 93 -16.28 11.44 90.18
N ARG X 94 -16.60 11.38 88.89
CA ARG X 94 -15.61 11.76 87.89
C ARG X 94 -15.33 13.26 87.93
N ALA X 95 -16.37 14.09 88.05
CA ALA X 95 -16.15 15.52 88.15
C ALA X 95 -15.35 15.89 89.39
N GLN X 96 -15.61 15.22 90.51
CA GLN X 96 -14.92 15.56 91.74
C GLN X 96 -13.47 15.07 91.73
N GLN X 97 -13.21 13.90 91.14
CA GLN X 97 -11.85 13.42 91.05
C GLN X 97 -11.04 14.22 90.03
N LEU X 98 -11.69 14.78 89.01
CA LEU X 98 -10.96 15.70 88.14
C LEU X 98 -10.63 17.00 88.88
N ASN X 99 -11.50 17.44 89.78
CA ASN X 99 -11.29 18.63 90.59
C ASN X 99 -10.38 18.39 91.80
N GLY X 100 -9.88 17.17 91.99
CA GLY X 100 -9.02 16.88 93.12
C GLY X 100 -9.73 16.49 94.40
N ASP X 101 -11.05 16.51 94.42
CA ASP X 101 -11.82 16.09 95.61
C ASP X 101 -12.05 14.59 95.57
N LEU X 102 -10.96 13.86 95.86
CA LEU X 102 -10.95 12.41 95.76
C LEU X 102 -11.90 11.76 96.79
N ASP X 103 -11.97 12.32 98.00
CA ASP X 103 -12.78 11.69 99.05
C ASP X 103 -14.27 11.74 98.73
N LYS X 104 -14.77 12.87 98.21
CA LYS X 104 -16.18 12.86 97.85
C LYS X 104 -16.42 12.00 96.62
N ALA X 105 -15.44 11.89 95.71
CA ALA X 105 -15.64 11.02 94.56
C ALA X 105 -15.68 9.57 94.98
N ARG X 106 -15.01 9.24 96.09
CA ARG X 106 -15.02 7.87 96.58
C ARG X 106 -16.32 7.59 97.31
N HIS X 107 -16.83 8.59 98.03
CA HIS X 107 -18.13 8.45 98.66
C HIS X 107 -19.23 8.29 97.62
N ALA X 108 -19.17 9.07 96.53
CA ALA X 108 -20.15 8.91 95.46
C ALA X 108 -20.06 7.54 94.80
N TYR X 109 -18.84 7.05 94.58
CA TYR X 109 -18.73 5.72 93.96
C TYR X 109 -19.24 4.65 94.92
N GLN X 110 -19.04 4.86 96.22
CA GLN X 110 -19.58 3.94 97.21
C GLN X 110 -21.10 3.97 97.21
N HIS X 111 -21.69 5.16 97.03
CA HIS X 111 -23.14 5.26 96.88
C HIS X 111 -23.62 4.51 95.65
N TYR X 112 -22.87 4.60 94.55
CA TYR X 112 -23.23 3.83 93.36
C TYR X 112 -23.25 2.34 93.68
N LEU X 113 -22.23 1.87 94.40
CA LEU X 113 -22.18 0.46 94.76
C LEU X 113 -23.32 0.11 95.71
N GLU X 114 -23.68 1.07 96.57
CA GLU X 114 -24.73 0.92 97.57
C GLU X 114 -26.10 0.84 96.91
N LEU X 115 -26.23 1.39 95.70
CA LEU X 115 -27.52 1.49 95.03
C LEU X 115 -27.65 0.48 93.89
N LYS X 116 -26.55 -0.09 93.43
CA LYS X 116 -26.52 -0.94 92.24
C LYS X 116 -27.16 -2.32 92.52
N ASP X 117 -27.71 -2.49 93.73
CA ASP X 117 -28.49 -3.67 94.08
C ASP X 117 -29.94 -3.59 93.63
N HIS X 118 -30.46 -2.41 93.26
CA HIS X 118 -31.86 -2.41 92.88
C HIS X 118 -32.10 -3.05 91.51
N ASN X 119 -31.03 -3.51 90.84
CA ASN X 119 -31.17 -4.24 89.58
C ASN X 119 -31.31 -5.74 89.78
N GLU X 120 -30.99 -6.24 90.98
CA GLU X 120 -31.03 -7.66 91.36
C GLU X 120 -31.08 -8.67 90.22
N THR Y 23 -75.55 -12.05 12.07
CA THR Y 23 -76.26 -11.00 12.81
C THR Y 23 -77.55 -11.54 13.43
N ALA Y 24 -78.53 -11.82 12.58
CA ALA Y 24 -79.80 -12.36 13.04
C ALA Y 24 -80.43 -13.19 11.92
N GLN Y 25 -81.33 -14.08 12.31
CA GLN Y 25 -82.13 -14.80 11.33
C GLN Y 25 -83.02 -13.85 10.56
N SER Y 26 -83.62 -12.85 11.25
CA SER Y 26 -84.43 -11.86 10.56
C SER Y 26 -83.61 -11.06 9.56
N LYS Y 27 -82.37 -10.71 9.94
CA LYS Y 27 -81.49 -9.98 9.03
C LYS Y 27 -81.14 -10.85 7.83
N ARG Y 28 -80.91 -12.14 8.07
CA ARG Y 28 -80.67 -13.07 6.98
C ARG Y 28 -81.89 -13.19 6.06
N SER Y 29 -83.09 -13.18 6.64
CA SER Y 29 -84.31 -13.18 5.83
C SER Y 29 -84.43 -11.90 5.00
N LEU Y 30 -84.00 -10.77 5.55
CA LEU Y 30 -83.96 -9.54 4.77
C LEU Y 30 -83.01 -9.68 3.58
N TRP Y 31 -81.83 -10.21 3.83
CA TRP Y 31 -80.87 -10.40 2.74
C TRP Y 31 -81.36 -11.44 1.73
N ASP Y 32 -82.06 -12.47 2.19
CA ASP Y 32 -82.62 -13.45 1.27
C ASP Y 32 -83.70 -12.82 0.41
N PHE Y 33 -84.46 -11.86 0.98
CA PHE Y 33 -85.45 -11.17 0.16
C PHE Y 33 -84.74 -10.30 -0.87
N ALA Y 34 -83.65 -9.65 -0.46
CA ALA Y 34 -82.92 -8.81 -1.40
C ALA Y 34 -82.18 -9.65 -2.42
N SER Y 35 -81.86 -10.89 -2.06
CA SER Y 35 -81.05 -11.75 -2.93
C SER Y 35 -81.79 -12.04 -4.23
N PRO Y 36 -81.14 -11.89 -5.39
CA PRO Y 36 -81.76 -12.34 -6.63
C PRO Y 36 -82.00 -13.84 -6.68
N GLY Y 37 -81.25 -14.62 -5.89
CA GLY Y 37 -81.43 -16.06 -5.85
C GLY Y 37 -80.80 -16.82 -6.99
N TYR Y 38 -80.01 -16.17 -7.84
CA TYR Y 38 -79.42 -16.82 -9.00
C TYR Y 38 -77.93 -17.05 -8.82
N GLY Y 42 -73.82 -17.63 -16.22
CA GLY Y 42 -72.42 -17.99 -16.07
C GLY Y 42 -71.59 -16.93 -15.37
N LEU Y 43 -70.56 -17.36 -14.66
CA LEU Y 43 -69.66 -16.48 -13.93
C LEU Y 43 -68.28 -16.48 -14.59
N HIS Y 44 -67.35 -15.75 -13.98
CA HIS Y 44 -66.02 -15.52 -14.54
C HIS Y 44 -66.14 -14.96 -15.96
N ARG Y 45 -67.02 -13.97 -16.12
CA ARG Y 45 -67.20 -13.35 -17.43
C ARG Y 45 -65.91 -12.67 -17.89
N ALA Y 46 -65.25 -11.95 -16.99
CA ALA Y 46 -63.95 -11.32 -17.26
C ALA Y 46 -64.01 -10.45 -18.50
N GLN Y 47 -63.59 -11.01 -19.64
CA GLN Y 47 -63.69 -10.28 -20.91
C GLN Y 47 -65.15 -9.99 -21.25
N ASP Y 48 -66.04 -10.97 -21.06
CA ASP Y 48 -67.46 -10.73 -21.26
C ASP Y 48 -67.97 -9.64 -20.32
N TYR Y 49 -67.40 -9.55 -19.12
CA TYR Y 49 -67.82 -8.53 -18.18
C TYR Y 49 -67.48 -7.14 -18.71
N ARG Y 50 -66.21 -6.95 -19.11
CA ARG Y 50 -65.79 -5.65 -19.65
C ARG Y 50 -66.53 -5.32 -20.93
N ARG Y 51 -66.89 -6.33 -21.74
CA ARG Y 51 -67.62 -6.06 -22.97
C ARG Y 51 -69.03 -5.59 -22.68
N GLU Y 52 -69.73 -6.27 -21.77
CA GLU Y 52 -71.09 -5.86 -21.43
C GLU Y 52 -71.06 -4.50 -20.74
N LEU Y 53 -70.05 -4.27 -19.90
CA LEU Y 53 -69.88 -2.99 -19.24
C LEU Y 53 -69.73 -1.87 -20.25
N ASP Y 54 -68.85 -2.05 -21.25
CA ASP Y 54 -68.62 -1.01 -22.24
C ASP Y 54 -69.87 -0.76 -23.07
N THR Y 55 -70.61 -1.83 -23.43
CA THR Y 55 -71.84 -1.61 -24.19
C THR Y 55 -72.86 -0.87 -23.36
N LEU Y 56 -72.99 -1.21 -22.07
CA LEU Y 56 -74.03 -0.57 -21.27
C LEU Y 56 -73.66 0.89 -21.03
N GLN Y 57 -72.37 1.17 -20.84
CA GLN Y 57 -71.92 2.52 -20.56
C GLN Y 57 -72.13 3.40 -21.78
N SER Y 58 -71.93 2.84 -22.98
CA SER Y 58 -72.16 3.63 -24.18
C SER Y 58 -73.65 3.75 -24.49
N LEU Y 59 -74.46 2.77 -24.09
CA LEU Y 59 -75.90 2.91 -24.25
C LEU Y 59 -76.43 4.03 -23.36
N LEU Y 60 -76.08 3.97 -22.07
CA LEU Y 60 -76.56 4.99 -21.12
C LEU Y 60 -75.94 6.35 -21.36
N THR Y 61 -74.81 6.43 -22.07
CA THR Y 61 -74.24 7.76 -22.33
C THR Y 61 -75.15 8.58 -23.23
N THR Y 62 -75.84 7.93 -24.16
CA THR Y 62 -76.76 8.62 -25.07
C THR Y 62 -77.98 9.17 -24.35
N SER Y 63 -78.32 8.63 -23.18
CA SER Y 63 -79.56 8.97 -22.51
C SER Y 63 -79.53 10.38 -21.92
N GLN Y 64 -80.73 10.92 -21.71
CA GLN Y 64 -80.89 12.24 -21.11
C GLN Y 64 -81.36 12.19 -19.66
N SER Y 65 -81.70 11.02 -19.16
CA SER Y 65 -82.18 10.91 -17.78
C SER Y 65 -81.04 11.13 -16.79
N SER Y 66 -81.34 11.83 -15.70
CA SER Y 66 -80.34 12.04 -14.66
C SER Y 66 -79.94 10.73 -13.99
N GLU Y 67 -80.91 9.86 -13.73
CA GLU Y 67 -80.61 8.56 -13.13
C GLU Y 67 -79.73 7.72 -14.06
N LEU Y 68 -80.06 7.70 -15.35
CA LEU Y 68 -79.22 6.99 -16.31
C LEU Y 68 -77.85 7.65 -16.45
N GLN Y 69 -77.77 8.97 -16.27
CA GLN Y 69 -76.47 9.63 -16.30
C GLN Y 69 -75.60 9.23 -15.12
N ALA Y 70 -76.18 9.17 -13.93
CA ALA Y 70 -75.44 8.71 -12.76
C ALA Y 70 -75.02 7.25 -12.92
N ALA Y 71 -75.89 6.42 -13.48
CA ALA Y 71 -75.53 5.02 -13.72
C ALA Y 71 -74.37 4.92 -14.70
N ALA Y 72 -74.41 5.71 -15.78
CA ALA Y 72 -73.34 5.69 -16.76
C ALA Y 72 -72.02 6.15 -16.14
N ALA Y 73 -72.06 7.19 -15.30
CA ALA Y 73 -70.83 7.66 -14.67
C ALA Y 73 -70.26 6.62 -13.71
N LEU Y 74 -71.14 5.92 -12.98
CA LEU Y 74 -70.68 4.84 -12.12
C LEU Y 74 -70.03 3.72 -12.93
N LEU Y 75 -70.62 3.40 -14.08
CA LEU Y 75 -70.05 2.37 -14.94
C LEU Y 75 -68.71 2.81 -15.50
N LYS Y 76 -68.58 4.08 -15.88
CA LYS Y 76 -67.29 4.57 -16.38
C LYS Y 76 -66.24 4.48 -15.28
N CYS Y 77 -66.64 4.77 -14.04
CA CYS Y 77 -65.74 4.69 -12.91
C CYS Y 77 -65.21 3.28 -12.76
N GLN Y 78 -66.10 2.30 -12.78
CA GLN Y 78 -65.68 0.91 -12.61
C GLN Y 78 -64.88 0.44 -13.83
N GLN Y 79 -65.21 0.93 -15.03
CA GLN Y 79 -64.49 0.58 -16.25
C GLN Y 79 -63.03 1.02 -16.17
N ASP Y 80 -62.76 2.10 -15.45
CA ASP Y 80 -61.39 2.55 -15.40
C ASP Y 80 -60.67 2.05 -14.16
N ASP Y 81 -61.40 1.80 -13.08
CA ASP Y 81 -60.75 1.11 -11.97
C ASP Y 81 -60.33 -0.30 -12.40
N ASP Y 82 -61.15 -0.94 -13.25
CA ASP Y 82 -60.75 -2.24 -13.80
C ASP Y 82 -59.59 -2.10 -14.76
N ARG Y 83 -59.55 -1.00 -15.53
CA ARG Y 83 -58.38 -0.83 -16.39
C ARG Y 83 -57.10 -0.65 -15.58
N LEU Y 84 -57.22 0.00 -14.42
CA LEU Y 84 -56.04 0.15 -13.56
C LEU Y 84 -55.64 -1.17 -12.93
N LEU Y 85 -56.61 -2.02 -12.56
CA LEU Y 85 -56.17 -3.26 -11.93
C LEU Y 85 -55.60 -4.21 -12.98
N GLN Y 86 -56.10 -4.15 -14.21
CA GLN Y 86 -55.50 -4.94 -15.27
C GLN Y 86 -54.07 -4.48 -15.55
N ILE Y 87 -53.82 -3.17 -15.45
CA ILE Y 87 -52.47 -2.66 -15.62
C ILE Y 87 -51.56 -3.13 -14.49
N ILE Y 88 -52.08 -3.20 -13.26
CA ILE Y 88 -51.24 -3.68 -12.16
C ILE Y 88 -50.88 -5.14 -12.36
N LEU Y 89 -51.85 -5.96 -12.80
CA LEU Y 89 -51.54 -7.36 -13.05
C LEU Y 89 -50.50 -7.50 -14.17
N ASN Y 90 -50.61 -6.65 -15.20
CA ASN Y 90 -49.63 -6.63 -16.29
C ASN Y 90 -48.25 -6.21 -15.79
N LEU Y 91 -48.21 -5.26 -14.87
CA LEU Y 91 -46.96 -4.79 -14.26
C LEU Y 91 -46.28 -5.81 -13.38
N LEU Y 92 -46.99 -6.69 -12.66
CA LEU Y 92 -46.24 -7.65 -11.84
C LEU Y 92 -45.72 -8.91 -12.54
N HIS Y 93 -46.58 -9.88 -12.89
CA HIS Y 93 -46.13 -11.13 -13.51
C HIS Y 93 -45.06 -11.80 -12.62
N LYS Y 94 -45.54 -12.29 -11.48
CA LYS Y 94 -44.66 -12.90 -10.47
C LYS Y 94 -43.64 -13.88 -11.07
N VAL Y 95 -44.04 -14.66 -12.09
CA VAL Y 95 -43.16 -15.64 -12.74
C VAL Y 95 -42.70 -16.66 -11.70
N ILE Z 11 -84.95 4.73 -29.00
CA ILE Z 11 -85.48 4.10 -27.79
C ILE Z 11 -84.37 3.35 -27.07
N THR Z 12 -84.73 2.59 -26.04
CA THR Z 12 -83.80 1.80 -25.26
C THR Z 12 -84.31 0.37 -25.14
N LEU Z 13 -83.41 -0.60 -25.30
CA LEU Z 13 -83.75 -2.01 -25.19
C LEU Z 13 -82.63 -2.75 -24.47
N THR Z 14 -82.99 -3.61 -23.53
CA THR Z 14 -82.02 -4.34 -22.72
C THR Z 14 -82.44 -5.80 -22.63
N LYS Z 15 -81.50 -6.70 -22.95
CA LYS Z 15 -81.70 -8.14 -22.78
C LYS Z 15 -80.39 -8.75 -22.30
N ARG Z 16 -80.46 -9.44 -21.16
CA ARG Z 16 -79.30 -10.00 -20.45
C ARG Z 16 -78.43 -8.89 -19.86
N GLN Z 17 -78.77 -7.64 -20.16
CA GLN Z 17 -78.12 -6.48 -19.58
C GLN Z 17 -78.77 -6.13 -18.25
N GLN Z 18 -80.09 -6.28 -18.17
CA GLN Z 18 -80.81 -6.10 -16.91
C GLN Z 18 -80.21 -6.99 -15.83
N GLU Z 19 -79.67 -8.15 -16.22
CA GLU Z 19 -79.03 -9.02 -15.25
C GLU Z 19 -77.72 -8.43 -14.76
N PHE Z 20 -76.97 -7.79 -15.66
CA PHE Z 20 -75.76 -7.08 -15.26
C PHE Z 20 -76.08 -5.99 -14.25
N LEU Z 21 -77.12 -5.19 -14.54
CA LEU Z 21 -77.51 -4.13 -13.63
C LEU Z 21 -77.95 -4.69 -12.29
N LEU Z 22 -78.74 -5.77 -12.31
CA LEU Z 22 -79.20 -6.39 -11.08
C LEU Z 22 -78.03 -6.89 -10.24
N LEU Z 23 -77.08 -7.58 -10.87
CA LEU Z 23 -75.94 -8.12 -10.12
C LEU Z 23 -75.08 -7.00 -9.55
N ASN Z 24 -74.82 -5.95 -10.35
CA ASN Z 24 -74.02 -4.85 -9.84
C ASN Z 24 -74.73 -4.15 -8.68
N GLY Z 25 -76.04 -3.93 -8.80
CA GLY Z 25 -76.78 -3.33 -7.70
C GLY Z 25 -76.75 -4.20 -6.44
N TRP Z 26 -76.92 -5.51 -6.62
CA TRP Z 26 -76.90 -6.41 -5.47
C TRP Z 26 -75.55 -6.39 -4.76
N LEU Z 27 -74.46 -6.41 -5.54
CA LEU Z 27 -73.14 -6.38 -4.93
C LEU Z 27 -72.87 -5.05 -4.25
N GLN Z 28 -73.27 -3.93 -4.88
CA GLN Z 28 -73.06 -2.63 -4.25
C GLN Z 28 -73.86 -2.51 -2.96
N LEU Z 29 -75.10 -3.01 -2.94
CA LEU Z 29 -75.87 -3.02 -1.71
C LEU Z 29 -75.23 -3.92 -0.66
N GLN Z 30 -74.71 -5.08 -1.08
CA GLN Z 30 -74.08 -5.98 -0.14
C GLN Z 30 -72.76 -5.43 0.39
N CYS Z 31 -72.21 -4.41 -0.25
CA CYS Z 31 -70.98 -3.81 0.27
C CYS Z 31 -71.18 -2.34 0.65
N GLY Z 32 -72.21 -2.07 1.44
CA GLY Z 32 -72.42 -0.75 2.04
C GLY Z 32 -72.68 0.43 1.13
N HIS Z 33 -72.34 0.33 -0.16
CA HIS Z 33 -72.55 1.43 -1.10
C HIS Z 33 -74.01 1.61 -1.52
N ALA Z 34 -74.91 1.59 -0.54
CA ALA Z 34 -76.35 1.77 -0.73
C ALA Z 34 -76.72 2.73 -1.87
N GLU Z 35 -76.03 3.86 -1.98
CA GLU Z 35 -76.36 4.85 -3.00
C GLU Z 35 -76.09 4.33 -4.41
N ARG Z 36 -74.96 3.64 -4.61
CA ARG Z 36 -74.66 3.11 -5.93
C ARG Z 36 -75.66 2.04 -6.32
N ALA Z 37 -76.03 1.17 -5.39
CA ALA Z 37 -77.06 0.18 -5.67
C ALA Z 37 -78.38 0.87 -6.00
N CYS Z 38 -78.70 1.94 -5.27
CA CYS Z 38 -79.95 2.66 -5.50
C CYS Z 38 -79.98 3.26 -6.89
N ILE Z 39 -78.88 3.90 -7.31
CA ILE Z 39 -78.87 4.52 -8.64
C ILE Z 39 -78.92 3.46 -9.74
N LEU Z 40 -78.19 2.36 -9.57
CA LEU Z 40 -78.22 1.30 -10.59
C LEU Z 40 -79.62 0.71 -10.72
N LEU Z 41 -80.28 0.42 -9.60
CA LEU Z 41 -81.59 -0.19 -9.67
C LEU Z 41 -82.64 0.81 -10.14
N ASP Z 42 -82.46 2.10 -9.82
CA ASP Z 42 -83.34 3.12 -10.35
C ASP Z 42 -83.21 3.22 -11.86
N ALA Z 43 -81.99 3.14 -12.39
CA ALA Z 43 -81.79 3.11 -13.84
C ALA Z 43 -82.45 1.88 -14.46
N LEU Z 44 -82.29 0.72 -13.81
CA LEU Z 44 -82.91 -0.51 -14.31
C LEU Z 44 -84.42 -0.37 -14.38
N LEU Z 45 -85.03 0.20 -13.33
CA LEU Z 45 -86.47 0.37 -13.31
C LEU Z 45 -86.92 1.44 -14.29
N THR Z 46 -86.12 2.50 -14.48
CA THR Z 46 -86.45 3.53 -15.44
C THR Z 46 -86.47 2.98 -16.86
N LEU Z 47 -85.62 1.99 -17.14
CA LEU Z 47 -85.69 1.34 -18.46
C LEU Z 47 -86.86 0.35 -18.50
N ASN Z 48 -86.73 -0.76 -17.78
CA ASN Z 48 -87.80 -1.74 -17.64
C ASN Z 48 -88.40 -1.67 -16.24
N PRO Z 49 -89.57 -1.05 -16.05
CA PRO Z 49 -90.16 -0.97 -14.71
C PRO Z 49 -90.88 -2.23 -14.27
N GLU Z 50 -91.02 -3.25 -15.11
CA GLU Z 50 -91.75 -4.45 -14.76
C GLU Z 50 -90.88 -5.53 -14.12
N HIS Z 51 -89.59 -5.26 -13.91
CA HIS Z 51 -88.69 -6.21 -13.28
C HIS Z 51 -88.71 -5.97 -11.78
N LEU Z 52 -89.30 -6.90 -11.03
CA LEU Z 52 -89.48 -6.72 -9.60
C LEU Z 52 -88.28 -7.16 -8.77
N ALA Z 53 -87.30 -7.86 -9.36
CA ALA Z 53 -86.10 -8.19 -8.62
C ALA Z 53 -85.31 -6.93 -8.26
N GLY Z 54 -85.18 -6.00 -9.21
CA GLY Z 54 -84.55 -4.73 -8.90
C GLY Z 54 -85.30 -3.97 -7.82
N ARG Z 55 -86.63 -4.03 -7.85
CA ARG Z 55 -87.42 -3.38 -6.83
C ARG Z 55 -87.18 -4.01 -5.46
N ARG Z 56 -87.11 -5.34 -5.39
CA ARG Z 56 -86.89 -5.98 -4.09
C ARG Z 56 -85.50 -5.71 -3.56
N CYS Z 57 -84.50 -5.59 -4.45
CA CYS Z 57 -83.16 -5.21 -3.99
CA CYS Z 57 -83.16 -5.21 -3.99
C CYS Z 57 -83.13 -3.76 -3.51
N ARG Z 58 -83.72 -2.85 -4.29
CA ARG Z 58 -83.70 -1.45 -3.91
C ARG Z 58 -84.57 -1.17 -2.69
N LEU Z 59 -85.53 -2.03 -2.37
CA LEU Z 59 -86.27 -1.85 -1.13
C LEU Z 59 -85.31 -1.92 0.07
N VAL Z 60 -84.48 -2.97 0.10
CA VAL Z 60 -83.48 -3.08 1.16
C VAL Z 60 -82.44 -1.96 1.04
N ALA Z 61 -82.11 -1.56 -0.19
CA ALA Z 61 -81.17 -0.46 -0.37
C ALA Z 61 -81.70 0.83 0.25
N LEU Z 62 -82.97 1.15 0.02
CA LEU Z 62 -83.58 2.32 0.62
C LEU Z 62 -83.69 2.18 2.13
N LEU Z 63 -83.95 0.96 2.61
CA LEU Z 63 -83.98 0.73 4.06
C LEU Z 63 -82.62 1.04 4.69
N ASN Z 64 -81.54 0.59 4.06
CA ASN Z 64 -80.20 0.85 4.58
C ASN Z 64 -79.74 2.28 4.32
N ASN Z 65 -80.37 2.99 3.38
CA ASN Z 65 -80.02 4.36 3.07
C ASN Z 65 -80.74 5.37 3.96
N ASN Z 66 -81.71 4.94 4.76
CA ASN Z 66 -82.52 5.81 5.62
C ASN Z 66 -83.36 6.78 4.78
N GLN Z 67 -84.24 6.19 3.97
CA GLN Z 67 -85.26 6.89 3.19
C GLN Z 67 -86.60 6.19 3.33
N GLY Z 68 -87.00 5.96 4.58
CA GLY Z 68 -88.07 5.03 4.89
C GLY Z 68 -89.40 5.33 4.20
N GLU Z 69 -89.65 6.59 3.83
CA GLU Z 69 -90.88 6.92 3.13
C GLU Z 69 -90.91 6.28 1.73
N ARG Z 70 -89.81 6.42 0.99
CA ARG Z 70 -89.71 5.76 -0.30
C ARG Z 70 -89.81 4.24 -0.14
N ALA Z 71 -89.22 3.71 0.93
CA ALA Z 71 -89.32 2.27 1.18
C ALA Z 71 -90.76 1.86 1.42
N GLU Z 72 -91.52 2.66 2.16
CA GLU Z 72 -92.94 2.36 2.38
C GLU Z 72 -93.70 2.37 1.06
N LYS Z 73 -93.44 3.36 0.22
CA LYS Z 73 -94.13 3.44 -1.07
C LYS Z 73 -93.80 2.25 -1.96
N GLU Z 74 -92.52 1.86 -2.01
CA GLU Z 74 -92.13 0.72 -2.83
C GLU Z 74 -92.70 -0.58 -2.29
N ALA Z 75 -92.71 -0.75 -0.96
CA ALA Z 75 -93.29 -1.94 -0.37
C ALA Z 75 -94.78 -2.00 -0.63
N GLN Z 76 -95.45 -0.85 -0.62
CA GLN Z 76 -96.87 -0.82 -0.98
C GLN Z 76 -97.07 -1.21 -2.43
N TRP Z 77 -96.19 -0.74 -3.33
CA TRP Z 77 -96.31 -1.14 -4.73
C TRP Z 77 -96.19 -2.66 -4.88
N LEU Z 78 -95.16 -3.24 -4.25
CA LEU Z 78 -94.98 -4.69 -4.34
C LEU Z 78 -96.13 -5.44 -3.68
N ILE Z 79 -96.69 -4.89 -2.60
CA ILE Z 79 -97.81 -5.53 -1.93
C ILE Z 79 -99.04 -5.50 -2.83
N SER Z 80 -99.22 -4.42 -3.59
CA SER Z 80 -100.35 -4.28 -4.50
C SER Z 80 -100.12 -4.94 -5.84
N HIS Z 81 -98.91 -5.47 -6.09
CA HIS Z 81 -98.64 -6.15 -7.35
C HIS Z 81 -98.13 -7.56 -7.19
N ASP Z 82 -97.27 -7.82 -6.19
CA ASP Z 82 -96.77 -9.17 -5.90
C ASP Z 82 -96.91 -9.45 -4.41
N PRO Z 83 -98.13 -9.70 -3.94
CA PRO Z 83 -98.33 -10.07 -2.54
C PRO Z 83 -98.03 -11.52 -2.21
N LEU Z 84 -97.45 -12.27 -3.15
CA LEU Z 84 -97.13 -13.68 -2.89
C LEU Z 84 -95.94 -13.85 -1.97
N GLN Z 85 -95.06 -12.86 -1.88
CA GLN Z 85 -93.86 -12.95 -1.07
C GLN Z 85 -94.11 -12.34 0.30
N ALA Z 86 -93.90 -13.14 1.35
CA ALA Z 86 -93.98 -12.62 2.71
C ALA Z 86 -92.89 -11.60 2.99
N GLY Z 87 -91.79 -11.65 2.24
CA GLY Z 87 -90.73 -10.68 2.41
C GLY Z 87 -91.20 -9.25 2.22
N ASN Z 88 -92.25 -9.06 1.42
CA ASN Z 88 -92.83 -7.74 1.23
C ASN Z 88 -93.27 -7.11 2.54
N TRP Z 89 -93.35 -7.88 3.63
CA TRP Z 89 -93.75 -7.33 4.92
C TRP Z 89 -92.58 -7.06 5.85
N LEU Z 90 -91.35 -7.49 5.50
CA LEU Z 90 -90.22 -7.08 6.32
C LEU Z 90 -89.82 -5.63 6.02
N CYS Z 91 -89.71 -5.29 4.73
CA CYS Z 91 -89.30 -3.94 4.36
C CYS Z 91 -90.27 -2.92 4.92
N LEU Z 92 -91.56 -3.15 4.73
CA LEU Z 92 -92.57 -2.27 5.30
C LEU Z 92 -92.35 -2.16 6.81
N SER Z 93 -92.16 -3.30 7.48
CA SER Z 93 -91.94 -3.28 8.92
C SER Z 93 -90.77 -2.38 9.25
N ARG Z 94 -89.66 -2.55 8.54
CA ARG Z 94 -88.50 -1.70 8.76
C ARG Z 94 -88.82 -0.25 8.40
N ALA Z 95 -89.45 -0.04 7.25
CA ALA Z 95 -89.63 1.32 6.76
C ALA Z 95 -90.45 2.15 7.74
N GLN Z 96 -91.58 1.64 8.18
CA GLN Z 96 -92.38 2.43 9.12
C GLN Z 96 -91.69 2.53 10.46
N GLN Z 97 -90.94 1.50 10.88
CA GLN Z 97 -90.24 1.66 12.14
C GLN Z 97 -89.10 2.65 11.99
N LEU Z 98 -88.61 2.84 10.76
CA LEU Z 98 -87.67 3.92 10.50
C LEU Z 98 -88.39 5.26 10.47
N ASN Z 99 -89.67 5.26 10.09
CA ASN Z 99 -90.40 6.51 10.00
C ASN Z 99 -91.00 6.92 11.35
N GLY Z 100 -91.36 5.96 12.19
CA GLY Z 100 -91.85 6.27 13.53
C GLY Z 100 -93.12 5.57 13.97
N ASP Z 101 -93.78 4.87 13.04
CA ASP Z 101 -95.05 4.19 13.34
C ASP Z 101 -94.74 2.82 13.93
N LEU Z 102 -94.49 2.82 15.24
CA LEU Z 102 -94.08 1.58 15.91
C LEU Z 102 -95.18 0.54 15.90
N ASP Z 103 -96.44 0.95 16.15
CA ASP Z 103 -97.53 0.01 16.20
C ASP Z 103 -97.78 -0.64 14.84
N LYS Z 104 -97.75 0.15 13.77
CA LYS Z 104 -97.90 -0.41 12.44
C LYS Z 104 -96.73 -1.33 12.08
N ALA Z 105 -95.53 -1.01 12.57
CA ALA Z 105 -94.40 -1.91 12.38
C ALA Z 105 -94.62 -3.23 13.10
N ARG Z 106 -95.18 -3.19 14.30
CA ARG Z 106 -95.51 -4.42 15.02
C ARG Z 106 -96.54 -5.23 14.26
N HIS Z 107 -97.55 -4.56 13.68
CA HIS Z 107 -98.55 -5.27 12.89
C HIS Z 107 -97.93 -5.93 11.67
N ALA Z 108 -97.03 -5.22 10.98
CA ALA Z 108 -96.37 -5.81 9.82
C ALA Z 108 -95.49 -6.99 10.23
N TYR Z 109 -94.81 -6.88 11.37
CA TYR Z 109 -94.00 -7.99 11.86
C TYR Z 109 -94.87 -9.20 12.18
N GLN Z 110 -96.05 -8.96 12.76
CA GLN Z 110 -96.97 -10.06 13.00
C GLN Z 110 -97.44 -10.68 11.69
N HIS Z 111 -97.65 -9.85 10.67
CA HIS Z 111 -97.99 -10.39 9.35
C HIS Z 111 -96.89 -11.28 8.81
N TYR Z 112 -95.63 -10.84 8.95
CA TYR Z 112 -94.51 -11.67 8.49
C TYR Z 112 -94.43 -12.99 9.25
N LEU Z 113 -94.59 -12.94 10.58
CA LEU Z 113 -94.51 -14.16 11.37
C LEU Z 113 -95.63 -15.14 11.01
N GLU Z 114 -96.85 -14.62 10.85
CA GLU Z 114 -97.99 -15.46 10.47
C GLU Z 114 -97.86 -16.03 9.07
N LEU Z 115 -97.32 -15.25 8.13
CA LEU Z 115 -97.19 -15.73 6.75
C LEU Z 115 -96.10 -16.77 6.57
N LYS Z 116 -95.10 -16.82 7.45
CA LYS Z 116 -94.01 -17.78 7.29
C LYS Z 116 -94.51 -19.16 7.73
N ASP Z 117 -95.13 -19.86 6.77
CA ASP Z 117 -95.58 -21.24 6.95
C ASP Z 117 -95.29 -21.96 5.63
N HIS Z 118 -94.09 -22.54 5.53
CA HIS Z 118 -93.67 -23.26 4.33
C HIS Z 118 -92.94 -24.55 4.69
N HIS AA 16 66.66 24.97 -19.34
CA HIS AA 16 65.32 24.41 -19.51
C HIS AA 16 65.15 23.17 -18.64
N LEU AA 17 65.82 22.08 -19.01
CA LEU AA 17 65.75 20.82 -18.27
C LEU AA 17 66.73 20.85 -17.10
N GLU AA 18 66.58 21.87 -16.25
CA GLU AA 18 67.44 22.15 -15.10
C GLU AA 18 68.92 21.88 -15.40
N ARG AA 19 69.37 22.31 -16.58
CA ARG AA 19 70.74 22.07 -17.02
C ARG AA 19 71.70 23.09 -16.40
N LEU AA 20 71.70 23.11 -15.06
CA LEU AA 20 72.62 23.94 -14.30
C LEU AA 20 73.64 23.15 -13.51
N TYR AA 21 73.45 21.83 -13.37
CA TYR AA 21 74.37 20.99 -12.63
C TYR AA 21 75.23 20.19 -13.62
N PRO AA 22 76.55 20.33 -13.58
CA PRO AA 22 77.38 19.52 -14.49
C PRO AA 22 77.29 18.02 -14.22
N THR AA 23 76.75 17.62 -13.07
CA THR AA 23 76.50 16.22 -12.73
C THR AA 23 77.79 15.39 -12.71
N ALA AA 24 78.75 15.86 -11.91
CA ALA AA 24 79.90 15.06 -11.51
C ALA AA 24 80.71 14.59 -12.73
N GLN AA 25 81.37 15.56 -13.36
CA GLN AA 25 82.15 15.35 -14.58
C GLN AA 25 82.91 14.03 -14.60
N SER AA 26 83.52 13.63 -13.48
CA SER AA 26 84.21 12.34 -13.46
C SER AA 26 83.23 11.20 -13.69
N LYS AA 27 82.04 11.28 -13.08
CA LYS AA 27 81.02 10.26 -13.29
C LYS AA 27 80.53 10.28 -14.73
N ARG AA 28 80.38 11.46 -15.32
CA ARG AA 28 80.01 11.53 -16.73
C ARG AA 28 81.07 10.92 -17.64
N SER AA 29 82.36 11.13 -17.33
CA SER AA 29 83.40 10.47 -18.11
C SER AA 29 83.37 8.96 -17.93
N LEU AA 30 83.07 8.48 -16.72
CA LEU AA 30 82.88 7.05 -16.50
C LEU AA 30 81.73 6.50 -17.33
N TRP AA 31 80.58 7.17 -17.29
CA TRP AA 31 79.41 6.69 -18.02
C TRP AA 31 79.62 6.77 -19.52
N ASP AA 32 80.33 7.80 -20.00
CA ASP AA 32 80.61 7.88 -21.42
C ASP AA 32 81.56 6.77 -21.85
N PHE AA 33 82.50 6.39 -20.98
CA PHE AA 33 83.37 5.28 -21.33
C PHE AA 33 82.56 3.98 -21.35
N ALA AA 34 81.65 3.82 -20.39
CA ALA AA 34 80.83 2.62 -20.30
C ALA AA 34 79.75 2.59 -21.39
N SER AA 35 79.36 3.76 -21.90
CA SER AA 35 78.27 3.83 -22.85
C SER AA 35 78.61 3.09 -24.14
N PRO AA 36 77.76 2.16 -24.61
CA PRO AA 36 77.95 1.46 -25.87
C PRO AA 36 77.85 2.39 -27.08
N HIS AA 44 65.24 -0.25 -28.56
CA HIS AA 44 65.90 -0.68 -29.79
C HIS AA 44 64.91 -1.35 -30.73
N ARG AA 45 64.29 -2.44 -30.26
CA ARG AA 45 63.36 -3.22 -31.06
C ARG AA 45 62.15 -3.55 -30.18
N ALA AA 46 61.27 -4.42 -30.67
CA ALA AA 46 60.07 -4.79 -29.94
C ALA AA 46 60.02 -6.27 -29.58
N GLN AA 47 60.15 -7.16 -30.56
CA GLN AA 47 60.07 -8.60 -30.33
C GLN AA 47 61.41 -9.31 -30.49
N ASP AA 48 62.38 -8.67 -31.15
CA ASP AA 48 63.74 -9.21 -31.22
C ASP AA 48 64.32 -9.47 -29.84
N TYR AA 49 63.93 -8.68 -28.84
CA TYR AA 49 64.44 -8.88 -27.48
C TYR AA 49 64.01 -10.21 -26.91
N ARG AA 50 62.70 -10.52 -26.95
CA ARG AA 50 62.22 -11.79 -26.44
C ARG AA 50 62.80 -12.97 -27.21
N ARG AA 51 63.06 -12.77 -28.50
CA ARG AA 51 63.63 -13.82 -29.34
C ARG AA 51 65.07 -14.10 -28.92
N GLU AA 52 65.85 -13.04 -28.71
CA GLU AA 52 67.23 -13.20 -28.29
C GLU AA 52 67.27 -13.81 -26.89
N LEU AA 53 66.33 -13.43 -26.02
CA LEU AA 53 66.28 -14.02 -24.69
C LEU AA 53 66.11 -15.53 -24.78
N ASP AA 54 65.13 -15.99 -25.57
CA ASP AA 54 64.88 -17.42 -25.67
C ASP AA 54 66.06 -18.16 -26.31
N THR AA 55 66.68 -17.57 -27.34
CA THR AA 55 67.82 -18.23 -27.95
C THR AA 55 69.00 -18.31 -27.00
N LEU AA 56 69.27 -17.23 -26.26
CA LEU AA 56 70.46 -17.24 -25.40
C LEU AA 56 70.24 -18.20 -24.24
N GLN AA 57 69.02 -18.25 -23.71
CA GLN AA 57 68.77 -19.12 -22.57
C GLN AA 57 68.89 -20.58 -22.98
N SER AA 58 68.42 -20.91 -24.20
CA SER AA 58 68.56 -22.31 -24.62
C SER AA 58 69.97 -22.63 -25.07
N LEU AA 59 70.72 -21.64 -25.58
CA LEU AA 59 72.12 -21.88 -25.92
C LEU AA 59 72.93 -22.14 -24.64
N LEU AA 60 72.83 -21.26 -23.65
CA LEU AA 60 73.58 -21.42 -22.42
C LEU AA 60 73.13 -22.61 -21.57
N THR AA 61 71.92 -23.13 -21.77
CA THR AA 61 71.52 -24.29 -20.98
C THR AA 61 72.39 -25.50 -21.29
N THR AA 62 72.82 -25.64 -22.55
CA THR AA 62 73.66 -26.77 -22.94
C THR AA 62 75.06 -26.71 -22.35
N SER AA 63 75.49 -25.56 -21.84
CA SER AA 63 76.87 -25.37 -21.43
C SER AA 63 77.16 -26.10 -20.12
N GLN AA 64 78.40 -25.93 -19.64
CA GLN AA 64 78.84 -26.58 -18.40
C GLN AA 64 79.59 -25.67 -17.45
N SER AA 65 79.98 -24.47 -17.88
CA SER AA 65 80.71 -23.55 -17.01
C SER AA 65 79.79 -22.97 -15.94
N SER AA 66 80.35 -22.76 -14.76
CA SER AA 66 79.58 -22.16 -13.66
C SER AA 66 79.17 -20.72 -13.98
N GLU AA 67 80.06 -19.95 -14.61
CA GLU AA 67 79.73 -18.59 -15.01
C GLU AA 67 78.60 -18.59 -16.04
N LEU AA 68 78.67 -19.50 -17.02
CA LEU AA 68 77.59 -19.63 -17.98
C LEU AA 68 76.32 -20.16 -17.32
N GLN AA 69 76.45 -20.95 -16.26
CA GLN AA 69 75.27 -21.40 -15.53
C GLN AA 69 74.57 -20.23 -14.84
N ALA AA 70 75.34 -19.35 -14.19
CA ALA AA 70 74.76 -18.16 -13.59
C ALA AA 70 74.12 -17.26 -14.64
N ALA AA 71 74.77 -17.13 -15.80
CA ALA AA 71 74.20 -16.31 -16.87
C ALA AA 71 72.88 -16.91 -17.36
N ALA AA 72 72.85 -18.24 -17.53
CA ALA AA 72 71.63 -18.90 -17.96
C ALA AA 72 70.51 -18.74 -16.94
N ALA AA 73 70.84 -18.84 -15.65
CA ALA AA 73 69.81 -18.66 -14.63
C ALA AA 73 69.28 -17.23 -14.63
N LEU AA 74 70.17 -16.25 -14.84
CA LEU AA 74 69.72 -14.86 -14.95
C LEU AA 74 68.80 -14.68 -16.15
N LEU AA 75 69.14 -15.31 -17.28
CA LEU AA 75 68.30 -15.19 -18.46
C LEU AA 75 66.94 -15.85 -18.23
N LYS AA 76 66.91 -17.01 -17.55
CA LYS AA 76 65.64 -17.64 -17.26
C LYS AA 76 64.81 -16.75 -16.35
N CYS AA 77 65.47 -16.09 -15.40
CA CYS AA 77 64.78 -15.18 -14.49
C CYS AA 77 64.09 -14.08 -15.28
N GLN AA 78 64.84 -13.43 -16.18
CA GLN AA 78 64.24 -12.34 -16.95
C GLN AA 78 63.20 -12.88 -17.93
N GLN AA 79 63.41 -14.09 -18.47
CA GLN AA 79 62.46 -14.72 -19.38
C GLN AA 79 61.12 -14.98 -18.71
N ASP AA 80 61.14 -15.21 -17.40
CA ASP AA 80 59.88 -15.50 -16.73
C ASP AA 80 59.30 -14.28 -16.07
N ASP AA 81 60.12 -13.32 -15.66
CA ASP AA 81 59.53 -12.05 -15.25
C ASP AA 81 58.83 -11.42 -16.45
N ASP AA 82 59.41 -11.58 -17.65
CA ASP AA 82 58.74 -11.10 -18.86
C ASP AA 82 57.50 -11.93 -19.15
N ARG AA 83 57.52 -13.24 -18.89
CA ARG AA 83 56.30 -14.00 -19.10
C ARG AA 83 55.19 -13.56 -18.15
N LEU AA 84 55.55 -13.16 -16.92
CA LEU AA 84 54.54 -12.64 -16.00
C LEU AA 84 54.03 -11.28 -16.44
N LEU AA 85 54.91 -10.43 -16.98
CA LEU AA 85 54.41 -9.12 -17.36
C LEU AA 85 53.59 -9.23 -18.63
N GLN AA 86 53.94 -10.18 -19.52
CA GLN AA 86 53.12 -10.41 -20.70
C GLN AA 86 51.74 -10.91 -20.30
N ILE AA 87 51.65 -11.73 -19.25
CA ILE AA 87 50.33 -12.17 -18.80
C ILE AA 87 49.54 -11.00 -18.23
N ILE AA 88 50.22 -10.11 -17.50
CA ILE AA 88 49.52 -8.95 -16.96
C ILE AA 88 49.05 -8.03 -18.07
N LEU AA 89 49.89 -7.80 -19.08
CA LEU AA 89 49.50 -6.95 -20.20
C LEU AA 89 48.36 -7.58 -20.99
N ASN AA 90 48.38 -8.91 -21.17
CA ASN AA 90 47.28 -9.58 -21.87
C ASN AA 90 45.96 -9.47 -21.10
N LEU AA 91 45.99 -9.61 -19.78
CA LEU AA 91 44.76 -9.45 -19.01
C LEU AA 91 44.23 -8.02 -19.03
N LEU AA 92 45.11 -7.03 -19.01
CA LEU AA 92 44.71 -5.62 -19.09
C LEU AA 92 44.55 -5.23 -20.55
N HIS AA 93 43.56 -4.39 -20.85
CA HIS AA 93 43.36 -4.00 -22.25
C HIS AA 93 42.35 -2.87 -22.32
N LYS AA 94 42.30 -2.24 -23.48
CA LYS AA 94 41.42 -1.12 -23.77
C LYS AA 94 40.64 -1.46 -25.02
N VAL AA 95 39.90 -0.51 -25.58
CA VAL AA 95 39.16 -0.75 -26.81
C VAL AA 95 38.97 0.56 -27.58
N ILE BA 11 84.81 -22.31 -29.74
CA ILE BA 11 83.61 -22.82 -29.09
C ILE BA 11 82.48 -21.79 -29.13
N THR BA 12 81.25 -22.27 -29.19
CA THR BA 12 80.04 -21.43 -29.24
C THR BA 12 80.10 -20.44 -30.39
N LEU BA 13 79.32 -19.37 -30.29
CA LEU BA 13 79.24 -18.37 -31.35
C LEU BA 13 78.82 -17.04 -30.73
N THR BA 14 78.87 -15.99 -31.55
CA THR BA 14 78.59 -14.63 -31.09
C THR BA 14 77.32 -14.06 -31.71
N LYS BA 15 77.23 -14.01 -33.04
CA LYS BA 15 76.08 -13.43 -33.73
C LYS BA 15 75.77 -12.01 -33.24
N ARG BA 16 74.54 -11.55 -33.47
CA ARG BA 16 74.10 -10.30 -32.86
C ARG BA 16 73.95 -10.43 -31.35
N GLN BA 17 73.75 -11.65 -30.85
CA GLN BA 17 73.67 -11.97 -29.43
C GLN BA 17 74.68 -11.24 -28.55
N GLN BA 18 75.93 -11.11 -29.03
CA GLN BA 18 76.95 -10.40 -28.26
C GLN BA 18 76.54 -8.98 -27.89
N GLU BA 19 75.74 -8.33 -28.74
CA GLU BA 19 75.27 -6.99 -28.43
C GLU BA 19 74.21 -7.04 -27.33
N PHE BA 20 73.37 -8.07 -27.35
CA PHE BA 20 72.38 -8.26 -26.29
C PHE BA 20 73.05 -8.31 -24.92
N LEU BA 21 74.12 -9.11 -24.81
CA LEU BA 21 74.83 -9.20 -23.54
C LEU BA 21 75.34 -7.83 -23.14
N LEU BA 22 75.79 -7.03 -24.10
CA LEU BA 22 76.19 -5.67 -23.79
C LEU BA 22 75.03 -4.86 -23.23
N LEU BA 23 73.90 -4.85 -23.96
CA LEU BA 23 72.81 -3.97 -23.57
C LEU BA 23 72.27 -4.36 -22.21
N ASN BA 24 71.99 -5.64 -22.01
CA ASN BA 24 71.52 -6.08 -20.70
C ASN BA 24 72.56 -5.76 -19.65
N GLY BA 25 73.83 -6.05 -19.96
CA GLY BA 25 74.88 -5.74 -19.01
C GLY BA 25 74.91 -4.26 -18.69
N TRP BA 26 74.77 -3.43 -19.73
CA TRP BA 26 74.80 -1.99 -19.50
C TRP BA 26 73.69 -1.58 -18.55
N LEU BA 27 72.48 -2.12 -18.78
CA LEU BA 27 71.38 -1.76 -17.90
C LEU BA 27 71.66 -2.23 -16.49
N GLN BA 28 72.19 -3.44 -16.36
CA GLN BA 28 72.48 -3.96 -15.03
C GLN BA 28 73.49 -3.09 -14.31
N LEU BA 29 74.48 -2.56 -15.05
CA LEU BA 29 75.41 -1.64 -14.42
C LEU BA 29 74.74 -0.34 -14.01
N GLN BA 30 73.93 0.23 -14.90
CA GLN BA 30 73.30 1.50 -14.57
C GLN BA 30 72.13 1.37 -13.59
N CYS BA 31 71.65 0.16 -13.32
CA CYS BA 31 70.54 0.01 -12.39
C CYS BA 31 70.91 -0.80 -11.15
N GLY BA 32 72.01 -0.41 -10.50
CA GLY BA 32 72.41 -0.99 -9.22
C GLY BA 32 72.42 -2.50 -9.13
N HIS BA 33 73.02 -3.14 -10.12
CA HIS BA 33 73.14 -4.60 -10.15
C HIS BA 33 74.53 -5.03 -10.59
N ALA BA 34 75.55 -4.24 -10.20
CA ALA BA 34 76.95 -4.46 -10.53
C ALA BA 34 77.34 -5.93 -10.65
N GLU BA 35 76.86 -6.77 -9.74
CA GLU BA 35 77.20 -8.18 -9.80
C GLU BA 35 76.58 -8.85 -11.03
N ARG BA 36 75.33 -8.51 -11.34
CA ARG BA 36 74.68 -9.08 -12.52
C ARG BA 36 75.36 -8.61 -13.81
N ALA BA 37 75.69 -7.32 -13.90
CA ALA BA 37 76.41 -6.82 -15.06
C ALA BA 37 77.77 -7.49 -15.19
N CYS BA 38 78.45 -7.67 -14.07
CA CYS BA 38 79.74 -8.35 -14.09
C CYS BA 38 79.60 -9.78 -14.57
N ILE BA 39 78.55 -10.48 -14.13
CA ILE BA 39 78.34 -11.85 -14.54
C ILE BA 39 78.06 -11.92 -16.05
N LEU BA 40 77.22 -11.01 -16.54
CA LEU BA 40 76.90 -11.02 -17.97
C LEU BA 40 78.13 -10.72 -18.82
N LEU BA 41 78.92 -9.72 -18.42
CA LEU BA 41 80.08 -9.36 -19.23
C LEU BA 41 81.20 -10.38 -19.11
N ASP BA 42 81.35 -11.01 -17.94
CA ASP BA 42 82.30 -12.11 -17.80
C ASP BA 42 81.92 -13.30 -18.66
N ALA BA 43 80.62 -13.65 -18.70
CA ALA BA 43 80.18 -14.71 -19.60
C ALA BA 43 80.44 -14.35 -21.05
N LEU BA 44 80.16 -13.10 -21.44
CA LEU BA 44 80.39 -12.67 -22.81
C LEU BA 44 81.86 -12.79 -23.18
N LEU BA 45 82.76 -12.33 -22.30
CA LEU BA 45 84.18 -12.39 -22.59
C LEU BA 45 84.72 -13.82 -22.54
N THR BA 46 84.19 -14.65 -21.64
CA THR BA 46 84.61 -16.05 -21.58
C THR BA 46 84.19 -16.79 -22.84
N LEU BA 47 83.06 -16.42 -23.44
CA LEU BA 47 82.69 -17.00 -24.73
C LEU BA 47 83.44 -16.31 -25.85
N ASN BA 48 83.14 -15.03 -26.11
CA ASN BA 48 83.86 -14.24 -27.09
C ASN BA 48 84.76 -13.23 -26.37
N PRO BA 49 86.08 -13.50 -26.27
CA PRO BA 49 86.97 -12.52 -25.64
C PRO BA 49 87.41 -11.38 -26.54
N GLU BA 50 87.15 -11.46 -27.85
CA GLU BA 50 87.67 -10.47 -28.77
C GLU BA 50 86.99 -9.12 -28.63
N HIS BA 51 85.78 -9.08 -28.08
CA HIS BA 51 85.03 -7.82 -28.00
C HIS BA 51 85.71 -6.86 -27.01
N LEU BA 52 85.53 -5.56 -27.28
CA LEU BA 52 86.17 -4.51 -26.49
C LEU BA 52 85.21 -3.65 -25.71
N ALA BA 53 84.02 -3.36 -26.26
CA ALA BA 53 83.07 -2.54 -25.52
C ALA BA 53 82.60 -3.23 -24.25
N GLY BA 54 82.48 -4.56 -24.28
CA GLY BA 54 82.10 -5.29 -23.08
C GLY BA 54 83.09 -5.10 -21.95
N ARG BA 55 84.38 -5.10 -22.27
CA ARG BA 55 85.38 -4.84 -21.25
C ARG BA 55 85.32 -3.40 -20.76
N ARG BA 56 84.97 -2.46 -21.65
CA ARG BA 56 84.76 -1.08 -21.22
C ARG BA 56 83.63 -1.01 -20.19
N CYS BA 57 82.52 -1.71 -20.45
CA CYS BA 57 81.42 -1.72 -19.48
CA CYS BA 57 81.42 -1.72 -19.48
C CYS BA 57 81.82 -2.40 -18.18
N ARG BA 58 82.52 -3.53 -18.27
CA ARG BA 58 82.89 -4.26 -17.06
C ARG BA 58 83.92 -3.52 -16.24
N LEU BA 59 84.71 -2.62 -16.85
CA LEU BA 59 85.60 -1.79 -16.05
C LEU BA 59 84.83 -0.93 -15.07
N VAL BA 60 83.81 -0.22 -15.57
CA VAL BA 60 82.98 0.59 -14.69
C VAL BA 60 82.18 -0.30 -13.74
N ALA BA 61 81.76 -1.48 -14.20
CA ALA BA 61 81.04 -2.41 -13.34
C ALA BA 61 81.91 -2.86 -12.17
N LEU BA 62 83.18 -3.17 -12.43
CA LEU BA 62 84.10 -3.57 -11.38
C LEU BA 62 84.40 -2.41 -10.45
N LEU BA 63 84.50 -1.19 -10.99
CA LEU BA 63 84.68 -0.01 -10.14
C LEU BA 63 83.50 0.17 -9.20
N ASN BA 64 82.27 0.01 -9.69
CA ASN BA 64 81.09 0.15 -8.85
C ASN BA 64 80.87 -1.05 -7.95
N ASN BA 65 81.48 -2.19 -8.25
CA ASN BA 65 81.36 -3.40 -7.44
C ASN BA 65 82.38 -3.46 -6.31
N ASN BA 66 83.36 -2.56 -6.31
CA ASN BA 66 84.44 -2.55 -5.33
C ASN BA 66 85.29 -3.82 -5.44
N GLN BA 67 85.90 -3.97 -6.62
CA GLN BA 67 86.91 -4.99 -6.89
C GLN BA 67 88.08 -4.28 -7.54
N GLY BA 68 88.99 -3.75 -6.71
CA GLY BA 68 90.05 -2.90 -7.23
C GLY BA 68 91.04 -3.62 -8.12
N GLU BA 69 91.47 -4.82 -7.71
CA GLU BA 69 92.49 -5.54 -8.47
C GLU BA 69 91.97 -5.94 -9.85
N ARG BA 70 90.74 -6.44 -9.92
CA ARG BA 70 90.20 -6.86 -11.20
C ARG BA 70 90.02 -5.68 -12.14
N ALA BA 71 89.55 -4.55 -11.60
CA ALA BA 71 89.40 -3.34 -12.41
C ALA BA 71 90.76 -2.84 -12.89
N GLU BA 72 91.78 -2.91 -12.03
CA GLU BA 72 93.11 -2.49 -12.44
C GLU BA 72 93.65 -3.37 -13.55
N LYS BA 73 93.44 -4.69 -13.45
CA LYS BA 73 93.92 -5.60 -14.49
C LYS BA 73 93.21 -5.35 -15.82
N GLU BA 74 91.89 -5.14 -15.79
CA GLU BA 74 91.17 -4.86 -17.03
C GLU BA 74 91.58 -3.53 -17.62
N ALA BA 75 91.79 -2.52 -16.77
CA ALA BA 75 92.25 -1.23 -17.27
C ALA BA 75 93.66 -1.34 -17.85
N GLN BA 76 94.50 -2.20 -17.28
CA GLN BA 76 95.82 -2.40 -17.84
C GLN BA 76 95.73 -3.04 -19.23
N TRP BA 77 94.84 -4.02 -19.39
CA TRP BA 77 94.66 -4.64 -20.71
C TRP BA 77 94.20 -3.62 -21.73
N LEU BA 78 93.15 -2.85 -21.38
CA LEU BA 78 92.64 -1.86 -22.32
C LEU BA 78 93.68 -0.77 -22.61
N ILE BA 79 94.46 -0.39 -21.61
CA ILE BA 79 95.48 0.64 -21.82
C ILE BA 79 96.54 0.12 -22.78
N SER BA 80 96.84 -1.19 -22.70
CA SER BA 80 97.82 -1.78 -23.60
C SER BA 80 97.22 -2.16 -24.94
N HIS BA 81 95.91 -2.04 -25.13
CA HIS BA 81 95.31 -2.37 -26.41
C HIS BA 81 94.47 -1.23 -27.00
N ASP BA 82 93.87 -0.41 -26.14
CA ASP BA 82 93.12 0.75 -26.65
C ASP BA 82 94.07 1.93 -26.82
N PRO BA 83 94.08 2.60 -27.97
CA PRO BA 83 94.97 3.76 -28.15
C PRO BA 83 94.58 4.96 -27.30
N LEU BA 84 95.26 6.08 -27.52
CA LEU BA 84 95.14 7.26 -26.67
C LEU BA 84 93.70 7.80 -26.66
N GLN BA 85 93.48 8.76 -25.75
CA GLN BA 85 92.22 9.44 -25.48
C GLN BA 85 91.21 8.53 -24.80
N ALA BA 86 91.54 7.27 -24.55
CA ALA BA 86 90.61 6.35 -23.92
C ALA BA 86 90.39 6.74 -22.46
N GLY BA 87 89.22 6.36 -21.94
CA GLY BA 87 88.92 6.57 -20.53
C GLY BA 87 89.54 5.52 -19.65
N ASN BA 88 90.60 4.89 -20.16
CA ASN BA 88 91.31 3.84 -19.43
C ASN BA 88 92.17 4.39 -18.29
N TRP BA 89 92.36 5.70 -18.21
CA TRP BA 89 93.15 6.25 -17.12
C TRP BA 89 92.29 6.74 -15.96
N LEU BA 90 90.97 6.80 -16.13
CA LEU BA 90 90.10 7.01 -14.99
C LEU BA 90 89.90 5.72 -14.22
N CYS BA 91 89.66 4.62 -14.94
CA CYS BA 91 89.45 3.33 -14.30
C CYS BA 91 90.67 2.93 -13.49
N LEU BA 92 91.86 3.09 -14.05
CA LEU BA 92 93.08 2.85 -13.30
C LEU BA 92 93.14 3.74 -12.07
N SER BA 93 92.86 5.04 -12.23
CA SER BA 93 92.90 5.95 -11.09
C SER BA 93 91.91 5.55 -10.00
N ARG BA 94 90.65 5.32 -10.39
CA ARG BA 94 89.63 4.96 -9.41
C ARG BA 94 89.94 3.62 -8.73
N ALA BA 95 90.30 2.61 -9.51
CA ALA BA 95 90.57 1.29 -8.92
C ALA BA 95 91.75 1.34 -7.98
N GLN BA 96 92.87 1.93 -8.43
CA GLN BA 96 94.07 1.93 -7.61
C GLN BA 96 93.91 2.79 -6.37
N GLN BA 97 93.17 3.90 -6.47
CA GLN BA 97 92.94 4.71 -5.29
C GLN BA 97 92.03 4.01 -4.29
N LEU BA 98 91.25 3.01 -4.75
CA LEU BA 98 90.53 2.20 -3.79
C LEU BA 98 91.46 1.23 -3.08
N ASN BA 99 92.52 0.80 -3.77
CA ASN BA 99 93.48 -0.13 -3.19
C ASN BA 99 94.60 0.56 -2.41
N GLY BA 100 94.80 1.86 -2.62
CA GLY BA 100 95.92 2.58 -2.05
C GLY BA 100 96.68 3.36 -3.11
N ASP BA 101 98.00 3.37 -3.02
CA ASP BA 101 98.90 3.85 -4.09
C ASP BA 101 98.36 5.10 -4.77
N LEU BA 102 98.12 6.13 -3.96
CA LEU BA 102 97.46 7.33 -4.48
C LEU BA 102 98.29 8.03 -5.53
N ASP BA 103 99.61 7.87 -5.50
CA ASP BA 103 100.48 8.60 -6.42
C ASP BA 103 100.25 8.19 -7.87
N LYS BA 104 100.13 6.88 -8.14
CA LYS BA 104 99.86 6.46 -9.50
C LYS BA 104 98.46 6.88 -9.95
N ALA BA 105 97.50 6.96 -9.03
CA ALA BA 105 96.20 7.50 -9.39
C ALA BA 105 96.31 8.97 -9.78
N ARG BA 106 97.13 9.73 -9.05
CA ARG BA 106 97.37 11.13 -9.40
C ARG BA 106 98.01 11.24 -10.78
N HIS BA 107 98.98 10.36 -11.07
CA HIS BA 107 99.61 10.37 -12.39
C HIS BA 107 98.61 10.03 -13.49
N ALA BA 108 97.74 9.05 -13.24
CA ALA BA 108 96.74 8.71 -14.25
C ALA BA 108 95.78 9.86 -14.48
N TYR BA 109 95.37 10.55 -13.40
CA TYR BA 109 94.48 11.70 -13.55
C TYR BA 109 95.16 12.83 -14.32
N GLN BA 110 96.44 13.10 -14.02
CA GLN BA 110 97.14 14.14 -14.76
C GLN BA 110 97.32 13.78 -16.22
N HIS BA 111 97.57 12.50 -16.52
CA HIS BA 111 97.63 12.06 -17.90
C HIS BA 111 96.30 12.23 -18.62
N TYR BA 112 95.20 11.90 -17.94
CA TYR BA 112 93.88 12.09 -18.52
C TYR BA 112 93.59 13.56 -18.80
N LEU BA 113 93.95 14.44 -17.85
CA LEU BA 113 93.75 15.87 -18.06
C LEU BA 113 94.62 16.40 -19.21
N GLU BA 114 95.86 15.93 -19.30
CA GLU BA 114 96.75 16.35 -20.38
C GLU BA 114 96.23 15.89 -21.74
N LEU BA 115 95.68 14.68 -21.81
CA LEU BA 115 95.17 14.16 -23.07
C LEU BA 115 93.84 14.78 -23.46
N LYS BA 116 93.01 15.16 -22.49
CA LYS BA 116 91.70 15.73 -22.82
C LYS BA 116 91.79 17.15 -23.34
N ASP BA 117 92.93 17.83 -23.16
CA ASP BA 117 93.06 19.19 -23.68
C ASP BA 117 92.99 19.19 -25.20
N HIS BA 118 93.39 18.11 -25.85
CA HIS BA 118 93.33 17.99 -27.29
C HIS BA 118 91.90 18.03 -27.81
N GLU CA 18 19.09 -20.23 66.37
CA GLU CA 18 19.23 -21.33 65.41
C GLU CA 18 20.64 -21.90 65.42
N ARG CA 19 21.48 -21.40 66.33
CA ARG CA 19 22.87 -21.82 66.44
C ARG CA 19 23.08 -22.51 67.78
N LEU CA 20 23.59 -23.74 67.73
CA LEU CA 20 23.97 -24.46 68.93
C LEU CA 20 25.42 -24.19 69.33
N TYR CA 21 26.09 -23.26 68.64
CA TYR CA 21 27.45 -22.88 68.96
C TYR CA 21 27.46 -21.42 69.42
N PRO CA 22 27.03 -21.15 70.66
CA PRO CA 22 27.01 -19.76 71.14
C PRO CA 22 28.41 -19.27 71.46
N THR CA 23 28.51 -17.98 71.72
CA THR CA 23 29.77 -17.35 72.10
C THR CA 23 29.61 -16.75 73.49
N ALA CA 24 29.72 -17.59 74.52
CA ALA CA 24 29.51 -17.17 75.91
C ALA CA 24 30.85 -16.72 76.47
N GLN CA 25 31.00 -15.41 76.67
CA GLN CA 25 32.33 -14.86 76.89
C GLN CA 25 32.18 -13.47 77.52
N SER CA 26 33.28 -12.71 77.51
CA SER CA 26 33.32 -11.35 78.00
C SER CA 26 32.39 -10.44 77.22
N LYS CA 27 32.29 -10.64 75.91
CA LYS CA 27 31.38 -9.81 75.12
C LYS CA 27 29.92 -10.01 75.52
N ARG CA 28 29.50 -11.24 75.80
CA ARG CA 28 28.14 -11.43 76.30
C ARG CA 28 27.93 -10.76 77.66
N SER CA 29 28.92 -10.82 78.55
CA SER CA 29 28.78 -10.11 79.81
C SER CA 29 28.72 -8.60 79.61
N LEU CA 30 29.46 -8.08 78.64
CA LEU CA 30 29.35 -6.67 78.29
C LEU CA 30 27.95 -6.33 77.79
N TRP CA 31 27.42 -7.15 76.89
CA TRP CA 31 26.11 -6.87 76.33
C TRP CA 31 25.01 -7.00 77.40
N ASP CA 32 25.17 -7.96 78.32
CA ASP CA 32 24.21 -8.08 79.40
C ASP CA 32 24.32 -6.89 80.36
N PHE CA 33 25.52 -6.36 80.56
CA PHE CA 33 25.62 -5.17 81.39
C PHE CA 33 24.96 -4.01 80.66
N ALA CA 34 25.20 -3.93 79.36
CA ALA CA 34 24.68 -2.93 78.44
C ALA CA 34 23.20 -3.23 78.16
N SER CA 35 22.53 -3.94 79.07
CA SER CA 35 21.17 -4.39 78.82
C SER CA 35 20.21 -3.22 78.64
N PRO CA 36 19.54 -3.14 77.50
CA PRO CA 36 18.60 -2.06 77.26
C PRO CA 36 17.32 -2.16 78.09
N GLY CA 37 16.67 -3.32 78.05
CA GLY CA 37 15.34 -3.45 78.62
C GLY CA 37 14.27 -2.77 77.81
N TYR CA 38 14.50 -2.54 76.52
CA TYR CA 38 13.56 -1.82 75.67
C TYR CA 38 12.62 -2.80 74.95
N THR CA 39 11.90 -3.59 75.75
CA THR CA 39 10.95 -4.56 75.22
C THR CA 39 9.92 -4.93 76.27
N ASP CA 48 6.70 8.92 70.10
CA ASP CA 48 7.85 8.02 69.96
C ASP CA 48 9.10 8.82 69.61
N TYR CA 49 9.87 8.32 68.65
CA TYR CA 49 11.08 9.01 68.21
C TYR CA 49 10.73 10.33 67.54
N ARG CA 50 9.82 10.27 66.55
CA ARG CA 50 9.28 11.35 65.74
C ARG CA 50 9.72 12.78 66.06
N ARG CA 51 8.80 13.57 66.61
CA ARG CA 51 9.06 14.96 66.98
C ARG CA 51 9.99 15.12 68.18
N GLU CA 52 10.33 14.03 68.89
CA GLU CA 52 11.23 14.17 70.04
C GLU CA 52 12.62 14.60 69.59
N LEU CA 53 13.07 14.09 68.44
CA LEU CA 53 14.35 14.50 67.91
C LEU CA 53 14.37 16.01 67.68
N ASP CA 54 13.35 16.54 67.00
CA ASP CA 54 13.31 17.97 66.70
C ASP CA 54 13.21 18.81 67.98
N THR CA 55 12.44 18.36 68.98
CA THR CA 55 12.37 19.14 70.22
C THR CA 55 13.72 19.14 70.92
N LEU CA 56 14.39 17.99 70.96
CA LEU CA 56 15.64 17.92 71.69
C LEU CA 56 16.69 18.73 70.96
N GLN CA 57 16.63 18.69 69.63
CA GLN CA 57 17.60 19.39 68.79
C GLN CA 57 17.46 20.90 68.96
N SER CA 58 16.23 21.38 69.10
CA SER CA 58 16.06 22.82 69.31
C SER CA 58 16.38 23.22 70.74
N LEU CA 59 16.18 22.32 71.72
CA LEU CA 59 16.59 22.63 73.09
C LEU CA 59 18.11 22.73 73.17
N LEU CA 60 18.79 21.70 72.69
CA LEU CA 60 20.24 21.55 72.68
C LEU CA 60 20.94 22.54 71.74
N THR CA 61 20.23 23.16 70.80
CA THR CA 61 20.90 24.12 69.93
C THR CA 61 21.45 25.31 70.70
N THR CA 62 20.77 25.74 71.77
CA THR CA 62 21.29 26.88 72.53
C THR CA 62 22.59 26.50 73.22
N SER CA 63 22.51 25.57 74.19
CA SER CA 63 23.66 24.83 74.73
CA SER CA 63 23.66 24.83 74.73
C SER CA 63 24.84 25.74 75.06
N GLN CA 64 24.64 26.61 76.05
CA GLN CA 64 25.78 27.37 76.55
C GLN CA 64 26.99 26.48 76.90
N SER CA 65 26.80 25.15 77.01
CA SER CA 65 27.88 24.20 77.22
C SER CA 65 28.26 23.52 75.90
N SER CA 66 29.54 23.13 75.80
CA SER CA 66 30.07 22.61 74.54
C SER CA 66 29.66 21.17 74.28
N GLU CA 67 29.58 20.34 75.32
CA GLU CA 67 29.14 18.96 75.15
C GLU CA 67 27.75 18.90 74.53
N LEU CA 68 26.84 19.74 75.03
CA LEU CA 68 25.52 19.82 74.44
C LEU CA 68 25.57 20.39 73.03
N GLN CA 69 26.59 21.20 72.71
CA GLN CA 69 26.75 21.67 71.34
C GLN CA 69 27.10 20.53 70.40
N ALA CA 70 28.01 19.64 70.83
CA ALA CA 70 28.31 18.46 70.02
C ALA CA 70 27.08 17.58 69.88
N ALA CA 71 26.30 17.45 70.95
CA ALA CA 71 25.07 16.67 70.90
C ALA CA 71 24.09 17.28 69.91
N ALA CA 72 23.97 18.62 69.93
CA ALA CA 72 23.08 19.31 69.01
C ALA CA 72 23.51 19.12 67.56
N ALA CA 73 24.82 19.17 67.29
CA ALA CA 73 25.26 18.95 65.91
C ALA CA 73 24.95 17.52 65.45
N LEU CA 74 25.12 16.55 66.36
CA LEU CA 74 24.75 15.17 66.04
C LEU CA 74 23.26 15.08 65.75
N LEU CA 75 22.45 15.79 66.54
CA LEU CA 75 21.01 15.78 66.36
C LEU CA 75 20.64 16.43 65.03
N LYS CA 76 21.33 17.51 64.64
CA LYS CA 76 21.01 18.12 63.34
C LYS CA 76 21.32 17.13 62.23
N CYS CA 77 22.40 16.36 62.39
CA CYS CA 77 22.77 15.36 61.40
C CYS CA 77 21.64 14.34 61.26
N GLN CA 78 21.18 13.81 62.39
CA GLN CA 78 20.11 12.81 62.36
C GLN CA 78 18.79 13.43 61.91
N GLN CA 79 18.56 14.69 62.25
CA GLN CA 79 17.35 15.41 61.82
C GLN CA 79 17.27 15.51 60.32
N ASP CA 80 18.40 15.56 59.65
CA ASP CA 80 18.32 15.69 58.21
C ASP CA 80 18.46 14.35 57.51
N ASP CA 81 19.14 13.39 58.11
CA ASP CA 81 19.07 12.05 57.54
C ASP CA 81 17.64 11.52 57.64
N ASP CA 82 16.94 11.84 58.74
CA ASP CA 82 15.53 11.48 58.87
C ASP CA 82 14.65 12.27 57.90
N ARG CA 83 14.99 13.54 57.64
CA ARG CA 83 14.21 14.26 56.65
C ARG CA 83 14.36 13.65 55.27
N LEU CA 84 15.56 13.13 54.97
CA LEU CA 84 15.76 12.46 53.69
C LEU CA 84 15.00 11.14 53.64
N LEU CA 85 14.96 10.41 54.75
CA LEU CA 85 14.26 9.13 54.64
C LEU CA 85 12.75 9.34 54.60
N GLN CA 86 12.25 10.40 55.25
CA GLN CA 86 10.83 10.72 55.13
C GLN CA 86 10.49 11.11 53.70
N ILE CA 87 11.42 11.82 53.03
CA ILE CA 87 11.17 12.16 51.63
C ILE CA 87 11.18 10.92 50.76
N ILE CA 88 12.05 9.95 51.06
CA ILE CA 88 12.07 8.73 50.27
C ILE CA 88 10.78 7.94 50.46
N LEU CA 89 10.29 7.85 51.70
CA LEU CA 89 9.03 7.14 51.93
C LEU CA 89 7.86 7.83 51.23
N ASN CA 90 7.86 9.17 51.24
CA ASN CA 90 6.82 9.92 50.54
C ASN CA 90 6.88 9.70 49.03
N LEU CA 91 8.10 9.65 48.49
CA LEU CA 91 8.30 9.38 47.07
C LEU CA 91 7.89 7.98 46.65
N LEU CA 92 8.06 6.98 47.51
CA LEU CA 92 7.63 5.63 47.12
C LEU CA 92 6.15 5.33 47.31
N HIS CA 93 5.66 5.25 48.55
CA HIS CA 93 4.25 4.91 48.79
C HIS CA 93 3.90 3.58 48.11
N LYS CA 94 4.49 2.52 48.66
CA LYS CA 94 4.38 1.17 48.10
C LYS CA 94 3.01 0.84 47.54
N VAL CA 95 1.97 0.95 48.36
CA VAL CA 95 0.58 0.70 47.97
C VAL CA 95 0.40 -0.72 47.42
N ILE DA 11 18.36 21.94 80.82
CA ILE DA 11 17.79 21.92 82.16
C ILE DA 11 16.36 21.38 82.12
N THR DA 12 15.93 20.93 80.94
CA THR DA 12 14.58 20.40 80.79
C THR DA 12 14.44 19.06 81.50
N LEU DA 13 15.38 18.14 81.25
CA LEU DA 13 15.48 16.84 81.94
C LEU DA 13 14.14 16.11 82.01
N THR DA 14 13.41 16.10 80.89
CA THR DA 14 12.16 15.34 80.84
C THR DA 14 12.45 13.84 80.75
N LYS DA 15 11.53 13.04 81.28
CA LYS DA 15 11.72 11.59 81.27
C LYS DA 15 11.75 11.05 79.85
N ARG DA 16 10.87 11.56 78.99
CA ARG DA 16 10.89 11.19 77.58
C ARG DA 16 12.26 11.46 76.96
N GLN DA 17 12.76 12.69 77.12
CA GLN DA 17 14.11 13.03 76.67
C GLN DA 17 15.15 12.02 77.18
N GLN DA 18 15.07 11.63 78.44
CA GLN DA 18 16.00 10.64 78.97
C GLN DA 18 15.88 9.30 78.24
N GLU DA 19 14.66 8.92 77.85
CA GLU DA 19 14.50 7.66 77.14
C GLU DA 19 15.05 7.77 75.73
N PHE DA 20 14.85 8.92 75.08
CA PHE DA 20 15.43 9.16 73.76
C PHE DA 20 16.94 9.07 73.81
N LEU DA 21 17.56 9.71 74.82
CA LEU DA 21 19.02 9.68 74.93
C LEU DA 21 19.52 8.27 75.18
N LEU DA 22 18.86 7.51 76.07
CA LEU DA 22 19.28 6.13 76.31
C LEU DA 22 19.17 5.30 75.04
N LEU DA 23 18.04 5.41 74.31
CA LEU DA 23 17.85 4.59 73.13
C LEU DA 23 18.90 4.90 72.07
N ASN DA 24 19.10 6.20 71.80
CA ASN DA 24 20.08 6.59 70.78
C ASN DA 24 21.49 6.20 71.16
N GLY DA 25 21.87 6.43 72.42
CA GLY DA 25 23.22 6.06 72.84
C GLY DA 25 23.49 4.57 72.76
N TRP DA 26 22.55 3.76 73.26
CA TRP DA 26 22.76 2.32 73.23
C TRP DA 26 22.81 1.80 71.80
N LEU DA 27 21.92 2.29 70.93
CA LEU DA 27 21.92 1.83 69.54
C LEU DA 27 23.20 2.25 68.80
N GLN DA 28 23.64 3.51 69.00
CA GLN DA 28 24.86 3.96 68.35
C GLN DA 28 26.07 3.18 68.84
N LEU DA 29 26.13 2.86 70.14
CA LEU DA 29 27.21 2.01 70.63
C LEU DA 29 27.12 0.62 70.01
N GLN DA 30 25.90 0.08 69.90
CA GLN DA 30 25.69 -1.23 69.32
C GLN DA 30 25.99 -1.27 67.82
N CYS DA 31 26.12 -0.12 67.16
CA CYS DA 31 26.43 -0.14 65.75
C CYS DA 31 27.76 0.54 65.40
N GLY DA 32 28.82 0.16 66.11
CA GLY DA 32 30.16 0.63 65.80
C GLY DA 32 30.30 2.13 65.60
N HIS DA 33 29.78 2.91 66.55
CA HIS DA 33 29.84 4.37 66.50
C HIS DA 33 30.18 4.92 67.87
N ALA DA 34 31.05 4.21 68.60
CA ALA DA 34 31.50 4.52 69.95
C ALA DA 34 31.57 6.00 70.27
N GLU DA 35 32.09 6.83 69.35
CA GLU DA 35 32.20 8.26 69.64
C GLU DA 35 30.83 8.93 69.76
N ARG DA 36 29.89 8.58 68.89
CA ARG DA 36 28.55 9.15 68.96
C ARG DA 36 27.85 8.74 70.25
N ALA DA 37 27.96 7.46 70.61
CA ALA DA 37 27.40 7.01 71.88
C ALA DA 37 28.06 7.70 73.05
N CYS DA 38 29.38 7.90 72.97
CA CYS DA 38 30.09 8.56 74.06
C CYS DA 38 29.58 9.99 74.25
N ILE DA 39 29.42 10.74 73.15
CA ILE DA 39 28.96 12.12 73.29
C ILE DA 39 27.52 12.17 73.81
N LEU DA 40 26.65 11.30 73.28
CA LEU DA 40 25.27 11.29 73.74
C LEU DA 40 25.17 10.94 75.22
N LEU DA 41 25.89 9.91 75.65
CA LEU DA 41 25.81 9.49 77.04
C LEU DA 41 26.51 10.46 77.97
N ASP DA 42 27.57 11.13 77.51
CA ASP DA 42 28.19 12.17 78.30
C ASP DA 42 27.24 13.34 78.51
N ALA DA 43 26.52 13.75 77.46
CA ALA DA 43 25.51 14.79 77.62
C ALA DA 43 24.41 14.35 78.58
N LEU DA 44 23.95 13.11 78.45
CA LEU DA 44 22.91 12.60 79.34
C LEU DA 44 23.36 12.61 80.79
N LEU DA 45 24.58 12.16 81.06
CA LEU DA 45 25.07 12.11 82.43
C LEU DA 45 25.34 13.51 82.97
N THR DA 46 25.82 14.43 82.12
CA THR DA 46 26.04 15.79 82.56
C THR DA 46 24.73 16.48 82.89
N LEU DA 47 23.65 16.16 82.19
CA LEU DA 47 22.35 16.72 82.56
C LEU DA 47 21.73 15.94 83.72
N ASN DA 48 21.33 14.70 83.48
CA ASN DA 48 20.81 13.85 84.55
C ASN DA 48 21.82 12.78 84.94
N PRO DA 49 22.55 12.95 86.04
CA PRO DA 49 23.49 11.91 86.47
C PRO DA 49 22.85 10.79 87.28
N GLU DA 50 21.53 10.83 87.50
CA GLU DA 50 20.88 9.91 88.43
C GLU DA 50 21.00 8.45 88.00
N HIS DA 51 20.40 8.10 86.87
CA HIS DA 51 20.40 6.71 86.42
C HIS DA 51 21.73 6.37 85.78
N LEU DA 52 22.27 5.21 86.13
CA LEU DA 52 23.58 4.77 85.66
C LEU DA 52 23.50 3.82 84.48
N ALA DA 53 22.31 3.51 83.97
CA ALA DA 53 22.22 2.69 82.77
C ALA DA 53 22.93 3.35 81.59
N GLY DA 54 22.69 4.66 81.41
CA GLY DA 54 23.49 5.41 80.48
C GLY DA 54 24.97 5.38 80.83
N ARG DA 55 25.29 5.38 82.12
CA ARG DA 55 26.69 5.27 82.52
C ARG DA 55 27.25 3.88 82.21
N ARG DA 56 26.43 2.83 82.33
CA ARG DA 56 26.89 1.49 81.94
C ARG DA 56 27.19 1.45 80.45
N CYS DA 57 26.29 2.00 79.63
CA CYS DA 57 26.56 2.07 78.20
C CYS DA 57 27.77 2.93 77.89
N ARG DA 58 28.00 4.00 78.66
CA ARG DA 58 29.18 4.83 78.43
C ARG DA 58 30.45 4.12 78.84
N LEU DA 59 30.38 3.24 79.85
CA LEU DA 59 31.53 2.42 80.21
C LEU DA 59 31.88 1.46 79.09
N VAL DA 60 30.86 0.79 78.54
CA VAL DA 60 31.12 -0.12 77.42
C VAL DA 60 31.63 0.66 76.21
N ALA DA 61 31.10 1.87 76.00
CA ALA DA 61 31.55 2.71 74.90
C ALA DA 61 33.02 3.10 75.06
N LEU DA 62 33.44 3.46 76.27
CA LEU DA 62 34.84 3.77 76.51
C LEU DA 62 35.72 2.54 76.36
N LEU DA 63 35.23 1.37 76.77
CA LEU DA 63 36.00 0.15 76.58
C LEU DA 63 36.22 -0.14 75.10
N ASN DA 64 35.19 0.02 74.28
CA ASN DA 64 35.32 -0.21 72.84
C ASN DA 64 36.02 0.93 72.12
N ASN DA 65 36.10 2.10 72.74
CA ASN DA 65 36.71 3.28 72.15
C ASN DA 65 38.21 3.37 72.39
N ASN DA 66 38.77 2.50 73.24
CA ASN DA 66 40.19 2.52 73.59
C ASN DA 66 40.53 3.84 74.31
N GLN DA 67 39.90 4.02 75.46
CA GLN DA 67 40.08 5.17 76.34
C GLN DA 67 40.47 4.71 77.74
N GLY DA 68 41.50 3.87 77.81
CA GLY DA 68 41.75 3.08 79.01
C GLY DA 68 41.88 3.90 80.28
N GLU DA 69 42.60 5.02 80.22
CA GLU DA 69 42.69 5.88 81.41
C GLU DA 69 41.36 6.55 81.70
N ARG DA 70 40.71 7.10 80.67
CA ARG DA 70 39.40 7.71 80.83
C ARG DA 70 38.36 6.66 81.22
N ALA DA 71 38.46 5.48 80.63
CA ALA DA 71 37.55 4.39 80.98
C ALA DA 71 37.74 3.99 82.43
N GLU DA 72 38.99 3.94 82.91
CA GLU DA 72 39.23 3.64 84.31
C GLU DA 72 38.67 4.72 85.22
N LYS DA 73 38.81 5.99 84.84
CA LYS DA 73 38.28 7.07 85.67
C LYS DA 73 36.76 6.99 85.78
N GLU DA 74 36.08 6.74 84.66
CA GLU DA 74 34.63 6.58 84.70
C GLU DA 74 34.23 5.29 85.43
N ALA DA 75 35.01 4.22 85.24
CA ALA DA 75 34.80 2.95 85.92
C ALA DA 75 34.93 3.07 87.42
N GLN DA 76 35.69 4.07 87.90
CA GLN DA 76 35.79 4.28 89.34
C GLN DA 76 34.42 4.49 89.97
N TRP DA 77 33.52 5.16 89.24
CA TRP DA 77 32.13 5.28 89.70
C TRP DA 77 31.49 3.92 89.89
N LEU DA 78 31.65 3.03 88.90
CA LEU DA 78 31.07 1.70 88.98
C LEU DA 78 31.69 0.88 90.09
N ILE DA 79 33.00 1.03 90.30
CA ILE DA 79 33.67 0.30 91.37
C ILE DA 79 33.18 0.82 92.72
N SER DA 80 32.93 2.12 92.81
CA SER DA 80 32.42 2.74 94.03
C SER DA 80 30.91 2.64 94.15
N HIS DA 81 30.24 2.16 93.10
CA HIS DA 81 28.79 1.88 93.10
C HIS DA 81 28.69 0.43 92.65
N ASP DA 82 28.88 -0.49 93.58
CA ASP DA 82 29.01 -1.92 93.25
C ASP DA 82 28.01 -2.73 94.06
N PRO DA 83 26.72 -2.57 93.79
CA PRO DA 83 25.75 -3.52 94.36
C PRO DA 83 25.98 -4.94 93.87
N LEU DA 84 26.35 -5.09 92.60
CA LEU DA 84 26.60 -6.40 92.01
C LEU DA 84 27.23 -6.22 90.62
N GLY DA 87 29.28 -7.58 87.07
CA GLY DA 87 29.54 -6.99 85.77
C GLY DA 87 30.32 -5.69 85.85
N ASN DA 88 30.57 -5.23 87.08
CA ASN DA 88 31.29 -3.99 87.30
C ASN DA 88 32.81 -4.16 87.29
N TRP DA 89 33.31 -5.40 87.30
CA TRP DA 89 34.75 -5.62 87.30
C TRP DA 89 35.31 -5.95 85.92
N LEU DA 90 34.45 -6.15 84.91
CA LEU DA 90 34.96 -6.36 83.56
C LEU DA 90 35.50 -5.06 82.97
N CYS DA 91 34.77 -3.96 83.18
CA CYS DA 91 35.25 -2.67 82.71
C CYS DA 91 36.58 -2.31 83.36
N LEU DA 92 36.68 -2.50 84.67
CA LEU DA 92 37.93 -2.26 85.39
C LEU DA 92 39.06 -3.13 84.84
N SER DA 93 38.80 -4.43 84.64
CA SER DA 93 39.83 -5.31 84.11
C SER DA 93 40.32 -4.85 82.75
N ARG DA 94 39.39 -4.54 81.85
CA ARG DA 94 39.78 -4.10 80.51
C ARG DA 94 40.56 -2.80 80.56
N ALA DA 95 40.10 -1.84 81.36
CA ALA DA 95 40.78 -0.55 81.46
C ALA DA 95 42.20 -0.72 81.99
N GLN DA 96 42.35 -1.51 83.06
CA GLN DA 96 43.67 -1.68 83.66
C GLN DA 96 44.61 -2.48 82.75
N GLN DA 97 44.08 -3.45 81.99
CA GLN DA 97 44.95 -4.15 81.06
C GLN DA 97 45.30 -3.30 79.85
N LEU DA 98 44.47 -2.31 79.52
CA LEU DA 98 44.85 -1.35 78.49
C LEU DA 98 45.87 -0.34 78.99
N ASN DA 99 45.84 -0.03 80.28
CA ASN DA 99 46.77 0.93 80.86
C ASN DA 99 48.10 0.32 81.27
N GLY DA 100 48.23 -1.01 81.21
CA GLY DA 100 49.48 -1.67 81.56
C GLY DA 100 49.49 -2.21 82.97
N ASP DA 101 48.37 -2.80 83.40
CA ASP DA 101 48.20 -3.35 84.73
C ASP DA 101 47.63 -4.77 84.64
N LEU DA 102 48.27 -5.60 83.82
CA LEU DA 102 47.72 -6.91 83.49
C LEU DA 102 47.48 -7.77 84.73
N ASP DA 103 48.39 -7.71 85.70
CA ASP DA 103 48.21 -8.50 86.92
C ASP DA 103 46.97 -8.07 87.69
N LYS DA 104 46.76 -6.75 87.82
CA LYS DA 104 45.56 -6.26 88.48
C LYS DA 104 44.31 -6.61 87.70
N ALA DA 105 44.41 -6.66 86.36
CA ALA DA 105 43.29 -7.12 85.55
C ALA DA 105 43.00 -8.59 85.82
N ARG DA 106 44.04 -9.40 86.01
CA ARG DA 106 43.85 -10.81 86.37
C ARG DA 106 43.13 -10.94 87.70
N HIS DA 107 43.54 -10.12 88.68
CA HIS DA 107 42.89 -10.15 89.99
C HIS DA 107 41.44 -9.71 89.90
N ALA DA 108 41.16 -8.66 89.12
CA ALA DA 108 39.79 -8.19 88.96
C ALA DA 108 38.92 -9.23 88.25
N TYR DA 109 39.46 -9.90 87.24
CA TYR DA 109 38.72 -10.95 86.55
C TYR DA 109 38.42 -12.11 87.49
N GLN DA 110 39.40 -12.49 88.32
CA GLN DA 110 39.15 -13.55 89.29
C GLN DA 110 38.09 -13.14 90.31
N HIS DA 111 38.12 -11.86 90.72
CA HIS DA 111 37.07 -11.37 91.61
C HIS DA 111 35.70 -11.42 90.95
N TYR DA 112 35.63 -11.06 89.67
CA TYR DA 112 34.37 -11.16 88.93
C TYR DA 112 33.90 -12.60 88.83
N LEU DA 113 34.83 -13.53 88.59
CA LEU DA 113 34.44 -14.95 88.52
C LEU DA 113 33.91 -15.42 89.87
N GLU DA 114 34.54 -14.99 90.97
CA GLU DA 114 34.05 -15.35 92.30
C GLU DA 114 32.66 -14.78 92.54
N LEU DA 115 32.43 -13.54 92.11
CA LEU DA 115 31.14 -12.89 92.26
C LEU DA 115 30.09 -13.39 91.27
N LYS DA 116 30.51 -14.16 90.26
CA LYS DA 116 29.61 -14.55 89.18
C LYS DA 116 28.61 -15.61 89.65
N ASP DA 117 29.07 -16.57 90.45
CA ASP DA 117 28.22 -17.67 90.93
C ASP DA 117 27.58 -18.42 89.77
N ALA EA 24 58.09 -58.28 -9.45
CA ALA EA 24 57.98 -59.38 -8.49
C ALA EA 24 59.16 -59.36 -7.52
N GLN EA 25 59.75 -60.53 -7.30
CA GLN EA 25 60.86 -60.64 -6.36
C GLN EA 25 62.07 -59.83 -6.84
N SER EA 26 62.37 -59.88 -8.13
CA SER EA 26 63.48 -59.08 -8.66
C SER EA 26 63.25 -57.58 -8.49
N LYS EA 27 62.02 -57.12 -8.70
CA LYS EA 27 61.72 -55.70 -8.51
C LYS EA 27 61.86 -55.29 -7.04
N ARG EA 28 61.40 -56.16 -6.13
CA ARG EA 28 61.58 -55.91 -4.71
C ARG EA 28 63.05 -55.90 -4.32
N SER EA 29 63.85 -56.79 -4.89
CA SER EA 29 65.29 -56.79 -4.65
C SER EA 29 65.96 -55.54 -5.20
N LEU EA 30 65.50 -55.03 -6.34
CA LEU EA 30 65.99 -53.76 -6.86
C LEU EA 30 65.71 -52.61 -5.90
N TRP EA 31 64.47 -52.51 -5.42
CA TRP EA 31 64.14 -51.45 -4.48
C TRP EA 31 64.84 -51.62 -3.13
N ASP EA 32 65.02 -52.86 -2.70
CA ASP EA 32 65.69 -53.19 -1.44
C ASP EA 32 67.19 -52.88 -1.48
N PHE EA 33 67.82 -53.04 -2.65
CA PHE EA 33 69.24 -52.70 -2.77
C PHE EA 33 69.49 -51.21 -2.59
N ALA EA 34 68.62 -50.36 -3.14
CA ALA EA 34 68.84 -48.93 -3.00
C ALA EA 34 68.61 -48.46 -1.57
N SER EA 35 67.80 -49.18 -0.80
CA SER EA 35 67.40 -48.80 0.56
C SER EA 35 67.12 -47.31 0.73
N ALA EA 46 61.03 -33.90 11.37
CA ALA EA 46 60.22 -32.71 11.64
C ALA EA 46 61.11 -31.46 11.75
N GLN EA 47 61.49 -31.11 12.98
CA GLN EA 47 62.36 -29.95 13.17
C GLN EA 47 63.74 -30.20 12.56
N ASP EA 48 64.25 -31.44 12.66
CA ASP EA 48 65.51 -31.78 12.02
C ASP EA 48 65.45 -31.55 10.52
N TYR EA 49 64.28 -31.73 9.91
CA TYR EA 49 64.16 -31.51 8.48
C TYR EA 49 64.38 -30.03 8.14
N ARG EA 50 63.65 -29.13 8.80
CA ARG EA 50 63.83 -27.70 8.53
C ARG EA 50 65.23 -27.21 8.90
N ARG EA 51 65.84 -27.81 9.93
CA ARG EA 51 67.19 -27.40 10.33
C ARG EA 51 68.21 -27.82 9.28
N GLU EA 52 68.14 -29.07 8.83
CA GLU EA 52 69.05 -29.55 7.80
C GLU EA 52 68.81 -28.81 6.50
N LEU EA 53 67.54 -28.51 6.21
CA LEU EA 53 67.22 -27.75 5.00
C LEU EA 53 67.92 -26.39 5.02
N ASP EA 54 67.79 -25.64 6.12
CA ASP EA 54 68.42 -24.32 6.16
C ASP EA 54 69.95 -24.40 6.12
N THR EA 55 70.53 -25.38 6.83
CA THR EA 55 71.99 -25.51 6.80
C THR EA 55 72.48 -25.91 5.41
N LEU EA 56 71.78 -26.83 4.76
CA LEU EA 56 72.26 -27.32 3.47
C LEU EA 56 72.10 -26.23 2.43
N GLN EA 57 71.02 -25.45 2.53
CA GLN EA 57 70.79 -24.41 1.53
C GLN EA 57 71.86 -23.33 1.65
N SER EA 58 72.27 -23.02 2.88
CA SER EA 58 73.34 -22.02 3.01
C SER EA 58 74.71 -22.61 2.68
N LEU EA 59 74.92 -23.90 2.90
CA LEU EA 59 76.18 -24.51 2.49
C LEU EA 59 76.31 -24.53 0.96
N LEU EA 60 75.29 -25.05 0.28
CA LEU EA 60 75.29 -25.15 -1.18
C LEU EA 60 75.21 -23.80 -1.87
N THR EA 61 74.76 -22.74 -1.17
CA THR EA 61 74.71 -21.44 -1.82
C THR EA 61 76.11 -20.94 -2.17
N THR EA 62 77.11 -21.27 -1.34
CA THR EA 62 78.48 -20.84 -1.58
C THR EA 62 79.12 -21.51 -2.80
N SER EA 63 78.49 -22.54 -3.37
CA SER EA 63 79.05 -23.22 -4.53
C SER EA 63 79.12 -22.30 -5.74
N SER EA 65 80.66 -26.68 -7.91
CA SER EA 65 80.50 -27.09 -9.29
C SER EA 65 79.07 -26.84 -9.79
N SER EA 66 78.82 -27.15 -11.06
CA SER EA 66 77.50 -26.96 -11.64
C SER EA 66 76.48 -27.88 -10.98
N GLU EA 67 76.90 -29.11 -10.64
CA GLU EA 67 76.02 -30.04 -9.95
C GLU EA 67 75.54 -29.47 -8.62
N LEU EA 68 76.46 -28.87 -7.86
CA LEU EA 68 76.07 -28.21 -6.61
C LEU EA 68 75.19 -27.00 -6.86
N GLN EA 69 75.35 -26.30 -7.99
CA GLN EA 69 74.47 -25.18 -8.27
C GLN EA 69 73.04 -25.64 -8.55
N ALA EA 70 72.90 -26.72 -9.33
CA ALA EA 70 71.57 -27.29 -9.57
C ALA EA 70 70.97 -27.80 -8.26
N ALA EA 71 71.80 -28.41 -7.42
CA ALA EA 71 71.33 -28.90 -6.13
C ALA EA 71 70.86 -27.76 -5.25
N ALA EA 72 71.60 -26.66 -5.22
CA ALA EA 72 71.21 -25.50 -4.43
C ALA EA 72 69.89 -24.90 -4.92
N ALA EA 73 69.71 -24.81 -6.25
CA ALA EA 73 68.44 -24.27 -6.75
C ALA EA 73 67.28 -25.20 -6.40
N LEU EA 74 67.51 -26.51 -6.47
CA LEU EA 74 66.49 -27.49 -6.07
C LEU EA 74 66.16 -27.35 -4.59
N LEU EA 75 67.18 -27.14 -3.77
CA LEU EA 75 67.00 -26.99 -2.34
C LEU EA 75 66.22 -25.72 -2.02
N LYS EA 76 66.51 -24.62 -2.75
CA LYS EA 76 65.76 -23.40 -2.53
C LYS EA 76 64.30 -23.62 -2.91
N CYS EA 77 64.08 -24.39 -3.97
CA CYS EA 77 62.72 -24.68 -4.42
C CYS EA 77 61.95 -25.39 -3.31
N GLN EA 78 62.55 -26.44 -2.73
CA GLN EA 78 61.84 -27.16 -1.67
C GLN EA 78 61.71 -26.32 -0.40
N GLN EA 79 62.71 -25.46 -0.12
CA GLN EA 79 62.68 -24.56 1.04
C GLN EA 79 61.50 -23.60 0.94
N ASP EA 80 61.11 -23.24 -0.27
CA ASP EA 80 60.03 -22.29 -0.41
C ASP EA 80 58.70 -22.99 -0.63
N ASP EA 81 58.71 -24.19 -1.18
CA ASP EA 81 57.47 -24.94 -1.17
C ASP EA 81 57.07 -25.24 0.28
N ASP EA 82 58.06 -25.49 1.14
CA ASP EA 82 57.76 -25.68 2.56
C ASP EA 82 57.30 -24.37 3.20
N ARG EA 83 57.87 -23.24 2.77
CA ARG EA 83 57.39 -21.96 3.30
C ARG EA 83 55.95 -21.71 2.89
N LEU EA 84 55.58 -22.16 1.69
CA LEU EA 84 54.20 -22.04 1.23
C LEU EA 84 53.29 -22.95 2.04
N LEU EA 85 53.77 -24.14 2.40
CA LEU EA 85 52.87 -25.01 3.14
C LEU EA 85 52.72 -24.51 4.57
N GLN EA 86 53.75 -23.87 5.12
CA GLN EA 86 53.59 -23.26 6.43
C GLN EA 86 52.56 -22.14 6.38
N ILE EA 87 52.53 -21.38 5.28
CA ILE EA 87 51.52 -20.34 5.14
C ILE EA 87 50.12 -20.94 5.01
N ILE EA 88 50.01 -22.06 4.29
CA ILE EA 88 48.71 -22.71 4.14
C ILE EA 88 48.23 -23.26 5.49
N LEU EA 89 49.12 -23.87 6.26
CA LEU EA 89 48.72 -24.37 7.56
C LEU EA 89 48.30 -23.23 8.49
N ASN EA 90 49.01 -22.10 8.42
CA ASN EA 90 48.63 -20.95 9.23
C ASN EA 90 47.26 -20.40 8.85
N LEU EA 91 46.94 -20.33 7.55
CA LEU EA 91 45.61 -19.87 7.20
C LEU EA 91 44.49 -20.84 7.59
N LEU EA 92 44.74 -22.15 7.48
CA LEU EA 92 43.76 -23.19 7.86
C LEU EA 92 43.74 -23.62 9.32
N HIS EA 93 42.78 -23.10 10.09
CA HIS EA 93 42.67 -23.47 11.51
C HIS EA 93 41.25 -23.82 11.93
N LYS EA 94 40.25 -23.09 11.43
CA LYS EA 94 38.85 -23.27 11.84
C LYS EA 94 38.78 -23.08 13.36
N VAL EA 95 37.93 -23.82 14.06
CA VAL EA 95 37.87 -23.74 15.52
C VAL EA 95 38.01 -25.13 16.12
N ARG FA 16 79.93 -33.94 8.79
CA ARG FA 16 78.50 -33.95 9.07
C ARG FA 16 77.84 -35.20 8.47
N GLN FA 17 78.51 -35.78 7.48
CA GLN FA 17 78.11 -37.03 6.81
C GLN FA 17 76.89 -36.83 5.93
N GLN FA 18 76.27 -35.64 6.01
CA GLN FA 18 75.15 -35.23 5.16
C GLN FA 18 74.08 -36.32 5.06
N GLU FA 19 73.45 -36.60 6.20
CA GLU FA 19 72.39 -37.59 6.23
C GLU FA 19 71.13 -37.08 5.53
N PHE FA 20 70.86 -35.78 5.63
CA PHE FA 20 69.73 -35.17 4.94
C PHE FA 20 69.82 -35.41 3.44
N LEU FA 21 71.01 -35.23 2.87
CA LEU FA 21 71.18 -35.45 1.43
C LEU FA 21 70.89 -36.89 1.06
N LEU FA 22 71.38 -37.85 1.86
CA LEU FA 22 71.12 -39.26 1.58
C LEU FA 22 69.63 -39.56 1.61
N LEU FA 23 68.93 -39.10 2.67
CA LEU FA 23 67.50 -39.40 2.77
C LEU FA 23 66.72 -38.74 1.63
N ASN FA 24 67.05 -37.49 1.29
CA ASN FA 24 66.37 -36.83 0.19
C ASN FA 24 66.61 -37.55 -1.13
N GLY FA 25 67.85 -37.98 -1.38
CA GLY FA 25 68.11 -38.72 -2.60
C GLY FA 25 67.33 -40.03 -2.68
N TRP FA 26 67.29 -40.76 -1.57
CA TRP FA 26 66.52 -42.02 -1.56
C TRP FA 26 65.04 -41.76 -1.78
N LEU FA 27 64.48 -40.73 -1.14
CA LEU FA 27 63.07 -40.41 -1.32
C LEU FA 27 62.77 -39.98 -2.76
N GLN FA 28 63.65 -39.18 -3.35
CA GLN FA 28 63.46 -38.77 -4.74
C GLN FA 28 63.52 -39.96 -5.67
N LEU FA 29 64.44 -40.90 -5.42
CA LEU FA 29 64.48 -42.12 -6.21
C LEU FA 29 63.20 -42.92 -6.03
N GLN FA 30 62.69 -42.98 -4.80
CA GLN FA 30 61.44 -43.67 -4.50
C GLN FA 30 60.22 -42.98 -5.09
N CYS FA 31 60.35 -41.72 -5.52
CA CYS FA 31 59.21 -41.03 -6.12
C CYS FA 31 59.46 -40.63 -7.57
N GLY FA 32 59.93 -41.57 -8.39
CA GLY FA 32 60.07 -41.40 -9.82
C GLY FA 32 60.71 -40.10 -10.29
N HIS FA 33 61.80 -39.71 -9.65
CA HIS FA 33 62.53 -38.49 -9.97
C HIS FA 33 64.00 -38.81 -10.27
N ALA FA 34 64.23 -39.96 -10.91
CA ALA FA 34 65.55 -40.46 -11.28
C ALA FA 34 66.57 -39.39 -11.60
N GLU FA 35 66.19 -38.35 -12.35
CA GLU FA 35 67.14 -37.29 -12.67
C GLU FA 35 67.49 -36.47 -11.42
N ARG FA 36 66.48 -36.18 -10.58
CA ARG FA 36 66.73 -35.44 -9.35
C ARG FA 36 67.62 -36.24 -8.41
N ALA FA 37 67.35 -37.54 -8.29
CA ALA FA 37 68.21 -38.41 -7.49
C ALA FA 37 69.62 -38.45 -8.07
N CYS FA 38 69.73 -38.47 -9.40
CA CYS FA 38 71.04 -38.48 -10.03
C CYS FA 38 71.82 -37.21 -9.69
N ILE FA 39 71.16 -36.05 -9.71
CA ILE FA 39 71.84 -34.81 -9.38
C ILE FA 39 72.28 -34.81 -7.92
N LEU FA 40 71.40 -35.24 -7.02
CA LEU FA 40 71.76 -35.29 -5.60
C LEU FA 40 72.92 -36.23 -5.36
N LEU FA 41 72.90 -37.41 -5.99
CA LEU FA 41 73.97 -38.38 -5.79
C LEU FA 41 75.26 -37.95 -6.47
N ASP FA 42 75.17 -37.20 -7.57
CA ASP FA 42 76.37 -36.62 -8.16
C ASP FA 42 77.00 -35.61 -7.21
N ALA FA 43 76.18 -34.81 -6.54
CA ALA FA 43 76.72 -33.92 -5.51
C ALA FA 43 77.38 -34.72 -4.40
N LEU FA 44 76.74 -35.81 -3.98
CA LEU FA 44 77.32 -36.67 -2.95
C LEU FA 44 78.67 -37.24 -3.38
N LEU FA 45 78.77 -37.69 -4.64
CA LEU FA 45 80.00 -38.28 -5.13
C LEU FA 45 81.09 -37.22 -5.28
N THR FA 46 80.73 -36.00 -5.66
CA THR FA 46 81.72 -34.93 -5.71
C THR FA 46 82.21 -34.58 -4.32
N LEU FA 47 81.35 -34.69 -3.30
CA LEU FA 47 81.82 -34.50 -1.93
C LEU FA 47 82.49 -35.77 -1.40
N ASN FA 48 81.70 -36.82 -1.17
CA ASN FA 48 82.22 -38.11 -0.73
C ASN FA 48 82.18 -39.09 -1.89
N PRO FA 49 83.30 -39.38 -2.55
CA PRO FA 49 83.28 -40.36 -3.66
C PRO FA 49 83.29 -41.80 -3.20
N GLU FA 50 83.55 -42.06 -1.91
CA GLU FA 50 83.65 -43.41 -1.39
C GLU FA 50 82.37 -43.95 -0.78
N HIS FA 51 81.29 -43.15 -0.78
CA HIS FA 51 80.05 -43.55 -0.14
C HIS FA 51 79.31 -44.56 -1.01
N LEU FA 52 78.88 -45.67 -0.40
CA LEU FA 52 78.22 -46.74 -1.14
C LEU FA 52 76.77 -46.40 -1.49
N ALA FA 53 76.09 -45.65 -0.63
CA ALA FA 53 74.68 -45.35 -0.85
C ALA FA 53 74.48 -44.60 -2.15
N GLY FA 54 75.38 -43.66 -2.46
CA GLY FA 54 75.28 -42.94 -3.71
C GLY FA 54 75.33 -43.86 -4.92
N ARG FA 55 76.30 -44.78 -4.92
CA ARG FA 55 76.39 -45.75 -6.01
C ARG FA 55 75.13 -46.62 -6.07
N ARG FA 56 74.66 -47.10 -4.92
CA ARG FA 56 73.50 -48.00 -4.90
C ARG FA 56 72.27 -47.33 -5.48
N CYS FA 57 71.98 -46.10 -5.05
CA CYS FA 57 70.77 -45.43 -5.52
C CYS FA 57 70.93 -44.95 -6.96
N ARG FA 58 72.10 -44.40 -7.30
CA ARG FA 58 72.32 -43.94 -8.67
C ARG FA 58 72.33 -45.10 -9.65
N LEU FA 59 72.59 -46.33 -9.20
CA LEU FA 59 72.48 -47.47 -10.11
C LEU FA 59 71.05 -47.63 -10.61
N VAL FA 60 70.08 -47.63 -9.70
CA VAL FA 60 68.69 -47.73 -10.11
C VAL FA 60 68.25 -46.49 -10.87
N ALA FA 61 68.73 -45.31 -10.45
CA ALA FA 61 68.39 -44.09 -11.15
C ALA FA 61 68.88 -44.10 -12.59
N LEU FA 62 70.11 -44.57 -12.80
CA LEU FA 62 70.67 -44.69 -14.14
C LEU FA 62 69.95 -45.75 -14.95
N LEU FA 63 69.52 -46.83 -14.30
CA LEU FA 63 68.72 -47.84 -14.98
C LEU FA 63 67.42 -47.25 -15.51
N ASN FA 64 66.75 -46.42 -14.70
CA ASN FA 64 65.51 -45.80 -15.14
C ASN FA 64 65.74 -44.63 -16.09
N ASN FA 65 66.94 -44.06 -16.11
CA ASN FA 65 67.26 -42.94 -16.99
C ASN FA 65 67.76 -43.36 -18.36
N ASN FA 66 68.08 -44.65 -18.56
CA ASN FA 66 68.65 -45.15 -19.81
C ASN FA 66 70.04 -44.55 -20.07
N GLN FA 67 70.89 -44.64 -19.06
CA GLN FA 67 72.28 -44.19 -19.10
C GLN FA 67 73.19 -45.27 -18.53
N GLY FA 68 73.01 -46.50 -19.03
CA GLY FA 68 73.52 -47.69 -18.39
C GLY FA 68 75.02 -47.82 -18.31
N GLU FA 69 75.78 -47.06 -19.11
CA GLU FA 69 77.23 -47.18 -19.06
C GLU FA 69 77.79 -46.67 -17.74
N ARG FA 70 77.31 -45.52 -17.28
CA ARG FA 70 77.72 -45.03 -15.97
C ARG FA 70 77.33 -46.02 -14.88
N ALA FA 71 76.15 -46.64 -15.02
CA ALA FA 71 75.72 -47.65 -14.06
C ALA FA 71 76.65 -48.85 -14.07
N GLU FA 72 77.11 -49.26 -15.25
CA GLU FA 72 78.06 -50.36 -15.33
C GLU FA 72 79.36 -50.02 -14.63
N LYS FA 73 79.85 -48.79 -14.84
CA LYS FA 73 81.10 -48.39 -14.18
C LYS FA 73 80.95 -48.37 -12.66
N GLU FA 74 79.85 -47.82 -12.17
CA GLU FA 74 79.63 -47.78 -10.72
C GLU FA 74 79.43 -49.18 -10.15
N ALA FA 75 78.72 -50.05 -10.86
CA ALA FA 75 78.56 -51.43 -10.40
C ALA FA 75 79.89 -52.15 -10.38
N GLN FA 76 80.77 -51.85 -11.35
CA GLN FA 76 82.11 -52.43 -11.33
C GLN FA 76 82.90 -51.94 -10.12
N TRP FA 77 82.75 -50.66 -9.77
CA TRP FA 77 83.39 -50.14 -8.57
C TRP FA 77 82.90 -50.86 -7.33
N LEU FA 78 81.58 -51.03 -7.21
CA LEU FA 78 81.02 -51.72 -6.05
C LEU FA 78 81.45 -53.18 -6.01
N ILE FA 79 81.58 -53.80 -7.19
CA ILE FA 79 82.02 -55.19 -7.28
C ILE FA 79 83.47 -55.30 -6.85
N SER FA 80 84.28 -54.29 -7.18
CA SER FA 80 85.69 -54.27 -6.82
C SER FA 80 85.93 -53.76 -5.41
N HIS FA 81 84.88 -53.34 -4.70
CA HIS FA 81 85.01 -52.89 -3.32
C HIS FA 81 84.09 -53.63 -2.35
N ASP FA 82 82.93 -54.10 -2.79
CA ASP FA 82 82.00 -54.83 -1.92
C ASP FA 82 81.56 -56.11 -2.60
N PRO FA 83 82.39 -57.15 -2.55
CA PRO FA 83 81.97 -58.48 -3.03
C PRO FA 83 81.06 -59.22 -2.06
N LEU FA 84 80.76 -58.63 -0.90
CA LEU FA 84 79.89 -59.26 0.08
C LEU FA 84 78.42 -59.05 -0.20
N GLN FA 85 78.07 -58.22 -1.19
CA GLN FA 85 76.69 -57.94 -1.54
C GLN FA 85 76.37 -58.57 -2.88
N ALA FA 86 75.37 -59.46 -2.91
CA ALA FA 86 74.98 -60.09 -4.16
C ALA FA 86 74.22 -59.13 -5.06
N GLY FA 87 73.57 -58.12 -4.47
CA GLY FA 87 72.81 -57.17 -5.27
C GLY FA 87 73.67 -56.44 -6.31
N ASN FA 88 74.96 -56.28 -6.02
CA ASN FA 88 75.87 -55.68 -6.98
C ASN FA 88 75.92 -56.41 -8.30
N TRP FA 89 75.39 -57.63 -8.38
CA TRP FA 89 75.37 -58.37 -9.62
C TRP FA 89 74.03 -58.32 -10.34
N LEU FA 90 72.99 -57.79 -9.71
CA LEU FA 90 71.73 -57.59 -10.43
C LEU FA 90 71.79 -56.33 -11.29
N CYS FA 91 72.22 -55.22 -10.70
CA CYS FA 91 72.29 -53.96 -11.43
C CYS FA 91 73.22 -54.09 -12.63
N LEU FA 92 74.40 -54.67 -12.39
CA LEU FA 92 75.33 -54.92 -13.48
C LEU FA 92 74.66 -55.67 -14.62
N SER FA 93 73.89 -56.70 -14.30
CA SER FA 93 73.18 -57.41 -15.35
C SER FA 93 72.23 -56.48 -16.09
N ARG FA 94 71.35 -55.78 -15.34
CA ARG FA 94 70.34 -54.95 -15.99
C ARG FA 94 70.98 -53.88 -16.84
N ALA FA 95 71.97 -53.17 -16.27
CA ALA FA 95 72.64 -52.12 -17.01
C ALA FA 95 73.23 -52.68 -18.28
N GLN FA 96 73.86 -53.85 -18.19
CA GLN FA 96 74.44 -54.44 -19.38
C GLN FA 96 73.37 -54.97 -20.33
N GLN FA 97 72.27 -55.51 -19.79
CA GLN FA 97 71.27 -56.08 -20.67
C GLN FA 97 70.50 -55.02 -21.46
N LEU FA 98 70.46 -53.80 -20.95
CA LEU FA 98 69.92 -52.71 -21.75
C LEU FA 98 70.91 -52.23 -22.80
N ASN FA 99 72.21 -52.29 -22.51
CA ASN FA 99 73.22 -51.76 -23.45
C ASN FA 99 73.64 -52.76 -24.53
N GLY FA 100 74.30 -53.84 -24.12
CA GLY FA 100 75.04 -54.64 -25.09
C GLY FA 100 74.43 -55.95 -25.54
N ASP FA 101 74.03 -56.79 -24.58
CA ASP FA 101 73.65 -58.16 -24.87
C ASP FA 101 73.00 -58.73 -23.62
N LEU FA 102 72.65 -60.01 -23.67
CA LEU FA 102 71.98 -60.69 -22.57
C LEU FA 102 72.79 -61.81 -21.95
N ASP FA 103 73.69 -62.45 -22.71
CA ASP FA 103 74.43 -63.59 -22.17
C ASP FA 103 75.27 -63.20 -20.96
N LYS FA 104 75.97 -62.06 -21.04
CA LYS FA 104 76.72 -61.58 -19.89
C LYS FA 104 75.79 -61.18 -18.75
N ALA FA 105 74.59 -60.68 -19.08
CA ALA FA 105 73.59 -60.44 -18.06
C ALA FA 105 73.16 -61.75 -17.41
N ARG FA 106 73.05 -62.81 -18.21
CA ARG FA 106 72.76 -64.13 -17.67
C ARG FA 106 73.86 -64.59 -16.72
N HIS FA 107 75.12 -64.35 -17.08
CA HIS FA 107 76.23 -64.70 -16.20
C HIS FA 107 76.17 -63.92 -14.89
N ALA FA 108 75.85 -62.63 -14.96
CA ALA FA 108 75.73 -61.84 -13.74
C ALA FA 108 74.58 -62.32 -12.87
N TYR FA 109 73.45 -62.69 -13.49
CA TYR FA 109 72.33 -63.23 -12.73
C TYR FA 109 72.69 -64.56 -12.07
N GLN FA 110 73.43 -65.40 -12.79
CA GLN FA 110 73.87 -66.66 -12.20
C GLN FA 110 74.83 -66.42 -11.04
N HIS FA 111 75.70 -65.41 -11.17
CA HIS FA 111 76.57 -65.05 -10.06
C HIS FA 111 75.77 -64.58 -8.85
N TYR FA 112 74.72 -63.78 -9.09
CA TYR FA 112 73.86 -63.36 -8.01
C TYR FA 112 73.18 -64.55 -7.34
N LEU FA 113 72.71 -65.52 -8.14
CA LEU FA 113 72.09 -66.71 -7.58
C LEU FA 113 73.08 -67.52 -6.76
N GLU FA 114 74.32 -67.64 -7.24
CA GLU FA 114 75.34 -68.35 -6.48
C GLU FA 114 75.65 -67.66 -5.16
N LEU FA 115 75.72 -66.33 -5.17
CA LEU FA 115 75.98 -65.59 -3.95
C LEU FA 115 74.78 -65.52 -3.02
N LYS FA 116 73.58 -65.82 -3.55
CA LYS FA 116 72.38 -65.79 -2.71
C LYS FA 116 72.46 -66.84 -1.60
N ASP FA 117 72.92 -68.05 -1.94
CA ASP FA 117 73.10 -69.13 -0.97
C ASP FA 117 71.81 -69.45 -0.23
N ALA GA 24 22.00 -66.40 -45.24
CA ALA GA 24 22.56 -65.82 -44.02
C ALA GA 24 23.91 -66.45 -43.70
N GLN GA 25 24.05 -67.73 -44.05
CA GLN GA 25 25.33 -68.43 -43.81
C GLN GA 25 26.45 -67.78 -44.60
N SER GA 26 26.19 -67.43 -45.86
CA SER GA 26 27.20 -66.76 -46.67
C SER GA 26 27.61 -65.41 -46.08
N LYS GA 27 26.66 -64.63 -45.58
CA LYS GA 27 27.01 -63.35 -44.98
C LYS GA 27 27.85 -63.52 -43.71
N ARG GA 28 27.51 -64.49 -42.87
CA ARG GA 28 28.33 -64.76 -41.70
C ARG GA 28 29.73 -65.25 -42.07
N SER GA 29 29.83 -66.10 -43.10
CA SER GA 29 31.15 -66.53 -43.55
C SER GA 29 31.95 -65.37 -44.13
N LEU GA 30 31.30 -64.44 -44.82
CA LEU GA 30 31.99 -63.23 -45.28
C LEU GA 30 32.51 -62.41 -44.11
N TRP GA 31 31.67 -62.17 -43.10
CA TRP GA 31 32.08 -61.33 -41.99
C TRP GA 31 33.16 -61.99 -41.14
N ASP GA 32 33.07 -63.30 -40.92
CA ASP GA 32 34.12 -63.97 -40.15
C ASP GA 32 35.42 -64.04 -40.93
N PHE GA 33 35.35 -64.19 -42.26
CA PHE GA 33 36.56 -64.18 -43.07
C PHE GA 33 37.22 -62.81 -43.07
N ALA GA 34 36.42 -61.75 -43.15
CA ALA GA 34 37.00 -60.40 -43.16
C ALA GA 34 37.55 -60.01 -41.80
N SER GA 35 37.03 -60.61 -40.73
CA SER GA 35 37.40 -60.22 -39.38
C SER GA 35 38.88 -60.50 -39.12
N PRO GA 36 39.68 -59.51 -38.75
CA PRO GA 36 41.06 -59.78 -38.35
C PRO GA 36 41.16 -60.16 -36.87
N GLY GA 37 42.38 -60.36 -36.38
CA GLY GA 37 42.58 -60.65 -34.98
C GLY GA 37 42.51 -59.42 -34.10
N TYR GA 38 41.62 -59.42 -33.11
CA TYR GA 38 41.48 -58.29 -32.21
C TYR GA 38 42.71 -58.11 -31.34
N HIS GA 41 47.92 -57.73 -29.05
CA HIS GA 41 48.44 -56.63 -29.85
C HIS GA 41 47.72 -55.33 -29.52
N GLY GA 42 46.65 -55.07 -30.25
CA GLY GA 42 45.89 -53.85 -30.03
C GLY GA 42 45.05 -53.91 -28.77
N LEU GA 43 44.71 -52.73 -28.27
CA LEU GA 43 43.86 -52.57 -27.09
C LEU GA 43 42.91 -51.39 -27.36
N HIS GA 44 42.26 -50.90 -26.31
CA HIS GA 44 41.42 -49.71 -26.47
C HIS GA 44 42.25 -48.53 -26.96
N ARG GA 45 43.33 -48.22 -26.24
CA ARG GA 45 44.43 -47.36 -26.72
C ARG GA 45 43.92 -46.09 -27.39
N ALA GA 46 43.03 -45.37 -26.71
CA ALA GA 46 42.45 -44.15 -27.29
C ALA GA 46 43.53 -43.11 -27.55
N GLN GA 47 44.34 -42.81 -26.53
CA GLN GA 47 45.45 -41.88 -26.72
C GLN GA 47 46.49 -42.45 -27.69
N ASP GA 48 46.79 -43.75 -27.57
CA ASP GA 48 47.65 -44.40 -28.55
C ASP GA 48 47.04 -44.35 -29.94
N TYR GA 49 45.70 -44.38 -30.03
CA TYR GA 49 45.03 -44.31 -31.31
C TYR GA 49 45.29 -42.94 -31.94
N ARG GA 50 45.02 -41.87 -31.19
CA ARG GA 50 45.26 -40.53 -31.71
C ARG GA 50 46.74 -40.28 -32.01
N ARG GA 51 47.64 -40.91 -31.26
CA ARG GA 51 49.08 -40.73 -31.52
C ARG GA 51 49.48 -41.41 -32.83
N GLU GA 52 49.04 -42.64 -33.04
CA GLU GA 52 49.38 -43.34 -34.28
C GLU GA 52 48.70 -42.64 -35.45
N LEU GA 53 47.48 -42.16 -35.24
CA LEU GA 53 46.76 -41.42 -36.27
C LEU GA 53 47.56 -40.19 -36.69
N ASP GA 54 48.02 -39.39 -35.72
CA ASP GA 54 48.76 -38.17 -36.03
C ASP GA 54 50.07 -38.48 -36.75
N THR GA 55 50.77 -39.55 -36.33
CA THR GA 55 52.01 -39.87 -37.02
C THR GA 55 51.72 -40.30 -38.45
N LEU GA 56 50.67 -41.11 -38.65
CA LEU GA 56 50.43 -41.62 -39.99
C LEU GA 56 49.95 -40.49 -40.90
N GLN GA 57 49.13 -39.58 -40.36
CA GLN GA 57 48.60 -38.50 -41.19
C GLN GA 57 49.73 -37.57 -41.62
N SER GA 58 50.71 -37.34 -40.73
CA SER GA 58 51.82 -36.49 -41.15
C SER GA 58 52.80 -37.21 -42.06
N LEU GA 59 52.94 -38.53 -41.94
CA LEU GA 59 53.76 -39.26 -42.89
C LEU GA 59 53.13 -39.23 -44.29
N LEU GA 60 51.85 -39.60 -44.35
CA LEU GA 60 51.04 -39.66 -45.57
C LEU GA 60 50.74 -38.30 -46.18
N THR GA 61 50.89 -37.20 -45.42
CA THR GA 61 50.61 -35.88 -45.97
C THR GA 61 51.55 -35.52 -47.13
N THR GA 62 52.81 -35.97 -47.10
CA THR GA 62 53.71 -35.62 -48.21
C THR GA 62 53.26 -36.28 -49.51
N SER GA 63 53.29 -37.62 -49.56
CA SER GA 63 52.52 -38.43 -50.51
C SER GA 63 52.58 -37.90 -51.94
N GLN GA 64 53.76 -38.03 -52.56
CA GLN GA 64 53.83 -37.78 -53.99
C GLN GA 64 52.86 -38.66 -54.76
N SER GA 65 52.48 -39.81 -54.21
CA SER GA 65 51.41 -40.63 -54.77
C SER GA 65 50.05 -40.12 -54.31
N SER GA 66 49.04 -40.35 -55.16
CA SER GA 66 47.70 -39.85 -54.87
C SER GA 66 46.96 -40.68 -53.83
N GLU GA 67 47.18 -42.00 -53.81
CA GLU GA 67 46.46 -42.86 -52.88
C GLU GA 67 46.80 -42.53 -51.43
N LEU GA 68 48.09 -42.34 -51.15
CA LEU GA 68 48.49 -41.94 -49.81
C LEU GA 68 47.99 -40.55 -49.45
N GLN GA 69 47.85 -39.66 -50.44
CA GLN GA 69 47.28 -38.34 -50.17
C GLN GA 69 45.81 -38.43 -49.81
N ALA GA 70 45.03 -39.28 -50.50
CA ALA GA 70 43.64 -39.50 -50.12
C ALA GA 70 43.55 -40.10 -48.73
N ALA GA 71 44.46 -41.03 -48.41
CA ALA GA 71 44.48 -41.63 -47.08
C ALA GA 71 44.79 -40.57 -46.03
N ALA GA 72 45.75 -39.70 -46.31
CA ALA GA 72 46.10 -38.62 -45.39
C ALA GA 72 44.93 -37.67 -45.17
N ALA GA 73 44.20 -37.34 -46.24
CA ALA GA 73 43.05 -36.45 -46.05
C ALA GA 73 41.97 -37.12 -45.19
N LEU GA 74 41.76 -38.42 -45.38
CA LEU GA 74 40.81 -39.14 -44.53
C LEU GA 74 41.29 -39.12 -43.07
N LEU GA 75 42.59 -39.30 -42.86
CA LEU GA 75 43.14 -39.29 -41.51
C LEU GA 75 43.01 -37.91 -40.89
N LYS GA 76 43.23 -36.84 -41.67
CA LYS GA 76 43.06 -35.50 -41.14
C LYS GA 76 41.60 -35.28 -40.75
N CYS GA 77 40.68 -35.82 -41.54
CA CYS GA 77 39.26 -35.69 -41.24
C CYS GA 77 38.99 -36.30 -39.87
N GLN GA 78 39.48 -37.53 -39.66
CA GLN GA 78 39.24 -38.19 -38.37
C GLN GA 78 40.00 -37.48 -37.25
N GLN GA 79 41.17 -36.92 -37.55
CA GLN GA 79 41.98 -36.18 -36.58
C GLN GA 79 41.23 -34.96 -36.06
N ASP GA 80 40.38 -34.38 -36.89
CA ASP GA 80 39.68 -33.18 -36.45
C ASP GA 80 38.31 -33.52 -35.93
N ASP GA 81 37.70 -34.60 -36.40
CA ASP GA 81 36.49 -35.06 -35.74
C ASP GA 81 36.82 -35.47 -34.30
N ASP GA 82 38.01 -36.05 -34.11
CA ASP GA 82 38.48 -36.36 -32.76
C ASP GA 82 38.80 -35.10 -31.97
N ARG GA 83 39.31 -34.06 -32.62
CA ARG GA 83 39.54 -32.83 -31.89
C ARG GA 83 38.22 -32.23 -31.41
N LEU GA 84 37.16 -32.40 -32.21
CA LEU GA 84 35.85 -31.95 -31.79
C LEU GA 84 35.32 -32.80 -30.64
N LEU GA 85 35.60 -34.09 -30.66
CA LEU GA 85 35.08 -34.90 -29.57
C LEU GA 85 35.86 -34.66 -28.30
N GLN GA 86 37.16 -34.35 -28.41
CA GLN GA 86 37.91 -33.98 -27.22
C GLN GA 86 37.35 -32.70 -26.60
N ILE GA 87 36.91 -31.76 -27.45
CA ILE GA 87 36.30 -30.54 -26.92
C ILE GA 87 34.97 -30.85 -26.24
N ILE GA 88 34.21 -31.77 -26.83
CA ILE GA 88 32.92 -32.15 -26.23
C ILE GA 88 33.15 -32.85 -24.89
N LEU GA 89 34.13 -33.74 -24.82
CA LEU GA 89 34.41 -34.43 -23.56
C LEU GA 89 34.88 -33.44 -22.50
N ASN GA 90 35.70 -32.46 -22.88
CA ASN GA 90 36.15 -31.45 -21.92
C ASN GA 90 34.99 -30.60 -21.39
N LEU GA 91 34.06 -30.24 -22.28
CA LEU GA 91 32.88 -29.48 -21.85
C LEU GA 91 31.93 -30.30 -20.97
N LEU GA 92 31.82 -31.59 -21.21
CA LEU GA 92 30.97 -32.48 -20.43
C LEU GA 92 31.57 -33.02 -19.15
N HIS GA 93 32.80 -32.67 -18.77
CA HIS GA 93 33.27 -33.31 -17.55
C HIS GA 93 32.52 -32.72 -16.35
N LYS GA 94 31.56 -33.50 -15.85
CA LYS GA 94 30.66 -33.07 -14.78
C LYS GA 94 31.22 -33.47 -13.42
N VAL GA 95 30.42 -33.32 -12.37
CA VAL GA 95 30.83 -33.71 -11.02
C VAL GA 95 29.85 -34.74 -10.47
N THR HA 14 54.30 -48.48 -41.28
CA THR HA 14 55.48 -49.24 -40.93
C THR HA 14 55.12 -50.64 -40.48
N LYS HA 15 55.30 -50.91 -39.19
CA LYS HA 15 54.99 -52.21 -38.61
C LYS HA 15 53.76 -52.18 -37.73
N ARG HA 16 53.74 -51.29 -36.73
CA ARG HA 16 52.54 -51.14 -35.91
C ARG HA 16 51.44 -50.42 -36.69
N GLN HA 17 51.75 -49.25 -37.23
CA GLN HA 17 50.86 -48.48 -38.10
C GLN HA 17 50.11 -49.35 -39.11
N GLN HA 18 50.78 -50.37 -39.65
CA GLN HA 18 50.11 -51.30 -40.57
C GLN HA 18 48.88 -51.93 -39.92
N GLU HA 19 48.95 -52.19 -38.61
CA GLU HA 19 47.80 -52.76 -37.91
C GLU HA 19 46.71 -51.71 -37.71
N PHE HA 20 47.10 -50.46 -37.48
CA PHE HA 20 46.15 -49.36 -37.40
C PHE HA 20 45.38 -49.24 -38.72
N LEU HA 21 46.09 -49.29 -39.84
CA LEU HA 21 45.43 -49.22 -41.14
C LEU HA 21 44.52 -50.42 -41.35
N LEU HA 22 44.97 -51.61 -40.94
CA LEU HA 22 44.14 -52.80 -41.07
C LEU HA 22 42.83 -52.65 -40.32
N LEU HA 23 42.90 -52.26 -39.04
CA LEU HA 23 41.71 -52.11 -38.21
C LEU HA 23 40.80 -51.01 -38.73
N ASN HA 24 41.37 -49.86 -39.10
CA ASN HA 24 40.55 -48.76 -39.60
C ASN HA 24 39.84 -49.14 -40.89
N GLY HA 25 40.54 -49.82 -41.80
CA GLY HA 25 39.89 -50.27 -43.02
C GLY HA 25 38.77 -51.26 -42.75
N TRP HA 26 39.00 -52.19 -41.83
CA TRP HA 26 37.94 -53.14 -41.49
C TRP HA 26 36.73 -52.44 -40.91
N LEU HA 27 36.95 -51.46 -40.03
CA LEU HA 27 35.82 -50.73 -39.44
C LEU HA 27 35.06 -49.93 -40.50
N GLN HA 28 35.79 -49.27 -41.41
CA GLN HA 28 35.12 -48.52 -42.46
C GLN HA 28 34.29 -49.43 -43.35
N LEU HA 29 34.82 -50.63 -43.66
CA LEU HA 29 34.03 -51.59 -44.40
C LEU HA 29 32.80 -52.04 -43.60
N GLN HA 30 32.98 -52.24 -42.30
CA GLN HA 30 31.87 -52.66 -41.43
C GLN HA 30 30.82 -51.58 -41.25
N CYS HA 31 31.13 -50.33 -41.60
CA CYS HA 31 30.12 -49.28 -41.48
C CYS HA 31 29.78 -48.63 -42.81
N GLY HA 32 29.46 -49.45 -43.81
CA GLY HA 32 28.97 -48.96 -45.08
C GLY HA 32 29.93 -48.11 -45.91
N HIS HA 33 30.98 -47.57 -45.30
CA HIS HA 33 31.94 -46.73 -46.00
C HIS HA 33 32.90 -47.52 -46.89
N ALA HA 34 32.38 -48.49 -47.64
CA ALA HA 34 33.15 -49.32 -48.58
C ALA HA 34 34.27 -48.58 -49.30
N GLU HA 35 34.00 -47.35 -49.74
CA GLU HA 35 35.00 -46.59 -50.48
C GLU HA 35 36.18 -46.19 -49.59
N ARG HA 36 35.91 -45.75 -48.36
CA ARG HA 36 36.99 -45.39 -47.45
C ARG HA 36 37.85 -46.60 -47.09
N ALA HA 37 37.20 -47.74 -46.84
CA ALA HA 37 37.94 -48.97 -46.60
C ALA HA 37 38.78 -49.35 -47.81
N CYS HA 38 38.22 -49.19 -49.00
CA CYS HA 38 38.98 -49.50 -50.21
C CYS HA 38 40.21 -48.61 -50.34
N ILE HA 39 40.04 -47.32 -50.07
CA ILE HA 39 41.17 -46.40 -50.19
C ILE HA 39 42.25 -46.73 -49.15
N LEU HA 40 41.84 -46.97 -47.90
CA LEU HA 40 42.81 -47.29 -46.86
C LEU HA 40 43.56 -48.58 -47.17
N LEU HA 41 42.84 -49.62 -47.60
CA LEU HA 41 43.49 -50.89 -47.85
C LEU HA 41 44.33 -50.85 -49.13
N ASP HA 42 43.92 -50.05 -50.13
CA ASP HA 42 44.75 -49.86 -51.31
C ASP HA 42 46.04 -49.16 -50.96
N ALA HA 43 45.99 -48.13 -50.11
CA ALA HA 43 47.22 -47.49 -49.66
C ALA HA 43 48.09 -48.46 -48.88
N LEU HA 44 47.50 -49.25 -48.00
CA LEU HA 44 48.26 -50.23 -47.23
C LEU HA 44 48.95 -51.24 -48.13
N LEU HA 45 48.22 -51.75 -49.13
CA LEU HA 45 48.80 -52.76 -50.02
C LEU HA 45 49.86 -52.14 -50.92
N THR HA 46 49.67 -50.89 -51.33
CA THR HA 46 50.68 -50.22 -52.15
C THR HA 46 51.96 -49.98 -51.34
N LEU HA 47 51.83 -49.70 -50.05
CA LEU HA 47 53.03 -49.55 -49.22
C LEU HA 47 53.56 -50.91 -48.76
N ASN HA 48 52.83 -51.59 -47.87
CA ASN HA 48 53.23 -52.91 -47.41
C ASN HA 48 52.37 -54.00 -48.03
N PRO HA 49 52.86 -54.71 -49.05
CA PRO HA 49 52.08 -55.82 -49.62
C PRO HA 49 52.21 -57.13 -48.86
N GLU HA 50 52.92 -57.12 -47.72
CA GLU HA 50 53.22 -58.38 -47.02
C GLU HA 50 51.96 -59.08 -46.55
N HIS HA 51 51.23 -58.45 -45.62
CA HIS HA 51 50.03 -59.07 -45.07
C HIS HA 51 48.85 -58.85 -46.00
N LEU HA 52 48.08 -59.91 -46.21
CA LEU HA 52 46.99 -59.89 -47.18
C LEU HA 52 45.62 -59.99 -46.53
N ALA HA 53 45.54 -59.90 -45.20
CA ALA HA 53 44.24 -59.81 -44.56
C ALA HA 53 43.52 -58.54 -44.99
N GLY HA 54 44.25 -57.43 -45.10
CA GLY HA 54 43.69 -56.22 -45.67
C GLY HA 54 43.25 -56.42 -47.11
N ARG HA 55 43.98 -57.25 -47.86
CA ARG HA 55 43.53 -57.58 -49.21
C ARG HA 55 42.23 -58.35 -49.18
N ARG HA 56 42.04 -59.24 -48.20
CA ARG HA 56 40.76 -59.92 -48.05
C ARG HA 56 39.64 -58.94 -47.73
N CYS HA 57 39.91 -57.99 -46.82
CA CYS HA 57 38.90 -56.99 -46.49
C CYS HA 57 38.55 -56.15 -47.70
N ARG HA 58 39.56 -55.74 -48.48
CA ARG HA 58 39.27 -54.95 -49.67
C ARG HA 58 38.60 -55.79 -50.75
N LEU HA 59 38.83 -57.10 -50.74
CA LEU HA 59 38.10 -57.99 -51.63
C LEU HA 59 36.61 -57.99 -51.29
N VAL HA 60 36.28 -58.11 -50.01
CA VAL HA 60 34.88 -58.05 -49.60
C VAL HA 60 34.30 -56.68 -49.88
N ALA HA 61 35.10 -55.63 -49.70
CA ALA HA 61 34.66 -54.27 -50.01
C ALA HA 61 34.35 -54.12 -51.50
N LEU HA 62 35.20 -54.69 -52.36
CA LEU HA 62 34.95 -54.65 -53.80
C LEU HA 62 33.71 -55.45 -54.16
N LEU HA 63 33.48 -56.57 -53.46
CA LEU HA 63 32.25 -57.33 -53.68
C LEU HA 63 31.03 -56.49 -53.34
N ASN HA 64 31.07 -55.76 -52.22
CA ASN HA 64 29.94 -54.93 -51.84
C ASN HA 64 29.83 -53.66 -52.67
N ASN HA 65 30.91 -53.25 -53.34
CA ASN HA 65 30.92 -52.06 -54.18
C ASN HA 65 30.48 -52.33 -55.61
N ASN HA 66 30.33 -53.61 -55.99
CA ASN HA 66 29.98 -54.02 -57.35
C ASN HA 66 31.08 -53.60 -58.33
N GLN HA 67 32.29 -54.12 -58.07
CA GLN HA 67 33.46 -53.97 -58.93
C GLN HA 67 34.06 -55.33 -59.21
N GLY HA 68 33.22 -56.26 -59.66
CA GLY HA 68 33.60 -57.67 -59.78
C GLY HA 68 34.80 -57.93 -60.66
N GLU HA 69 35.09 -57.04 -61.61
CA GLU HA 69 36.26 -57.23 -62.45
C GLU HA 69 37.56 -57.16 -61.64
N ARG HA 70 37.65 -56.20 -60.72
CA ARG HA 70 38.82 -56.08 -59.86
C ARG HA 70 38.82 -57.13 -58.75
N ALA HA 71 37.64 -57.41 -58.20
CA ALA HA 71 37.52 -58.43 -57.16
C ALA HA 71 37.94 -59.79 -57.68
N GLU HA 72 37.58 -60.10 -58.94
CA GLU HA 72 37.99 -61.37 -59.53
C GLU HA 72 39.51 -61.45 -59.65
N LYS HA 73 40.15 -60.35 -60.04
CA LYS HA 73 41.61 -60.35 -60.13
C LYS HA 73 42.26 -60.53 -58.76
N GLU HA 74 41.71 -59.88 -57.73
CA GLU HA 74 42.28 -60.05 -56.39
C GLU HA 74 42.09 -61.48 -55.89
N ALA HA 75 40.92 -62.07 -56.15
CA ALA HA 75 40.70 -63.46 -55.77
C ALA HA 75 41.62 -64.39 -56.55
N GLN HA 76 41.90 -64.07 -57.82
CA GLN HA 76 42.85 -64.86 -58.60
C GLN HA 76 44.24 -64.76 -58.00
N TRP HA 77 44.64 -63.57 -57.55
CA TRP HA 77 45.94 -63.44 -56.90
C TRP HA 77 46.02 -64.31 -55.65
N LEU HA 78 45.00 -64.24 -54.79
CA LEU HA 78 45.03 -65.06 -53.58
C LEU HA 78 44.99 -66.55 -53.91
N ILE HA 79 44.25 -66.92 -54.95
CA ILE HA 79 44.17 -68.33 -55.35
C ILE HA 79 45.50 -68.82 -55.89
N SER HA 80 46.22 -67.96 -56.61
CA SER HA 80 47.51 -68.30 -57.20
C SER HA 80 48.67 -68.11 -56.24
N HIS HA 81 48.42 -67.59 -55.04
CA HIS HA 81 49.50 -67.41 -54.06
C HIS HA 81 49.23 -68.12 -52.74
N ASP HA 82 48.05 -67.96 -52.16
CA ASP HA 82 47.70 -68.59 -50.89
C ASP HA 82 46.33 -69.25 -51.04
N PRO HA 83 46.25 -70.38 -51.72
CA PRO HA 83 44.95 -71.03 -51.87
C PRO HA 83 44.60 -71.90 -50.66
N LEU HA 84 44.79 -71.39 -49.46
CA LEU HA 84 44.41 -72.09 -48.23
C LEU HA 84 43.15 -71.55 -47.59
N GLN HA 85 42.47 -70.60 -48.25
CA GLN HA 85 41.27 -69.98 -47.71
C GLN HA 85 40.11 -70.30 -48.64
N ALA HA 86 39.10 -71.00 -48.12
CA ALA HA 86 37.94 -71.33 -48.93
C ALA HA 86 37.15 -70.10 -49.32
N GLY HA 87 37.26 -69.01 -48.54
CA GLY HA 87 36.56 -67.79 -48.87
C GLY HA 87 36.98 -67.23 -50.22
N ASN HA 88 38.19 -67.55 -50.68
CA ASN HA 88 38.64 -67.09 -51.98
C ASN HA 88 37.82 -67.68 -53.11
N TRP HA 89 37.01 -68.70 -52.83
CA TRP HA 89 36.13 -69.25 -53.84
C TRP HA 89 34.70 -68.72 -53.73
N LEU HA 90 34.39 -68.00 -52.64
CA LEU HA 90 33.11 -67.29 -52.58
C LEU HA 90 33.20 -65.97 -53.34
N CYS HA 91 34.28 -65.22 -53.12
CA CYS HA 91 34.44 -63.93 -53.77
C CYS HA 91 34.46 -64.11 -55.29
N LEU HA 92 35.25 -65.07 -55.76
CA LEU HA 92 35.26 -65.39 -57.18
C LEU HA 92 33.84 -65.70 -57.65
N SER HA 93 33.13 -66.52 -56.87
CA SER HA 93 31.75 -66.85 -57.22
C SER HA 93 30.93 -65.59 -57.38
N ARG HA 94 31.04 -64.67 -56.43
CA ARG HA 94 30.31 -63.41 -56.55
C ARG HA 94 30.80 -62.61 -57.75
N ALA HA 95 32.13 -62.53 -57.93
CA ALA HA 95 32.69 -61.68 -58.97
C ALA HA 95 32.16 -62.08 -60.35
N GLN HA 96 32.18 -63.38 -60.65
CA GLN HA 96 31.67 -63.82 -61.94
C GLN HA 96 30.15 -63.75 -62.01
N GLN HA 97 29.45 -63.93 -60.88
CA GLN HA 97 27.99 -63.86 -60.93
C GLN HA 97 27.47 -62.44 -61.09
N LEU HA 98 28.26 -61.43 -60.70
CA LEU HA 98 27.89 -60.05 -60.98
C LEU HA 98 28.11 -59.71 -62.45
N ASN HA 99 29.09 -60.34 -63.10
CA ASN HA 99 29.40 -60.11 -64.49
C ASN HA 99 28.57 -60.97 -65.44
N GLY HA 100 27.72 -61.84 -64.91
CA GLY HA 100 26.82 -62.64 -65.72
C GLY HA 100 27.25 -64.09 -65.94
N ASP HA 101 28.35 -64.53 -65.33
CA ASP HA 101 28.83 -65.90 -65.50
C ASP HA 101 28.34 -66.73 -64.31
N LEU HA 102 27.06 -67.07 -64.35
CA LEU HA 102 26.43 -67.79 -63.23
C LEU HA 102 26.81 -69.26 -63.20
N ASP HA 103 26.98 -69.90 -64.36
CA ASP HA 103 27.28 -71.32 -64.40
C ASP HA 103 28.62 -71.63 -63.75
N LYS HA 104 29.65 -70.84 -64.08
CA LYS HA 104 30.95 -71.01 -63.43
C LYS HA 104 30.89 -70.59 -61.96
N ALA HA 105 30.03 -69.64 -61.63
CA ALA HA 105 29.83 -69.25 -60.23
C ALA HA 105 29.31 -70.42 -59.42
N ARG HA 106 28.38 -71.21 -59.98
CA ARG HA 106 27.89 -72.39 -59.26
C ARG HA 106 29.02 -73.38 -59.00
N HIS HA 107 29.89 -73.58 -59.99
CA HIS HA 107 31.03 -74.47 -59.80
C HIS HA 107 31.97 -73.94 -58.72
N ALA HA 108 32.23 -72.63 -58.72
CA ALA HA 108 33.09 -72.06 -57.69
C ALA HA 108 32.48 -72.20 -56.30
N TYR HA 109 31.16 -71.99 -56.19
CA TYR HA 109 30.49 -72.17 -54.91
C TYR HA 109 30.55 -73.62 -54.45
N GLN HA 110 30.38 -74.56 -55.37
CA GLN HA 110 30.52 -75.97 -55.02
C GLN HA 110 31.94 -76.28 -54.59
N HIS HA 111 32.93 -75.66 -55.23
CA HIS HA 111 34.32 -75.83 -54.81
C HIS HA 111 34.54 -75.32 -53.41
N TYR HA 112 33.94 -74.17 -53.08
CA TYR HA 112 34.02 -73.65 -51.71
C TYR HA 112 33.40 -74.62 -50.72
N LEU HA 113 32.25 -75.18 -51.06
CA LEU HA 113 31.60 -76.15 -50.17
C LEU HA 113 32.47 -77.39 -49.99
N GLU HA 114 33.11 -77.85 -51.08
CA GLU HA 114 33.98 -79.01 -51.01
C GLU HA 114 35.20 -78.75 -50.13
N LEU HA 115 35.77 -77.55 -50.22
CA LEU HA 115 36.92 -77.21 -49.39
C LEU HA 115 36.52 -76.91 -47.95
N LYS HA 116 35.24 -76.61 -47.71
CA LYS HA 116 34.76 -76.42 -46.35
C LYS HA 116 34.91 -77.68 -45.52
N ASP HA 117 34.75 -78.85 -46.13
CA ASP HA 117 34.95 -80.10 -45.40
C ASP HA 117 36.39 -80.24 -44.93
N HIS HA 118 37.35 -79.90 -45.80
CA HIS HA 118 38.76 -79.94 -45.39
C HIS HA 118 39.05 -78.91 -44.30
N ASN HA 119 38.48 -77.71 -44.43
CA ASN HA 119 38.72 -76.68 -43.43
C ASN HA 119 38.16 -77.08 -42.07
N GLU HA 120 36.98 -77.69 -42.05
CA GLU HA 120 36.39 -78.12 -40.79
C GLU HA 120 37.23 -79.21 -40.12
N SER HA 121 37.74 -80.15 -40.92
CA SER HA 121 38.56 -81.24 -40.39
C SER HA 121 40.00 -80.78 -40.18
N THR IA 23 -24.30 -53.09 -48.28
CA THR IA 23 -24.63 -52.12 -49.31
C THR IA 23 -25.61 -52.72 -50.33
N ALA IA 24 -25.32 -52.56 -51.61
CA ALA IA 24 -26.16 -53.07 -52.68
C ALA IA 24 -25.44 -54.18 -53.42
N GLN IA 25 -26.08 -55.34 -53.53
CA GLN IA 25 -25.47 -56.52 -54.15
C GLN IA 25 -25.23 -56.32 -55.64
N SER IA 26 -26.17 -55.70 -56.36
CA SER IA 26 -25.94 -55.45 -57.78
C SER IA 26 -24.73 -54.54 -57.97
N LYS IA 27 -24.59 -53.54 -57.10
CA LYS IA 27 -23.43 -52.66 -57.16
C LYS IA 27 -22.15 -53.43 -56.88
N ARG IA 28 -22.21 -54.37 -55.91
CA ARG IA 28 -21.06 -55.22 -55.63
C ARG IA 28 -20.70 -56.10 -56.82
N SER IA 29 -21.70 -56.63 -57.53
CA SER IA 29 -21.41 -57.40 -58.73
C SER IA 29 -20.78 -56.52 -59.81
N LEU IA 30 -21.23 -55.27 -59.91
CA LEU IA 30 -20.59 -54.32 -60.81
C LEU IA 30 -19.13 -54.09 -60.42
N TRP IA 31 -18.89 -53.92 -59.11
CA TRP IA 31 -17.53 -53.67 -58.64
C TRP IA 31 -16.63 -54.87 -58.89
N ASP IA 32 -17.18 -56.08 -58.73
CA ASP IA 32 -16.41 -57.29 -59.00
C ASP IA 32 -16.12 -57.44 -60.48
N PHE IA 33 -17.04 -57.01 -61.34
CA PHE IA 33 -16.77 -57.06 -62.78
C PHE IA 33 -15.68 -56.05 -63.12
N ALA IA 34 -15.75 -54.85 -62.52
CA ALA IA 34 -14.76 -53.82 -62.80
C ALA IA 34 -13.41 -54.14 -62.19
N SER IA 35 -13.39 -54.95 -61.13
CA SER IA 35 -12.16 -55.23 -60.41
C SER IA 35 -11.16 -55.96 -61.31
N PRO IA 36 -9.87 -55.62 -61.25
CA PRO IA 36 -8.83 -56.30 -62.02
C PRO IA 36 -8.67 -57.76 -61.61
N ARG IA 45 7.13 -48.72 -49.49
CA ARG IA 45 6.08 -48.76 -50.50
C ARG IA 45 5.68 -47.36 -50.94
N ALA IA 46 5.71 -46.41 -49.99
CA ALA IA 46 5.35 -45.03 -50.32
C ALA IA 46 6.32 -44.43 -51.33
N GLN IA 47 7.61 -44.74 -51.19
CA GLN IA 47 8.60 -44.21 -52.12
C GLN IA 47 8.32 -44.70 -53.55
N ASP IA 48 8.00 -46.00 -53.70
CA ASP IA 48 7.68 -46.50 -55.03
C ASP IA 48 6.42 -45.85 -55.58
N TYR IA 49 5.47 -45.52 -54.70
CA TYR IA 49 4.24 -44.87 -55.14
C TYR IA 49 4.55 -43.48 -55.69
N ARG IA 50 5.27 -42.67 -54.92
CA ARG IA 50 5.62 -41.33 -55.38
C ARG IA 50 6.50 -41.38 -56.62
N ARG IA 51 7.34 -42.41 -56.74
CA ARG IA 51 8.20 -42.51 -57.92
C ARG IA 51 7.39 -42.84 -59.16
N GLU IA 52 6.47 -43.80 -59.07
CA GLU IA 52 5.66 -44.11 -60.25
C GLU IA 52 4.74 -42.96 -60.60
N LEU IA 53 4.19 -42.29 -59.59
CA LEU IA 53 3.34 -41.12 -59.84
C LEU IA 53 4.12 -40.03 -60.58
N ASP IA 54 5.31 -39.69 -60.08
CA ASP IA 54 6.12 -38.64 -60.70
C ASP IA 54 6.56 -39.04 -62.09
N THR IA 55 6.91 -40.31 -62.30
CA THR IA 55 7.31 -40.73 -63.64
C THR IA 55 6.14 -40.63 -64.59
N LEU IA 56 4.94 -41.02 -64.17
CA LEU IA 56 3.83 -41.01 -65.13
C LEU IA 56 3.44 -39.57 -65.44
N GLN IA 57 3.46 -38.69 -64.44
CA GLN IA 57 3.04 -37.32 -64.69
C GLN IA 57 4.03 -36.61 -65.61
N SER IA 58 5.33 -36.91 -65.46
CA SER IA 58 6.31 -36.31 -66.34
C SER IA 58 6.34 -36.95 -67.71
N LEU IA 59 5.98 -38.24 -67.81
CA LEU IA 59 5.87 -38.85 -69.13
C LEU IA 59 4.71 -38.23 -69.90
N LEU IA 60 3.52 -38.19 -69.28
CA LEU IA 60 2.37 -37.63 -69.97
C LEU IA 60 2.47 -36.12 -70.19
N THR IA 61 3.32 -35.42 -69.42
CA THR IA 61 3.45 -33.98 -69.66
C THR IA 61 4.06 -33.71 -71.03
N THR IA 62 4.99 -34.57 -71.46
CA THR IA 62 5.64 -34.40 -72.76
C THR IA 62 4.68 -34.64 -73.91
N SER IA 63 3.66 -35.48 -73.70
CA SER IA 63 2.82 -35.96 -74.77
C SER IA 63 1.78 -34.90 -75.16
N GLN IA 64 0.80 -35.30 -75.96
CA GLN IA 64 -0.19 -34.39 -76.51
C GLN IA 64 -1.50 -35.17 -76.68
N SER IA 65 -2.39 -34.64 -77.51
CA SER IA 65 -3.66 -35.29 -77.87
C SER IA 65 -4.63 -35.32 -76.68
N SER IA 66 -4.73 -34.18 -75.99
CA SER IA 66 -5.84 -33.89 -75.08
C SER IA 66 -5.92 -34.82 -73.88
N GLU IA 67 -6.25 -36.10 -74.14
CA GLU IA 67 -6.55 -37.04 -73.05
C GLU IA 67 -5.36 -37.21 -72.11
N LEU IA 68 -4.16 -37.36 -72.69
CA LEU IA 68 -2.97 -37.44 -71.85
C LEU IA 68 -2.69 -36.13 -71.13
N GLN IA 69 -3.09 -35.00 -71.69
CA GLN IA 69 -2.92 -33.73 -70.97
C GLN IA 69 -3.80 -33.67 -69.73
N ALA IA 70 -5.06 -34.11 -69.84
CA ALA IA 70 -5.94 -34.17 -68.68
C ALA IA 70 -5.41 -35.15 -67.65
N ALA IA 71 -4.89 -36.30 -68.11
CA ALA IA 71 -4.32 -37.27 -67.19
C ALA IA 71 -3.12 -36.70 -66.45
N ALA IA 72 -2.25 -35.99 -67.17
CA ALA IA 72 -1.07 -35.38 -66.56
C ALA IA 72 -1.48 -34.32 -65.54
N ALA IA 73 -2.49 -33.51 -65.85
CA ALA IA 73 -2.92 -32.49 -64.89
C ALA IA 73 -3.51 -33.14 -63.64
N LEU IA 74 -4.25 -34.24 -63.81
CA LEU IA 74 -4.77 -34.97 -62.66
C LEU IA 74 -3.63 -35.52 -61.81
N LEU IA 75 -2.60 -36.04 -62.46
CA LEU IA 75 -1.46 -36.59 -61.73
C LEU IA 75 -0.72 -35.49 -60.98
N LYS IA 76 -0.57 -34.31 -61.60
CA LYS IA 76 0.09 -33.20 -60.92
C LYS IA 76 -0.73 -32.78 -59.70
N CYS IA 77 -2.06 -32.81 -59.84
CA CYS IA 77 -2.95 -32.46 -58.74
C CYS IA 77 -2.69 -33.38 -57.56
N GLN IA 78 -2.67 -34.70 -57.83
CA GLN IA 78 -2.45 -35.64 -56.73
C GLN IA 78 -1.02 -35.55 -56.20
N GLN IA 79 -0.06 -35.23 -57.07
CA GLN IA 79 1.33 -35.06 -56.66
C GLN IA 79 1.49 -33.91 -55.68
N ASP IA 80 0.64 -32.90 -55.79
CA ASP IA 80 0.84 -31.79 -54.88
C ASP IA 80 -0.09 -31.85 -53.69
N ASP IA 81 -1.27 -32.45 -53.82
CA ASP IA 81 -2.04 -32.70 -52.61
C ASP IA 81 -1.29 -33.66 -51.69
N ASP IA 82 -0.60 -34.65 -52.28
CA ASP IA 82 0.23 -35.55 -51.48
C ASP IA 82 1.44 -34.83 -50.91
N ARG IA 83 2.02 -33.89 -51.67
CA ARG IA 83 3.14 -33.12 -51.11
C ARG IA 83 2.69 -32.27 -49.94
N LEU IA 84 1.46 -31.75 -50.01
CA LEU IA 84 0.93 -30.98 -48.90
C LEU IA 84 0.66 -31.86 -47.69
N LEU IA 85 0.18 -33.09 -47.92
CA LEU IA 85 -0.10 -33.90 -46.74
C LEU IA 85 1.18 -34.41 -46.11
N GLN IA 86 2.22 -34.64 -46.91
CA GLN IA 86 3.51 -35.00 -46.34
C GLN IA 86 4.07 -33.86 -45.51
N ILE IA 87 3.85 -32.61 -45.96
CA ILE IA 87 4.30 -31.46 -45.18
C ILE IA 87 3.51 -31.35 -43.88
N ILE IA 88 2.22 -31.66 -43.92
CA ILE IA 88 1.43 -31.60 -42.69
C ILE IA 88 1.89 -32.66 -41.70
N LEU IA 89 2.17 -33.87 -42.16
CA LEU IA 89 2.66 -34.91 -41.26
C LEU IA 89 4.01 -34.53 -40.67
N ASN IA 90 4.89 -33.94 -41.49
CA ASN IA 90 6.20 -33.45 -41.04
C ASN IA 90 6.10 -32.36 -39.99
N LEU IA 91 5.14 -31.45 -40.17
CA LEU IA 91 4.93 -30.36 -39.20
C LEU IA 91 4.46 -30.78 -37.81
N LEU IA 92 3.64 -31.81 -37.64
CA LEU IA 92 3.34 -32.05 -36.23
C LEU IA 92 4.33 -32.89 -35.42
N HIS IA 93 4.29 -34.22 -35.50
CA HIS IA 93 5.21 -35.06 -34.73
C HIS IA 93 5.17 -34.71 -33.24
N LYS IA 94 4.05 -35.04 -32.58
CA LYS IA 94 3.84 -34.66 -31.19
C LYS IA 94 5.09 -34.79 -30.31
N VAL IA 95 5.61 -36.01 -30.19
CA VAL IA 95 6.82 -36.28 -29.41
C VAL IA 95 7.24 -37.73 -29.58
N ILE JA 11 6.16 -43.25 -79.32
CA ILE JA 11 6.72 -44.36 -78.55
C ILE JA 11 6.28 -44.25 -77.10
N THR JA 12 5.16 -44.90 -76.76
CA THR JA 12 4.67 -44.92 -75.38
C THR JA 12 3.94 -46.24 -75.16
N LEU JA 13 4.63 -47.20 -74.56
CA LEU JA 13 4.05 -48.52 -74.31
C LEU JA 13 4.80 -49.14 -73.14
N THR JA 14 4.13 -49.28 -72.00
CA THR JA 14 4.75 -49.81 -70.79
C THR JA 14 3.86 -50.90 -70.20
N LYS JA 15 4.39 -52.13 -70.16
CA LYS JA 15 3.69 -53.20 -69.45
C LYS JA 15 3.61 -52.90 -67.96
N ARG JA 16 4.71 -52.43 -67.37
CA ARG JA 16 4.65 -51.92 -66.02
C ARG JA 16 3.92 -50.57 -66.01
N GLN JA 17 3.52 -50.17 -64.80
CA GLN JA 17 2.84 -48.91 -64.51
C GLN JA 17 1.41 -48.97 -65.02
N GLN JA 18 1.11 -49.94 -65.89
CA GLN JA 18 -0.27 -50.19 -66.29
C GLN JA 18 -1.12 -50.56 -65.08
N GLU JA 19 -0.52 -51.22 -64.10
CA GLU JA 19 -1.23 -51.57 -62.88
C GLU JA 19 -1.46 -50.35 -62.01
N PHE JA 20 -0.51 -49.41 -61.99
CA PHE JA 20 -0.72 -48.17 -61.27
C PHE JA 20 -1.93 -47.41 -61.82
N LEU JA 21 -2.02 -47.31 -63.16
CA LEU JA 21 -3.17 -46.66 -63.79
C LEU JA 21 -4.45 -47.43 -63.52
N LEU JA 22 -4.39 -48.75 -63.59
CA LEU JA 22 -5.58 -49.57 -63.31
C LEU JA 22 -6.07 -49.33 -61.90
N LEU JA 23 -5.16 -49.35 -60.92
CA LEU JA 23 -5.54 -49.15 -59.53
C LEU JA 23 -6.09 -47.75 -59.30
N ASN JA 24 -5.46 -46.73 -59.88
CA ASN JA 24 -5.97 -45.38 -59.72
C ASN JA 24 -7.36 -45.24 -60.32
N GLY JA 25 -7.59 -45.79 -61.51
CA GLY JA 25 -8.92 -45.74 -62.10
C GLY JA 25 -9.95 -46.47 -61.26
N TRP JA 26 -9.59 -47.66 -60.76
CA TRP JA 26 -10.50 -48.43 -59.93
C TRP JA 26 -10.85 -47.70 -58.64
N LEU JA 27 -9.85 -47.10 -57.98
CA LEU JA 27 -10.09 -46.38 -56.74
C LEU JA 27 -10.93 -45.12 -56.99
N GLN JA 28 -10.64 -44.39 -58.06
CA GLN JA 28 -11.43 -43.19 -58.36
C GLN JA 28 -12.87 -43.55 -58.69
N LEU JA 29 -13.09 -44.64 -59.43
CA LEU JA 29 -14.45 -45.09 -59.70
C LEU JA 29 -15.17 -45.51 -58.42
N GLN JA 30 -14.49 -46.26 -57.55
CA GLN JA 30 -15.12 -46.66 -56.30
C GLN JA 30 -15.27 -45.48 -55.35
N CYS JA 31 -14.65 -44.33 -55.62
CA CYS JA 31 -14.82 -43.16 -54.77
C CYS JA 31 -15.47 -42.02 -55.54
N GLY JA 32 -16.59 -42.32 -56.21
CA GLY JA 32 -17.44 -41.36 -56.88
C GLY JA 32 -16.82 -40.35 -57.84
N HIS JA 33 -15.52 -40.49 -58.13
CA HIS JA 33 -14.86 -39.59 -59.07
C HIS JA 33 -14.92 -40.12 -60.50
N ALA JA 34 -16.10 -40.59 -60.91
CA ALA JA 34 -16.37 -41.14 -62.24
C ALA JA 34 -15.57 -40.49 -63.37
N GLU JA 35 -15.45 -39.16 -63.36
CA GLU JA 35 -14.73 -38.48 -64.43
C GLU JA 35 -13.23 -38.77 -64.37
N ARG JA 36 -12.66 -38.78 -63.17
CA ARG JA 36 -11.23 -39.07 -63.03
C ARG JA 36 -10.93 -40.49 -63.47
N ALA JA 37 -11.77 -41.45 -63.07
CA ALA JA 37 -11.59 -42.82 -63.53
C ALA JA 37 -11.74 -42.90 -65.05
N CYS JA 38 -12.71 -42.17 -65.61
CA CYS JA 38 -12.92 -42.20 -67.05
C CYS JA 38 -11.71 -41.68 -67.81
N ILE JA 39 -11.14 -40.56 -67.37
CA ILE JA 39 -9.98 -40.00 -68.07
C ILE JA 39 -8.77 -40.92 -67.91
N LEU JA 40 -8.54 -41.45 -66.70
CA LEU JA 40 -7.40 -42.33 -66.49
C LEU JA 40 -7.50 -43.59 -67.35
N LEU JA 41 -8.69 -44.19 -67.41
CA LEU JA 41 -8.85 -45.41 -68.18
C LEU JA 41 -8.86 -45.15 -69.68
N ASP JA 42 -9.34 -43.99 -70.11
CA ASP JA 42 -9.22 -43.62 -71.52
C ASP JA 42 -7.75 -43.48 -71.91
N ALA JA 43 -6.95 -42.85 -71.05
CA ALA JA 43 -5.51 -42.79 -71.31
C ALA JA 43 -4.91 -44.18 -71.33
N LEU JA 44 -5.34 -45.05 -70.41
CA LEU JA 44 -4.81 -46.41 -70.36
C LEU JA 44 -5.09 -47.16 -71.66
N LEU JA 45 -6.33 -47.07 -72.17
CA LEU JA 45 -6.65 -47.77 -73.40
C LEU JA 45 -5.99 -47.12 -74.62
N THR JA 46 -5.85 -45.80 -74.63
CA THR JA 46 -5.16 -45.16 -75.75
C THR JA 46 -3.70 -45.58 -75.77
N LEU JA 47 -3.11 -45.85 -74.61
CA LEU JA 47 -1.76 -46.41 -74.57
C LEU JA 47 -1.80 -47.91 -74.82
N ASN JA 48 -2.34 -48.68 -73.88
CA ASN JA 48 -2.52 -50.12 -74.03
C ASN JA 48 -3.99 -50.42 -74.30
N PRO JA 49 -4.39 -50.68 -75.55
CA PRO JA 49 -5.80 -51.00 -75.82
C PRO JA 49 -6.18 -52.45 -75.55
N GLU JA 50 -5.22 -53.32 -75.26
CA GLU JA 50 -5.50 -54.75 -75.26
C GLU JA 50 -6.08 -55.23 -73.92
N HIS JA 51 -5.58 -54.70 -72.81
CA HIS JA 51 -6.05 -55.16 -71.50
C HIS JA 51 -7.51 -54.76 -71.30
N LEU JA 52 -8.31 -55.71 -70.82
CA LEU JA 52 -9.75 -55.52 -70.73
C LEU JA 52 -10.24 -55.24 -69.31
N ALA JA 53 -9.39 -55.36 -68.29
CA ALA JA 53 -9.80 -54.95 -66.96
C ALA JA 53 -10.06 -53.46 -66.91
N GLY JA 54 -9.17 -52.67 -67.52
CA GLY JA 54 -9.43 -51.25 -67.67
C GLY JA 54 -10.70 -50.98 -68.46
N ARG JA 55 -10.95 -51.80 -69.48
CA ARG JA 55 -12.17 -51.65 -70.26
C ARG JA 55 -13.41 -51.88 -69.40
N ARG JA 56 -13.38 -52.91 -68.55
CA ARG JA 56 -14.53 -53.20 -67.70
C ARG JA 56 -14.76 -52.10 -66.68
N CYS JA 57 -13.69 -51.62 -66.04
CA CYS JA 57 -13.90 -50.59 -65.02
C CYS JA 57 -14.29 -49.27 -65.65
N ARG JA 58 -13.81 -48.94 -66.86
CA ARG JA 58 -14.29 -47.74 -67.52
C ARG JA 58 -15.71 -47.94 -68.06
N LEU JA 59 -16.11 -49.18 -68.33
CA LEU JA 59 -17.50 -49.45 -68.67
C LEU JA 59 -18.41 -49.09 -67.50
N VAL JA 60 -18.03 -49.54 -66.30
CA VAL JA 60 -18.80 -49.19 -65.12
C VAL JA 60 -18.73 -47.68 -64.87
N ALA JA 61 -17.58 -47.07 -65.17
CA ALA JA 61 -17.43 -45.63 -65.02
C ALA JA 61 -18.37 -44.87 -65.94
N LEU JA 62 -18.50 -45.32 -67.19
CA LEU JA 62 -19.43 -44.69 -68.12
C LEU JA 62 -20.87 -44.93 -67.69
N LEU JA 63 -21.16 -46.10 -67.12
CA LEU JA 63 -22.49 -46.34 -66.59
C LEU JA 63 -22.85 -45.36 -65.48
N ASN JA 64 -21.90 -45.11 -64.57
CA ASN JA 64 -22.15 -44.17 -63.48
C ASN JA 64 -22.06 -42.72 -63.93
N ASN JA 65 -21.39 -42.45 -65.05
CA ASN JA 65 -21.21 -41.11 -65.59
C ASN JA 65 -22.33 -40.67 -66.52
N ASN JA 66 -23.24 -41.57 -66.89
CA ASN JA 66 -24.31 -41.32 -67.86
C ASN JA 66 -23.74 -41.04 -69.25
N GLN JA 67 -23.05 -42.05 -69.78
CA GLN JA 67 -22.61 -42.13 -71.17
C GLN JA 67 -23.10 -43.44 -71.79
N GLY JA 68 -24.39 -43.71 -71.63
CA GLY JA 68 -24.93 -45.03 -71.90
C GLY JA 68 -24.74 -45.51 -73.32
N GLU JA 69 -24.67 -44.59 -74.29
CA GLU JA 69 -24.48 -45.00 -75.68
C GLU JA 69 -23.08 -45.56 -75.90
N ARG JA 70 -22.06 -44.84 -75.41
CA ARG JA 70 -20.70 -45.36 -75.51
C ARG JA 70 -20.55 -46.65 -74.72
N ALA JA 71 -21.20 -46.72 -73.55
CA ALA JA 71 -21.15 -47.95 -72.77
C ALA JA 71 -21.79 -49.11 -73.51
N GLU JA 72 -22.90 -48.86 -74.20
CA GLU JA 72 -23.55 -49.90 -74.99
C GLU JA 72 -22.64 -50.37 -76.12
N LYS JA 73 -21.98 -49.44 -76.81
CA LYS JA 73 -21.07 -49.81 -77.89
C LYS JA 73 -19.90 -50.61 -77.35
N GLU JA 74 -19.36 -50.21 -76.20
CA GLU JA 74 -18.25 -50.93 -75.58
C GLU JA 74 -18.68 -52.33 -75.15
N ALA JA 75 -19.89 -52.46 -74.61
CA ALA JA 75 -20.39 -53.78 -74.24
C ALA JA 75 -20.59 -54.65 -75.47
N GLN JA 76 -21.00 -54.04 -76.59
CA GLN JA 76 -21.10 -54.80 -77.84
C GLN JA 76 -19.73 -55.27 -78.31
N TRP JA 77 -18.70 -54.42 -78.17
CA TRP JA 77 -17.35 -54.84 -78.51
C TRP JA 77 -16.91 -56.02 -77.66
N LEU JA 78 -17.15 -55.93 -76.35
CA LEU JA 78 -16.79 -57.02 -75.44
C LEU JA 78 -17.57 -58.28 -75.76
N ILE JA 79 -18.83 -58.13 -76.19
CA ILE JA 79 -19.66 -59.26 -76.58
C ILE JA 79 -19.09 -59.91 -77.84
N SER JA 80 -18.54 -59.09 -78.74
CA SER JA 80 -17.98 -59.58 -79.98
C SER JA 80 -16.54 -60.09 -79.82
N HIS JA 81 -15.96 -59.95 -78.63
CA HIS JA 81 -14.62 -60.47 -78.41
C HIS JA 81 -14.50 -61.45 -77.24
N ASP JA 82 -15.21 -61.22 -76.14
CA ASP JA 82 -15.28 -62.19 -75.04
C ASP JA 82 -16.71 -62.32 -74.56
N PRO JA 83 -17.56 -63.03 -75.32
CA PRO JA 83 -18.97 -63.17 -74.91
C PRO JA 83 -19.19 -64.14 -73.77
N LEU JA 84 -18.19 -64.96 -73.41
CA LEU JA 84 -18.40 -65.95 -72.35
C LEU JA 84 -18.66 -65.28 -71.01
N GLN JA 85 -18.12 -64.08 -70.79
CA GLN JA 85 -18.31 -63.39 -69.53
C GLN JA 85 -19.76 -62.94 -69.40
N ALA JA 86 -20.46 -63.46 -68.38
CA ALA JA 86 -21.83 -63.04 -68.14
C ALA JA 86 -21.91 -61.56 -67.78
N GLY JA 87 -20.86 -61.01 -67.18
CA GLY JA 87 -20.84 -59.60 -66.84
C GLY JA 87 -21.05 -58.71 -68.03
N ASN JA 88 -20.63 -59.15 -69.23
CA ASN JA 88 -20.81 -58.36 -70.42
C ASN JA 88 -22.28 -58.13 -70.75
N TRP JA 89 -23.19 -58.88 -70.13
CA TRP JA 89 -24.60 -58.66 -70.37
C TRP JA 89 -25.27 -57.84 -69.26
N LEU JA 90 -24.58 -57.59 -68.14
CA LEU JA 90 -25.14 -56.67 -67.16
C LEU JA 90 -24.92 -55.22 -67.57
N CYS JA 91 -23.70 -54.90 -67.99
CA CYS JA 91 -23.38 -53.53 -68.39
C CYS JA 91 -24.25 -53.10 -69.55
N LEU JA 92 -24.38 -53.96 -70.56
CA LEU JA 92 -25.27 -53.67 -71.67
C LEU JA 92 -26.67 -53.36 -71.15
N SER JA 93 -27.18 -54.20 -70.25
CA SER JA 93 -28.50 -53.96 -69.68
C SER JA 93 -28.52 -52.60 -69.01
N ARG JA 94 -27.49 -52.30 -68.20
CA ARG JA 94 -27.43 -51.01 -67.53
C ARG JA 94 -27.42 -49.89 -68.55
N ALA JA 95 -26.63 -50.03 -69.62
CA ALA JA 95 -26.62 -49.01 -70.65
C ALA JA 95 -28.02 -48.84 -71.22
N GLN JA 96 -28.66 -49.97 -71.51
CA GLN JA 96 -30.02 -49.94 -72.04
C GLN JA 96 -30.99 -49.45 -70.97
N GLN JA 97 -30.69 -49.73 -69.70
CA GLN JA 97 -31.51 -49.19 -68.63
C GLN JA 97 -31.31 -47.69 -68.47
N LEU JA 98 -30.16 -47.17 -68.92
CA LEU JA 98 -29.98 -45.72 -68.93
C LEU JA 98 -30.77 -45.07 -70.06
N ASN JA 99 -30.98 -45.78 -71.15
CA ASN JA 99 -31.74 -45.27 -72.29
C ASN JA 99 -33.23 -45.53 -72.04
N GLY JA 100 -34.05 -45.30 -73.07
CA GLY JA 100 -35.48 -45.43 -72.96
C GLY JA 100 -36.07 -46.80 -73.17
N ASP JA 101 -35.25 -47.79 -73.55
CA ASP JA 101 -35.75 -49.14 -73.84
C ASP JA 101 -35.42 -50.07 -72.66
N LEU JA 102 -36.44 -50.78 -72.19
CA LEU JA 102 -36.29 -51.69 -71.06
C LEU JA 102 -36.30 -53.16 -71.45
N ASP JA 103 -36.94 -53.51 -72.57
CA ASP JA 103 -37.09 -54.92 -72.92
C ASP JA 103 -35.75 -55.58 -73.24
N LYS JA 104 -34.90 -54.89 -74.00
CA LYS JA 104 -33.58 -55.44 -74.32
C LYS JA 104 -32.72 -55.55 -73.07
N ALA JA 105 -32.87 -54.62 -72.13
CA ALA JA 105 -32.14 -54.74 -70.86
C ALA JA 105 -32.61 -55.97 -70.09
N ARG JA 106 -33.91 -56.24 -70.08
CA ARG JA 106 -34.41 -57.45 -69.44
C ARG JA 106 -33.88 -58.69 -70.14
N HIS JA 107 -33.79 -58.65 -71.47
CA HIS JA 107 -33.23 -59.79 -72.20
C HIS JA 107 -31.77 -60.02 -71.82
N ALA JA 108 -31.01 -58.93 -71.68
CA ALA JA 108 -29.60 -59.06 -71.26
C ALA JA 108 -29.51 -59.64 -69.85
N TYR JA 109 -30.39 -59.20 -68.96
CA TYR JA 109 -30.40 -59.76 -67.60
C TYR JA 109 -30.75 -61.25 -67.64
N GLN JA 110 -31.68 -61.64 -68.52
CA GLN JA 110 -32.04 -63.04 -68.67
C GLN JA 110 -30.85 -63.84 -69.19
N HIS JA 111 -30.08 -63.26 -70.11
CA HIS JA 111 -28.86 -63.91 -70.58
C HIS JA 111 -27.86 -64.10 -69.45
N TYR JA 112 -27.73 -63.09 -68.59
CA TYR JA 112 -26.84 -63.23 -67.43
C TYR JA 112 -27.32 -64.35 -66.51
N LEU JA 113 -28.63 -64.43 -66.28
CA LEU JA 113 -29.16 -65.50 -65.43
C LEU JA 113 -28.90 -66.87 -66.05
N GLU JA 114 -29.08 -66.99 -67.37
CA GLU JA 114 -28.81 -68.25 -68.04
C GLU JA 114 -27.33 -68.63 -67.96
N LEU JA 115 -26.44 -67.64 -68.07
CA LEU JA 115 -25.02 -67.94 -68.00
C LEU JA 115 -24.58 -68.25 -66.58
N LYS JA 116 -25.22 -67.64 -65.58
CA LYS JA 116 -24.98 -68.04 -64.19
C LYS JA 116 -25.44 -69.47 -63.95
N ASP JA 117 -26.59 -69.84 -64.52
CA ASP JA 117 -27.02 -71.23 -64.46
C ASP JA 117 -26.04 -72.16 -65.16
N HIS JA 118 -25.39 -71.68 -66.24
CA HIS JA 118 -24.34 -72.46 -66.87
C HIS JA 118 -23.18 -72.71 -65.91
N ASN JA 119 -22.79 -71.68 -65.15
CA ASN JA 119 -21.69 -71.81 -64.20
C ASN JA 119 -22.19 -72.26 -62.84
N ALA KA 24 17.12 -2.99 -80.27
CA ALA KA 24 17.03 -1.53 -80.36
C ALA KA 24 15.93 -1.12 -81.34
N GLN KA 25 16.33 -0.59 -82.49
CA GLN KA 25 15.37 -0.15 -83.49
C GLN KA 25 14.55 -1.32 -84.04
N SER KA 26 15.22 -2.45 -84.30
CA SER KA 26 14.50 -3.64 -84.76
C SER KA 26 13.49 -4.13 -83.74
N LYS KA 27 13.83 -4.11 -82.46
CA LYS KA 27 12.88 -4.52 -81.43
C LYS KA 27 11.68 -3.58 -81.35
N ARG KA 28 11.92 -2.27 -81.47
CA ARG KA 28 10.81 -1.32 -81.50
C ARG KA 28 9.93 -1.51 -82.74
N SER KA 29 10.54 -1.79 -83.89
CA SER KA 29 9.75 -2.07 -85.09
C SER KA 29 8.93 -3.35 -84.94
N LEU KA 30 9.50 -4.36 -84.27
CA LEU KA 30 8.74 -5.57 -83.96
C LEU KA 30 7.55 -5.26 -83.06
N TRP KA 31 7.79 -4.47 -82.02
CA TRP KA 31 6.72 -4.15 -81.06
C TRP KA 31 5.62 -3.33 -81.73
N ASP KA 32 5.98 -2.39 -82.59
CA ASP KA 32 4.98 -1.59 -83.28
C ASP KA 32 4.24 -2.39 -84.35
N PHE KA 33 4.92 -3.31 -85.04
CA PHE KA 33 4.24 -4.15 -86.03
C PHE KA 33 3.28 -5.12 -85.38
N ALA KA 34 3.67 -5.70 -84.23
CA ALA KA 34 2.82 -6.66 -83.55
C ALA KA 34 1.62 -5.98 -82.88
N SER KA 35 1.73 -4.70 -82.55
CA SER KA 35 0.68 -4.01 -81.80
C SER KA 35 -0.62 -3.94 -82.59
N ASP KA 48 -17.31 -7.16 -66.86
CA ASP KA 48 -16.74 -6.86 -68.17
C ASP KA 48 -15.63 -7.84 -68.53
N TYR KA 49 -14.45 -7.62 -67.94
CA TYR KA 49 -13.32 -8.50 -68.19
C TYR KA 49 -13.58 -9.89 -67.64
N ARG KA 50 -13.98 -9.98 -66.37
CA ARG KA 50 -14.27 -11.27 -65.75
C ARG KA 50 -15.44 -11.98 -66.42
N ARG KA 51 -16.40 -11.23 -66.94
CA ARG KA 51 -17.54 -11.85 -67.61
C ARG KA 51 -17.13 -12.47 -68.94
N GLU KA 52 -16.34 -11.76 -69.74
CA GLU KA 52 -15.87 -12.32 -71.01
C GLU KA 52 -14.95 -13.49 -70.74
N LEU KA 53 -14.13 -13.38 -69.70
CA LEU KA 53 -13.25 -14.47 -69.31
C LEU KA 53 -14.05 -15.73 -68.99
N ASP KA 54 -15.11 -15.58 -68.18
CA ASP KA 54 -15.94 -16.73 -67.78
C ASP KA 54 -16.65 -17.33 -69.00
N THR KA 55 -17.11 -16.48 -69.93
CA THR KA 55 -17.76 -17.00 -71.13
C THR KA 55 -16.76 -17.78 -71.95
N LEU KA 56 -15.53 -17.29 -72.07
CA LEU KA 56 -14.56 -17.97 -72.92
C LEU KA 56 -14.19 -19.31 -72.28
N GLN KA 57 -14.10 -19.32 -70.94
CA GLN KA 57 -13.72 -20.54 -70.25
C GLN KA 57 -14.80 -21.61 -70.41
N SER KA 58 -16.06 -21.19 -70.39
CA SER KA 58 -17.13 -22.18 -70.59
C SER KA 58 -17.26 -22.58 -72.05
N LEU KA 59 -16.92 -21.68 -72.98
CA LEU KA 59 -16.92 -22.08 -74.39
C LEU KA 59 -15.84 -23.12 -74.65
N LEU KA 60 -14.60 -22.84 -74.24
CA LEU KA 60 -13.50 -23.76 -74.46
C LEU KA 60 -13.59 -25.03 -73.63
N THR KA 61 -14.37 -25.04 -72.55
CA THR KA 61 -14.49 -26.27 -71.78
C THR KA 61 -15.16 -27.38 -72.59
N THR KA 62 -16.12 -27.01 -73.44
CA THR KA 62 -16.81 -27.99 -74.26
C THR KA 62 -15.91 -28.59 -75.34
N SER KA 63 -14.82 -27.92 -75.67
CA SER KA 63 -14.01 -28.28 -76.82
C SER KA 63 -13.20 -29.55 -76.55
N GLN KA 64 -12.66 -30.11 -77.63
CA GLN KA 64 -11.86 -31.32 -77.57
C GLN KA 64 -10.44 -31.15 -78.08
N SER KA 65 -10.10 -30.01 -78.68
CA SER KA 65 -8.76 -29.80 -79.19
C SER KA 65 -7.77 -29.61 -78.05
N SER KA 66 -6.56 -30.14 -78.23
CA SER KA 66 -5.53 -30.02 -77.20
C SER KA 66 -5.15 -28.56 -76.97
N GLU KA 67 -5.04 -27.78 -78.04
CA GLU KA 67 -4.73 -26.36 -77.90
C GLU KA 67 -5.83 -25.62 -77.15
N LEU KA 68 -7.10 -25.92 -77.48
CA LEU KA 68 -8.20 -25.32 -76.73
C LEU KA 68 -8.26 -25.80 -75.29
N GLN KA 69 -7.83 -27.03 -75.02
CA GLN KA 69 -7.78 -27.50 -73.63
C GLN KA 69 -6.70 -26.77 -72.85
N ALA KA 70 -5.52 -26.56 -73.45
CA ALA KA 70 -4.48 -25.79 -72.78
C ALA KA 70 -4.93 -24.35 -72.55
N ALA KA 71 -5.65 -23.78 -73.53
CA ALA KA 71 -6.17 -22.43 -73.38
C ALA KA 71 -7.17 -22.38 -72.23
N ALA KA 72 -8.07 -23.37 -72.15
CA ALA KA 72 -9.06 -23.40 -71.08
C ALA KA 72 -8.38 -23.54 -69.72
N ALA KA 73 -7.35 -24.38 -69.61
CA ALA KA 73 -6.67 -24.53 -68.33
C ALA KA 73 -5.97 -23.22 -67.93
N LEU KA 74 -5.39 -22.52 -68.91
CA LEU KA 74 -4.77 -21.23 -68.65
C LEU KA 74 -5.82 -20.23 -68.16
N LEU KA 75 -7.00 -20.25 -68.79
CA LEU KA 75 -8.07 -19.35 -68.39
C LEU KA 75 -8.56 -19.67 -67.00
N LYS KA 76 -8.67 -20.97 -66.65
CA LYS KA 76 -9.09 -21.33 -65.29
C LYS KA 76 -8.05 -20.82 -64.30
N CYS KA 77 -6.78 -20.91 -64.67
CA CYS KA 77 -5.69 -20.43 -63.83
C CYS KA 77 -5.90 -18.95 -63.54
N GLN KA 78 -6.14 -18.16 -64.59
CA GLN KA 78 -6.34 -16.73 -64.40
C GLN KA 78 -7.64 -16.45 -63.65
N GLN KA 79 -8.66 -17.29 -63.85
CA GLN KA 79 -9.93 -17.16 -63.14
C GLN KA 79 -9.75 -17.31 -61.64
N ASP KA 80 -8.77 -18.09 -61.23
CA ASP KA 80 -8.61 -18.28 -59.80
C ASP KA 80 -7.55 -17.36 -59.23
N ASP KA 81 -6.56 -16.96 -60.02
CA ASP KA 81 -5.68 -15.91 -59.54
C ASP KA 81 -6.49 -14.62 -59.35
N ASP KA 82 -7.47 -14.38 -60.25
CA ASP KA 82 -8.36 -13.25 -60.09
C ASP KA 82 -9.30 -13.42 -58.90
N ARG KA 83 -9.75 -14.65 -58.62
CA ARG KA 83 -10.57 -14.83 -57.43
C ARG KA 83 -9.78 -14.56 -56.15
N LEU KA 84 -8.49 -14.90 -56.15
CA LEU KA 84 -7.67 -14.59 -54.99
C LEU KA 84 -7.42 -13.09 -54.88
N LEU KA 85 -7.23 -12.41 -56.01
CA LEU KA 85 -6.96 -10.99 -55.86
C LEU KA 85 -8.24 -10.24 -55.51
N GLN KA 86 -9.39 -10.73 -55.98
CA GLN KA 86 -10.66 -10.13 -55.57
C GLN KA 86 -10.89 -10.30 -54.09
N ILE KA 87 -10.50 -11.44 -53.52
CA ILE KA 87 -10.65 -11.59 -52.06
C ILE KA 87 -9.71 -10.65 -51.32
N ILE KA 88 -8.50 -10.47 -51.83
CA ILE KA 88 -7.57 -9.56 -51.17
C ILE KA 88 -8.07 -8.13 -51.27
N LEU KA 89 -8.58 -7.73 -52.44
CA LEU KA 89 -9.11 -6.38 -52.60
C LEU KA 89 -10.33 -6.16 -51.71
N ASN KA 90 -11.20 -7.17 -51.58
CA ASN KA 90 -12.35 -7.04 -50.70
C ASN KA 90 -11.95 -6.87 -49.24
N LEU KA 91 -10.93 -7.61 -48.78
CA LEU KA 91 -10.51 -7.39 -47.40
C LEU KA 91 -9.85 -6.02 -47.19
N LEU KA 92 -9.07 -5.54 -48.17
CA LEU KA 92 -8.41 -4.24 -48.10
C LEU KA 92 -9.25 -3.04 -48.54
N HIS KA 93 -9.64 -2.18 -47.58
CA HIS KA 93 -10.43 -0.99 -47.87
C HIS KA 93 -10.03 0.24 -47.06
N LYS KA 94 -9.31 0.10 -45.94
CA LYS KA 94 -8.95 1.21 -45.06
C LYS KA 94 -10.18 1.92 -44.52
N VAL KA 95 -9.98 2.85 -43.60
CA VAL KA 95 -11.05 3.66 -43.01
C VAL KA 95 -12.11 4.10 -44.02
N THR LA 14 -18.27 -14.40 -82.16
CA THR LA 14 -17.07 -14.04 -81.43
C THR LA 14 -16.44 -12.76 -81.98
N LYS LA 15 -17.11 -11.63 -81.75
CA LYS LA 15 -16.61 -10.34 -82.19
C LYS LA 15 -15.70 -9.71 -81.14
N ARG LA 16 -16.24 -9.47 -79.94
CA ARG LA 16 -15.41 -8.94 -78.86
C ARG LA 16 -14.46 -9.99 -78.33
N GLN LA 17 -14.99 -11.16 -77.96
CA GLN LA 17 -14.18 -12.29 -77.50
C GLN LA 17 -12.91 -12.50 -78.31
N GLN LA 18 -13.01 -12.38 -79.65
CA GLN LA 18 -11.81 -12.45 -80.48
C GLN LA 18 -10.81 -11.36 -80.11
N GLU LA 19 -11.30 -10.18 -79.74
CA GLU LA 19 -10.41 -9.10 -79.32
C GLU LA 19 -9.82 -9.40 -77.95
N PHE LA 20 -10.60 -10.03 -77.08
CA PHE LA 20 -10.07 -10.48 -75.79
C PHE LA 20 -8.91 -11.44 -75.99
N LEU LA 21 -9.06 -12.41 -76.89
CA LEU LA 21 -7.97 -13.35 -77.16
C LEU LA 21 -6.78 -12.65 -77.77
N LEU LA 22 -7.02 -11.73 -78.73
CA LEU LA 22 -5.92 -11.01 -79.36
C LEU LA 22 -5.14 -10.18 -78.33
N LEU LA 23 -5.86 -9.44 -77.48
CA LEU LA 23 -5.21 -8.61 -76.48
C LEU LA 23 -4.45 -9.45 -75.48
N ASN LA 24 -5.02 -10.59 -75.04
CA ASN LA 24 -4.30 -11.45 -74.12
C ASN LA 24 -3.03 -11.99 -74.75
N GLY LA 25 -3.09 -12.41 -76.02
CA GLY LA 25 -1.89 -12.87 -76.69
C GLY LA 25 -0.83 -11.78 -76.81
N TRP LA 26 -1.26 -10.57 -77.15
CA TRP LA 26 -0.33 -9.44 -77.27
C TRP LA 26 0.32 -9.12 -75.94
N LEU LA 27 -0.46 -9.09 -74.86
CA LEU LA 27 0.10 -8.80 -73.55
C LEU LA 27 1.04 -9.90 -73.08
N GLN LA 28 0.67 -11.17 -73.31
CA GLN LA 28 1.56 -12.27 -72.93
C GLN LA 28 2.86 -12.22 -73.72
N LEU LA 29 2.79 -11.86 -75.00
CA LEU LA 29 4.02 -11.67 -75.77
C LEU LA 29 4.86 -10.53 -75.19
N GLN LA 30 4.20 -9.45 -74.78
CA GLN LA 30 4.90 -8.34 -74.15
C GLN LA 30 5.45 -8.70 -72.77
N CYS LA 31 4.99 -9.79 -72.16
CA CYS LA 31 5.49 -10.14 -70.84
C CYS LA 31 6.20 -11.49 -70.78
N GLY LA 32 7.13 -11.74 -71.70
CA GLY LA 32 8.00 -12.89 -71.69
C GLY LA 32 7.36 -14.24 -71.41
N HIS LA 33 6.10 -14.40 -71.81
CA HIS LA 33 5.35 -15.64 -71.64
C HIS LA 33 5.13 -16.33 -72.98
N ALA LA 34 6.13 -16.25 -73.86
CA ALA LA 34 6.12 -16.82 -75.21
C ALA LA 34 5.28 -18.10 -75.33
N GLU LA 35 5.40 -19.02 -74.38
CA GLU LA 35 4.60 -20.24 -74.44
C GLU LA 35 3.12 -19.95 -74.19
N ARG LA 36 2.82 -19.09 -73.23
CA ARG LA 36 1.44 -18.72 -72.92
C ARG LA 36 0.81 -17.96 -74.09
N ALA LA 37 1.56 -17.02 -74.66
CA ALA LA 37 1.07 -16.33 -75.85
C ALA LA 37 0.88 -17.31 -77.01
N CYS LA 38 1.80 -18.26 -77.14
CA CYS LA 38 1.69 -19.26 -78.21
C CYS LA 38 0.43 -20.09 -78.07
N ILE LA 39 0.12 -20.55 -76.86
CA ILE LA 39 -1.08 -21.37 -76.68
C ILE LA 39 -2.34 -20.55 -76.93
N LEU LA 40 -2.38 -19.31 -76.43
CA LEU LA 40 -3.55 -18.47 -76.66
C LEU LA 40 -3.76 -18.19 -78.15
N LEU LA 41 -2.68 -17.86 -78.87
CA LEU LA 41 -2.81 -17.53 -80.28
C LEU LA 41 -3.04 -18.79 -81.12
N ASP LA 42 -2.53 -19.95 -80.69
CA ASP LA 42 -2.88 -21.19 -81.37
C ASP LA 42 -4.36 -21.49 -81.23
N ALA LA 43 -4.92 -21.27 -80.04
CA ALA LA 43 -6.37 -21.42 -79.87
C ALA LA 43 -7.13 -20.45 -80.76
N LEU LA 44 -6.69 -19.19 -80.81
CA LEU LA 44 -7.36 -18.21 -81.65
C LEU LA 44 -7.32 -18.60 -83.12
N LEU LA 45 -6.15 -19.04 -83.62
CA LEU LA 45 -6.02 -19.41 -85.02
C LEU LA 45 -6.78 -20.71 -85.33
N THR LA 46 -6.80 -21.65 -84.39
CA THR LA 46 -7.55 -22.88 -84.59
C THR LA 46 -9.05 -22.61 -84.65
N LEU LA 47 -9.53 -21.64 -83.89
CA LEU LA 47 -10.94 -21.26 -84.01
C LEU LA 47 -11.15 -20.34 -85.21
N ASN LA 48 -10.65 -19.10 -85.13
CA ASN LA 48 -10.72 -18.16 -86.24
C ASN LA 48 -9.34 -18.00 -86.87
N PRO LA 49 -9.08 -18.64 -88.02
CA PRO LA 49 -7.77 -18.47 -88.68
C PRO LA 49 -7.65 -17.18 -89.48
N GLU LA 50 -8.71 -16.38 -89.55
CA GLU LA 50 -8.71 -15.13 -90.29
C GLU LA 50 -7.64 -14.16 -89.78
N ALA LA 53 -4.13 -11.30 -87.54
CA ALA LA 53 -3.49 -10.44 -86.57
C ALA LA 53 -2.79 -11.26 -85.49
N GLY LA 54 -3.47 -12.28 -85.00
CA GLY LA 54 -2.87 -13.13 -83.97
C GLY LA 54 -1.65 -13.88 -84.48
N ARG LA 55 -1.69 -14.36 -85.72
CA ARG LA 55 -0.54 -15.03 -86.30
C ARG LA 55 0.64 -14.08 -86.44
N ARG LA 56 0.36 -12.79 -86.67
CA ARG LA 56 1.44 -11.82 -86.84
C ARG LA 56 2.30 -11.71 -85.58
N CYS LA 57 1.67 -11.59 -84.41
CA CYS LA 57 2.43 -11.53 -83.17
C CYS LA 57 2.90 -12.92 -82.73
N ARG LA 58 2.18 -13.98 -83.11
CA ARG LA 58 2.63 -15.33 -82.77
C ARG LA 58 3.91 -15.67 -83.53
N LEU LA 59 4.14 -15.04 -84.68
CA LEU LA 59 5.41 -15.22 -85.38
C LEU LA 59 6.57 -14.72 -84.54
N VAL LA 60 6.43 -13.52 -83.96
CA VAL LA 60 7.45 -13.00 -83.06
C VAL LA 60 7.56 -13.85 -81.81
N ALA LA 61 6.43 -14.39 -81.34
CA ALA LA 61 6.46 -15.29 -80.18
C ALA LA 61 7.28 -16.53 -80.48
N LEU LA 62 7.12 -17.11 -81.67
CA LEU LA 62 7.93 -18.27 -82.06
C LEU LA 62 9.39 -17.88 -82.24
N LEU LA 63 9.65 -16.67 -82.73
CA LEU LA 63 11.03 -16.20 -82.83
C LEU LA 63 11.68 -16.13 -81.46
N ASN LA 64 10.97 -15.62 -80.46
CA ASN LA 64 11.49 -15.54 -79.11
C ASN LA 64 11.49 -16.88 -78.39
N ASN LA 65 10.72 -17.85 -78.89
CA ASN LA 65 10.61 -19.17 -78.30
C ASN LA 65 11.67 -20.14 -78.81
N ASN LA 66 12.44 -19.77 -79.82
CA ASN LA 66 13.43 -20.63 -80.47
C ASN LA 66 12.74 -21.82 -81.15
N GLN LA 67 11.87 -21.47 -82.10
CA GLN LA 67 11.15 -22.40 -82.97
C GLN LA 67 11.38 -22.03 -84.42
N GLY LA 68 12.67 -21.89 -84.78
CA GLY LA 68 13.02 -21.22 -86.02
C GLY LA 68 12.39 -21.83 -87.26
N GLU LA 69 12.29 -23.16 -87.31
CA GLU LA 69 11.63 -23.79 -88.46
C GLU LA 69 10.14 -23.46 -88.49
N ARG LA 70 9.49 -23.50 -87.32
CA ARG LA 70 8.08 -23.12 -87.25
C ARG LA 70 7.90 -21.65 -87.61
N ALA LA 71 8.82 -20.80 -87.17
CA ALA LA 71 8.78 -19.39 -87.53
C ALA LA 71 8.92 -19.21 -89.04
N GLU LA 72 9.81 -19.99 -89.67
CA GLU LA 72 9.95 -19.93 -91.12
C GLU LA 72 8.66 -20.35 -91.80
N LYS LA 73 8.01 -21.39 -91.30
CA LYS LA 73 6.74 -21.84 -91.89
C LYS LA 73 5.68 -20.75 -91.77
N GLU LA 74 5.58 -20.10 -90.61
CA GLU LA 74 4.59 -19.04 -90.44
C GLU LA 74 4.91 -17.83 -91.32
N ALA LA 75 6.20 -17.48 -91.44
CA ALA LA 75 6.57 -16.37 -92.32
C ALA LA 75 6.28 -16.72 -93.77
N GLN LA 76 6.45 -17.99 -94.15
CA GLN LA 76 6.07 -18.43 -95.48
C GLN LA 76 4.57 -18.30 -95.69
N TRP LA 77 3.78 -18.63 -94.67
CA TRP LA 77 2.33 -18.44 -94.75
C TRP LA 77 1.98 -16.98 -95.00
N LEU LA 78 2.57 -16.08 -94.22
CA LEU LA 78 2.28 -14.66 -94.38
C LEU LA 78 2.74 -14.14 -95.74
N ILE LA 79 3.89 -14.61 -96.22
CA ILE LA 79 4.40 -14.16 -97.51
C ILE LA 79 3.54 -14.69 -98.66
N SER LA 80 3.05 -15.92 -98.53
CA SER LA 80 2.23 -16.56 -99.56
C SER LA 80 0.75 -16.21 -99.48
N HIS LA 81 0.32 -15.47 -98.45
CA HIS LA 81 -1.08 -15.10 -98.34
C HIS LA 81 -1.31 -13.60 -98.21
N ASP LA 82 -0.31 -12.84 -97.75
CA ASP LA 82 -0.43 -11.39 -97.73
C ASP LA 82 0.95 -10.75 -97.72
N PRO LA 83 1.65 -10.74 -98.85
CA PRO LA 83 2.99 -10.14 -98.89
C PRO LA 83 2.98 -8.61 -98.81
N LEU LA 84 1.80 -7.99 -98.86
CA LEU LA 84 1.70 -6.54 -98.79
C LEU LA 84 2.13 -6.03 -97.41
N GLY LA 87 8.14 -5.67 -93.03
CA GLY LA 87 7.63 -6.27 -91.82
C GLY LA 87 7.63 -7.79 -91.86
N ASN LA 88 7.31 -8.34 -93.03
CA ASN LA 88 7.25 -9.78 -93.21
C ASN LA 88 8.62 -10.41 -93.47
N TRP LA 89 9.65 -9.61 -93.74
CA TRP LA 89 10.98 -10.14 -94.00
C TRP LA 89 11.90 -10.06 -92.79
N LEU LA 90 11.51 -9.34 -91.74
CA LEU LA 90 12.32 -9.36 -90.52
C LEU LA 90 12.17 -10.68 -89.79
N CYS LA 91 10.94 -11.20 -89.72
CA CYS LA 91 10.73 -12.50 -89.10
C CYS LA 91 11.48 -13.59 -89.85
N LEU LA 92 11.41 -13.56 -91.18
CA LEU LA 92 12.18 -14.51 -92.00
C LEU LA 92 13.67 -14.40 -91.70
N SER LA 93 14.21 -13.18 -91.68
CA SER LA 93 15.62 -12.98 -91.41
C SER LA 93 16.00 -13.55 -90.05
N ARG LA 94 15.23 -13.22 -89.02
CA ARG LA 94 15.54 -13.71 -87.67
C ARG LA 94 15.46 -15.23 -87.60
N ALA LA 95 14.41 -15.81 -88.20
CA ALA LA 95 14.23 -17.26 -88.16
C ALA LA 95 15.40 -17.96 -88.84
N GLN LA 96 15.80 -17.48 -90.01
CA GLN LA 96 16.90 -18.12 -90.74
C GLN LA 96 18.23 -17.91 -90.04
N GLN LA 97 18.44 -16.75 -89.40
CA GLN LA 97 19.69 -16.53 -88.68
C GLN LA 97 19.76 -17.31 -87.37
N LEU LA 98 18.61 -17.68 -86.79
CA LEU LA 98 18.62 -18.53 -85.62
C LEU LA 98 18.92 -19.99 -85.97
N ASN LA 99 18.53 -20.43 -87.16
CA ASN LA 99 18.75 -21.81 -87.58
C ASN LA 99 20.13 -21.98 -88.18
N ASP LA 103 23.55 -16.53 -93.82
CA ASP LA 103 23.79 -15.89 -95.11
C ASP LA 103 22.46 -15.61 -95.82
N LYS LA 104 21.56 -16.60 -95.79
CA LYS LA 104 20.23 -16.40 -96.35
C LYS LA 104 19.44 -15.37 -95.56
N ALA LA 105 19.69 -15.30 -94.25
CA ALA LA 105 19.08 -14.25 -93.43
C ALA LA 105 19.54 -12.88 -93.89
N ARG LA 106 20.81 -12.75 -94.27
CA ARG LA 106 21.30 -11.49 -94.82
C ARG LA 106 20.56 -11.13 -96.10
N HIS LA 107 20.30 -12.11 -96.96
CA HIS LA 107 19.55 -11.85 -98.18
C HIS LA 107 18.13 -11.38 -97.86
N ALA LA 108 17.49 -12.02 -96.88
CA ALA LA 108 16.15 -11.58 -96.49
C ALA LA 108 16.17 -10.16 -95.92
N TYR LA 109 17.21 -9.85 -95.14
CA TYR LA 109 17.36 -8.50 -94.60
C TYR LA 109 17.56 -7.49 -95.72
N GLN LA 110 18.34 -7.84 -96.74
CA GLN LA 110 18.51 -6.94 -97.89
C GLN LA 110 17.20 -6.75 -98.64
N HIS LA 111 16.40 -7.81 -98.76
CA HIS LA 111 15.08 -7.66 -99.37
C HIS LA 111 14.20 -6.71 -98.57
N TYR LA 112 14.24 -6.83 -97.23
CA TYR LA 112 13.50 -5.89 -96.39
C TYR LA 112 14.00 -4.47 -96.56
N LEU LA 113 15.32 -4.29 -96.67
CA LEU LA 113 15.87 -2.96 -96.88
C LEU LA 113 15.41 -2.38 -98.22
N GLU LA 114 15.35 -3.22 -99.25
CA GLU LA 114 14.84 -2.77 -100.55
C GLU LA 114 13.38 -2.35 -100.45
N LEU LA 115 12.57 -3.11 -99.71
CA LEU LA 115 11.17 -2.76 -99.54
C LEU LA 115 10.94 -1.62 -98.56
N LYS LA 116 11.95 -1.25 -97.78
CA LYS LA 116 11.80 -0.24 -96.73
C LYS LA 116 11.40 1.13 -97.28
N ASP LA 117 11.70 1.42 -98.56
CA ASP LA 117 11.42 2.73 -99.11
C ASP LA 117 9.92 3.06 -99.09
N HIS LA 118 9.06 2.05 -99.04
CA HIS LA 118 7.62 2.28 -99.00
C HIS LA 118 7.11 2.35 -97.56
N LEU MA 17 46.33 7.60 -52.19
CA LEU MA 17 47.11 8.77 -52.58
C LEU MA 17 48.60 8.50 -52.36
N GLU MA 18 49.25 9.34 -51.55
CA GLU MA 18 50.68 9.22 -51.26
C GLU MA 18 51.49 9.18 -52.55
N ARG MA 19 51.14 10.06 -53.49
CA ARG MA 19 51.85 10.13 -54.76
C ARG MA 19 53.15 10.93 -54.67
N LEU MA 20 53.41 11.57 -53.53
CA LEU MA 20 54.67 12.27 -53.33
C LEU MA 20 55.72 11.26 -52.86
N TYR MA 21 56.80 11.16 -53.63
CA TYR MA 21 57.91 10.21 -53.44
C TYR MA 21 57.45 8.83 -52.99
N PRO MA 22 56.76 8.07 -53.84
CA PRO MA 22 56.39 6.70 -53.49
C PRO MA 22 57.45 5.70 -53.95
N THR MA 23 57.26 4.44 -53.51
CA THR MA 23 58.05 3.34 -54.04
C THR MA 23 57.82 3.25 -55.54
N ALA MA 24 58.85 3.54 -56.33
CA ALA MA 24 58.59 4.02 -57.68
C ALA MA 24 58.30 2.90 -58.68
N GLN MA 25 59.32 2.17 -59.11
CA GLN MA 25 59.06 1.39 -60.32
C GLN MA 25 59.65 -0.01 -60.48
N SER MA 26 60.90 -0.26 -60.07
CA SER MA 26 61.44 -1.61 -60.23
C SER MA 26 60.67 -2.68 -59.46
N LYS MA 27 60.27 -2.41 -58.21
CA LYS MA 27 59.48 -3.42 -57.53
C LYS MA 27 58.12 -3.56 -58.22
N ARG MA 28 57.56 -2.43 -58.61
CA ARG MA 28 56.32 -2.38 -59.39
C ARG MA 28 56.51 -3.01 -60.76
N SER MA 29 57.67 -2.79 -61.40
CA SER MA 29 57.94 -3.44 -62.68
C SER MA 29 58.03 -4.96 -62.54
N LEU MA 30 58.58 -5.46 -61.43
CA LEU MA 30 58.56 -6.90 -61.19
C LEU MA 30 57.13 -7.41 -61.08
N TRP MA 31 56.29 -6.71 -60.31
CA TRP MA 31 54.91 -7.13 -60.19
C TRP MA 31 54.15 -7.00 -61.52
N ASP MA 32 54.50 -5.99 -62.32
CA ASP MA 32 53.88 -5.84 -63.64
C ASP MA 32 54.29 -6.96 -64.57
N PHE MA 33 55.53 -7.45 -64.43
CA PHE MA 33 55.94 -8.59 -65.23
C PHE MA 33 55.17 -9.83 -64.82
N ALA MA 34 54.95 -10.00 -63.51
CA ALA MA 34 54.22 -11.17 -63.07
C ALA MA 34 52.74 -11.06 -63.43
N SER MA 35 52.25 -9.82 -63.59
CA SER MA 35 50.84 -9.58 -63.83
C SER MA 35 50.42 -10.17 -65.18
N PRO MA 36 49.19 -10.68 -65.29
CA PRO MA 36 48.69 -11.10 -66.59
C PRO MA 36 48.14 -9.93 -67.41
N GLY MA 37 47.69 -8.89 -66.72
CA GLY MA 37 47.14 -7.72 -67.38
C GLY MA 37 45.99 -7.09 -66.62
N ALA MA 46 31.72 -10.93 -62.27
CA ALA MA 46 30.80 -11.07 -61.14
C ALA MA 46 30.13 -12.44 -61.15
N GLN MA 47 28.98 -12.53 -61.84
CA GLN MA 47 28.31 -13.82 -62.00
C GLN MA 47 29.20 -14.85 -62.67
N ASP MA 48 30.18 -14.38 -63.45
CA ASP MA 48 31.19 -15.27 -63.99
C ASP MA 48 31.86 -16.08 -62.90
N TYR MA 49 31.99 -15.50 -61.70
CA TYR MA 49 32.62 -16.24 -60.62
C TYR MA 49 31.79 -17.44 -60.19
N ARG MA 50 30.51 -17.24 -59.88
CA ARG MA 50 29.69 -18.39 -59.49
C ARG MA 50 29.53 -19.42 -60.61
N ARG MA 51 29.46 -18.98 -61.87
CA ARG MA 51 29.32 -19.95 -62.95
C ARG MA 51 30.59 -20.76 -63.13
N GLU MA 52 31.74 -20.09 -63.15
CA GLU MA 52 33.01 -20.78 -63.29
C GLU MA 52 33.29 -21.66 -62.09
N LEU MA 53 32.93 -21.20 -60.89
CA LEU MA 53 33.11 -22.02 -59.70
C LEU MA 53 32.33 -23.33 -59.82
N ASP MA 54 31.05 -23.25 -60.20
CA ASP MA 54 30.25 -24.46 -60.30
C ASP MA 54 30.78 -25.39 -61.39
N THR MA 55 31.21 -24.84 -62.54
CA THR MA 55 31.76 -25.71 -63.58
C THR MA 55 33.09 -26.33 -63.15
N LEU MA 56 33.94 -25.55 -62.49
CA LEU MA 56 35.28 -25.98 -62.13
C LEU MA 56 35.25 -27.04 -61.04
N GLN MA 57 34.33 -26.95 -60.08
CA GLN MA 57 34.36 -27.93 -59.01
C GLN MA 57 34.05 -29.32 -59.54
N SER MA 58 33.13 -29.41 -60.50
CA SER MA 58 32.82 -30.70 -61.09
C SER MA 58 33.89 -31.13 -62.10
N LEU MA 59 34.55 -30.17 -62.76
CA LEU MA 59 35.65 -30.56 -63.64
C LEU MA 59 36.81 -31.15 -62.85
N LEU MA 60 37.29 -30.42 -61.84
CA LEU MA 60 38.41 -30.88 -61.04
C LEU MA 60 38.09 -32.08 -60.16
N THR MA 61 36.81 -32.35 -59.86
CA THR MA 61 36.50 -33.52 -59.03
C THR MA 61 36.88 -34.82 -59.74
N THR MA 62 36.72 -34.88 -61.07
CA THR MA 62 37.04 -36.07 -61.85
C THR MA 62 38.53 -36.38 -61.91
N SER MA 63 39.39 -35.47 -61.49
CA SER MA 63 40.83 -35.66 -61.69
CA SER MA 63 40.83 -35.64 -61.67
C SER MA 63 41.39 -36.70 -60.71
N GLN MA 64 42.62 -37.12 -60.98
CA GLN MA 64 43.33 -38.08 -60.16
C GLN MA 64 44.77 -37.71 -59.85
N SER MA 65 45.36 -36.73 -60.54
CA SER MA 65 46.75 -36.36 -60.29
C SER MA 65 46.89 -35.68 -58.93
N SER MA 66 48.05 -35.89 -58.29
CA SER MA 66 48.28 -35.38 -56.95
C SER MA 66 48.21 -33.85 -56.92
N GLU MA 67 48.87 -33.20 -57.87
CA GLU MA 67 48.81 -31.75 -57.97
C GLU MA 67 47.38 -31.28 -58.28
N LEU MA 68 46.71 -31.95 -59.21
CA LEU MA 68 45.32 -31.63 -59.50
C LEU MA 68 44.39 -31.94 -58.33
N GLN MA 69 44.69 -32.97 -57.53
CA GLN MA 69 43.87 -33.22 -56.34
C GLN MA 69 44.07 -32.13 -55.30
N ALA MA 70 45.32 -31.66 -55.12
CA ALA MA 70 45.55 -30.54 -54.22
C ALA MA 70 44.81 -29.30 -54.70
N ALA MA 71 44.78 -29.08 -56.03
CA ALA MA 71 44.05 -27.96 -56.59
C ALA MA 71 42.56 -28.10 -56.32
N ALA MA 72 42.02 -29.31 -56.49
CA ALA MA 72 40.61 -29.55 -56.22
C ALA MA 72 40.27 -29.31 -54.76
N ALA MA 73 41.14 -29.75 -53.84
CA ALA MA 73 40.89 -29.53 -52.42
C ALA MA 73 40.93 -28.04 -52.09
N LEU MA 74 41.84 -27.30 -52.72
CA LEU MA 74 41.90 -25.86 -52.55
C LEU MA 74 40.61 -25.21 -53.04
N LEU MA 75 40.09 -25.70 -54.17
CA LEU MA 75 38.86 -25.16 -54.72
C LEU MA 75 37.70 -25.46 -53.79
N LYS MA 76 37.66 -26.66 -53.21
CA LYS MA 76 36.59 -26.98 -52.27
C LYS MA 76 36.67 -26.07 -51.05
N CYS MA 77 37.89 -25.77 -50.61
CA CYS MA 77 38.07 -24.88 -49.46
C CYS MA 77 37.46 -23.52 -49.75
N GLN MA 78 37.79 -22.94 -50.91
CA GLN MA 78 37.24 -21.63 -51.24
C GLN MA 78 35.74 -21.72 -51.51
N GLN MA 79 35.29 -22.85 -52.05
CA GLN MA 79 33.88 -23.11 -52.31
C GLN MA 79 33.06 -23.10 -51.04
N ASP MA 80 33.68 -23.49 -49.92
CA ASP MA 80 32.90 -23.53 -48.69
C ASP MA 80 33.11 -22.27 -47.87
N ASP MA 81 34.25 -21.59 -48.01
CA ASP MA 81 34.32 -20.28 -47.40
C ASP MA 81 33.31 -19.35 -48.08
N ASP MA 82 33.12 -19.52 -49.40
CA ASP MA 82 32.08 -18.77 -50.11
C ASP MA 82 30.68 -19.21 -49.70
N ARG MA 83 30.49 -20.51 -49.42
CA ARG MA 83 29.18 -20.95 -48.94
C ARG MA 83 28.89 -20.32 -47.58
N LEU MA 84 29.93 -20.13 -46.76
CA LEU MA 84 29.74 -19.48 -45.48
C LEU MA 84 29.42 -18.01 -45.68
N LEU MA 85 30.03 -17.38 -46.68
CA LEU MA 85 29.73 -15.96 -46.84
C LEU MA 85 28.35 -15.79 -47.45
N GLN MA 86 27.90 -16.74 -48.27
CA GLN MA 86 26.53 -16.67 -48.76
C GLN MA 86 25.54 -16.81 -47.61
N ILE MA 87 25.86 -17.65 -46.62
CA ILE MA 87 24.98 -17.77 -45.46
C ILE MA 87 25.00 -16.48 -44.64
N ILE MA 88 26.16 -15.83 -44.53
CA ILE MA 88 26.23 -14.58 -43.80
C ILE MA 88 25.45 -13.49 -44.51
N LEU MA 89 25.56 -13.43 -45.84
CA LEU MA 89 24.81 -12.45 -46.60
C LEU MA 89 23.31 -12.70 -46.49
N ASN MA 90 22.89 -13.96 -46.49
CA ASN MA 90 21.48 -14.29 -46.32
C ASN MA 90 20.98 -13.85 -44.96
N LEU MA 91 21.79 -14.05 -43.91
CA LEU MA 91 21.38 -13.59 -42.59
C LEU MA 91 21.35 -12.07 -42.51
N LEU MA 92 22.27 -11.39 -43.19
CA LEU MA 92 22.31 -9.93 -43.23
C LEU MA 92 21.38 -9.35 -44.29
N HIS MA 93 20.24 -8.84 -43.84
CA HIS MA 93 19.20 -8.22 -44.69
C HIS MA 93 18.64 -7.09 -43.83
N LYS MA 94 19.19 -5.90 -43.98
CA LYS MA 94 18.80 -4.75 -43.17
C LYS MA 94 17.46 -4.21 -43.63
N VAL MA 95 17.05 -3.07 -43.07
CA VAL MA 95 15.82 -2.35 -43.40
C VAL MA 95 15.44 -2.33 -44.88
N ILE NA 11 41.33 -35.40 -70.04
CA ILE NA 11 41.79 -34.02 -69.85
C ILE NA 11 41.25 -33.13 -70.97
N THR NA 12 40.27 -32.29 -70.64
CA THR NA 12 39.62 -31.41 -71.61
C THR NA 12 39.42 -30.04 -70.96
N LEU NA 13 38.61 -29.21 -71.62
CA LEU NA 13 38.22 -27.89 -71.12
C LEU NA 13 39.44 -26.98 -70.94
N THR NA 14 40.27 -26.91 -71.98
CA THR NA 14 41.31 -25.88 -72.07
C THR NA 14 40.67 -24.65 -72.68
N LYS NA 15 40.02 -23.88 -71.81
CA LYS NA 15 39.10 -22.82 -72.21
C LYS NA 15 39.01 -21.83 -71.05
N ARG NA 16 37.94 -21.03 -71.03
CA ARG NA 16 37.68 -20.06 -69.96
C ARG NA 16 38.16 -20.52 -68.59
N GLN NA 17 37.79 -21.74 -68.19
CA GLN NA 17 38.27 -22.36 -66.96
C GLN NA 17 39.75 -22.09 -66.73
N GLN NA 18 40.57 -22.21 -67.79
CA GLN NA 18 41.98 -21.85 -67.68
C GLN NA 18 42.17 -20.39 -67.29
N GLU NA 19 41.28 -19.50 -67.74
CA GLU NA 19 41.40 -18.10 -67.36
C GLU NA 19 41.04 -17.91 -65.90
N PHE NA 20 40.04 -18.65 -65.42
CA PHE NA 20 39.72 -18.64 -63.99
C PHE NA 20 40.91 -19.09 -63.16
N LEU NA 21 41.55 -20.19 -63.58
CA LEU NA 21 42.71 -20.69 -62.85
C LEU NA 21 43.86 -19.69 -62.88
N LEU NA 22 44.11 -19.07 -64.04
CA LEU NA 22 45.17 -18.08 -64.15
C LEU NA 22 44.90 -16.89 -63.23
N LEU NA 23 43.67 -16.38 -63.23
CA LEU NA 23 43.33 -15.24 -62.39
C LEU NA 23 43.46 -15.57 -60.92
N ASN NA 24 42.98 -16.76 -60.52
CA ASN NA 24 43.11 -17.16 -59.12
C ASN NA 24 44.57 -17.28 -58.71
N GLY NA 25 45.40 -17.88 -59.57
CA GLY NA 25 46.82 -17.97 -59.27
C GLY NA 25 47.48 -16.61 -59.16
N TRP NA 26 47.15 -15.71 -60.08
CA TRP NA 26 47.71 -14.36 -60.03
C TRP NA 26 47.29 -13.61 -58.78
N LEU NA 27 46.02 -13.70 -58.39
CA LEU NA 27 45.56 -13.02 -57.20
C LEU NA 27 46.22 -13.60 -55.94
N GLN NA 28 46.34 -14.92 -55.88
CA GLN NA 28 47.01 -15.53 -54.73
C GLN NA 28 48.47 -15.12 -54.67
N LEU NA 29 49.15 -15.07 -55.83
CA LEU NA 29 50.53 -14.61 -55.85
C LEU NA 29 50.64 -13.16 -55.40
N GLN NA 30 49.70 -12.32 -55.83
CA GLN NA 30 49.68 -10.94 -55.40
C GLN NA 30 49.34 -10.82 -53.93
N CYS NA 31 48.80 -11.88 -53.33
CA CYS NA 31 48.48 -11.90 -51.90
C CYS NA 31 49.30 -12.98 -51.20
N GLY NA 32 50.61 -12.96 -51.40
CA GLY NA 32 51.50 -13.92 -50.73
C GLY NA 32 51.01 -15.33 -50.92
N HIS NA 33 50.90 -16.09 -49.82
CA HIS NA 33 50.39 -17.47 -49.86
C HIS NA 33 51.04 -18.28 -50.98
N ALA NA 34 52.33 -18.01 -51.22
CA ALA NA 34 53.14 -18.63 -52.27
C ALA NA 34 52.76 -20.07 -52.59
N GLU NA 35 52.49 -20.87 -51.58
CA GLU NA 35 52.13 -22.28 -51.80
C GLU NA 35 50.80 -22.40 -52.52
N ARG NA 36 49.83 -21.56 -52.16
CA ARG NA 36 48.51 -21.63 -52.81
C ARG NA 36 48.59 -21.27 -54.29
N ALA NA 37 49.34 -20.22 -54.63
CA ALA NA 37 49.56 -19.92 -56.05
C ALA NA 37 50.35 -21.03 -56.73
N CYS NA 38 51.35 -21.57 -56.03
CA CYS NA 38 52.21 -22.60 -56.60
C CYS NA 38 51.45 -23.86 -56.96
N ILE NA 39 50.53 -24.31 -56.11
CA ILE NA 39 49.80 -25.53 -56.42
C ILE NA 39 48.92 -25.34 -57.65
N LEU NA 40 48.23 -24.21 -57.75
CA LEU NA 40 47.40 -23.94 -58.92
C LEU NA 40 48.23 -23.87 -60.19
N LEU NA 41 49.37 -23.19 -60.13
CA LEU NA 41 50.20 -23.06 -61.33
C LEU NA 41 50.88 -24.38 -61.68
N ASP NA 42 51.20 -25.21 -60.69
CA ASP NA 42 51.69 -26.56 -60.95
C ASP NA 42 50.63 -27.40 -61.63
N ALA NA 43 49.37 -27.25 -61.21
CA ALA NA 43 48.27 -27.93 -61.90
C ALA NA 43 48.18 -27.47 -63.35
N LEU NA 44 48.34 -26.16 -63.58
CA LEU NA 44 48.36 -25.66 -64.95
C LEU NA 44 49.50 -26.27 -65.75
N LEU NA 45 50.69 -26.34 -65.16
CA LEU NA 45 51.85 -26.84 -65.90
C LEU NA 45 51.73 -28.33 -66.19
N THR NA 46 51.22 -29.11 -65.24
CA THR NA 46 51.03 -30.54 -65.50
C THR NA 46 49.92 -30.78 -66.53
N LEU NA 47 48.88 -29.94 -66.55
CA LEU NA 47 47.87 -30.07 -67.60
C LEU NA 47 48.29 -29.39 -68.90
N ASN NA 48 48.33 -28.06 -68.91
CA ASN NA 48 48.77 -27.31 -70.08
C ASN NA 48 50.17 -26.76 -69.88
N PRO NA 49 51.21 -27.38 -70.44
CA PRO NA 49 52.57 -26.84 -70.30
C PRO NA 49 52.88 -25.70 -71.27
N GLU NA 50 52.02 -25.49 -72.27
CA GLU NA 50 52.25 -24.47 -73.29
C GLU NA 50 51.87 -23.06 -72.84
N HIS NA 51 51.11 -22.94 -71.74
CA HIS NA 51 50.72 -21.63 -71.26
C HIS NA 51 51.94 -20.83 -70.81
N LEU NA 52 51.99 -19.56 -71.19
CA LEU NA 52 53.16 -18.71 -70.94
C LEU NA 52 52.97 -17.78 -69.75
N ALA NA 53 51.81 -17.15 -69.62
CA ALA NA 53 51.58 -16.25 -68.50
C ALA NA 53 51.64 -17.00 -67.17
N GLY NA 54 51.03 -18.18 -67.11
CA GLY NA 54 51.10 -18.99 -65.90
C GLY NA 54 52.51 -19.40 -65.55
N ARG NA 55 53.35 -19.66 -66.56
CA ARG NA 55 54.75 -19.99 -66.28
C ARG NA 55 55.48 -18.81 -65.66
N ARG NA 56 55.24 -17.60 -66.14
CA ARG NA 56 55.84 -16.42 -65.53
C ARG NA 56 55.33 -16.21 -64.11
N CYS NA 57 54.03 -16.42 -63.89
CA CYS NA 57 53.48 -16.27 -62.56
C CYS NA 57 54.11 -17.26 -61.59
N ARG NA 58 54.25 -18.53 -62.00
CA ARG NA 58 54.88 -19.51 -61.11
C ARG NA 58 56.37 -19.26 -60.96
N LEU NA 59 57.01 -18.65 -61.97
CA LEU NA 59 58.40 -18.25 -61.82
C LEU NA 59 58.55 -17.22 -60.72
N VAL NA 60 57.69 -16.20 -60.73
CA VAL NA 60 57.73 -15.18 -59.67
C VAL NA 60 57.36 -15.79 -58.32
N ALA NA 61 56.42 -16.75 -58.32
CA ALA NA 61 56.05 -17.41 -57.09
C ALA NA 61 57.23 -18.19 -56.50
N LEU NA 62 57.98 -18.89 -57.34
CA LEU NA 62 59.17 -19.59 -56.88
C LEU NA 62 60.25 -18.62 -56.44
N LEU NA 63 60.36 -17.47 -57.10
CA LEU NA 63 61.31 -16.45 -56.65
C LEU NA 63 60.98 -15.97 -55.25
N ASN NA 64 59.70 -15.72 -54.98
CA ASN NA 64 59.30 -15.27 -53.64
C ASN NA 64 59.28 -16.40 -52.63
N ASN NA 65 59.23 -17.65 -53.09
CA ASN NA 65 59.21 -18.82 -52.21
C ASN NA 65 60.60 -19.31 -51.83
N ASN NA 66 61.66 -18.79 -52.46
CA ASN NA 66 63.03 -19.24 -52.24
C ASN NA 66 63.19 -20.70 -52.70
N GLN NA 67 62.99 -20.90 -54.00
CA GLN NA 67 63.14 -22.18 -54.69
C GLN NA 67 64.08 -22.01 -55.86
N GLY NA 68 65.27 -21.44 -55.58
CA GLY NA 68 66.13 -20.92 -56.63
C GLY NA 68 66.49 -21.91 -57.73
N GLU NA 69 66.56 -23.19 -57.40
CA GLU NA 69 66.84 -24.18 -58.45
C GLU NA 69 65.65 -24.35 -59.38
N ARG NA 70 64.45 -24.49 -58.83
CA ARG NA 70 63.26 -24.59 -59.66
C ARG NA 70 63.03 -23.29 -60.43
N ALA NA 71 63.29 -22.15 -59.79
CA ALA NA 71 63.17 -20.87 -60.46
C ALA NA 71 64.16 -20.76 -61.60
N GLU NA 72 65.39 -21.25 -61.40
CA GLU NA 72 66.38 -21.23 -62.46
C GLU NA 72 65.94 -22.10 -63.63
N LYS NA 73 65.37 -23.27 -63.34
CA LYS NA 73 64.90 -24.15 -64.41
C LYS NA 73 63.76 -23.48 -65.19
N GLU NA 74 62.81 -22.85 -64.49
CA GLU NA 74 61.72 -22.17 -65.18
C GLU NA 74 62.24 -20.99 -66.00
N ALA NA 75 63.22 -20.26 -65.46
CA ALA NA 75 63.80 -19.16 -66.21
C ALA NA 75 64.54 -19.65 -67.44
N GLN NA 76 65.18 -20.82 -67.35
CA GLN NA 76 65.82 -21.40 -68.53
C GLN NA 76 64.79 -21.78 -69.58
N TRP NA 77 63.66 -22.35 -69.14
CA TRP NA 77 62.58 -22.67 -70.07
C TRP NA 77 62.09 -21.42 -70.79
N LEU NA 78 61.81 -20.36 -70.02
CA LEU NA 78 61.34 -19.12 -70.62
C LEU NA 78 62.40 -18.48 -71.52
N ILE NA 79 63.67 -18.62 -71.15
CA ILE NA 79 64.76 -18.04 -71.92
C ILE NA 79 64.91 -18.75 -73.27
N SER NA 80 64.74 -20.07 -73.28
CA SER NA 80 64.87 -20.81 -74.55
C SER NA 80 63.56 -20.88 -75.33
N HIS NA 81 62.44 -20.44 -74.75
CA HIS NA 81 61.15 -20.45 -75.43
C HIS NA 81 60.50 -19.08 -75.28
N ASP NA 82 60.38 -18.35 -76.40
CA ASP NA 82 59.79 -17.02 -76.43
C ASP NA 82 60.47 -16.09 -75.43
N PRO NA 83 61.71 -15.66 -75.71
CA PRO NA 83 62.44 -14.76 -74.81
C PRO NA 83 62.00 -13.30 -74.97
N ALA NA 86 62.48 -9.08 -71.85
CA ALA NA 86 63.48 -8.49 -70.97
C ALA NA 86 63.24 -8.91 -69.53
N GLY NA 87 61.97 -9.08 -69.17
CA GLY NA 87 61.63 -9.50 -67.82
C GLY NA 87 62.17 -10.88 -67.47
N ASN NA 88 62.25 -11.77 -68.46
CA ASN NA 88 62.77 -13.11 -68.25
C ASN NA 88 64.19 -13.13 -67.71
N TRP NA 89 64.88 -11.99 -67.69
CA TRP NA 89 66.22 -11.93 -67.16
C TRP NA 89 66.29 -11.36 -65.74
N LEU NA 90 65.20 -10.84 -65.20
CA LEU NA 90 65.22 -10.51 -63.78
C LEU NA 90 65.07 -11.76 -62.94
N CYS NA 91 64.11 -12.61 -63.31
CA CYS NA 91 63.84 -13.82 -62.55
C CYS NA 91 65.06 -14.70 -62.48
N LEU NA 92 65.69 -14.96 -63.63
CA LEU NA 92 66.92 -15.74 -63.64
C LEU NA 92 67.94 -15.09 -62.71
N SER NA 93 68.12 -13.77 -62.85
CA SER NA 93 69.05 -13.08 -61.98
C SER NA 93 68.68 -13.31 -60.53
N ARG NA 94 67.40 -13.08 -60.21
CA ARG NA 94 66.96 -13.29 -58.83
C ARG NA 94 67.20 -14.73 -58.42
N ALA NA 95 66.86 -15.67 -59.31
CA ALA NA 95 67.06 -17.07 -58.98
C ALA NA 95 68.53 -17.32 -58.70
N GLN NA 96 69.40 -16.79 -59.57
CA GLN NA 96 70.82 -17.03 -59.35
C GLN NA 96 71.31 -16.29 -58.12
N GLN NA 97 70.76 -15.11 -57.84
CA GLN NA 97 71.18 -14.42 -56.62
C GLN NA 97 70.62 -15.12 -55.40
N LEU NA 98 69.52 -15.87 -55.55
CA LEU NA 98 69.06 -16.72 -54.47
C LEU NA 98 69.93 -17.97 -54.34
N ASN NA 99 70.50 -18.44 -55.45
CA ASN NA 99 71.33 -19.64 -55.44
C ASN NA 99 72.78 -19.36 -55.08
N GLY NA 100 73.20 -18.10 -55.02
CA GLY NA 100 74.55 -17.74 -54.69
C GLY NA 100 75.45 -17.40 -55.86
N ASP NA 101 74.93 -17.43 -57.08
CA ASP NA 101 75.72 -17.09 -58.27
C ASP NA 101 75.57 -15.60 -58.52
N LEU NA 102 76.44 -14.82 -57.87
CA LEU NA 102 76.32 -13.36 -57.92
C LEU NA 102 76.80 -12.81 -59.26
N ASP NA 103 77.90 -13.35 -59.80
CA ASP NA 103 78.46 -12.81 -61.03
C ASP NA 103 77.50 -13.03 -62.22
N LYS NA 104 76.94 -14.23 -62.33
CA LYS NA 104 75.97 -14.47 -63.39
C LYS NA 104 74.70 -13.66 -63.18
N ALA NA 105 74.34 -13.40 -61.93
CA ALA NA 105 73.20 -12.52 -61.67
C ALA NA 105 73.48 -11.10 -62.16
N ARG NA 106 74.69 -10.60 -61.95
CA ARG NA 106 75.05 -9.29 -62.47
C ARG NA 106 75.03 -9.29 -63.99
N HIS NA 107 75.53 -10.36 -64.61
CA HIS NA 107 75.49 -10.46 -66.06
C HIS NA 107 74.05 -10.45 -66.58
N ALA NA 108 73.16 -11.17 -65.90
CA ALA NA 108 71.75 -11.17 -66.28
C ALA NA 108 71.13 -9.79 -66.13
N TYR NA 109 71.50 -9.08 -65.05
CA TYR NA 109 71.00 -7.72 -64.86
C TYR NA 109 71.46 -6.79 -65.98
N GLN NA 110 72.72 -6.92 -66.39
CA GLN NA 110 73.21 -6.12 -67.50
C GLN NA 110 72.49 -6.48 -68.80
N HIS NA 111 72.22 -7.76 -69.00
CA HIS NA 111 71.45 -8.19 -70.17
C HIS NA 111 70.05 -7.61 -70.16
N TYR NA 112 69.40 -7.60 -68.99
CA TYR NA 112 68.07 -6.99 -68.89
C TYR NA 112 68.12 -5.51 -69.19
N LEU NA 113 69.13 -4.80 -68.67
CA LEU NA 113 69.23 -3.38 -68.94
C LEU NA 113 69.42 -3.11 -70.43
N GLU NA 114 70.24 -3.92 -71.10
CA GLU NA 114 70.41 -3.77 -72.54
C GLU NA 114 69.13 -4.09 -73.30
N LEU NA 115 68.41 -5.13 -72.88
CA LEU NA 115 67.18 -5.56 -73.53
C LEU NA 115 65.97 -4.69 -73.22
N LYS NA 116 66.08 -3.72 -72.31
CA LYS NA 116 64.91 -2.91 -71.97
C LYS NA 116 64.40 -2.14 -73.18
N ASP NA 117 65.31 -1.58 -73.98
CA ASP NA 117 64.97 -0.89 -75.23
C ASP NA 117 63.93 0.20 -74.99
N HIS NA 118 64.20 1.05 -74.00
CA HIS NA 118 63.30 2.14 -73.65
C HIS NA 118 63.22 3.17 -74.77
N ALA OA 24 65.16 36.65 33.03
CA ALA OA 24 65.68 37.88 32.43
C ALA OA 24 66.94 37.59 31.63
N GLN OA 25 67.79 38.62 31.49
CA GLN OA 25 69.05 38.45 30.79
C GLN OA 25 69.94 37.43 31.49
N SER OA 26 69.98 37.46 32.82
CA SER OA 26 70.77 36.49 33.57
C SER OA 26 70.27 35.06 33.32
N LYS OA 27 68.95 34.88 33.26
CA LYS OA 27 68.40 33.56 32.98
C LYS OA 27 68.77 33.11 31.56
N ARG OA 28 68.74 34.04 30.61
CA ARG OA 28 69.18 33.74 29.26
C ARG OA 28 70.65 33.39 29.21
N SER OA 29 71.48 34.08 29.99
CA SER OA 29 72.90 33.73 30.08
C SER OA 29 73.11 32.35 30.68
N LEU OA 30 72.28 31.97 31.65
CA LEU OA 30 72.34 30.61 32.18
C LEU OA 30 72.02 29.59 31.08
N TRP OA 31 70.96 29.84 30.31
CA TRP OA 31 70.61 28.93 29.23
C TRP OA 31 71.68 28.92 28.14
N ASP OA 32 72.32 30.06 27.87
CA ASP OA 32 73.40 30.10 26.89
C ASP OA 32 74.62 29.33 27.39
N PHE OA 33 74.86 29.35 28.71
CA PHE OA 33 75.96 28.56 29.26
C PHE OA 33 75.64 27.08 29.12
N ALA OA 34 74.39 26.71 29.35
CA ALA OA 34 74.00 25.30 29.24
C ALA OA 34 73.97 24.85 27.79
N SER OA 35 73.78 25.78 26.85
CA SER OA 35 73.62 25.43 25.45
C SER OA 35 74.90 24.80 24.90
N PRO OA 36 74.77 23.88 23.93
CA PRO OA 36 75.95 23.24 23.33
C PRO OA 36 76.76 24.21 22.47
N HIS OA 44 74.22 17.60 12.60
CA HIS OA 44 73.27 16.74 11.92
C HIS OA 44 71.85 16.94 12.45
N ARG OA 45 70.87 16.50 11.68
CA ARG OA 45 69.46 16.74 12.01
C ARG OA 45 68.61 15.73 11.23
N ALA OA 46 67.30 15.91 11.31
CA ALA OA 46 66.31 15.17 10.49
C ALA OA 46 66.51 13.67 10.74
N GLN OA 47 66.70 12.86 9.70
CA GLN OA 47 66.74 11.41 9.83
C GLN OA 47 68.07 10.88 10.36
N ASP OA 48 68.91 11.74 10.96
CA ASP OA 48 70.06 11.25 11.71
C ASP OA 48 69.62 10.30 12.81
N TYR OA 49 68.44 10.52 13.39
CA TYR OA 49 67.92 9.65 14.43
C TYR OA 49 67.70 8.31 13.75
N ARG OA 50 68.59 7.37 14.03
CA ARG OA 50 68.54 6.03 13.45
C ARG OA 50 68.83 4.98 14.52
N ARG OA 51 69.36 3.83 14.12
CA ARG OA 51 69.69 2.73 15.01
C ARG OA 51 70.85 3.04 15.93
N GLU OA 52 71.35 4.27 16.02
CA GLU OA 52 72.45 4.56 16.94
C GLU OA 52 71.93 4.38 18.37
N LEU OA 53 70.69 4.79 18.58
CA LEU OA 53 70.03 4.62 19.87
C LEU OA 53 69.99 3.15 20.26
N ASP OA 54 69.58 2.28 19.34
CA ASP OA 54 69.48 0.85 19.62
C ASP OA 54 70.86 0.25 19.93
N THR OA 55 71.89 0.69 19.21
CA THR OA 55 73.23 0.18 19.51
C THR OA 55 73.65 0.62 20.89
N LEU OA 56 73.36 1.87 21.27
CA LEU OA 56 73.82 2.35 22.55
C LEU OA 56 73.05 1.63 23.66
N GLN OA 57 71.76 1.36 23.42
CA GLN OA 57 70.91 0.72 24.43
C GLN OA 57 71.38 -0.71 24.66
N SER OA 58 71.81 -1.40 23.59
CA SER OA 58 72.31 -2.75 23.76
C SER OA 58 73.71 -2.76 24.33
N LEU OA 59 74.50 -1.72 24.08
CA LEU OA 59 75.81 -1.63 24.71
C LEU OA 59 75.65 -1.44 26.22
N LEU OA 60 74.84 -0.46 26.62
CA LEU OA 60 74.65 -0.20 28.04
C LEU OA 60 73.87 -1.31 28.75
N THR OA 61 73.12 -2.14 28.01
CA THR OA 61 72.42 -3.23 28.67
C THR OA 61 73.38 -4.25 29.27
N THR OA 62 74.52 -4.47 28.60
CA THR OA 62 75.51 -5.42 29.08
C THR OA 62 76.20 -4.94 30.35
N SER OA 63 76.49 -3.64 30.42
CA SER OA 63 77.27 -3.10 31.52
C SER OA 63 76.55 -3.23 32.84
N GLN OA 64 77.33 -3.40 33.91
CA GLN OA 64 76.80 -3.60 35.25
C GLN OA 64 76.71 -2.30 36.05
N SER OA 65 77.10 -1.17 35.46
CA SER OA 65 77.04 0.10 36.17
C SER OA 65 75.59 0.55 36.37
N SER OA 66 75.28 1.02 37.57
CA SER OA 66 73.92 1.46 37.87
C SER OA 66 73.54 2.67 37.04
N GLU OA 67 74.47 3.60 36.84
CA GLU OA 67 74.19 4.78 36.03
C GLU OA 67 73.85 4.41 34.59
N LEU OA 68 74.60 3.47 34.02
CA LEU OA 68 74.28 2.99 32.68
C LEU OA 68 72.99 2.21 32.65
N GLN OA 69 72.62 1.54 33.75
CA GLN OA 69 71.34 0.85 33.81
C GLN OA 69 70.18 1.84 33.80
N ALA OA 70 70.28 2.92 34.57
CA ALA OA 70 69.25 3.96 34.54
C ALA OA 70 69.17 4.59 33.15
N ALA OA 71 70.31 4.80 32.51
CA ALA OA 71 70.33 5.36 31.17
C ALA OA 71 69.64 4.41 30.20
N ALA OA 72 69.93 3.11 30.32
CA ALA OA 72 69.31 2.12 29.45
C ALA OA 72 67.79 2.07 29.65
N ALA OA 73 67.33 2.16 30.90
CA ALA OA 73 65.89 2.14 31.12
C ALA OA 73 65.21 3.37 30.52
N LEU OA 74 65.87 4.54 30.63
CA LEU OA 74 65.34 5.74 30.00
C LEU OA 74 65.28 5.57 28.49
N LEU OA 75 66.31 4.97 27.92
CA LEU OA 75 66.37 4.74 26.48
C LEU OA 75 65.29 3.75 26.05
N LYS OA 76 65.04 2.70 26.84
CA LYS OA 76 63.99 1.75 26.49
C LYS OA 76 62.64 2.46 26.51
N CYS OA 77 62.46 3.37 27.48
CA CYS OA 77 61.21 4.12 27.56
C CYS OA 77 60.99 4.89 26.27
N GLN OA 78 62.02 5.62 25.83
CA GLN OA 78 61.87 6.41 24.61
C GLN OA 78 61.75 5.50 23.38
N GLN OA 79 62.42 4.34 23.41
CA GLN OA 79 62.35 3.36 22.33
C GLN OA 79 60.94 2.84 22.13
N ASP OA 80 60.16 2.78 23.21
CA ASP OA 80 58.82 2.23 23.06
C ASP OA 80 57.79 3.33 22.89
N ASP OA 81 58.05 4.53 23.42
CA ASP OA 81 57.18 5.63 23.06
C ASP OA 81 57.31 5.91 21.56
N ASP OA 82 58.53 5.74 21.01
CA ASP OA 82 58.70 5.88 19.57
C ASP OA 82 58.04 4.73 18.82
N ARG OA 83 58.07 3.51 19.38
CA ARG OA 83 57.36 2.43 18.68
C ARG OA 83 55.86 2.68 18.64
N LEU OA 84 55.32 3.30 19.71
CA LEU OA 84 53.90 3.63 19.69
C LEU OA 84 53.60 4.76 18.71
N LEU OA 85 54.49 5.74 18.61
CA LEU OA 85 54.13 6.82 17.69
C LEU OA 85 54.31 6.37 16.24
N GLN OA 86 55.29 5.49 15.97
CA GLN OA 86 55.40 4.96 14.61
C GLN OA 86 54.18 4.14 14.24
N ILE OA 87 53.62 3.39 15.19
CA ILE OA 87 52.39 2.64 14.89
C ILE OA 87 51.22 3.58 14.65
N ILE OA 88 51.14 4.68 15.41
CA ILE OA 88 50.06 5.62 15.18
C ILE OA 88 50.19 6.29 13.82
N LEU OA 89 51.41 6.68 13.44
CA LEU OA 89 51.60 7.29 12.13
C LEU OA 89 51.27 6.31 11.01
N ASN OA 90 51.65 5.04 11.16
CA ASN OA 90 51.30 4.04 10.15
C ASN OA 90 49.80 3.83 10.04
N LEU OA 91 49.09 3.81 11.17
CA LEU OA 91 47.63 3.68 11.13
C LEU OA 91 46.93 4.91 10.54
N LEU OA 92 47.46 6.11 10.78
CA LEU OA 92 46.85 7.29 10.18
C LEU OA 92 47.33 7.54 8.76
N HIS OA 93 48.60 7.92 8.62
CA HIS OA 93 49.21 8.22 7.31
C HIS OA 93 48.35 9.29 6.62
N LYS OA 94 48.26 9.23 5.30
CA LYS OA 94 47.51 10.21 4.51
C LYS OA 94 47.36 9.63 3.11
N VAL OA 95 46.48 10.23 2.32
CA VAL OA 95 46.27 9.78 0.96
C VAL OA 95 45.84 10.95 0.06
N THR PA 14 82.92 5.68 21.69
CA THR PA 14 81.87 6.69 21.81
C THR PA 14 82.34 8.04 21.27
N LYS PA 15 82.56 8.10 19.95
CA LYS PA 15 82.99 9.31 19.28
C LYS PA 15 81.84 10.12 18.70
N ARG PA 16 80.94 9.46 17.98
CA ARG PA 16 79.70 10.10 17.54
C ARG PA 16 78.61 9.96 18.60
N GLN PA 17 78.34 8.73 19.03
CA GLN PA 17 77.39 8.43 20.09
C GLN PA 17 77.43 9.42 21.26
N GLN PA 18 78.63 9.84 21.66
CA GLN PA 18 78.73 10.86 22.71
C GLN PA 18 78.00 12.14 22.33
N GLU PA 19 77.95 12.47 21.03
CA GLU PA 19 77.24 13.67 20.61
C GLU PA 19 75.73 13.44 20.71
N PHE PA 20 75.28 12.22 20.42
CA PHE PA 20 73.88 11.87 20.63
C PHE PA 20 73.51 12.04 22.09
N LEU PA 21 74.38 11.57 23.00
CA LEU PA 21 74.13 11.73 24.43
C LEU PA 21 74.10 13.21 24.83
N LEU PA 22 75.02 14.01 24.29
CA LEU PA 22 75.03 15.44 24.58
C LEU PA 22 73.73 16.10 24.13
N LEU PA 23 73.28 15.77 22.91
CA LEU PA 23 72.05 16.37 22.40
C LEU PA 23 70.84 15.95 23.23
N ASN PA 24 70.77 14.67 23.61
CA ASN PA 24 69.67 14.21 24.45
C ASN PA 24 69.67 14.91 25.80
N GLY PA 25 70.84 15.04 26.41
CA GLY PA 25 70.92 15.75 27.69
C GLY PA 25 70.51 17.20 27.56
N TRP PA 26 70.96 17.88 26.51
CA TRP PA 26 70.58 19.27 26.30
C TRP PA 26 69.08 19.41 26.10
N LEU PA 27 68.47 18.52 25.31
CA LEU PA 27 67.04 18.57 25.10
C LEU PA 27 66.26 18.29 26.38
N GLN PA 28 66.71 17.30 27.17
CA GLN PA 28 66.05 17.02 28.45
C GLN PA 28 66.15 18.21 29.40
N LEU PA 29 67.31 18.88 29.40
CA LEU PA 29 67.44 20.10 30.18
C LEU PA 29 66.51 21.18 29.68
N GLN PA 30 66.37 21.29 28.35
CA GLN PA 30 65.45 22.26 27.76
C GLN PA 30 64.00 21.92 28.01
N CYS PA 31 63.68 20.69 28.45
CA CYS PA 31 62.29 20.34 28.67
C CYS PA 31 61.95 19.97 30.11
N GLY PA 32 62.33 20.84 31.04
CA GLY PA 32 61.87 20.77 32.42
C GLY PA 32 62.20 19.57 33.30
N HIS PA 33 62.60 18.44 32.74
CA HIS PA 33 62.91 17.30 33.59
C HIS PA 33 64.16 17.55 34.42
N ALA PA 34 65.29 17.66 33.72
CA ALA PA 34 66.61 17.91 34.28
C ALA PA 34 67.15 16.72 35.07
N GLU PA 35 66.26 15.83 35.53
CA GLU PA 35 66.72 14.62 36.20
C GLU PA 35 67.31 13.65 35.18
N ARG PA 36 66.59 13.47 34.07
CA ARG PA 36 67.08 12.62 32.99
C ARG PA 36 68.32 13.22 32.36
N ALA PA 37 68.34 14.54 32.19
CA ALA PA 37 69.56 15.19 31.69
C ALA PA 37 70.71 14.98 32.66
N CYS PA 38 70.45 15.07 33.97
CA CYS PA 38 71.52 14.86 34.94
C CYS PA 38 72.07 13.45 34.86
N ILE PA 39 71.20 12.44 34.78
CA ILE PA 39 71.69 11.06 34.72
C ILE PA 39 72.44 10.81 33.41
N LEU PA 40 71.90 11.31 32.29
CA LEU PA 40 72.57 11.10 31.00
C LEU PA 40 73.94 11.75 30.98
N LEU PA 41 74.05 12.99 31.49
CA LEU PA 41 75.32 13.68 31.47
C LEU PA 41 76.30 13.10 32.49
N ASP PA 42 75.81 12.58 33.61
CA ASP PA 42 76.68 11.86 34.53
C ASP PA 42 77.25 10.60 33.90
N ALA PA 43 76.40 9.87 33.16
CA ALA PA 43 76.90 8.70 32.42
C ALA PA 43 77.93 9.13 31.37
N LEU PA 44 77.67 10.24 30.68
CA LEU PA 44 78.61 10.74 29.68
C LEU PA 44 79.95 11.08 30.32
N LEU PA 45 79.95 11.75 31.46
CA LEU PA 45 81.21 12.14 32.10
C LEU PA 45 81.93 10.92 32.65
N THR PA 46 81.17 9.94 33.18
CA THR PA 46 81.80 8.71 33.67
C THR PA 46 82.43 7.92 32.53
N LEU PA 47 81.83 7.96 31.34
CA LEU PA 47 82.43 7.31 30.17
C LEU PA 47 83.50 8.19 29.56
N ASN PA 48 83.10 9.32 28.96
CA ASN PA 48 84.06 10.27 28.40
C ASN PA 48 84.14 11.49 29.31
N PRO PA 49 85.19 11.61 30.14
CA PRO PA 49 85.30 12.81 30.98
C PRO PA 49 85.91 14.01 30.26
N GLU PA 50 86.57 13.80 29.11
CA GLU PA 50 87.24 14.90 28.43
C GLU PA 50 86.25 15.90 27.85
N HIS PA 51 85.10 15.43 27.38
CA HIS PA 51 84.10 16.32 26.78
C HIS PA 51 83.40 17.08 27.91
N LEU PA 52 83.95 18.24 28.24
CA LEU PA 52 83.46 19.03 29.35
C LEU PA 52 82.15 19.76 29.07
N ALA PA 53 81.66 19.73 27.83
CA ALA PA 53 80.36 20.33 27.55
C ALA PA 53 79.25 19.63 28.30
N GLY PA 54 79.35 18.32 28.48
CA GLY PA 54 78.36 17.62 29.29
C GLY PA 54 78.34 18.10 30.72
N ARG PA 55 79.51 18.30 31.32
CA ARG PA 55 79.57 18.88 32.66
C ARG PA 55 79.03 20.30 32.66
N ARG PA 56 79.28 21.05 31.59
CA ARG PA 56 78.78 22.42 31.49
C ARG PA 56 77.25 22.45 31.51
N CYS PA 57 76.61 21.51 30.79
CA CYS PA 57 75.15 21.44 30.81
C CYS PA 57 74.64 20.95 32.15
N ARG PA 58 75.24 19.87 32.68
CA ARG PA 58 74.76 19.30 33.92
C ARG PA 58 74.95 20.25 35.10
N LEU PA 59 75.87 21.21 35.02
CA LEU PA 59 75.97 22.22 36.07
C LEU PA 59 74.68 23.02 36.18
N VAL PA 60 74.17 23.51 35.03
CA VAL PA 60 72.90 24.23 35.03
C VAL PA 60 71.77 23.28 35.42
N ALA PA 61 71.87 22.02 35.00
CA ALA PA 61 70.85 21.04 35.38
C ALA PA 61 70.79 20.87 36.90
N LEU PA 62 71.95 20.80 37.55
CA LEU PA 62 72.01 20.70 39.00
C LEU PA 62 71.52 21.98 39.65
N LEU PA 63 71.80 23.12 39.03
CA LEU PA 63 71.28 24.39 39.55
C LEU PA 63 69.75 24.40 39.55
N ASN PA 64 69.15 23.90 38.46
CA ASN PA 64 67.69 23.84 38.38
C ASN PA 64 67.11 22.72 39.22
N ASN PA 65 67.93 21.75 39.60
CA ASN PA 65 67.49 20.63 40.42
C ASN PA 65 67.60 20.93 41.92
N ASN PA 66 68.27 22.03 42.29
CA ASN PA 66 68.52 22.40 43.68
C ASN PA 66 69.37 21.35 44.40
N GLN PA 67 70.57 21.14 43.83
CA GLN PA 67 71.59 20.27 44.42
C GLN PA 67 72.92 21.02 44.47
N GLY PA 68 72.88 22.23 45.03
CA GLY PA 68 74.01 23.14 44.99
C GLY PA 68 75.28 22.62 45.61
N GLU PA 69 75.19 21.65 46.53
CA GLU PA 69 76.39 21.09 47.14
C GLU PA 69 77.28 20.42 46.09
N ARG PA 70 76.67 19.61 45.22
CA ARG PA 70 77.41 18.97 44.13
C ARG PA 70 77.75 19.98 43.04
N ALA PA 71 76.85 20.94 42.80
CA ALA PA 71 77.06 21.96 41.80
C ALA PA 71 78.29 22.80 42.11
N GLU PA 72 78.53 23.11 43.39
CA GLU PA 72 79.74 23.87 43.73
C GLU PA 72 80.99 23.11 43.35
N LYS PA 73 81.03 21.80 43.63
CA LYS PA 73 82.21 21.02 43.29
C LYS PA 73 82.41 20.94 41.78
N GLU PA 74 81.33 20.74 41.02
CA GLU PA 74 81.46 20.68 39.57
C GLU PA 74 81.86 22.03 38.98
N ALA PA 75 81.30 23.11 39.50
CA ALA PA 75 81.68 24.44 39.05
C ALA PA 75 83.13 24.74 39.40
N GLN PA 76 83.60 24.25 40.54
CA GLN PA 76 85.02 24.40 40.88
C GLN PA 76 85.90 23.64 39.91
N TRP PA 77 85.47 22.44 39.51
CA TRP PA 77 86.22 21.68 38.51
C TRP PA 77 86.32 22.47 37.21
N LEU PA 78 85.19 22.98 36.72
CA LEU PA 78 85.23 23.75 35.46
C LEU PA 78 86.01 25.04 35.61
N ILE PA 79 85.93 25.69 36.77
CA ILE PA 79 86.63 26.95 37.00
C ILE PA 79 88.14 26.73 37.06
N SER PA 80 88.57 25.63 37.68
CA SER PA 80 89.99 25.33 37.81
C SER PA 80 90.55 24.56 36.62
N HIS PA 81 89.72 24.16 35.68
CA HIS PA 81 90.19 23.44 34.50
C HIS PA 81 89.79 24.06 33.18
N ASP PA 82 88.75 24.89 33.14
CA ASP PA 82 88.36 25.60 31.91
C ASP PA 82 88.11 27.07 32.25
N PRO PA 83 89.17 27.86 32.39
CA PRO PA 83 88.97 29.31 32.63
C PRO PA 83 88.67 30.08 31.34
N LEU PA 84 88.32 29.36 30.28
CA LEU PA 84 87.90 29.96 29.03
C LEU PA 84 86.43 30.36 29.00
N GLN PA 85 85.69 30.09 30.07
CA GLN PA 85 84.27 30.44 30.16
C GLN PA 85 84.04 31.28 31.40
N ALA PA 86 83.52 32.49 31.22
CA ALA PA 86 83.14 33.31 32.36
C ALA PA 86 81.89 32.77 33.04
N GLY PA 87 81.04 32.06 32.29
CA GLY PA 87 79.82 31.49 32.85
C GLY PA 87 80.09 30.54 34.01
N ASN PA 88 81.30 29.99 34.09
CA ASN PA 88 81.67 29.16 35.23
C ASN PA 88 81.55 29.89 36.56
N TRP PA 89 81.37 31.21 36.56
CA TRP PA 89 81.19 31.94 37.80
C TRP PA 89 79.73 32.25 38.12
N LEU PA 90 78.80 32.02 37.18
CA LEU PA 90 77.40 32.15 37.54
C LEU PA 90 76.91 30.92 38.28
N CYS PA 91 77.24 29.73 37.75
CA CYS PA 91 76.75 28.49 38.35
C CYS PA 91 77.20 28.37 39.80
N LEU PA 92 78.50 28.60 40.05
CA LEU PA 92 78.99 28.57 41.42
C LEU PA 92 78.18 29.51 42.29
N SER PA 93 77.98 30.75 41.83
CA SER PA 93 77.19 31.69 42.61
C SER PA 93 75.79 31.12 42.85
N ARG PA 94 75.15 30.64 41.79
CA ARG PA 94 73.82 30.07 41.95
C ARG PA 94 73.87 28.92 42.94
N ALA PA 95 74.89 28.06 42.81
CA ALA PA 95 75.00 26.92 43.72
C ALA PA 95 75.10 27.40 45.16
N GLN PA 96 75.95 28.39 45.42
CA GLN PA 96 76.08 28.87 46.79
C GLN PA 96 74.82 29.61 47.22
N GLN PA 97 74.10 30.21 46.28
CA GLN PA 97 72.82 30.82 46.63
C GLN PA 97 71.76 29.77 46.93
N LEU PA 98 71.93 28.55 46.42
CA LEU PA 98 71.03 27.46 46.78
C LEU PA 98 71.31 26.94 48.18
N ASN PA 99 72.56 27.00 48.64
CA ASN PA 99 72.93 26.52 49.96
C ASN PA 99 72.70 27.59 51.02
N ASP PA 101 75.46 31.68 52.42
CA ASP PA 101 76.69 31.97 51.71
C ASP PA 101 76.46 33.06 50.66
N LEU PA 102 75.76 34.12 51.06
CA LEU PA 102 75.44 35.19 50.14
C LEU PA 102 76.65 36.05 49.81
N ASP PA 103 77.56 36.24 50.77
CA ASP PA 103 78.74 37.07 50.53
C ASP PA 103 79.65 36.45 49.47
N LYS PA 104 79.87 35.14 49.55
CA LYS PA 104 80.66 34.47 48.51
C LYS PA 104 79.94 34.48 47.17
N ALA PA 105 78.60 34.44 47.18
CA ALA PA 105 77.85 34.59 45.94
C ALA PA 105 78.07 35.96 45.33
N ARG PA 106 78.09 37.00 46.16
CA ARG PA 106 78.39 38.35 45.67
C ARG PA 106 79.80 38.41 45.11
N HIS PA 107 80.76 37.76 45.77
CA HIS PA 107 82.12 37.73 45.26
C HIS PA 107 82.21 37.03 43.90
N ALA PA 108 81.50 35.92 43.75
CA ALA PA 108 81.51 35.21 42.46
C ALA PA 108 80.84 36.05 41.38
N TYR PA 109 79.74 36.72 41.70
CA TYR PA 109 79.07 37.58 40.73
C TYR PA 109 79.95 38.75 40.33
N GLN PA 110 80.65 39.35 41.29
CA GLN PA 110 81.56 40.44 40.97
C GLN PA 110 82.73 39.95 40.11
N HIS PA 111 83.21 38.72 40.37
CA HIS PA 111 84.24 38.15 39.51
C HIS PA 111 83.73 37.98 38.09
N TYR PA 112 82.50 37.50 37.94
CA TYR PA 112 81.91 37.37 36.60
C TYR PA 112 81.79 38.74 35.93
N LEU PA 113 81.40 39.75 36.70
CA LEU PA 113 81.31 41.11 36.16
C LEU PA 113 82.68 41.60 35.71
N GLU PA 114 83.73 41.27 36.46
CA GLU PA 114 85.08 41.63 36.04
C GLU PA 114 85.44 40.94 34.74
N LEU PA 115 85.04 39.67 34.58
CA LEU PA 115 85.31 38.95 33.34
C LEU PA 115 84.40 39.39 32.20
N LYS PA 116 83.28 40.04 32.50
CA LYS PA 116 82.38 40.54 31.47
C LYS PA 116 81.92 41.96 31.77
N ALA QA 24 24.87 56.81 55.75
CA ALA QA 24 25.46 57.38 54.55
C ALA QA 24 26.98 57.38 54.65
N GLN QA 25 27.56 58.53 55.01
CA GLN QA 25 29.00 58.63 55.14
C GLN QA 25 29.52 57.74 56.27
N SER QA 26 28.81 57.69 57.39
CA SER QA 26 29.22 56.83 58.50
C SER QA 26 29.21 55.35 58.10
N LYS QA 27 28.21 54.90 57.35
CA LYS QA 27 28.20 53.50 56.92
C LYS QA 27 29.36 53.19 55.98
N ARG QA 28 29.66 54.10 55.06
CA ARG QA 28 30.82 53.92 54.18
C ARG QA 28 32.13 53.93 54.97
N SER QA 29 32.23 54.81 55.97
CA SER QA 29 33.41 54.83 56.83
C SER QA 29 33.55 53.55 57.64
N LEU QA 30 32.43 52.98 58.09
CA LEU QA 30 32.48 51.68 58.76
C LEU QA 30 33.01 50.60 57.84
N TRP QA 31 32.47 50.52 56.62
CA TRP QA 31 32.91 49.47 55.71
C TRP QA 31 34.36 49.68 55.28
N ASP QA 32 34.77 50.92 55.04
CA ASP QA 32 36.14 51.20 54.64
C ASP QA 32 37.13 50.98 55.78
N PHE QA 33 36.72 51.27 57.03
CA PHE QA 33 37.59 50.99 58.16
C PHE QA 33 37.76 49.49 58.37
N ALA QA 34 36.66 48.74 58.20
CA ALA QA 34 36.70 47.30 58.37
C ALA QA 34 37.45 46.59 57.24
N SER QA 35 37.51 47.21 56.05
CA SER QA 35 38.10 46.52 54.90
C SER QA 35 39.59 46.20 55.05
N PRO QA 36 40.47 47.12 55.50
CA PRO QA 36 41.88 46.69 55.48
C PRO QA 36 42.26 45.86 56.70
N ALA QA 46 43.24 32.60 44.27
CA ALA QA 46 42.59 31.49 43.59
C ALA QA 46 43.12 30.15 44.11
N GLN QA 47 44.31 29.78 43.65
CA GLN QA 47 44.92 28.53 44.10
C GLN QA 47 45.23 28.56 45.59
N ASP QA 48 45.70 29.71 46.10
CA ASP QA 48 45.97 29.86 47.52
C ASP QA 48 44.72 29.60 48.34
N TYR QA 49 43.54 29.95 47.80
CA TYR QA 49 42.29 29.72 48.50
C TYR QA 49 42.03 28.23 48.69
N ARG QA 50 42.09 27.46 47.60
CA ARG QA 50 41.86 26.03 47.68
C ARG QA 50 42.92 25.33 48.53
N ARG QA 51 44.15 25.84 48.54
CA ARG QA 51 45.22 25.25 49.35
C ARG QA 51 44.98 25.52 50.84
N GLU QA 52 44.66 26.77 51.17
CA GLU QA 52 44.40 27.17 52.55
C GLU QA 52 43.16 26.50 53.10
N LEU QA 53 42.14 26.31 52.27
CA LEU QA 53 40.94 25.61 52.74
C LEU QA 53 41.29 24.21 53.24
N ASP QA 54 42.03 23.44 52.44
CA ASP QA 54 42.37 22.08 52.82
C ASP QA 54 43.25 22.07 54.07
N THR QA 55 44.22 22.99 54.17
CA THR QA 55 45.05 23.00 55.37
C THR QA 55 44.24 23.40 56.61
N LEU QA 56 43.37 24.40 56.47
CA LEU QA 56 42.64 24.95 57.60
C LEU QA 56 41.59 23.99 58.13
N GLN QA 57 40.94 23.23 57.25
CA GLN QA 57 39.89 22.34 57.74
C GLN QA 57 40.47 21.25 58.62
N SER QA 58 41.65 20.73 58.27
CA SER QA 58 42.27 19.72 59.12
C SER QA 58 42.93 20.34 60.34
N LEU QA 59 43.39 21.59 60.23
CA LEU QA 59 43.94 22.24 61.43
C LEU QA 59 42.83 22.45 62.46
N LEU QA 60 41.72 23.06 62.06
CA LEU QA 60 40.68 23.24 63.06
C LEU QA 60 40.04 21.91 63.44
N THR QA 61 40.17 20.88 62.59
CA THR QA 61 39.64 19.57 62.91
C THR QA 61 40.40 18.96 64.09
N THR QA 62 41.71 19.23 64.19
CA THR QA 62 42.48 18.67 65.29
C THR QA 62 42.09 19.27 66.63
N SER QA 63 41.87 20.59 66.67
CA SER QA 63 41.68 21.28 67.94
C SER QA 63 40.38 20.86 68.61
N GLN QA 64 40.38 20.94 69.95
CA GLN QA 64 39.24 20.55 70.77
C GLN QA 64 38.40 21.73 71.22
N SER QA 65 38.74 22.95 70.81
CA SER QA 65 37.97 24.12 71.21
C SER QA 65 36.61 24.11 70.54
N SER QA 66 35.56 24.40 71.31
CA SER QA 66 34.20 24.39 70.78
C SER QA 66 34.03 25.43 69.69
N GLU QA 67 34.59 26.64 69.90
CA GLU QA 67 34.53 27.67 68.87
C GLU QA 67 35.24 27.23 67.60
N LEU QA 68 36.42 26.61 67.75
CA LEU QA 68 37.11 26.07 66.58
C LEU QA 68 36.36 24.90 65.96
N GLN QA 69 35.60 24.14 66.77
CA GLN QA 69 34.80 23.05 66.19
C GLN QA 69 33.67 23.60 65.35
N ALA QA 70 32.97 24.64 65.83
CA ALA QA 70 31.92 25.26 65.03
C ALA QA 70 32.49 25.88 63.77
N ALA QA 71 33.66 26.51 63.89
CA ALA QA 71 34.29 27.11 62.71
C ALA QA 71 34.65 26.03 61.70
N ALA QA 72 35.22 24.91 62.18
CA ALA QA 72 35.57 23.81 61.29
C ALA QA 72 34.35 23.22 60.60
N ALA QA 73 33.25 23.05 61.33
CA ALA QA 73 32.05 22.51 60.70
C ALA QA 73 31.49 23.46 59.65
N LEU QA 74 31.54 24.77 59.91
CA LEU QA 74 31.11 25.74 58.91
C LEU QA 74 32.00 25.68 57.66
N LEU QA 75 33.31 25.55 57.89
CA LEU QA 75 34.23 25.47 56.76
C LEU QA 75 34.02 24.19 55.97
N LYS QA 76 33.78 23.07 56.66
CA LYS QA 76 33.54 21.82 55.93
C LYS QA 76 32.26 21.93 55.10
N CYS QA 77 31.23 22.60 55.65
CA CYS QA 77 29.99 22.76 54.93
C CYS QA 77 30.25 23.52 53.63
N GLN QA 78 30.95 24.65 53.73
CA GLN QA 78 31.21 25.45 52.52
C GLN QA 78 32.18 24.72 51.60
N GLN QA 79 33.11 23.94 52.17
CA GLN QA 79 34.08 23.14 51.42
C GLN QA 79 33.39 22.10 50.56
N ASP QA 80 32.24 21.62 50.99
CA ASP QA 80 31.59 20.59 50.21
C ASP QA 80 30.53 21.19 49.31
N ASP QA 81 29.93 22.31 49.67
CA ASP QA 81 29.09 22.99 48.70
C ASP QA 81 29.96 23.45 47.53
N ASP QA 82 31.20 23.88 47.84
CA ASP QA 82 32.15 24.23 46.79
C ASP QA 82 32.60 23.01 46.00
N ARG QA 83 32.75 21.87 46.67
CA ARG QA 83 33.11 20.66 45.93
C ARG QA 83 32.00 20.27 44.96
N LEU QA 84 30.74 20.53 45.35
CA LEU QA 84 29.63 20.25 44.45
C LEU QA 84 29.65 21.23 43.28
N LEU QA 85 30.01 22.49 43.53
CA LEU QA 85 29.97 23.38 42.37
C LEU QA 85 31.14 23.10 41.45
N GLN QA 86 32.27 22.64 42.00
CA GLN QA 86 33.38 22.24 41.16
C GLN QA 86 33.03 21.03 40.30
N ILE QA 87 32.24 20.09 40.85
CA ILE QA 87 31.81 18.95 40.04
C ILE QA 87 30.86 19.43 38.95
N ILE QA 88 30.01 20.41 39.25
CA ILE QA 88 29.09 20.91 38.22
C ILE QA 88 29.89 21.60 37.10
N LEU QA 89 30.92 22.37 37.47
CA LEU QA 89 31.73 23.01 36.45
C LEU QA 89 32.45 21.97 35.61
N ASN QA 90 32.91 20.88 36.23
CA ASN QA 90 33.55 19.79 35.50
C ASN QA 90 32.57 19.13 34.55
N LEU QA 91 31.32 18.97 34.99
CA LEU QA 91 30.25 18.40 34.17
C LEU QA 91 29.87 19.27 32.97
N LEU QA 92 29.92 20.60 33.10
CA LEU QA 92 29.56 21.32 31.88
C LEU QA 92 30.67 21.51 30.85
N HIS QA 93 31.65 22.40 31.08
CA HIS QA 93 32.72 22.61 30.08
C HIS QA 93 32.14 22.96 28.70
N LYS QA 94 31.13 23.82 28.68
CA LYS QA 94 30.46 24.13 27.41
C LYS QA 94 31.39 24.74 26.37
N VAL QA 95 31.76 23.94 25.36
CA VAL QA 95 32.61 24.35 24.24
C VAL QA 95 32.29 25.75 23.74
N THR RA 14 51.31 31.71 62.06
CA THR RA 14 50.17 31.74 61.13
C THR RA 14 50.11 33.06 60.38
N LYS RA 15 50.43 33.01 59.09
CA LYS RA 15 50.34 34.19 58.23
C LYS RA 15 49.33 34.01 57.12
N ARG RA 16 49.44 32.94 56.32
CA ARG RA 16 48.44 32.68 55.29
C ARG RA 16 47.09 32.37 55.89
N GLN RA 17 47.04 31.40 56.80
CA GLN RA 17 45.82 31.07 57.53
C GLN RA 17 45.07 32.31 58.01
N GLN RA 18 45.80 33.27 58.59
CA GLN RA 18 45.17 34.53 59.01
C GLN RA 18 44.59 35.30 57.84
N GLU RA 19 45.20 35.20 56.66
CA GLU RA 19 44.65 35.90 55.50
C GLU RA 19 43.37 35.24 55.02
N PHE RA 20 43.35 33.90 55.04
CA PHE RA 20 42.13 33.17 54.72
C PHE RA 20 40.99 33.54 55.67
N LEU RA 21 41.29 33.55 56.99
CA LEU RA 21 40.27 33.89 57.97
C LEU RA 21 39.79 35.33 57.78
N LEU RA 22 40.72 36.26 57.55
CA LEU RA 22 40.36 37.66 57.34
C LEU RA 22 39.46 37.82 56.12
N LEU RA 23 39.83 37.19 55.00
CA LEU RA 23 39.04 37.33 53.78
C LEU RA 23 37.65 36.72 53.95
N ASN RA 24 37.57 35.52 54.53
CA ASN RA 24 36.26 34.90 54.72
C ASN RA 24 35.38 35.71 55.66
N GLY RA 25 35.94 36.20 56.77
CA GLY RA 25 35.16 37.02 57.68
C GLY RA 25 34.68 38.31 57.05
N TRP RA 26 35.56 39.00 56.31
CA TRP RA 26 35.17 40.24 55.66
C TRP RA 26 34.10 40.01 54.61
N LEU RA 27 34.24 38.95 53.81
CA LEU RA 27 33.24 38.66 52.78
C LEU RA 27 31.90 38.29 53.41
N GLN RA 28 31.91 37.50 54.48
CA GLN RA 28 30.66 37.18 55.17
C GLN RA 28 30.04 38.45 55.75
N LEU RA 29 30.88 39.36 56.25
CA LEU RA 29 30.38 40.64 56.74
C LEU RA 29 29.73 41.45 55.62
N GLN RA 30 30.31 41.41 54.42
CA GLN RA 30 29.70 42.12 53.30
C GLN RA 30 28.35 41.53 52.93
N CYS RA 31 28.04 40.34 53.41
CA CYS RA 31 26.77 39.65 53.20
C CYS RA 31 26.08 39.50 54.55
N GLY RA 32 25.02 38.69 54.59
CA GLY RA 32 24.39 38.38 55.86
C GLY RA 32 25.21 37.37 56.64
N HIS RA 33 24.54 36.44 57.31
CA HIS RA 33 25.21 35.38 58.08
C HIS RA 33 26.12 35.94 59.17
N ALA RA 34 25.72 37.09 59.75
CA ALA RA 34 26.44 37.76 60.84
C ALA RA 34 27.09 36.78 61.81
N GLU RA 35 26.37 35.71 62.15
CA GLU RA 35 26.89 34.71 63.09
C GLU RA 35 28.08 33.96 62.52
N ARG RA 36 28.05 33.64 61.22
CA ARG RA 36 29.18 32.93 60.62
C ARG RA 36 30.45 33.78 60.67
N ALA RA 37 30.33 35.07 60.33
CA ALA RA 37 31.47 35.96 60.42
C ALA RA 37 31.93 36.09 61.87
N CYS RA 38 30.98 36.17 62.81
CA CYS RA 38 31.35 36.30 64.21
C CYS RA 38 32.13 35.09 64.71
N ILE RA 39 31.67 33.87 64.35
CA ILE RA 39 32.36 32.67 64.80
C ILE RA 39 33.73 32.57 64.15
N LEU RA 40 33.83 32.88 62.84
CA LEU RA 40 35.13 32.81 62.18
C LEU RA 40 36.12 33.79 62.81
N LEU RA 41 35.67 35.01 63.10
CA LEU RA 41 36.58 36.00 63.69
C LEU RA 41 36.90 35.66 65.14
N ASP RA 42 35.97 35.03 65.86
CA ASP RA 42 36.28 34.54 67.21
C ASP RA 42 37.35 33.47 67.16
N ALA RA 43 37.27 32.57 66.17
CA ALA RA 43 38.33 31.59 65.97
C ALA RA 43 39.66 32.27 65.65
N LEU RA 44 39.61 33.31 64.81
CA LEU RA 44 40.82 34.05 64.50
C LEU RA 44 41.44 34.66 65.75
N LEU RA 45 40.60 35.24 66.62
CA LEU RA 45 41.13 35.86 67.83
C LEU RA 45 41.65 34.83 68.82
N THR RA 46 40.97 33.69 68.94
CA THR RA 46 41.44 32.67 69.87
C THR RA 46 42.76 32.05 69.40
N LEU RA 47 42.98 31.95 68.09
CA LEU RA 47 44.27 31.47 67.61
C LEU RA 47 45.33 32.58 67.63
N ASN RA 48 45.19 33.56 66.74
CA ASN RA 48 46.07 34.73 66.70
C ASN RA 48 45.36 35.95 67.25
N PRO RA 49 45.64 36.37 68.49
CA PRO RA 49 45.01 37.56 69.06
C PRO RA 49 45.63 38.87 68.56
N LEU RA 52 44.54 42.24 63.57
CA LEU RA 52 43.61 43.01 64.39
C LEU RA 52 42.49 43.59 63.53
N ALA RA 53 42.68 43.57 62.21
CA ALA RA 53 41.60 44.00 61.31
C ALA RA 53 40.37 43.12 61.48
N GLY RA 54 40.56 41.84 61.80
CA GLY RA 54 39.43 40.99 62.12
C GLY RA 54 38.63 41.51 63.29
N ARG RA 55 39.32 42.01 64.32
CA ARG RA 55 38.62 42.63 65.45
C ARG RA 55 37.86 43.87 65.01
N ARG RA 56 38.48 44.69 64.15
CA ARG RA 56 37.82 45.90 63.68
C ARG RA 56 36.54 45.58 62.94
N CYS RA 57 36.56 44.57 62.06
CA CYS RA 57 35.36 44.25 61.29
C CYS RA 57 34.33 43.51 62.15
N ARG RA 58 34.76 42.60 63.03
CA ARG RA 58 33.82 41.94 63.92
C ARG RA 58 33.14 42.92 64.85
N LEU RA 59 33.76 44.07 65.12
CA LEU RA 59 33.08 45.09 65.90
C LEU RA 59 31.80 45.54 65.19
N VAL RA 60 31.90 45.84 63.89
CA VAL RA 60 30.73 46.18 63.11
C VAL RA 60 29.78 44.99 63.01
N ALA RA 61 30.34 43.77 62.95
CA ALA RA 61 29.50 42.57 62.90
C ALA RA 61 28.65 42.45 64.16
N LEU RA 62 29.24 42.70 65.33
CA LEU RA 62 28.47 42.69 66.57
C LEU RA 62 27.47 43.84 66.62
N LEU RA 63 27.84 45.00 66.04
CA LEU RA 63 26.89 46.11 65.97
C LEU RA 63 25.66 45.72 65.16
N ASN RA 64 25.86 45.04 64.03
CA ASN RA 64 24.74 44.62 63.20
C ASN RA 64 24.03 43.39 63.74
N ASN RA 65 24.67 42.63 64.62
CA ASN RA 65 24.08 41.44 65.20
C ASN RA 65 23.27 41.73 66.47
N ASN RA 66 23.41 42.94 67.03
CA ASN RA 66 22.74 43.32 68.28
C ASN RA 66 23.20 42.44 69.44
N GLU RA 69 25.92 45.47 74.46
CA GLU RA 69 26.87 45.74 75.53
C GLU RA 69 28.20 45.03 75.27
N ARG RA 70 28.13 43.88 74.58
CA ARG RA 70 29.35 43.19 74.16
C ARG RA 70 30.13 44.03 73.16
N ALA RA 71 29.42 44.74 72.28
CA ALA RA 71 30.08 45.60 71.31
C ALA RA 71 30.90 46.69 71.98
N GLU RA 72 30.37 47.27 73.07
CA GLU RA 72 31.12 48.28 73.80
C GLU RA 72 32.40 47.70 74.40
N LYS RA 73 32.32 46.50 74.97
CA LYS RA 73 33.49 45.87 75.55
C LYS RA 73 34.54 45.58 74.49
N GLU RA 74 34.12 45.08 73.33
CA GLU RA 74 35.08 44.80 72.26
C GLU RA 74 35.67 46.09 71.71
N ALA RA 75 34.86 47.14 71.59
CA ALA RA 75 35.33 48.45 71.12
C ALA RA 75 36.32 49.07 72.10
N GLN RA 76 36.20 48.77 73.39
CA GLN RA 76 37.13 49.32 74.37
C GLN RA 76 38.57 48.90 74.09
N TRP RA 77 38.78 47.67 73.63
CA TRP RA 77 40.13 47.24 73.28
C TRP RA 77 40.71 48.13 72.18
N LEU RA 78 39.92 48.38 71.14
CA LEU RA 78 40.38 49.23 70.04
C LEU RA 78 40.60 50.66 70.52
N ILE RA 79 39.77 51.13 71.45
CA ILE RA 79 39.91 52.48 71.97
C ILE RA 79 41.21 52.62 72.75
N SER RA 80 41.59 51.58 73.49
CA SER RA 80 42.82 51.61 74.26
C SER RA 80 44.05 51.23 73.43
N HIS RA 81 43.87 50.78 72.20
CA HIS RA 81 44.99 50.41 71.34
C HIS RA 81 44.55 50.36 69.88
N ASN RA 88 36.44 58.85 64.89
CA ASN RA 88 36.79 57.80 63.95
C ASN RA 88 36.33 56.45 64.50
N TRP RA 89 35.95 56.46 65.77
CA TRP RA 89 35.48 55.28 66.50
C TRP RA 89 33.99 55.34 66.78
N LEU RA 90 33.18 55.55 65.75
CA LEU RA 90 31.73 55.54 65.92
C LEU RA 90 31.15 54.17 66.24
N CYS RA 91 31.95 53.11 66.25
CA CYS RA 91 31.43 51.81 66.64
C CYS RA 91 30.93 51.85 68.08
N LEU RA 92 31.72 52.45 68.97
CA LEU RA 92 31.28 52.66 70.34
C LEU RA 92 29.98 53.46 70.39
N SER RA 93 29.90 54.53 69.58
CA SER RA 93 28.69 55.35 69.53
C SER RA 93 27.47 54.52 69.17
N ARG RA 94 27.58 53.71 68.12
CA ARG RA 94 26.46 52.87 67.72
C ARG RA 94 26.10 51.88 68.81
N ALA RA 95 27.11 51.25 69.43
CA ALA RA 95 26.85 50.27 70.47
C ALA RA 95 26.09 50.90 71.64
N GLN RA 96 26.54 52.07 72.10
CA GLN RA 96 25.87 52.69 73.25
C GLN RA 96 24.51 53.24 72.88
N GLN RA 97 24.31 53.73 71.64
CA GLN RA 97 23.00 54.21 71.25
C GLN RA 97 22.00 53.08 71.01
N LEU RA 98 22.48 51.87 70.71
CA LEU RA 98 21.56 50.75 70.60
C LEU RA 98 21.10 50.27 71.98
N ASN RA 99 21.94 50.43 73.00
CA ASN RA 99 21.58 49.98 74.35
C ASN RA 99 20.77 51.04 75.09
N ASP RA 103 22.62 60.26 75.41
CA ASP RA 103 23.43 61.43 75.73
C ASP RA 103 24.92 61.13 75.53
N LYS RA 104 25.34 59.95 76.02
CA LYS RA 104 26.73 59.53 75.82
C LYS RA 104 27.01 59.27 74.34
N ALA RA 105 26.00 58.80 73.60
CA ALA RA 105 26.15 58.63 72.16
C ALA RA 105 26.39 59.97 71.48
N ARG RA 106 25.70 61.02 71.93
CA ARG RA 106 25.93 62.35 71.38
C ARG RA 106 27.37 62.81 71.62
N HIS RA 107 27.89 62.57 72.82
CA HIS RA 107 29.27 62.93 73.12
C HIS RA 107 30.25 62.16 72.24
N ALA RA 108 30.02 60.86 72.05
CA ALA RA 108 30.90 60.07 71.20
C ALA RA 108 30.84 60.53 69.75
N TYR RA 109 29.64 60.86 69.27
CA TYR RA 109 29.50 61.37 67.90
C TYR RA 109 30.22 62.71 67.73
N GLN RA 110 30.12 63.59 68.72
CA GLN RA 110 30.86 64.85 68.67
C GLN RA 110 32.35 64.62 68.70
N HIS RA 111 32.81 63.62 69.48
CA HIS RA 111 34.22 63.27 69.48
C HIS RA 111 34.67 62.79 68.09
N TYR RA 112 33.83 62.00 67.43
CA TYR RA 112 34.13 61.58 66.06
C TYR RA 112 34.20 62.77 65.13
N LEU RA 113 33.27 63.72 65.27
CA LEU RA 113 33.27 64.91 64.42
C LEU RA 113 34.53 65.74 64.63
N GLU RA 114 34.98 65.86 65.88
CA GLU RA 114 36.21 66.60 66.14
C GLU RA 114 37.41 65.95 65.47
N LEU RA 115 37.47 64.62 65.47
CA LEU RA 115 38.56 63.89 64.84
C LEU RA 115 38.40 63.88 63.32
N ALA SA 24 -27.52 65.85 43.84
CA ALA SA 24 -26.20 65.25 43.81
C ALA SA 24 -25.30 65.86 44.89
N GLN SA 25 -25.49 67.16 45.13
CA GLN SA 25 -24.66 67.85 46.10
C GLN SA 25 -24.90 67.32 47.51
N SER SA 26 -26.15 67.04 47.87
CA SER SA 26 -26.44 66.47 49.18
C SER SA 26 -25.79 65.10 49.36
N LYS SA 27 -25.81 64.26 48.33
CA LYS SA 27 -25.15 62.96 48.42
C LYS SA 27 -23.64 63.08 48.56
N ARG SA 28 -23.04 64.03 47.84
CA ARG SA 28 -21.61 64.29 48.00
C ARG SA 28 -21.29 64.81 49.39
N SER SA 29 -22.15 65.67 49.94
CA SER SA 29 -21.96 66.15 51.30
C SER SA 29 -22.09 65.03 52.32
N LEU SA 30 -23.01 64.07 52.07
CA LEU SA 30 -23.09 62.89 52.93
C LEU SA 30 -21.80 62.08 52.88
N TRP SA 31 -21.28 61.83 51.68
CA TRP SA 31 -20.06 61.04 51.57
C TRP SA 31 -18.87 61.75 52.19
N ASP SA 32 -18.81 63.08 52.04
CA ASP SA 32 -17.72 63.85 52.63
C ASP SA 32 -17.85 63.92 54.16
N PHE SA 33 -19.09 63.95 54.67
CA PHE SA 33 -19.27 63.94 56.11
C PHE SA 33 -18.86 62.61 56.71
N ALA SA 34 -19.19 61.50 56.03
CA ALA SA 34 -18.82 60.20 56.57
C ALA SA 34 -17.31 59.98 56.47
N SER SA 35 -16.65 60.64 55.52
CA SER SA 35 -15.24 60.41 55.27
C SER SA 35 -14.41 60.82 56.49
N PRO SA 36 -13.33 60.12 56.77
CA PRO SA 36 -12.38 60.56 57.81
C PRO SA 36 -11.39 61.61 57.31
N GLY SA 37 -11.43 61.96 56.04
CA GLY SA 37 -10.46 62.88 55.47
C GLY SA 37 -9.50 62.20 54.52
N TYR SA 38 -8.26 62.03 54.95
CA TYR SA 38 -7.25 61.33 54.17
C TYR SA 38 -7.66 59.88 53.88
N HIS SA 41 -2.77 53.99 59.09
CA HIS SA 41 -1.68 53.27 58.42
C HIS SA 41 -0.98 54.18 57.42
N GLY SA 42 -1.19 55.48 57.55
CA GLY SA 42 -0.75 56.38 56.50
C GLY SA 42 -1.49 56.06 55.22
N LEU SA 43 -0.79 56.16 54.09
CA LEU SA 43 -1.30 55.62 52.82
C LEU SA 43 -0.21 54.75 52.21
N HIS SA 44 -0.09 53.52 52.72
CA HIS SA 44 0.61 52.45 52.00
C HIS SA 44 -0.08 51.10 52.08
N ARG SA 45 -0.86 50.83 53.12
CA ARG SA 45 -1.51 49.54 53.37
C ARG SA 45 -0.66 48.35 52.94
N ALA SA 46 -1.18 47.54 52.01
CA ALA SA 46 -0.46 46.38 51.48
C ALA SA 46 -0.04 45.41 52.57
N GLN SA 47 1.24 45.45 52.95
CA GLN SA 47 1.74 44.57 53.99
C GLN SA 47 1.06 44.85 55.33
N ASP SA 48 0.88 46.13 55.65
CA ASP SA 48 0.22 46.50 56.90
C ASP SA 48 -1.20 45.94 56.96
N TYR SA 49 -1.87 45.83 55.82
CA TYR SA 49 -3.23 45.29 55.79
C TYR SA 49 -3.23 43.81 56.19
N ARG SA 50 -2.38 43.00 55.54
CA ARG SA 50 -2.30 41.58 55.88
C ARG SA 50 -1.83 41.36 57.31
N ARG SA 51 -0.98 42.24 57.82
CA ARG SA 51 -0.50 42.12 59.20
C ARG SA 51 -1.60 42.43 60.19
N GLU SA 52 -2.33 43.52 59.96
CA GLU SA 52 -3.43 43.97 60.81
C GLU SA 52 -4.62 43.01 60.79
N LEU SA 53 -4.92 42.39 59.65
CA LEU SA 53 -6.03 41.45 59.56
C LEU SA 53 -5.91 40.29 60.55
N ASP SA 54 -4.75 39.62 60.59
CA ASP SA 54 -4.64 38.47 61.49
C ASP SA 54 -4.76 38.89 62.96
N THR SA 55 -4.16 40.04 63.32
CA THR SA 55 -4.27 40.49 64.70
C THR SA 55 -5.70 40.86 65.05
N LEU SA 56 -6.40 41.55 64.14
CA LEU SA 56 -7.74 41.99 64.48
C LEU SA 56 -8.69 40.80 64.55
N GLN SA 57 -8.50 39.83 63.66
CA GLN SA 57 -9.38 38.67 63.63
C GLN SA 57 -9.19 37.84 64.89
N SER SA 58 -7.95 37.73 65.37
CA SER SA 58 -7.76 36.97 66.60
C SER SA 58 -8.16 37.77 67.83
N LEU SA 59 -8.08 39.10 67.79
CA LEU SA 59 -8.59 39.88 68.91
C LEU SA 59 -10.10 39.76 69.03
N LEU SA 60 -10.81 40.00 67.92
CA LEU SA 60 -12.27 39.94 67.94
C LEU SA 60 -12.83 38.53 68.11
N THR SA 61 -12.04 37.48 67.83
CA THR SA 61 -12.59 36.13 68.04
C THR SA 61 -12.88 35.84 69.50
N THR SA 62 -12.08 36.40 70.42
CA THR SA 62 -12.28 36.18 71.85
C THR SA 62 -13.54 36.83 72.39
N SER SA 63 -14.21 37.68 71.61
CA SER SA 63 -15.38 38.39 72.10
C SER SA 63 -16.56 37.46 72.30
N GLN SA 64 -17.54 37.94 73.07
CA GLN SA 64 -18.75 37.18 73.35
C GLN SA 64 -20.02 37.84 72.83
N SER SA 65 -19.98 39.11 72.43
CA SER SA 65 -21.17 39.78 71.93
C SER SA 65 -21.52 39.29 70.54
N SER SA 66 -22.82 39.38 70.20
CA SER SA 66 -23.29 38.94 68.90
C SER SA 66 -22.70 39.78 67.77
N GLU SA 67 -22.70 41.10 67.94
CA GLU SA 67 -22.16 41.99 66.91
C GLU SA 67 -20.67 41.77 66.72
N LEU SA 68 -19.93 41.63 67.81
CA LEU SA 68 -18.50 41.32 67.70
C LEU SA 68 -18.27 39.93 67.12
N GLN SA 69 -19.20 39.00 67.34
CA GLN SA 69 -19.08 37.68 66.71
C GLN SA 69 -19.25 37.79 65.20
N ALA SA 70 -20.22 38.61 64.77
CA ALA SA 70 -20.38 38.86 63.33
C ALA SA 70 -19.14 39.53 62.76
N ALA SA 71 -18.54 40.44 63.51
CA ALA SA 71 -17.31 41.09 63.06
C ALA SA 71 -16.18 40.08 62.90
N ALA SA 72 -16.05 39.18 63.87
CA ALA SA 72 -15.00 38.15 63.80
C ALA SA 72 -15.23 37.23 62.60
N ALA SA 73 -16.49 36.86 62.34
CA ALA SA 73 -16.77 36.01 61.19
C ALA SA 73 -16.47 36.75 59.89
N LEU SA 74 -16.75 38.05 59.84
CA LEU SA 74 -16.41 38.87 58.68
C LEU SA 74 -14.89 38.90 58.47
N LEU SA 75 -14.13 39.01 59.55
CA LEU SA 75 -12.67 39.03 59.43
C LEU SA 75 -12.16 37.69 58.94
N LYS SA 76 -12.73 36.59 59.42
CA LYS SA 76 -12.30 35.27 58.94
C LYS SA 76 -12.61 35.16 57.45
N CYS SA 77 -13.77 35.71 57.05
CA CYS SA 77 -14.17 35.69 55.65
C CYS SA 77 -13.13 36.38 54.80
N GLN SA 78 -12.73 37.59 55.21
CA GLN SA 78 -11.75 38.34 54.43
C GLN SA 78 -10.37 37.67 54.49
N GLN SA 79 -10.04 37.04 55.62
CA GLN SA 79 -8.77 36.33 55.77
C GLN SA 79 -8.67 35.18 54.79
N ASP SA 80 -9.80 34.59 54.43
CA ASP SA 80 -9.73 33.46 53.53
C ASP SA 80 -9.99 33.87 52.10
N ASP SA 81 -10.75 34.94 51.87
CA ASP SA 81 -10.82 35.46 50.52
C ASP SA 81 -9.43 35.95 50.09
N ASP SA 82 -8.67 36.53 51.05
CA ASP SA 82 -7.29 36.92 50.77
C ASP SA 82 -6.40 35.70 50.57
N ARG SA 83 -6.65 34.61 51.30
CA ARG SA 83 -5.85 33.41 51.05
C ARG SA 83 -6.11 32.87 49.65
N LEU SA 84 -7.35 32.99 49.18
CA LEU SA 84 -7.66 32.57 47.82
C LEU SA 84 -7.01 33.49 46.79
N LEU SA 85 -6.96 34.79 47.08
CA LEU SA 85 -6.36 35.65 46.06
C LEU SA 85 -4.85 35.47 46.03
N GLN SA 86 -4.24 35.17 47.18
CA GLN SA 86 -2.82 34.86 47.19
C GLN SA 86 -2.53 33.60 46.38
N ILE SA 87 -3.44 32.62 46.45
CA ILE SA 87 -3.27 31.42 45.64
C ILE SA 87 -3.41 31.75 44.16
N ILE SA 88 -4.33 32.66 43.83
CA ILE SA 88 -4.50 33.06 42.44
C ILE SA 88 -3.25 33.80 41.94
N LEU SA 89 -2.68 34.68 42.77
CA LEU SA 89 -1.47 35.38 42.35
C LEU SA 89 -0.31 34.42 42.14
N ASN SA 90 -0.20 33.40 42.99
CA ASN SA 90 0.84 32.39 42.80
C ASN SA 90 0.62 31.61 41.50
N LEU SA 91 -0.65 31.33 41.21
CA LEU SA 91 -1.11 30.66 40.01
C LEU SA 91 -0.92 31.49 38.74
N LEU SA 92 -1.02 32.82 38.84
CA LEU SA 92 -0.86 33.71 37.70
C LEU SA 92 0.58 34.05 37.33
N HIS SA 93 1.61 33.54 38.01
CA HIS SA 93 2.97 33.91 37.63
C HIS SA 93 3.17 33.62 36.14
N LYS SA 94 3.34 34.69 35.35
CA LYS SA 94 3.42 34.56 33.89
C LYS SA 94 4.76 34.02 33.41
N VAL SA 95 5.85 34.36 34.09
CA VAL SA 95 7.19 33.89 33.73
C VAL SA 95 7.56 34.34 32.31
N LYS TA 15 -6.70 51.34 70.68
CA LYS TA 15 -7.25 52.49 69.95
C LYS TA 15 -6.99 52.36 68.45
N ARG TA 16 -5.80 51.88 68.09
CA ARG TA 16 -5.45 51.74 66.68
C ARG TA 16 -6.35 50.74 65.98
N GLN TA 17 -6.45 49.52 66.53
CA GLN TA 17 -7.38 48.51 66.03
C GLN TA 17 -8.74 49.10 65.70
N GLN TA 18 -9.24 49.98 66.58
CA GLN TA 18 -10.49 50.69 66.32
C GLN TA 18 -10.39 51.54 65.06
N GLU TA 19 -9.21 52.09 64.77
CA GLU TA 19 -9.05 52.90 63.57
C GLU TA 19 -9.04 52.00 62.32
N PHE TA 20 -8.42 50.82 62.42
CA PHE TA 20 -8.49 49.88 61.32
C PHE TA 20 -9.93 49.48 61.04
N LEU TA 21 -10.69 49.21 62.10
CA LEU TA 21 -12.11 48.86 61.93
C LEU TA 21 -12.87 50.02 61.31
N LEU TA 22 -12.58 51.25 61.74
CA LEU TA 22 -13.22 52.42 61.14
C LEU TA 22 -12.92 52.51 59.66
N LEU TA 23 -11.66 52.31 59.26
CA LEU TA 23 -11.29 52.38 57.85
C LEU TA 23 -11.99 51.30 57.05
N ASN TA 24 -12.05 50.08 57.59
CA ASN TA 24 -12.75 48.99 56.90
C ASN TA 24 -14.22 49.33 56.74
N GLY TA 25 -14.84 49.88 57.77
CA GLY TA 25 -16.22 50.31 57.67
C GLY TA 25 -16.41 51.39 56.63
N TRP TA 26 -15.49 52.35 56.58
CA TRP TA 26 -15.58 53.41 55.57
C TRP TA 26 -15.51 52.84 54.18
N LEU TA 27 -14.59 51.90 53.94
CA LEU TA 27 -14.47 51.31 52.61
C LEU TA 27 -15.70 50.49 52.26
N GLN TA 28 -16.20 49.69 53.20
CA GLN TA 28 -17.38 48.88 52.95
C GLN TA 28 -18.62 49.73 52.70
N LEU TA 29 -18.80 50.80 53.49
CA LEU TA 29 -19.92 51.70 53.25
C LEU TA 29 -19.79 52.40 51.91
N GLN TA 30 -18.58 52.80 51.53
CA GLN TA 30 -18.41 53.40 50.20
C GLN TA 30 -18.65 52.38 49.10
N CYS TA 31 -18.59 51.08 49.43
CA CYS TA 31 -18.93 50.04 48.49
C CYS TA 31 -20.24 49.39 48.92
N GLY TA 32 -21.31 50.18 49.01
CA GLY TA 32 -22.62 49.65 49.37
C GLY TA 32 -22.54 48.79 50.62
N HIS TA 33 -23.10 47.59 50.55
CA HIS TA 33 -23.02 46.60 51.63
C HIS TA 33 -23.40 47.20 52.99
N ALA TA 34 -24.35 48.14 52.99
CA ALA TA 34 -24.82 48.86 54.17
C ALA TA 34 -24.80 48.05 55.47
N GLU TA 35 -25.23 46.79 55.42
CA GLU TA 35 -25.26 45.96 56.62
C GLU TA 35 -23.85 45.62 57.11
N ARG TA 36 -22.94 45.34 56.18
CA ARG TA 36 -21.57 44.98 56.57
C ARG TA 36 -20.87 46.12 57.29
N ALA TA 37 -20.97 47.34 56.75
CA ALA TA 37 -20.42 48.50 57.45
C ALA TA 37 -21.18 48.78 58.74
N CYS TA 38 -22.50 48.63 58.72
CA CYS TA 38 -23.33 48.96 59.87
C CYS TA 38 -23.01 48.09 61.08
N ILE TA 39 -22.78 46.80 60.89
CA ILE TA 39 -22.52 45.92 62.04
C ILE TA 39 -21.24 46.35 62.76
N LEU TA 40 -20.17 46.56 61.99
CA LEU TA 40 -18.91 46.98 62.59
C LEU TA 40 -19.03 48.36 63.23
N LEU TA 41 -19.72 49.30 62.57
CA LEU TA 41 -19.83 50.65 63.13
C LEU TA 41 -20.73 50.69 64.36
N ASP TA 42 -21.75 49.83 64.42
CA ASP TA 42 -22.55 49.69 65.63
C ASP TA 42 -21.70 49.12 66.77
N ALA TA 43 -20.85 48.15 66.45
CA ALA TA 43 -19.91 47.65 67.45
C ALA TA 43 -18.98 48.77 67.93
N LEU TA 44 -18.51 49.59 67.01
CA LEU TA 44 -17.66 50.73 67.37
C LEU TA 44 -18.39 51.70 68.29
N LEU TA 45 -19.66 52.00 67.98
CA LEU TA 45 -20.40 52.97 68.78
C LEU TA 45 -20.74 52.43 70.16
N THR TA 46 -21.09 51.16 70.26
CA THR TA 46 -21.34 50.60 71.59
C THR TA 46 -20.05 50.50 72.40
N LEU TA 47 -18.92 50.25 71.72
CA LEU TA 47 -17.62 50.25 72.35
C LEU TA 47 -17.10 51.69 72.45
N ASN TA 48 -15.80 51.84 72.73
CA ASN TA 48 -15.09 53.11 72.81
C ASN TA 48 -15.28 53.94 71.54
N PRO TA 49 -16.08 55.01 71.58
CA PRO TA 49 -16.29 55.86 70.41
C PRO TA 49 -15.14 56.83 70.17
N ARG TA 58 -20.40 56.88 60.04
CA ARG TA 58 -21.29 55.79 60.40
C ARG TA 58 -22.76 56.24 60.40
N LEU TA 59 -22.96 57.54 60.60
CA LEU TA 59 -24.31 58.10 60.48
C LEU TA 59 -24.85 57.95 59.06
N VAL TA 60 -24.02 58.28 58.06
CA VAL TA 60 -24.44 58.15 56.67
C VAL TA 60 -24.67 56.68 56.31
N ALA TA 61 -23.86 55.78 56.88
CA ALA TA 61 -24.05 54.36 56.64
C ALA TA 61 -25.40 53.90 57.16
N LEU TA 62 -25.80 54.37 58.34
CA LEU TA 62 -27.11 54.04 58.87
C LEU TA 62 -28.21 54.69 58.04
N LEU TA 63 -27.96 55.89 57.52
CA LEU TA 63 -28.93 56.55 56.64
C LEU TA 63 -29.18 55.74 55.38
N ASN TA 64 -28.13 55.20 54.77
CA ASN TA 64 -28.27 54.43 53.54
C ASN TA 64 -28.88 53.05 53.76
N ASN TA 65 -28.89 52.57 55.00
CA ASN TA 65 -29.45 51.26 55.30
C ASN TA 65 -30.96 51.29 55.52
N ASN TA 66 -31.54 52.49 55.63
CA ASN TA 66 -32.96 52.68 55.89
C ASN TA 66 -33.35 52.10 57.26
N GLN TA 67 -32.71 52.65 58.30
CA GLN TA 67 -33.00 52.25 59.67
C GLN TA 67 -34.25 52.90 60.24
N GLY TA 68 -34.76 53.94 59.60
CA GLY TA 68 -35.95 54.63 60.09
C GLY TA 68 -35.68 55.45 61.34
N GLU TA 69 -36.23 54.99 62.47
CA GLU TA 69 -36.07 55.72 63.72
C GLU TA 69 -34.68 55.58 64.34
N ARG TA 70 -33.95 54.49 64.02
CA ARG TA 70 -32.59 54.36 64.52
C ARG TA 70 -31.70 55.46 63.95
N ALA TA 71 -31.88 55.78 62.68
CA ALA TA 71 -31.15 56.89 62.08
C ALA TA 71 -31.51 58.20 62.76
N GLU TA 72 -32.79 58.36 63.11
CA GLU TA 72 -33.22 59.55 63.83
C GLU TA 72 -32.53 59.66 65.18
N LYS TA 73 -32.43 58.54 65.90
CA LYS TA 73 -31.76 58.54 67.20
C LYS TA 73 -30.27 58.88 67.07
N GLU TA 74 -29.60 58.31 66.06
CA GLU TA 74 -28.19 58.63 65.88
C GLU TA 74 -27.98 60.09 65.49
N ALA TA 75 -28.85 60.62 64.63
CA ALA TA 75 -28.77 62.04 64.29
C ALA TA 75 -29.05 62.92 65.51
N GLN TA 76 -29.97 62.49 66.38
CA GLN TA 76 -30.22 63.22 67.61
C GLN TA 76 -28.99 63.20 68.51
N TRP TA 77 -28.30 62.06 68.57
CA TRP TA 77 -27.05 61.99 69.34
C TRP TA 77 -26.04 62.99 68.79
N LEU TA 78 -25.85 63.00 67.47
CA LEU TA 78 -24.87 63.90 66.89
C LEU TA 78 -25.24 65.37 67.09
N ILE TA 79 -26.53 65.71 66.99
CA ILE TA 79 -26.94 67.10 67.19
C ILE TA 79 -26.78 67.50 68.65
N SER TA 80 -27.04 66.58 69.58
CA SER TA 80 -26.95 66.87 71.00
C SER TA 80 -25.54 66.72 71.56
N HIS TA 81 -24.58 66.28 70.75
CA HIS TA 81 -23.20 66.15 71.23
C HIS TA 81 -22.19 66.91 70.38
N ASP TA 82 -22.38 66.96 69.06
CA ASP TA 82 -21.49 67.70 68.16
C ASP TA 82 -22.35 68.58 67.25
N PRO TA 83 -22.85 69.71 67.76
CA PRO TA 83 -23.68 70.62 66.97
C PRO TA 83 -22.86 71.43 65.96
N ALA TA 86 -21.46 71.71 60.58
CA ALA TA 86 -22.34 72.09 59.48
C ALA TA 86 -22.88 70.85 58.77
N GLY TA 87 -22.01 69.87 58.57
CA GLY TA 87 -22.39 68.62 57.91
C GLY TA 87 -23.32 67.76 58.73
N ASN TA 88 -23.57 68.11 59.98
CA ASN TA 88 -24.47 67.34 60.83
C ASN TA 88 -25.94 67.71 60.65
N TRP TA 89 -26.24 68.81 59.95
CA TRP TA 89 -27.64 69.18 59.73
C TRP TA 89 -28.17 68.75 58.37
N LEU TA 90 -27.28 68.40 57.44
CA LEU TA 90 -27.75 67.81 56.19
C LEU TA 90 -28.21 66.38 56.42
N CYS TA 91 -27.48 65.63 57.24
CA CYS TA 91 -27.90 64.29 57.61
C CYS TA 91 -29.25 64.33 58.32
N LEU TA 92 -29.41 65.27 59.26
CA LEU TA 92 -30.69 65.46 59.93
C LEU TA 92 -31.80 65.75 58.94
N SER TA 93 -31.57 66.68 58.01
CA SER TA 93 -32.58 67.01 57.02
C SER TA 93 -32.97 65.79 56.19
N ARG TA 94 -31.97 65.06 55.69
CA ARG TA 94 -32.26 63.89 54.86
C ARG TA 94 -33.01 62.83 55.64
N ALA TA 95 -32.56 62.53 56.86
CA ALA TA 95 -33.21 61.50 57.67
C ALA TA 95 -34.65 61.87 57.97
N GLN TA 96 -34.89 63.11 58.39
CA GLN TA 96 -36.24 63.52 58.76
C GLN TA 96 -37.16 63.62 57.55
N GLN TA 97 -36.62 64.02 56.39
CA GLN TA 97 -37.47 64.07 55.19
C GLN TA 97 -37.75 62.67 54.65
N LEU TA 98 -36.87 61.71 54.92
CA LEU TA 98 -37.17 60.32 54.56
C LEU TA 98 -38.13 59.67 55.54
N ASN TA 99 -38.10 60.06 56.81
CA ASN TA 99 -38.95 59.44 57.83
C ASN TA 99 -40.34 60.08 57.91
N GLY TA 100 -40.40 61.38 58.22
CA GLY TA 100 -41.65 62.04 58.52
C GLY TA 100 -42.14 62.93 57.39
N ASP TA 101 -42.97 63.91 57.76
CA ASP TA 101 -43.57 64.85 56.83
C ASP TA 101 -42.66 66.02 56.50
N LEU TA 102 -41.36 65.88 56.77
CA LEU TA 102 -40.33 66.85 56.39
C LEU TA 102 -40.71 68.29 56.75
N ASP TA 103 -40.90 68.51 58.06
CA ASP TA 103 -41.02 69.87 58.58
C ASP TA 103 -39.80 70.26 59.39
N LYS TA 104 -39.35 69.39 60.30
CA LYS TA 104 -38.10 69.63 61.02
C LYS TA 104 -36.90 69.51 60.08
N ALA TA 105 -37.02 68.67 59.05
CA ALA TA 105 -35.95 68.53 58.06
C ALA TA 105 -35.69 69.84 57.33
N ARG TA 106 -36.75 70.59 57.02
CA ARG TA 106 -36.56 71.90 56.41
C ARG TA 106 -35.77 72.83 57.34
N HIS TA 107 -36.08 72.78 58.64
CA HIS TA 107 -35.33 73.59 59.59
C HIS TA 107 -33.86 73.18 59.65
N ALA TA 108 -33.59 71.87 59.64
CA ALA TA 108 -32.20 71.42 59.67
C ALA TA 108 -31.45 71.83 58.40
N TYR TA 109 -32.11 71.73 57.25
CA TYR TA 109 -31.48 72.14 55.99
C TYR TA 109 -31.21 73.64 55.99
N GLN TA 110 -32.15 74.43 56.52
CA GLN TA 110 -31.94 75.87 56.62
C GLN TA 110 -30.80 76.21 57.57
N HIS TA 111 -30.68 75.44 58.66
CA HIS TA 111 -29.54 75.62 59.56
C HIS TA 111 -28.22 75.32 58.86
N TYR TA 112 -28.18 74.25 58.06
CA TYR TA 112 -26.98 73.95 57.30
C TYR TA 112 -26.65 75.06 56.31
N LEU TA 113 -27.68 75.60 55.65
CA LEU TA 113 -27.46 76.71 54.72
C LEU TA 113 -26.96 77.94 55.45
N GLU TA 114 -27.48 78.20 56.66
CA GLU TA 114 -27.02 79.32 57.46
C GLU TA 114 -25.55 79.14 57.84
N LEU TA 115 -25.15 77.92 58.14
CA LEU TA 115 -23.75 77.68 58.48
C LEU TA 115 -22.87 77.74 57.25
N LYS TA 116 -23.43 77.45 56.07
CA LYS TA 116 -22.69 77.63 54.82
C LYS TA 116 -22.58 79.11 54.45
N ASP TA 117 -23.65 79.86 54.63
CA ASP TA 117 -23.66 81.28 54.30
C ASP TA 117 -24.57 82.05 55.25
N ALA UA 24 -60.76 57.67 5.91
CA ALA UA 24 -59.42 58.21 6.06
C ALA UA 24 -59.28 58.99 7.37
N GLN UA 25 -59.82 60.20 7.36
CA GLN UA 25 -59.76 61.05 8.56
C GLN UA 25 -60.56 60.45 9.71
N SER UA 26 -61.73 59.89 9.42
CA SER UA 26 -62.53 59.26 10.48
C SER UA 26 -61.81 58.09 11.14
N LYS UA 27 -61.12 57.25 10.36
CA LYS UA 27 -60.39 56.14 10.99
C LYS UA 27 -59.24 56.65 11.87
N ARG UA 28 -58.53 57.67 11.40
CA ARG UA 28 -57.47 58.29 12.20
C ARG UA 28 -58.03 58.96 13.46
N SER UA 29 -59.20 59.60 13.33
CA SER UA 29 -59.86 60.20 14.49
C SER UA 29 -60.31 59.14 15.49
N LEU UA 30 -60.76 57.99 15.00
CA LEU UA 30 -61.08 56.88 15.90
C LEU UA 30 -59.85 56.41 16.67
N TRP UA 31 -58.74 56.23 15.96
CA TRP UA 31 -57.52 55.76 16.63
C TRP UA 31 -56.98 56.80 17.61
N ASP UA 32 -57.06 58.09 17.24
CA ASP UA 32 -56.59 59.15 18.14
C ASP UA 32 -57.52 59.33 19.34
N PHE UA 33 -58.83 59.15 19.14
CA PHE UA 33 -59.78 59.24 20.25
C PHE UA 33 -59.59 58.09 21.22
N ALA UA 34 -59.31 56.89 20.71
CA ALA UA 34 -59.14 55.75 21.60
C ALA UA 34 -57.82 55.85 22.37
N SER UA 35 -56.84 56.55 21.82
CA SER UA 35 -55.52 56.60 22.44
C SER UA 35 -55.60 57.28 23.81
N PRO UA 36 -55.08 56.67 24.87
CA PRO UA 36 -55.12 57.27 26.21
C PRO UA 36 -54.18 58.47 26.34
N HIS UA 44 -44.20 59.40 26.55
CA HIS UA 44 -44.07 57.96 26.73
C HIS UA 44 -45.05 57.45 27.80
N ARG UA 45 -44.84 56.22 28.24
CA ARG UA 45 -45.69 55.60 29.25
C ARG UA 45 -44.79 54.84 30.22
N ALA UA 46 -45.41 54.09 31.14
CA ALA UA 46 -44.69 53.36 32.17
C ALA UA 46 -44.35 51.96 31.65
N GLN UA 47 -43.07 51.71 31.41
CA GLN UA 47 -42.58 50.42 30.94
C GLN UA 47 -41.27 50.13 31.67
N ASP UA 48 -41.28 49.18 32.60
CA ASP UA 48 -40.10 48.91 33.42
C ASP UA 48 -40.20 47.48 33.94
N TYR UA 49 -39.33 46.60 33.42
CA TYR UA 49 -39.27 45.20 33.81
C TYR UA 49 -40.62 44.51 33.71
N ARG UA 50 -40.81 43.44 34.49
CA ARG UA 50 -42.05 42.67 34.52
C ARG UA 50 -42.65 42.63 35.92
N ARG UA 51 -42.51 43.75 36.65
CA ARG UA 51 -43.07 43.84 38.00
C ARG UA 51 -44.59 43.90 37.95
N GLU UA 52 -45.12 44.72 37.06
CA GLU UA 52 -46.56 44.86 36.90
C GLU UA 52 -47.16 43.56 36.39
N LEU UA 53 -46.43 42.89 35.49
CA LEU UA 53 -46.89 41.60 34.98
C LEU UA 53 -47.07 40.61 36.12
N ASP UA 54 -46.08 40.49 37.00
CA ASP UA 54 -46.15 39.54 38.10
C ASP UA 54 -47.27 39.91 39.08
N THR UA 55 -47.46 41.20 39.36
CA THR UA 55 -48.54 41.57 40.28
C THR UA 55 -49.90 41.24 39.67
N LEU UA 56 -50.08 41.52 38.37
CA LEU UA 56 -51.39 41.30 37.77
C LEU UA 56 -51.66 39.81 37.68
N GLN UA 57 -50.62 39.02 37.38
CA GLN UA 57 -50.78 37.58 37.22
C GLN UA 57 -51.15 36.95 38.54
N SER UA 58 -50.57 37.45 39.64
CA SER UA 58 -50.94 36.91 40.94
C SER UA 58 -52.30 37.40 41.41
N LEU UA 59 -52.71 38.61 40.99
CA LEU UA 59 -54.06 39.06 41.31
C LEU UA 59 -55.09 38.19 40.61
N LEU UA 60 -54.95 38.03 39.29
CA LEU UA 60 -55.87 37.25 38.47
C LEU UA 60 -55.80 35.75 38.75
N THR UA 61 -54.73 35.28 39.40
CA THR UA 61 -54.63 33.85 39.70
C THR UA 61 -55.74 33.38 40.64
N THR UA 62 -56.19 34.24 41.57
CA THR UA 62 -57.25 33.80 42.47
C THR UA 62 -58.56 33.57 41.71
N SER UA 63 -58.85 34.41 40.71
CA SER UA 63 -59.76 34.08 39.62
C SER UA 63 -61.15 33.67 40.12
N GLN UA 64 -61.85 34.63 40.71
CA GLN UA 64 -63.15 34.34 41.30
C GLN UA 64 -64.27 34.29 40.27
N SER UA 65 -64.34 35.24 39.34
CA SER UA 65 -65.44 35.33 38.40
C SER UA 65 -64.98 34.96 36.99
N SER UA 66 -65.98 34.72 36.13
CA SER UA 66 -65.71 34.21 34.78
C SER UA 66 -64.91 35.22 33.94
N GLU UA 67 -65.27 36.49 34.02
CA GLU UA 67 -64.48 37.52 33.33
C GLU UA 67 -63.05 37.53 33.85
N LEU UA 68 -62.88 37.44 35.18
CA LEU UA 68 -61.54 37.34 35.73
C LEU UA 68 -60.88 36.02 35.35
N GLN UA 69 -61.67 34.98 35.11
CA GLN UA 69 -61.09 33.72 34.65
C GLN UA 69 -60.50 33.87 33.25
N ALA UA 70 -61.23 34.54 32.35
CA ALA UA 70 -60.70 34.81 31.01
C ALA UA 70 -59.46 35.70 31.08
N ALA UA 71 -59.50 36.71 31.96
CA ALA UA 71 -58.35 37.59 32.12
C ALA UA 71 -57.14 36.82 32.63
N ALA UA 72 -57.35 35.94 33.62
CA ALA UA 72 -56.27 35.12 34.16
C ALA UA 72 -55.69 34.19 33.11
N ALA UA 73 -56.55 33.57 32.28
CA ALA UA 73 -56.03 32.69 31.25
C ALA UA 73 -55.21 33.46 30.22
N LEU UA 74 -55.66 34.68 29.87
CA LEU UA 74 -54.88 35.51 28.96
C LEU UA 74 -53.53 35.86 29.57
N LEU UA 75 -53.53 36.20 30.86
CA LEU UA 75 -52.28 36.55 31.51
C LEU UA 75 -51.35 35.35 31.61
N LYS UA 76 -51.87 34.16 31.90
CA LYS UA 76 -51.01 32.98 31.96
C LYS UA 76 -50.42 32.71 30.58
N CYS UA 77 -51.22 32.91 29.53
CA CYS UA 77 -50.72 32.72 28.17
C CYS UA 77 -49.55 33.63 27.92
N GLN UA 78 -49.73 34.92 28.23
CA GLN UA 78 -48.65 35.89 28.00
C GLN UA 78 -47.47 35.63 28.93
N GLN UA 79 -47.74 35.16 30.15
CA GLN UA 79 -46.70 34.82 31.12
C GLN UA 79 -45.80 33.71 30.61
N ASP UA 80 -46.35 32.82 29.80
CA ASP UA 80 -45.49 31.73 29.34
C ASP UA 80 -44.93 32.00 27.97
N ASP UA 81 -45.61 32.78 27.13
CA ASP UA 81 -44.95 33.22 25.91
C ASP UA 81 -43.76 34.11 26.27
N ASP UA 82 -43.90 34.92 27.32
CA ASP UA 82 -42.79 35.72 27.81
C ASP UA 82 -41.70 34.85 28.42
N ARG UA 83 -42.07 33.77 29.12
CA ARG UA 83 -41.04 32.89 29.64
C ARG UA 83 -40.25 32.23 28.51
N LEU UA 84 -40.94 31.93 27.40
CA LEU UA 84 -40.25 31.37 26.25
C LEU UA 84 -39.35 32.41 25.59
N LEU UA 85 -39.77 33.67 25.55
CA LEU UA 85 -38.90 34.63 24.88
C LEU UA 85 -37.72 34.96 25.76
N GLN UA 86 -37.88 34.92 27.10
CA GLN UA 86 -36.74 35.10 27.97
C GLN UA 86 -35.74 33.97 27.80
N ILE UA 87 -36.23 32.74 27.58
CA ILE UA 87 -35.33 31.62 27.32
C ILE UA 87 -34.61 31.80 26.00
N ILE UA 88 -35.31 32.33 24.99
CA ILE UA 88 -34.68 32.56 23.69
C ILE UA 88 -33.61 33.64 23.81
N LEU UA 89 -33.89 34.70 24.57
CA LEU UA 89 -32.88 35.74 24.75
C LEU UA 89 -31.66 35.20 25.49
N ASN UA 90 -31.88 34.32 26.47
CA ASN UA 90 -30.74 33.70 27.17
C ASN UA 90 -29.92 32.84 26.21
N LEU UA 91 -30.59 32.11 25.33
CA LEU UA 91 -29.95 31.29 24.31
C LEU UA 91 -29.22 32.13 23.25
N LEU UA 92 -29.74 33.32 22.95
CA LEU UA 92 -29.20 34.27 21.98
C LEU UA 92 -28.07 35.18 22.49
N HIS UA 93 -27.62 35.07 23.75
CA HIS UA 93 -26.55 35.95 24.26
C HIS UA 93 -25.53 36.34 23.19
N LYS UA 94 -25.07 35.38 22.39
CA LYS UA 94 -24.12 35.61 21.31
C LYS UA 94 -22.84 36.25 21.83
N VAL UA 95 -22.11 35.46 22.61
CA VAL UA 95 -20.81 35.83 23.18
C VAL UA 95 -19.93 36.63 22.21
N THR VA 14 -54.26 49.43 43.37
CA THR VA 14 -55.24 49.25 42.30
C THR VA 14 -54.92 50.12 41.09
N LYS VA 15 -54.35 51.30 41.35
CA LYS VA 15 -53.97 52.19 40.26
C LYS VA 15 -52.97 51.54 39.32
N ARG VA 16 -52.01 50.79 39.89
CA ARG VA 16 -51.10 50.00 39.07
C ARG VA 16 -51.86 49.05 38.15
N GLN VA 17 -52.77 48.26 38.72
CA GLN VA 17 -53.57 47.35 37.92
C GLN VA 17 -54.42 48.09 36.89
N GLN VA 18 -55.02 49.21 37.26
CA GLN VA 18 -55.79 49.99 36.30
C GLN VA 18 -54.93 50.45 35.13
N GLU VA 19 -53.68 50.82 35.40
CA GLU VA 19 -52.79 51.26 34.32
C GLU VA 19 -52.35 50.10 33.44
N PHE VA 20 -52.07 48.95 34.06
CA PHE VA 20 -51.74 47.75 33.28
C PHE VA 20 -52.89 47.36 32.37
N LEU VA 21 -54.10 47.33 32.91
CA LEU VA 21 -55.26 46.96 32.11
C LEU VA 21 -55.51 47.95 30.98
N LEU VA 22 -55.40 49.25 31.27
CA LEU VA 22 -55.61 50.25 30.23
C LEU VA 22 -54.59 50.10 29.10
N LEU VA 23 -53.30 49.98 29.46
CA LEU VA 23 -52.28 49.89 28.43
C LEU VA 23 -52.40 48.59 27.62
N ASN VA 24 -52.65 47.47 28.30
CA ASN VA 24 -52.80 46.20 27.59
C ASN VA 24 -54.01 46.22 26.65
N GLY VA 25 -55.13 46.76 27.13
CA GLY VA 25 -56.30 46.86 26.26
C GLY VA 25 -56.05 47.74 25.05
N TRP VA 26 -55.39 48.88 25.26
CA TRP VA 26 -55.08 49.76 24.13
C TRP VA 26 -54.17 49.08 23.12
N LEU VA 27 -53.14 48.38 23.61
CA LEU VA 27 -52.22 47.70 22.70
C LEU VA 27 -52.91 46.57 21.94
N GLN VA 28 -53.75 45.79 22.62
CA GLN VA 28 -54.47 44.71 21.95
C GLN VA 28 -55.43 45.27 20.90
N LEU VA 29 -56.10 46.39 21.21
CA LEU VA 29 -56.95 47.03 20.21
C LEU VA 29 -56.13 47.54 19.03
N GLN VA 30 -54.96 48.11 19.32
CA GLN VA 30 -54.08 48.61 18.27
C GLN VA 30 -53.49 47.49 17.42
N CYS VA 31 -53.56 46.24 17.90
CA CYS VA 31 -53.06 45.14 17.08
C CYS VA 31 -54.18 44.16 16.73
N GLY VA 32 -55.28 44.70 16.22
CA GLY VA 32 -56.36 43.91 15.68
C GLY VA 32 -57.11 42.97 16.60
N HIS VA 33 -56.54 42.62 17.75
CA HIS VA 33 -57.19 41.71 18.69
C HIS VA 33 -58.38 42.43 19.33
N ALA VA 34 -59.46 42.54 18.56
CA ALA VA 34 -60.66 43.19 19.05
C ALA VA 34 -61.30 42.42 20.19
N GLU VA 35 -61.32 41.08 20.08
CA GLU VA 35 -61.93 40.26 21.12
C GLU VA 35 -61.13 40.30 22.42
N ARG VA 36 -59.80 40.22 22.32
CA ARG VA 36 -58.98 40.27 23.52
C ARG VA 36 -59.09 41.64 24.20
N ALA VA 37 -59.06 42.72 23.41
CA ALA VA 37 -59.23 44.04 23.97
C ALA VA 37 -60.60 44.19 24.60
N CYS VA 38 -61.65 43.65 23.96
CA CYS VA 38 -62.98 43.73 24.52
C CYS VA 38 -63.08 43.02 25.86
N ILE VA 39 -62.50 41.82 25.95
CA ILE VA 39 -62.55 41.06 27.19
C ILE VA 39 -61.76 41.77 28.29
N LEU VA 40 -60.56 42.25 27.95
CA LEU VA 40 -59.73 42.93 28.94
C LEU VA 40 -60.40 44.19 29.45
N LEU VA 41 -60.98 45.00 28.55
CA LEU VA 41 -61.62 46.24 28.98
C LEU VA 41 -62.94 45.98 29.69
N ASP VA 42 -63.64 44.90 29.35
CA ASP VA 42 -64.82 44.52 30.12
C ASP VA 42 -64.45 44.13 31.54
N ALA VA 43 -63.35 43.39 31.72
CA ALA VA 43 -62.86 43.12 33.06
C ALA VA 43 -62.47 44.40 33.78
N LEU VA 44 -61.83 45.32 33.07
CA LEU VA 44 -61.44 46.60 33.65
C LEU VA 44 -62.67 47.36 34.16
N LEU VA 45 -63.73 47.39 33.36
CA LEU VA 45 -64.94 48.11 33.76
C LEU VA 45 -65.67 47.40 34.90
N THR VA 46 -65.69 46.06 34.87
CA THR VA 46 -66.37 45.33 35.94
C THR VA 46 -65.66 45.48 37.27
N LEU VA 47 -64.33 45.63 37.28
CA LEU VA 47 -63.65 45.89 38.55
C LEU VA 47 -63.74 47.37 38.93
N ASN VA 48 -63.00 48.23 38.22
CA ASN VA 48 -63.09 49.67 38.42
C ASN VA 48 -63.80 50.31 37.23
N PRO VA 49 -65.07 50.71 37.37
CA PRO VA 49 -65.76 51.34 36.25
C PRO VA 49 -65.35 52.80 36.07
N GLU VA 50 -65.52 53.26 34.83
CA GLU VA 50 -65.11 54.61 34.43
C GLU VA 50 -63.63 54.85 34.70
N CYS VA 57 -61.70 53.45 24.22
CA CYS VA 57 -61.11 52.57 23.21
C CYS VA 57 -61.97 51.33 23.00
N ARG VA 58 -62.56 50.83 24.09
CA ARG VA 58 -63.44 49.67 23.99
C ARG VA 58 -64.63 49.96 23.09
N LEU VA 59 -65.03 51.23 22.97
CA LEU VA 59 -66.08 51.59 22.02
C LEU VA 59 -65.65 51.33 20.59
N VAL VA 60 -64.43 51.74 20.23
CA VAL VA 60 -63.91 51.47 18.89
C VAL VA 60 -63.72 49.97 18.69
N ALA VA 61 -63.33 49.26 19.75
CA ALA VA 61 -63.19 47.82 19.66
C ALA VA 61 -64.53 47.16 19.35
N LEU VA 62 -65.59 47.61 20.00
CA LEU VA 62 -66.93 47.07 19.71
C LEU VA 62 -67.37 47.44 18.31
N LEU VA 63 -67.00 48.64 17.84
CA LEU VA 63 -67.31 49.02 16.46
C LEU VA 63 -66.64 48.09 15.47
N ASN VA 64 -65.36 47.74 15.73
CA ASN VA 64 -64.63 46.84 14.84
C ASN VA 64 -65.04 45.39 15.03
N ASN VA 65 -65.71 45.05 16.13
CA ASN VA 65 -66.13 43.69 16.41
C ASN VA 65 -67.47 43.34 15.77
N ASN VA 66 -68.18 44.33 15.22
CA ASN VA 66 -69.52 44.16 14.66
C ASN VA 66 -70.51 43.74 15.76
N GLN VA 67 -70.61 44.61 16.76
CA GLN VA 67 -71.55 44.50 17.87
C GLN VA 67 -72.25 45.83 18.08
N GLY VA 68 -72.81 46.36 16.98
CA GLY VA 68 -73.22 47.75 16.93
C GLY VA 68 -74.19 48.17 18.03
N GLU VA 69 -75.01 47.24 18.52
CA GLU VA 69 -75.91 47.58 19.62
C GLU VA 69 -75.14 47.82 20.91
N ARG VA 70 -74.13 46.99 21.19
CA ARG VA 70 -73.26 47.24 22.34
C ARG VA 70 -72.53 48.56 22.18
N ALA VA 71 -72.10 48.87 20.97
CA ALA VA 71 -71.45 50.15 20.71
C ALA VA 71 -72.40 51.31 20.95
N GLU VA 72 -73.66 51.17 20.55
CA GLU VA 72 -74.65 52.21 20.82
C GLU VA 72 -74.86 52.40 22.32
N LYS VA 73 -74.91 51.31 23.07
CA LYS VA 73 -75.08 51.43 24.52
C LYS VA 73 -73.88 52.13 25.16
N GLU VA 74 -72.66 51.77 24.73
CA GLU VA 74 -71.47 52.43 25.27
C GLU VA 74 -71.43 53.90 24.89
N ALA VA 75 -71.82 54.22 23.65
CA ALA VA 75 -71.88 55.61 23.23
C ALA VA 75 -72.93 56.39 24.00
N GLN VA 76 -74.05 55.73 24.36
CA GLN VA 76 -75.04 56.38 25.20
C GLN VA 76 -74.48 56.66 26.59
N TRP VA 77 -73.69 55.73 27.13
CA TRP VA 77 -73.03 55.98 28.42
C TRP VA 77 -72.11 57.19 28.32
N LEU VA 78 -71.28 57.24 27.28
CA LEU VA 78 -70.37 58.37 27.12
C LEU VA 78 -71.12 59.67 26.90
N ILE VA 79 -72.26 59.62 26.19
CA ILE VA 79 -73.06 60.82 25.96
C ILE VA 79 -73.66 61.32 27.26
N SER VA 80 -74.05 60.39 28.13
CA SER VA 80 -74.62 60.74 29.44
C SER VA 80 -73.56 61.02 30.47
N HIS VA 81 -72.28 60.83 30.14
CA HIS VA 81 -71.18 61.11 31.06
C HIS VA 81 -70.20 62.13 30.51
N ASP VA 82 -69.68 61.92 29.30
CA ASP VA 82 -68.72 62.86 28.74
C ASP VA 82 -69.45 64.03 28.08
N PRO VA 83 -68.81 65.22 28.04
CA PRO VA 83 -69.38 66.38 27.36
C PRO VA 83 -69.59 66.15 25.86
N GLY VA 87 -65.77 63.67 20.09
CA GLY VA 87 -65.42 62.38 19.53
C GLY VA 87 -66.40 61.28 19.87
N ASN VA 88 -67.42 61.63 20.67
CA ASN VA 88 -68.42 60.65 21.08
C ASN VA 88 -69.52 60.44 20.05
N TRP VA 89 -69.59 61.27 19.00
CA TRP VA 89 -70.59 61.09 17.97
C TRP VA 89 -70.08 60.37 16.73
N LEU VA 90 -68.77 60.16 16.62
CA LEU VA 90 -68.26 59.34 15.51
C LEU VA 90 -68.57 57.88 15.77
N CYS VA 91 -68.37 57.43 17.01
CA CYS VA 91 -68.71 56.06 17.39
C CYS VA 91 -70.20 55.81 17.21
N LEU VA 92 -71.04 56.74 17.67
CA LEU VA 92 -72.49 56.63 17.48
C LEU VA 92 -72.83 56.53 16.00
N SER VA 93 -72.25 57.41 15.17
CA SER VA 93 -72.54 57.37 13.73
C SER VA 93 -72.15 56.02 13.14
N ARG VA 94 -70.95 55.53 13.45
CA ARG VA 94 -70.51 54.24 12.93
C ARG VA 94 -71.43 53.11 13.40
N ALA VA 95 -71.79 53.10 14.69
CA ALA VA 95 -72.64 52.05 15.22
C ALA VA 95 -74.00 52.04 14.53
N GLN VA 96 -74.60 53.22 14.35
CA GLN VA 96 -75.91 53.29 13.72
C GLN VA 96 -75.84 52.94 12.23
N GLN VA 97 -74.75 53.30 11.56
CA GLN VA 97 -74.63 52.93 10.15
C GLN VA 97 -74.31 51.46 9.98
N LEU VA 98 -73.71 50.83 10.99
CA LEU VA 98 -73.52 49.38 10.97
C LEU VA 98 -74.81 48.64 11.31
N ASN VA 99 -75.68 49.25 12.11
CA ASN VA 99 -76.93 48.62 12.48
C ASN VA 99 -78.03 48.82 11.45
N GLY VA 100 -77.80 49.66 10.45
CA GLY VA 100 -78.74 49.87 9.37
C GLY VA 100 -79.40 51.24 9.35
N ASP VA 101 -79.23 52.04 10.39
CA ASP VA 101 -79.86 53.36 10.47
C ASP VA 101 -78.99 54.37 9.74
N LEU VA 102 -79.10 54.36 8.40
CA LEU VA 102 -78.32 55.28 7.58
C LEU VA 102 -78.74 56.72 7.83
N ASP VA 103 -80.05 56.97 7.95
CA ASP VA 103 -80.53 58.32 8.20
C ASP VA 103 -80.07 58.83 9.56
N LYS VA 104 -80.16 57.99 10.59
CA LYS VA 104 -79.66 58.37 11.90
C LYS VA 104 -78.14 58.54 11.89
N ALA VA 105 -77.44 57.75 11.08
CA ALA VA 105 -76.00 57.94 10.93
C ALA VA 105 -75.69 59.29 10.30
N ARG VA 106 -76.47 59.70 9.30
CA ARG VA 106 -76.29 61.03 8.71
C ARG VA 106 -76.56 62.12 9.73
N HIS VA 107 -77.60 61.96 10.55
CA HIS VA 107 -77.88 62.95 11.58
C HIS VA 107 -76.74 63.04 12.60
N ALA VA 108 -76.19 61.89 13.01
CA ALA VA 108 -75.07 61.90 13.94
C ALA VA 108 -73.83 62.54 13.33
N TYR VA 109 -73.56 62.26 12.05
CA TYR VA 109 -72.42 62.87 11.38
C TYR VA 109 -72.60 64.39 11.27
N GLN VA 110 -73.82 64.84 10.97
CA GLN VA 110 -74.08 66.28 10.90
C GLN VA 110 -73.93 66.92 12.27
N HIS VA 111 -74.34 66.21 13.33
CA HIS VA 111 -74.12 66.71 14.68
C HIS VA 111 -72.64 66.84 14.99
N TYR VA 112 -71.84 65.84 14.59
CA TYR VA 112 -70.40 65.92 14.78
C TYR VA 112 -69.81 67.10 14.00
N LEU VA 113 -70.27 67.32 12.78
CA LEU VA 113 -69.79 68.44 11.99
C LEU VA 113 -70.12 69.77 12.66
N GLU VA 114 -71.33 69.88 13.22
CA GLU VA 114 -71.70 71.08 13.94
C GLU VA 114 -70.83 71.28 15.17
N LEU VA 115 -70.51 70.19 15.88
CA LEU VA 115 -69.67 70.26 17.07
C LEU VA 115 -68.19 70.44 16.75
N LYS VA 116 -67.80 70.38 15.47
CA LYS VA 116 -66.41 70.57 15.09
C LYS VA 116 -66.09 72.07 15.08
N ASP VA 117 -65.36 72.52 16.09
CA ASP VA 117 -64.99 73.93 16.20
C ASP VA 117 -63.76 74.12 17.08
N GLN WA 25 -34.02 17.86 -77.00
CA GLN WA 25 -35.06 17.47 -76.06
C GLN WA 25 -34.81 16.06 -75.52
N SER WA 26 -34.39 15.17 -76.42
CA SER WA 26 -34.03 13.79 -76.08
C SER WA 26 -35.15 13.13 -75.28
N LYS WA 27 -34.77 12.26 -74.34
CA LYS WA 27 -35.66 11.54 -73.43
C LYS WA 27 -36.38 12.48 -72.46
N ARG WA 28 -35.91 13.71 -72.33
CA ARG WA 28 -36.61 14.69 -71.50
C ARG WA 28 -38.00 14.97 -72.04
N SER WA 29 -38.17 15.02 -73.36
CA SER WA 29 -39.51 15.19 -73.92
C SER WA 29 -40.40 13.99 -73.60
N LEU WA 30 -39.84 12.77 -73.59
CA LEU WA 30 -40.61 11.61 -73.14
C LEU WA 30 -41.04 11.76 -71.69
N TRP WA 31 -40.11 12.18 -70.83
CA TRP WA 31 -40.43 12.36 -69.42
C TRP WA 31 -41.47 13.46 -69.24
N ASP WA 32 -41.41 14.51 -70.06
CA ASP WA 32 -42.40 15.57 -70.01
C ASP WA 32 -43.77 15.08 -70.47
N PHE WA 33 -43.79 14.15 -71.42
CA PHE WA 33 -45.06 13.57 -71.85
C PHE WA 33 -45.65 12.74 -70.72
N ALA WA 34 -44.80 11.97 -70.01
CA ALA WA 34 -45.31 11.15 -68.93
C ALA WA 34 -45.70 12.01 -67.73
N SER WA 35 -45.10 13.20 -67.60
CA SER WA 35 -45.32 14.04 -66.44
C SER WA 35 -46.77 14.50 -66.37
N PRO WA 36 -47.28 14.79 -65.16
CA PRO WA 36 -48.64 15.33 -64.99
C PRO WA 36 -48.87 16.64 -65.73
N GLN WA 47 -50.59 17.10 -44.80
CA GLN WA 47 -49.99 15.78 -44.56
C GLN WA 47 -51.04 14.69 -44.49
N ASP WA 48 -52.03 14.76 -45.38
CA ASP WA 48 -53.07 13.74 -45.49
C ASP WA 48 -52.63 12.55 -46.35
N TYR WA 49 -51.32 12.38 -46.53
CA TYR WA 49 -50.80 11.27 -47.32
C TYR WA 49 -51.09 9.93 -46.63
N ARG WA 50 -50.73 9.81 -45.35
CA ARG WA 50 -50.97 8.58 -44.61
C ARG WA 50 -52.46 8.26 -44.51
N ARG WA 51 -53.32 9.29 -44.47
CA ARG WA 51 -54.76 9.04 -44.39
C ARG WA 51 -55.28 8.44 -45.70
N GLU WA 52 -54.86 9.00 -46.84
CA GLU WA 52 -55.28 8.47 -48.12
C GLU WA 52 -54.70 7.08 -48.31
N LEU WA 53 -53.46 6.88 -47.85
CA LEU WA 53 -52.82 5.57 -47.93
C LEU WA 53 -53.66 4.53 -47.19
N ASP WA 54 -54.04 4.83 -45.94
CA ASP WA 54 -54.81 3.86 -45.16
C ASP WA 54 -56.18 3.59 -45.79
N THR WA 55 -56.83 4.63 -46.32
CA THR WA 55 -58.13 4.40 -46.95
C THR WA 55 -57.96 3.55 -48.21
N LEU WA 56 -56.92 3.82 -49.00
CA LEU WA 56 -56.77 3.10 -50.26
C LEU WA 56 -56.39 1.65 -49.98
N GLN WA 57 -55.56 1.43 -48.95
CA GLN WA 57 -55.12 0.09 -48.62
C GLN WA 57 -56.29 -0.75 -48.14
N SER WA 58 -57.20 -0.14 -47.38
CA SER WA 58 -58.37 -0.89 -46.94
C SER WA 58 -59.39 -1.05 -48.05
N LEU WA 59 -59.45 -0.12 -49.00
CA LEU WA 59 -60.31 -0.29 -50.17
C LEU WA 59 -59.82 -1.46 -51.02
N LEU WA 60 -58.53 -1.45 -51.38
CA LEU WA 60 -57.96 -2.49 -52.22
C LEU WA 60 -57.89 -3.84 -51.50
N THR WA 61 -57.95 -3.87 -50.17
CA THR WA 61 -57.92 -5.18 -49.51
C THR WA 61 -59.16 -5.99 -49.86
N THR WA 62 -60.30 -5.32 -50.03
CA THR WA 62 -61.55 -6.00 -50.37
C THR WA 62 -61.52 -6.56 -51.78
N SER WA 63 -60.58 -6.11 -52.61
CA SER WA 63 -60.61 -6.40 -54.03
C SER WA 63 -60.33 -7.88 -54.31
N GLN WA 64 -60.68 -8.31 -55.52
CA GLN WA 64 -60.53 -9.69 -55.95
C GLN WA 64 -59.78 -9.87 -57.26
N SER WA 65 -59.73 -8.85 -58.12
CA SER WA 65 -59.04 -8.99 -59.41
C SER WA 65 -57.53 -8.99 -59.21
N SER WA 66 -56.83 -9.64 -60.15
CA SER WA 66 -55.40 -9.87 -60.01
C SER WA 66 -54.62 -8.55 -59.96
N GLU WA 67 -54.97 -7.60 -60.84
CA GLU WA 67 -54.25 -6.33 -60.85
C GLU WA 67 -54.44 -5.56 -59.55
N LEU WA 68 -55.68 -5.52 -59.05
CA LEU WA 68 -55.92 -4.90 -57.76
C LEU WA 68 -55.29 -5.68 -56.62
N GLN WA 69 -55.14 -6.99 -56.75
CA GLN WA 69 -54.43 -7.75 -55.72
C GLN WA 69 -52.95 -7.39 -55.68
N ALA WA 70 -52.32 -7.26 -56.85
CA ALA WA 70 -50.92 -6.83 -56.90
C ALA WA 70 -50.78 -5.41 -56.35
N ALA WA 71 -51.74 -4.54 -56.68
CA ALA WA 71 -51.71 -3.17 -56.18
C ALA WA 71 -51.84 -3.15 -54.66
N ALA WA 72 -52.75 -3.96 -54.12
CA ALA WA 72 -52.94 -4.03 -52.68
C ALA WA 72 -51.69 -4.56 -51.98
N ALA WA 73 -51.04 -5.58 -52.56
CA ALA WA 73 -49.83 -6.09 -51.94
C ALA WA 73 -48.70 -5.05 -51.97
N LEU WA 74 -48.60 -4.30 -53.08
CA LEU WA 74 -47.63 -3.22 -53.15
C LEU WA 74 -47.91 -2.15 -52.10
N LEU WA 75 -49.19 -1.82 -51.92
CA LEU WA 75 -49.57 -0.81 -50.93
C LEU WA 75 -49.29 -1.30 -49.52
N LYS WA 76 -49.55 -2.58 -49.23
CA LYS WA 76 -49.24 -3.11 -47.91
C LYS WA 76 -47.74 -3.07 -47.66
N CYS WA 77 -46.96 -3.36 -48.71
CA CYS WA 77 -45.51 -3.33 -48.60
C CYS WA 77 -45.05 -1.94 -48.21
N GLN WA 78 -45.54 -0.93 -48.92
CA GLN WA 78 -45.14 0.44 -48.62
C GLN WA 78 -45.69 0.89 -47.27
N GLN WA 79 -46.89 0.42 -46.90
CA GLN WA 79 -47.51 0.72 -45.62
C GLN WA 79 -46.68 0.20 -44.46
N ASP WA 80 -45.95 -0.89 -44.68
CA ASP WA 80 -45.17 -1.43 -43.57
C ASP WA 80 -43.73 -0.96 -43.62
N ASP WA 81 -43.21 -0.64 -44.80
CA ASP WA 81 -41.92 0.03 -44.81
C ASP WA 81 -42.07 1.40 -44.12
N ASP WA 82 -43.22 2.05 -44.31
CA ASP WA 82 -43.49 3.29 -43.60
C ASP WA 82 -43.68 3.06 -42.11
N ARG WA 83 -44.29 1.93 -41.72
CA ARG WA 83 -44.39 1.64 -40.29
C ARG WA 83 -43.01 1.44 -39.68
N LEU WA 84 -42.09 0.86 -40.46
CA LEU WA 84 -40.73 0.69 -39.99
C LEU WA 84 -40.03 2.04 -39.89
N LEU WA 85 -40.32 2.95 -40.82
CA LEU WA 85 -39.63 4.23 -40.74
C LEU WA 85 -40.22 5.06 -39.60
N GLN WA 86 -41.51 4.89 -39.31
CA GLN WA 86 -42.07 5.58 -38.15
C GLN WA 86 -41.40 5.07 -36.87
N ILE WA 87 -41.09 3.77 -36.81
CA ILE WA 87 -40.38 3.25 -35.65
C ILE WA 87 -38.97 3.81 -35.58
N ILE WA 88 -38.32 3.95 -36.73
CA ILE WA 88 -36.97 4.51 -36.75
C ILE WA 88 -36.99 5.97 -36.31
N LEU WA 89 -37.97 6.74 -36.80
CA LEU WA 89 -38.06 8.14 -36.40
C LEU WA 89 -38.33 8.26 -34.90
N ASN WA 90 -39.19 7.39 -34.36
CA ASN WA 90 -39.43 7.42 -32.92
C ASN WA 90 -38.17 7.09 -32.13
N LEU WA 91 -37.40 6.10 -32.59
CA LEU WA 91 -36.15 5.78 -31.91
C LEU WA 91 -35.11 6.90 -32.06
N LEU WA 92 -35.09 7.56 -33.21
CA LEU WA 92 -34.17 8.67 -33.47
C LEU WA 92 -34.69 10.00 -32.94
N HIS WA 93 -34.03 10.52 -31.90
CA HIS WA 93 -34.35 11.77 -31.24
C HIS WA 93 -33.03 12.44 -30.84
N LYS WA 94 -33.05 13.76 -30.75
CA LYS WA 94 -31.86 14.51 -30.39
C LYS WA 94 -32.16 15.46 -29.24
N VAL WA 95 -33.38 15.98 -29.20
CA VAL WA 95 -33.87 16.88 -28.15
C VAL WA 95 -33.14 18.22 -28.18
N ILE XA 11 -67.35 -0.96 -57.72
CA ILE XA 11 -66.18 -0.19 -57.31
C ILE XA 11 -66.26 1.22 -57.88
N THR XA 12 -66.11 2.22 -57.02
CA THR XA 12 -66.17 3.61 -57.43
C THR XA 12 -65.21 4.44 -56.58
N LEU XA 13 -64.62 5.46 -57.20
CA LEU XA 13 -63.70 6.35 -56.52
C LEU XA 13 -63.85 7.75 -57.13
N THR XA 14 -63.13 8.69 -56.54
CA THR XA 14 -63.09 10.08 -57.02
C THR XA 14 -61.66 10.42 -57.41
N LYS XA 15 -61.50 11.65 -57.93
CA LYS XA 15 -60.18 12.11 -58.36
C LYS XA 15 -59.19 12.20 -57.20
N ARG XA 16 -59.68 12.27 -55.97
CA ARG XA 16 -58.80 12.42 -54.80
C ARG XA 16 -57.82 11.25 -54.70
N GLN XA 17 -58.34 10.02 -54.72
CA GLN XA 17 -57.47 8.85 -54.68
C GLN XA 17 -56.76 8.63 -56.01
N GLN XA 18 -57.43 8.91 -57.12
CA GLN XA 18 -56.79 8.80 -58.43
C GLN XA 18 -55.53 9.64 -58.54
N GLU XA 19 -55.48 10.79 -57.87
CA GLU XA 19 -54.27 11.60 -57.92
C GLU XA 19 -53.15 10.97 -57.09
N PHE XA 20 -53.49 10.38 -55.95
CA PHE XA 20 -52.50 9.66 -55.15
C PHE XA 20 -51.89 8.52 -55.97
N LEU XA 21 -52.74 7.75 -56.65
CA LEU XA 21 -52.27 6.66 -57.50
C LEU XA 21 -51.42 7.19 -58.65
N LEU XA 22 -51.85 8.29 -59.28
CA LEU XA 22 -51.08 8.87 -60.38
C LEU XA 22 -49.70 9.29 -59.92
N LEU XA 23 -49.60 9.99 -58.79
CA LEU XA 23 -48.30 10.44 -58.32
C LEU XA 23 -47.40 9.26 -57.96
N ASN XA 24 -47.95 8.24 -57.29
CA ASN XA 24 -47.14 7.07 -56.96
C ASN XA 24 -46.66 6.35 -58.22
N GLY XA 25 -47.54 6.19 -59.21
CA GLY XA 25 -47.12 5.56 -60.46
C GLY XA 25 -46.04 6.36 -61.17
N TRP XA 26 -46.19 7.69 -61.20
CA TRP XA 26 -45.20 8.55 -61.83
C TRP XA 26 -43.85 8.43 -61.13
N LEU XA 27 -43.85 8.44 -59.79
CA LEU XA 27 -42.59 8.32 -59.06
C LEU XA 27 -41.95 6.95 -59.28
N GLN XA 28 -42.74 5.88 -59.25
CA GLN XA 28 -42.17 4.56 -59.47
C GLN XA 28 -41.60 4.42 -60.87
N LEU XA 29 -42.29 4.97 -61.88
CA LEU XA 29 -41.75 4.95 -63.23
C LEU XA 29 -40.47 5.77 -63.34
N GLN XA 30 -40.44 6.96 -62.74
CA GLN XA 30 -39.25 7.78 -62.77
C GLN XA 30 -38.12 7.20 -61.92
N CYS XA 31 -38.39 6.18 -61.11
CA CYS XA 31 -37.34 5.55 -60.32
C CYS XA 31 -37.15 4.10 -60.74
N GLY XA 32 -37.04 3.89 -62.05
CA GLY XA 32 -36.66 2.65 -62.70
C GLY XA 32 -37.35 1.35 -62.32
N HIS XA 33 -38.37 1.41 -61.46
CA HIS XA 33 -39.11 0.20 -61.14
C HIS XA 33 -39.93 -0.25 -62.33
N ALA XA 34 -40.91 0.57 -62.72
CA ALA XA 34 -41.80 0.41 -63.85
C ALA XA 34 -42.80 -0.73 -63.67
N GLU XA 35 -42.47 -1.75 -62.87
CA GLU XA 35 -43.45 -2.80 -62.63
C GLU XA 35 -44.54 -2.31 -61.68
N ARG XA 36 -44.13 -1.61 -60.62
CA ARG XA 36 -45.08 -1.05 -59.67
C ARG XA 36 -45.94 0.00 -60.34
N ALA XA 37 -45.32 0.85 -61.16
CA ALA XA 37 -46.07 1.82 -61.94
C ALA XA 37 -47.04 1.12 -62.89
N CYS XA 38 -46.61 0.03 -63.51
CA CYS XA 38 -47.49 -0.68 -64.43
C CYS XA 38 -48.71 -1.23 -63.72
N ILE XA 39 -48.52 -1.86 -62.55
CA ILE XA 39 -49.69 -2.40 -61.84
C ILE XA 39 -50.59 -1.28 -61.34
N LEU XA 40 -50.01 -0.20 -60.80
CA LEU XA 40 -50.84 0.90 -60.31
C LEU XA 40 -51.63 1.54 -61.45
N LEU XA 41 -51.00 1.76 -62.59
CA LEU XA 41 -51.69 2.38 -63.72
C LEU XA 41 -52.69 1.40 -64.36
N ASP XA 42 -52.43 0.10 -64.29
CA ASP XA 42 -53.43 -0.87 -64.73
C ASP XA 42 -54.68 -0.78 -63.87
N ALA XA 43 -54.50 -0.66 -62.56
CA ALA XA 43 -55.65 -0.47 -61.68
C ALA XA 43 -56.37 0.84 -61.99
N LEU XA 44 -55.60 1.91 -62.22
CA LEU XA 44 -56.20 3.21 -62.55
C LEU XA 44 -57.03 3.15 -63.82
N LEU XA 45 -56.48 2.52 -64.87
CA LEU XA 45 -57.20 2.44 -66.14
C LEU XA 45 -58.39 1.50 -66.07
N THR XA 46 -58.27 0.40 -65.31
CA THR XA 46 -59.41 -0.49 -65.14
C THR XA 46 -60.54 0.18 -64.36
N LEU XA 47 -60.19 1.04 -63.40
CA LEU XA 47 -61.22 1.80 -62.69
C LEU XA 47 -61.67 3.01 -63.50
N ASN XA 48 -60.79 4.00 -63.65
CA ASN XA 48 -61.08 5.19 -64.45
C ASN XA 48 -60.35 5.11 -65.79
N PRO XA 49 -61.03 4.78 -66.89
CA PRO XA 49 -60.35 4.75 -68.19
C PRO XA 49 -60.17 6.12 -68.83
N GLU XA 50 -60.78 7.16 -68.27
CA GLU XA 50 -60.69 8.51 -68.82
C GLU XA 50 -59.38 9.18 -68.44
N ALA XA 53 -54.40 11.37 -68.43
CA ALA XA 53 -53.11 11.56 -67.79
C ALA XA 53 -52.45 10.22 -67.48
N GLY XA 54 -53.22 9.31 -66.87
CA GLY XA 54 -52.68 8.00 -66.55
C GLY XA 54 -52.32 7.19 -67.77
N ARG XA 55 -53.02 7.39 -68.88
CA ARG XA 55 -52.73 6.65 -70.10
C ARG XA 55 -51.33 6.97 -70.61
N ARG XA 56 -50.94 8.25 -70.59
CA ARG XA 56 -49.58 8.61 -71.01
C ARG XA 56 -48.54 8.00 -70.08
N CYS XA 57 -48.80 8.03 -68.77
CA CYS XA 57 -47.85 7.46 -67.82
C CYS XA 57 -47.67 5.97 -68.05
N ARG XA 58 -48.76 5.24 -68.29
CA ARG XA 58 -48.63 3.81 -68.53
C ARG XA 58 -48.04 3.51 -69.89
N LEU XA 59 -48.24 4.40 -70.87
CA LEU XA 59 -47.57 4.24 -72.16
C LEU XA 59 -46.06 4.33 -71.99
N VAL XA 60 -45.59 5.34 -71.27
CA VAL XA 60 -44.16 5.48 -71.02
C VAL XA 60 -43.65 4.32 -70.16
N ALA XA 61 -44.47 3.85 -69.21
CA ALA XA 61 -44.06 2.71 -68.39
C ALA XA 61 -43.88 1.46 -69.24
N LEU XA 62 -44.79 1.21 -70.18
CA LEU XA 62 -44.63 0.06 -71.07
C LEU XA 62 -43.44 0.24 -72.00
N LEU XA 63 -43.19 1.49 -72.44
CA LEU XA 63 -42.00 1.74 -73.26
C LEU XA 63 -40.72 1.41 -72.52
N ASN XA 64 -40.62 1.84 -71.25
CA ASN XA 64 -39.42 1.58 -70.47
C ASN XA 64 -39.34 0.14 -69.96
N ASN XA 65 -40.46 -0.57 -69.90
CA ASN XA 65 -40.45 -1.95 -69.44
C ASN XA 65 -40.24 -2.91 -70.61
N ASN XA 66 -41.13 -2.85 -71.60
CA ASN XA 66 -41.10 -3.73 -72.77
C ASN XA 66 -41.28 -5.19 -72.37
N ARG XA 70 -47.10 -4.60 -76.86
CA ARG XA 70 -48.07 -4.23 -75.85
C ARG XA 70 -48.17 -2.72 -75.74
N ALA XA 71 -47.01 -2.06 -75.81
CA ALA XA 71 -46.97 -0.59 -75.78
C ALA XA 71 -47.66 0.01 -77.00
N GLU XA 72 -47.48 -0.62 -78.17
CA GLU XA 72 -48.09 -0.10 -79.39
C GLU XA 72 -49.61 -0.10 -79.32
N LYS XA 73 -50.20 -1.15 -78.75
CA LYS XA 73 -51.66 -1.20 -78.66
C LYS XA 73 -52.19 -0.07 -77.80
N GLU XA 74 -51.55 0.21 -76.66
CA GLU XA 74 -51.98 1.31 -75.81
C GLU XA 74 -51.74 2.65 -76.49
N ALA XA 75 -50.62 2.80 -77.20
CA ALA XA 75 -50.33 4.03 -77.93
C ALA XA 75 -51.35 4.29 -79.03
N GLN XA 76 -51.90 3.23 -79.62
CA GLN XA 76 -52.91 3.40 -80.65
C GLN XA 76 -54.16 4.09 -80.11
N TRP XA 77 -54.56 3.77 -78.87
CA TRP XA 77 -55.69 4.45 -78.26
C TRP XA 77 -55.45 5.96 -78.17
N LEU XA 78 -54.28 6.35 -77.66
CA LEU XA 78 -53.99 7.77 -77.52
C LEU XA 78 -53.88 8.47 -78.87
N ILE XA 79 -53.28 7.81 -79.86
CA ILE XA 79 -53.11 8.45 -81.16
C ILE XA 79 -54.43 8.58 -81.91
N SER XA 80 -55.28 7.54 -81.86
CA SER XA 80 -56.55 7.57 -82.58
C SER XA 80 -57.72 8.17 -81.81
N HIS XA 81 -57.55 8.47 -80.53
CA HIS XA 81 -58.65 9.05 -79.76
C HIS XA 81 -58.28 10.32 -79.01
N ASP XA 82 -57.01 10.63 -78.83
CA ASP XA 82 -56.56 11.87 -78.20
C ASP XA 82 -55.50 12.51 -79.07
N PRO XA 83 -55.91 13.08 -80.22
CA PRO XA 83 -54.92 13.65 -81.15
C PRO XA 83 -54.50 15.05 -80.77
N LEU XA 84 -54.80 15.46 -79.53
CA LEU XA 84 -54.49 16.81 -79.06
C LEU XA 84 -53.07 16.94 -78.53
N GLN XA 85 -52.30 15.86 -78.47
CA GLN XA 85 -50.93 15.88 -77.97
C GLN XA 85 -49.97 15.46 -79.09
N ALA XA 86 -48.90 16.23 -79.27
CA ALA XA 86 -47.88 15.89 -80.25
C ALA XA 86 -46.93 14.81 -79.76
N GLY XA 87 -46.91 14.54 -78.45
CA GLY XA 87 -46.04 13.51 -77.91
C GLY XA 87 -46.47 12.11 -78.27
N ASN XA 88 -47.73 11.92 -78.68
CA ASN XA 88 -48.24 10.60 -79.03
C ASN XA 88 -47.48 9.96 -80.18
N TRP XA 89 -46.64 10.71 -80.89
CA TRP XA 89 -45.86 10.14 -81.98
C TRP XA 89 -44.42 9.82 -81.59
N LEU XA 90 -43.96 10.25 -80.41
CA LEU XA 90 -42.67 9.77 -79.94
C LEU XA 90 -42.82 8.37 -79.34
N CYS XA 91 -43.83 8.19 -78.50
CA CYS XA 91 -44.04 6.90 -77.85
C CYS XA 91 -44.27 5.81 -78.88
N LEU XA 92 -45.13 6.08 -79.86
CA LEU XA 92 -45.34 5.12 -80.94
C LEU XA 92 -44.03 4.74 -81.57
N SER XA 93 -43.18 5.74 -81.86
CA SER XA 93 -41.89 5.45 -82.45
C SER XA 93 -41.11 4.49 -81.56
N ARG XA 94 -41.03 4.81 -80.27
CA ARG XA 94 -40.31 3.92 -79.37
C ARG XA 94 -40.95 2.54 -79.38
N ALA XA 95 -42.28 2.50 -79.33
CA ALA XA 95 -42.97 1.22 -79.33
C ALA XA 95 -42.64 0.44 -80.59
N GLN XA 96 -42.69 1.10 -81.75
CA GLN XA 96 -42.40 0.37 -82.97
C GLN XA 96 -40.91 0.02 -83.04
N GLN XA 97 -40.05 0.85 -82.44
CA GLN XA 97 -38.64 0.48 -82.39
C GLN XA 97 -38.42 -0.70 -81.47
N LEU XA 98 -39.34 -0.94 -80.53
CA LEU XA 98 -39.30 -2.17 -79.76
C LEU XA 98 -39.82 -3.34 -80.59
N ASN XA 99 -40.74 -3.06 -81.53
CA ASN XA 99 -41.32 -4.10 -82.37
C ASN XA 99 -40.48 -4.39 -83.61
N GLY XA 100 -39.65 -3.45 -84.05
CA GLY XA 100 -38.78 -3.69 -85.18
C GLY XA 100 -39.21 -3.02 -86.48
N ASP XA 101 -39.67 -1.76 -86.39
CA ASP XA 101 -40.05 -0.97 -87.56
C ASP XA 101 -39.35 0.38 -87.45
N LEU XA 102 -38.11 0.45 -87.96
CA LEU XA 102 -37.32 1.67 -87.84
C LEU XA 102 -37.79 2.75 -88.82
N ASP XA 103 -38.09 2.37 -90.06
CA ASP XA 103 -38.50 3.36 -91.05
C ASP XA 103 -39.83 4.01 -90.67
N LYS XA 104 -40.79 3.22 -90.21
CA LYS XA 104 -42.05 3.78 -89.75
C LYS XA 104 -41.85 4.62 -88.49
N ALA XA 105 -40.88 4.26 -87.65
CA ALA XA 105 -40.55 5.10 -86.50
C ALA XA 105 -40.02 6.46 -86.94
N ARG XA 106 -39.18 6.47 -87.98
CA ARG XA 106 -38.72 7.74 -88.54
C ARG XA 106 -39.88 8.54 -89.10
N HIS XA 107 -40.83 7.85 -89.75
CA HIS XA 107 -42.01 8.53 -90.27
C HIS XA 107 -42.83 9.15 -89.14
N ALA XA 108 -42.97 8.42 -88.02
CA ALA XA 108 -43.69 8.96 -86.86
C ALA XA 108 -42.96 10.17 -86.27
N TYR XA 109 -41.63 10.12 -86.24
CA TYR XA 109 -40.86 11.27 -85.77
C TYR XA 109 -41.07 12.47 -86.68
N GLN XA 110 -41.13 12.23 -87.99
CA GLN XA 110 -41.41 13.33 -88.92
C GLN XA 110 -42.81 13.88 -88.71
N HIS XA 111 -43.78 13.00 -88.40
CA HIS XA 111 -45.12 13.47 -88.07
C HIS XA 111 -45.11 14.35 -86.83
N TYR XA 112 -44.36 13.95 -85.80
CA TYR XA 112 -44.24 14.77 -84.61
C TYR XA 112 -43.63 16.13 -84.93
N LEU XA 113 -42.59 16.14 -85.78
CA LEU XA 113 -41.98 17.40 -86.18
C LEU XA 113 -42.98 18.27 -86.94
N GLU XA 114 -43.79 17.66 -87.79
CA GLU XA 114 -44.82 18.40 -88.52
C GLU XA 114 -45.85 18.99 -87.58
N LEU XA 115 -46.24 18.25 -86.54
CA LEU XA 115 -47.21 18.76 -85.58
C LEU XA 115 -46.61 19.78 -84.62
N LYS XA 116 -45.29 19.90 -84.56
CA LYS XA 116 -44.64 20.87 -83.68
C LYS XA 116 -44.80 22.29 -84.22
N ALA YA 24 64.92 -38.17 37.20
CA ALA YA 24 63.81 -37.35 37.67
C ALA YA 24 63.87 -37.16 39.17
N GLN YA 25 64.38 -38.19 39.87
CA GLN YA 25 64.49 -38.12 41.32
C GLN YA 25 65.45 -37.02 41.76
N SER YA 26 66.58 -36.87 41.06
CA SER YA 26 67.51 -35.80 41.40
C SER YA 26 66.87 -34.43 41.23
N LYS YA 27 66.09 -34.25 40.15
CA LYS YA 27 65.40 -32.99 39.95
C LYS YA 27 64.36 -32.72 41.03
N ARG YA 28 63.63 -33.76 41.44
CA ARG YA 28 62.68 -33.62 42.54
C ARG YA 28 63.38 -33.28 43.85
N SER YA 29 64.54 -33.91 44.10
CA SER YA 29 65.32 -33.58 45.29
C SER YA 29 65.83 -32.15 45.25
N LEU YA 30 66.21 -31.67 44.05
CA LEU YA 30 66.58 -30.27 43.90
C LEU YA 30 65.42 -29.35 44.24
N TRP YA 31 64.22 -29.65 43.72
CA TRP YA 31 63.07 -28.80 43.99
C TRP YA 31 62.69 -28.83 45.46
N ASP YA 32 62.79 -29.99 46.11
CA ASP YA 32 62.48 -30.08 47.53
C ASP YA 32 63.54 -29.40 48.40
N PHE YA 33 64.81 -29.46 47.98
CA PHE YA 33 65.86 -28.76 48.72
C PHE YA 33 65.70 -27.26 48.61
N ALA YA 34 65.34 -26.77 47.43
CA ALA YA 34 65.16 -25.33 47.24
C ALA YA 34 63.91 -24.81 47.94
N SER YA 35 62.93 -25.67 48.16
CA SER YA 35 61.65 -25.23 48.73
C SER YA 35 61.86 -24.69 50.14
N PRO YA 36 61.30 -23.52 50.47
CA PRO YA 36 61.41 -23.01 51.85
C PRO YA 36 60.45 -23.71 52.81
N GLY YA 37 59.28 -24.11 52.33
CA GLY YA 37 58.30 -24.77 53.16
C GLY YA 37 57.77 -26.06 52.58
N GLY YA 42 53.79 -20.30 54.90
CA GLY YA 42 52.35 -20.24 54.65
C GLY YA 42 51.73 -18.91 55.03
N LEU YA 43 52.21 -17.83 54.40
CA LEU YA 43 51.68 -16.51 54.69
C LEU YA 43 50.27 -16.35 54.13
N HIS YA 44 49.50 -15.46 54.76
CA HIS YA 44 48.16 -15.18 54.27
C HIS YA 44 48.19 -14.54 52.89
N ARG YA 45 49.11 -13.62 52.66
CA ARG YA 45 49.29 -12.91 51.39
C ARG YA 45 47.98 -12.20 51.05
N ALA YA 46 47.56 -12.19 49.78
CA ALA YA 46 46.40 -11.44 49.33
C ALA YA 46 46.52 -9.98 49.73
N GLN YA 47 45.81 -9.57 50.78
CA GLN YA 47 45.96 -8.22 51.29
C GLN YA 47 47.36 -8.00 51.85
N ASP YA 48 47.88 -8.97 52.60
CA ASP YA 48 49.26 -8.90 53.05
C ASP YA 48 50.23 -8.85 51.89
N TYR YA 49 49.87 -9.49 50.77
CA TYR YA 49 50.73 -9.46 49.58
C TYR YA 49 50.82 -8.05 49.02
N ARG YA 50 49.67 -7.41 48.80
CA ARG YA 50 49.66 -6.06 48.28
C ARG YA 50 50.32 -5.09 49.25
N ARG YA 51 50.23 -5.35 50.55
CA ARG YA 51 50.87 -4.48 51.54
C ARG YA 51 52.39 -4.60 51.46
N GLU YA 52 52.90 -5.83 51.39
CA GLU YA 52 54.34 -6.02 51.28
C GLU YA 52 54.84 -5.48 49.95
N LEU YA 53 54.06 -5.65 48.89
CA LEU YA 53 54.42 -5.11 47.59
C LEU YA 53 54.59 -3.59 47.66
N ASP YA 54 53.61 -2.91 48.24
CA ASP YA 54 53.68 -1.44 48.32
C ASP YA 54 54.86 -1.00 49.18
N THR YA 55 55.12 -1.70 50.30
CA THR YA 55 56.26 -1.30 51.12
C THR YA 55 57.57 -1.53 50.36
N LEU YA 56 57.69 -2.64 49.65
CA LEU YA 56 58.97 -2.93 48.99
C LEU YA 56 59.16 -1.97 47.83
N GLN YA 57 58.08 -1.64 47.12
CA GLN YA 57 58.17 -0.76 45.97
C GLN YA 57 58.57 0.65 46.40
N SER YA 58 58.05 1.10 47.55
CA SER YA 58 58.44 2.42 48.04
C SER YA 58 59.82 2.41 48.69
N LEU YA 59 60.24 1.27 49.26
CA LEU YA 59 61.59 1.17 49.79
C LEU YA 59 62.64 1.23 48.70
N LEU YA 60 62.50 0.39 47.67
CA LEU YA 60 63.46 0.35 46.58
C LEU YA 60 63.40 1.60 45.70
N THR YA 61 63.62 2.77 46.31
CA THR YA 61 63.60 4.01 45.54
C THR YA 61 64.76 4.07 44.54
N THR YA 62 65.91 3.50 44.90
CA THR YA 62 67.10 3.46 44.05
C THR YA 62 67.50 4.86 43.58
N GLU YA 67 72.02 -4.29 39.68
CA GLU YA 67 71.20 -5.37 40.21
C GLU YA 67 69.95 -4.82 40.91
N LEU YA 68 70.13 -3.77 41.71
CA LEU YA 68 68.97 -3.11 42.33
C LEU YA 68 68.09 -2.43 41.31
N GLN YA 69 68.65 -1.96 40.19
CA GLN YA 69 67.84 -1.35 39.15
C GLN YA 69 66.94 -2.38 38.47
N ALA YA 70 67.48 -3.56 38.16
CA ALA YA 70 66.65 -4.61 37.59
C ALA YA 70 65.58 -5.05 38.57
N ALA YA 71 65.92 -5.14 39.86
CA ALA YA 71 64.94 -5.52 40.87
C ALA YA 71 63.84 -4.47 40.97
N ALA YA 72 64.20 -3.18 40.95
CA ALA YA 72 63.20 -2.12 41.01
C ALA YA 72 62.29 -2.15 39.79
N ALA YA 73 62.85 -2.37 38.61
CA ALA YA 73 62.00 -2.42 37.42
C ALA YA 73 61.08 -3.63 37.45
N LEU YA 74 61.58 -4.76 37.95
CA LEU YA 74 60.74 -5.95 38.13
C LEU YA 74 59.61 -5.69 39.11
N LEU YA 75 59.92 -5.00 40.21
CA LEU YA 75 58.90 -4.70 41.21
C LEU YA 75 57.86 -3.75 40.66
N LYS YA 76 58.28 -2.73 39.89
CA LYS YA 76 57.29 -1.83 39.30
C LYS YA 76 56.42 -2.58 38.31
N CYS YA 77 57.02 -3.50 37.56
CA CYS YA 77 56.26 -4.28 36.59
C CYS YA 77 55.17 -5.08 37.27
N GLN YA 78 55.53 -5.83 38.32
CA GLN YA 78 54.53 -6.62 39.02
C GLN YA 78 53.53 -5.76 39.78
N GLN YA 79 54.00 -4.62 40.31
CA GLN YA 79 53.15 -3.67 41.03
C GLN YA 79 52.07 -3.09 40.13
N ASP YA 80 52.34 -2.96 38.84
CA ASP YA 80 51.35 -2.39 37.94
C ASP YA 80 50.58 -3.44 37.16
N ASP YA 81 51.18 -4.61 36.93
CA ASP YA 81 50.40 -5.71 36.37
C ASP YA 81 49.31 -6.16 37.33
N ASP YA 82 49.58 -6.12 38.65
CA ASP YA 82 48.51 -6.45 39.57
C ASP YA 82 47.43 -5.38 39.58
N ARG YA 83 47.81 -4.12 39.42
CA ARG YA 83 46.81 -3.06 39.33
C ARG YA 83 45.96 -3.20 38.07
N LEU YA 84 46.55 -3.67 36.98
CA LEU YA 84 45.77 -3.91 35.77
C LEU YA 84 44.83 -5.08 35.97
N LEU YA 85 45.26 -6.11 36.69
CA LEU YA 85 44.34 -7.23 36.84
C LEU YA 85 43.24 -6.86 37.81
N GLN YA 86 43.52 -6.00 38.79
CA GLN YA 86 42.46 -5.53 39.66
C GLN YA 86 41.44 -4.73 38.88
N ILE YA 87 41.89 -3.95 37.89
CA ILE YA 87 40.94 -3.20 37.06
C ILE YA 87 40.11 -4.15 36.20
N ILE YA 88 40.75 -5.21 35.69
CA ILE YA 88 40.00 -6.18 34.88
C ILE YA 88 38.96 -6.89 35.73
N LEU YA 89 39.34 -7.28 36.95
CA LEU YA 89 38.40 -7.94 37.85
C LEU YA 89 37.25 -7.00 38.23
N ASN YA 90 37.55 -5.71 38.43
CA ASN YA 90 36.51 -4.73 38.72
C ASN YA 90 35.53 -4.59 37.57
N LEU YA 91 36.02 -4.59 36.33
CA LEU YA 91 35.10 -4.51 35.21
C LEU YA 91 34.24 -5.77 35.09
N LEU YA 92 34.79 -6.94 35.38
CA LEU YA 92 34.05 -8.20 35.34
C LEU YA 92 33.27 -8.49 36.62
N HIS YA 93 32.03 -7.99 36.69
CA HIS YA 93 31.13 -8.15 37.84
C HIS YA 93 29.72 -8.47 37.34
N LYS YA 94 29.60 -9.38 36.37
CA LYS YA 94 28.28 -9.71 35.81
C LYS YA 94 27.33 -10.16 36.92
N VAL YA 95 26.37 -9.30 37.26
CA VAL YA 95 25.34 -9.57 38.26
C VAL YA 95 24.79 -11.00 38.21
N THR ZA 14 63.24 -13.60 58.47
CA THR ZA 14 62.11 -13.48 59.39
C THR ZA 14 61.38 -12.16 59.18
N LYS ZA 15 62.09 -11.16 58.70
CA LYS ZA 15 61.48 -9.87 58.39
C LYS ZA 15 60.48 -10.03 57.25
N ARG ZA 16 59.46 -9.16 57.25
CA ARG ZA 16 58.42 -9.26 56.24
C ARG ZA 16 59.01 -9.10 54.84
N GLN ZA 17 59.76 -8.02 54.60
CA GLN ZA 17 60.45 -7.86 53.32
C GLN ZA 17 61.26 -9.09 52.94
N GLN ZA 18 61.98 -9.66 53.91
CA GLN ZA 18 62.74 -10.88 53.65
C GLN ZA 18 61.83 -12.03 53.22
N GLU ZA 19 60.62 -12.09 53.77
CA GLU ZA 19 59.70 -13.15 53.40
C GLU ZA 19 59.15 -12.94 52.00
N PHE ZA 20 58.85 -11.69 51.65
CA PHE ZA 20 58.44 -11.38 50.29
C PHE ZA 20 59.52 -11.76 49.29
N LEU ZA 21 60.77 -11.42 49.58
CA LEU ZA 21 61.85 -11.77 48.67
C LEU ZA 21 62.02 -13.27 48.54
N LEU ZA 22 61.97 -14.00 49.66
CA LEU ZA 22 62.10 -15.46 49.60
C LEU ZA 22 60.97 -16.09 48.80
N LEU ZA 23 59.73 -15.68 49.07
CA LEU ZA 23 58.59 -16.27 48.38
C LEU ZA 23 58.62 -15.95 46.88
N ASN ZA 24 58.93 -14.70 46.54
CA ASN ZA 24 58.99 -14.32 45.13
C ASN ZA 24 60.09 -15.08 44.41
N GLY ZA 25 61.26 -15.21 45.02
CA GLY ZA 25 62.33 -15.97 44.40
C GLY ZA 25 61.97 -17.43 44.21
N TRP ZA 26 61.37 -18.04 45.22
CA TRP ZA 26 60.97 -19.45 45.12
C TRP ZA 26 59.92 -19.65 44.02
N LEU ZA 27 58.93 -18.76 43.95
CA LEU ZA 27 57.91 -18.88 42.92
C LEU ZA 27 58.48 -18.67 41.52
N GLN ZA 28 59.37 -17.68 41.36
CA GLN ZA 28 60.00 -17.46 40.05
C GLN ZA 28 60.85 -18.66 39.65
N LEU ZA 29 61.54 -19.28 40.60
CA LEU ZA 29 62.28 -20.50 40.30
C LEU ZA 29 61.31 -21.61 39.89
N GLN ZA 30 60.17 -21.71 40.57
CA GLN ZA 30 59.16 -22.70 40.23
C GLN ZA 30 58.48 -22.42 38.90
N CYS ZA 31 58.63 -21.22 38.34
CA CYS ZA 31 57.97 -20.93 37.07
C CYS ZA 31 58.93 -20.60 35.93
N GLY ZA 32 59.95 -21.44 35.73
CA GLY ZA 32 60.85 -21.36 34.59
C GLY ZA 32 61.34 -19.96 34.23
N HIS ZA 33 61.55 -19.12 35.24
CA HIS ZA 33 62.01 -17.75 35.06
C HIS ZA 33 63.33 -17.53 35.79
N ALA ZA 34 64.18 -18.56 35.78
CA ALA ZA 34 65.48 -18.61 36.45
C ALA ZA 34 66.21 -17.26 36.56
N GLU ZA 35 66.21 -16.46 35.50
CA GLU ZA 35 66.90 -15.17 35.56
C GLU ZA 35 66.20 -14.20 36.51
N ARG ZA 36 64.87 -14.17 36.50
CA ARG ZA 36 64.13 -13.29 37.40
C ARG ZA 36 64.34 -13.69 38.85
N ALA ZA 37 64.29 -15.00 39.13
CA ALA ZA 37 64.60 -15.50 40.47
C ALA ZA 37 66.03 -15.16 40.86
N CYS ZA 38 66.96 -15.27 39.91
CA CYS ZA 38 68.36 -14.95 40.19
C CYS ZA 38 68.50 -13.49 40.58
N ILE ZA 39 67.81 -12.59 39.88
CA ILE ZA 39 67.90 -11.17 40.21
C ILE ZA 39 67.31 -10.91 41.60
N LEU ZA 40 66.16 -11.51 41.90
CA LEU ZA 40 65.55 -11.30 43.21
C LEU ZA 40 66.44 -11.84 44.33
N LEU ZA 41 67.02 -13.02 44.13
CA LEU ZA 41 67.87 -13.62 45.16
C LEU ZA 41 69.22 -12.91 45.27
N ASP ZA 42 69.71 -12.32 44.18
CA ASP ZA 42 70.90 -11.46 44.28
C ASP ZA 42 70.61 -10.23 45.12
N ALA ZA 43 69.42 -9.64 44.95
CA ALA ZA 43 69.02 -8.55 45.84
C ALA ZA 43 68.95 -9.03 47.28
N LEU ZA 44 68.42 -10.24 47.49
CA LEU ZA 44 68.37 -10.83 48.82
C LEU ZA 44 69.76 -10.96 49.43
N LEU ZA 45 70.72 -11.42 48.62
CA LEU ZA 45 72.09 -11.59 49.11
C LEU ZA 45 72.74 -10.24 49.40
N THR ZA 46 72.43 -9.23 48.58
CA THR ZA 46 72.95 -7.90 48.85
C THR ZA 46 72.41 -7.35 50.15
N LEU ZA 47 71.18 -7.70 50.51
CA LEU ZA 47 70.65 -7.32 51.83
C LEU ZA 47 71.17 -8.27 52.90
N ASN ZA 48 70.68 -9.51 52.89
CA ASN ZA 48 71.14 -10.55 53.80
C ASN ZA 48 72.05 -11.53 53.07
N PRO ZA 49 73.38 -11.47 53.25
CA PRO ZA 49 74.27 -12.42 52.60
C PRO ZA 49 74.32 -13.76 53.32
N ALA ZA 53 68.62 -21.56 53.04
CA ALA ZA 53 68.37 -20.14 52.87
C ALA ZA 53 68.12 -19.82 51.40
N GLY ZA 54 68.22 -18.52 51.05
CA GLY ZA 54 67.99 -18.10 49.69
C GLY ZA 54 69.05 -18.55 48.71
N ARG ZA 55 70.22 -18.96 49.21
CA ARG ZA 55 71.27 -19.47 48.33
C ARG ZA 55 70.89 -20.83 47.73
N ARG ZA 56 70.14 -21.65 48.49
CA ARG ZA 56 69.86 -23.01 48.04
C ARG ZA 56 69.00 -23.02 46.78
N CYS ZA 57 68.00 -22.15 46.70
CA CYS ZA 57 67.14 -22.09 45.52
C CYS ZA 57 67.85 -21.44 44.33
N ARG ZA 58 68.58 -20.35 44.57
CA ARG ZA 58 69.32 -19.72 43.48
C ARG ZA 58 70.41 -20.62 42.94
N LEU ZA 59 70.90 -21.56 43.74
CA LEU ZA 59 71.86 -22.54 43.23
C LEU ZA 59 71.23 -23.39 42.13
N VAL ZA 60 70.02 -23.90 42.37
CA VAL ZA 60 69.32 -24.65 41.35
C VAL ZA 60 68.96 -23.75 40.17
N ALA ZA 61 68.64 -22.48 40.45
CA ALA ZA 61 68.35 -21.53 39.39
C ALA ZA 61 69.56 -21.33 38.48
N LEU ZA 62 70.75 -21.20 39.07
CA LEU ZA 62 71.97 -21.07 38.28
C LEU ZA 62 72.28 -22.36 37.52
N LEU ZA 63 71.99 -23.51 38.13
CA LEU ZA 63 72.17 -24.78 37.43
C LEU ZA 63 71.29 -24.84 36.18
N ASN ZA 64 70.03 -24.41 36.29
CA ASN ZA 64 69.12 -24.42 35.16
C ASN ZA 64 69.38 -23.26 34.19
N ASN ZA 65 70.09 -22.23 34.62
CA ASN ZA 65 70.40 -21.09 33.77
C ASN ZA 65 71.67 -21.28 32.96
N ASN ZA 66 72.47 -22.30 33.26
CA ASN ZA 66 73.75 -22.55 32.61
C ASN ZA 66 74.72 -21.38 32.81
N ARG ZA 70 79.98 -20.65 38.22
CA ARG ZA 70 79.33 -19.86 39.25
C ARG ZA 70 78.61 -20.76 40.26
N ALA ZA 71 77.98 -21.82 39.75
CA ALA ZA 71 77.27 -22.74 40.63
C ALA ZA 71 78.21 -23.42 41.62
N GLU ZA 72 79.41 -23.82 41.15
CA GLU ZA 72 80.36 -24.45 42.06
C GLU ZA 72 80.80 -23.49 43.16
N LYS ZA 73 81.08 -22.24 42.81
CA LYS ZA 73 81.54 -21.26 43.79
C LYS ZA 73 80.47 -20.99 44.84
N GLU ZA 74 79.21 -20.82 44.42
CA GLU ZA 74 78.14 -20.57 45.36
C GLU ZA 74 77.86 -21.79 46.23
N ALA ZA 75 77.91 -22.98 45.63
CA ALA ZA 75 77.71 -24.22 46.38
C ALA ZA 75 78.81 -24.45 47.42
N GLN ZA 76 80.02 -23.97 47.13
CA GLN ZA 76 81.13 -24.15 48.06
C GLN ZA 76 80.87 -23.47 49.41
N TRP ZA 77 80.23 -22.30 49.40
CA TRP ZA 77 79.90 -21.65 50.68
C TRP ZA 77 79.01 -22.54 51.54
N LEU ZA 78 77.95 -23.09 50.95
CA LEU ZA 78 77.07 -23.97 51.70
C LEU ZA 78 77.78 -25.24 52.13
N ILE ZA 79 78.68 -25.74 51.29
CA ILE ZA 79 79.42 -26.95 51.63
C ILE ZA 79 80.36 -26.68 52.81
N SER ZA 80 80.92 -25.48 52.87
CA SER ZA 80 81.83 -25.08 53.94
C SER ZA 80 81.08 -24.58 55.18
N HIS ZA 81 79.77 -24.43 55.10
CA HIS ZA 81 78.99 -24.01 56.26
C HIS ZA 81 77.85 -24.94 56.62
N ASP ZA 82 77.39 -25.80 55.71
CA ASP ZA 82 76.34 -26.76 56.01
C ASP ZA 82 76.78 -28.17 55.63
N GLN ZA 85 74.99 -31.35 55.05
CA GLN ZA 85 73.79 -31.82 54.38
C GLN ZA 85 74.13 -32.49 53.05
N ALA ZA 86 73.47 -33.62 52.78
CA ALA ZA 86 73.72 -34.34 51.53
C ALA ZA 86 73.24 -33.55 50.31
N GLY ZA 87 72.20 -32.72 50.47
CA GLY ZA 87 71.70 -31.95 49.35
C GLY ZA 87 72.75 -31.05 48.74
N ASN ZA 88 73.59 -30.45 49.59
CA ASN ZA 88 74.67 -29.58 49.10
C ASN ZA 88 75.65 -30.31 48.19
N TRP ZA 89 75.58 -31.63 48.12
CA TRP ZA 89 76.47 -32.39 47.24
C TRP ZA 89 75.81 -32.79 45.93
N LEU ZA 90 74.50 -32.58 45.77
CA LEU ZA 90 73.90 -32.80 44.46
C LEU ZA 90 74.17 -31.64 43.51
N CYS ZA 91 73.99 -30.41 43.99
CA CYS ZA 91 74.19 -29.24 43.14
C CYS ZA 91 75.61 -29.18 42.62
N LEU ZA 92 76.60 -29.36 43.51
CA LEU ZA 92 77.98 -29.41 43.08
C LEU ZA 92 78.14 -30.48 42.01
N SER ZA 93 77.56 -31.67 42.24
CA SER ZA 93 77.64 -32.74 41.26
C SER ZA 93 77.10 -32.27 39.93
N ARG ZA 94 75.95 -31.59 39.94
CA ARG ZA 94 75.38 -31.07 38.71
C ARG ZA 94 76.33 -30.05 38.08
N ALA ZA 95 76.84 -29.11 38.88
CA ALA ZA 95 77.62 -28.02 38.31
C ALA ZA 95 78.83 -28.54 37.55
N GLN ZA 96 79.60 -29.42 38.18
CA GLN ZA 96 80.79 -29.95 37.51
C GLN ZA 96 80.41 -30.84 36.35
N GLN ZA 97 79.27 -31.54 36.43
CA GLN ZA 97 78.86 -32.33 35.27
C GLN ZA 97 78.32 -31.44 34.16
N LEU ZA 98 77.88 -30.22 34.49
CA LEU ZA 98 77.50 -29.27 33.45
C LEU ZA 98 78.71 -28.65 32.77
N ASN ZA 99 79.82 -28.51 33.48
CA ASN ZA 99 81.03 -27.91 32.93
C ASN ZA 99 81.88 -28.96 32.22
N ASP ZA 101 84.14 -32.37 33.62
CA ASP ZA 101 84.51 -32.88 34.94
C ASP ZA 101 83.61 -34.04 35.35
N LEU ZA 102 83.54 -35.05 34.48
CA LEU ZA 102 82.67 -36.19 34.74
C LEU ZA 102 83.16 -37.00 35.93
N ASP ZA 103 84.48 -37.18 36.06
CA ASP ZA 103 85.02 -38.02 37.12
C ASP ZA 103 84.78 -37.41 38.50
N LYS ZA 104 85.02 -36.10 38.64
CA LYS ZA 104 84.73 -35.44 39.90
C LYS ZA 104 83.23 -35.41 40.19
N ALA ZA 105 82.40 -35.33 39.15
CA ALA ZA 105 80.96 -35.44 39.35
C ALA ZA 105 80.59 -36.82 39.89
N ARG ZA 106 81.22 -37.87 39.37
CA ARG ZA 106 80.99 -39.22 39.91
C ARG ZA 106 81.43 -39.30 41.36
N HIS ZA 107 82.57 -38.69 41.69
CA HIS ZA 107 83.02 -38.71 43.08
C HIS ZA 107 82.05 -37.97 43.99
N ALA ZA 108 81.53 -36.83 43.54
CA ALA ZA 108 80.55 -36.10 44.35
C ALA ZA 108 79.26 -36.89 44.53
N TYR ZA 109 78.82 -37.58 43.47
CA TYR ZA 109 77.62 -38.41 43.57
C TYR ZA 109 77.85 -39.57 44.54
N GLN ZA 110 79.05 -40.16 44.51
CA GLN ZA 110 79.38 -41.21 45.46
C GLN ZA 110 79.43 -40.66 46.89
N HIS ZA 111 79.91 -39.43 47.06
CA HIS ZA 111 79.88 -38.80 48.36
C HIS ZA 111 78.44 -38.62 48.86
N TYR ZA 112 77.54 -38.20 47.97
CA TYR ZA 112 76.13 -38.10 48.34
C TYR ZA 112 75.55 -39.45 48.72
N LEU ZA 113 75.91 -40.49 47.96
CA LEU ZA 113 75.44 -41.84 48.27
C LEU ZA 113 75.97 -42.31 49.62
N GLU ZA 114 77.21 -41.93 49.95
CA GLU ZA 114 77.79 -42.29 51.24
C GLU ZA 114 76.98 -41.70 52.39
N LEU ZA 115 76.46 -40.48 52.21
CA LEU ZA 115 75.63 -39.84 53.22
C LEU ZA 115 74.23 -40.45 53.21
N LYS ZA 116 74.20 -41.77 53.40
CA LYS ZA 116 72.97 -42.54 53.32
C LYS ZA 116 72.24 -42.47 54.66
N ASP ZA 117 70.98 -42.00 54.62
CA ASP ZA 117 70.15 -41.83 55.82
C ASP ZA 117 70.86 -40.96 56.85
N HIS ZA 118 71.55 -39.92 56.36
CA HIS ZA 118 72.34 -39.06 57.22
C HIS ZA 118 72.27 -37.61 56.76
N ALA AB 24 -69.73 -34.97 -31.68
CA ALA AB 24 -68.44 -35.62 -31.53
C ALA AB 24 -68.13 -36.51 -32.72
N GLN AB 25 -69.00 -37.48 -32.97
CA GLN AB 25 -68.80 -38.39 -34.08
C GLN AB 25 -68.86 -37.68 -35.42
N SER AB 26 -69.80 -36.74 -35.58
CA SER AB 26 -69.88 -35.97 -36.82
C SER AB 26 -68.61 -35.17 -37.10
N LYS AB 27 -68.04 -34.55 -36.07
CA LYS AB 27 -66.79 -33.82 -36.28
C LYS AB 27 -65.65 -34.74 -36.68
N ARG AB 28 -65.55 -35.91 -36.03
CA ARG AB 28 -64.55 -36.89 -36.41
C ARG AB 28 -64.77 -37.42 -37.82
N SER AB 29 -66.03 -37.64 -38.20
CA SER AB 29 -66.35 -38.06 -39.57
C SER AB 29 -66.00 -36.99 -40.59
N LEU AB 30 -66.20 -35.72 -40.25
CA LEU AB 30 -65.76 -34.64 -41.14
C LEU AB 30 -64.25 -34.67 -41.33
N TRP AB 31 -63.50 -34.77 -40.23
CA TRP AB 31 -62.04 -34.76 -40.36
C TRP AB 31 -61.53 -36.01 -41.07
N ASP AB 32 -62.13 -37.17 -40.80
CA ASP AB 32 -61.71 -38.40 -41.47
C ASP AB 32 -62.11 -38.42 -42.94
N PHE AB 33 -63.26 -37.85 -43.28
CA PHE AB 33 -63.65 -37.79 -44.69
C PHE AB 33 -62.73 -36.85 -45.46
N ALA AB 34 -62.36 -35.72 -44.85
CA ALA AB 34 -61.48 -34.79 -45.57
C ALA AB 34 -60.07 -35.35 -45.66
N SER AB 35 -59.70 -36.24 -44.74
CA SER AB 35 -58.34 -36.75 -44.67
C SER AB 35 -58.02 -37.57 -45.92
N PRO AB 36 -56.86 -37.35 -46.54
CA PRO AB 36 -56.39 -38.30 -47.57
C PRO AB 36 -55.71 -39.53 -47.00
N GLY AB 37 -55.68 -39.68 -45.68
CA GLY AB 37 -54.99 -40.77 -45.02
C GLY AB 37 -53.64 -40.34 -44.48
N TYR AB 38 -52.98 -41.29 -43.81
CA TYR AB 38 -51.64 -41.05 -43.28
C TYR AB 38 -50.59 -41.00 -44.37
N THR AB 39 -50.92 -41.36 -45.60
CA THR AB 39 -49.98 -41.31 -46.72
C THR AB 39 -49.63 -39.87 -47.07
N HIS AB 44 -41.73 -40.26 -47.44
CA HIS AB 44 -40.43 -39.66 -47.20
C HIS AB 44 -40.58 -38.20 -46.81
N ARG AB 45 -41.16 -37.40 -47.71
CA ARG AB 45 -41.42 -35.97 -47.50
C ARG AB 45 -40.07 -35.28 -47.27
N ALA AB 46 -39.97 -34.38 -46.30
CA ALA AB 46 -38.73 -33.68 -45.97
C ALA AB 46 -38.17 -32.89 -47.15
N GLN AB 47 -37.07 -33.38 -47.74
CA GLN AB 47 -36.38 -32.63 -48.77
C GLN AB 47 -37.30 -32.28 -49.93
N ASP AB 48 -38.13 -33.23 -50.36
CA ASP AB 48 -39.05 -33.01 -51.48
C ASP AB 48 -39.89 -31.76 -51.28
N TYR AB 49 -40.21 -31.43 -50.02
CA TYR AB 49 -41.00 -30.25 -49.74
C TYR AB 49 -40.25 -29.00 -50.16
N ARG AB 50 -39.00 -28.86 -49.70
CA ARG AB 50 -38.21 -27.70 -50.08
C ARG AB 50 -38.01 -27.70 -51.59
N ARG AB 51 -37.94 -28.88 -52.19
CA ARG AB 51 -37.79 -28.97 -53.63
C ARG AB 51 -39.06 -28.54 -54.36
N GLU AB 52 -40.21 -29.02 -53.88
CA GLU AB 52 -41.48 -28.69 -54.50
C GLU AB 52 -41.81 -27.22 -54.36
N LEU AB 53 -41.44 -26.62 -53.23
CA LEU AB 53 -41.66 -25.20 -53.04
C LEU AB 53 -40.97 -24.43 -54.15
N ASP AB 54 -39.71 -24.75 -54.41
CA ASP AB 54 -38.99 -24.01 -55.44
C ASP AB 54 -39.65 -24.21 -56.79
N THR AB 55 -40.11 -25.43 -57.08
CA THR AB 55 -40.78 -25.66 -58.35
C THR AB 55 -42.11 -24.90 -58.41
N LEU AB 56 -42.88 -24.89 -57.32
CA LEU AB 56 -44.21 -24.30 -57.36
C LEU AB 56 -44.20 -22.77 -57.46
N GLN AB 57 -43.25 -22.12 -56.80
CA GLN AB 57 -43.24 -20.65 -56.80
C GLN AB 57 -42.98 -20.09 -58.19
N SER AB 58 -42.13 -20.76 -58.97
CA SER AB 58 -41.90 -20.30 -60.33
C SER AB 58 -43.03 -20.68 -61.26
N LEU AB 59 -43.75 -21.79 -61.00
CA LEU AB 59 -44.90 -22.10 -61.84
C LEU AB 59 -46.02 -21.08 -61.71
N LEU AB 60 -46.46 -20.79 -60.48
CA LEU AB 60 -47.54 -19.83 -60.29
C LEU AB 60 -47.16 -18.40 -60.63
N THR AB 61 -45.86 -18.08 -60.67
CA THR AB 61 -45.44 -16.74 -61.02
C THR AB 61 -45.82 -16.37 -62.45
N THR AB 62 -45.78 -17.35 -63.36
CA THR AB 62 -46.13 -17.10 -64.76
C THR AB 62 -47.61 -16.78 -64.91
N SER AB 65 -54.12 -15.23 -63.68
CA SER AB 65 -55.21 -15.73 -62.84
C SER AB 65 -55.19 -15.10 -61.47
N SER AB 66 -56.29 -14.45 -61.08
CA SER AB 66 -56.38 -13.82 -59.77
C SER AB 66 -56.32 -14.86 -58.65
N GLU AB 67 -56.97 -16.01 -58.87
CA GLU AB 67 -56.99 -17.06 -57.86
C GLU AB 67 -55.59 -17.60 -57.58
N LEU AB 68 -54.80 -17.81 -58.64
CA LEU AB 68 -53.41 -18.24 -58.50
C LEU AB 68 -52.51 -17.19 -57.85
N GLN AB 69 -52.86 -15.90 -57.91
CA GLN AB 69 -52.00 -14.89 -57.31
C GLN AB 69 -51.92 -15.04 -55.78
N ALA AB 70 -53.06 -15.26 -55.12
CA ALA AB 70 -53.04 -15.47 -53.68
C ALA AB 70 -52.27 -16.74 -53.31
N ALA AB 71 -52.44 -17.80 -54.09
CA ALA AB 71 -51.72 -19.04 -53.82
C ALA AB 71 -50.22 -18.84 -53.98
N ALA AB 72 -49.81 -18.15 -55.04
CA ALA AB 72 -48.38 -17.89 -55.25
C ALA AB 72 -47.80 -17.06 -54.11
N ALA AB 73 -48.52 -16.02 -53.67
CA ALA AB 73 -48.00 -15.22 -52.58
C ALA AB 73 -47.90 -16.02 -51.28
N LEU AB 74 -48.88 -16.89 -51.02
CA LEU AB 74 -48.82 -17.76 -49.85
C LEU AB 74 -47.63 -18.71 -49.93
N LEU AB 75 -47.38 -19.29 -51.10
CA LEU AB 75 -46.25 -20.21 -51.25
C LEU AB 75 -44.93 -19.47 -51.09
N LYS AB 76 -44.80 -18.27 -51.63
CA LYS AB 76 -43.57 -17.52 -51.45
C LYS AB 76 -43.36 -17.21 -49.97
N CYS AB 77 -44.46 -16.87 -49.28
CA CYS AB 77 -44.37 -16.57 -47.85
C CYS AB 77 -43.83 -17.77 -47.08
N GLN AB 78 -44.40 -18.95 -47.31
CA GLN AB 78 -43.92 -20.12 -46.57
C GLN AB 78 -42.51 -20.53 -47.02
N GLN AB 79 -42.19 -20.33 -48.31
CA GLN AB 79 -40.86 -20.62 -48.85
C GLN AB 79 -39.79 -19.76 -48.19
N ASP AB 80 -40.17 -18.57 -47.76
CA ASP AB 80 -39.17 -17.70 -47.16
C ASP AB 80 -39.20 -17.79 -45.66
N ASP AB 81 -40.33 -18.14 -45.06
CA ASP AB 81 -40.28 -18.46 -43.64
C ASP AB 81 -39.40 -19.69 -43.44
N ASP AB 82 -39.44 -20.66 -44.37
CA ASP AB 82 -38.55 -21.80 -44.30
C ASP AB 82 -37.10 -21.39 -44.56
N ARG AB 83 -36.89 -20.42 -45.46
CA ARG AB 83 -35.53 -19.93 -45.68
C ARG AB 83 -34.98 -19.27 -44.42
N LEU AB 84 -35.86 -18.62 -43.65
CA LEU AB 84 -35.45 -18.03 -42.38
C LEU AB 84 -35.16 -19.11 -41.34
N LEU AB 85 -35.93 -20.20 -41.37
CA LEU AB 85 -35.71 -21.22 -40.36
C LEU AB 85 -34.45 -22.02 -40.64
N GLN AB 86 -34.07 -22.18 -41.90
CA GLN AB 86 -32.79 -22.85 -42.15
C GLN AB 86 -31.64 -22.03 -41.57
N ILE AB 87 -31.75 -20.69 -41.64
CA ILE AB 87 -30.74 -19.82 -41.05
C ILE AB 87 -30.77 -19.94 -39.53
N ILE AB 88 -31.95 -20.08 -38.95
CA ILE AB 88 -32.05 -20.23 -37.51
C ILE AB 88 -31.42 -21.54 -37.07
N LEU AB 89 -31.65 -22.61 -37.83
CA LEU AB 89 -31.05 -23.91 -37.51
C LEU AB 89 -29.53 -23.83 -37.62
N ASN AB 90 -29.01 -23.09 -38.62
CA ASN AB 90 -27.56 -22.92 -38.74
C ASN AB 90 -27.01 -22.17 -37.53
N LEU AB 91 -27.76 -21.17 -37.06
CA LEU AB 91 -27.43 -20.38 -35.88
C LEU AB 91 -27.49 -21.20 -34.59
N LEU AB 92 -28.38 -22.19 -34.53
CA LEU AB 92 -28.53 -23.05 -33.35
C LEU AB 92 -27.55 -24.20 -33.23
N HIS AB 93 -26.61 -24.41 -34.16
CA HIS AB 93 -25.70 -25.54 -34.02
C HIS AB 93 -24.98 -25.46 -32.67
N LYS AB 94 -25.00 -26.56 -31.93
CA LYS AB 94 -24.43 -26.58 -30.58
C LYS AB 94 -22.98 -27.05 -30.54
N VAL AB 95 -22.64 -28.08 -31.32
CA VAL AB 95 -21.28 -28.62 -31.42
C VAL AB 95 -20.85 -29.31 -30.12
N LYS BB 15 -48.55 -33.58 -61.72
CA LYS BB 15 -48.47 -34.90 -61.11
C LYS BB 15 -48.14 -34.80 -59.62
N ARG BB 16 -46.84 -34.72 -59.32
CA ARG BB 16 -46.41 -34.56 -57.93
C ARG BB 16 -46.94 -33.25 -57.35
N GLN BB 17 -46.70 -32.14 -58.04
CA GLN BB 17 -47.23 -30.83 -57.65
C GLN BB 17 -48.67 -30.91 -57.15
N GLN BB 18 -49.51 -31.70 -57.84
CA GLN BB 18 -50.87 -31.92 -57.36
C GLN BB 18 -50.89 -32.57 -55.98
N GLU BB 19 -49.92 -33.45 -55.70
CA GLU BB 19 -49.84 -34.07 -54.39
C GLU BB 19 -49.38 -33.08 -53.34
N PHE BB 20 -48.46 -32.20 -53.71
CA PHE BB 20 -48.06 -31.11 -52.83
C PHE BB 20 -49.25 -30.24 -52.47
N LEU BB 21 -50.05 -29.86 -53.46
CA LEU BB 21 -51.21 -29.02 -53.18
C LEU BB 21 -52.21 -29.75 -52.29
N LEU BB 22 -52.47 -31.04 -52.57
CA LEU BB 22 -53.40 -31.80 -51.75
C LEU BB 22 -52.92 -31.91 -50.31
N LEU BB 23 -51.65 -32.27 -50.12
CA LEU BB 23 -51.11 -32.44 -48.76
C LEU BB 23 -51.08 -31.11 -48.02
N ASN BB 24 -50.66 -30.03 -48.67
CA ASN BB 24 -50.63 -28.72 -48.01
C ASN BB 24 -52.04 -28.28 -47.63
N GLY BB 25 -53.00 -28.48 -48.52
CA GLY BB 25 -54.38 -28.15 -48.19
C GLY BB 25 -54.90 -28.95 -47.02
N TRP BB 26 -54.60 -30.24 -46.98
CA TRP BB 26 -55.02 -31.07 -45.85
C TRP BB 26 -54.38 -30.60 -44.55
N LEU BB 27 -53.09 -30.26 -44.60
CA LEU BB 27 -52.41 -29.78 -43.39
C LEU BB 27 -53.02 -28.47 -42.92
N GLN BB 28 -53.34 -27.57 -43.85
CA GLN BB 28 -53.99 -26.31 -43.48
C GLN BB 28 -55.36 -26.57 -42.88
N LEU BB 29 -56.09 -27.55 -43.42
CA LEU BB 29 -57.37 -27.94 -42.84
C LEU BB 29 -57.18 -28.46 -41.42
N GLN BB 30 -56.13 -29.24 -41.20
CA GLN BB 30 -55.84 -29.77 -39.87
C GLN BB 30 -55.41 -28.68 -38.90
N CYS BB 31 -55.03 -27.50 -39.39
CA CYS BB 31 -54.64 -26.42 -38.49
C CYS BB 31 -55.54 -25.20 -38.62
N GLY BB 32 -56.85 -25.40 -38.56
CA GLY BB 32 -57.81 -24.33 -38.50
C GLY BB 32 -57.78 -23.26 -39.57
N HIS BB 33 -56.69 -23.19 -40.34
CA HIS BB 33 -56.57 -22.18 -41.38
C HIS BB 33 -57.54 -22.46 -42.52
N ALA BB 34 -58.78 -21.99 -42.38
CA ALA BB 34 -59.77 -22.24 -43.43
C ALA BB 34 -59.50 -21.43 -44.68
N GLU BB 35 -59.13 -20.16 -44.52
CA GLU BB 35 -58.87 -19.32 -45.69
C GLU BB 35 -57.60 -19.74 -46.42
N ARG BB 36 -56.55 -20.08 -45.66
CA ARG BB 36 -55.29 -20.52 -46.26
C ARG BB 36 -55.47 -21.82 -47.02
N ALA BB 37 -56.21 -22.76 -46.45
CA ALA BB 37 -56.54 -23.99 -47.18
C ALA BB 37 -57.42 -23.69 -48.40
N CYS BB 38 -58.37 -22.77 -48.25
CA CYS BB 38 -59.30 -22.46 -49.33
C CYS BB 38 -58.59 -21.89 -50.54
N ILE BB 39 -57.64 -20.97 -50.35
CA ILE BB 39 -56.96 -20.39 -51.51
C ILE BB 39 -56.15 -21.46 -52.24
N LEU BB 40 -55.44 -22.30 -51.49
CA LEU BB 40 -54.64 -23.36 -52.12
C LEU BB 40 -55.52 -24.35 -52.88
N LEU BB 41 -56.66 -24.74 -52.28
CA LEU BB 41 -57.52 -25.72 -52.95
C LEU BB 41 -58.25 -25.09 -54.14
N ASP BB 42 -58.57 -23.80 -54.07
CA ASP BB 42 -59.12 -23.11 -55.23
C ASP BB 42 -58.10 -23.06 -56.37
N ALA BB 43 -56.83 -22.82 -56.05
CA ALA BB 43 -55.79 -22.88 -57.07
C ALA BB 43 -55.68 -24.28 -57.65
N LEU BB 44 -55.76 -25.31 -56.80
CA LEU BB 44 -55.70 -26.68 -57.29
C LEU BB 44 -56.85 -26.98 -58.23
N LEU BB 45 -58.07 -26.55 -57.88
CA LEU BB 45 -59.23 -26.85 -58.72
C LEU BB 45 -59.20 -26.04 -60.01
N THR BB 46 -58.77 -24.79 -59.97
CA THR BB 46 -58.68 -24.00 -61.20
C THR BB 46 -57.59 -24.53 -62.12
N LEU BB 47 -56.50 -25.07 -61.56
CA LEU BB 47 -55.46 -25.68 -62.39
C LEU BB 47 -55.85 -27.10 -62.81
N ASN BB 48 -55.89 -28.02 -61.85
CA ASN BB 48 -56.28 -29.40 -62.12
C ASN BB 48 -57.70 -29.63 -61.60
N PRO BB 49 -58.72 -29.65 -62.47
CA PRO BB 49 -60.08 -29.91 -61.99
C PRO BB 49 -60.39 -31.38 -61.72
N GLU BB 50 -59.53 -32.30 -62.15
CA GLU BB 50 -59.76 -33.72 -61.93
C GLU BB 50 -59.50 -34.10 -60.48
N ALA BB 53 -60.10 -34.79 -54.96
CA ALA BB 53 -59.74 -34.98 -53.56
C ALA BB 53 -59.58 -33.65 -52.85
N GLY BB 54 -59.07 -32.65 -53.57
CA GLY BB 54 -58.92 -31.33 -52.97
C GLY BB 54 -60.24 -30.68 -52.65
N ARG BB 55 -61.22 -30.80 -53.55
CA ARG BB 55 -62.55 -30.25 -53.28
C ARG BB 55 -63.21 -30.97 -52.10
N ARG BB 56 -62.86 -32.25 -51.89
CA ARG BB 56 -63.45 -32.99 -50.79
C ARG BB 56 -63.13 -32.35 -49.44
N CYS BB 57 -61.86 -32.02 -49.20
CA CYS BB 57 -61.49 -31.33 -47.97
C CYS BB 57 -61.84 -29.84 -48.02
N ARG BB 58 -61.89 -29.25 -49.21
CA ARG BB 58 -62.29 -27.85 -49.31
C ARG BB 58 -63.75 -27.67 -48.94
N LEU BB 59 -64.56 -28.71 -49.10
CA LEU BB 59 -65.95 -28.63 -48.65
C LEU BB 59 -66.00 -28.46 -47.13
N VAL BB 60 -65.21 -29.25 -46.40
CA VAL BB 60 -65.12 -29.09 -44.96
C VAL BB 60 -64.51 -27.74 -44.60
N ALA BB 61 -63.56 -27.27 -45.41
CA ALA BB 61 -62.98 -25.95 -45.17
C ALA BB 61 -64.03 -24.85 -45.27
N LEU BB 62 -64.90 -24.92 -46.28
CA LEU BB 62 -66.00 -23.95 -46.39
C LEU BB 62 -66.99 -24.11 -45.25
N LEU BB 63 -67.24 -25.35 -44.81
CA LEU BB 63 -68.13 -25.55 -43.67
C LEU BB 63 -67.58 -24.87 -42.42
N ASN BB 64 -66.28 -25.01 -42.16
CA ASN BB 64 -65.68 -24.38 -41.00
C ASN BB 64 -65.44 -22.89 -41.19
N ASN BB 65 -65.41 -22.41 -42.43
CA ASN BB 65 -65.19 -21.01 -42.72
C ASN BB 65 -66.48 -20.20 -42.77
N ASN BB 66 -67.63 -20.86 -42.80
CA ASN BB 66 -68.94 -20.20 -42.91
C ASN BB 66 -69.05 -19.42 -44.22
N ARG BB 70 -72.00 -21.36 -50.22
CA ARG BB 70 -70.88 -21.87 -51.01
C ARG BB 70 -70.69 -23.37 -50.80
N ALA BB 71 -70.86 -23.80 -49.56
CA ALA BB 71 -70.73 -25.22 -49.23
C ALA BB 71 -71.78 -26.06 -49.94
N GLU BB 72 -73.01 -25.56 -50.00
CA GLU BB 72 -74.08 -26.30 -50.69
C GLU BB 72 -73.76 -26.48 -52.17
N LYS BB 73 -73.28 -25.41 -52.83
CA LYS BB 73 -72.98 -25.51 -54.25
C LYS BB 73 -71.86 -26.51 -54.52
N GLU BB 74 -70.81 -26.49 -53.70
CA GLU BB 74 -69.71 -27.44 -53.89
C GLU BB 74 -70.16 -28.86 -53.59
N ALA BB 75 -70.99 -29.05 -52.56
CA ALA BB 75 -71.52 -30.37 -52.25
C ALA BB 75 -72.43 -30.89 -53.35
N GLN BB 76 -73.11 -30.00 -54.07
CA GLN BB 76 -73.97 -30.43 -55.17
C GLN BB 76 -73.19 -31.12 -56.28
N TRP BB 77 -71.98 -30.64 -56.57
CA TRP BB 77 -71.15 -31.30 -57.59
C TRP BB 77 -70.86 -32.74 -57.19
N LEU BB 78 -70.42 -32.96 -55.95
CA LEU BB 78 -70.13 -34.31 -55.50
C LEU BB 78 -71.38 -35.17 -55.46
N ILE BB 79 -72.52 -34.59 -55.08
CA ILE BB 79 -73.76 -35.36 -55.01
C ILE BB 79 -74.23 -35.76 -56.40
N SER BB 80 -74.07 -34.89 -57.38
CA SER BB 80 -74.49 -35.16 -58.76
C SER BB 80 -73.45 -35.89 -59.60
N HIS BB 81 -72.23 -36.08 -59.10
CA HIS BB 81 -71.23 -36.79 -59.90
C HIS BB 81 -70.60 -37.97 -59.16
N ASP BB 82 -70.49 -37.88 -57.84
CA ASP BB 82 -69.84 -38.91 -57.03
C ASP BB 82 -70.78 -39.30 -55.89
N PRO BB 83 -71.84 -40.08 -56.17
CA PRO BB 83 -72.80 -40.48 -55.15
C PRO BB 83 -72.23 -41.54 -54.20
N GLY BB 87 -70.69 -40.08 -46.78
CA GLY BB 87 -69.86 -38.95 -46.41
C GLY BB 87 -70.27 -37.66 -47.10
N ASN BB 88 -70.92 -37.79 -48.25
CA ASN BB 88 -71.35 -36.63 -49.01
C ASN BB 88 -72.61 -35.96 -48.45
N TRP BB 89 -73.30 -36.61 -47.51
CA TRP BB 89 -74.50 -36.02 -46.91
C TRP BB 89 -74.24 -35.35 -45.57
N LEU BB 90 -73.05 -35.56 -44.98
CA LEU BB 90 -72.74 -34.82 -43.76
C LEU BB 90 -72.44 -33.36 -44.09
N CYS BB 91 -71.67 -33.14 -45.17
CA CYS BB 91 -71.39 -31.78 -45.60
C CYS BB 91 -72.67 -31.06 -45.98
N LEU BB 92 -73.55 -31.73 -46.74
CA LEU BB 92 -74.85 -31.16 -47.08
C LEU BB 92 -75.66 -30.79 -45.85
N SER BB 93 -75.73 -31.73 -44.88
CA SER BB 93 -76.48 -31.45 -43.65
C SER BB 93 -75.92 -30.24 -42.91
N ARG BB 94 -74.59 -30.19 -42.75
CA ARG BB 94 -73.96 -29.06 -42.06
C ARG BB 94 -74.22 -27.76 -42.80
N ALA BB 95 -74.04 -27.76 -44.12
CA ALA BB 95 -74.24 -26.55 -44.90
C ALA BB 95 -75.67 -26.03 -44.79
N GLN BB 96 -76.65 -26.93 -44.91
CA GLN BB 96 -78.05 -26.49 -44.83
C GLN BB 96 -78.43 -26.08 -43.41
N GLN BB 97 -77.88 -26.72 -42.39
CA GLN BB 97 -78.20 -26.32 -41.02
C GLN BB 97 -77.52 -25.03 -40.62
N LEU BB 98 -76.39 -24.68 -41.25
CA LEU BB 98 -75.78 -23.39 -40.98
C LEU BB 98 -76.53 -22.24 -41.65
N ASN BB 99 -77.17 -22.50 -42.79
CA ASN BB 99 -77.90 -21.45 -43.50
C ASN BB 99 -79.33 -21.34 -42.96
N ASP BB 101 -82.49 -23.82 -42.70
CA ASP BB 101 -83.07 -25.04 -43.26
C ASP BB 101 -82.82 -26.24 -42.36
N LEU BB 102 -83.36 -26.18 -41.14
CA LEU BB 102 -83.17 -27.28 -40.19
C LEU BB 102 -83.87 -28.55 -40.66
N ASP BB 103 -85.05 -28.42 -41.27
CA ASP BB 103 -85.78 -29.58 -41.75
C ASP BB 103 -85.02 -30.30 -42.87
N LYS BB 104 -84.47 -29.53 -43.82
CA LYS BB 104 -83.66 -30.15 -44.87
C LYS BB 104 -82.39 -30.77 -44.32
N ALA BB 105 -81.82 -30.17 -43.27
CA ALA BB 105 -80.68 -30.78 -42.59
C ALA BB 105 -81.06 -32.11 -41.96
N ARG BB 106 -82.24 -32.18 -41.35
CA ARG BB 106 -82.72 -33.44 -40.79
C ARG BB 106 -82.89 -34.48 -41.89
N HIS BB 107 -83.43 -34.06 -43.04
CA HIS BB 107 -83.58 -35.00 -44.15
C HIS BB 107 -82.22 -35.51 -44.65
N ALA BB 108 -81.24 -34.61 -44.75
CA ALA BB 108 -79.90 -35.04 -45.18
C ALA BB 108 -79.26 -35.99 -44.17
N TYR BB 109 -79.43 -35.70 -42.88
CA TYR BB 109 -78.90 -36.58 -41.84
C TYR BB 109 -79.57 -37.95 -41.88
N GLN BB 110 -80.89 -37.98 -42.10
CA GLN BB 110 -81.59 -39.25 -42.22
C GLN BB 110 -81.12 -40.02 -43.45
N HIS BB 111 -80.86 -39.33 -44.55
CA HIS BB 111 -80.31 -39.99 -45.73
C HIS BB 111 -78.95 -40.59 -45.44
N TYR BB 112 -78.09 -39.85 -44.72
CA TYR BB 112 -76.79 -40.40 -44.35
C TYR BB 112 -76.94 -41.62 -43.44
N LEU BB 113 -77.88 -41.57 -42.49
CA LEU BB 113 -78.10 -42.72 -41.62
C LEU BB 113 -78.58 -43.93 -42.41
N GLU BB 114 -79.46 -43.71 -43.39
CA GLU BB 114 -79.91 -44.81 -44.23
C GLU BB 114 -78.75 -45.38 -45.05
N LEU BB 115 -77.87 -44.51 -45.55
CA LEU BB 115 -76.74 -44.98 -46.34
C LEU BB 115 -75.63 -45.58 -45.48
N LYS BB 116 -75.62 -45.32 -44.19
CA LYS BB 116 -74.59 -45.88 -43.31
C LYS BB 116 -74.97 -47.28 -42.84
#